data_9CUL
#
_entry.id   9CUL
#
loop_
_entity.id
_entity.type
_entity.pdbx_description
1 polymer 'Major capsid protein'
2 polymer 'Head stabilization/decoration protein'
#
loop_
_entity_poly.entity_id
_entity_poly.type
_entity_poly.pdbx_seq_one_letter_code
_entity_poly.pdbx_strand_id
1 'polypeptide(L)'
;MQNGDFQILDYTGLISTMPRVDTLLQSMNLFTEHFGRTTVARIERLDDGAGDIKAVQRGGVRQHLANDRKKIVNLNIPFF
PLDRSIDRADIQNFREFGTENAPATVDAEVQRHMARIRRSHAILKSKAMYAALKGTSWSPDDPVSDYNYYDVWGATQTTA
DVDFTKLGVDPIEVLEAEARAHIIDWAGDNGDNYEIVVLASRQWFSALIAHPQVTGAYSQYPSTQEILRRRLGGNANNRI
FEHKNILFIEDISGNIPAGEAYIFPRGISRMFEIYYAPSDTLRDANQAAQELYVFFKESNYLREAKIESETSFLTVNNRP
ELVVKSTGKFTA
;
G,M,C,B,F,I,D,E,H,K,L,J,A
2 'polypeptide(L)'
;MAKAHVATLEGNYSDIVLGRVVAFGDTGWNFKEVDMTFIADDADADSKTTLFAGVLVGEDGTPATAAAGVFGVLVDRKVL
PGVDHYIGVFEPGEKVPMVLAVRGLTLNQLKLKYADGTAIDAAGIQALEAQGNQVTDKIVGTQFIGSVL
;
e,b,c,a,d,l,k,i,j,h,f,g,m
#
# COMPACT_ATOMS: atom_id res chain seq x y z
N MET A 1 32.22 -29.18 -31.41
CA MET A 1 32.31 -29.55 -32.86
C MET A 1 32.61 -28.35 -33.73
N GLN A 2 33.11 -28.61 -34.93
CA GLN A 2 33.29 -27.56 -35.91
C GLN A 2 31.97 -27.27 -36.61
N ASN A 3 31.71 -25.99 -36.85
CA ASN A 3 30.54 -25.55 -37.60
C ASN A 3 31.03 -24.77 -38.80
N GLY A 4 30.43 -25.03 -39.95
CA GLY A 4 30.96 -24.46 -41.17
C GLY A 4 32.38 -24.94 -41.37
N ASP A 5 33.32 -24.01 -41.44
CA ASP A 5 34.73 -24.34 -41.53
C ASP A 5 35.59 -23.66 -40.48
N PHE A 6 35.22 -22.45 -40.05
CA PHE A 6 36.01 -21.67 -39.13
C PHE A 6 35.35 -21.49 -37.77
N GLN A 7 34.06 -21.78 -37.64
CA GLN A 7 33.33 -21.57 -36.40
C GLN A 7 33.20 -22.87 -35.63
N ILE A 8 32.69 -22.76 -34.40
CA ILE A 8 32.52 -23.90 -33.51
C ILE A 8 31.07 -23.94 -33.06
N LEU A 9 30.72 -25.02 -32.37
CA LEU A 9 29.33 -25.28 -32.03
C LEU A 9 29.28 -26.29 -30.88
N ASP A 10 28.23 -26.19 -30.07
CA ASP A 10 28.07 -27.13 -28.96
C ASP A 10 27.24 -28.34 -29.38
N TYR A 11 27.49 -29.46 -28.70
CA TYR A 11 26.78 -30.71 -28.94
C TYR A 11 26.02 -31.11 -27.69
N THR A 12 24.87 -31.74 -27.88
CA THR A 12 23.97 -31.98 -26.75
C THR A 12 23.35 -33.36 -26.71
N GLY A 13 23.96 -34.37 -27.33
CA GLY A 13 23.49 -35.74 -27.19
C GLY A 13 22.51 -36.15 -28.27
N LEU A 14 21.92 -37.33 -28.06
CA LEU A 14 21.03 -37.96 -29.01
C LEU A 14 19.67 -38.19 -28.38
N ILE A 15 18.62 -38.05 -29.20
CA ILE A 15 17.24 -38.28 -28.78
C ILE A 15 16.71 -39.49 -29.53
N SER A 16 16.25 -40.50 -28.80
CA SER A 16 15.82 -41.76 -29.40
C SER A 16 14.31 -41.75 -29.63
N THR A 17 13.85 -42.74 -30.38
CA THR A 17 12.43 -42.93 -30.64
C THR A 17 12.16 -44.42 -30.84
N MET A 18 10.92 -44.81 -30.55
CA MET A 18 10.50 -46.20 -30.61
C MET A 18 9.03 -46.23 -30.98
N PRO A 19 8.56 -47.28 -31.64
CA PRO A 19 7.12 -47.50 -31.79
C PRO A 19 6.59 -48.20 -30.54
N ARG A 20 5.28 -48.44 -30.54
CA ARG A 20 4.60 -49.06 -29.42
C ARG A 20 4.13 -50.46 -29.79
N VAL A 21 4.45 -51.43 -28.94
CA VAL A 21 4.09 -52.82 -29.17
C VAL A 21 3.12 -53.26 -28.08
N ASP A 22 1.91 -53.65 -28.50
CA ASP A 22 0.91 -54.12 -27.56
C ASP A 22 1.17 -55.58 -27.19
N THR A 23 0.89 -55.93 -25.93
CA THR A 23 1.14 -57.27 -25.44
C THR A 23 0.01 -57.80 -24.55
N LEU A 24 -1.19 -57.22 -24.62
CA LEU A 24 -2.29 -57.67 -23.77
C LEU A 24 -2.60 -59.13 -24.02
N LEU A 25 -2.99 -59.45 -25.26
CA LEU A 25 -3.47 -60.80 -25.57
C LEU A 25 -2.45 -61.87 -25.22
N GLN A 26 -1.16 -61.57 -25.33
CA GLN A 26 -0.12 -62.51 -24.92
C GLN A 26 0.13 -62.49 -23.43
N SER A 27 -0.21 -61.40 -22.75
CA SER A 27 0.02 -61.32 -21.31
C SER A 27 -0.79 -62.37 -20.56
N MET A 28 -1.96 -62.73 -21.07
CA MET A 28 -2.81 -63.75 -20.48
C MET A 28 -2.59 -65.06 -21.24
N ASN A 29 -2.29 -66.13 -20.50
CA ASN A 29 -1.95 -67.42 -21.10
C ASN A 29 -3.22 -68.05 -21.68
N LEU A 30 -3.59 -67.56 -22.86
CA LEU A 30 -4.85 -67.95 -23.49
C LEU A 30 -4.68 -69.07 -24.51
N PHE A 31 -3.45 -69.40 -24.89
CA PHE A 31 -3.18 -70.40 -25.92
C PHE A 31 -2.24 -71.47 -25.37
N THR A 32 -2.46 -72.71 -25.80
CA THR A 32 -1.63 -73.83 -25.41
C THR A 32 -0.59 -74.12 -26.49
N GLU A 33 0.45 -74.89 -26.12
CA GLU A 33 1.63 -75.04 -26.94
C GLU A 33 1.89 -76.51 -27.22
N HIS A 34 2.06 -76.85 -28.50
CA HIS A 34 2.46 -78.18 -28.92
C HIS A 34 3.58 -78.06 -29.93
N PHE A 35 4.62 -78.87 -29.78
CA PHE A 35 5.74 -78.89 -30.71
C PHE A 35 5.66 -80.17 -31.55
N GLY A 36 5.43 -80.00 -32.85
CA GLY A 36 5.31 -81.12 -33.75
C GLY A 36 6.65 -81.50 -34.37
N ARG A 37 6.55 -82.30 -35.44
CA ARG A 37 7.71 -82.69 -36.22
C ARG A 37 7.55 -82.49 -37.72
N THR A 38 6.32 -82.30 -38.20
CA THR A 38 6.07 -82.20 -39.63
C THR A 38 5.06 -81.09 -39.87
N THR A 39 4.65 -80.97 -41.14
CA THR A 39 3.83 -79.85 -41.57
C THR A 39 2.33 -80.07 -41.37
N VAL A 40 1.91 -81.27 -40.96
CA VAL A 40 0.49 -81.61 -40.93
C VAL A 40 0.07 -81.93 -39.51
N ALA A 41 -1.17 -81.59 -39.19
CA ALA A 41 -1.79 -81.90 -37.91
C ALA A 41 -3.17 -82.49 -38.14
N ARG A 42 -3.62 -83.34 -37.22
CA ARG A 42 -4.86 -84.08 -37.38
C ARG A 42 -5.64 -84.07 -36.08
N ILE A 43 -6.97 -84.02 -36.18
CA ILE A 43 -7.86 -83.98 -35.03
C ILE A 43 -9.15 -84.74 -35.36
N GLU A 44 -9.71 -85.42 -34.37
CA GLU A 44 -10.98 -86.13 -34.51
C GLU A 44 -12.00 -85.54 -33.56
N ARG A 45 -13.26 -85.52 -34.00
CA ARG A 45 -14.38 -85.02 -33.22
C ARG A 45 -15.38 -86.14 -32.97
N LEU A 46 -15.98 -86.15 -31.79
CA LEU A 46 -16.96 -87.16 -31.41
C LEU A 46 -18.02 -86.51 -30.54
N ASP A 47 -19.30 -86.76 -30.85
CA ASP A 47 -20.41 -86.06 -30.22
C ASP A 47 -21.57 -87.02 -29.98
N ASP A 48 -21.63 -87.58 -28.76
CA ASP A 48 -22.77 -88.40 -28.37
C ASP A 48 -23.95 -87.51 -27.99
N GLY A 49 -25.13 -88.11 -27.95
CA GLY A 49 -26.36 -87.40 -27.65
C GLY A 49 -27.32 -88.25 -26.86
N ALA A 50 -28.61 -87.99 -27.04
CA ALA A 50 -29.66 -88.74 -26.35
C ALA A 50 -31.00 -88.35 -26.95
N GLY A 51 -31.88 -89.34 -27.09
CA GLY A 51 -33.17 -89.14 -27.73
C GLY A 51 -34.28 -88.89 -26.74
N ASP A 52 -35.51 -88.99 -27.24
CA ASP A 52 -36.72 -88.81 -26.45
C ASP A 52 -37.63 -90.00 -26.66
N ILE A 53 -38.14 -90.57 -25.56
CA ILE A 53 -39.00 -91.74 -25.64
C ILE A 53 -40.44 -91.31 -25.84
N LYS A 54 -41.25 -92.22 -26.38
CA LYS A 54 -42.67 -91.96 -26.62
C LYS A 54 -43.47 -93.19 -26.22
N ALA A 55 -44.74 -92.95 -25.87
CA ALA A 55 -45.57 -94.01 -25.31
C ALA A 55 -45.94 -95.05 -26.36
N VAL A 56 -45.97 -96.31 -25.93
CA VAL A 56 -46.39 -97.42 -26.78
C VAL A 56 -47.24 -98.36 -25.93
N GLN A 57 -48.34 -98.85 -26.51
CA GLN A 57 -49.21 -99.75 -25.79
C GLN A 57 -48.48 -101.07 -25.49
N ARG A 58 -48.82 -101.66 -24.34
CA ARG A 58 -48.09 -102.83 -23.87
C ARG A 58 -48.24 -104.00 -24.83
N GLY A 59 -47.17 -104.78 -24.92
CA GLY A 59 -47.20 -106.03 -25.66
C GLY A 59 -46.94 -105.90 -27.15
N GLY A 60 -47.42 -104.83 -27.76
CA GLY A 60 -47.42 -104.72 -29.20
C GLY A 60 -46.07 -104.61 -29.87
N VAL A 61 -45.40 -103.46 -29.70
CA VAL A 61 -44.22 -103.12 -30.49
C VAL A 61 -43.21 -102.43 -29.59
N ARG A 62 -42.00 -102.25 -30.12
CA ARG A 62 -40.91 -101.57 -29.42
C ARG A 62 -40.27 -100.56 -30.37
N GLN A 63 -39.29 -99.82 -29.84
CA GLN A 63 -38.56 -98.81 -30.60
C GLN A 63 -37.07 -98.92 -30.29
N HIS A 64 -36.27 -98.25 -31.12
CA HIS A 64 -34.83 -98.48 -31.16
C HIS A 64 -34.05 -97.17 -31.11
N LEU A 65 -32.72 -97.30 -31.04
CA LEU A 65 -31.85 -96.14 -30.84
C LEU A 65 -31.17 -95.72 -32.15
N ALA A 66 -30.26 -94.75 -32.02
CA ALA A 66 -29.48 -94.21 -33.13
C ALA A 66 -28.01 -94.20 -32.76
N ASN A 67 -27.15 -94.49 -33.73
CA ASN A 67 -25.75 -94.83 -33.48
C ASN A 67 -24.81 -93.64 -33.73
N ASP A 68 -24.92 -92.62 -32.88
CA ASP A 68 -23.82 -91.66 -32.69
C ASP A 68 -23.40 -90.93 -33.97
N ARG A 69 -22.22 -90.31 -33.93
CA ARG A 69 -21.70 -89.51 -35.04
C ARG A 69 -20.21 -89.26 -34.81
N LYS A 70 -19.48 -88.98 -35.90
CA LYS A 70 -18.04 -88.80 -35.83
C LYS A 70 -17.56 -87.92 -36.98
N LYS A 71 -16.32 -87.46 -36.87
CA LYS A 71 -15.67 -86.69 -37.94
C LYS A 71 -14.18 -86.59 -37.64
N ILE A 72 -13.40 -86.36 -38.70
CA ILE A 72 -11.94 -86.23 -38.60
C ILE A 72 -11.46 -85.24 -39.65
N VAL A 73 -10.41 -84.49 -39.33
CA VAL A 73 -9.91 -83.43 -40.20
C VAL A 73 -8.44 -83.17 -39.89
N ASN A 74 -7.73 -82.66 -40.90
CA ASN A 74 -6.30 -82.36 -40.78
C ASN A 74 -6.01 -81.05 -41.48
N LEU A 75 -4.87 -80.44 -41.13
CA LEU A 75 -4.52 -79.10 -41.58
C LEU A 75 -3.05 -79.02 -41.92
N ASN A 76 -2.63 -77.86 -42.45
CA ASN A 76 -1.26 -77.60 -42.85
C ASN A 76 -0.74 -76.38 -42.10
N ILE A 77 0.58 -76.16 -42.16
CA ILE A 77 1.25 -75.12 -41.40
C ILE A 77 2.04 -74.23 -42.36
N PRO A 78 2.09 -72.92 -42.14
CA PRO A 78 2.87 -72.05 -43.03
C PRO A 78 4.32 -71.91 -42.60
N PHE A 79 5.05 -71.06 -43.32
CA PHE A 79 6.48 -70.86 -43.10
C PHE A 79 6.82 -69.37 -43.25
N PHE A 80 7.58 -68.83 -42.31
CA PHE A 80 7.88 -67.40 -42.23
C PHE A 80 9.38 -67.17 -42.15
N PRO A 81 10.05 -66.87 -43.27
CA PRO A 81 11.47 -66.54 -43.23
C PRO A 81 11.70 -65.04 -43.15
N LEU A 82 12.93 -64.69 -42.74
CA LEU A 82 13.35 -63.29 -42.71
C LEU A 82 14.86 -63.23 -42.58
N ASP A 83 15.52 -62.56 -43.52
CA ASP A 83 16.97 -62.50 -43.58
C ASP A 83 17.44 -61.08 -43.84
N ARG A 84 18.68 -60.80 -43.44
CA ARG A 84 19.25 -59.46 -43.58
C ARG A 84 20.76 -59.58 -43.76
N SER A 85 21.31 -58.82 -44.69
CA SER A 85 22.74 -58.84 -44.98
C SER A 85 23.36 -57.47 -44.78
N ILE A 86 24.67 -57.45 -44.59
CA ILE A 86 25.44 -56.21 -44.40
C ILE A 86 26.70 -56.28 -45.25
N ASP A 87 27.27 -55.12 -45.53
CA ASP A 87 28.38 -55.02 -46.48
C ASP A 87 29.31 -53.89 -46.06
N ARG A 88 30.51 -53.88 -46.65
CA ARG A 88 31.52 -52.88 -46.30
C ARG A 88 31.01 -51.47 -46.53
N ALA A 89 30.42 -51.22 -47.70
CA ALA A 89 30.02 -49.86 -48.08
C ALA A 89 29.08 -49.22 -47.06
N ASP A 90 28.53 -49.99 -46.13
CA ASP A 90 27.60 -49.44 -45.15
C ASP A 90 28.31 -48.78 -43.96
N ILE A 91 29.50 -49.25 -43.59
CA ILE A 91 30.09 -48.89 -42.30
C ILE A 91 31.52 -48.39 -42.41
N GLN A 92 31.90 -47.86 -43.57
CA GLN A 92 33.30 -47.46 -43.75
C GLN A 92 33.58 -46.09 -43.15
N ASN A 93 32.95 -45.05 -43.69
CA ASN A 93 33.30 -43.68 -43.32
C ASN A 93 32.31 -43.07 -42.33
N PHE A 94 31.12 -43.62 -42.21
CA PHE A 94 30.04 -42.94 -41.51
C PHE A 94 30.35 -42.83 -40.02
N ARG A 95 30.03 -41.67 -39.45
CA ARG A 95 30.19 -41.47 -38.02
C ARG A 95 29.27 -42.38 -37.23
N GLU A 96 29.75 -42.82 -36.07
CA GLU A 96 28.89 -43.52 -35.13
C GLU A 96 27.86 -42.53 -34.60
N PHE A 97 26.63 -42.63 -35.08
CA PHE A 97 25.64 -41.61 -34.80
C PHE A 97 25.46 -41.44 -33.30
N GLY A 98 25.37 -40.19 -32.87
CA GLY A 98 25.31 -39.84 -31.47
C GLY A 98 26.64 -39.46 -30.86
N THR A 99 27.72 -39.49 -31.64
CA THR A 99 29.04 -39.13 -31.17
C THR A 99 29.68 -38.14 -32.12
N GLU A 100 30.58 -37.33 -31.57
CA GLU A 100 31.13 -36.20 -32.34
C GLU A 100 32.10 -36.68 -33.41
N ASN A 101 32.99 -37.62 -33.07
CA ASN A 101 34.04 -38.02 -33.99
C ASN A 101 34.29 -39.52 -34.03
N ALA A 102 33.60 -40.32 -33.23
CA ALA A 102 33.86 -41.75 -33.22
C ALA A 102 33.48 -42.36 -34.58
N PRO A 103 34.30 -43.24 -35.15
CA PRO A 103 33.93 -43.87 -36.42
C PRO A 103 32.97 -45.02 -36.21
N ALA A 104 32.27 -45.37 -37.29
CA ALA A 104 31.30 -46.45 -37.23
C ALA A 104 31.99 -47.78 -36.97
N THR A 105 31.20 -48.76 -36.55
CA THR A 105 31.70 -50.11 -36.29
C THR A 105 30.64 -51.12 -36.69
N VAL A 106 31.09 -52.34 -36.95
CA VAL A 106 30.19 -53.38 -37.43
C VAL A 106 29.24 -53.83 -36.33
N ASP A 107 29.72 -53.89 -35.09
CA ASP A 107 28.93 -54.48 -34.02
C ASP A 107 27.63 -53.72 -33.80
N ALA A 108 27.69 -52.39 -33.81
CA ALA A 108 26.47 -51.62 -33.61
C ALA A 108 25.43 -51.98 -34.66
N GLU A 109 25.86 -52.07 -35.92
CA GLU A 109 24.95 -52.43 -36.99
C GLU A 109 24.38 -53.82 -36.82
N VAL A 110 25.21 -54.80 -36.46
CA VAL A 110 24.74 -56.18 -36.33
C VAL A 110 23.70 -56.28 -35.22
N GLN A 111 23.96 -55.67 -34.07
CA GLN A 111 22.99 -55.69 -32.99
C GLN A 111 21.72 -54.91 -33.32
N ARG A 112 21.82 -53.78 -34.03
CA ARG A 112 20.60 -53.09 -34.43
C ARG A 112 19.73 -54.00 -35.29
N HIS A 113 20.33 -54.65 -36.29
CA HIS A 113 19.56 -55.54 -37.14
C HIS A 113 18.98 -56.72 -36.35
N MET A 114 19.75 -57.28 -35.43
CA MET A 114 19.23 -58.38 -34.62
C MET A 114 18.01 -57.94 -33.83
N ALA A 115 18.08 -56.76 -33.21
CA ALA A 115 16.93 -56.28 -32.45
C ALA A 115 15.72 -56.08 -33.35
N ARG A 116 15.94 -55.51 -34.54
CA ARG A 116 14.82 -55.36 -35.47
C ARG A 116 14.18 -56.70 -35.78
N ILE A 117 14.99 -57.73 -36.01
CA ILE A 117 14.44 -59.04 -36.35
C ILE A 117 13.62 -59.59 -35.19
N ARG A 118 14.14 -59.49 -33.98
CA ARG A 118 13.39 -59.98 -32.82
C ARG A 118 12.05 -59.29 -32.71
N ARG A 119 12.04 -57.97 -32.82
CA ARG A 119 10.79 -57.23 -32.68
C ARG A 119 9.81 -57.61 -33.79
N SER A 120 10.31 -57.81 -35.00
CA SER A 120 9.43 -58.19 -36.10
C SER A 120 8.79 -59.55 -35.87
N HIS A 121 9.53 -60.52 -35.32
CA HIS A 121 8.90 -61.80 -35.01
C HIS A 121 7.88 -61.65 -33.88
N ALA A 122 8.21 -60.86 -32.87
CA ALA A 122 7.28 -60.69 -31.75
C ALA A 122 5.96 -60.09 -32.22
N ILE A 123 6.02 -59.10 -33.11
CA ILE A 123 4.79 -58.50 -33.60
C ILE A 123 3.94 -59.53 -34.33
N LEU A 124 4.58 -60.35 -35.16
CA LEU A 124 3.84 -61.36 -35.91
C LEU A 124 3.13 -62.33 -34.98
N LYS A 125 3.79 -62.73 -33.89
CA LYS A 125 3.14 -63.67 -32.98
C LYS A 125 1.85 -63.08 -32.42
N SER A 126 1.89 -61.82 -31.99
CA SER A 126 0.69 -61.19 -31.43
C SER A 126 -0.39 -61.08 -32.49
N LYS A 127 -0.03 -60.69 -33.71
CA LYS A 127 -1.04 -60.58 -34.76
C LYS A 127 -1.69 -61.94 -35.02
N ALA A 128 -0.88 -62.99 -35.07
CA ALA A 128 -1.44 -64.33 -35.30
C ALA A 128 -2.39 -64.70 -34.18
N MET A 129 -2.01 -64.45 -32.94
CA MET A 129 -2.89 -64.78 -31.82
C MET A 129 -4.20 -64.02 -31.92
N TYR A 130 -4.15 -62.73 -32.28
CA TYR A 130 -5.37 -61.96 -32.42
C TYR A 130 -6.25 -62.51 -33.54
N ALA A 131 -5.64 -62.98 -34.63
CA ALA A 131 -6.43 -63.45 -35.77
C ALA A 131 -7.25 -64.68 -35.42
N ALA A 132 -6.86 -65.41 -34.37
CA ALA A 132 -7.57 -66.64 -34.01
C ALA A 132 -8.98 -66.34 -33.49
N LEU A 133 -9.14 -65.29 -32.70
CA LEU A 133 -10.44 -65.03 -32.09
C LEU A 133 -11.50 -64.81 -33.16
N LYS A 134 -11.18 -64.07 -34.20
CA LYS A 134 -12.13 -63.84 -35.28
C LYS A 134 -12.42 -65.09 -36.09
N GLY A 135 -11.83 -66.23 -35.72
CA GLY A 135 -12.16 -67.49 -36.36
C GLY A 135 -11.45 -67.78 -37.66
N THR A 136 -10.31 -67.14 -37.91
CA THR A 136 -9.56 -67.34 -39.15
C THR A 136 -8.09 -67.53 -38.84
N SER A 137 -7.44 -68.37 -39.63
CA SER A 137 -6.00 -68.55 -39.51
C SER A 137 -5.27 -67.37 -40.14
N TRP A 138 -4.03 -67.17 -39.70
CA TRP A 138 -3.21 -66.03 -40.15
C TRP A 138 -2.18 -66.53 -41.15
N SER A 139 -2.40 -66.24 -42.43
CA SER A 139 -1.43 -66.52 -43.49
C SER A 139 -1.58 -65.43 -44.55
N PRO A 140 -1.05 -64.23 -44.28
CA PRO A 140 -1.41 -63.07 -45.11
C PRO A 140 -1.07 -63.24 -46.58
N ASP A 141 0.03 -63.89 -46.92
CA ASP A 141 0.50 -63.95 -48.29
C ASP A 141 0.39 -65.34 -48.92
N ASP A 142 -0.35 -66.25 -48.31
CA ASP A 142 -0.39 -67.62 -48.80
C ASP A 142 -1.81 -68.18 -48.78
N PRO A 143 -2.42 -68.43 -49.94
CA PRO A 143 -3.75 -69.07 -49.95
C PRO A 143 -3.74 -70.51 -49.49
N VAL A 144 -2.57 -71.15 -49.41
CA VAL A 144 -2.55 -72.59 -49.12
C VAL A 144 -3.17 -72.88 -47.75
N SER A 145 -2.80 -72.11 -46.73
CA SER A 145 -3.24 -72.36 -45.36
C SER A 145 -4.15 -71.25 -44.85
N ASP A 146 -5.06 -70.79 -45.71
CA ASP A 146 -6.03 -69.76 -45.33
C ASP A 146 -7.36 -70.39 -44.94
N TYR A 147 -7.43 -70.86 -43.69
CA TYR A 147 -8.59 -71.58 -43.21
C TYR A 147 -9.60 -70.63 -42.58
N ASN A 148 -10.88 -70.98 -42.73
CA ASN A 148 -11.97 -70.29 -42.06
C ASN A 148 -12.64 -71.30 -41.12
N TYR A 149 -12.39 -71.14 -39.81
CA TYR A 149 -12.78 -72.17 -38.86
C TYR A 149 -14.28 -72.39 -38.81
N TYR A 150 -15.09 -71.34 -38.90
CA TYR A 150 -16.53 -71.54 -38.94
C TYR A 150 -16.91 -72.49 -40.07
N ASP A 151 -16.24 -72.37 -41.21
CA ASP A 151 -16.50 -73.28 -42.32
C ASP A 151 -15.88 -74.65 -42.08
N VAL A 152 -14.67 -74.68 -41.53
CA VAL A 152 -13.97 -75.96 -41.37
C VAL A 152 -14.77 -76.87 -40.45
N TRP A 153 -15.16 -76.38 -39.28
CA TRP A 153 -15.87 -77.22 -38.33
C TRP A 153 -17.37 -77.24 -38.55
N GLY A 154 -17.87 -76.45 -39.50
CA GLY A 154 -19.29 -76.45 -39.80
C GLY A 154 -20.11 -75.83 -38.70
N ALA A 155 -19.83 -74.57 -38.37
CA ALA A 155 -20.58 -73.83 -37.36
C ALA A 155 -20.95 -72.47 -37.93
N THR A 156 -21.46 -71.60 -37.06
CA THR A 156 -21.87 -70.26 -37.46
C THR A 156 -21.54 -69.29 -36.34
N GLN A 157 -21.61 -68.01 -36.65
CA GLN A 157 -21.32 -66.95 -35.69
C GLN A 157 -22.61 -66.32 -35.21
N THR A 158 -22.79 -66.26 -33.89
CA THR A 158 -23.95 -65.60 -33.30
C THR A 158 -23.56 -64.20 -32.86
N THR A 159 -24.48 -63.25 -33.04
CA THR A 159 -24.22 -61.85 -32.77
C THR A 159 -25.17 -61.34 -31.70
N ALA A 160 -24.60 -60.92 -30.57
CA ALA A 160 -25.36 -60.26 -29.52
C ALA A 160 -25.20 -58.74 -29.64
N ASP A 161 -25.80 -58.21 -30.70
CA ASP A 161 -25.71 -56.78 -30.96
C ASP A 161 -26.37 -55.98 -29.84
N VAL A 162 -25.68 -54.93 -29.40
CA VAL A 162 -26.14 -54.08 -28.30
C VAL A 162 -26.39 -52.68 -28.84
N ASP A 163 -27.48 -52.08 -28.39
CA ASP A 163 -27.84 -50.72 -28.78
C ASP A 163 -27.73 -49.81 -27.56
N PHE A 164 -26.88 -48.80 -27.64
CA PHE A 164 -26.69 -47.86 -26.56
C PHE A 164 -27.56 -46.62 -26.69
N THR A 165 -28.24 -46.43 -27.82
CA THR A 165 -28.99 -45.20 -28.06
C THR A 165 -30.27 -45.12 -27.25
N LYS A 166 -30.71 -46.20 -26.61
CA LYS A 166 -31.96 -46.20 -25.86
C LYS A 166 -31.64 -46.51 -24.40
N LEU A 167 -32.20 -45.72 -23.49
CA LEU A 167 -31.77 -45.71 -22.10
C LEU A 167 -32.61 -46.58 -21.17
N GLY A 168 -33.76 -47.07 -21.62
CA GLY A 168 -34.64 -47.82 -20.74
C GLY A 168 -34.22 -49.25 -20.48
N VAL A 169 -33.17 -49.74 -21.13
CA VAL A 169 -32.73 -51.12 -21.00
C VAL A 169 -31.28 -51.12 -20.56
N ASP A 170 -30.97 -51.92 -19.55
CA ASP A 170 -29.59 -52.11 -19.14
C ASP A 170 -28.83 -52.74 -20.29
N PRO A 171 -27.72 -52.15 -20.75
CA PRO A 171 -27.04 -52.70 -21.93
C PRO A 171 -26.65 -54.16 -21.79
N ILE A 172 -26.24 -54.60 -20.60
CA ILE A 172 -25.76 -55.99 -20.46
C ILE A 172 -26.90 -56.98 -20.32
N GLU A 173 -28.14 -56.52 -20.22
CA GLU A 173 -29.26 -57.45 -20.29
C GLU A 173 -29.31 -58.14 -21.63
N VAL A 174 -29.03 -57.39 -22.71
CA VAL A 174 -28.96 -58.00 -24.03
C VAL A 174 -27.88 -59.07 -24.06
N LEU A 175 -26.72 -58.78 -23.46
CA LEU A 175 -25.66 -59.80 -23.40
C LEU A 175 -26.15 -61.03 -22.65
N GLU A 176 -26.75 -60.84 -21.48
CA GLU A 176 -27.20 -61.98 -20.69
C GLU A 176 -28.19 -62.82 -21.48
N ALA A 177 -29.07 -62.18 -22.24
CA ALA A 177 -30.09 -62.92 -22.97
C ALA A 177 -29.54 -63.59 -24.21
N GLU A 178 -28.51 -63.00 -24.84
CA GLU A 178 -28.03 -63.49 -26.13
C GLU A 178 -26.78 -64.36 -26.02
N ALA A 179 -25.72 -63.83 -25.43
CA ALA A 179 -24.42 -64.48 -25.48
C ALA A 179 -24.24 -65.50 -24.37
N ARG A 180 -24.59 -65.14 -23.13
CA ARG A 180 -24.38 -66.06 -22.03
C ARG A 180 -25.28 -67.29 -22.13
N ALA A 181 -26.53 -67.11 -22.55
CA ALA A 181 -27.40 -68.26 -22.76
C ALA A 181 -26.84 -69.17 -23.85
N HIS A 182 -26.38 -68.57 -24.94
CA HIS A 182 -25.82 -69.35 -26.04
C HIS A 182 -24.58 -70.12 -25.60
N ILE A 183 -23.72 -69.49 -24.81
CA ILE A 183 -22.53 -70.17 -24.32
C ILE A 183 -22.90 -71.26 -23.34
N ILE A 184 -23.92 -71.04 -22.51
CA ILE A 184 -24.38 -72.09 -21.61
C ILE A 184 -24.85 -73.30 -22.40
N ASP A 185 -25.62 -73.06 -23.46
CA ASP A 185 -26.16 -74.16 -24.24
C ASP A 185 -25.07 -74.91 -24.99
N TRP A 186 -24.17 -74.17 -25.65
CA TRP A 186 -23.20 -74.77 -26.55
C TRP A 186 -21.89 -75.14 -25.89
N ALA A 187 -21.80 -75.05 -24.56
CA ALA A 187 -20.53 -75.36 -23.90
C ALA A 187 -20.08 -76.78 -24.18
N GLY A 188 -21.01 -77.67 -24.51
CA GLY A 188 -20.67 -79.05 -24.79
C GLY A 188 -20.43 -79.85 -23.54
N ASP A 189 -19.31 -79.60 -22.87
CA ASP A 189 -19.01 -80.25 -21.60
C ASP A 189 -19.92 -79.65 -20.54
N ASN A 190 -20.56 -80.50 -19.74
CA ASN A 190 -21.49 -80.02 -18.73
C ASN A 190 -20.74 -79.39 -17.56
N GLY A 191 -21.20 -78.21 -17.15
CA GLY A 191 -20.57 -77.51 -16.05
C GLY A 191 -21.44 -76.37 -15.57
N ASP A 192 -20.92 -75.62 -14.60
CA ASP A 192 -21.68 -74.54 -13.99
C ASP A 192 -20.94 -73.20 -14.00
N ASN A 193 -19.63 -73.22 -13.79
CA ASN A 193 -18.85 -71.99 -13.66
C ASN A 193 -18.18 -71.64 -15.00
N TYR A 194 -18.94 -70.93 -15.83
CA TYR A 194 -18.39 -70.38 -17.08
C TYR A 194 -18.14 -68.89 -16.87
N GLU A 195 -16.86 -68.53 -16.76
CA GLU A 195 -16.49 -67.14 -16.50
C GLU A 195 -16.38 -66.40 -17.83
N ILE A 196 -17.38 -65.58 -18.14
CA ILE A 196 -17.37 -64.86 -19.40
C ILE A 196 -16.30 -63.78 -19.35
N VAL A 197 -15.81 -63.39 -20.53
CA VAL A 197 -14.84 -62.31 -20.66
C VAL A 197 -15.11 -61.61 -21.99
N VAL A 198 -14.92 -60.30 -21.99
CA VAL A 198 -15.26 -59.46 -23.15
C VAL A 198 -14.10 -58.54 -23.46
N LEU A 199 -13.69 -58.51 -24.72
CA LEU A 199 -12.73 -57.54 -25.22
C LEU A 199 -13.46 -56.61 -26.17
N ALA A 200 -13.29 -55.30 -25.96
CA ALA A 200 -14.07 -54.29 -26.68
C ALA A 200 -13.17 -53.16 -27.13
N SER A 201 -13.53 -52.55 -28.26
CA SER A 201 -12.85 -51.35 -28.72
C SER A 201 -13.26 -50.15 -27.87
N ARG A 202 -12.48 -49.08 -27.96
CA ARG A 202 -12.76 -47.90 -27.16
C ARG A 202 -14.15 -47.35 -27.43
N GLN A 203 -14.57 -47.31 -28.69
CA GLN A 203 -15.90 -46.81 -29.02
C GLN A 203 -16.97 -47.59 -28.25
N TRP A 204 -16.69 -48.85 -27.94
CA TRP A 204 -17.65 -49.69 -27.23
C TRP A 204 -17.50 -49.53 -25.73
N PHE A 205 -16.27 -49.56 -25.22
CA PHE A 205 -16.03 -49.47 -23.79
C PHE A 205 -16.52 -48.14 -23.24
N SER A 206 -16.09 -47.03 -23.84
CA SER A 206 -16.48 -45.73 -23.33
C SER A 206 -17.99 -45.54 -23.40
N ALA A 207 -18.62 -46.01 -24.48
CA ALA A 207 -20.07 -45.93 -24.57
C ALA A 207 -20.73 -46.73 -23.46
N LEU A 208 -20.18 -47.91 -23.15
CA LEU A 208 -20.77 -48.73 -22.10
C LEU A 208 -20.71 -48.03 -20.74
N ILE A 209 -19.51 -47.58 -20.36
CA ILE A 209 -19.36 -46.99 -19.03
C ILE A 209 -20.11 -45.68 -18.87
N ALA A 210 -20.65 -45.14 -19.95
CA ALA A 210 -21.40 -43.88 -19.89
C ALA A 210 -22.91 -44.09 -19.86
N HIS A 211 -23.39 -45.33 -19.95
CA HIS A 211 -24.82 -45.55 -19.99
C HIS A 211 -25.44 -45.21 -18.62
N PRO A 212 -26.59 -44.52 -18.60
CA PRO A 212 -27.20 -44.22 -17.29
C PRO A 212 -27.51 -45.46 -16.48
N GLN A 213 -27.99 -46.52 -17.12
CA GLN A 213 -28.35 -47.74 -16.42
C GLN A 213 -27.17 -48.37 -15.71
N VAL A 214 -25.94 -48.09 -16.16
CA VAL A 214 -24.76 -48.65 -15.53
C VAL A 214 -24.24 -47.71 -14.44
N THR A 215 -24.18 -46.41 -14.74
CA THR A 215 -23.65 -45.45 -13.78
C THR A 215 -24.54 -45.37 -12.54
N GLY A 216 -25.86 -45.42 -12.72
CA GLY A 216 -26.76 -45.18 -11.61
C GLY A 216 -26.52 -46.12 -10.44
N ALA A 217 -26.11 -47.35 -10.73
CA ALA A 217 -25.97 -48.34 -9.68
C ALA A 217 -24.89 -47.97 -8.68
N TYR A 218 -23.80 -47.37 -9.14
CA TYR A 218 -22.62 -47.17 -8.29
C TYR A 218 -22.58 -45.83 -7.60
N SER A 219 -23.55 -44.94 -7.84
CA SER A 219 -23.37 -43.54 -7.47
C SER A 219 -23.81 -43.21 -6.06
N GLN A 220 -24.53 -44.11 -5.37
CA GLN A 220 -25.23 -43.73 -4.16
C GLN A 220 -24.78 -44.48 -2.90
N TYR A 221 -23.68 -45.22 -2.95
CA TYR A 221 -23.06 -45.75 -1.74
C TYR A 221 -21.72 -46.36 -2.12
N PRO A 222 -20.76 -46.38 -1.20
CA PRO A 222 -19.37 -46.67 -1.60
C PRO A 222 -19.23 -48.02 -2.28
N SER A 223 -18.40 -48.06 -3.31
CA SER A 223 -18.06 -49.27 -4.04
C SER A 223 -16.55 -49.27 -4.29
N THR A 224 -15.94 -50.46 -4.27
CA THR A 224 -14.49 -50.54 -4.41
C THR A 224 -14.01 -50.00 -5.75
N GLN A 225 -14.70 -50.34 -6.84
CA GLN A 225 -14.35 -49.82 -8.17
C GLN A 225 -15.01 -48.46 -8.32
N GLU A 226 -14.32 -47.42 -7.85
CA GLU A 226 -14.90 -46.08 -7.80
C GLU A 226 -14.97 -45.54 -9.24
N ILE A 227 -15.99 -46.03 -9.96
CA ILE A 227 -16.15 -45.68 -11.36
C ILE A 227 -16.28 -44.16 -11.52
N LEU A 228 -17.03 -43.51 -10.63
CA LEU A 228 -17.31 -42.09 -10.75
C LEU A 228 -16.24 -41.21 -10.12
N ARG A 229 -15.18 -41.80 -9.56
CA ARG A 229 -14.13 -41.01 -8.93
C ARG A 229 -12.71 -41.46 -9.28
N ARG A 230 -12.54 -42.46 -10.13
CA ARG A 230 -11.21 -42.97 -10.45
C ARG A 230 -11.20 -43.51 -11.86
N ARG A 231 -9.99 -43.67 -12.40
CA ARG A 231 -9.83 -44.30 -13.70
C ARG A 231 -9.76 -45.81 -13.53
N LEU A 232 -10.64 -46.52 -14.23
CA LEU A 232 -10.72 -47.97 -14.11
C LEU A 232 -9.37 -48.61 -14.41
N GLY A 233 -8.78 -49.25 -13.41
CA GLY A 233 -7.48 -49.88 -13.55
C GLY A 233 -6.31 -48.99 -13.18
N GLY A 234 -6.53 -47.71 -12.91
CA GLY A 234 -5.46 -46.83 -12.54
C GLY A 234 -4.65 -46.32 -13.72
N ASN A 235 -3.34 -46.23 -13.55
CA ASN A 235 -2.46 -45.72 -14.59
C ASN A 235 -2.16 -46.74 -15.68
N ALA A 236 -2.61 -47.98 -15.52
CA ALA A 236 -2.38 -48.98 -16.54
C ALA A 236 -2.94 -48.51 -17.88
N ASN A 237 -2.40 -49.08 -18.95
CA ASN A 237 -2.82 -48.65 -20.28
C ASN A 237 -4.18 -49.19 -20.67
N ASN A 238 -4.62 -50.28 -20.05
CA ASN A 238 -5.88 -50.93 -20.37
C ASN A 238 -6.85 -50.81 -19.20
N ARG A 239 -8.03 -50.25 -19.46
CA ARG A 239 -9.08 -50.21 -18.44
C ARG A 239 -9.58 -51.61 -18.14
N ILE A 240 -9.82 -51.87 -16.85
CA ILE A 240 -10.36 -53.14 -16.38
C ILE A 240 -11.63 -52.83 -15.60
N PHE A 241 -12.73 -53.47 -16.00
CA PHE A 241 -14.03 -53.21 -15.38
C PHE A 241 -14.78 -54.51 -15.21
N GLU A 242 -15.14 -54.82 -13.96
CA GLU A 242 -15.90 -56.03 -13.63
C GLU A 242 -17.28 -55.60 -13.18
N HIS A 243 -18.31 -56.06 -13.88
CA HIS A 243 -19.68 -55.67 -13.60
C HIS A 243 -20.60 -56.87 -13.77
N LYS A 244 -21.33 -57.19 -12.72
CA LYS A 244 -22.20 -58.36 -12.69
C LYS A 244 -21.44 -59.60 -13.14
N ASN A 245 -20.25 -59.77 -12.57
CA ASN A 245 -19.47 -60.99 -12.74
C ASN A 245 -18.85 -61.10 -14.13
N ILE A 246 -19.12 -60.12 -15.00
CA ILE A 246 -18.56 -60.12 -16.33
C ILE A 246 -17.35 -59.19 -16.36
N LEU A 247 -16.21 -59.73 -16.78
CA LEU A 247 -14.97 -58.97 -16.83
C LEU A 247 -14.82 -58.34 -18.21
N PHE A 248 -14.59 -57.03 -18.23
CA PHE A 248 -14.40 -56.28 -19.47
C PHE A 248 -12.97 -55.78 -19.55
N ILE A 249 -12.40 -55.77 -20.75
CA ILE A 249 -11.04 -55.32 -20.99
C ILE A 249 -11.04 -54.47 -22.24
N GLU A 250 -10.34 -53.33 -22.17
CA GLU A 250 -10.25 -52.41 -23.30
C GLU A 250 -9.11 -52.84 -24.21
N ASP A 251 -9.40 -52.99 -25.49
CA ASP A 251 -8.42 -53.40 -26.48
C ASP A 251 -7.98 -52.18 -27.28
N ILE A 252 -6.66 -51.94 -27.32
CA ILE A 252 -6.12 -50.74 -27.96
C ILE A 252 -5.07 -51.13 -29.00
N SER A 253 -4.92 -52.42 -29.25
CA SER A 253 -3.99 -52.86 -30.29
C SER A 253 -4.47 -52.45 -31.68
N GLY A 254 -5.76 -52.15 -31.84
CA GLY A 254 -6.31 -51.84 -33.14
C GLY A 254 -6.75 -53.03 -33.94
N ASN A 255 -6.49 -54.26 -33.48
CA ASN A 255 -6.93 -55.43 -34.20
C ASN A 255 -8.44 -55.53 -34.21
N ILE A 256 -9.07 -55.33 -33.06
CA ILE A 256 -10.54 -55.37 -32.99
C ILE A 256 -11.10 -54.18 -33.75
N PRO A 257 -12.05 -54.36 -34.67
CA PRO A 257 -12.61 -53.22 -35.37
C PRO A 257 -13.28 -52.26 -34.39
N ALA A 258 -13.21 -50.97 -34.71
CA ALA A 258 -13.82 -49.96 -33.87
C ALA A 258 -15.32 -50.21 -33.78
N GLY A 259 -15.86 -50.15 -32.55
CA GLY A 259 -17.26 -50.36 -32.32
C GLY A 259 -17.70 -51.80 -32.20
N GLU A 260 -16.77 -52.74 -32.10
CA GLU A 260 -17.08 -54.15 -31.98
C GLU A 260 -16.40 -54.74 -30.75
N ALA A 261 -16.97 -55.82 -30.25
CA ALA A 261 -16.41 -56.53 -29.10
C ALA A 261 -16.77 -58.01 -29.21
N TYR A 262 -15.88 -58.86 -28.71
CA TYR A 262 -16.04 -60.31 -28.80
C TYR A 262 -16.21 -60.88 -27.41
N ILE A 263 -17.19 -61.75 -27.25
CA ILE A 263 -17.54 -62.36 -25.97
C ILE A 263 -17.23 -63.85 -26.06
N PHE A 264 -16.38 -64.34 -25.17
CA PHE A 264 -15.99 -65.74 -25.19
C PHE A 264 -15.80 -66.21 -23.76
N PRO A 265 -16.00 -67.51 -23.50
CA PRO A 265 -15.82 -68.02 -22.14
C PRO A 265 -14.39 -68.44 -21.87
N ARG A 266 -14.07 -68.61 -20.60
CA ARG A 266 -12.75 -69.04 -20.19
C ARG A 266 -12.74 -70.51 -19.79
N GLY A 267 -11.55 -71.11 -19.85
CA GLY A 267 -11.30 -72.39 -19.22
C GLY A 267 -11.78 -73.61 -19.99
N ILE A 268 -12.37 -73.43 -21.16
CA ILE A 268 -12.86 -74.59 -21.92
C ILE A 268 -11.69 -75.25 -22.63
N SER A 269 -11.57 -76.57 -22.47
CA SER A 269 -10.37 -77.27 -22.90
C SER A 269 -10.20 -77.23 -24.41
N ARG A 270 -8.96 -77.05 -24.85
CA ARG A 270 -8.57 -77.13 -26.25
C ARG A 270 -9.26 -76.09 -27.12
N MET A 271 -9.76 -75.02 -26.52
CA MET A 271 -10.38 -73.96 -27.32
C MET A 271 -9.37 -73.31 -28.25
N PHE A 272 -8.16 -73.05 -27.77
CA PHE A 272 -7.14 -72.34 -28.53
C PHE A 272 -5.86 -73.15 -28.53
N GLU A 273 -5.34 -73.43 -29.71
CA GLU A 273 -4.11 -74.21 -29.87
C GLU A 273 -3.24 -73.58 -30.94
N ILE A 274 -1.93 -73.70 -30.76
CA ILE A 274 -0.95 -73.19 -31.71
C ILE A 274 0.17 -74.21 -31.84
N TYR A 275 0.59 -74.49 -33.06
CA TYR A 275 1.48 -75.61 -33.38
C TYR A 275 2.76 -75.11 -34.04
N TYR A 276 3.77 -75.98 -34.08
CA TYR A 276 5.06 -75.65 -34.68
C TYR A 276 5.51 -76.74 -35.63
N ALA A 277 6.47 -76.39 -36.50
CA ALA A 277 7.12 -77.28 -37.43
C ALA A 277 8.63 -77.02 -37.45
N PRO A 278 9.43 -77.94 -37.97
CA PRO A 278 10.88 -77.74 -37.95
C PRO A 278 11.35 -76.60 -38.84
N SER A 279 12.67 -76.41 -38.93
CA SER A 279 13.22 -75.19 -39.50
C SER A 279 13.37 -75.23 -41.01
N ASP A 280 13.07 -76.35 -41.66
CA ASP A 280 13.36 -76.52 -43.08
C ASP A 280 14.86 -76.39 -43.33
N THR A 281 15.62 -77.29 -42.70
CA THR A 281 17.06 -77.32 -42.85
C THR A 281 17.54 -78.74 -42.58
N LEU A 282 18.48 -79.21 -43.39
CA LEU A 282 18.88 -80.62 -43.33
C LEU A 282 19.36 -81.02 -41.95
N ARG A 283 19.86 -80.06 -41.16
CA ARG A 283 20.38 -80.41 -39.84
C ARG A 283 19.29 -81.00 -38.95
N ASP A 284 18.07 -80.46 -39.02
CA ASP A 284 16.99 -80.95 -38.17
C ASP A 284 15.67 -81.07 -38.93
N ALA A 285 15.69 -81.52 -40.17
CA ALA A 285 14.49 -81.54 -41.01
C ALA A 285 13.36 -82.37 -40.42
N ASN A 286 13.65 -83.31 -39.52
CA ASN A 286 12.62 -84.15 -38.92
C ASN A 286 12.75 -84.24 -37.40
N GLN A 287 13.44 -83.29 -36.79
CA GLN A 287 13.53 -83.25 -35.33
C GLN A 287 12.31 -82.52 -34.76
N ALA A 288 12.27 -82.40 -33.44
CA ALA A 288 11.21 -81.63 -32.80
C ALA A 288 11.35 -80.16 -33.15
N ALA A 289 10.22 -79.53 -33.46
CA ALA A 289 10.23 -78.14 -33.87
C ALA A 289 10.73 -77.25 -32.72
N GLN A 290 10.97 -75.99 -33.04
CA GLN A 290 11.45 -75.03 -32.07
C GLN A 290 10.88 -73.66 -32.43
N GLU A 291 10.68 -72.83 -31.40
CA GLU A 291 9.91 -71.59 -31.59
C GLU A 291 10.57 -70.67 -32.60
N LEU A 292 11.88 -70.47 -32.51
CA LEU A 292 12.56 -69.47 -33.34
C LEU A 292 13.99 -69.90 -33.59
N TYR A 293 14.39 -69.87 -34.86
CA TYR A 293 15.76 -70.17 -35.27
C TYR A 293 16.44 -68.90 -35.73
N VAL A 294 17.64 -68.65 -35.24
CA VAL A 294 18.42 -67.48 -35.62
C VAL A 294 19.82 -67.95 -36.00
N PHE A 295 20.24 -67.63 -37.22
CA PHE A 295 21.55 -68.01 -37.74
C PHE A 295 22.34 -66.75 -38.06
N PHE A 296 23.57 -66.68 -37.57
CA PHE A 296 24.50 -65.63 -37.94
C PHE A 296 25.66 -66.27 -38.67
N LYS A 297 25.85 -65.89 -39.94
CA LYS A 297 26.84 -66.52 -40.81
C LYS A 297 27.78 -65.44 -41.33
N GLU A 298 29.01 -65.45 -40.83
CA GLU A 298 30.01 -64.48 -41.26
C GLU A 298 30.85 -65.11 -42.38
N SER A 299 30.77 -64.53 -43.57
CA SER A 299 31.43 -65.12 -44.74
C SER A 299 32.94 -65.00 -44.62
N ASN A 300 33.63 -66.10 -44.92
CA ASN A 300 35.04 -66.24 -44.54
C ASN A 300 35.92 -65.18 -45.20
N TYR A 301 35.70 -64.89 -46.46
CA TYR A 301 36.63 -64.08 -47.24
C TYR A 301 36.62 -62.61 -46.83
N LEU A 302 35.92 -62.26 -45.75
CA LEU A 302 36.05 -60.95 -45.13
C LEU A 302 35.55 -59.82 -46.03
N ARG A 303 34.39 -60.01 -46.67
CA ARG A 303 33.78 -58.95 -47.44
C ARG A 303 32.28 -58.81 -47.25
N GLU A 304 31.60 -59.80 -46.66
CA GLU A 304 30.16 -59.73 -46.47
C GLU A 304 29.79 -60.54 -45.24
N ALA A 305 28.58 -60.30 -44.75
CA ALA A 305 28.03 -61.07 -43.64
C ALA A 305 26.50 -61.04 -43.76
N LYS A 306 25.85 -62.01 -43.12
CA LYS A 306 24.41 -62.17 -43.26
C LYS A 306 23.81 -62.71 -41.98
N ILE A 307 22.52 -62.39 -41.77
CA ILE A 307 21.75 -62.88 -40.64
C ILE A 307 20.47 -63.50 -41.18
N GLU A 308 20.17 -64.72 -40.75
CA GLU A 308 18.99 -65.45 -41.19
C GLU A 308 18.18 -65.90 -39.99
N SER A 309 16.87 -65.98 -40.18
CA SER A 309 15.96 -66.38 -39.11
C SER A 309 14.73 -67.03 -39.73
N GLU A 310 14.26 -68.09 -39.09
CA GLU A 310 13.15 -68.87 -39.62
C GLU A 310 12.24 -69.30 -38.49
N THR A 311 10.93 -69.25 -38.73
CA THR A 311 9.93 -69.70 -37.78
C THR A 311 8.66 -70.07 -38.52
N SER A 312 7.96 -71.07 -38.00
CA SER A 312 6.74 -71.56 -38.65
C SER A 312 5.79 -72.05 -37.57
N PHE A 313 4.52 -71.64 -37.66
CA PHE A 313 3.52 -72.07 -36.69
C PHE A 313 2.14 -71.83 -37.27
N LEU A 314 1.15 -72.51 -36.68
CA LEU A 314 -0.24 -72.34 -37.03
C LEU A 314 -1.05 -72.14 -35.75
N THR A 315 -2.08 -71.31 -35.83
CA THR A 315 -2.99 -71.06 -34.72
C THR A 315 -4.35 -71.62 -35.05
N VAL A 316 -4.93 -72.38 -34.11
CA VAL A 316 -6.17 -73.10 -34.34
C VAL A 316 -7.18 -72.71 -33.28
N ASN A 317 -8.39 -72.37 -33.71
CA ASN A 317 -9.53 -72.16 -32.82
C ASN A 317 -10.47 -73.34 -33.01
N ASN A 318 -10.37 -74.31 -32.10
CA ASN A 318 -11.11 -75.57 -32.26
C ASN A 318 -12.61 -75.43 -32.04
N ARG A 319 -13.05 -74.37 -31.34
CA ARG A 319 -14.46 -74.22 -30.97
C ARG A 319 -14.93 -72.82 -31.36
N PRO A 320 -15.13 -72.57 -32.65
CA PRO A 320 -15.62 -71.26 -33.07
C PRO A 320 -17.02 -70.96 -32.58
N GLU A 321 -17.79 -71.97 -32.19
CA GLU A 321 -19.18 -71.75 -31.81
C GLU A 321 -19.30 -70.90 -30.56
N LEU A 322 -18.24 -70.84 -29.75
CA LEU A 322 -18.31 -70.22 -28.43
C LEU A 322 -17.84 -68.77 -28.41
N VAL A 323 -17.55 -68.18 -29.57
CA VAL A 323 -17.13 -66.79 -29.65
C VAL A 323 -18.25 -66.00 -30.32
N VAL A 324 -18.73 -64.98 -29.63
CA VAL A 324 -19.83 -64.15 -30.11
C VAL A 324 -19.34 -62.72 -30.21
N LYS A 325 -19.54 -62.11 -31.37
CA LYS A 325 -19.21 -60.69 -31.55
C LYS A 325 -20.46 -59.85 -31.37
N SER A 326 -20.26 -58.64 -30.85
CA SER A 326 -21.37 -57.75 -30.52
C SER A 326 -21.06 -56.38 -31.11
N THR A 327 -21.91 -55.91 -32.01
CA THR A 327 -21.76 -54.58 -32.59
C THR A 327 -22.44 -53.55 -31.70
N GLY A 328 -21.72 -52.47 -31.41
CA GLY A 328 -22.26 -51.39 -30.60
C GLY A 328 -22.78 -50.26 -31.46
N LYS A 329 -24.04 -49.90 -31.24
CA LYS A 329 -24.69 -48.82 -31.96
C LYS A 329 -24.73 -47.58 -31.08
N PHE A 330 -24.22 -46.47 -31.61
CA PHE A 330 -24.13 -45.23 -30.84
C PHE A 330 -24.96 -44.14 -31.49
N GLN B 2 -108.92 -131.35 46.21
CA GLN B 2 -109.79 -130.21 45.98
C GLN B 2 -110.86 -130.10 47.08
N ASN B 3 -110.98 -131.14 47.90
CA ASN B 3 -111.95 -131.19 48.99
C ASN B 3 -111.39 -130.64 50.30
N GLY B 4 -110.38 -129.78 50.23
CA GLY B 4 -109.78 -129.19 51.41
C GLY B 4 -108.39 -129.72 51.67
N ASP B 5 -107.73 -129.10 52.66
CA ASP B 5 -106.38 -129.48 53.04
C ASP B 5 -106.33 -130.75 53.88
N PHE B 6 -107.48 -131.28 54.30
CA PHE B 6 -107.49 -132.49 55.12
C PHE B 6 -106.88 -133.66 54.36
N GLN B 7 -107.22 -133.79 53.07
CA GLN B 7 -106.71 -134.89 52.24
C GLN B 7 -105.38 -134.46 51.64
N ILE B 8 -104.30 -134.74 52.39
CA ILE B 8 -102.97 -134.45 51.91
C ILE B 8 -102.72 -135.24 50.62
N LEU B 9 -102.30 -134.56 49.58
CA LEU B 9 -102.10 -135.17 48.27
C LEU B 9 -100.65 -135.57 48.08
N ASP B 10 -100.44 -136.53 47.19
CA ASP B 10 -99.15 -137.16 46.99
C ASP B 10 -98.66 -136.90 45.56
N TYR B 11 -97.54 -137.54 45.22
CA TYR B 11 -96.88 -137.29 43.94
C TYR B 11 -97.87 -137.38 42.77
N THR B 12 -97.58 -136.61 41.74
CA THR B 12 -98.32 -136.65 40.48
C THR B 12 -97.34 -136.57 39.33
N GLY B 13 -97.68 -137.24 38.23
CA GLY B 13 -96.82 -137.27 37.07
C GLY B 13 -97.11 -136.16 36.08
N LEU B 14 -96.23 -135.99 35.09
CA LEU B 14 -96.40 -134.97 34.07
C LEU B 14 -96.03 -135.52 32.70
N ILE B 15 -96.76 -135.09 31.69
CA ILE B 15 -96.46 -135.41 30.30
C ILE B 15 -96.55 -134.13 29.48
N SER B 16 -95.93 -134.15 28.30
CA SER B 16 -95.89 -132.99 27.44
C SER B 16 -95.90 -133.44 25.97
N THR B 17 -96.30 -132.52 25.10
CA THR B 17 -96.33 -132.76 23.67
C THR B 17 -95.65 -131.59 22.95
N MET B 18 -94.92 -131.90 21.90
CA MET B 18 -94.18 -130.92 21.12
C MET B 18 -94.40 -131.19 19.65
N PRO B 19 -94.24 -130.17 18.80
CA PRO B 19 -94.44 -130.37 17.36
C PRO B 19 -93.34 -131.22 16.75
N ARG B 20 -93.67 -131.85 15.63
CA ARG B 20 -92.74 -132.72 14.93
C ARG B 20 -91.60 -131.90 14.32
N VAL B 21 -90.43 -132.52 14.25
CA VAL B 21 -89.25 -131.93 13.63
C VAL B 21 -88.70 -132.90 12.60
N ASP B 22 -88.43 -132.39 11.40
CA ASP B 22 -87.90 -133.21 10.32
C ASP B 22 -86.38 -133.34 10.45
N THR B 23 -85.87 -134.49 10.01
CA THR B 23 -84.43 -134.73 10.04
C THR B 23 -83.94 -135.41 8.77
N LEU B 24 -84.82 -135.61 7.77
CA LEU B 24 -84.41 -136.32 6.56
C LEU B 24 -83.23 -135.64 5.89
N LEU B 25 -83.40 -134.37 5.50
CA LEU B 25 -82.34 -133.68 4.77
C LEU B 25 -81.08 -133.57 5.60
N GLN B 26 -81.21 -133.21 6.88
CA GLN B 26 -80.03 -133.12 7.74
C GLN B 26 -79.37 -134.48 7.89
N SER B 27 -80.15 -135.54 8.06
CA SER B 27 -79.58 -136.87 8.20
C SER B 27 -78.85 -137.28 6.94
N MET B 28 -79.31 -136.81 5.78
CA MET B 28 -78.67 -137.17 4.51
C MET B 28 -77.34 -136.46 4.29
N ASN B 29 -77.09 -135.34 4.97
CA ASN B 29 -75.86 -134.56 4.78
C ASN B 29 -75.75 -134.05 3.34
N LEU B 30 -76.67 -133.15 3.00
CA LEU B 30 -76.73 -132.55 1.67
C LEU B 30 -76.27 -131.11 1.61
N PHE B 31 -76.20 -130.41 2.74
CA PHE B 31 -75.98 -128.97 2.76
C PHE B 31 -74.67 -128.62 3.43
N THR B 32 -74.07 -127.51 2.99
CA THR B 32 -72.86 -126.96 3.58
C THR B 32 -73.14 -125.55 4.08
N GLU B 33 -72.38 -125.13 5.09
CA GLU B 33 -72.60 -123.85 5.75
C GLU B 33 -71.40 -122.94 5.52
N HIS B 34 -71.67 -121.68 5.18
CA HIS B 34 -70.66 -120.65 5.06
C HIS B 34 -71.04 -119.46 5.93
N PHE B 35 -70.06 -118.90 6.62
CA PHE B 35 -70.25 -117.73 7.47
C PHE B 35 -69.57 -116.53 6.82
N GLY B 36 -70.35 -115.49 6.56
CA GLY B 36 -69.85 -114.28 5.92
C GLY B 36 -69.99 -113.06 6.81
N ARG B 37 -69.78 -111.90 6.19
CA ARG B 37 -69.88 -110.61 6.86
C ARG B 37 -70.98 -109.74 6.25
N THR B 38 -71.00 -109.62 4.92
CA THR B 38 -71.97 -108.77 4.25
C THR B 38 -73.30 -109.48 4.10
N THR B 39 -74.35 -108.69 3.92
CA THR B 39 -75.70 -109.24 3.75
C THR B 39 -75.88 -109.95 2.41
N VAL B 40 -74.94 -109.81 1.48
CA VAL B 40 -75.04 -110.42 0.15
C VAL B 40 -73.93 -111.44 0.00
N ALA B 41 -74.27 -112.57 -0.60
CA ALA B 41 -73.33 -113.67 -0.81
C ALA B 41 -73.04 -113.84 -2.30
N ARG B 42 -71.78 -114.11 -2.61
CA ARG B 42 -71.33 -114.30 -3.98
C ARG B 42 -71.19 -115.79 -4.29
N ILE B 43 -71.46 -116.14 -5.55
CA ILE B 43 -71.30 -117.49 -6.06
C ILE B 43 -70.45 -117.42 -7.32
N GLU B 44 -69.42 -118.27 -7.38
CA GLU B 44 -68.48 -118.29 -8.50
C GLU B 44 -68.46 -119.70 -9.06
N ARG B 45 -68.96 -119.87 -10.28
CA ARG B 45 -69.04 -121.17 -10.92
C ARG B 45 -68.09 -121.21 -12.11
N LEU B 46 -66.94 -121.85 -11.94
CA LEU B 46 -66.03 -122.09 -13.05
C LEU B 46 -66.50 -123.29 -13.85
N ASP B 47 -66.55 -123.13 -15.17
CA ASP B 47 -66.98 -124.18 -16.08
C ASP B 47 -65.80 -124.64 -16.91
N ASP B 48 -65.62 -125.96 -17.01
CA ASP B 48 -64.52 -126.53 -17.77
C ASP B 48 -64.96 -126.81 -19.21
N GLY B 49 -64.02 -127.27 -20.02
CA GLY B 49 -64.31 -127.63 -21.39
C GLY B 49 -63.81 -129.02 -21.72
N ALA B 50 -64.58 -129.77 -22.51
CA ALA B 50 -64.28 -131.16 -22.81
C ALA B 50 -63.95 -131.31 -24.30
N GLY B 51 -63.13 -132.31 -24.59
CA GLY B 51 -62.73 -132.60 -25.95
C GLY B 51 -62.06 -133.94 -26.01
N ASP B 52 -61.89 -134.43 -27.25
CA ASP B 52 -61.31 -135.74 -27.51
C ASP B 52 -60.05 -135.58 -28.36
N ILE B 53 -59.00 -136.28 -27.97
CA ILE B 53 -57.74 -136.23 -28.69
C ILE B 53 -57.83 -137.13 -29.91
N LYS B 54 -57.09 -136.76 -30.97
CA LYS B 54 -57.05 -137.54 -32.20
C LYS B 54 -55.61 -137.87 -32.55
N ALA B 55 -55.42 -139.01 -33.21
CA ALA B 55 -54.08 -139.47 -33.56
C ALA B 55 -53.49 -138.59 -34.66
N VAL B 56 -52.19 -138.29 -34.52
CA VAL B 56 -51.44 -137.55 -35.51
C VAL B 56 -50.13 -138.28 -35.77
N GLN B 57 -49.53 -137.99 -36.91
CA GLN B 57 -48.29 -138.63 -37.32
C GLN B 57 -47.11 -137.96 -36.64
N ARG B 58 -46.01 -138.72 -36.52
CA ARG B 58 -44.83 -138.25 -35.82
C ARG B 58 -44.10 -137.19 -36.62
N GLY B 59 -44.26 -135.93 -36.23
CA GLY B 59 -43.58 -134.83 -36.90
C GLY B 59 -44.52 -133.71 -37.32
N GLY B 60 -45.79 -134.05 -37.52
CA GLY B 60 -46.76 -133.08 -37.99
C GLY B 60 -47.26 -132.16 -36.90
N VAL B 61 -48.24 -131.34 -37.27
CA VAL B 61 -48.79 -130.36 -36.36
C VAL B 61 -49.37 -131.06 -35.13
N ARG B 62 -49.32 -130.36 -34.00
CA ARG B 62 -49.85 -130.88 -32.74
C ARG B 62 -51.27 -130.35 -32.51
N GLN B 63 -51.80 -130.59 -31.33
CA GLN B 63 -53.14 -130.15 -30.94
C GLN B 63 -53.05 -129.15 -29.80
N HIS B 64 -54.20 -128.57 -29.45
CA HIS B 64 -54.24 -127.49 -28.47
C HIS B 64 -55.51 -127.60 -27.62
N LEU B 65 -55.49 -126.88 -26.51
CA LEU B 65 -56.59 -126.87 -25.54
C LEU B 65 -56.93 -125.41 -25.23
N ALA B 66 -58.03 -124.93 -25.80
CA ALA B 66 -58.34 -123.50 -25.81
C ALA B 66 -59.81 -123.23 -25.47
N ASN B 67 -60.31 -123.81 -24.39
CA ASN B 67 -61.70 -123.60 -24.00
C ASN B 67 -61.78 -123.29 -22.51
N ASP B 68 -62.80 -122.50 -22.14
CA ASP B 68 -63.07 -122.16 -20.75
C ASP B 68 -64.35 -121.32 -20.70
N ARG B 69 -64.94 -121.26 -19.51
CA ARG B 69 -66.13 -120.44 -19.27
C ARG B 69 -66.18 -120.08 -17.80
N LYS B 70 -66.86 -118.97 -17.50
CA LYS B 70 -67.00 -118.52 -16.12
C LYS B 70 -68.32 -117.78 -15.94
N LYS B 71 -68.77 -117.70 -14.70
CA LYS B 71 -69.95 -116.93 -14.33
C LYS B 71 -69.79 -116.45 -12.90
N ILE B 72 -70.55 -115.42 -12.55
CA ILE B 72 -70.55 -114.87 -11.21
C ILE B 72 -71.89 -114.19 -10.96
N VAL B 73 -72.43 -114.38 -9.76
CA VAL B 73 -73.77 -113.89 -9.43
C VAL B 73 -73.78 -113.51 -7.96
N ASN B 74 -74.69 -112.57 -7.62
CA ASN B 74 -74.81 -112.04 -6.27
C ASN B 74 -76.25 -112.14 -5.81
N LEU B 75 -76.44 -112.37 -4.51
CA LEU B 75 -77.77 -112.57 -3.95
C LEU B 75 -77.84 -111.89 -2.58
N ASN B 76 -79.08 -111.67 -2.12
CA ASN B 76 -79.33 -111.07 -0.82
C ASN B 76 -79.56 -112.15 0.24
N ILE B 77 -79.94 -111.72 1.44
CA ILE B 77 -80.21 -112.65 2.54
C ILE B 77 -81.43 -112.16 3.32
N PRO B 78 -82.33 -113.05 3.75
CA PRO B 78 -83.48 -112.60 4.56
C PRO B 78 -83.16 -112.43 6.04
N PHE B 79 -84.17 -112.14 6.85
CA PHE B 79 -83.99 -111.90 8.27
C PHE B 79 -85.16 -112.52 9.03
N PHE B 80 -84.86 -113.19 10.14
CA PHE B 80 -85.86 -113.90 10.94
C PHE B 80 -85.66 -113.59 12.42
N PRO B 81 -86.47 -112.72 13.00
CA PRO B 81 -86.40 -112.48 14.45
C PRO B 81 -87.39 -113.34 15.23
N LEU B 82 -87.21 -113.33 16.56
CA LEU B 82 -88.15 -113.94 17.49
C LEU B 82 -87.78 -113.49 18.89
N ASP B 83 -88.80 -113.13 19.68
CA ASP B 83 -88.56 -112.53 20.98
C ASP B 83 -89.75 -112.79 21.90
N ARG B 84 -89.46 -112.84 23.20
CA ARG B 84 -90.50 -113.01 24.21
C ARG B 84 -90.06 -112.30 25.49
N SER B 85 -91.05 -111.90 26.29
CA SER B 85 -90.82 -111.23 27.56
C SER B 85 -91.60 -111.95 28.65
N ILE B 86 -91.14 -111.80 29.89
CA ILE B 86 -91.77 -112.42 31.05
C ILE B 86 -91.93 -111.37 32.14
N ASP B 87 -93.13 -111.30 32.70
CA ASP B 87 -93.50 -110.32 33.72
C ASP B 87 -93.53 -110.98 35.10
N ARG B 88 -93.75 -110.16 36.12
CA ARG B 88 -93.86 -110.70 37.48
C ARG B 88 -95.08 -111.59 37.61
N ALA B 89 -96.22 -111.16 37.03
CA ALA B 89 -97.47 -111.88 37.23
C ALA B 89 -97.43 -113.30 36.68
N ASP B 90 -96.47 -113.61 35.81
CA ASP B 90 -96.42 -114.95 35.21
C ASP B 90 -95.92 -116.00 36.19
N ILE B 91 -95.02 -115.63 37.11
CA ILE B 91 -94.33 -116.60 37.95
C ILE B 91 -94.80 -116.55 39.39
N GLN B 92 -94.99 -115.37 39.95
CA GLN B 92 -95.30 -115.27 41.37
C GLN B 92 -96.64 -115.91 41.69
N ASN B 93 -96.71 -116.57 42.84
CA ASN B 93 -97.90 -117.15 43.43
C ASN B 93 -98.37 -118.40 42.70
N PHE B 94 -97.51 -119.03 41.88
CA PHE B 94 -97.86 -120.23 41.14
C PHE B 94 -96.88 -121.36 41.48
N ARG B 95 -97.34 -122.59 41.28
CA ARG B 95 -96.48 -123.75 41.42
C ARG B 95 -95.72 -124.00 40.11
N GLU B 96 -94.73 -124.87 40.18
CA GLU B 96 -94.21 -125.51 39.00
C GLU B 96 -95.11 -126.71 38.67
N PHE B 97 -95.42 -126.87 37.38
CA PHE B 97 -96.54 -127.72 37.00
C PHE B 97 -96.39 -129.14 37.52
N GLY B 98 -95.19 -129.73 37.39
CA GLY B 98 -95.02 -131.13 37.70
C GLY B 98 -94.28 -131.41 39.00
N THR B 99 -94.52 -130.60 40.03
CA THR B 99 -93.87 -130.80 41.32
C THR B 99 -94.78 -130.51 42.50
N GLU B 100 -96.10 -130.48 42.29
CA GLU B 100 -97.06 -130.28 43.36
C GLU B 100 -96.84 -128.95 44.07
N ASN B 101 -96.27 -128.98 45.28
CA ASN B 101 -96.27 -127.82 46.15
C ASN B 101 -95.04 -126.91 45.98
N ALA B 102 -94.06 -127.31 45.20
CA ALA B 102 -92.85 -126.50 45.07
C ALA B 102 -93.19 -125.17 44.39
N PRO B 103 -92.64 -124.05 44.86
CA PRO B 103 -92.99 -122.76 44.27
C PRO B 103 -92.40 -122.58 42.88
N ALA B 104 -93.05 -121.73 42.09
CA ALA B 104 -92.56 -121.42 40.75
C ALA B 104 -91.29 -120.57 40.84
N THR B 105 -90.42 -120.75 39.85
CA THR B 105 -89.16 -120.01 39.77
C THR B 105 -88.98 -119.45 38.37
N VAL B 106 -88.24 -118.35 38.28
CA VAL B 106 -88.04 -117.68 37.00
C VAL B 106 -87.17 -118.54 36.08
N ASP B 107 -86.19 -119.23 36.65
CA ASP B 107 -85.23 -119.98 35.82
C ASP B 107 -85.91 -121.07 35.02
N ALA B 108 -86.86 -121.79 35.64
CA ALA B 108 -87.54 -122.86 34.91
C ALA B 108 -88.29 -122.30 33.71
N GLU B 109 -89.01 -121.20 33.90
CA GLU B 109 -89.74 -120.58 32.80
C GLU B 109 -88.79 -120.11 31.71
N VAL B 110 -87.66 -119.51 32.11
CA VAL B 110 -86.69 -119.03 31.13
C VAL B 110 -86.16 -120.19 30.30
N GLN B 111 -85.80 -121.29 30.95
CA GLN B 111 -85.27 -122.44 30.22
C GLN B 111 -86.31 -123.04 29.30
N ARG B 112 -87.56 -123.15 29.76
CA ARG B 112 -88.61 -123.69 28.90
C ARG B 112 -88.81 -122.81 27.68
N HIS B 113 -88.79 -121.49 27.85
CA HIS B 113 -88.96 -120.61 26.71
C HIS B 113 -87.78 -120.67 25.76
N MET B 114 -86.57 -120.82 26.29
CA MET B 114 -85.41 -121.01 25.42
C MET B 114 -85.56 -122.28 24.59
N ALA B 115 -86.02 -123.36 25.22
CA ALA B 115 -86.24 -124.60 24.49
C ALA B 115 -87.27 -124.41 23.39
N ARG B 116 -88.36 -123.72 23.69
CA ARG B 116 -89.39 -123.47 22.68
C ARG B 116 -88.82 -122.66 21.52
N ILE B 117 -88.02 -121.63 21.83
CA ILE B 117 -87.43 -120.80 20.79
C ILE B 117 -86.54 -121.64 19.89
N ARG B 118 -85.67 -122.46 20.49
CA ARG B 118 -84.78 -123.28 19.69
C ARG B 118 -85.55 -124.27 18.83
N ARG B 119 -86.62 -124.87 19.38
CA ARG B 119 -87.44 -125.78 18.60
C ARG B 119 -88.06 -125.06 17.40
N SER B 120 -88.57 -123.85 17.61
CA SER B 120 -89.16 -123.11 16.49
C SER B 120 -88.12 -122.80 15.42
N HIS B 121 -86.92 -122.40 15.85
CA HIS B 121 -85.87 -122.11 14.88
C HIS B 121 -85.49 -123.35 14.10
N ALA B 122 -85.39 -124.50 14.77
CA ALA B 122 -85.07 -125.74 14.07
C ALA B 122 -86.15 -126.10 13.06
N ILE B 123 -87.42 -125.92 13.43
CA ILE B 123 -88.51 -126.19 12.51
C ILE B 123 -88.40 -125.27 11.29
N LEU B 124 -88.09 -124.00 11.52
CA LEU B 124 -87.93 -123.06 10.40
C LEU B 124 -86.81 -123.50 9.48
N LYS B 125 -85.68 -123.91 10.05
CA LYS B 125 -84.56 -124.35 9.23
C LYS B 125 -84.91 -125.59 8.42
N SER B 126 -85.61 -126.54 9.04
CA SER B 126 -86.03 -127.73 8.31
C SER B 126 -86.98 -127.39 7.18
N LYS B 127 -87.92 -126.47 7.41
CA LYS B 127 -88.81 -126.05 6.35
C LYS B 127 -88.04 -125.38 5.22
N ALA B 128 -87.07 -124.52 5.56
CA ALA B 128 -86.32 -123.80 4.53
C ALA B 128 -85.46 -124.76 3.71
N MET B 129 -84.97 -125.84 4.32
CA MET B 129 -84.11 -126.76 3.58
C MET B 129 -84.83 -127.36 2.39
N TYR B 130 -86.12 -127.68 2.54
CA TYR B 130 -86.85 -128.31 1.45
C TYR B 130 -87.00 -127.37 0.26
N ALA B 131 -87.18 -126.08 0.52
CA ALA B 131 -87.42 -125.13 -0.57
C ALA B 131 -86.29 -125.16 -1.60
N ALA B 132 -85.08 -125.48 -1.17
CA ALA B 132 -83.95 -125.54 -2.09
C ALA B 132 -84.19 -126.58 -3.17
N LEU B 133 -84.73 -127.74 -2.80
CA LEU B 133 -84.95 -128.81 -3.77
C LEU B 133 -85.90 -128.36 -4.87
N LYS B 134 -86.97 -127.66 -4.51
CA LYS B 134 -87.91 -127.18 -5.51
C LYS B 134 -87.28 -126.18 -6.48
N GLY B 135 -86.14 -125.61 -6.14
CA GLY B 135 -85.48 -124.66 -7.02
C GLY B 135 -85.74 -123.20 -6.70
N THR B 136 -86.30 -122.90 -5.53
CA THR B 136 -86.57 -121.53 -5.12
C THR B 136 -86.16 -121.34 -3.67
N SER B 137 -85.76 -120.12 -3.34
CA SER B 137 -85.38 -119.80 -1.98
C SER B 137 -86.63 -119.70 -1.09
N TRP B 138 -86.41 -119.70 0.22
CA TRP B 138 -87.50 -119.67 1.20
C TRP B 138 -87.43 -118.35 1.95
N SER B 139 -88.44 -117.50 1.73
CA SER B 139 -88.53 -116.21 2.42
C SER B 139 -89.96 -115.71 2.30
N PRO B 140 -90.86 -116.22 3.15
CA PRO B 140 -92.26 -115.81 3.04
C PRO B 140 -92.47 -114.34 3.39
N ASP B 141 -93.43 -113.73 2.71
CA ASP B 141 -93.90 -112.37 3.01
C ASP B 141 -92.79 -111.32 2.84
N ASP B 142 -91.90 -111.51 1.88
CA ASP B 142 -90.91 -110.49 1.55
C ASP B 142 -90.36 -110.72 0.15
N PRO B 143 -91.00 -110.15 -0.89
CA PRO B 143 -90.54 -110.34 -2.27
C PRO B 143 -89.27 -109.57 -2.61
N VAL B 144 -88.23 -109.75 -1.81
CA VAL B 144 -86.93 -109.18 -2.07
C VAL B 144 -85.83 -110.23 -2.12
N SER B 145 -86.06 -111.42 -1.55
CA SER B 145 -85.09 -112.50 -1.60
C SER B 145 -85.66 -113.77 -2.21
N ASP B 146 -86.89 -113.74 -2.71
CA ASP B 146 -87.51 -114.91 -3.33
C ASP B 146 -86.93 -115.07 -4.73
N TYR B 147 -85.92 -115.92 -4.86
CA TYR B 147 -85.20 -116.13 -6.11
C TYR B 147 -85.60 -117.45 -6.73
N ASN B 148 -85.80 -117.46 -8.04
CA ASN B 148 -86.01 -118.69 -8.79
C ASN B 148 -84.69 -119.11 -9.42
N TYR B 149 -84.10 -120.18 -8.91
CA TYR B 149 -82.75 -120.54 -9.31
C TYR B 149 -82.67 -120.96 -10.77
N TYR B 150 -83.72 -121.58 -11.30
CA TYR B 150 -83.67 -122.08 -12.67
C TYR B 150 -83.40 -120.95 -13.66
N ASP B 151 -84.13 -119.84 -13.54
CA ASP B 151 -83.88 -118.71 -14.44
C ASP B 151 -82.63 -117.93 -14.02
N VAL B 152 -82.28 -117.97 -12.74
CA VAL B 152 -81.09 -117.26 -12.27
C VAL B 152 -79.85 -117.83 -12.94
N TRP B 153 -79.75 -119.16 -13.00
CA TRP B 153 -78.61 -119.82 -13.62
C TRP B 153 -78.84 -120.13 -15.09
N GLY B 154 -79.95 -119.67 -15.66
CA GLY B 154 -80.21 -119.90 -17.07
C GLY B 154 -80.47 -121.35 -17.43
N ALA B 155 -81.21 -122.06 -16.61
CA ALA B 155 -81.58 -123.45 -16.87
C ALA B 155 -83.10 -123.57 -16.88
N THR B 156 -83.57 -124.78 -17.22
CA THR B 156 -84.99 -125.06 -17.29
C THR B 156 -85.27 -126.41 -16.64
N GLN B 157 -86.49 -126.56 -16.13
CA GLN B 157 -86.90 -127.80 -15.47
C GLN B 157 -87.18 -128.87 -16.51
N THR B 158 -86.43 -129.96 -16.46
CA THR B 158 -86.78 -131.14 -17.23
C THR B 158 -87.95 -131.85 -16.56
N THR B 159 -89.05 -132.00 -17.28
CA THR B 159 -90.28 -132.55 -16.73
C THR B 159 -90.46 -133.98 -17.22
N ALA B 160 -90.64 -134.91 -16.29
CA ALA B 160 -90.87 -136.32 -16.59
C ALA B 160 -92.26 -136.68 -16.05
N ASP B 161 -93.28 -136.44 -16.87
CA ASP B 161 -94.65 -136.76 -16.48
C ASP B 161 -94.88 -138.27 -16.55
N VAL B 162 -95.52 -138.81 -15.53
CA VAL B 162 -95.79 -140.23 -15.42
C VAL B 162 -97.30 -140.43 -15.32
N ASP B 163 -97.84 -141.29 -16.17
CA ASP B 163 -99.28 -141.58 -16.19
C ASP B 163 -99.49 -142.91 -15.47
N PHE B 164 -100.12 -142.85 -14.29
CA PHE B 164 -100.37 -144.06 -13.51
C PHE B 164 -101.56 -144.86 -14.02
N THR B 165 -102.42 -144.26 -14.84
CA THR B 165 -103.57 -144.99 -15.37
C THR B 165 -103.19 -145.94 -16.50
N LYS B 166 -102.03 -145.75 -17.12
CA LYS B 166 -101.55 -146.66 -18.15
C LYS B 166 -100.99 -147.91 -17.48
N LEU B 167 -101.82 -148.95 -17.39
CA LEU B 167 -101.39 -150.17 -16.70
C LEU B 167 -100.32 -150.92 -17.48
N GLY B 168 -100.36 -150.87 -18.81
CA GLY B 168 -99.45 -151.65 -19.61
C GLY B 168 -98.05 -151.09 -19.74
N VAL B 169 -97.79 -149.89 -19.22
CA VAL B 169 -96.50 -149.23 -19.32
C VAL B 169 -95.93 -149.09 -17.92
N ASP B 170 -94.70 -149.54 -17.73
CA ASP B 170 -94.06 -149.49 -16.42
C ASP B 170 -93.75 -148.05 -16.05
N PRO B 171 -94.28 -147.53 -14.95
CA PRO B 171 -93.95 -146.14 -14.56
C PRO B 171 -92.46 -145.92 -14.32
N ILE B 172 -91.78 -146.86 -13.66
CA ILE B 172 -90.41 -146.64 -13.23
C ILE B 172 -89.43 -146.95 -14.35
N GLU B 173 -89.95 -147.24 -15.54
CA GLU B 173 -89.14 -147.27 -16.75
C GLU B 173 -89.24 -145.98 -17.53
N VAL B 174 -90.31 -145.21 -17.34
CA VAL B 174 -90.36 -143.86 -17.88
C VAL B 174 -89.34 -142.97 -17.18
N LEU B 175 -89.28 -143.06 -15.85
CA LEU B 175 -88.27 -142.32 -15.11
C LEU B 175 -86.88 -142.73 -15.53
N GLU B 176 -86.63 -144.03 -15.63
CA GLU B 176 -85.31 -144.50 -16.03
C GLU B 176 -84.90 -143.91 -17.39
N ALA B 177 -85.84 -143.86 -18.33
CA ALA B 177 -85.51 -143.36 -19.66
C ALA B 177 -85.30 -141.85 -19.66
N GLU B 178 -86.12 -141.11 -18.91
CA GLU B 178 -86.12 -139.66 -19.03
C GLU B 178 -85.23 -138.97 -17.99
N ALA B 179 -85.49 -139.22 -16.71
CA ALA B 179 -84.86 -138.42 -15.66
C ALA B 179 -83.47 -138.93 -15.30
N ARG B 180 -83.35 -140.24 -15.06
CA ARG B 180 -82.07 -140.77 -14.59
C ARG B 180 -81.00 -140.71 -15.66
N ALA B 181 -81.37 -140.90 -16.92
CA ALA B 181 -80.40 -140.76 -18.00
C ALA B 181 -79.84 -139.35 -18.04
N HIS B 182 -80.73 -138.34 -18.05
CA HIS B 182 -80.30 -136.96 -18.16
C HIS B 182 -79.50 -136.52 -16.94
N ILE B 183 -79.94 -136.91 -15.74
CA ILE B 183 -79.27 -136.50 -14.53
C ILE B 183 -77.85 -137.05 -14.48
N ILE B 184 -77.60 -138.17 -15.15
CA ILE B 184 -76.26 -138.74 -15.20
C ILE B 184 -75.44 -138.13 -16.33
N ASP B 185 -76.06 -137.88 -17.48
CA ASP B 185 -75.31 -137.26 -18.58
C ASP B 185 -74.84 -135.87 -18.20
N TRP B 186 -75.69 -135.10 -17.52
CA TRP B 186 -75.34 -133.75 -17.12
C TRP B 186 -74.69 -133.69 -15.74
N ALA B 187 -74.47 -134.83 -15.10
CA ALA B 187 -73.92 -134.82 -13.75
C ALA B 187 -72.55 -134.16 -13.71
N GLY B 188 -71.72 -134.39 -14.72
CA GLY B 188 -70.37 -133.90 -14.72
C GLY B 188 -69.44 -134.81 -13.98
N ASP B 189 -68.16 -134.71 -14.31
CA ASP B 189 -67.13 -135.57 -13.75
C ASP B 189 -66.75 -135.11 -12.35
N ASN B 190 -65.89 -135.89 -11.70
CA ASN B 190 -65.37 -135.63 -10.35
C ASN B 190 -66.39 -135.96 -9.27
N GLY B 191 -67.64 -136.28 -9.62
CA GLY B 191 -68.62 -136.66 -8.63
C GLY B 191 -68.49 -138.11 -8.24
N ASP B 192 -68.20 -138.37 -6.96
CA ASP B 192 -67.96 -139.73 -6.47
C ASP B 192 -69.13 -140.17 -5.59
N ASN B 193 -69.70 -141.32 -5.91
CA ASN B 193 -70.75 -141.93 -5.11
C ASN B 193 -71.94 -140.99 -4.94
N TYR B 194 -72.58 -140.65 -6.06
CA TYR B 194 -73.83 -139.90 -6.05
C TYR B 194 -74.95 -140.88 -6.38
N GLU B 195 -75.88 -141.05 -5.46
CA GLU B 195 -76.96 -142.02 -5.62
C GLU B 195 -78.25 -141.29 -5.97
N ILE B 196 -78.92 -141.73 -7.03
CA ILE B 196 -80.17 -141.08 -7.45
C ILE B 196 -81.24 -141.37 -6.41
N VAL B 197 -81.92 -140.32 -5.95
CA VAL B 197 -82.94 -140.42 -4.92
C VAL B 197 -84.21 -139.76 -5.44
N VAL B 198 -85.35 -140.43 -5.20
CA VAL B 198 -86.66 -139.92 -5.61
C VAL B 198 -87.44 -139.58 -4.34
N LEU B 199 -87.85 -138.33 -4.23
CA LEU B 199 -88.68 -137.86 -3.14
C LEU B 199 -90.06 -137.54 -3.69
N ALA B 200 -91.09 -138.15 -3.13
CA ALA B 200 -92.43 -138.07 -3.71
C ALA B 200 -93.45 -137.76 -2.62
N SER B 201 -94.55 -137.14 -3.04
CA SER B 201 -95.67 -136.91 -2.15
C SER B 201 -96.39 -138.22 -1.87
N ARG B 202 -97.20 -138.22 -0.80
CA ARG B 202 -97.85 -139.45 -0.38
C ARG B 202 -98.78 -140.00 -1.46
N GLN B 203 -99.55 -139.14 -2.11
CA GLN B 203 -100.46 -139.61 -3.15
C GLN B 203 -99.69 -140.21 -4.31
N TRP B 204 -98.61 -139.57 -4.73
CA TRP B 204 -97.82 -140.08 -5.85
C TRP B 204 -97.21 -141.43 -5.52
N PHE B 205 -96.65 -141.58 -4.32
CA PHE B 205 -96.08 -142.85 -3.91
C PHE B 205 -97.14 -143.95 -3.84
N SER B 206 -98.30 -143.63 -3.25
CA SER B 206 -99.36 -144.62 -3.16
C SER B 206 -99.85 -145.05 -4.54
N ALA B 207 -99.97 -144.10 -5.47
CA ALA B 207 -100.35 -144.47 -6.83
C ALA B 207 -99.28 -145.35 -7.48
N LEU B 208 -98.00 -145.02 -7.27
CA LEU B 208 -96.93 -145.78 -7.88
C LEU B 208 -96.92 -147.22 -7.39
N ILE B 209 -96.96 -147.40 -6.07
CA ILE B 209 -96.85 -148.75 -5.50
C ILE B 209 -98.00 -149.62 -5.97
N ALA B 210 -99.21 -149.07 -6.09
CA ALA B 210 -100.37 -149.85 -6.47
C ALA B 210 -100.41 -150.17 -7.95
N HIS B 211 -99.55 -149.59 -8.75
CA HIS B 211 -99.55 -149.87 -10.18
C HIS B 211 -99.25 -151.34 -10.43
N PRO B 212 -100.03 -152.04 -11.26
CA PRO B 212 -99.84 -153.50 -11.38
C PRO B 212 -98.45 -153.88 -11.82
N GLN B 213 -97.80 -153.07 -12.66
CA GLN B 213 -96.47 -153.40 -13.14
C GLN B 213 -95.42 -153.41 -12.04
N VAL B 214 -95.72 -152.82 -10.88
CA VAL B 214 -94.77 -152.76 -9.78
C VAL B 214 -95.24 -153.52 -8.55
N THR B 215 -96.46 -154.05 -8.55
CA THR B 215 -96.92 -154.83 -7.40
C THR B 215 -96.04 -156.05 -7.17
N GLY B 216 -95.68 -156.75 -8.25
CA GLY B 216 -94.81 -157.90 -8.10
C GLY B 216 -93.46 -157.53 -7.53
N ALA B 217 -92.88 -156.43 -8.00
CA ALA B 217 -91.59 -155.98 -7.49
C ALA B 217 -91.68 -155.62 -6.02
N TYR B 218 -92.74 -154.90 -5.62
CA TYR B 218 -92.83 -154.45 -4.24
C TYR B 218 -93.13 -155.60 -3.29
N SER B 219 -94.02 -156.51 -3.67
CA SER B 219 -94.39 -157.61 -2.78
C SER B 219 -93.19 -158.44 -2.35
N GLN B 220 -92.14 -158.46 -3.16
CA GLN B 220 -90.93 -159.21 -2.84
C GLN B 220 -89.89 -158.37 -2.11
N TYR B 221 -90.14 -157.08 -1.89
CA TYR B 221 -89.20 -156.25 -1.15
C TYR B 221 -89.47 -156.38 0.36
N PRO B 222 -88.43 -156.44 1.20
CA PRO B 222 -88.66 -156.65 2.64
C PRO B 222 -89.53 -155.57 3.26
N SER B 223 -89.09 -154.32 3.20
CA SER B 223 -89.85 -153.19 3.74
C SER B 223 -90.25 -153.43 5.19
N THR B 224 -89.28 -153.88 6.00
CA THR B 224 -89.54 -154.22 7.40
C THR B 224 -88.82 -153.29 8.38
N GLN B 225 -87.49 -153.32 8.40
CA GLN B 225 -86.74 -152.54 9.39
C GLN B 225 -85.54 -151.82 8.80
N GLU B 226 -85.24 -151.99 7.51
CA GLU B 226 -84.03 -151.40 6.94
C GLU B 226 -84.01 -149.89 7.10
N ILE B 227 -85.19 -149.26 7.24
CA ILE B 227 -85.23 -147.80 7.34
C ILE B 227 -84.33 -147.30 8.46
N LEU B 228 -84.10 -148.13 9.48
CA LEU B 228 -83.25 -147.72 10.59
C LEU B 228 -81.77 -147.82 10.27
N ARG B 229 -81.39 -148.49 9.19
CA ARG B 229 -79.99 -148.62 8.80
C ARG B 229 -79.64 -147.86 7.53
N ARG B 230 -80.53 -147.79 6.56
CA ARG B 230 -80.34 -146.91 5.41
C ARG B 230 -80.44 -145.44 5.80
N ARG B 231 -80.91 -145.14 7.00
CA ARG B 231 -81.08 -143.77 7.44
C ARG B 231 -81.01 -143.74 8.97
N LEU B 232 -80.76 -142.55 9.51
CA LEU B 232 -80.75 -142.36 10.95
C LEU B 232 -81.27 -140.97 11.31
N ASN B 235 -83.94 -142.62 11.45
CA ASN B 235 -84.87 -142.37 12.54
C ASN B 235 -86.25 -142.01 11.99
N ALA B 236 -86.28 -141.43 10.80
CA ALA B 236 -87.56 -141.08 10.18
C ALA B 236 -88.38 -142.34 9.91
N ASN B 237 -89.69 -142.21 10.08
CA ASN B 237 -90.61 -143.34 9.94
C ASN B 237 -91.25 -143.42 8.56
N ASN B 238 -90.90 -142.54 7.63
CA ASN B 238 -91.47 -142.58 6.30
C ASN B 238 -91.01 -143.82 5.56
N ARG B 239 -91.88 -144.34 4.69
CA ARG B 239 -91.63 -145.60 4.02
C ARG B 239 -90.49 -145.46 3.01
N ILE B 240 -89.93 -146.61 2.61
CA ILE B 240 -88.82 -146.67 1.67
C ILE B 240 -89.11 -147.76 0.65
N PHE B 241 -88.77 -147.49 -0.60
CA PHE B 241 -88.82 -148.48 -1.66
C PHE B 241 -87.61 -148.29 -2.56
N GLU B 242 -86.95 -149.39 -2.88
CA GLU B 242 -85.70 -149.36 -3.64
C GLU B 242 -85.76 -150.42 -4.73
N HIS B 243 -85.68 -149.99 -5.98
CA HIS B 243 -85.77 -150.92 -7.10
C HIS B 243 -85.18 -150.25 -8.34
N LYS B 244 -84.53 -151.07 -9.16
CA LYS B 244 -83.88 -150.59 -10.38
C LYS B 244 -82.91 -149.45 -10.08
N ASN B 245 -82.15 -149.61 -8.99
CA ASN B 245 -81.09 -148.67 -8.63
C ASN B 245 -81.64 -147.26 -8.38
N ILE B 246 -82.87 -147.17 -7.89
CA ILE B 246 -83.50 -145.90 -7.56
C ILE B 246 -84.14 -146.02 -6.19
N LEU B 247 -83.94 -144.99 -5.35
CA LEU B 247 -84.48 -144.95 -4.00
C LEU B 247 -85.70 -144.04 -3.97
N PHE B 248 -86.81 -144.55 -3.46
CA PHE B 248 -88.06 -143.80 -3.35
C PHE B 248 -88.34 -143.52 -1.88
N ILE B 249 -88.80 -142.30 -1.60
CA ILE B 249 -89.11 -141.88 -0.24
C ILE B 249 -90.39 -141.07 -0.25
N GLU B 250 -91.16 -141.19 0.83
CA GLU B 250 -92.41 -140.46 0.99
C GLU B 250 -92.18 -139.26 1.91
N ASP B 251 -92.56 -138.08 1.43
CA ASP B 251 -92.50 -136.89 2.26
C ASP B 251 -93.56 -136.97 3.35
N ILE B 252 -93.15 -136.69 4.59
CA ILE B 252 -94.05 -136.75 5.73
C ILE B 252 -94.39 -135.37 6.28
N SER B 253 -93.64 -134.33 5.91
CA SER B 253 -93.87 -132.99 6.41
C SER B 253 -94.78 -132.17 5.49
N GLY B 254 -95.27 -132.75 4.41
CA GLY B 254 -96.20 -132.05 3.53
C GLY B 254 -95.57 -130.97 2.69
N ASN B 255 -94.23 -130.90 2.62
CA ASN B 255 -93.58 -129.87 1.84
C ASN B 255 -93.64 -130.13 0.34
N ILE B 256 -93.98 -131.34 -0.07
CA ILE B 256 -94.11 -131.68 -1.49
C ILE B 256 -95.58 -131.54 -1.87
N PRO B 257 -95.93 -130.75 -2.89
CA PRO B 257 -97.34 -130.65 -3.27
C PRO B 257 -97.90 -132.00 -3.66
N ALA B 258 -99.18 -132.20 -3.34
CA ALA B 258 -99.83 -133.46 -3.64
C ALA B 258 -99.75 -133.76 -5.13
N GLY B 259 -99.38 -135.00 -5.46
CA GLY B 259 -99.28 -135.43 -6.83
C GLY B 259 -97.99 -135.08 -7.53
N GLU B 260 -96.96 -134.67 -6.79
CA GLU B 260 -95.67 -134.29 -7.36
C GLU B 260 -94.53 -135.04 -6.68
N ALA B 261 -93.45 -135.23 -7.43
CA ALA B 261 -92.26 -135.89 -6.92
C ALA B 261 -91.04 -135.24 -7.55
N TYR B 262 -89.92 -135.32 -6.85
CA TYR B 262 -88.67 -134.70 -7.29
C TYR B 262 -87.53 -135.71 -7.19
N ILE B 263 -86.54 -135.54 -8.06
CA ILE B 263 -85.40 -136.44 -8.16
C ILE B 263 -84.12 -135.60 -8.12
N PHE B 264 -83.20 -135.99 -7.25
CA PHE B 264 -81.90 -135.34 -7.17
C PHE B 264 -80.85 -136.41 -6.94
N PRO B 265 -79.57 -136.12 -7.26
CA PRO B 265 -78.54 -137.16 -7.24
C PRO B 265 -77.86 -137.40 -5.91
N ARG B 266 -78.05 -136.53 -4.91
CA ARG B 266 -77.25 -136.61 -3.69
C ARG B 266 -75.77 -136.51 -4.03
N GLY B 267 -74.92 -136.58 -3.01
CA GLY B 267 -73.49 -136.47 -3.26
C GLY B 267 -73.18 -135.15 -3.95
N ILE B 268 -72.29 -135.21 -4.93
CA ILE B 268 -71.93 -134.03 -5.71
C ILE B 268 -71.59 -132.90 -4.77
N SER B 269 -70.38 -132.91 -4.20
CA SER B 269 -69.99 -131.93 -3.21
C SER B 269 -70.25 -130.52 -3.72
N ARG B 270 -70.78 -129.68 -2.84
CA ARG B 270 -71.05 -128.27 -3.14
C ARG B 270 -72.15 -128.12 -4.18
N MET B 271 -73.24 -128.86 -3.99
CA MET B 271 -74.45 -128.67 -4.78
C MET B 271 -75.47 -127.82 -4.03
N PHE B 272 -75.55 -127.99 -2.71
CA PHE B 272 -76.38 -127.17 -1.85
C PHE B 272 -75.50 -126.49 -0.82
N GLU B 273 -75.82 -125.24 -0.50
CA GLU B 273 -75.06 -124.49 0.49
C GLU B 273 -76.02 -123.60 1.28
N ILE B 274 -75.59 -123.26 2.49
CA ILE B 274 -76.31 -122.33 3.35
C ILE B 274 -75.36 -121.19 3.71
N TYR B 275 -75.79 -119.96 3.46
CA TYR B 275 -74.99 -118.78 3.74
C TYR B 275 -75.57 -118.05 4.94
N TYR B 276 -74.69 -117.48 5.76
CA TYR B 276 -75.09 -116.80 6.99
C TYR B 276 -74.53 -115.39 7.01
N ALA B 277 -75.25 -114.49 7.66
CA ALA B 277 -74.87 -113.10 7.81
C ALA B 277 -75.00 -112.68 9.25
N PRO B 278 -74.30 -111.62 9.67
CA PRO B 278 -74.35 -111.21 11.08
C PRO B 278 -75.75 -110.76 11.51
N SER B 279 -75.90 -110.46 12.80
CA SER B 279 -77.15 -109.98 13.36
C SER B 279 -77.21 -108.46 13.30
N ASP B 280 -78.43 -107.93 13.47
CA ASP B 280 -78.65 -106.48 13.48
C ASP B 280 -78.35 -105.92 14.87
N THR B 281 -77.08 -105.98 15.25
CA THR B 281 -76.60 -105.45 16.51
C THR B 281 -75.33 -104.66 16.28
N LEU B 282 -75.13 -103.64 17.12
CA LEU B 282 -74.03 -102.70 16.88
C LEU B 282 -72.67 -103.35 17.08
N ARG B 283 -72.57 -104.31 18.00
CA ARG B 283 -71.28 -104.90 18.35
C ARG B 283 -70.79 -105.91 17.31
N ASP B 284 -71.66 -106.36 16.40
CA ASP B 284 -71.25 -107.34 15.40
C ASP B 284 -71.83 -107.01 14.02
N ALA B 285 -71.98 -105.73 13.71
CA ALA B 285 -72.60 -105.34 12.45
C ALA B 285 -71.81 -105.88 11.25
N ASN B 286 -70.49 -106.02 11.38
CA ASN B 286 -69.67 -106.54 10.30
C ASN B 286 -68.59 -107.50 10.80
N GLN B 287 -68.80 -108.14 11.95
CA GLN B 287 -67.76 -108.97 12.54
C GLN B 287 -67.72 -110.37 11.91
N ALA B 288 -68.79 -111.13 12.08
CA ALA B 288 -68.86 -112.49 11.56
C ALA B 288 -70.29 -112.99 11.75
N ALA B 289 -70.53 -114.23 11.33
CA ALA B 289 -71.85 -114.83 11.39
C ALA B 289 -71.85 -116.01 12.35
N GLN B 290 -73.05 -116.38 12.79
CA GLN B 290 -73.24 -117.53 13.68
C GLN B 290 -74.55 -118.21 13.33
N GLU B 291 -74.68 -119.45 13.80
CA GLU B 291 -75.88 -120.22 13.50
C GLU B 291 -77.13 -119.54 14.06
N LEU B 292 -77.10 -119.16 15.34
CA LEU B 292 -78.29 -118.63 16.01
C LEU B 292 -77.85 -117.78 17.19
N TYR B 293 -78.29 -116.53 17.20
CA TYR B 293 -78.00 -115.63 18.30
C TYR B 293 -79.11 -115.68 19.35
N VAL B 294 -78.72 -115.68 20.62
CA VAL B 294 -79.66 -115.66 21.73
C VAL B 294 -79.22 -114.59 22.71
N PHE B 295 -80.09 -113.63 22.98
CA PHE B 295 -79.82 -112.54 23.92
C PHE B 295 -80.78 -112.64 25.09
N PHE B 296 -80.24 -112.57 26.30
CA PHE B 296 -81.05 -112.58 27.51
C PHE B 296 -80.71 -111.34 28.34
N LYS B 297 -81.71 -110.51 28.58
CA LYS B 297 -81.54 -109.24 29.29
C LYS B 297 -82.55 -109.18 30.42
N GLU B 298 -82.08 -108.82 31.61
CA GLU B 298 -82.95 -108.68 32.78
C GLU B 298 -82.87 -107.21 33.21
N SER B 299 -84.02 -106.56 33.25
CA SER B 299 -84.06 -105.11 33.41
C SER B 299 -83.26 -104.65 34.62
N ASN B 300 -82.61 -103.50 34.49
CA ASN B 300 -81.80 -103.01 35.60
C ASN B 300 -82.63 -102.61 36.81
N TYR B 301 -83.95 -102.49 36.68
CA TYR B 301 -84.82 -102.11 37.78
C TYR B 301 -85.53 -103.30 38.42
N LEU B 302 -85.20 -104.53 38.02
CA LEU B 302 -85.70 -105.74 38.67
C LEU B 302 -87.23 -105.82 38.62
N ARG B 303 -87.78 -105.61 37.43
CA ARG B 303 -89.21 -105.76 37.24
C ARG B 303 -89.62 -106.45 35.95
N GLU B 304 -88.72 -106.61 34.98
CA GLU B 304 -89.04 -107.32 33.75
C GLU B 304 -87.77 -107.95 33.20
N ALA B 305 -87.97 -108.94 32.33
CA ALA B 305 -86.88 -109.62 31.65
C ALA B 305 -87.28 -109.85 30.20
N LYS B 306 -86.29 -109.91 29.32
CA LYS B 306 -86.52 -110.02 27.89
C LYS B 306 -85.63 -111.10 27.29
N ILE B 307 -86.17 -111.83 26.32
CA ILE B 307 -85.44 -112.85 25.58
C ILE B 307 -85.58 -112.54 24.09
N GLU B 308 -84.46 -112.52 23.38
CA GLU B 308 -84.44 -112.26 21.95
C GLU B 308 -83.57 -113.28 21.25
N SER B 309 -83.96 -113.62 20.02
CA SER B 309 -83.21 -114.53 19.18
C SER B 309 -83.11 -113.94 17.78
N GLU B 310 -82.04 -114.29 17.07
CA GLU B 310 -81.76 -113.70 15.78
C GLU B 310 -80.99 -114.68 14.92
N THR B 311 -81.35 -114.74 13.64
CA THR B 311 -80.63 -115.56 12.68
C THR B 311 -81.07 -115.19 11.28
N SER B 312 -80.10 -115.07 10.38
CA SER B 312 -80.37 -114.73 8.98
C SER B 312 -79.52 -115.63 8.10
N PHE B 313 -80.15 -116.25 7.10
CA PHE B 313 -79.45 -117.22 6.26
C PHE B 313 -80.22 -117.38 4.96
N LEU B 314 -79.54 -117.97 3.98
CA LEU B 314 -80.14 -118.27 2.68
C LEU B 314 -79.62 -119.61 2.20
N THR B 315 -80.53 -120.46 1.72
CA THR B 315 -80.16 -121.75 1.15
C THR B 315 -80.04 -121.62 -0.36
N VAL B 316 -78.98 -122.22 -0.91
CA VAL B 316 -78.61 -122.03 -2.31
C VAL B 316 -78.57 -123.39 -2.99
N ASN B 317 -79.18 -123.48 -4.17
CA ASN B 317 -79.10 -124.66 -5.04
C ASN B 317 -78.26 -124.26 -6.24
N ASN B 318 -77.00 -124.71 -6.26
CA ASN B 318 -76.05 -124.21 -7.23
C ASN B 318 -76.28 -124.81 -8.62
N ARG B 319 -76.91 -125.97 -8.72
CA ARG B 319 -77.05 -126.70 -9.98
C ARG B 319 -78.51 -127.07 -10.20
N PRO B 320 -79.36 -126.10 -10.53
CA PRO B 320 -80.77 -126.42 -10.81
C PRO B 320 -80.95 -127.31 -12.02
N GLU B 321 -79.96 -127.39 -12.91
CA GLU B 321 -80.10 -128.23 -14.09
C GLU B 321 -80.24 -129.70 -13.73
N LEU B 322 -79.84 -130.07 -12.51
CA LEU B 322 -79.71 -131.47 -12.12
C LEU B 322 -80.86 -131.96 -11.25
N VAL B 323 -81.99 -131.25 -11.28
CA VAL B 323 -83.18 -131.61 -10.52
C VAL B 323 -84.33 -131.78 -11.48
N VAL B 324 -85.05 -132.90 -11.37
CA VAL B 324 -86.14 -133.25 -12.27
C VAL B 324 -87.45 -133.21 -11.50
N LYS B 325 -88.46 -132.56 -12.10
CA LYS B 325 -89.78 -132.43 -11.50
C LYS B 325 -90.73 -133.38 -12.22
N SER B 326 -91.52 -134.11 -11.44
CA SER B 326 -92.40 -135.14 -11.97
C SER B 326 -93.83 -134.88 -11.50
N THR B 327 -94.78 -135.26 -12.35
CA THR B 327 -96.20 -135.12 -12.05
C THR B 327 -96.94 -136.23 -12.79
N GLY B 328 -98.14 -136.54 -12.32
CA GLY B 328 -98.90 -137.62 -12.93
C GLY B 328 -100.38 -137.52 -12.65
N LYS B 329 -101.15 -138.26 -13.44
CA LYS B 329 -102.59 -138.37 -13.27
C LYS B 329 -102.91 -139.36 -12.16
N PHE B 330 -104.17 -139.33 -11.73
CA PHE B 330 -104.65 -140.24 -10.69
C PHE B 330 -106.12 -140.58 -10.92
N ALA C 2 -12.53 17.68 4.85
CA ALA C 2 -12.93 16.48 4.11
C ALA C 2 -11.80 15.99 3.23
N LYS C 3 -11.47 16.77 2.19
CA LYS C 3 -10.42 16.42 1.26
C LYS C 3 -9.08 16.60 1.93
N ALA C 4 -8.55 15.53 2.51
CA ALA C 4 -7.27 15.60 3.21
C ALA C 4 -6.17 16.03 2.25
N HIS C 5 -5.33 16.95 2.71
CA HIS C 5 -4.21 17.40 1.87
C HIS C 5 -3.22 16.27 1.67
N VAL C 6 -2.85 16.02 0.42
CA VAL C 6 -1.96 14.92 0.07
C VAL C 6 -1.09 15.36 -1.09
N ALA C 7 0.16 14.92 -1.08
CA ALA C 7 1.12 15.23 -2.13
C ALA C 7 1.82 13.95 -2.56
N THR C 8 2.28 13.94 -3.81
CA THR C 8 2.92 12.76 -4.36
C THR C 8 4.06 13.19 -5.28
N LEU C 9 5.04 12.31 -5.41
CA LEU C 9 6.21 12.54 -6.26
C LEU C 9 6.50 11.29 -7.07
N GLU C 10 6.84 11.48 -8.35
CA GLU C 10 7.25 10.39 -9.21
C GLU C 10 8.19 10.92 -10.27
N GLY C 11 8.98 10.03 -10.86
CA GLY C 11 9.96 10.41 -11.85
C GLY C 11 11.25 10.88 -11.22
N ASN C 12 12.19 11.26 -12.08
CA ASN C 12 13.51 11.69 -11.64
C ASN C 12 14.23 12.31 -12.83
N TYR C 13 15.24 13.12 -12.52
CA TYR C 13 15.99 13.79 -13.58
C TYR C 13 16.66 12.79 -14.52
N SER C 14 17.29 11.77 -13.97
CA SER C 14 17.95 10.76 -14.79
C SER C 14 16.97 9.92 -15.57
N ASP C 15 15.67 10.00 -15.25
CA ASP C 15 14.68 9.26 -16.00
C ASP C 15 14.52 9.81 -17.41
N ILE C 16 14.98 11.03 -17.66
CA ILE C 16 14.92 11.63 -18.99
C ILE C 16 16.18 11.35 -19.78
N VAL C 17 17.33 11.59 -19.18
CA VAL C 17 18.63 11.39 -19.82
C VAL C 17 19.12 10.00 -19.38
N LEU C 18 18.93 9.01 -20.26
CA LEU C 18 19.31 7.65 -19.92
C LEU C 18 20.82 7.45 -19.87
N GLY C 19 21.56 8.16 -20.71
CA GLY C 19 23.00 8.01 -20.74
C GLY C 19 23.65 9.27 -21.28
N ARG C 20 24.98 9.29 -21.19
CA ARG C 20 25.74 10.47 -21.57
C ARG C 20 27.15 10.06 -21.96
N VAL C 21 27.76 10.85 -22.84
CA VAL C 21 29.16 10.69 -23.20
C VAL C 21 29.95 11.70 -22.37
N VAL C 22 30.80 11.21 -21.47
CA VAL C 22 31.57 12.07 -20.58
C VAL C 22 32.85 12.48 -21.27
N ALA C 23 32.80 13.53 -22.08
CA ALA C 23 33.97 13.98 -22.81
C ALA C 23 35.01 14.55 -21.87
N PHE C 24 36.27 14.22 -22.13
CA PHE C 24 37.37 14.80 -21.37
C PHE C 24 37.52 16.28 -21.74
N GLY C 25 38.10 17.05 -20.83
CA GLY C 25 38.25 18.48 -21.06
C GLY C 25 37.04 19.27 -20.63
N ASP C 26 36.18 19.63 -21.58
CA ASP C 26 34.97 20.38 -21.30
C ASP C 26 33.87 19.42 -20.89
N THR C 27 33.53 19.41 -19.60
CA THR C 27 32.45 18.57 -19.10
C THR C 27 31.10 19.11 -19.55
N GLY C 28 31.06 20.40 -19.87
CA GLY C 28 29.87 21.04 -20.38
C GLY C 28 29.73 21.01 -21.88
N TRP C 29 30.50 20.18 -22.56
CA TRP C 29 30.47 20.12 -24.02
C TRP C 29 29.12 19.66 -24.54
N ASN C 30 28.28 19.05 -23.70
CA ASN C 30 27.01 18.51 -24.16
C ASN C 30 25.87 19.52 -24.07
N PHE C 31 26.02 20.59 -23.29
CA PHE C 31 24.91 21.47 -22.95
C PHE C 31 25.11 22.85 -23.57
N LYS C 32 24.01 23.59 -23.69
CA LYS C 32 24.03 25.00 -24.07
C LYS C 32 23.08 25.74 -23.14
N GLU C 33 23.40 27.01 -22.88
CA GLU C 33 22.66 27.84 -21.95
C GLU C 33 21.97 28.95 -22.72
N VAL C 34 20.67 29.09 -22.52
CA VAL C 34 19.86 30.09 -23.22
C VAL C 34 18.95 30.78 -22.21
N ASP C 35 18.47 31.96 -22.59
CA ASP C 35 17.64 32.78 -21.70
C ASP C 35 16.18 32.51 -22.04
N MET C 36 15.43 32.01 -21.07
CA MET C 36 14.03 31.64 -21.28
C MET C 36 13.11 32.62 -20.55
N THR C 37 11.87 32.72 -21.03
CA THR C 37 10.82 33.43 -20.31
C THR C 37 10.16 32.45 -19.35
N PHE C 38 10.36 32.66 -18.05
CA PHE C 38 9.91 31.70 -17.04
C PHE C 38 8.41 31.81 -16.80
N ILE C 39 7.98 32.98 -16.31
CA ILE C 39 6.55 33.18 -16.04
C ILE C 39 5.88 33.75 -17.28
N ALA C 40 4.63 33.34 -17.51
CA ALA C 40 3.87 33.85 -18.63
C ALA C 40 3.60 35.34 -18.45
N ASP C 41 2.96 35.96 -19.44
CA ASP C 41 2.67 37.38 -19.38
C ASP C 41 1.20 37.65 -19.70
N ALA C 45 0.04 38.47 -12.07
CA ALA C 45 -0.26 37.07 -11.76
C ALA C 45 0.96 36.40 -11.13
N ASP C 46 0.71 35.33 -10.37
CA ASP C 46 1.77 34.56 -9.75
C ASP C 46 1.35 33.10 -9.66
N SER C 47 2.07 32.24 -10.36
CA SER C 47 1.76 30.82 -10.38
C SER C 47 2.91 30.08 -11.05
N LYS C 48 2.91 28.76 -10.90
CA LYS C 48 3.95 27.95 -11.52
C LYS C 48 3.89 28.05 -13.03
N THR C 49 5.06 27.99 -13.65
CA THR C 49 5.17 28.07 -15.11
C THR C 49 4.87 26.71 -15.74
N THR C 50 4.68 26.74 -17.05
CA THR C 50 4.37 25.55 -17.82
C THR C 50 5.60 24.85 -18.39
N LEU C 51 6.80 25.34 -18.08
CA LEU C 51 8.04 24.80 -18.64
C LEU C 51 8.43 23.53 -17.88
N PHE C 52 7.64 22.48 -18.11
CA PHE C 52 7.94 21.18 -17.52
C PHE C 52 9.19 20.60 -18.15
N ALA C 53 9.97 19.87 -17.36
CA ALA C 53 11.19 19.25 -17.86
C ALA C 53 10.86 18.32 -19.02
N GLY C 54 11.67 18.40 -20.08
CA GLY C 54 11.48 17.58 -21.25
C GLY C 54 10.80 18.25 -22.42
N VAL C 55 10.49 19.55 -22.30
CA VAL C 55 9.85 20.25 -23.41
C VAL C 55 10.88 20.60 -24.48
N LEU C 56 10.54 20.32 -25.73
CA LEU C 56 11.43 20.66 -26.83
C LEU C 56 11.50 22.18 -26.99
N VAL C 57 12.71 22.69 -27.17
CA VAL C 57 12.95 24.13 -27.20
C VAL C 57 13.78 24.47 -28.43
N GLY C 58 13.64 25.72 -28.88
CA GLY C 58 14.37 26.20 -30.02
C GLY C 58 15.69 26.84 -29.64
N GLU C 59 16.34 27.42 -30.65
CA GLU C 59 17.61 28.10 -30.43
C GLU C 59 17.44 29.39 -29.64
N ASP C 60 16.34 30.11 -29.83
CA ASP C 60 16.14 31.42 -29.22
C ASP C 60 15.47 31.35 -27.86
N GLY C 61 15.21 30.15 -27.35
CA GLY C 61 14.50 30.04 -26.09
C GLY C 61 12.99 30.06 -26.23
N THR C 62 12.47 29.82 -27.42
CA THR C 62 11.04 29.69 -27.58
C THR C 62 10.65 28.21 -27.57
N PRO C 63 9.58 27.84 -26.86
CA PRO C 63 9.18 26.43 -26.85
C PRO C 63 8.91 25.92 -28.26
N ALA C 64 9.32 24.68 -28.52
CA ALA C 64 9.24 24.11 -29.86
C ALA C 64 7.83 23.57 -30.08
N THR C 65 7.02 24.30 -30.83
CA THR C 65 5.67 23.82 -31.16
C THR C 65 5.66 22.83 -32.31
N ALA C 66 6.75 22.75 -33.07
CA ALA C 66 6.81 21.87 -34.23
C ALA C 66 8.23 21.32 -34.36
N ALA C 67 8.36 20.25 -35.14
CA ALA C 67 9.65 19.60 -35.32
C ALA C 67 10.71 20.57 -35.83
N ALA C 68 10.35 21.37 -36.83
CA ALA C 68 11.31 22.27 -37.45
C ALA C 68 11.98 23.20 -36.44
N GLY C 69 11.28 23.58 -35.38
CA GLY C 69 11.84 24.46 -34.37
C GLY C 69 12.61 23.76 -33.27
N VAL C 70 12.79 22.45 -33.36
CA VAL C 70 13.48 21.71 -32.30
C VAL C 70 14.98 21.92 -32.43
N PHE C 71 15.60 22.35 -31.34
CA PHE C 71 17.06 22.46 -31.28
C PHE C 71 17.61 21.59 -30.16
N GLY C 72 17.00 21.69 -28.97
CA GLY C 72 17.48 20.95 -27.82
C GLY C 72 16.34 20.65 -26.86
N VAL C 73 16.70 20.01 -25.75
CA VAL C 73 15.74 19.58 -24.74
C VAL C 73 16.08 20.28 -23.43
N LEU C 74 15.06 20.81 -22.77
CA LEU C 74 15.26 21.50 -21.50
C LEU C 74 15.35 20.50 -20.37
N VAL C 75 16.52 20.44 -19.71
CA VAL C 75 16.75 19.45 -18.67
C VAL C 75 17.31 20.13 -17.42
N ASP C 76 17.00 21.41 -17.25
CA ASP C 76 17.57 22.17 -16.13
C ASP C 76 17.06 21.65 -14.80
N ARG C 77 17.83 21.92 -13.75
CA ARG C 77 17.49 21.43 -12.41
C ARG C 77 16.34 22.20 -11.77
N LYS C 78 15.97 23.36 -12.31
CA LYS C 78 14.95 24.18 -11.67
C LYS C 78 13.54 23.68 -11.91
N VAL C 79 13.34 22.74 -12.83
CA VAL C 79 12.00 22.27 -13.17
C VAL C 79 11.91 20.76 -13.06
N LEU C 80 12.75 20.16 -12.23
CA LEU C 80 12.65 18.72 -12.03
C LEU C 80 11.44 18.38 -11.17
N PRO C 81 10.88 17.18 -11.33
CA PRO C 81 9.73 16.80 -10.50
C PRO C 81 10.09 16.85 -9.01
N GLY C 82 9.14 17.33 -8.21
CA GLY C 82 9.31 17.40 -6.78
C GLY C 82 10.06 18.62 -6.28
N VAL C 83 10.53 19.48 -7.17
CA VAL C 83 11.28 20.68 -6.80
C VAL C 83 10.49 21.89 -7.27
N ASP C 84 10.13 22.76 -6.32
CA ASP C 84 9.45 24.01 -6.66
C ASP C 84 9.56 24.96 -5.48
N HIS C 85 10.14 26.13 -5.75
CA HIS C 85 10.23 27.19 -4.74
C HIS C 85 10.04 28.57 -5.32
N TYR C 86 9.59 28.69 -6.57
CA TYR C 86 9.63 29.93 -7.32
C TYR C 86 8.27 30.59 -7.45
N ILE C 87 7.33 30.29 -6.56
CA ILE C 87 6.06 31.00 -6.53
C ILE C 87 6.32 32.45 -6.15
N GLY C 88 6.16 33.35 -7.11
CA GLY C 88 6.36 34.77 -6.86
C GLY C 88 7.80 35.22 -6.84
N VAL C 89 8.76 34.29 -6.90
CA VAL C 89 10.17 34.67 -6.91
C VAL C 89 10.56 35.38 -8.20
N PHE C 90 9.77 35.23 -9.26
CA PHE C 90 10.05 35.90 -10.53
C PHE C 90 8.93 36.87 -10.86
N GLU C 91 9.00 37.48 -12.04
CA GLU C 91 8.03 38.50 -12.45
C GLU C 91 7.52 38.12 -13.83
N PRO C 92 6.22 38.24 -14.08
CA PRO C 92 5.70 37.88 -15.40
C PRO C 92 6.40 38.64 -16.51
N GLY C 93 6.78 37.92 -17.56
CA GLY C 93 7.57 38.48 -18.63
C GLY C 93 9.06 38.53 -18.35
N GLU C 94 9.48 38.24 -17.12
CA GLU C 94 10.91 38.23 -16.81
C GLU C 94 11.58 37.03 -17.48
N LYS C 95 12.85 37.22 -17.86
CA LYS C 95 13.61 36.19 -18.55
C LYS C 95 14.64 35.59 -17.59
N VAL C 96 14.84 34.28 -17.71
CA VAL C 96 15.73 33.55 -16.80
C VAL C 96 16.64 32.65 -17.62
N PRO C 97 17.90 32.44 -17.22
CA PRO C 97 18.75 31.49 -17.93
C PRO C 97 18.38 30.05 -17.62
N MET C 98 18.53 29.18 -18.62
CA MET C 98 18.17 27.77 -18.51
C MET C 98 19.26 26.93 -19.16
N VAL C 99 19.33 25.67 -18.73
CA VAL C 99 20.31 24.74 -19.27
C VAL C 99 19.61 23.75 -20.20
N LEU C 100 20.23 23.47 -21.34
CA LEU C 100 19.66 22.59 -22.35
C LEU C 100 20.63 21.47 -22.67
N ALA C 101 20.07 20.33 -23.09
CA ALA C 101 20.87 19.22 -23.58
C ALA C 101 20.89 19.23 -25.10
N VAL C 102 22.08 19.13 -25.69
CA VAL C 102 22.22 19.30 -27.13
C VAL C 102 22.93 18.12 -27.77
N ARG C 103 24.14 17.81 -27.31
CA ARG C 103 25.04 16.92 -28.03
C ARG C 103 25.42 15.71 -27.19
N GLY C 104 25.53 14.56 -27.86
CA GLY C 104 26.10 13.38 -27.24
C GLY C 104 25.33 12.85 -26.05
N LEU C 105 24.02 12.73 -26.16
CA LEU C 105 23.18 12.25 -25.07
C LEU C 105 22.16 11.25 -25.59
N THR C 106 21.69 10.39 -24.68
CA THR C 106 20.65 9.42 -24.96
C THR C 106 19.38 9.86 -24.24
N LEU C 107 18.26 9.90 -24.96
CA LEU C 107 17.04 10.51 -24.47
C LEU C 107 15.90 9.50 -24.50
N ASN C 108 14.99 9.61 -23.53
CA ASN C 108 13.80 8.78 -23.46
C ASN C 108 12.69 9.45 -24.26
N GLN C 109 12.22 8.78 -25.31
CA GLN C 109 11.19 9.39 -26.17
C GLN C 109 9.90 9.64 -25.40
N LEU C 110 9.50 8.68 -24.56
CA LEU C 110 8.20 8.78 -23.92
C LEU C 110 8.07 10.01 -23.04
N LYS C 111 9.19 10.60 -22.64
CA LYS C 111 9.19 11.82 -21.84
C LYS C 111 9.51 13.07 -22.65
N LEU C 112 9.54 12.97 -23.97
CA LEU C 112 9.74 14.11 -24.85
C LEU C 112 8.40 14.60 -25.36
N LYS C 113 8.17 15.91 -25.23
CA LYS C 113 6.90 16.52 -25.61
C LYS C 113 7.17 17.82 -26.34
N TYR C 114 6.21 18.21 -27.18
CA TYR C 114 6.26 19.53 -27.79
C TYR C 114 5.89 20.60 -26.75
N ALA C 115 5.87 21.85 -27.19
CA ALA C 115 5.55 22.96 -26.31
C ALA C 115 4.21 22.74 -25.63
N ASP C 116 3.19 22.37 -26.41
CA ASP C 116 1.87 22.17 -25.85
C ASP C 116 1.82 20.93 -24.96
N GLY C 117 2.49 19.85 -25.38
CA GLY C 117 2.45 18.60 -24.64
C GLY C 117 2.33 17.39 -25.53
N THR C 118 2.04 17.62 -26.81
CA THR C 118 1.90 16.52 -27.76
C THR C 118 3.22 15.79 -27.91
N ALA C 119 3.13 14.47 -28.11
CA ALA C 119 4.33 13.66 -28.25
C ALA C 119 5.09 14.02 -29.51
N ILE C 120 6.41 13.80 -29.47
CA ILE C 120 7.26 14.11 -30.61
C ILE C 120 6.93 13.18 -31.77
N ASP C 121 7.11 13.67 -32.99
CA ASP C 121 6.82 12.92 -34.20
C ASP C 121 8.13 12.45 -34.84
N ALA C 122 8.00 11.83 -36.01
CA ALA C 122 9.17 11.32 -36.71
C ALA C 122 10.11 12.44 -37.12
N ALA C 123 9.55 13.55 -37.64
CA ALA C 123 10.39 14.64 -38.10
C ALA C 123 11.22 15.23 -36.96
N GLY C 124 10.59 15.47 -35.81
CA GLY C 124 11.33 16.00 -34.67
C GLY C 124 12.40 15.03 -34.19
N ILE C 125 12.06 13.74 -34.16
CA ILE C 125 13.03 12.74 -33.73
C ILE C 125 14.24 12.76 -34.64
N GLN C 126 14.00 12.79 -35.95
CA GLN C 126 15.10 12.79 -36.91
C GLN C 126 15.93 14.06 -36.78
N ALA C 127 15.27 15.21 -36.63
CA ALA C 127 16.01 16.47 -36.50
C ALA C 127 16.89 16.47 -35.26
N LEU C 128 16.35 15.99 -34.14
CA LEU C 128 17.12 15.97 -32.90
C LEU C 128 18.26 14.97 -32.98
N GLU C 129 18.02 13.83 -33.64
CA GLU C 129 19.05 12.80 -33.71
C GLU C 129 20.22 13.25 -34.59
N ALA C 130 19.97 14.14 -35.53
CA ALA C 130 20.99 14.56 -36.49
C ALA C 130 22.12 15.36 -35.84
N GLN C 131 21.95 15.82 -34.60
CA GLN C 131 22.96 16.63 -33.95
C GLN C 131 23.94 15.80 -33.11
N GLY C 132 23.83 14.48 -33.13
CA GLY C 132 24.74 13.63 -32.38
C GLY C 132 24.11 13.07 -31.13
N ASN C 133 22.81 12.84 -31.17
CA ASN C 133 22.06 12.28 -30.04
C ASN C 133 21.46 10.94 -30.45
N GLN C 134 21.20 10.11 -29.44
CA GLN C 134 20.53 8.83 -29.63
C GLN C 134 19.15 8.92 -29.04
N VAL C 135 18.14 8.61 -29.84
CA VAL C 135 16.74 8.66 -29.43
C VAL C 135 16.19 7.24 -29.46
N THR C 136 15.69 6.77 -28.33
CA THR C 136 15.32 5.37 -28.18
C THR C 136 13.97 5.23 -27.51
N ASP C 137 13.26 4.17 -27.86
CA ASP C 137 12.02 3.78 -27.22
C ASP C 137 12.16 2.59 -26.28
N LYS C 138 13.36 2.01 -26.19
CA LYS C 138 13.58 0.78 -25.45
C LYS C 138 13.62 1.10 -23.95
N ILE C 139 12.43 1.15 -23.35
CA ILE C 139 12.27 1.47 -21.94
C ILE C 139 11.47 0.36 -21.28
N VAL C 140 11.97 -0.14 -20.16
CA VAL C 140 11.32 -1.26 -19.49
C VAL C 140 10.01 -0.86 -18.83
N GLY C 141 9.92 0.34 -18.26
CA GLY C 141 8.75 0.70 -17.50
C GLY C 141 8.74 -0.02 -16.17
N THR C 142 7.62 0.10 -15.45
CA THR C 142 7.50 -0.52 -14.14
C THR C 142 6.04 -0.83 -13.85
N GLN C 143 5.84 -1.76 -12.92
CA GLN C 143 4.54 -2.10 -12.39
C GLN C 143 4.63 -2.17 -10.86
N PHE C 144 3.66 -1.57 -10.18
CA PHE C 144 3.81 -1.32 -8.75
C PHE C 144 2.91 -2.20 -7.91
N ILE C 145 1.60 -2.14 -8.13
CA ILE C 145 0.63 -2.90 -7.35
C ILE C 145 -0.38 -3.50 -8.32
N GLY C 146 -0.99 -4.59 -7.90
CA GLY C 146 -1.87 -5.31 -8.80
C GLY C 146 -1.05 -5.82 -9.97
N SER C 147 -1.69 -5.96 -11.14
CA SER C 147 -1.01 -6.40 -12.35
C SER C 147 -0.16 -7.64 -12.05
N VAL C 148 -0.83 -8.72 -11.66
CA VAL C 148 -0.12 -9.91 -11.21
C VAL C 148 0.96 -10.31 -12.22
N LEU C 149 2.16 -10.56 -11.70
CA LEU C 149 3.30 -10.94 -12.54
C LEU C 149 3.55 -12.43 -12.43
N ALA D 2 -58.17 -4.19 41.12
CA ALA D 2 -57.48 -4.66 39.93
C ALA D 2 -56.40 -3.68 39.52
N LYS D 3 -56.62 -2.39 39.82
CA LYS D 3 -55.67 -1.34 39.49
C LYS D 3 -54.62 -1.20 40.60
N ALA D 4 -53.63 -2.09 40.54
CA ALA D 4 -52.59 -2.12 41.55
C ALA D 4 -51.93 -0.76 41.69
N HIS D 5 -51.86 -0.26 42.93
CA HIS D 5 -51.28 1.04 43.17
C HIS D 5 -49.79 1.02 42.90
N VAL D 6 -49.31 1.97 42.09
CA VAL D 6 -47.92 2.07 41.71
C VAL D 6 -47.49 3.53 41.73
N ALA D 7 -46.18 3.73 41.83
CA ALA D 7 -45.60 5.06 41.82
C ALA D 7 -44.31 5.02 41.02
N THR D 8 -43.94 6.17 40.45
CA THR D 8 -42.79 6.28 39.58
C THR D 8 -41.98 7.52 39.91
N LEU D 9 -40.69 7.45 39.63
CA LEU D 9 -39.78 8.59 39.80
C LEU D 9 -38.91 8.69 38.56
N GLU D 10 -38.83 9.90 37.98
CA GLU D 10 -38.06 10.15 36.76
C GLU D 10 -37.51 11.57 36.84
N GLY D 11 -36.19 11.68 36.93
CA GLY D 11 -35.54 12.97 36.96
C GLY D 11 -35.48 13.56 38.35
N ASN D 12 -34.84 14.72 38.44
CA ASN D 12 -34.68 15.41 39.72
C ASN D 12 -34.22 16.84 39.43
N TYR D 13 -33.92 17.57 40.50
CA TYR D 13 -33.61 18.99 40.37
C TYR D 13 -32.42 19.22 39.44
N SER D 14 -31.32 18.51 39.69
CA SER D 14 -30.12 18.73 38.88
C SER D 14 -30.26 18.23 37.46
N ASP D 15 -31.39 17.62 37.10
CA ASP D 15 -31.64 17.21 35.73
C ASP D 15 -32.23 18.32 34.87
N ILE D 16 -32.57 19.45 35.46
CA ILE D 16 -33.10 20.59 34.72
C ILE D 16 -32.04 21.69 34.68
N VAL D 17 -31.55 22.08 35.85
CA VAL D 17 -30.52 23.12 35.96
C VAL D 17 -29.18 22.41 35.77
N LEU D 18 -28.76 22.27 34.52
CA LEU D 18 -27.54 21.54 34.22
C LEU D 18 -26.30 22.27 34.73
N GLY D 19 -26.32 23.60 34.74
CA GLY D 19 -25.18 24.37 35.19
C GLY D 19 -25.58 25.70 35.79
N ARG D 20 -24.79 26.17 36.76
CA ARG D 20 -25.11 27.39 37.48
C ARG D 20 -23.84 28.21 37.68
N VAL D 21 -23.98 29.53 37.58
CA VAL D 21 -22.87 30.44 37.83
C VAL D 21 -22.89 30.81 39.30
N VAL D 22 -21.87 30.39 40.04
CA VAL D 22 -21.82 30.59 41.49
C VAL D 22 -21.43 32.04 41.75
N ALA D 23 -22.43 32.89 41.98
CA ALA D 23 -22.16 34.27 42.34
C ALA D 23 -21.51 34.34 43.73
N PHE D 24 -20.59 35.29 43.88
CA PHE D 24 -19.86 35.47 45.13
C PHE D 24 -20.59 36.46 46.01
N GLY D 25 -20.73 36.12 47.29
CA GLY D 25 -21.42 36.98 48.23
C GLY D 25 -22.91 36.76 48.24
N ASP D 26 -23.56 37.02 47.10
CA ASP D 26 -25.01 36.85 46.98
C ASP D 26 -25.29 35.54 46.27
N THR D 27 -25.38 34.46 47.05
CA THR D 27 -25.62 33.14 46.49
C THR D 27 -27.00 33.02 45.86
N GLY D 28 -27.92 33.93 46.17
CA GLY D 28 -29.23 33.97 45.56
C GLY D 28 -29.33 34.85 44.34
N TRP D 29 -28.19 35.20 43.73
CA TRP D 29 -28.21 36.09 42.58
C TRP D 29 -28.96 35.49 41.39
N ASN D 30 -29.17 34.19 41.38
CA ASN D 30 -29.79 33.52 40.24
C ASN D 30 -31.28 33.27 40.40
N PHE D 31 -31.86 33.55 41.56
CA PHE D 31 -33.22 33.12 41.87
C PHE D 31 -34.08 34.31 42.29
N LYS D 32 -35.39 34.14 42.15
CA LYS D 32 -36.38 35.10 42.61
C LYS D 32 -37.51 34.36 43.31
N GLU D 33 -38.16 35.06 44.25
CA GLU D 33 -39.30 34.50 44.96
C GLU D 33 -40.57 35.24 44.59
N VAL D 34 -41.58 34.48 44.18
CA VAL D 34 -42.86 35.04 43.76
C VAL D 34 -43.99 34.23 44.37
N ASP D 35 -45.03 34.93 44.80
CA ASP D 35 -46.21 34.26 45.35
C ASP D 35 -47.04 33.68 44.21
N MET D 36 -47.42 32.41 44.34
CA MET D 36 -48.19 31.71 43.33
C MET D 36 -49.35 30.98 43.98
N THR D 37 -50.44 30.84 43.24
CA THR D 37 -51.58 30.08 43.70
C THR D 37 -51.26 28.59 43.63
N PHE D 38 -51.01 27.97 44.78
CA PHE D 38 -50.61 26.56 44.81
C PHE D 38 -51.79 25.67 44.44
N ILE D 39 -52.86 25.72 45.24
CA ILE D 39 -54.07 24.97 44.91
C ILE D 39 -54.94 25.82 43.99
N ALA D 40 -55.44 25.20 42.92
CA ALA D 40 -56.28 25.93 41.98
C ALA D 40 -57.37 26.69 42.70
N ASP D 41 -57.74 27.86 42.14
CA ASP D 41 -58.75 28.69 42.78
C ASP D 41 -60.07 27.94 42.92
N ASP D 42 -60.49 27.23 41.88
CA ASP D 42 -61.69 26.40 41.92
C ASP D 42 -61.29 24.94 41.71
N ALA D 43 -61.47 24.13 42.75
CA ALA D 43 -61.10 22.72 42.70
C ALA D 43 -61.53 22.07 44.00
N ASP D 44 -61.35 20.76 44.06
CA ASP D 44 -61.67 20.03 45.28
C ASP D 44 -60.77 20.47 46.42
N ALA D 45 -61.28 20.37 47.64
CA ALA D 45 -60.53 20.82 48.80
C ALA D 45 -59.18 20.14 48.93
N ASP D 46 -59.03 18.93 48.37
CA ASP D 46 -57.77 18.20 48.45
C ASP D 46 -57.28 17.78 47.07
N SER D 47 -57.56 18.59 46.04
CA SER D 47 -57.07 18.31 44.70
C SER D 47 -55.60 18.68 44.59
N LYS D 48 -54.78 17.78 44.04
CA LYS D 48 -53.36 18.05 43.89
C LYS D 48 -53.14 19.20 42.93
N THR D 49 -52.14 20.03 43.24
CA THR D 49 -51.82 21.16 42.38
C THR D 49 -51.31 20.66 41.03
N THR D 50 -51.61 21.44 39.99
CA THR D 50 -51.23 21.08 38.63
C THR D 50 -49.83 21.56 38.25
N LEU D 51 -49.17 22.32 39.12
CA LEU D 51 -47.85 22.83 38.80
C LEU D 51 -46.83 21.69 38.75
N PHE D 52 -45.94 21.76 37.76
CA PHE D 52 -44.87 20.79 37.60
C PHE D 52 -43.56 21.52 37.37
N ALA D 53 -42.45 20.89 37.75
CA ALA D 53 -41.15 21.50 37.57
C ALA D 53 -40.89 21.79 36.09
N GLY D 54 -40.18 22.88 35.84
CA GLY D 54 -39.89 23.29 34.48
C GLY D 54 -40.95 24.12 33.81
N VAL D 55 -42.06 24.41 34.49
CA VAL D 55 -43.11 25.23 33.90
C VAL D 55 -42.68 26.69 33.89
N LEU D 56 -42.87 27.35 32.75
CA LEU D 56 -42.50 28.75 32.62
C LEU D 56 -43.50 29.63 33.35
N VAL D 57 -42.97 30.64 34.05
CA VAL D 57 -43.78 31.51 34.90
C VAL D 57 -43.37 32.96 34.62
N GLY D 58 -44.36 33.86 34.61
CA GLY D 58 -44.09 35.26 34.45
C GLY D 58 -43.67 35.93 35.75
N GLU D 59 -43.49 37.25 35.68
CA GLU D 59 -43.05 38.00 36.85
C GLU D 59 -44.09 37.99 37.97
N ASP D 60 -45.37 37.94 37.63
CA ASP D 60 -46.43 38.01 38.63
C ASP D 60 -46.80 36.64 39.19
N GLY D 61 -46.12 35.57 38.77
CA GLY D 61 -46.41 34.25 39.26
C GLY D 61 -47.44 33.48 38.44
N THR D 62 -48.09 34.13 37.48
CA THR D 62 -49.01 33.42 36.63
C THR D 62 -48.26 32.51 35.67
N PRO D 63 -48.66 31.24 35.53
CA PRO D 63 -47.96 30.36 34.58
C PRO D 63 -47.98 30.95 33.18
N ALA D 64 -46.84 30.85 32.50
CA ALA D 64 -46.69 31.46 31.18
C ALA D 64 -47.33 30.56 30.12
N THR D 65 -48.35 31.09 29.45
CA THR D 65 -49.00 30.36 28.36
C THR D 65 -48.45 30.72 26.99
N ALA D 66 -47.56 31.72 26.91
CA ALA D 66 -47.02 32.16 25.64
C ALA D 66 -45.67 32.82 25.89
N ALA D 67 -44.92 32.99 24.81
CA ALA D 67 -43.59 33.59 24.91
C ALA D 67 -43.63 34.97 25.55
N ALA D 68 -44.76 35.67 25.43
CA ALA D 68 -44.85 37.02 26.00
C ALA D 68 -44.70 37.00 27.51
N GLY D 69 -45.32 36.04 28.20
CA GLY D 69 -45.32 35.98 29.63
C GLY D 69 -44.22 35.15 30.25
N VAL D 70 -43.23 34.73 29.48
CA VAL D 70 -42.15 33.89 30.01
C VAL D 70 -41.13 34.76 30.71
N PHE D 71 -40.90 34.50 31.99
CA PHE D 71 -39.90 35.24 32.77
C PHE D 71 -38.90 34.28 33.39
N GLY D 72 -39.37 33.16 33.93
CA GLY D 72 -38.51 32.23 34.63
C GLY D 72 -39.08 30.85 34.67
N VAL D 73 -38.34 29.93 35.30
CA VAL D 73 -38.69 28.53 35.38
C VAL D 73 -38.88 28.16 36.85
N LEU D 74 -40.02 27.55 37.16
CA LEU D 74 -40.29 27.11 38.52
C LEU D 74 -39.31 26.01 38.91
N VAL D 75 -38.69 26.16 40.09
CA VAL D 75 -37.63 25.27 40.52
C VAL D 75 -37.84 24.82 41.96
N ASP D 76 -38.81 25.43 42.64
CA ASP D 76 -38.90 25.25 44.09
C ASP D 76 -39.05 23.78 44.46
N ARG D 77 -38.65 23.47 45.70
CA ARG D 77 -38.62 22.09 46.17
C ARG D 77 -40.01 21.49 46.34
N LYS D 78 -41.07 22.31 46.42
CA LYS D 78 -42.39 21.78 46.69
C LYS D 78 -43.00 21.06 45.49
N VAL D 79 -42.38 21.15 44.32
CA VAL D 79 -43.00 20.64 43.09
C VAL D 79 -42.11 19.57 42.46
N LEU D 80 -41.01 19.23 43.12
CA LEU D 80 -40.13 18.21 42.59
C LEU D 80 -40.80 16.84 42.66
N PRO D 81 -40.39 15.90 41.81
CA PRO D 81 -40.97 14.56 41.86
C PRO D 81 -40.79 13.91 43.22
N GLY D 82 -41.83 13.21 43.67
CA GLY D 82 -41.79 12.50 44.93
C GLY D 82 -41.97 13.35 46.17
N VAL D 83 -42.43 14.59 46.03
CA VAL D 83 -42.60 15.49 47.17
C VAL D 83 -44.09 15.64 47.48
N ASP D 84 -44.88 14.63 47.12
CA ASP D 84 -46.33 14.72 47.24
C ASP D 84 -46.81 14.88 48.67
N HIS D 85 -45.93 14.82 49.66
CA HIS D 85 -46.38 14.93 51.05
C HIS D 85 -46.97 16.29 51.39
N TYR D 86 -46.97 17.28 50.49
CA TYR D 86 -47.57 18.58 50.75
C TYR D 86 -49.06 18.62 50.43
N ILE D 87 -49.63 17.49 49.97
CA ILE D 87 -51.04 17.48 49.62
C ILE D 87 -51.90 17.71 50.86
N GLY D 88 -52.93 18.55 50.69
CA GLY D 88 -53.91 18.77 51.74
C GLY D 88 -53.53 19.86 52.73
N VAL D 89 -52.25 20.26 52.72
CA VAL D 89 -51.80 21.28 53.66
C VAL D 89 -52.45 22.62 53.35
N PHE D 90 -52.48 22.99 52.07
CA PHE D 90 -52.95 24.30 51.67
C PHE D 90 -54.47 24.30 51.47
N GLU D 91 -55.00 25.46 51.09
CA GLU D 91 -56.43 25.64 50.86
C GLU D 91 -56.61 26.33 49.53
N PRO D 92 -57.72 26.10 48.83
CA PRO D 92 -57.90 26.73 47.51
C PRO D 92 -57.85 28.24 47.60
N GLY D 93 -57.23 28.86 46.59
CA GLY D 93 -57.19 30.30 46.49
C GLY D 93 -56.06 30.98 47.23
N GLU D 94 -55.28 30.25 48.02
CA GLU D 94 -54.19 30.87 48.77
C GLU D 94 -52.92 30.88 47.94
N LYS D 95 -52.16 31.96 48.06
CA LYS D 95 -50.91 32.14 47.31
C LYS D 95 -49.73 31.92 48.24
N VAL D 96 -48.78 31.11 47.79
CA VAL D 96 -47.60 30.76 48.59
C VAL D 96 -46.36 31.10 47.79
N PRO D 97 -45.30 31.63 48.41
CA PRO D 97 -44.08 31.93 47.66
C PRO D 97 -43.42 30.65 47.15
N MET D 98 -42.80 30.76 45.99
CA MET D 98 -42.02 29.66 45.42
C MET D 98 -40.86 30.25 44.63
N VAL D 99 -39.72 29.55 44.66
CA VAL D 99 -38.51 30.06 44.06
C VAL D 99 -38.56 29.87 42.55
N LEU D 100 -38.11 30.88 41.81
CA LEU D 100 -37.96 30.80 40.36
C LEU D 100 -36.50 31.04 39.98
N ALA D 101 -36.05 30.36 38.94
CA ALA D 101 -34.73 30.58 38.38
C ALA D 101 -34.82 31.59 37.25
N VAL D 102 -33.89 32.53 37.22
CA VAL D 102 -33.99 33.67 36.32
C VAL D 102 -32.77 33.79 35.41
N ARG D 103 -31.58 33.90 35.99
CA ARG D 103 -30.41 34.31 35.24
C ARG D 103 -29.19 33.50 35.66
N GLY D 104 -28.19 33.46 34.78
CA GLY D 104 -26.92 32.84 35.09
C GLY D 104 -26.96 31.34 35.23
N LEU D 105 -27.70 30.65 34.37
CA LEU D 105 -27.86 29.20 34.44
C LEU D 105 -27.86 28.59 33.05
N THR D 106 -27.62 27.29 33.01
CA THR D 106 -27.79 26.49 31.80
C THR D 106 -29.01 25.58 31.99
N LEU D 107 -29.97 25.67 31.07
CA LEU D 107 -31.26 25.03 31.21
C LEU D 107 -31.43 23.95 30.14
N ASN D 108 -31.90 22.78 30.56
CA ASN D 108 -32.26 21.72 29.63
C ASN D 108 -33.54 22.11 28.90
N GLN D 109 -33.45 22.29 27.58
CA GLN D 109 -34.61 22.72 26.82
C GLN D 109 -35.73 21.69 26.88
N LEU D 110 -35.38 20.41 26.75
CA LEU D 110 -36.40 19.38 26.57
C LEU D 110 -37.38 19.29 27.73
N LYS D 111 -37.01 19.78 28.92
CA LYS D 111 -37.90 19.72 30.08
C LYS D 111 -38.58 21.05 30.37
N LEU D 112 -38.48 22.03 29.47
CA LEU D 112 -39.17 23.31 29.63
C LEU D 112 -40.47 23.28 28.83
N LYS D 113 -41.58 23.51 29.52
CA LYS D 113 -42.90 23.43 28.90
C LYS D 113 -43.78 24.54 29.43
N TYR D 114 -44.73 24.96 28.60
CA TYR D 114 -45.69 25.98 29.01
C TYR D 114 -46.60 25.42 30.10
N ALA D 115 -47.51 26.26 30.58
CA ALA D 115 -48.48 25.83 31.58
C ALA D 115 -49.30 24.64 31.08
N ASP D 116 -49.62 24.61 29.78
CA ASP D 116 -50.41 23.53 29.22
C ASP D 116 -49.63 22.22 29.12
N GLY D 117 -48.32 22.25 29.36
CA GLY D 117 -47.48 21.07 29.21
C GLY D 117 -46.82 20.93 27.86
N THR D 118 -47.17 21.76 26.88
CA THR D 118 -46.53 21.69 25.58
C THR D 118 -45.08 22.16 25.66
N ALA D 119 -44.28 21.72 24.70
CA ALA D 119 -42.87 22.04 24.71
C ALA D 119 -42.65 23.54 24.52
N ILE D 120 -41.50 24.02 25.01
CA ILE D 120 -41.17 25.43 24.88
C ILE D 120 -41.17 25.82 23.41
N ASP D 121 -41.60 27.05 23.15
CA ASP D 121 -41.70 27.56 21.78
C ASP D 121 -40.36 28.12 21.34
N ALA D 122 -40.12 28.08 20.02
CA ALA D 122 -38.87 28.60 19.48
C ALA D 122 -38.72 30.09 19.67
N ALA D 123 -39.83 30.81 19.93
CA ALA D 123 -39.75 32.24 20.19
C ALA D 123 -39.53 32.52 21.67
N GLY D 124 -40.21 31.75 22.54
CA GLY D 124 -40.04 31.95 23.97
C GLY D 124 -38.64 31.67 24.45
N ILE D 125 -37.89 30.85 23.71
CA ILE D 125 -36.51 30.53 24.11
C ILE D 125 -35.68 31.80 24.20
N GLN D 126 -35.98 32.79 23.35
CA GLN D 126 -35.21 34.03 23.37
C GLN D 126 -35.29 34.71 24.73
N ALA D 127 -36.48 34.75 25.31
CA ALA D 127 -36.65 35.42 26.60
C ALA D 127 -35.72 34.81 27.65
N LEU D 128 -35.72 33.49 27.78
CA LEU D 128 -34.84 32.84 28.75
C LEU D 128 -33.37 33.06 28.39
N GLU D 129 -33.04 32.93 27.10
CA GLU D 129 -31.66 33.14 26.69
C GLU D 129 -31.25 34.60 26.84
N ALA D 130 -32.18 35.52 26.58
CA ALA D 130 -31.91 36.95 26.74
C ALA D 130 -31.73 37.36 28.20
N GLN D 131 -32.16 36.52 29.14
CA GLN D 131 -31.99 36.83 30.56
C GLN D 131 -30.58 36.53 31.06
N GLY D 132 -29.73 35.94 30.22
CA GLY D 132 -28.40 35.55 30.64
C GLY D 132 -28.32 34.08 30.99
N ASN D 133 -28.94 33.25 30.16
CA ASN D 133 -28.94 31.81 30.35
C ASN D 133 -28.64 31.12 29.02
N GLN D 134 -28.14 29.90 29.11
CA GLN D 134 -27.81 29.09 27.94
C GLN D 134 -28.79 27.95 27.83
N VAL D 135 -29.75 28.09 26.92
CA VAL D 135 -30.65 26.99 26.59
C VAL D 135 -29.93 26.06 25.62
N THR D 136 -29.86 24.77 25.98
CA THR D 136 -29.03 23.84 25.24
C THR D 136 -29.85 22.60 24.89
N ASP D 137 -29.39 21.90 23.85
CA ASP D 137 -30.00 20.65 23.43
C ASP D 137 -29.03 19.48 23.38
N LYS D 138 -27.72 19.73 23.49
CA LYS D 138 -26.74 18.65 23.41
C LYS D 138 -26.76 17.85 24.71
N ILE D 139 -27.80 17.04 24.89
CA ILE D 139 -27.95 16.18 26.06
C ILE D 139 -27.75 14.74 25.60
N VAL D 140 -26.84 14.04 26.27
CA VAL D 140 -26.54 12.67 25.87
C VAL D 140 -27.76 11.78 25.93
N GLY D 141 -28.62 11.95 26.93
CA GLY D 141 -29.77 11.09 27.07
C GLY D 141 -29.37 9.74 27.66
N THR D 142 -30.38 8.88 27.78
CA THR D 142 -30.17 7.55 28.32
C THR D 142 -31.10 6.57 27.63
N GLN D 143 -30.66 5.32 27.55
CA GLN D 143 -31.42 4.26 26.92
C GLN D 143 -31.46 3.05 27.86
N PHE D 144 -32.58 2.35 27.85
CA PHE D 144 -32.86 1.28 28.79
C PHE D 144 -33.02 -0.05 28.03
N ILE D 145 -33.44 -1.08 28.74
CA ILE D 145 -33.65 -2.40 28.16
C ILE D 145 -34.51 -2.27 26.92
N GLY D 146 -34.31 -3.17 25.96
CA GLY D 146 -34.99 -3.07 24.69
C GLY D 146 -34.28 -2.23 23.65
N SER D 147 -33.14 -1.65 23.98
CA SER D 147 -32.33 -0.89 23.05
C SER D 147 -30.95 -1.53 22.92
N VAL D 148 -30.51 -1.72 21.70
CA VAL D 148 -29.23 -2.36 21.43
C VAL D 148 -28.12 -1.33 21.55
N LEU D 149 -27.12 -1.65 22.37
CA LEU D 149 -25.98 -0.77 22.59
C LEU D 149 -24.68 -1.53 22.37
N ALA E 2 -28.64 79.08 69.37
CA ALA E 2 -27.83 78.31 70.31
C ALA E 2 -27.63 76.88 69.82
N LYS E 3 -28.09 76.61 68.60
CA LYS E 3 -27.98 75.26 68.04
C LYS E 3 -26.53 74.80 68.01
N ALA E 4 -26.30 73.58 68.45
CA ALA E 4 -24.95 73.04 68.47
C ALA E 4 -24.57 72.50 67.09
N HIS E 5 -23.32 72.73 66.71
CA HIS E 5 -22.82 72.20 65.45
C HIS E 5 -22.62 70.70 65.57
N VAL E 6 -23.24 69.95 64.66
CA VAL E 6 -23.27 68.50 64.76
C VAL E 6 -23.06 67.90 63.37
N ALA E 7 -22.44 66.73 63.34
CA ALA E 7 -22.24 65.97 62.11
C ALA E 7 -22.70 64.54 62.34
N THR E 8 -23.08 63.89 61.25
CA THR E 8 -23.65 62.55 61.33
C THR E 8 -23.07 61.68 60.23
N LEU E 9 -23.04 60.38 60.48
CA LEU E 9 -22.55 59.42 59.48
C LEU E 9 -23.13 58.05 59.81
N GLU E 10 -23.98 57.53 58.92
CA GLU E 10 -24.52 56.19 59.06
C GLU E 10 -24.67 55.58 57.68
N GLY E 11 -24.29 54.31 57.56
CA GLY E 11 -24.36 53.62 56.28
C GLY E 11 -23.05 53.69 55.51
N ASN E 12 -22.79 52.69 54.68
CA ASN E 12 -21.53 52.59 53.93
C ASN E 12 -21.83 52.20 52.48
N TYR E 13 -20.77 52.13 51.69
CA TYR E 13 -20.85 51.68 50.31
C TYR E 13 -21.40 50.26 50.25
N SER E 14 -21.01 49.42 51.21
CA SER E 14 -21.48 48.04 51.23
C SER E 14 -22.99 47.96 51.23
N ASP E 15 -23.67 48.90 51.89
CA ASP E 15 -25.12 48.85 51.97
C ASP E 15 -25.78 49.06 50.61
N ILE E 16 -25.03 49.58 49.64
CA ILE E 16 -25.60 49.77 48.30
C ILE E 16 -25.34 48.54 47.43
N VAL E 17 -24.08 48.10 47.39
CA VAL E 17 -23.71 46.90 46.63
C VAL E 17 -23.67 45.71 47.59
N LEU E 18 -24.82 45.05 47.77
CA LEU E 18 -24.89 43.92 48.68
C LEU E 18 -24.05 42.76 48.20
N GLY E 19 -24.07 42.47 46.90
CA GLY E 19 -23.32 41.36 46.35
C GLY E 19 -22.84 41.68 44.95
N ARG E 20 -21.91 40.85 44.48
CA ARG E 20 -21.24 41.12 43.22
C ARG E 20 -20.67 39.83 42.67
N VAL E 21 -20.69 39.69 41.34
CA VAL E 21 -20.07 38.55 40.68
C VAL E 21 -18.62 38.91 40.35
N VAL E 22 -17.69 38.14 40.86
CA VAL E 22 -16.27 38.43 40.68
C VAL E 22 -15.73 37.59 39.53
N ALA E 23 -15.71 38.17 38.32
CA ALA E 23 -15.21 37.44 37.17
C ALA E 23 -13.71 37.20 37.30
N PHE E 24 -13.31 35.94 37.12
CA PHE E 24 -11.90 35.59 37.30
C PHE E 24 -11.03 36.28 36.25
N GLY E 25 -11.49 36.31 35.01
CA GLY E 25 -10.67 36.84 33.93
C GLY E 25 -10.58 38.36 33.92
N ASP E 26 -11.54 39.05 34.51
CA ASP E 26 -11.56 40.51 34.46
C ASP E 26 -12.31 41.04 35.67
N THR E 27 -11.58 41.65 36.60
CA THR E 27 -12.21 42.20 37.80
C THR E 27 -13.10 43.38 37.50
N GLY E 28 -12.90 44.06 36.37
CA GLY E 28 -13.70 45.20 35.99
C GLY E 28 -14.91 44.88 35.14
N TRP E 29 -15.25 43.61 35.00
CA TRP E 29 -16.37 43.23 34.13
C TRP E 29 -17.68 43.87 34.54
N ASN E 30 -17.82 44.26 35.81
CA ASN E 30 -19.10 44.74 36.31
C ASN E 30 -19.32 46.22 36.07
N PHE E 31 -18.27 47.01 35.95
CA PHE E 31 -18.36 48.46 36.01
C PHE E 31 -18.18 49.09 34.63
N LYS E 32 -18.99 50.10 34.37
CA LYS E 32 -18.84 50.97 33.21
C LYS E 32 -18.54 52.37 33.71
N GLU E 33 -17.52 53.00 33.13
CA GLU E 33 -17.08 54.33 33.54
C GLU E 33 -17.55 55.35 32.51
N VAL E 34 -18.29 56.36 32.97
CA VAL E 34 -18.79 57.43 32.12
C VAL E 34 -18.54 58.76 32.80
N ASP E 35 -18.69 59.83 32.04
CA ASP E 35 -18.46 61.18 32.52
C ASP E 35 -19.78 61.90 32.73
N MET E 36 -19.89 62.60 33.86
CA MET E 36 -21.08 63.37 34.18
C MET E 36 -20.69 64.71 34.78
N THR E 37 -21.63 65.64 34.80
CA THR E 37 -21.41 66.93 35.41
C THR E 37 -21.40 66.80 36.93
N PHE E 38 -20.24 67.03 37.55
CA PHE E 38 -20.11 66.85 39.00
C PHE E 38 -20.72 68.05 39.72
N ILE E 39 -20.17 69.24 39.50
CA ILE E 39 -20.73 70.45 40.09
C ILE E 39 -21.85 70.96 39.19
N ALA E 40 -23.01 71.21 39.80
CA ALA E 40 -24.15 71.71 39.04
C ALA E 40 -23.74 72.93 38.24
N ASP E 41 -24.46 73.17 37.14
CA ASP E 41 -24.18 74.32 36.31
C ASP E 41 -24.60 75.60 37.02
N ASP E 42 -24.15 76.72 36.45
CA ASP E 42 -24.51 78.07 36.92
C ASP E 42 -24.60 78.14 38.45
N ALA E 43 -23.57 77.63 39.10
CA ALA E 43 -23.51 77.62 40.56
C ALA E 43 -22.10 77.99 40.99
N ASP E 44 -21.98 78.42 42.24
CA ASP E 44 -20.68 78.81 42.77
C ASP E 44 -19.76 77.59 42.88
N ALA E 45 -18.45 77.87 42.85
CA ALA E 45 -17.48 76.80 43.02
C ALA E 45 -17.64 76.08 44.35
N ASP E 46 -18.28 76.72 45.33
CA ASP E 46 -18.52 76.12 46.63
C ASP E 46 -19.86 75.39 46.70
N SER E 47 -20.64 75.41 45.63
CA SER E 47 -21.94 74.73 45.62
C SER E 47 -21.75 73.22 45.56
N LYS E 48 -21.95 72.54 46.69
CA LYS E 48 -21.75 71.10 46.73
C LYS E 48 -22.67 70.41 45.74
N THR E 49 -22.13 69.40 45.06
CA THR E 49 -22.89 68.68 44.05
C THR E 49 -24.04 67.91 44.69
N THR E 50 -25.14 67.81 43.96
CA THR E 50 -26.33 67.10 44.42
C THR E 50 -26.34 65.64 43.97
N LEU E 51 -25.18 65.09 43.64
CA LEU E 51 -25.05 63.69 43.25
C LEU E 51 -24.68 62.86 44.47
N PHE E 52 -25.42 61.79 44.70
CA PHE E 52 -25.21 60.93 45.86
C PHE E 52 -25.29 59.48 45.43
N ALA E 53 -24.67 58.62 46.24
CA ALA E 53 -24.68 57.18 45.96
C ALA E 53 -26.12 56.68 45.85
N GLY E 54 -26.39 55.93 44.78
CA GLY E 54 -27.69 55.36 44.55
C GLY E 54 -28.52 56.08 43.50
N VAL E 55 -28.07 57.24 43.03
CA VAL E 55 -28.82 57.96 42.01
C VAL E 55 -28.70 57.21 40.68
N LEU E 56 -29.84 56.95 40.05
CA LEU E 56 -29.87 56.25 38.78
C LEU E 56 -29.50 57.19 37.64
N VAL E 57 -28.64 56.70 36.76
CA VAL E 57 -28.15 57.49 35.63
C VAL E 57 -28.22 56.65 34.36
N GLY E 58 -28.68 57.27 33.27
CA GLY E 58 -28.68 56.61 32.00
C GLY E 58 -27.27 56.47 31.44
N GLU E 59 -27.15 55.63 30.41
CA GLU E 59 -25.83 55.44 29.79
C GLU E 59 -25.26 56.75 29.26
N ASP E 60 -26.12 57.70 28.92
CA ASP E 60 -25.64 59.01 28.48
C ASP E 60 -24.88 59.73 29.60
N GLY E 61 -25.40 59.65 30.82
CA GLY E 61 -24.82 60.34 31.95
C GLY E 61 -25.77 61.26 32.69
N THR E 62 -26.94 61.57 32.14
CA THR E 62 -27.86 62.40 32.90
C THR E 62 -28.55 61.55 33.98
N PRO E 63 -28.72 62.08 35.19
CA PRO E 63 -29.45 61.32 36.21
C PRO E 63 -30.86 60.98 35.73
N ALA E 64 -31.32 59.78 36.04
CA ALA E 64 -32.57 59.27 35.53
C ALA E 64 -33.74 59.77 36.37
N THR E 65 -34.69 60.43 35.72
CA THR E 65 -35.92 60.88 36.37
C THR E 65 -37.11 59.97 36.09
N ALA E 66 -36.92 58.92 35.30
CA ALA E 66 -38.00 58.00 34.97
C ALA E 66 -37.39 56.67 34.57
N ALA E 67 -38.25 55.65 34.51
CA ALA E 67 -37.77 54.31 34.18
C ALA E 67 -37.08 54.29 32.82
N ALA E 68 -37.41 55.23 31.94
CA ALA E 68 -36.82 55.25 30.61
C ALA E 68 -35.31 55.42 30.66
N GLY E 69 -34.83 56.32 31.51
CA GLY E 69 -33.42 56.65 31.56
C GLY E 69 -32.59 55.81 32.51
N VAL E 70 -33.14 54.74 33.05
CA VAL E 70 -32.42 53.92 34.01
C VAL E 70 -31.47 53.00 33.27
N PHE E 71 -30.17 53.11 33.57
CA PHE E 71 -29.17 52.24 32.97
C PHE E 71 -28.27 51.62 34.03
N GLY E 72 -27.94 52.37 35.07
CA GLY E 72 -27.00 51.89 36.07
C GLY E 72 -27.12 52.67 37.36
N VAL E 73 -26.25 52.32 38.30
CA VAL E 73 -26.24 52.91 39.63
C VAL E 73 -24.89 53.56 39.87
N LEU E 74 -24.90 54.79 40.37
CA LEU E 74 -23.67 55.52 40.64
C LEU E 74 -23.09 55.09 41.97
N VAL E 75 -21.85 54.57 41.95
CA VAL E 75 -21.18 54.12 43.16
C VAL E 75 -19.79 54.73 43.23
N ASP E 76 -19.61 55.89 42.59
CA ASP E 76 -18.29 56.50 42.51
C ASP E 76 -17.75 56.79 43.92
N ARG E 77 -16.45 56.60 44.08
CA ARG E 77 -15.83 56.79 45.39
C ARG E 77 -15.87 58.24 45.84
N LYS E 78 -16.17 59.18 44.94
CA LYS E 78 -16.18 60.59 45.31
C LYS E 78 -17.48 61.00 45.99
N VAL E 79 -18.52 60.17 45.98
CA VAL E 79 -19.81 60.56 46.50
C VAL E 79 -20.30 59.56 47.54
N LEU E 80 -19.38 58.86 48.18
CA LEU E 80 -19.74 57.98 49.28
C LEU E 80 -19.99 58.81 50.54
N PRO E 81 -20.71 58.26 51.51
CA PRO E 81 -20.91 58.99 52.76
C PRO E 81 -19.58 59.31 53.42
N GLY E 82 -19.50 60.50 54.01
CA GLY E 82 -18.28 60.96 54.64
C GLY E 82 -17.31 61.65 53.73
N VAL E 83 -17.59 61.73 52.43
CA VAL E 83 -16.75 62.48 51.50
C VAL E 83 -17.22 63.92 51.51
N ASP E 84 -16.51 64.77 52.25
CA ASP E 84 -17.00 66.12 52.52
C ASP E 84 -16.16 67.18 51.81
N HIS E 85 -14.85 66.97 51.74
CA HIS E 85 -13.93 68.04 51.37
C HIS E 85 -13.72 68.16 49.86
N TYR E 86 -14.68 67.69 49.06
CA TYR E 86 -14.65 67.91 47.62
C TYR E 86 -15.40 69.20 47.29
N ILE E 87 -14.73 70.31 47.58
CA ILE E 87 -15.32 71.64 47.44
C ILE E 87 -14.39 72.50 46.60
N GLY E 88 -14.91 72.99 45.47
CA GLY E 88 -14.19 73.97 44.68
C GLY E 88 -13.14 73.37 43.76
N VAL E 89 -13.00 72.05 43.75
CA VAL E 89 -11.97 71.40 42.95
C VAL E 89 -12.48 71.22 41.52
N PHE E 90 -13.72 71.62 41.25
CA PHE E 90 -14.29 71.52 39.92
C PHE E 90 -15.00 72.81 39.57
N GLU E 91 -14.97 73.15 38.29
CA GLU E 91 -15.66 74.33 37.80
C GLU E 91 -17.11 73.99 37.43
N PRO E 92 -18.00 74.97 37.46
CA PRO E 92 -19.38 74.70 37.05
C PRO E 92 -19.45 74.25 35.60
N GLY E 93 -20.33 73.30 35.33
CA GLY E 93 -20.44 72.73 34.00
C GLY E 93 -19.33 71.78 33.63
N GLU E 94 -18.35 71.57 34.51
CA GLU E 94 -17.27 70.65 34.21
C GLU E 94 -17.78 69.22 34.18
N LYS E 95 -17.17 68.40 33.32
CA LYS E 95 -17.50 66.98 33.21
C LYS E 95 -16.29 66.16 33.62
N VAL E 96 -16.48 65.29 34.60
CA VAL E 96 -15.41 64.44 35.11
C VAL E 96 -15.88 63.00 35.16
N PRO E 97 -14.98 62.02 35.06
CA PRO E 97 -15.41 60.62 35.00
C PRO E 97 -16.06 60.15 36.30
N MET E 98 -17.14 59.39 36.15
CA MET E 98 -17.81 58.70 37.24
C MET E 98 -17.86 57.22 36.94
N VAL E 99 -17.81 56.41 37.98
CA VAL E 99 -17.89 54.95 37.84
C VAL E 99 -19.33 54.53 38.09
N LEU E 100 -19.83 53.59 37.28
CA LEU E 100 -21.17 53.06 37.43
C LEU E 100 -21.11 51.53 37.49
N ALA E 101 -22.04 50.95 38.23
CA ALA E 101 -22.22 49.50 38.26
C ALA E 101 -23.41 49.14 37.39
N VAL E 102 -23.23 48.12 36.55
CA VAL E 102 -24.20 47.78 35.51
C VAL E 102 -24.73 46.36 35.70
N ARG E 103 -23.85 45.37 35.73
CA ARG E 103 -24.25 43.98 35.64
C ARG E 103 -23.49 43.14 36.67
N GLY E 104 -24.10 42.03 37.04
CA GLY E 104 -23.51 41.12 38.01
C GLY E 104 -23.43 41.68 39.42
N LEU E 105 -24.50 42.33 39.88
CA LEU E 105 -24.53 42.89 41.22
C LEU E 105 -25.88 42.57 41.88
N THR E 106 -25.87 42.60 43.21
CA THR E 106 -27.08 42.57 44.01
C THR E 106 -27.22 43.93 44.68
N LEU E 107 -28.38 44.57 44.49
CA LEU E 107 -28.58 45.96 44.88
C LEU E 107 -29.59 46.04 46.00
N ASN E 108 -29.46 47.08 46.82
CA ASN E 108 -30.41 47.36 47.90
C ASN E 108 -31.60 48.10 47.29
N GLN E 109 -32.78 47.50 47.39
CA GLN E 109 -33.97 48.10 46.79
C GLN E 109 -34.31 49.44 47.42
N LEU E 110 -34.12 49.56 48.73
CA LEU E 110 -34.62 50.72 49.45
C LEU E 110 -33.83 52.00 49.20
N LYS E 111 -32.60 51.89 48.69
CA LYS E 111 -31.74 53.06 48.56
C LYS E 111 -31.58 53.57 47.14
N LEU E 112 -31.98 52.80 46.13
CA LEU E 112 -31.97 53.32 44.77
C LEU E 112 -33.02 54.41 44.63
N LYS E 113 -32.60 55.57 44.15
CA LYS E 113 -33.47 56.73 44.08
C LYS E 113 -33.25 57.47 42.77
N TYR E 114 -34.29 58.11 42.27
CA TYR E 114 -34.18 58.90 41.06
C TYR E 114 -33.35 60.15 41.34
N ALA E 115 -33.21 60.98 40.30
CA ALA E 115 -32.44 62.21 40.46
C ALA E 115 -33.01 63.09 41.58
N ASP E 116 -34.32 63.20 41.65
CA ASP E 116 -34.97 64.01 42.67
C ASP E 116 -34.90 63.38 44.07
N GLY E 117 -34.46 62.14 44.18
CA GLY E 117 -34.40 61.44 45.44
C GLY E 117 -35.55 60.47 45.67
N THR E 118 -36.58 60.49 44.82
CA THR E 118 -37.69 59.57 44.97
C THR E 118 -37.22 58.13 44.75
N ALA E 119 -37.84 57.21 45.49
CA ALA E 119 -37.49 55.80 45.36
C ALA E 119 -37.85 55.28 43.97
N ILE E 120 -37.12 54.27 43.53
CA ILE E 120 -37.28 53.72 42.19
C ILE E 120 -38.69 53.16 42.02
N ASP E 121 -39.34 53.54 40.93
CA ASP E 121 -40.66 53.01 40.60
C ASP E 121 -40.57 51.53 40.25
N ALA E 122 -41.67 50.80 40.44
CA ALA E 122 -41.67 49.38 40.11
C ALA E 122 -41.34 49.16 38.64
N ALA E 123 -41.92 49.96 37.75
CA ALA E 123 -41.61 49.84 36.33
C ALA E 123 -40.14 50.08 36.03
N GLY E 124 -39.46 50.86 36.87
CA GLY E 124 -38.04 51.10 36.68
C GLY E 124 -37.19 49.93 37.11
N ILE E 125 -37.66 49.18 38.11
CA ILE E 125 -36.89 48.05 38.61
C ILE E 125 -36.65 47.04 37.50
N GLN E 126 -37.56 46.97 36.53
CA GLN E 126 -37.42 46.01 35.45
C GLN E 126 -36.13 46.24 34.68
N ALA E 127 -35.79 47.51 34.43
CA ALA E 127 -34.58 47.81 33.68
C ALA E 127 -33.35 47.24 34.38
N LEU E 128 -33.21 47.50 35.68
CA LEU E 128 -32.07 46.97 36.42
C LEU E 128 -32.09 45.46 36.45
N GLU E 129 -33.25 44.86 36.74
CA GLU E 129 -33.35 43.41 36.76
C GLU E 129 -33.08 42.84 35.37
N ALA E 130 -33.52 43.54 34.34
CA ALA E 130 -33.43 43.01 32.99
C ALA E 130 -31.99 42.72 32.59
N GLN E 131 -31.07 43.63 32.91
CA GLN E 131 -29.73 43.52 32.33
C GLN E 131 -28.87 42.51 33.07
N GLY E 132 -28.44 42.85 34.28
CA GLY E 132 -27.56 41.97 35.03
C GLY E 132 -27.95 41.69 36.48
N ASN E 133 -28.66 42.62 37.10
CA ASN E 133 -28.60 42.79 38.55
C ASN E 133 -29.78 42.14 39.25
N GLN E 134 -29.57 41.86 40.53
CA GLN E 134 -30.61 41.42 41.45
C GLN E 134 -30.96 42.60 42.35
N VAL E 135 -32.26 42.93 42.42
CA VAL E 135 -32.76 44.01 43.26
C VAL E 135 -33.65 43.38 44.32
N THR E 136 -33.29 43.58 45.58
CA THR E 136 -33.98 42.91 46.68
C THR E 136 -34.17 43.88 47.84
N ASP E 137 -35.36 43.82 48.43
CA ASP E 137 -35.67 44.61 49.61
C ASP E 137 -35.61 43.81 50.90
N LYS E 138 -35.13 42.56 50.84
CA LYS E 138 -35.07 41.70 52.02
C LYS E 138 -33.87 42.11 52.86
N ILE E 139 -34.11 43.04 53.78
CA ILE E 139 -33.07 43.60 54.62
C ILE E 139 -33.51 43.48 56.08
N VAL E 140 -32.56 43.15 56.95
CA VAL E 140 -32.88 42.91 58.35
C VAL E 140 -33.20 44.20 59.10
N GLY E 141 -32.51 45.30 58.80
CA GLY E 141 -32.67 46.49 59.61
C GLY E 141 -31.88 46.37 60.90
N THR E 142 -32.18 47.27 61.84
CA THR E 142 -31.48 47.26 63.12
C THR E 142 -32.27 48.07 64.14
N GLN E 143 -32.12 47.69 65.40
CA GLN E 143 -32.72 48.38 66.53
C GLN E 143 -31.61 48.94 67.41
N PHE E 144 -31.82 50.14 67.94
CA PHE E 144 -30.77 50.82 68.68
C PHE E 144 -31.07 50.97 70.16
N ILE E 145 -32.17 51.63 70.50
CA ILE E 145 -32.53 51.90 71.89
C ILE E 145 -34.03 52.12 71.99
N GLY E 146 -34.59 51.81 73.15
CA GLY E 146 -36.01 51.94 73.34
C GLY E 146 -36.75 50.69 72.88
N SER E 147 -36.44 50.22 71.68
CA SER E 147 -37.06 49.03 71.14
C SER E 147 -36.39 47.79 71.72
N VAL E 148 -36.94 47.26 72.80
CA VAL E 148 -36.38 46.10 73.48
C VAL E 148 -36.19 44.94 72.51
N ALA F 2 -51.25 26.48 57.17
CA ALA F 2 -50.90 25.13 56.77
C ALA F 2 -51.53 24.14 57.75
N LYS F 3 -52.58 23.46 57.30
CA LYS F 3 -53.18 22.42 58.11
C LYS F 3 -52.19 21.27 58.32
N ALA F 4 -52.20 20.73 59.53
CA ALA F 4 -51.38 19.55 59.81
C ALA F 4 -52.12 18.30 59.38
N HIS F 5 -51.38 17.35 58.80
CA HIS F 5 -51.95 16.07 58.43
C HIS F 5 -52.09 15.21 59.68
N VAL F 6 -53.33 14.96 60.09
CA VAL F 6 -53.62 14.30 61.35
C VAL F 6 -54.58 13.15 61.08
N ALA F 7 -54.34 12.03 61.75
CA ALA F 7 -55.16 10.84 61.59
C ALA F 7 -55.60 10.33 62.96
N THR F 8 -56.76 9.70 62.99
CA THR F 8 -57.32 9.19 64.24
C THR F 8 -58.01 7.86 63.97
N LEU F 9 -58.06 7.01 64.99
CA LEU F 9 -58.64 5.68 64.90
C LEU F 9 -59.44 5.40 66.16
N GLU F 10 -60.57 4.72 65.99
CA GLU F 10 -61.40 4.32 67.12
C GLU F 10 -62.28 3.15 66.68
N GLY F 11 -62.31 2.09 67.49
CA GLY F 11 -63.19 0.97 67.25
C GLY F 11 -62.54 -0.16 66.50
N ASN F 12 -63.15 -1.33 66.64
CA ASN F 12 -62.63 -2.55 66.04
C ASN F 12 -63.82 -3.40 65.59
N TYR F 13 -63.54 -4.65 65.22
CA TYR F 13 -64.59 -5.64 65.00
C TYR F 13 -65.29 -6.00 66.30
N SER F 14 -64.53 -6.09 67.39
CA SER F 14 -65.05 -6.64 68.65
C SER F 14 -65.67 -5.57 69.55
N ASP F 15 -66.13 -4.46 68.96
CA ASP F 15 -66.93 -3.50 69.70
C ASP F 15 -68.18 -3.11 68.92
N ILE F 16 -68.47 -3.81 67.83
CA ILE F 16 -69.74 -3.70 67.12
C ILE F 16 -70.48 -5.03 67.14
N VAL F 17 -69.76 -6.14 67.03
CA VAL F 17 -70.31 -7.48 67.20
C VAL F 17 -69.69 -8.05 68.46
N LEU F 18 -70.42 -7.96 69.57
CA LEU F 18 -69.87 -8.25 70.89
C LEU F 18 -69.97 -9.72 71.28
N GLY F 19 -70.99 -10.43 70.80
CA GLY F 19 -71.16 -11.82 71.18
C GLY F 19 -71.71 -12.62 70.03
N ARG F 20 -71.31 -13.89 70.00
CA ARG F 20 -71.63 -14.78 68.89
C ARG F 20 -71.85 -16.18 69.43
N VAL F 21 -72.65 -16.96 68.71
CA VAL F 21 -72.85 -18.37 68.98
C VAL F 21 -72.09 -19.16 67.91
N VAL F 22 -71.08 -19.92 68.34
CA VAL F 22 -70.20 -20.62 67.43
C VAL F 22 -70.77 -22.01 67.19
N ALA F 23 -71.02 -22.33 65.93
CA ALA F 23 -71.54 -23.65 65.56
C ALA F 23 -70.38 -24.60 65.34
N PHE F 24 -70.42 -25.76 66.00
CA PHE F 24 -69.35 -26.73 65.86
C PHE F 24 -69.20 -27.21 64.42
N GLY F 25 -70.33 -27.42 63.74
CA GLY F 25 -70.30 -27.97 62.40
C GLY F 25 -69.98 -26.97 61.31
N ASP F 26 -70.16 -25.67 61.57
CA ASP F 26 -69.95 -24.67 60.52
C ASP F 26 -69.62 -23.34 61.19
N THR F 27 -68.35 -22.96 61.16
CA THR F 27 -67.95 -21.67 61.73
C THR F 27 -68.43 -20.49 60.92
N GLY F 28 -68.90 -20.71 59.69
CA GLY F 28 -69.47 -19.65 58.89
C GLY F 28 -70.97 -19.54 58.94
N TRP F 29 -71.58 -20.11 59.98
CA TRP F 29 -73.04 -20.14 60.05
C TRP F 29 -73.65 -18.75 60.19
N ASN F 30 -73.00 -17.87 60.94
CA ASN F 30 -73.60 -16.58 61.27
C ASN F 30 -73.65 -15.62 60.10
N PHE F 31 -72.72 -15.73 59.15
CA PHE F 31 -72.51 -14.69 58.15
C PHE F 31 -73.19 -15.03 56.83
N LYS F 32 -73.46 -14.00 56.05
CA LYS F 32 -73.89 -14.13 54.66
C LYS F 32 -73.04 -13.23 53.79
N GLU F 33 -72.83 -13.65 52.55
CA GLU F 33 -72.01 -12.94 51.59
C GLU F 33 -72.88 -12.33 50.50
N VAL F 34 -72.68 -11.04 50.24
CA VAL F 34 -73.43 -10.31 49.23
C VAL F 34 -72.48 -9.38 48.49
N ASP F 35 -72.95 -8.86 47.36
CA ASP F 35 -72.20 -7.89 46.60
C ASP F 35 -72.86 -6.51 46.67
N MET F 36 -72.03 -5.48 46.83
CA MET F 36 -72.51 -4.11 46.90
C MET F 36 -71.54 -3.20 46.18
N THR F 37 -72.06 -2.05 45.75
CA THR F 37 -71.21 -1.04 45.13
C THR F 37 -70.20 -0.52 46.15
N PHE F 38 -68.98 -0.25 45.70
CA PHE F 38 -67.94 0.29 46.56
C PHE F 38 -67.78 1.79 46.38
N ILE F 39 -67.58 2.24 45.15
CA ILE F 39 -67.57 3.66 44.81
C ILE F 39 -68.86 3.96 44.06
N ALA F 40 -69.61 4.94 44.56
CA ALA F 40 -70.95 5.19 44.06
C ALA F 40 -70.97 5.27 42.53
N ASP F 41 -72.13 4.95 41.95
CA ASP F 41 -72.29 5.06 40.51
C ASP F 41 -72.19 6.50 40.04
N ASP F 42 -72.57 7.45 40.89
CA ASP F 42 -72.58 8.86 40.52
C ASP F 42 -71.30 9.59 40.89
N ALA F 43 -70.34 8.91 41.50
CA ALA F 43 -69.13 9.55 42.02
C ALA F 43 -68.03 9.50 40.98
N ASP F 44 -66.91 10.17 41.32
CA ASP F 44 -65.79 10.27 40.41
C ASP F 44 -65.02 8.95 40.35
N ALA F 45 -64.05 8.90 39.43
CA ALA F 45 -63.22 7.72 39.29
C ALA F 45 -62.41 7.41 40.55
N ASP F 46 -62.12 8.42 41.37
CA ASP F 46 -61.47 8.22 42.65
C ASP F 46 -62.29 8.90 43.74
N SER F 47 -62.60 8.15 44.79
CA SER F 47 -63.38 8.67 45.90
C SER F 47 -63.39 7.64 47.01
N LYS F 48 -63.32 8.13 48.25
CA LYS F 48 -63.45 7.25 49.39
C LYS F 48 -64.87 6.72 49.48
N THR F 49 -64.99 5.41 49.65
CA THR F 49 -66.31 4.79 49.65
C THR F 49 -67.13 5.32 50.82
N THR F 50 -68.44 5.46 50.59
CA THR F 50 -69.36 6.02 51.56
C THR F 50 -69.89 4.97 52.54
N LEU F 51 -69.43 3.74 52.43
CA LEU F 51 -69.87 2.67 53.33
C LEU F 51 -69.02 2.68 54.59
N PHE F 52 -69.68 2.60 55.74
CA PHE F 52 -69.00 2.52 57.03
C PHE F 52 -69.57 1.35 57.80
N ALA F 53 -68.68 0.66 58.52
CA ALA F 53 -69.09 -0.55 59.24
C ALA F 53 -70.21 -0.23 60.21
N GLY F 54 -71.23 -1.09 60.21
CA GLY F 54 -72.42 -0.88 61.02
C GLY F 54 -73.61 -0.34 60.28
N VAL F 55 -73.48 -0.01 59.00
CA VAL F 55 -74.62 0.44 58.22
C VAL F 55 -75.48 -0.77 57.86
N LEU F 56 -76.77 -0.67 58.17
CA LEU F 56 -77.69 -1.78 57.92
C LEU F 56 -77.92 -1.96 56.44
N VAL F 57 -77.99 -3.23 56.02
CA VAL F 57 -78.15 -3.59 54.62
C VAL F 57 -79.37 -4.47 54.46
N GLY F 58 -80.10 -4.25 53.38
CA GLY F 58 -81.26 -5.06 53.07
C GLY F 58 -80.87 -6.47 52.68
N GLU F 59 -81.81 -7.14 52.02
CA GLU F 59 -81.59 -8.53 51.63
C GLU F 59 -80.32 -8.67 50.77
N ASP F 60 -80.20 -7.85 49.73
CA ASP F 60 -79.01 -7.84 48.89
C ASP F 60 -78.86 -6.47 48.26
N GLY F 61 -77.67 -5.90 48.38
CA GLY F 61 -77.36 -4.67 47.68
C GLY F 61 -77.61 -3.40 48.48
N THR F 62 -78.75 -2.77 48.23
CA THR F 62 -78.97 -1.40 48.68
C THR F 62 -78.87 -1.31 50.20
N PRO F 63 -78.08 -0.38 50.74
CA PRO F 63 -78.09 -0.15 52.19
C PRO F 63 -79.47 0.29 52.65
N ALA F 64 -79.79 -0.05 53.90
CA ALA F 64 -81.11 0.21 54.45
C ALA F 64 -81.36 1.71 54.53
N THR F 65 -82.40 2.17 53.83
CA THR F 65 -82.84 3.55 53.94
C THR F 65 -84.05 3.70 54.86
N ALA F 66 -84.73 2.60 55.18
CA ALA F 66 -85.90 2.64 56.05
C ALA F 66 -85.87 1.42 56.96
N ALA F 67 -86.59 1.51 58.06
CA ALA F 67 -86.58 0.45 59.06
C ALA F 67 -87.00 -0.89 58.47
N ALA F 68 -87.79 -0.88 57.39
CA ALA F 68 -88.25 -2.11 56.78
C ALA F 68 -87.19 -2.79 55.93
N GLY F 69 -86.14 -2.07 55.53
CA GLY F 69 -85.13 -2.63 54.67
C GLY F 69 -83.90 -3.11 55.42
N VAL F 70 -84.10 -3.69 56.60
CA VAL F 70 -83.03 -4.20 57.43
C VAL F 70 -83.08 -5.72 57.41
N PHE F 71 -81.99 -6.34 56.95
CA PHE F 71 -81.82 -7.78 56.99
C PHE F 71 -80.50 -8.20 57.62
N GLY F 72 -79.43 -7.43 57.42
CA GLY F 72 -78.14 -7.79 57.96
C GLY F 72 -77.32 -6.55 58.27
N VAL F 73 -76.14 -6.78 58.85
CA VAL F 73 -75.25 -5.71 59.29
C VAL F 73 -73.91 -5.88 58.57
N LEU F 74 -73.45 -4.82 57.93
CA LEU F 74 -72.17 -4.85 57.23
C LEU F 74 -71.03 -4.89 58.25
N VAL F 75 -70.15 -5.87 58.12
CA VAL F 75 -69.01 -6.03 59.02
C VAL F 75 -67.73 -6.39 58.29
N ASP F 76 -67.72 -6.36 56.96
CA ASP F 76 -66.57 -6.86 56.19
C ASP F 76 -65.28 -6.21 56.66
N ARG F 77 -64.17 -6.91 56.41
CA ARG F 77 -62.86 -6.44 56.85
C ARG F 77 -62.33 -5.30 56.00
N LYS F 78 -62.97 -5.00 54.87
CA LYS F 78 -62.51 -3.90 54.02
C LYS F 78 -63.10 -2.56 54.42
N VAL F 79 -63.85 -2.49 55.51
CA VAL F 79 -64.52 -1.25 55.90
C VAL F 79 -64.24 -0.93 57.36
N LEU F 80 -63.38 -1.73 57.99
CA LEU F 80 -63.03 -1.48 59.38
C LEU F 80 -62.14 -0.24 59.49
N PRO F 81 -62.09 0.38 60.66
CA PRO F 81 -61.21 1.55 60.83
C PRO F 81 -59.76 1.22 60.55
N GLY F 82 -59.06 2.15 59.90
CA GLY F 82 -57.67 1.96 59.57
C GLY F 82 -57.40 1.17 58.30
N VAL F 83 -58.45 0.76 57.59
CA VAL F 83 -58.30 -0.06 56.39
C VAL F 83 -58.61 0.79 55.17
N ASP F 84 -58.33 2.09 55.26
CA ASP F 84 -58.70 3.03 54.21
C ASP F 84 -57.96 2.81 52.90
N HIS F 85 -56.91 1.98 52.90
CA HIS F 85 -56.01 1.89 51.76
C HIS F 85 -56.66 1.36 50.49
N TYR F 86 -57.96 1.05 50.48
CA TYR F 86 -58.60 0.50 49.30
C TYR F 86 -59.05 1.58 48.33
N ILE F 87 -58.50 2.78 48.46
CA ILE F 87 -58.85 3.88 47.56
C ILE F 87 -58.35 3.59 46.16
N GLY F 88 -59.16 3.97 45.17
CA GLY F 88 -58.71 3.99 43.79
C GLY F 88 -58.65 2.64 43.11
N VAL F 89 -58.54 1.56 43.89
CA VAL F 89 -58.40 0.24 43.28
C VAL F 89 -59.65 -0.11 42.47
N PHE F 90 -60.82 0.18 43.00
CA PHE F 90 -62.07 -0.15 42.35
C PHE F 90 -62.50 0.98 41.42
N GLU F 91 -63.64 0.82 40.78
CA GLU F 91 -64.14 1.76 39.78
C GLU F 91 -65.59 2.06 40.06
N PRO F 92 -66.12 3.16 39.52
CA PRO F 92 -67.52 3.50 39.75
C PRO F 92 -68.44 2.38 39.28
N GLY F 93 -69.24 1.86 40.21
CA GLY F 93 -70.21 0.82 39.89
C GLY F 93 -69.68 -0.58 39.97
N GLU F 94 -68.51 -0.79 40.55
CA GLU F 94 -67.99 -2.15 40.72
C GLU F 94 -68.79 -2.85 41.80
N LYS F 95 -69.18 -4.10 41.53
CA LYS F 95 -69.96 -4.91 42.48
C LYS F 95 -68.99 -5.80 43.24
N VAL F 96 -68.30 -5.20 44.20
CA VAL F 96 -67.34 -5.95 45.01
C VAL F 96 -68.09 -6.76 46.07
N PRO F 97 -67.71 -8.01 46.32
CA PRO F 97 -68.40 -8.78 47.36
C PRO F 97 -68.17 -8.22 48.75
N MET F 98 -69.12 -8.47 49.63
CA MET F 98 -69.06 -8.03 51.02
C MET F 98 -69.61 -9.12 51.93
N VAL F 99 -69.36 -8.95 53.23
CA VAL F 99 -69.75 -9.93 54.23
C VAL F 99 -70.77 -9.28 55.16
N LEU F 100 -71.86 -9.98 55.42
CA LEU F 100 -72.88 -9.53 56.37
C LEU F 100 -72.95 -10.49 57.55
N ALA F 101 -73.54 -10.01 58.64
CA ALA F 101 -73.77 -10.81 59.83
C ALA F 101 -75.25 -10.78 60.17
N VAL F 102 -75.89 -11.95 60.19
CA VAL F 102 -77.35 -12.00 60.22
C VAL F 102 -77.92 -12.90 61.31
N ARG F 103 -77.13 -13.87 61.79
CA ARG F 103 -77.65 -14.91 62.66
C ARG F 103 -76.86 -15.01 63.95
N GLY F 104 -77.57 -15.16 65.06
CA GLY F 104 -76.95 -15.54 66.32
C GLY F 104 -75.87 -14.60 66.80
N LEU F 105 -76.15 -13.30 66.82
CA LEU F 105 -75.17 -12.29 67.19
C LEU F 105 -75.70 -11.42 68.32
N THR F 106 -74.76 -10.91 69.12
CA THR F 106 -75.03 -9.88 70.11
C THR F 106 -74.40 -8.58 69.61
N LEU F 107 -75.23 -7.60 69.28
CA LEU F 107 -74.80 -6.42 68.56
C LEU F 107 -74.91 -5.19 69.45
N ASN F 108 -74.03 -4.22 69.20
CA ASN F 108 -74.08 -2.94 69.89
C ASN F 108 -75.14 -2.07 69.23
N GLN F 109 -76.01 -1.45 70.03
CA GLN F 109 -77.03 -0.58 69.47
C GLN F 109 -76.46 0.78 69.10
N LEU F 110 -75.46 1.25 69.85
CA LEU F 110 -74.92 2.58 69.59
C LEU F 110 -74.24 2.68 68.23
N LYS F 111 -73.74 1.58 67.69
CA LYS F 111 -72.98 1.59 66.43
C LYS F 111 -73.80 1.14 65.24
N LEU F 112 -75.11 1.02 65.37
CA LEU F 112 -75.98 0.62 64.27
C LEU F 112 -76.71 1.85 63.77
N LYS F 113 -76.62 2.10 62.46
CA LYS F 113 -77.21 3.28 61.86
C LYS F 113 -77.67 2.95 60.44
N TYR F 114 -78.57 3.78 59.92
CA TYR F 114 -79.06 3.62 58.57
C TYR F 114 -78.02 4.13 57.57
N ALA F 115 -78.41 4.15 56.30
CA ALA F 115 -77.51 4.64 55.26
C ALA F 115 -77.16 6.10 55.48
N ASP F 116 -78.13 6.93 55.84
CA ASP F 116 -77.90 8.36 55.98
C ASP F 116 -77.22 8.73 57.29
N GLY F 117 -77.00 7.76 58.19
CA GLY F 117 -76.35 8.02 59.46
C GLY F 117 -77.27 8.09 60.65
N THR F 118 -78.59 8.12 60.44
CA THR F 118 -79.51 8.16 61.56
C THR F 118 -79.42 6.88 62.38
N ALA F 119 -79.70 7.01 63.67
CA ALA F 119 -79.62 5.86 64.57
C ALA F 119 -80.77 4.88 64.30
N ILE F 120 -80.52 3.61 64.62
CA ILE F 120 -81.52 2.58 64.39
C ILE F 120 -82.69 2.78 65.35
N ASP F 121 -83.91 2.56 64.86
CA ASP F 121 -85.11 2.82 65.62
C ASP F 121 -85.73 1.52 66.11
N ALA F 122 -86.90 1.65 66.75
CA ALA F 122 -87.54 0.50 67.39
C ALA F 122 -87.92 -0.58 66.38
N ALA F 123 -88.50 -0.17 65.24
CA ALA F 123 -88.92 -1.16 64.25
C ALA F 123 -87.72 -1.90 63.68
N GLY F 124 -86.65 -1.18 63.34
CA GLY F 124 -85.48 -1.83 62.78
C GLY F 124 -84.83 -2.77 63.76
N ILE F 125 -84.67 -2.33 65.01
CA ILE F 125 -84.02 -3.18 66.01
C ILE F 125 -84.88 -4.40 66.30
N GLN F 126 -86.21 -4.23 66.32
CA GLN F 126 -87.08 -5.38 66.47
C GLN F 126 -86.91 -6.36 65.31
N ALA F 127 -86.84 -5.85 64.08
CA ALA F 127 -86.64 -6.72 62.93
C ALA F 127 -85.31 -7.45 63.01
N LEU F 128 -84.25 -6.79 63.47
CA LEU F 128 -82.98 -7.46 63.63
C LEU F 128 -83.07 -8.60 64.66
N GLU F 129 -83.81 -8.38 65.75
CA GLU F 129 -83.99 -9.44 66.73
C GLU F 129 -84.79 -10.60 66.16
N ALA F 130 -85.58 -10.37 65.12
CA ALA F 130 -86.34 -11.45 64.51
C ALA F 130 -85.44 -12.49 63.86
N GLN F 131 -84.24 -12.10 63.43
CA GLN F 131 -83.30 -13.03 62.82
C GLN F 131 -82.63 -13.94 63.83
N GLY F 132 -82.79 -13.67 65.13
CA GLY F 132 -82.10 -14.44 66.15
C GLY F 132 -80.94 -13.71 66.79
N ASN F 133 -80.94 -12.38 66.77
CA ASN F 133 -79.89 -11.58 67.35
C ASN F 133 -80.34 -11.02 68.70
N GLN F 134 -79.40 -10.41 69.41
CA GLN F 134 -79.69 -9.63 70.60
C GLN F 134 -79.00 -8.28 70.49
N VAL F 135 -79.80 -7.22 70.42
CA VAL F 135 -79.29 -5.86 70.31
C VAL F 135 -79.43 -5.21 71.68
N THR F 136 -78.30 -4.97 72.33
CA THR F 136 -78.27 -4.54 73.73
C THR F 136 -77.67 -3.14 73.83
N ASP F 137 -78.17 -2.38 74.80
CA ASP F 137 -77.60 -1.08 75.14
C ASP F 137 -76.82 -1.10 76.45
N LYS F 138 -76.71 -2.26 77.09
CA LYS F 138 -75.98 -2.39 78.35
C LYS F 138 -74.48 -2.34 78.07
N ILE F 139 -74.01 -1.15 77.69
CA ILE F 139 -72.62 -0.93 77.36
C ILE F 139 -72.04 0.06 78.36
N VAL F 140 -71.00 -0.37 79.07
CA VAL F 140 -70.34 0.51 80.03
C VAL F 140 -69.71 1.71 79.34
N GLY F 141 -69.32 1.57 78.07
CA GLY F 141 -68.66 2.68 77.39
C GLY F 141 -67.32 2.97 78.04
N THR F 142 -66.84 4.18 77.84
CA THR F 142 -65.58 4.60 78.44
C THR F 142 -65.57 6.11 78.55
N GLN F 143 -64.73 6.61 79.45
CA GLN F 143 -64.58 8.04 79.69
C GLN F 143 -63.09 8.36 79.77
N PHE F 144 -62.66 9.35 79.00
CA PHE F 144 -61.25 9.62 78.80
C PHE F 144 -60.79 10.77 79.68
N ILE F 145 -59.56 11.23 79.46
CA ILE F 145 -58.99 12.34 80.21
C ILE F 145 -59.94 13.53 80.16
N GLY F 146 -59.95 14.33 81.22
CA GLY F 146 -60.85 15.45 81.33
C GLY F 146 -62.09 15.18 82.14
N SER F 147 -62.70 14.00 81.99
CA SER F 147 -63.84 13.66 82.82
C SER F 147 -63.38 13.41 84.24
N VAL F 148 -64.33 13.45 85.17
CA VAL F 148 -64.06 13.37 86.60
C VAL F 148 -64.32 11.94 87.06
N LEU F 149 -63.30 11.33 87.66
CA LEU F 149 -63.41 9.97 88.18
C LEU F 149 -62.72 9.86 89.54
N ALA G 2 15.47 40.04 -6.74
CA ALA G 2 15.46 40.21 -5.30
C ALA G 2 14.05 40.00 -4.74
N LYS G 3 13.58 38.75 -4.78
CA LYS G 3 12.36 38.34 -4.11
C LYS G 3 12.62 37.06 -3.35
N ALA G 4 12.17 37.04 -2.09
CA ALA G 4 12.30 35.88 -1.23
C ALA G 4 10.93 35.50 -0.68
N HIS G 5 10.76 34.21 -0.42
CA HIS G 5 9.51 33.69 0.10
C HIS G 5 9.46 33.98 1.60
N VAL G 6 8.53 34.83 2.02
CA VAL G 6 8.50 35.37 3.37
C VAL G 6 7.12 35.18 3.97
N ALA G 7 7.09 34.75 5.24
CA ALA G 7 5.85 34.58 5.99
C ALA G 7 5.98 35.29 7.33
N THR G 8 4.84 35.74 7.86
CA THR G 8 4.81 36.54 9.08
C THR G 8 3.61 36.13 9.93
N LEU G 9 3.73 36.37 11.23
CA LEU G 9 2.65 36.16 12.19
C LEU G 9 2.62 37.34 13.14
N GLU G 10 1.41 37.75 13.53
CA GLU G 10 1.26 39.01 14.26
C GLU G 10 0.68 38.85 15.66
N GLY G 11 -0.47 38.20 15.79
CA GLY G 11 -1.28 38.30 16.99
C GLY G 11 -1.52 36.96 17.64
N ASN G 12 -2.53 36.94 18.50
CA ASN G 12 -2.84 35.77 19.32
C ASN G 12 -4.35 35.69 19.54
N TYR G 13 -4.78 34.62 20.20
CA TYR G 13 -6.19 34.44 20.49
C TYR G 13 -6.65 35.32 21.65
N SER G 14 -5.79 35.49 22.65
CA SER G 14 -6.21 36.13 23.89
C SER G 14 -6.28 37.65 23.80
N ASP G 15 -5.97 38.24 22.65
CA ASP G 15 -6.09 39.69 22.47
C ASP G 15 -7.45 40.09 21.95
N ILE G 16 -8.38 39.16 21.76
CA ILE G 16 -9.74 39.47 21.35
C ILE G 16 -10.66 39.30 22.56
N VAL G 17 -10.57 38.15 23.21
CA VAL G 17 -11.29 37.88 24.45
C VAL G 17 -10.32 38.21 25.59
N LEU G 18 -10.30 39.48 26.00
CA LEU G 18 -9.37 39.92 27.04
C LEU G 18 -9.67 39.25 28.37
N GLY G 19 -10.95 39.15 28.72
CA GLY G 19 -11.34 38.52 29.96
C GLY G 19 -12.60 37.71 29.77
N ARG G 20 -12.83 36.78 30.68
CA ARG G 20 -13.95 35.86 30.56
C ARG G 20 -14.39 35.42 31.94
N VAL G 21 -15.70 35.42 32.16
CA VAL G 21 -16.27 34.88 33.40
C VAL G 21 -16.52 33.39 33.22
N VAL G 22 -15.96 32.58 34.11
CA VAL G 22 -16.07 31.13 34.03
C VAL G 22 -17.05 30.67 35.09
N ALA G 23 -18.02 29.86 34.69
CA ALA G 23 -19.05 29.37 35.60
C ALA G 23 -18.68 28.00 36.14
N PHE G 24 -18.92 27.79 37.43
CA PHE G 24 -18.63 26.49 38.04
C PHE G 24 -19.41 25.38 37.36
N GLY G 25 -20.70 25.59 37.14
CA GLY G 25 -21.52 24.53 36.55
C GLY G 25 -21.06 24.14 35.17
N ASP G 26 -20.78 25.13 34.32
CA ASP G 26 -20.31 24.89 32.97
C ASP G 26 -19.13 25.78 32.68
N THR G 27 -18.10 25.23 32.03
CA THR G 27 -17.03 26.06 31.49
C THR G 27 -17.33 26.53 30.07
N GLY G 28 -18.52 26.23 29.55
CA GLY G 28 -18.85 26.54 28.19
C GLY G 28 -20.23 27.13 28.01
N TRP G 29 -20.70 27.92 28.97
CA TRP G 29 -21.95 28.63 28.81
C TRP G 29 -21.77 30.04 28.23
N ASN G 30 -20.52 30.48 28.05
CA ASN G 30 -20.29 31.79 27.44
C ASN G 30 -20.52 31.73 25.93
N PHE G 31 -20.20 30.60 25.30
CA PHE G 31 -20.15 30.49 23.86
C PHE G 31 -21.46 29.97 23.30
N LYS G 32 -21.56 29.97 21.98
CA LYS G 32 -22.66 29.35 21.27
C LYS G 32 -22.13 28.85 19.94
N GLU G 33 -22.46 27.61 19.61
CA GLU G 33 -22.00 27.00 18.36
C GLU G 33 -23.04 27.24 17.27
N VAL G 34 -22.59 27.72 16.12
CA VAL G 34 -23.46 28.09 15.02
C VAL G 34 -22.97 27.41 13.75
N ASP G 35 -23.89 27.22 12.81
CA ASP G 35 -23.59 26.61 11.53
C ASP G 35 -23.30 27.73 10.52
N MET G 36 -22.08 27.76 9.99
CA MET G 36 -21.61 28.86 9.17
C MET G 36 -21.11 28.33 7.83
N THR G 37 -21.26 29.15 6.79
CA THR G 37 -20.69 28.82 5.49
C THR G 37 -19.23 29.23 5.46
N PHE G 38 -18.35 28.32 5.05
CA PHE G 38 -16.91 28.57 5.10
C PHE G 38 -16.40 29.20 3.80
N ILE G 39 -16.69 28.57 2.67
CA ILE G 39 -16.30 29.08 1.36
C ILE G 39 -17.57 29.52 0.63
N ALA G 40 -17.53 30.71 0.04
CA ALA G 40 -18.68 31.22 -0.67
C ALA G 40 -19.07 30.29 -1.81
N ASP G 41 -20.22 30.56 -2.41
CA ASP G 41 -20.73 29.72 -3.49
C ASP G 41 -20.15 30.07 -4.85
N ASP G 42 -19.28 31.08 -4.94
CA ASP G 42 -18.77 31.51 -6.23
C ASP G 42 -17.28 31.21 -6.36
N ALA G 43 -16.51 31.51 -5.32
CA ALA G 43 -15.07 31.26 -5.38
C ALA G 43 -14.79 29.78 -5.52
N ASP G 44 -13.86 29.44 -6.41
CA ASP G 44 -13.51 28.05 -6.63
C ASP G 44 -13.03 27.41 -5.34
N ALA G 45 -12.92 26.07 -5.36
CA ALA G 45 -12.63 25.33 -4.14
C ALA G 45 -11.29 25.76 -3.53
N ASP G 46 -10.26 25.91 -4.36
CA ASP G 46 -8.93 26.28 -3.88
C ASP G 46 -8.81 27.79 -3.78
N SER G 47 -9.41 28.34 -2.72
CA SER G 47 -9.31 29.76 -2.43
C SER G 47 -9.47 29.96 -0.93
N LYS G 48 -8.79 30.99 -0.42
CA LYS G 48 -8.78 31.24 1.02
C LYS G 48 -10.12 31.81 1.47
N THR G 49 -10.51 31.50 2.71
CA THR G 49 -11.75 32.01 3.26
C THR G 49 -11.61 33.51 3.54
N THR G 50 -12.75 34.21 3.48
CA THR G 50 -12.78 35.64 3.71
C THR G 50 -13.07 36.02 5.17
N LEU G 51 -13.41 35.07 6.02
CA LEU G 51 -13.69 35.38 7.41
C LEU G 51 -12.40 35.62 8.17
N PHE G 52 -12.54 36.25 9.34
CA PHE G 52 -11.42 36.47 10.24
C PHE G 52 -11.94 36.53 11.66
N ALA G 53 -11.03 36.35 12.62
CA ALA G 53 -11.40 36.43 14.02
C ALA G 53 -11.82 37.85 14.36
N GLY G 54 -12.97 37.99 15.01
CA GLY G 54 -13.52 39.29 15.36
C GLY G 54 -14.65 39.76 14.47
N VAL G 55 -15.10 38.94 13.52
CA VAL G 55 -16.20 39.36 12.65
C VAL G 55 -17.53 39.16 13.37
N LEU G 56 -18.33 40.21 13.43
CA LEU G 56 -19.64 40.13 14.05
C LEU G 56 -20.60 39.35 13.16
N VAL G 57 -21.32 38.41 13.79
CA VAL G 57 -22.26 37.56 13.08
C VAL G 57 -23.60 37.58 13.80
N GLY G 58 -24.66 37.30 13.04
CA GLY G 58 -25.97 37.12 13.63
C GLY G 58 -26.19 35.70 14.11
N GLU G 59 -27.35 35.47 14.71
CA GLU G 59 -27.66 34.13 15.20
C GLU G 59 -27.81 33.14 14.05
N ASP G 60 -28.38 33.57 12.93
CA ASP G 60 -28.58 32.69 11.78
C ASP G 60 -27.29 32.39 11.02
N GLY G 61 -26.13 32.81 11.53
CA GLY G 61 -24.86 32.54 10.88
C GLY G 61 -24.47 33.52 9.80
N THR G 62 -25.30 34.50 9.49
CA THR G 62 -24.94 35.50 8.49
C THR G 62 -24.01 36.53 9.11
N PRO G 63 -22.83 36.77 8.55
CA PRO G 63 -21.96 37.82 9.09
C PRO G 63 -22.68 39.15 9.15
N ALA G 64 -22.50 39.85 10.28
CA ALA G 64 -23.25 41.07 10.53
C ALA G 64 -22.88 42.15 9.52
N THR G 65 -23.88 42.90 9.08
CA THR G 65 -23.68 44.05 8.21
C THR G 65 -24.22 45.35 8.80
N ALA G 66 -24.95 45.27 9.91
CA ALA G 66 -25.51 46.45 10.54
C ALA G 66 -25.63 46.21 12.04
N ALA G 67 -25.74 47.31 12.78
CA ALA G 67 -25.82 47.22 14.24
C ALA G 67 -27.07 46.46 14.69
N ALA G 68 -28.08 46.36 13.84
CA ALA G 68 -29.33 45.72 14.22
C ALA G 68 -29.25 44.20 14.18
N GLY G 69 -28.18 43.63 13.63
CA GLY G 69 -28.07 42.19 13.50
C GLY G 69 -26.93 41.57 14.27
N VAL G 70 -26.18 42.40 15.00
CA VAL G 70 -25.03 41.89 15.76
C VAL G 70 -25.53 41.02 16.90
N PHE G 71 -24.99 39.81 17.00
CA PHE G 71 -25.36 38.90 18.07
C PHE G 71 -24.15 38.34 18.82
N GLY G 72 -23.04 38.10 18.13
CA GLY G 72 -21.87 37.54 18.78
C GLY G 72 -20.63 37.78 17.95
N VAL G 73 -19.50 37.36 18.51
CA VAL G 73 -18.19 37.49 17.89
C VAL G 73 -17.68 36.10 17.56
N LEU G 74 -17.19 35.91 16.35
CA LEU G 74 -16.65 34.63 15.91
C LEU G 74 -15.20 34.50 16.32
N VAL G 75 -14.90 33.54 17.19
CA VAL G 75 -13.55 33.35 17.71
C VAL G 75 -13.12 31.91 17.53
N ASP G 76 -13.69 31.23 16.54
CA ASP G 76 -13.39 29.82 16.32
C ASP G 76 -11.90 29.63 16.05
N ARG G 77 -11.40 28.44 16.37
CA ARG G 77 -9.97 28.15 16.23
C ARG G 77 -9.57 27.79 14.81
N LYS G 78 -10.52 27.68 13.87
CA LYS G 78 -10.17 27.39 12.49
C LYS G 78 -9.75 28.64 11.72
N VAL G 79 -10.02 29.83 12.25
CA VAL G 79 -9.73 31.07 11.55
C VAL G 79 -8.78 31.93 12.36
N LEU G 80 -8.13 31.34 13.36
CA LEU G 80 -7.14 32.08 14.12
C LEU G 80 -5.96 32.43 13.22
N PRO G 81 -5.24 33.51 13.53
CA PRO G 81 -4.09 33.87 12.71
C PRO G 81 -3.03 32.78 12.72
N GLY G 82 -2.40 32.57 11.57
CA GLY G 82 -1.29 31.65 11.48
C GLY G 82 -1.64 30.20 11.28
N VAL G 83 -2.82 29.89 10.73
CA VAL G 83 -3.19 28.51 10.45
C VAL G 83 -3.06 28.23 8.96
N ASP G 84 -3.88 28.87 8.13
CA ASP G 84 -3.67 28.92 6.69
C ASP G 84 -3.59 27.56 6.02
N HIS G 85 -3.96 26.48 6.72
CA HIS G 85 -3.81 25.14 6.13
C HIS G 85 -5.11 24.53 5.66
N TYR G 86 -6.22 25.27 5.66
CA TYR G 86 -7.51 24.73 5.25
C TYR G 86 -7.86 25.05 3.80
N ILE G 87 -6.90 25.57 3.02
CA ILE G 87 -7.19 25.90 1.63
C ILE G 87 -7.52 24.64 0.86
N GLY G 88 -8.64 24.66 0.15
CA GLY G 88 -9.02 23.58 -0.74
C GLY G 88 -9.61 22.36 -0.05
N VAL G 89 -9.81 22.39 1.27
CA VAL G 89 -10.36 21.23 1.96
C VAL G 89 -11.88 21.18 1.91
N PHE G 90 -12.55 22.32 1.79
CA PHE G 90 -14.00 22.39 1.70
C PHE G 90 -14.39 22.96 0.35
N GLU G 91 -15.24 22.24 -0.37
CA GLU G 91 -15.74 22.74 -1.63
C GLU G 91 -16.70 23.91 -1.39
N PRO G 92 -16.88 24.77 -2.38
CA PRO G 92 -17.74 25.95 -2.17
C PRO G 92 -19.15 25.55 -1.78
N GLY G 93 -19.75 26.33 -0.87
CA GLY G 93 -21.10 26.10 -0.44
C GLY G 93 -21.28 25.18 0.74
N GLU G 94 -20.20 24.57 1.24
CA GLU G 94 -20.33 23.72 2.41
C GLU G 94 -20.64 24.56 3.64
N LYS G 95 -21.18 23.91 4.67
CA LYS G 95 -21.57 24.57 5.90
C LYS G 95 -20.91 23.85 7.06
N VAL G 96 -20.13 24.59 7.86
CA VAL G 96 -19.31 24.00 8.92
C VAL G 96 -19.65 24.68 10.24
N PRO G 97 -19.66 23.97 11.36
CA PRO G 97 -19.94 24.61 12.65
C PRO G 97 -18.82 25.57 13.06
N MET G 98 -19.20 26.63 13.76
CA MET G 98 -18.24 27.62 14.25
C MET G 98 -18.63 28.02 15.67
N VAL G 99 -17.61 28.32 16.48
CA VAL G 99 -17.80 28.67 17.88
C VAL G 99 -17.90 30.19 17.99
N LEU G 100 -19.05 30.68 18.41
CA LEU G 100 -19.20 32.09 18.72
C LEU G 100 -19.04 32.33 20.22
N ALA G 101 -18.67 33.56 20.56
CA ALA G 101 -18.58 33.98 21.95
C ALA G 101 -19.63 35.05 22.21
N VAL G 102 -20.48 34.81 23.20
CA VAL G 102 -21.70 35.61 23.37
C VAL G 102 -21.75 36.30 24.71
N ARG G 103 -21.74 35.54 25.80
CA ARG G 103 -22.05 36.07 27.12
C ARG G 103 -20.82 36.05 28.02
N GLY G 104 -20.79 36.98 28.97
CA GLY G 104 -19.76 36.97 30.00
C GLY G 104 -18.36 37.18 29.49
N LEU G 105 -18.15 38.18 28.63
CA LEU G 105 -16.84 38.46 28.06
C LEU G 105 -16.52 39.94 28.14
N THR G 106 -15.22 40.23 28.21
CA THR G 106 -14.69 41.57 28.02
C THR G 106 -13.97 41.60 26.69
N LEU G 107 -14.56 42.27 25.70
CA LEU G 107 -14.14 42.17 24.32
C LEU G 107 -13.42 43.44 23.87
N ASN G 108 -12.31 43.25 23.17
CA ASN G 108 -11.61 44.37 22.55
C ASN G 108 -12.51 45.01 21.50
N GLN G 109 -12.36 46.33 21.34
CA GLN G 109 -13.13 47.03 20.30
C GLN G 109 -12.31 47.23 19.04
N LEU G 110 -10.99 47.45 19.18
CA LEU G 110 -10.17 47.78 18.03
C LEU G 110 -10.05 46.64 17.04
N LYS G 111 -10.43 45.42 17.44
CA LYS G 111 -10.35 44.26 16.56
C LYS G 111 -11.71 43.75 16.10
N LEU G 112 -12.79 44.19 16.72
CA LEU G 112 -14.13 43.85 16.25
C LEU G 112 -14.43 44.60 14.97
N LYS G 113 -15.06 43.91 14.02
CA LYS G 113 -15.32 44.51 12.72
C LYS G 113 -16.58 43.89 12.13
N TYR G 114 -17.19 44.61 11.19
CA TYR G 114 -18.34 44.10 10.47
C TYR G 114 -17.88 43.16 9.36
N ALA G 115 -18.81 42.80 8.47
CA ALA G 115 -18.51 41.82 7.44
C ALA G 115 -17.36 42.28 6.54
N ASP G 116 -17.35 43.54 6.14
CA ASP G 116 -16.37 44.04 5.17
C ASP G 116 -15.10 44.53 5.82
N GLY G 117 -14.98 44.48 7.14
CA GLY G 117 -13.82 44.99 7.85
C GLY G 117 -14.02 46.35 8.49
N THR G 118 -15.17 46.99 8.25
CA THR G 118 -15.45 48.27 8.88
C THR G 118 -15.53 48.11 10.39
N ALA G 119 -15.13 49.16 11.10
CA ALA G 119 -15.13 49.12 12.55
C ALA G 119 -16.57 49.12 13.08
N ILE G 120 -16.69 48.77 14.37
CA ILE G 120 -18.01 48.65 14.98
C ILE G 120 -18.58 50.04 15.24
N ASP G 121 -19.82 50.25 14.83
CA ASP G 121 -20.48 51.53 15.06
C ASP G 121 -20.84 51.68 16.53
N ALA G 122 -20.93 52.94 16.97
CA ALA G 122 -21.26 53.21 18.37
C ALA G 122 -22.62 52.65 18.75
N ALA G 123 -23.57 52.62 17.82
CA ALA G 123 -24.88 52.04 18.08
C ALA G 123 -24.87 50.52 17.97
N GLY G 124 -23.77 49.92 17.51
CA GLY G 124 -23.64 48.48 17.47
C GLY G 124 -23.12 47.94 18.77
N ILE G 125 -22.53 48.82 19.59
CA ILE G 125 -22.08 48.41 20.92
C ILE G 125 -23.27 48.07 21.80
N GLN G 126 -24.40 48.77 21.60
CA GLN G 126 -25.58 48.50 22.41
C GLN G 126 -26.06 47.07 22.24
N ALA G 127 -26.08 46.57 21.01
CA ALA G 127 -26.52 45.19 20.78
C ALA G 127 -25.59 44.20 21.44
N LEU G 128 -24.28 44.41 21.36
CA LEU G 128 -23.32 43.50 21.95
C LEU G 128 -23.32 43.55 23.47
N GLU G 129 -23.65 44.68 24.05
CA GLU G 129 -23.75 44.77 25.51
C GLU G 129 -25.09 44.29 26.03
N ALA G 130 -26.08 44.08 25.15
CA ALA G 130 -27.34 43.48 25.57
C ALA G 130 -27.12 42.04 26.04
N GLN G 131 -26.12 41.35 25.49
CA GLN G 131 -25.76 40.01 25.94
C GLN G 131 -24.99 40.02 27.25
N GLY G 132 -24.66 41.19 27.78
CA GLY G 132 -23.87 41.26 29.00
C GLY G 132 -22.39 41.07 28.74
N ASN G 133 -21.79 41.98 27.98
CA ASN G 133 -20.37 41.97 27.71
C ASN G 133 -19.85 43.41 27.74
N GLN G 134 -18.55 43.54 27.97
CA GLN G 134 -17.92 44.85 28.03
C GLN G 134 -17.08 45.09 26.79
N VAL G 135 -17.32 46.22 26.13
CA VAL G 135 -16.53 46.65 24.98
C VAL G 135 -15.59 47.74 25.47
N THR G 136 -14.31 47.42 25.58
CA THR G 136 -13.32 48.30 26.18
C THR G 136 -12.28 48.70 25.15
N ASP G 137 -11.88 49.96 25.18
CA ASP G 137 -10.83 50.48 24.31
C ASP G 137 -9.52 50.71 25.05
N LYS G 138 -9.49 50.52 26.36
CA LYS G 138 -8.29 50.81 27.15
C LYS G 138 -7.27 49.68 26.95
N ILE G 139 -6.66 49.71 25.78
CA ILE G 139 -5.65 48.73 25.38
C ILE G 139 -4.33 49.47 25.21
N VAL G 140 -3.32 49.07 25.98
CA VAL G 140 -2.04 49.75 25.94
C VAL G 140 -1.42 49.69 24.55
N GLY G 141 -1.63 48.61 23.82
CA GLY G 141 -0.99 48.49 22.53
C GLY G 141 0.50 48.18 22.72
N THR G 142 1.24 48.32 21.63
CA THR G 142 2.66 48.04 21.67
C THR G 142 3.35 48.82 20.55
N GLN G 143 4.65 49.02 20.72
CA GLN G 143 5.46 49.78 19.78
C GLN G 143 6.80 49.09 19.61
N PHE G 144 7.18 48.81 18.37
CA PHE G 144 8.34 47.99 18.05
C PHE G 144 9.53 48.87 17.68
N ILE G 145 10.59 48.21 17.19
CA ILE G 145 11.84 48.91 16.93
C ILE G 145 11.61 50.07 15.99
N GLY G 146 12.52 51.05 16.04
CA GLY G 146 12.37 52.28 15.31
C GLY G 146 11.60 53.35 16.05
N SER G 147 10.89 52.97 17.12
CA SER G 147 10.17 53.94 17.92
C SER G 147 10.96 54.30 19.17
N VAL G 148 10.74 55.51 19.66
CA VAL G 148 11.34 55.96 20.91
C VAL G 148 10.56 55.32 22.06
N LEU G 149 11.11 55.40 23.27
CA LEU G 149 10.52 54.76 24.44
C LEU G 149 10.81 53.27 24.43
N ALA H 2 -86.86 -110.15 -9.56
CA ALA H 2 -85.88 -110.29 -8.48
C ALA H 2 -84.52 -110.65 -9.06
N LYS H 3 -83.98 -109.72 -9.84
CA LYS H 3 -82.76 -109.98 -10.59
C LYS H 3 -81.64 -110.43 -9.67
N ALA H 4 -80.92 -111.46 -10.10
CA ALA H 4 -79.66 -111.83 -9.49
C ALA H 4 -78.53 -111.47 -10.46
N HIS H 5 -77.88 -110.33 -10.22
CA HIS H 5 -76.92 -109.80 -11.17
C HIS H 5 -75.85 -110.84 -11.47
N VAL H 6 -75.52 -110.98 -12.76
CA VAL H 6 -74.55 -111.96 -13.23
C VAL H 6 -73.56 -111.29 -14.16
N ALA H 7 -72.30 -111.69 -14.05
CA ALA H 7 -71.27 -111.31 -15.02
C ALA H 7 -70.61 -112.57 -15.54
N THR H 8 -70.05 -112.48 -16.75
CA THR H 8 -69.53 -113.65 -17.43
C THR H 8 -68.39 -113.25 -18.34
N LEU H 9 -67.61 -114.25 -18.75
CA LEU H 9 -66.55 -114.06 -19.72
C LEU H 9 -66.29 -115.38 -20.42
N GLU H 10 -65.65 -115.30 -21.59
CA GLU H 10 -65.30 -116.48 -22.38
C GLU H 10 -63.99 -116.24 -23.11
N GLY H 11 -63.11 -117.23 -23.07
CA GLY H 11 -61.86 -117.17 -23.81
C GLY H 11 -60.78 -116.37 -23.10
N ASN H 12 -59.58 -116.44 -23.67
CA ASN H 12 -58.43 -115.72 -23.14
C ASN H 12 -57.70 -115.09 -24.32
N TYR H 13 -56.54 -114.49 -24.04
CA TYR H 13 -55.64 -114.09 -25.12
C TYR H 13 -54.94 -115.31 -25.71
N SER H 14 -54.48 -116.21 -24.84
CA SER H 14 -53.76 -117.38 -25.30
C SER H 14 -54.70 -118.53 -25.62
N ASP H 15 -55.76 -118.25 -26.37
CA ASP H 15 -56.54 -119.28 -27.04
C ASP H 15 -56.88 -118.90 -28.46
N ILE H 16 -56.74 -117.63 -28.83
CA ILE H 16 -56.77 -117.19 -30.22
C ILE H 16 -55.39 -117.29 -30.86
N VAL H 17 -54.35 -117.01 -30.08
CA VAL H 17 -52.98 -117.22 -30.49
C VAL H 17 -52.46 -118.46 -29.75
N LEU H 18 -52.44 -119.59 -30.44
CA LEU H 18 -52.03 -120.85 -29.86
C LEU H 18 -50.51 -120.96 -29.69
N GLY H 19 -49.75 -120.09 -30.35
CA GLY H 19 -48.31 -120.10 -30.23
C GLY H 19 -47.66 -119.05 -31.10
N ARG H 20 -46.40 -118.73 -30.80
CA ARG H 20 -45.66 -117.70 -31.51
C ARG H 20 -44.35 -118.28 -32.03
N VAL H 21 -43.68 -117.50 -32.87
CA VAL H 21 -42.27 -117.73 -33.18
C VAL H 21 -41.48 -116.57 -32.60
N VAL H 22 -40.64 -116.87 -31.60
CA VAL H 22 -39.98 -115.85 -30.80
C VAL H 22 -38.71 -115.43 -31.53
N ALA H 23 -38.77 -114.28 -32.18
CA ALA H 23 -37.59 -113.69 -32.81
C ALA H 23 -36.66 -113.22 -31.71
N PHE H 24 -35.49 -113.84 -31.61
CA PHE H 24 -34.55 -113.48 -30.55
C PHE H 24 -34.18 -112.00 -30.62
N GLY H 25 -33.93 -111.49 -31.82
CA GLY H 25 -33.45 -110.14 -32.00
C GLY H 25 -34.37 -109.07 -31.44
N ASP H 26 -35.67 -109.33 -31.37
CA ASP H 26 -36.61 -108.35 -30.82
C ASP H 26 -37.82 -109.07 -30.21
N THR H 27 -38.90 -108.33 -29.96
CA THR H 27 -40.13 -108.95 -29.51
C THR H 27 -41.32 -108.42 -30.30
N GLY H 28 -41.09 -107.40 -31.12
CA GLY H 28 -42.15 -106.78 -31.88
C GLY H 28 -42.21 -107.24 -33.32
N TRP H 29 -41.48 -108.30 -33.65
CA TRP H 29 -41.45 -108.78 -35.03
C TRP H 29 -42.83 -109.22 -35.51
N ASN H 30 -43.56 -109.95 -34.67
CA ASN H 30 -44.79 -110.57 -35.11
C ASN H 30 -45.93 -109.58 -35.28
N PHE H 31 -45.91 -108.47 -34.55
CA PHE H 31 -47.06 -107.59 -34.42
C PHE H 31 -46.91 -106.35 -35.30
N LYS H 32 -48.01 -105.63 -35.46
CA LYS H 32 -48.04 -104.33 -36.11
C LYS H 32 -49.04 -103.48 -35.37
N GLU H 33 -48.71 -102.19 -35.19
CA GLU H 33 -49.55 -101.27 -34.45
C GLU H 33 -50.40 -100.46 -35.41
N VAL H 34 -51.73 -100.52 -35.25
CA VAL H 34 -52.66 -99.85 -36.13
C VAL H 34 -53.57 -98.96 -35.29
N ASP H 35 -54.17 -97.97 -35.94
CA ASP H 35 -54.97 -96.95 -35.28
C ASP H 35 -56.41 -97.06 -35.75
N MET H 36 -57.34 -97.24 -34.81
CA MET H 36 -58.74 -97.48 -35.12
C MET H 36 -59.63 -96.65 -34.21
N THR H 37 -60.89 -96.53 -34.62
CA THR H 37 -61.89 -95.86 -33.81
C THR H 37 -62.47 -96.82 -32.77
N PHE H 38 -62.38 -96.44 -31.50
CA PHE H 38 -62.78 -97.33 -30.43
C PHE H 38 -64.29 -97.33 -30.25
N ILE H 39 -64.86 -96.19 -29.85
CA ILE H 39 -66.30 -96.09 -29.68
C ILE H 39 -66.93 -95.82 -31.03
N ALA H 40 -68.15 -96.34 -31.23
CA ALA H 40 -68.85 -96.14 -32.50
C ALA H 40 -68.88 -94.67 -32.86
N ASP H 41 -69.05 -94.38 -34.15
CA ASP H 41 -69.00 -93.00 -34.63
C ASP H 41 -70.24 -92.19 -34.28
N ASP H 42 -71.35 -92.84 -33.97
CA ASP H 42 -72.60 -92.13 -33.73
C ASP H 42 -73.13 -92.38 -32.33
N ALA H 43 -72.85 -93.57 -31.79
CA ALA H 43 -73.37 -93.92 -30.47
C ALA H 43 -72.78 -93.01 -29.41
N ASP H 44 -73.56 -92.80 -28.34
CA ASP H 44 -73.13 -91.94 -27.25
C ASP H 44 -71.88 -92.51 -26.58
N ALA H 45 -71.34 -91.75 -25.62
CA ALA H 45 -70.18 -92.22 -24.87
C ALA H 45 -70.64 -93.18 -23.77
N ASP H 46 -71.38 -94.22 -24.16
CA ASP H 46 -71.89 -95.20 -23.21
C ASP H 46 -71.72 -96.62 -23.74
N SER H 47 -71.61 -96.77 -25.06
CA SER H 47 -71.72 -98.07 -25.71
C SER H 47 -70.37 -98.79 -25.64
N LYS H 48 -70.39 -100.01 -25.12
CA LYS H 48 -69.24 -100.90 -25.25
C LYS H 48 -69.04 -101.20 -26.73
N THR H 49 -67.87 -100.90 -27.27
CA THR H 49 -67.68 -100.96 -28.71
C THR H 49 -67.73 -102.40 -29.21
N THR H 50 -67.91 -102.54 -30.51
CA THR H 50 -68.00 -103.84 -31.17
C THR H 50 -66.64 -104.29 -31.69
N LEU H 51 -65.67 -104.44 -30.80
CA LEU H 51 -64.32 -104.83 -31.20
C LEU H 51 -63.85 -106.05 -30.42
N PHE H 52 -64.70 -107.08 -30.35
CA PHE H 52 -64.31 -108.29 -29.64
C PHE H 52 -63.01 -108.85 -30.21
N ALA H 53 -62.12 -109.27 -29.32
CA ALA H 53 -60.83 -109.82 -29.76
C ALA H 53 -61.06 -111.00 -30.69
N GLY H 54 -60.26 -111.07 -31.74
CA GLY H 54 -60.43 -112.09 -32.76
C GLY H 54 -61.09 -111.63 -34.03
N VAL H 55 -61.36 -110.33 -34.17
CA VAL H 55 -61.93 -109.80 -35.40
C VAL H 55 -60.81 -109.52 -36.39
N LEU H 56 -61.10 -109.69 -37.68
CA LEU H 56 -60.11 -109.46 -38.73
C LEU H 56 -60.25 -108.04 -39.27
N VAL H 57 -59.13 -107.33 -39.31
CA VAL H 57 -59.09 -105.93 -39.72
C VAL H 57 -58.20 -105.79 -40.94
N GLY H 58 -58.42 -104.70 -41.68
CA GLY H 58 -57.69 -104.47 -42.91
C GLY H 58 -56.30 -103.89 -42.69
N GLU H 59 -55.73 -103.32 -43.76
CA GLU H 59 -54.39 -102.74 -43.65
C GLU H 59 -54.44 -101.38 -42.95
N ASP H 60 -55.50 -100.62 -43.18
CA ASP H 60 -55.67 -99.30 -42.57
C ASP H 60 -56.52 -99.32 -41.32
N GLY H 61 -56.79 -100.51 -40.77
CA GLY H 61 -57.50 -100.61 -39.52
C GLY H 61 -59.00 -100.74 -39.64
N THR H 62 -59.58 -100.49 -40.80
CA THR H 62 -61.03 -100.67 -40.87
C THR H 62 -61.35 -102.16 -40.76
N PRO H 63 -62.40 -102.53 -40.01
CA PRO H 63 -62.72 -103.94 -39.85
C PRO H 63 -63.04 -104.61 -41.17
N ALA H 64 -62.63 -105.87 -41.28
CA ALA H 64 -62.81 -106.63 -42.51
C ALA H 64 -64.28 -107.00 -42.71
N THR H 65 -64.65 -107.22 -43.97
CA THR H 65 -65.97 -107.70 -44.33
C THR H 65 -65.94 -108.89 -45.27
N ALA H 66 -64.86 -109.10 -46.01
CA ALA H 66 -64.72 -110.27 -46.88
C ALA H 66 -63.25 -110.67 -46.89
N ALA H 67 -62.95 -111.74 -47.63
CA ALA H 67 -61.58 -112.23 -47.68
C ALA H 67 -60.63 -111.22 -48.30
N ALA H 68 -61.13 -110.28 -49.08
CA ALA H 68 -60.25 -109.30 -49.74
C ALA H 68 -59.53 -108.44 -48.70
N GLY H 69 -60.28 -107.84 -47.78
CA GLY H 69 -59.71 -106.93 -46.82
C GLY H 69 -59.32 -107.60 -45.51
N VAL H 70 -58.39 -108.53 -45.56
CA VAL H 70 -57.89 -109.23 -44.38
C VAL H 70 -56.39 -108.97 -44.27
N PHE H 71 -55.96 -108.45 -43.14
CA PHE H 71 -54.54 -108.22 -42.90
C PHE H 71 -54.05 -108.79 -41.57
N GLY H 72 -54.87 -108.75 -40.53
CA GLY H 72 -54.40 -109.18 -39.23
C GLY H 72 -55.54 -109.48 -38.29
N VAL H 73 -55.17 -109.93 -37.09
CA VAL H 73 -56.12 -110.33 -36.06
C VAL H 73 -55.95 -109.41 -34.86
N LEU H 74 -57.04 -108.79 -34.43
CA LEU H 74 -56.98 -107.86 -33.31
C LEU H 74 -56.81 -108.62 -32.00
N VAL H 75 -55.72 -108.32 -31.28
CA VAL H 75 -55.45 -108.99 -30.01
C VAL H 75 -55.08 -107.97 -28.93
N ASP H 76 -55.54 -106.73 -29.08
CA ASP H 76 -55.19 -105.71 -28.11
C ASP H 76 -55.78 -106.02 -26.75
N ARG H 77 -55.02 -105.69 -25.70
CA ARG H 77 -55.47 -105.98 -24.34
C ARG H 77 -56.74 -105.22 -23.99
N LYS H 78 -56.96 -104.07 -24.61
CA LYS H 78 -58.14 -103.26 -24.27
C LYS H 78 -59.43 -103.85 -24.78
N VAL H 79 -59.44 -105.00 -25.45
CA VAL H 79 -60.68 -105.60 -25.90
C VAL H 79 -60.74 -107.09 -25.53
N LEU H 80 -59.81 -107.53 -24.68
CA LEU H 80 -59.84 -108.91 -24.24
C LEU H 80 -61.08 -109.16 -23.39
N PRO H 81 -61.60 -110.39 -23.39
CA PRO H 81 -62.76 -110.70 -22.54
C PRO H 81 -62.45 -110.40 -21.07
N GLY H 82 -63.40 -109.76 -20.41
CA GLY H 82 -63.25 -109.37 -19.03
C GLY H 82 -62.67 -107.98 -18.82
N VAL H 83 -62.06 -107.39 -19.84
CA VAL H 83 -61.48 -106.05 -19.73
C VAL H 83 -62.54 -105.04 -20.14
N ASP H 84 -63.34 -104.57 -19.17
CA ASP H 84 -64.49 -103.74 -19.50
C ASP H 84 -64.61 -102.54 -18.58
N HIS H 85 -63.50 -101.99 -18.09
CA HIS H 85 -63.57 -100.73 -17.36
C HIS H 85 -63.49 -99.52 -18.29
N TYR H 86 -63.38 -99.73 -19.60
CA TYR H 86 -63.46 -98.65 -20.58
C TYR H 86 -64.89 -98.53 -21.06
N ILE H 87 -65.61 -97.52 -20.59
CA ILE H 87 -66.94 -97.21 -21.11
C ILE H 87 -67.00 -95.75 -21.51
N GLY H 88 -66.73 -94.86 -20.57
CA GLY H 88 -66.83 -93.44 -20.86
C GLY H 88 -65.50 -92.78 -21.18
N VAL H 89 -64.41 -93.56 -21.13
CA VAL H 89 -63.08 -93.01 -21.32
C VAL H 89 -62.86 -92.42 -22.70
N PHE H 90 -63.68 -92.78 -23.68
CA PHE H 90 -63.51 -92.32 -25.05
C PHE H 90 -64.78 -91.67 -25.56
N GLU H 91 -64.60 -90.56 -26.27
CA GLU H 91 -65.72 -89.88 -26.91
C GLU H 91 -66.03 -90.52 -28.25
N PRO H 92 -67.25 -90.32 -28.77
CA PRO H 92 -67.57 -90.87 -30.09
C PRO H 92 -66.63 -90.32 -31.16
N GLY H 93 -66.21 -91.20 -32.05
CA GLY H 93 -65.26 -90.83 -33.07
C GLY H 93 -63.82 -90.76 -32.61
N GLU H 94 -63.56 -90.91 -31.31
CA GLU H 94 -62.19 -90.89 -30.83
C GLU H 94 -61.43 -92.07 -31.41
N LYS H 95 -60.16 -91.84 -31.74
CA LYS H 95 -59.38 -92.78 -32.52
C LYS H 95 -58.11 -93.13 -31.76
N VAL H 96 -57.88 -94.43 -31.55
CA VAL H 96 -56.84 -94.90 -30.63
C VAL H 96 -56.01 -95.95 -31.32
N PRO H 97 -54.74 -96.09 -30.92
CA PRO H 97 -53.91 -97.17 -31.45
C PRO H 97 -54.39 -98.55 -31.02
N MET H 98 -53.99 -99.55 -31.78
CA MET H 98 -54.38 -100.94 -31.52
C MET H 98 -53.27 -101.85 -32.01
N VAL H 99 -53.34 -103.12 -31.59
CA VAL H 99 -52.28 -104.09 -31.86
C VAL H 99 -52.85 -105.22 -32.70
N LEU H 100 -52.15 -105.56 -33.79
CA LEU H 100 -52.51 -106.68 -34.64
C LEU H 100 -51.35 -107.66 -34.72
N ALA H 101 -51.67 -108.94 -34.82
CA ALA H 101 -50.66 -110.00 -34.95
C ALA H 101 -50.72 -110.54 -36.37
N VAL H 102 -49.54 -110.60 -37.02
CA VAL H 102 -49.50 -110.82 -38.46
C VAL H 102 -48.60 -111.98 -38.84
N ARG H 103 -47.33 -111.93 -38.42
CA ARG H 103 -46.30 -112.84 -38.92
C ARG H 103 -45.95 -113.91 -37.90
N GLY H 104 -45.64 -115.10 -38.39
CA GLY H 104 -45.07 -116.16 -37.57
C GLY H 104 -45.95 -116.55 -36.39
N LEU H 105 -47.23 -116.77 -36.64
CA LEU H 105 -48.19 -117.01 -35.57
C LEU H 105 -49.00 -118.25 -35.89
N THR H 106 -49.49 -118.90 -34.84
CA THR H 106 -50.42 -120.02 -34.96
C THR H 106 -51.80 -119.53 -34.54
N LEU H 107 -52.78 -119.70 -35.41
CA LEU H 107 -54.09 -119.08 -35.24
C LEU H 107 -55.17 -120.14 -35.12
N ASN H 108 -56.09 -119.93 -34.17
CA ASN H 108 -57.24 -120.80 -33.98
C ASN H 108 -58.27 -120.49 -35.06
N GLN H 109 -58.61 -121.49 -35.88
CA GLN H 109 -59.58 -121.29 -36.94
C GLN H 109 -60.99 -121.06 -36.39
N LEU H 110 -61.26 -121.54 -35.18
CA LEU H 110 -62.60 -121.44 -34.63
C LEU H 110 -62.93 -120.08 -34.05
N LYS H 111 -61.92 -119.23 -33.82
CA LYS H 111 -62.17 -117.94 -33.19
C LYS H 111 -62.23 -116.81 -34.21
N LEU H 112 -61.51 -116.95 -35.32
CA LEU H 112 -61.47 -115.87 -36.31
C LEU H 112 -62.86 -115.58 -36.85
N LYS H 113 -63.21 -114.30 -36.91
CA LYS H 113 -64.49 -113.86 -37.43
C LYS H 113 -64.31 -112.52 -38.13
N TYR H 114 -65.25 -112.19 -39.00
CA TYR H 114 -65.32 -110.86 -39.56
C TYR H 114 -66.02 -109.93 -38.59
N ALA H 115 -66.07 -108.65 -38.95
CA ALA H 115 -66.72 -107.66 -38.09
C ALA H 115 -68.19 -108.01 -37.85
N ASP H 116 -68.89 -108.54 -38.86
CA ASP H 116 -70.31 -108.82 -38.71
C ASP H 116 -70.55 -109.95 -37.72
N GLY H 117 -69.68 -110.96 -37.71
CA GLY H 117 -69.86 -112.12 -36.85
C GLY H 117 -69.63 -113.42 -37.59
N THR H 118 -69.64 -113.37 -38.92
CA THR H 118 -69.46 -114.55 -39.72
C THR H 118 -68.09 -115.17 -39.46
N ALA H 119 -68.02 -116.49 -39.48
CA ALA H 119 -66.76 -117.18 -39.28
C ALA H 119 -65.88 -117.08 -40.52
N ILE H 120 -64.57 -117.19 -40.30
CA ILE H 120 -63.63 -117.10 -41.41
C ILE H 120 -63.87 -118.25 -42.38
N ASP H 121 -63.55 -118.02 -43.65
CA ASP H 121 -63.75 -118.99 -44.71
C ASP H 121 -62.41 -119.33 -45.37
N ALA H 122 -62.47 -120.18 -46.39
CA ALA H 122 -61.26 -120.66 -47.04
C ALA H 122 -60.47 -119.51 -47.66
N ALA H 123 -61.16 -118.60 -48.34
CA ALA H 123 -60.46 -117.47 -48.95
C ALA H 123 -59.73 -116.64 -47.89
N GLY H 124 -60.41 -116.35 -46.79
CA GLY H 124 -59.74 -115.64 -45.70
C GLY H 124 -58.60 -116.44 -45.10
N ILE H 125 -58.76 -117.76 -45.03
CA ILE H 125 -57.70 -118.60 -44.48
C ILE H 125 -56.44 -118.49 -45.33
N GLN H 126 -56.57 -118.67 -46.65
CA GLN H 126 -55.39 -118.60 -47.50
C GLN H 126 -54.85 -117.18 -47.55
N ALA H 127 -55.72 -116.18 -47.41
CA ALA H 127 -55.23 -114.81 -47.33
C ALA H 127 -54.34 -114.62 -46.10
N LEU H 128 -54.81 -115.03 -44.93
CA LEU H 128 -54.00 -114.95 -43.73
C LEU H 128 -52.77 -115.84 -43.84
N GLU H 129 -52.94 -117.06 -44.35
CA GLU H 129 -51.83 -118.00 -44.40
C GLU H 129 -50.76 -117.54 -45.37
N ALA H 130 -51.06 -116.53 -46.19
CA ALA H 130 -50.03 -115.93 -47.04
C ALA H 130 -48.99 -115.19 -46.20
N GLN H 131 -49.40 -114.61 -45.07
CA GLN H 131 -48.48 -113.91 -44.19
C GLN H 131 -47.61 -114.86 -43.38
N GLY H 132 -47.77 -116.17 -43.56
CA GLY H 132 -46.99 -117.12 -42.80
C GLY H 132 -47.61 -117.52 -41.48
N ASN H 133 -48.94 -117.56 -41.43
CA ASN H 133 -49.67 -117.94 -40.23
C ASN H 133 -50.22 -119.35 -40.39
N GLN H 134 -49.95 -120.21 -39.42
CA GLN H 134 -50.48 -121.57 -39.41
C GLN H 134 -51.92 -121.50 -38.90
N VAL H 135 -52.88 -121.41 -39.82
CA VAL H 135 -54.28 -121.49 -39.47
C VAL H 135 -54.67 -122.96 -39.34
N THR H 136 -55.03 -123.38 -38.13
CA THR H 136 -55.19 -124.80 -37.83
C THR H 136 -56.52 -125.05 -37.15
N ASP H 137 -57.12 -126.20 -37.47
CA ASP H 137 -58.33 -126.69 -36.79
C ASP H 137 -58.01 -128.11 -36.32
N LYS H 138 -57.36 -128.21 -35.17
CA LYS H 138 -57.08 -129.47 -34.50
C LYS H 138 -57.23 -129.22 -33.00
N ILE H 139 -58.30 -128.54 -32.64
CA ILE H 139 -58.51 -128.02 -31.29
C ILE H 139 -59.26 -129.04 -30.46
N VAL H 140 -58.90 -129.16 -29.19
CA VAL H 140 -59.54 -130.06 -28.25
C VAL H 140 -60.15 -129.20 -27.14
N GLY H 141 -61.47 -129.32 -26.96
CA GLY H 141 -62.16 -128.53 -25.95
C GLY H 141 -63.41 -127.84 -26.47
N THR H 142 -63.85 -128.21 -27.66
CA THR H 142 -64.97 -127.54 -28.31
C THR H 142 -66.33 -128.06 -27.86
N GLN H 143 -66.40 -129.00 -26.91
CA GLN H 143 -67.68 -129.45 -26.37
C GLN H 143 -67.61 -129.30 -24.86
N PHE H 144 -68.63 -128.67 -24.28
CA PHE H 144 -68.61 -128.34 -22.87
C PHE H 144 -69.33 -129.38 -22.04
N ILE H 145 -68.68 -129.82 -20.96
CA ILE H 145 -69.28 -130.58 -19.86
C ILE H 145 -70.09 -131.80 -20.26
N GLY H 146 -70.89 -131.69 -21.33
CA GLY H 146 -71.97 -132.62 -21.56
C GLY H 146 -73.26 -131.85 -21.43
N SER H 147 -73.94 -131.60 -22.55
CA SER H 147 -74.90 -130.51 -22.64
C SER H 147 -74.12 -129.21 -22.49
N ALA I 2 -9.45 -72.74 -48.36
CA ALA I 2 -9.73 -72.69 -46.93
C ALA I 2 -10.46 -73.92 -46.46
N LYS I 3 -10.84 -74.83 -47.34
CA LYS I 3 -11.53 -76.05 -46.98
C LYS I 3 -10.51 -77.17 -46.88
N ALA I 4 -10.45 -77.81 -45.72
CA ALA I 4 -9.41 -78.78 -45.42
C ALA I 4 -9.88 -80.20 -45.70
N HIS I 5 -8.92 -81.12 -45.82
CA HIS I 5 -9.26 -82.52 -46.03
C HIS I 5 -9.97 -83.06 -44.81
N VAL I 6 -11.10 -83.73 -45.03
CA VAL I 6 -11.96 -84.19 -43.95
C VAL I 6 -12.59 -85.52 -44.35
N ALA I 7 -13.02 -86.29 -43.35
CA ALA I 7 -13.74 -87.53 -43.59
C ALA I 7 -14.73 -87.72 -42.45
N THR I 8 -15.78 -88.50 -42.71
CA THR I 8 -16.83 -88.71 -41.74
C THR I 8 -17.26 -90.18 -41.74
N LEU I 9 -17.79 -90.61 -40.60
CA LEU I 9 -18.33 -91.96 -40.43
C LEU I 9 -19.46 -91.85 -39.42
N GLU I 10 -20.69 -91.72 -39.91
CA GLU I 10 -21.84 -91.37 -39.08
C GLU I 10 -23.00 -92.32 -39.42
N GLY I 11 -22.69 -93.59 -39.46
CA GLY I 11 -23.65 -94.64 -39.76
C GLY I 11 -22.90 -95.95 -39.89
N ASN I 12 -23.59 -97.04 -39.56
CA ASN I 12 -22.96 -98.36 -39.53
C ASN I 12 -24.03 -99.43 -39.68
N TYR I 13 -23.60 -100.68 -39.69
CA TYR I 13 -24.52 -101.81 -39.70
C TYR I 13 -25.29 -101.84 -38.38
N SER I 14 -26.23 -102.77 -38.27
CA SER I 14 -27.11 -102.88 -37.11
C SER I 14 -28.03 -101.67 -37.00
N ASP I 15 -28.17 -100.93 -38.09
CA ASP I 15 -29.18 -99.89 -38.23
C ASP I 15 -30.07 -100.09 -39.44
N ILE I 16 -29.48 -100.50 -40.58
CA ILE I 16 -30.31 -100.92 -41.70
C ILE I 16 -31.09 -102.16 -41.35
N VAL I 17 -30.50 -103.05 -40.55
CA VAL I 17 -31.17 -104.20 -39.98
C VAL I 17 -31.11 -104.07 -38.47
N LEU I 18 -32.25 -104.15 -37.80
CA LEU I 18 -32.34 -103.90 -36.38
C LEU I 18 -32.38 -105.18 -35.54
N GLY I 19 -32.66 -106.32 -36.16
CA GLY I 19 -32.69 -107.58 -35.45
C GLY I 19 -33.27 -108.70 -36.28
N ARG I 20 -32.84 -109.94 -36.03
CA ARG I 20 -33.25 -111.09 -36.81
C ARG I 20 -34.18 -111.97 -36.00
N VAL I 21 -34.71 -112.99 -36.69
CA VAL I 21 -35.13 -114.22 -36.05
C VAL I 21 -34.15 -115.31 -36.46
N VAL I 22 -33.36 -115.79 -35.49
CA VAL I 22 -32.24 -116.68 -35.78
C VAL I 22 -32.74 -118.11 -35.78
N ALA I 23 -32.64 -118.77 -36.93
CA ALA I 23 -33.02 -120.17 -37.01
C ALA I 23 -31.99 -121.02 -36.27
N PHE I 24 -32.49 -121.94 -35.43
CA PHE I 24 -31.58 -122.78 -34.67
C PHE I 24 -30.76 -123.67 -35.58
N GLY I 25 -31.38 -124.24 -36.62
CA GLY I 25 -30.67 -125.17 -37.48
C GLY I 25 -29.55 -124.54 -38.26
N ASP I 26 -29.79 -123.37 -38.85
CA ASP I 26 -28.81 -122.72 -39.71
C ASP I 26 -28.88 -121.22 -39.47
N THR I 27 -27.72 -120.61 -39.19
CA THR I 27 -27.66 -119.19 -38.91
C THR I 27 -27.78 -118.35 -40.17
N GLY I 28 -27.73 -119.01 -41.33
CA GLY I 28 -27.78 -118.32 -42.61
C GLY I 28 -29.09 -118.41 -43.35
N TRP I 29 -30.21 -118.66 -42.66
CA TRP I 29 -31.48 -118.80 -43.36
C TRP I 29 -31.96 -117.49 -43.96
N ASN I 30 -31.72 -116.37 -43.26
CA ASN I 30 -32.29 -115.10 -43.69
C ASN I 30 -31.72 -114.62 -45.01
N PHE I 31 -30.41 -114.77 -45.21
CA PHE I 31 -29.69 -114.06 -46.26
C PHE I 31 -29.75 -114.81 -47.59
N LYS I 32 -29.01 -114.31 -48.56
CA LYS I 32 -28.98 -114.84 -49.92
C LYS I 32 -27.90 -114.09 -50.68
N GLU I 33 -27.25 -114.79 -51.61
CA GLU I 33 -26.23 -114.17 -52.43
C GLU I 33 -26.78 -113.81 -53.81
N VAL I 34 -26.35 -112.65 -54.30
CA VAL I 34 -26.66 -112.21 -55.67
C VAL I 34 -25.35 -111.72 -56.28
N ASP I 35 -25.34 -111.62 -57.61
CA ASP I 35 -24.16 -111.23 -58.35
C ASP I 35 -24.44 -109.91 -59.05
N MET I 36 -23.65 -108.89 -58.72
CA MET I 36 -23.84 -107.55 -59.24
C MET I 36 -22.49 -106.96 -59.65
N THR I 37 -22.55 -105.99 -60.56
CA THR I 37 -21.35 -105.28 -60.97
C THR I 37 -20.96 -104.27 -59.90
N PHE I 38 -19.75 -104.40 -59.36
CA PHE I 38 -19.30 -103.48 -58.31
C PHE I 38 -18.96 -102.12 -58.90
N ILE I 39 -17.96 -102.07 -59.77
CA ILE I 39 -17.58 -100.84 -60.44
C ILE I 39 -18.50 -100.64 -61.64
N ALA I 40 -18.94 -99.41 -61.85
CA ALA I 40 -19.84 -99.10 -62.95
C ALA I 40 -19.34 -99.73 -64.24
N ASP I 41 -20.26 -100.11 -65.11
CA ASP I 41 -19.91 -100.85 -66.32
C ASP I 41 -18.96 -100.07 -67.24
N ASP I 42 -18.91 -98.75 -67.12
CA ASP I 42 -18.08 -97.94 -68.02
C ASP I 42 -17.33 -96.81 -67.32
N ALA I 43 -17.11 -96.89 -66.01
CA ALA I 43 -16.39 -95.85 -65.29
C ALA I 43 -14.92 -96.22 -65.13
N ASP I 44 -14.16 -95.33 -64.49
CA ASP I 44 -12.73 -95.53 -64.33
C ASP I 44 -12.46 -96.58 -63.25
N ALA I 45 -11.29 -97.22 -63.32
CA ALA I 45 -10.98 -98.31 -62.40
C ALA I 45 -10.93 -97.85 -60.96
N ASP I 46 -10.33 -96.69 -60.69
CA ASP I 46 -10.26 -96.19 -59.32
C ASP I 46 -11.54 -95.48 -58.91
N SER I 47 -12.42 -95.15 -59.84
CA SER I 47 -13.68 -94.51 -59.49
C SER I 47 -14.47 -95.38 -58.54
N LYS I 48 -15.06 -94.76 -57.52
CA LYS I 48 -15.80 -95.49 -56.52
C LYS I 48 -17.17 -95.91 -57.04
N THR I 49 -17.66 -97.03 -56.52
CA THR I 49 -18.97 -97.51 -56.90
C THR I 49 -20.06 -96.63 -56.29
N THR I 50 -21.21 -96.59 -56.97
CA THR I 50 -22.37 -95.86 -56.47
C THR I 50 -23.20 -96.67 -55.49
N LEU I 51 -22.83 -97.92 -55.24
CA LEU I 51 -23.59 -98.76 -54.33
C LEU I 51 -23.37 -98.35 -52.89
N PHE I 52 -24.46 -98.29 -52.12
CA PHE I 52 -24.40 -98.02 -50.70
C PHE I 52 -25.37 -98.94 -49.99
N ALA I 53 -25.05 -99.26 -48.73
CA ALA I 53 -25.88 -100.17 -47.96
C ALA I 53 -27.29 -99.61 -47.84
N GLY I 54 -28.29 -100.49 -47.98
CA GLY I 54 -29.68 -100.10 -47.94
C GLY I 54 -30.33 -99.98 -49.29
N VAL I 55 -29.56 -100.08 -50.38
CA VAL I 55 -30.14 -99.97 -51.70
C VAL I 55 -30.88 -101.26 -52.05
N LEU I 56 -32.12 -101.12 -52.49
CA LEU I 56 -32.95 -102.27 -52.81
C LEU I 56 -32.55 -102.86 -54.17
N VAL I 57 -32.55 -104.19 -54.24
CA VAL I 57 -32.17 -104.91 -55.45
C VAL I 57 -33.21 -105.98 -55.74
N GLY I 58 -33.30 -106.35 -57.01
CA GLY I 58 -34.21 -107.41 -57.41
C GLY I 58 -33.60 -108.78 -57.22
N GLU I 59 -34.39 -109.81 -57.56
CA GLU I 59 -33.92 -111.18 -57.43
C GLU I 59 -32.87 -111.55 -58.47
N ASP I 60 -32.63 -110.70 -59.46
CA ASP I 60 -31.61 -110.95 -60.48
C ASP I 60 -30.28 -110.30 -60.15
N GLY I 61 -30.16 -109.61 -59.03
CA GLY I 61 -28.90 -109.00 -58.65
C GLY I 61 -28.67 -107.62 -59.25
N THR I 62 -29.72 -106.82 -59.44
CA THR I 62 -29.58 -105.48 -59.96
C THR I 62 -30.34 -104.50 -59.07
N PRO I 63 -29.87 -103.24 -58.97
CA PRO I 63 -30.59 -102.26 -58.16
C PRO I 63 -32.00 -102.04 -58.68
N ALA I 64 -32.92 -101.76 -57.76
CA ALA I 64 -34.33 -101.61 -58.09
C ALA I 64 -34.62 -100.20 -58.58
N THR I 65 -35.78 -100.05 -59.20
CA THR I 65 -36.26 -98.76 -59.69
C THR I 65 -37.69 -98.45 -59.29
N ALA I 66 -38.50 -99.45 -58.94
CA ALA I 66 -39.88 -99.22 -58.52
C ALA I 66 -40.23 -100.29 -57.50
N ALA I 67 -41.51 -100.30 -57.10
CA ALA I 67 -41.95 -101.24 -56.09
C ALA I 67 -41.93 -102.69 -56.59
N ALA I 68 -42.14 -102.91 -57.88
CA ALA I 68 -42.19 -104.26 -58.41
C ALA I 68 -40.82 -104.91 -58.53
N GLY I 69 -39.75 -104.12 -58.56
CA GLY I 69 -38.42 -104.67 -58.73
C GLY I 69 -37.67 -104.84 -57.43
N VAL I 70 -38.41 -105.04 -56.33
CA VAL I 70 -37.83 -105.15 -55.00
C VAL I 70 -37.87 -106.61 -54.59
N PHE I 71 -36.72 -107.13 -54.13
CA PHE I 71 -36.62 -108.47 -53.58
C PHE I 71 -36.00 -108.50 -52.20
N GLY I 72 -35.09 -107.59 -51.90
CA GLY I 72 -34.44 -107.56 -50.61
C GLY I 72 -33.46 -106.41 -50.53
N VAL I 73 -32.85 -106.28 -49.37
CA VAL I 73 -31.90 -105.21 -49.09
C VAL I 73 -30.48 -105.73 -49.28
N LEU I 74 -29.53 -104.82 -49.38
CA LEU I 74 -28.12 -105.16 -49.53
C LEU I 74 -27.35 -104.68 -48.30
N VAL I 75 -26.77 -105.63 -47.57
CA VAL I 75 -26.05 -105.32 -46.33
C VAL I 75 -24.66 -105.93 -46.39
N ASP I 76 -24.08 -106.00 -47.58
CA ASP I 76 -22.80 -106.68 -47.75
C ASP I 76 -21.71 -106.01 -46.91
N ARG I 77 -20.71 -106.82 -46.54
CA ARG I 77 -19.59 -106.30 -45.75
C ARG I 77 -18.83 -105.22 -46.51
N LYS I 78 -18.63 -105.41 -47.82
CA LYS I 78 -17.80 -104.52 -48.61
C LYS I 78 -18.41 -103.14 -48.81
N VAL I 79 -19.66 -102.93 -48.45
CA VAL I 79 -20.36 -101.67 -48.72
C VAL I 79 -20.79 -100.98 -47.43
N LEU I 80 -20.42 -101.51 -46.28
CA LEU I 80 -20.80 -100.87 -45.03
C LEU I 80 -20.27 -99.44 -44.98
N PRO I 81 -21.03 -98.48 -44.45
CA PRO I 81 -20.57 -97.10 -44.43
C PRO I 81 -19.33 -96.92 -43.55
N GLY I 82 -18.20 -96.61 -44.16
CA GLY I 82 -16.96 -96.43 -43.43
C GLY I 82 -15.78 -97.13 -44.09
N VAL I 83 -16.06 -98.18 -44.86
CA VAL I 83 -15.03 -98.99 -45.50
C VAL I 83 -14.85 -98.50 -46.92
N ASP I 84 -13.64 -98.08 -47.25
CA ASP I 84 -13.30 -97.73 -48.63
C ASP I 84 -11.83 -98.03 -48.87
N HIS I 85 -11.52 -99.25 -49.29
CA HIS I 85 -10.21 -99.58 -49.82
C HIS I 85 -10.32 -100.56 -50.97
N TYR I 86 -11.44 -100.52 -51.68
CA TYR I 86 -11.60 -101.30 -52.92
C TYR I 86 -11.28 -100.39 -54.11
N ILE I 87 -10.02 -99.95 -54.13
CA ILE I 87 -9.54 -98.99 -55.10
C ILE I 87 -8.91 -99.76 -56.26
N GLY I 88 -9.64 -99.84 -57.38
CA GLY I 88 -9.13 -100.49 -58.56
C GLY I 88 -8.90 -101.98 -58.42
N VAL I 89 -9.42 -102.62 -57.37
CA VAL I 89 -9.22 -104.05 -57.15
C VAL I 89 -10.22 -104.82 -58.00
N PHE I 90 -11.02 -104.10 -58.80
CA PHE I 90 -11.98 -104.71 -59.69
C PHE I 90 -11.84 -104.09 -61.06
N GLU I 91 -12.71 -104.49 -61.98
CA GLU I 91 -12.71 -103.99 -63.34
C GLU I 91 -14.11 -103.53 -63.74
N PRO I 92 -14.23 -102.58 -64.67
CA PRO I 92 -15.56 -102.11 -65.08
C PRO I 92 -16.40 -103.27 -65.59
N GLY I 93 -17.61 -103.39 -65.02
CA GLY I 93 -18.50 -104.46 -65.39
C GLY I 93 -18.17 -105.81 -64.76
N GLU I 94 -17.16 -105.87 -63.90
CA GLU I 94 -16.73 -107.14 -63.33
C GLU I 94 -17.72 -107.60 -62.27
N LYS I 95 -18.27 -108.79 -62.46
CA LYS I 95 -19.24 -109.33 -61.52
C LYS I 95 -18.57 -109.68 -60.20
N VAL I 96 -19.28 -109.47 -59.10
CA VAL I 96 -18.77 -109.83 -57.77
C VAL I 96 -19.91 -110.35 -56.92
N PRO I 97 -19.73 -111.43 -56.16
CA PRO I 97 -20.80 -111.89 -55.26
C PRO I 97 -21.08 -110.86 -54.17
N MET I 98 -22.35 -110.78 -53.77
CA MET I 98 -22.78 -109.90 -52.70
C MET I 98 -23.77 -110.65 -51.82
N VAL I 99 -24.18 -109.98 -50.74
CA VAL I 99 -25.06 -110.57 -49.73
C VAL I 99 -26.29 -109.68 -49.58
N LEU I 100 -27.47 -110.30 -49.57
CA LEU I 100 -28.71 -109.56 -49.35
C LEU I 100 -29.30 -109.93 -47.98
N ALA I 101 -30.48 -109.41 -47.71
CA ALA I 101 -31.22 -109.70 -46.50
C ALA I 101 -32.71 -109.70 -46.82
N VAL I 102 -33.35 -110.85 -46.68
CA VAL I 102 -34.68 -111.05 -47.25
C VAL I 102 -35.72 -111.43 -46.21
N ARG I 103 -35.43 -112.42 -45.38
CA ARG I 103 -36.44 -113.06 -44.55
C ARG I 103 -36.18 -112.80 -43.07
N GLY I 104 -37.26 -112.63 -42.31
CA GLY I 104 -37.16 -112.57 -40.86
C GLY I 104 -36.32 -111.44 -40.33
N LEU I 105 -36.56 -110.21 -40.79
CA LEU I 105 -35.76 -109.06 -40.41
C LEU I 105 -36.63 -107.93 -39.92
N THR I 106 -36.03 -107.06 -39.11
CA THR I 106 -36.65 -105.82 -38.65
C THR I 106 -35.86 -104.67 -39.27
N LEU I 107 -36.45 -103.99 -40.25
CA LEU I 107 -35.75 -103.04 -41.09
C LEU I 107 -36.07 -101.61 -40.66
N ASN I 108 -35.27 -100.68 -41.18
CA ASN I 108 -35.35 -99.26 -40.83
C ASN I 108 -35.78 -98.49 -42.07
N GLN I 109 -36.91 -97.78 -41.97
CA GLN I 109 -37.40 -97.01 -43.12
C GLN I 109 -36.44 -95.87 -43.48
N LEU I 110 -35.91 -95.18 -42.48
CA LEU I 110 -35.14 -93.97 -42.75
C LEU I 110 -33.86 -94.26 -43.53
N LYS I 111 -33.43 -95.53 -43.55
CA LYS I 111 -32.19 -95.89 -44.22
C LYS I 111 -32.42 -96.52 -45.59
N LEU I 112 -33.55 -97.17 -45.81
CA LEU I 112 -33.80 -97.81 -47.10
C LEU I 112 -33.89 -96.77 -48.21
N LYS I 113 -33.28 -97.09 -49.35
CA LYS I 113 -33.20 -96.17 -50.48
C LYS I 113 -33.34 -96.95 -51.77
N TYR I 114 -33.99 -96.34 -52.75
CA TYR I 114 -34.02 -96.89 -54.10
C TYR I 114 -32.64 -96.75 -54.73
N ALA I 115 -32.53 -97.14 -56.00
CA ALA I 115 -31.24 -97.09 -56.68
C ALA I 115 -30.68 -95.67 -56.69
N ASP I 116 -31.52 -94.68 -57.01
CA ASP I 116 -31.06 -93.30 -57.11
C ASP I 116 -31.06 -92.57 -55.78
N GLY I 117 -31.47 -93.22 -54.69
CA GLY I 117 -31.53 -92.59 -53.39
C GLY I 117 -32.91 -92.15 -52.96
N THR I 118 -33.93 -92.34 -53.79
CA THR I 118 -35.29 -91.98 -53.42
C THR I 118 -35.73 -92.78 -52.20
N ALA I 119 -36.37 -92.10 -51.26
CA ALA I 119 -36.88 -92.78 -50.07
C ALA I 119 -37.92 -93.81 -50.47
N ILE I 120 -37.87 -94.97 -49.82
CA ILE I 120 -38.77 -96.06 -50.16
C ILE I 120 -40.21 -95.58 -50.07
N ASP I 121 -41.01 -95.95 -51.06
CA ASP I 121 -42.40 -95.54 -51.13
C ASP I 121 -43.31 -96.58 -50.50
N ALA I 122 -44.62 -96.33 -50.53
CA ALA I 122 -45.58 -97.24 -49.91
C ALA I 122 -45.60 -98.59 -50.61
N ALA I 123 -45.61 -98.58 -51.94
CA ALA I 123 -45.68 -99.83 -52.68
C ALA I 123 -44.43 -100.68 -52.46
N GLY I 124 -43.26 -100.04 -52.42
CA GLY I 124 -42.04 -100.79 -52.15
C GLY I 124 -42.05 -101.43 -50.78
N ILE I 125 -42.50 -100.68 -49.76
CA ILE I 125 -42.63 -101.24 -48.42
C ILE I 125 -43.56 -102.45 -48.46
N GLN I 126 -44.73 -102.28 -49.08
CA GLN I 126 -45.71 -103.36 -49.11
C GLN I 126 -45.12 -104.60 -49.79
N ALA I 127 -44.44 -104.42 -50.91
CA ALA I 127 -43.86 -105.56 -51.62
C ALA I 127 -42.80 -106.25 -50.76
N LEU I 128 -41.94 -105.47 -50.10
CA LEU I 128 -40.87 -106.08 -49.32
C LEU I 128 -41.40 -106.78 -48.07
N GLU I 129 -42.61 -106.42 -47.62
CA GLU I 129 -43.20 -107.10 -46.47
C GLU I 129 -43.71 -108.49 -46.83
N ALA I 130 -43.90 -108.78 -48.12
CA ALA I 130 -44.33 -110.12 -48.51
C ALA I 130 -43.32 -111.16 -48.09
N GLN I 131 -42.02 -110.83 -48.13
CA GLN I 131 -40.99 -111.76 -47.69
C GLN I 131 -41.04 -112.05 -46.21
N GLY I 132 -41.80 -111.27 -45.44
CA GLY I 132 -41.86 -111.44 -44.00
C GLY I 132 -40.81 -110.65 -43.26
N ASN I 133 -40.80 -109.33 -43.46
CA ASN I 133 -39.89 -108.43 -42.75
C ASN I 133 -40.71 -107.30 -42.13
N GLN I 134 -40.31 -106.87 -40.94
CA GLN I 134 -40.97 -105.75 -40.31
C GLN I 134 -40.30 -104.44 -40.74
N VAL I 135 -41.12 -103.45 -41.07
CA VAL I 135 -40.67 -102.13 -41.48
C VAL I 135 -41.23 -101.12 -40.49
N THR I 136 -40.35 -100.39 -39.80
CA THR I 136 -40.76 -99.58 -38.67
C THR I 136 -40.20 -98.17 -38.80
N ASP I 137 -40.96 -97.22 -38.25
CA ASP I 137 -40.51 -95.85 -38.05
C ASP I 137 -40.33 -95.50 -36.57
N LYS I 138 -40.48 -96.47 -35.68
CA LYS I 138 -40.42 -96.23 -34.25
C LYS I 138 -38.96 -96.15 -33.84
N ILE I 139 -38.33 -95.04 -34.18
CA ILE I 139 -36.90 -94.83 -33.97
C ILE I 139 -36.69 -93.58 -33.13
N VAL I 140 -35.88 -93.71 -32.09
CA VAL I 140 -35.56 -92.59 -31.19
C VAL I 140 -34.31 -91.93 -31.77
N GLY I 141 -34.51 -90.91 -32.60
CA GLY I 141 -33.38 -90.21 -33.18
C GLY I 141 -32.57 -89.50 -32.10
N THR I 142 -31.26 -89.42 -32.33
CA THR I 142 -30.38 -88.76 -31.37
C THR I 142 -30.41 -87.26 -31.58
N GLN I 143 -30.44 -86.52 -30.48
CA GLN I 143 -30.31 -85.07 -30.49
C GLN I 143 -28.89 -84.70 -30.10
N PHE I 144 -28.17 -84.09 -31.03
CA PHE I 144 -26.77 -83.78 -30.82
C PHE I 144 -26.64 -82.43 -30.11
N ILE I 145 -25.39 -82.08 -29.78
CA ILE I 145 -25.16 -80.83 -29.05
C ILE I 145 -25.85 -79.70 -29.78
N GLY I 146 -26.34 -78.74 -29.01
CA GLY I 146 -27.23 -77.72 -29.54
C GLY I 146 -28.39 -77.49 -28.61
N SER I 147 -29.60 -77.81 -29.07
CA SER I 147 -30.79 -77.61 -28.26
C SER I 147 -30.61 -78.27 -26.89
N VAL I 148 -31.37 -77.76 -25.92
CA VAL I 148 -31.19 -78.14 -24.53
C VAL I 148 -32.00 -79.39 -24.21
N LEU I 149 -31.40 -80.28 -23.43
CA LEU I 149 -32.12 -81.40 -22.83
C LEU I 149 -31.93 -81.33 -21.32
N ALA J 2 12.52 -18.50 -37.96
CA ALA J 2 13.86 -19.01 -37.79
C ALA J 2 13.99 -20.51 -38.07
N LYS J 3 13.25 -21.04 -39.03
CA LYS J 3 13.18 -22.49 -39.22
C LYS J 3 14.58 -23.08 -39.20
N ALA J 4 14.77 -24.10 -38.36
CA ALA J 4 16.10 -24.61 -38.11
C ALA J 4 16.68 -25.28 -39.35
N HIS J 5 18.00 -25.23 -39.48
CA HIS J 5 18.70 -25.94 -40.54
C HIS J 5 18.78 -27.42 -40.17
N VAL J 6 18.23 -28.28 -41.03
CA VAL J 6 18.00 -29.67 -40.69
C VAL J 6 18.55 -30.56 -41.80
N ALA J 7 19.13 -31.70 -41.41
CA ALA J 7 19.64 -32.68 -42.36
C ALA J 7 19.18 -34.06 -41.93
N THR J 8 19.09 -34.97 -42.91
CA THR J 8 18.49 -36.28 -42.67
C THR J 8 19.26 -37.34 -43.44
N LEU J 9 18.85 -38.60 -43.23
CA LEU J 9 19.37 -39.74 -43.97
C LEU J 9 18.39 -40.90 -43.89
N GLU J 10 18.20 -41.58 -45.02
CA GLU J 10 17.41 -42.81 -45.09
C GLU J 10 18.04 -43.75 -46.11
N GLY J 11 18.26 -44.99 -45.71
CA GLY J 11 18.78 -46.00 -46.62
C GLY J 11 20.28 -46.16 -46.53
N ASN J 12 20.73 -47.35 -46.94
CA ASN J 12 22.15 -47.73 -46.93
C ASN J 12 22.54 -48.28 -48.31
N TYR J 13 23.77 -48.79 -48.40
CA TYR J 13 24.19 -49.49 -49.60
C TYR J 13 23.50 -50.83 -49.76
N SER J 14 23.40 -51.62 -48.69
CA SER J 14 22.82 -52.95 -48.76
C SER J 14 21.30 -52.93 -48.79
N ASP J 15 20.73 -52.17 -49.72
CA ASP J 15 19.29 -52.14 -49.95
C ASP J 15 18.93 -52.30 -51.42
N ILE J 16 19.86 -52.04 -52.33
CA ILE J 16 19.70 -52.43 -53.73
C ILE J 16 20.36 -53.78 -53.89
N VAL J 17 21.53 -53.94 -53.28
CA VAL J 17 22.27 -55.21 -53.30
C VAL J 17 21.98 -55.93 -52.00
N LEU J 18 21.30 -57.07 -52.09
CA LEU J 18 20.89 -57.85 -50.93
C LEU J 18 21.62 -59.18 -50.80
N GLY J 19 22.49 -59.52 -51.74
CA GLY J 19 23.22 -60.76 -51.66
C GLY J 19 23.86 -61.09 -53.00
N ARG J 20 24.89 -61.92 -52.93
CA ARG J 20 25.65 -62.31 -54.11
C ARG J 20 25.73 -63.82 -54.21
N VAL J 21 26.29 -64.28 -55.33
CA VAL J 21 26.91 -65.59 -55.42
C VAL J 21 28.42 -65.35 -55.38
N VAL J 22 28.99 -65.32 -54.17
CA VAL J 22 30.39 -64.97 -54.02
C VAL J 22 31.25 -66.10 -54.58
N ALA J 23 32.08 -65.77 -55.56
CA ALA J 23 32.97 -66.75 -56.16
C ALA J 23 34.25 -66.87 -55.36
N PHE J 24 34.76 -68.10 -55.26
CA PHE J 24 35.97 -68.34 -54.50
C PHE J 24 37.19 -67.77 -55.20
N GLY J 25 37.42 -68.16 -56.46
CA GLY J 25 38.61 -67.74 -57.18
C GLY J 25 38.69 -66.25 -57.42
N ASP J 26 37.57 -65.57 -57.64
CA ASP J 26 37.57 -64.15 -57.91
C ASP J 26 36.44 -63.50 -57.12
N THR J 27 36.61 -62.22 -56.83
CA THR J 27 35.60 -61.44 -56.13
C THR J 27 34.97 -60.36 -57.00
N GLY J 28 35.55 -60.05 -58.15
CA GLY J 28 34.97 -59.08 -59.07
C GLY J 28 34.11 -59.67 -60.14
N TRP J 29 33.67 -60.92 -59.97
CA TRP J 29 32.91 -61.60 -61.02
C TRP J 29 31.57 -60.91 -61.28
N ASN J 30 30.94 -60.37 -60.24
CA ASN J 30 29.61 -59.80 -60.40
C ASN J 30 29.62 -58.44 -61.06
N PHE J 31 30.68 -57.66 -60.89
CA PHE J 31 30.69 -56.25 -61.24
C PHE J 31 31.34 -56.01 -62.59
N LYS J 32 31.06 -54.84 -63.16
CA LYS J 32 31.67 -54.37 -64.40
C LYS J 32 31.88 -52.88 -64.27
N GLU J 33 32.91 -52.37 -64.97
CA GLU J 33 33.23 -50.95 -64.94
C GLU J 33 32.94 -50.30 -66.28
N VAL J 34 32.32 -49.13 -66.24
CA VAL J 34 31.98 -48.36 -67.42
C VAL J 34 32.34 -46.90 -67.18
N ASP J 35 32.36 -46.13 -68.26
CA ASP J 35 32.64 -44.70 -68.20
C ASP J 35 31.35 -43.94 -68.50
N MET J 36 30.92 -43.11 -67.56
CA MET J 36 29.66 -42.38 -67.66
C MET J 36 29.89 -40.90 -67.45
N THR J 37 29.02 -40.09 -68.04
CA THR J 37 29.07 -38.65 -67.84
C THR J 37 28.47 -38.30 -66.48
N PHE J 38 29.29 -37.76 -65.59
CA PHE J 38 28.87 -37.46 -64.23
C PHE J 38 28.03 -36.20 -64.17
N ILE J 39 28.60 -35.06 -64.55
CA ILE J 39 27.86 -33.81 -64.66
C ILE J 39 27.42 -33.66 -66.10
N ALA J 40 26.16 -33.30 -66.31
CA ALA J 40 25.65 -33.11 -67.66
C ALA J 40 26.62 -32.25 -68.46
N ASP J 41 26.74 -32.55 -69.76
CA ASP J 41 27.72 -31.87 -70.60
C ASP J 41 27.20 -30.53 -71.10
N ASP J 42 26.14 -30.02 -70.47
CA ASP J 42 25.58 -28.74 -70.85
C ASP J 42 25.29 -27.87 -69.63
N ALA J 43 25.34 -28.46 -68.44
CA ALA J 43 25.06 -27.73 -67.21
C ALA J 43 26.33 -27.04 -66.72
N ASP J 44 26.29 -26.49 -65.51
CA ASP J 44 27.44 -25.81 -64.94
C ASP J 44 28.20 -26.72 -63.99
N ALA J 45 29.38 -26.25 -63.55
CA ALA J 45 30.23 -27.07 -62.70
C ALA J 45 29.58 -27.39 -61.36
N ASP J 46 28.92 -26.41 -60.74
CA ASP J 46 28.38 -26.58 -59.40
C ASP J 46 27.09 -27.37 -59.37
N SER J 47 26.51 -27.68 -60.53
CA SER J 47 25.30 -28.49 -60.56
C SER J 47 25.57 -29.87 -59.97
N LYS J 48 24.72 -30.30 -59.05
CA LYS J 48 24.84 -31.62 -58.48
C LYS J 48 24.42 -32.68 -59.49
N THR J 49 25.12 -33.80 -59.49
CA THR J 49 24.85 -34.86 -60.46
C THR J 49 23.43 -35.40 -60.27
N THR J 50 22.79 -35.74 -61.38
CA THR J 50 21.45 -36.30 -61.36
C THR J 50 21.46 -37.81 -61.22
N LEU J 51 22.62 -38.43 -61.16
CA LEU J 51 22.71 -39.87 -60.97
C LEU J 51 22.35 -40.24 -59.54
N PHE J 52 21.66 -41.37 -59.39
CA PHE J 52 21.26 -41.87 -58.08
C PHE J 52 21.42 -43.38 -58.08
N ALA J 53 21.59 -43.94 -56.89
CA ALA J 53 21.75 -45.39 -56.77
C ALA J 53 20.50 -46.09 -57.30
N GLY J 54 20.71 -47.18 -58.02
CA GLY J 54 19.62 -47.96 -58.58
C GLY J 54 19.19 -47.57 -59.97
N VAL J 55 19.76 -46.52 -60.54
CA VAL J 55 19.38 -46.09 -61.88
C VAL J 55 19.92 -47.08 -62.91
N LEU J 56 19.04 -47.53 -63.81
CA LEU J 56 19.43 -48.53 -64.79
C LEU J 56 20.46 -47.96 -65.76
N VAL J 57 21.43 -48.78 -66.13
CA VAL J 57 22.48 -48.40 -67.07
C VAL J 57 22.60 -49.48 -68.13
N GLY J 58 22.82 -49.03 -69.37
CA GLY J 58 23.02 -49.93 -70.48
C GLY J 58 24.47 -50.39 -70.59
N GLU J 59 24.75 -51.09 -71.68
CA GLU J 59 26.12 -51.57 -71.91
C GLU J 59 27.08 -50.38 -71.97
N ASP J 60 26.71 -49.34 -72.71
CA ASP J 60 27.46 -48.09 -72.66
C ASP J 60 27.04 -47.28 -71.43
N GLY J 61 27.82 -46.26 -71.13
CA GLY J 61 27.59 -45.47 -69.93
C GLY J 61 26.52 -44.42 -70.08
N THR J 62 25.32 -44.83 -70.50
CA THR J 62 24.18 -43.91 -70.64
C THR J 62 22.96 -44.52 -69.98
N PRO J 63 22.47 -43.97 -68.86
CA PRO J 63 21.29 -44.56 -68.22
C PRO J 63 20.10 -44.59 -69.17
N ALA J 64 19.34 -45.68 -69.10
CA ALA J 64 18.29 -45.97 -70.06
C ALA J 64 16.93 -45.55 -69.53
N THR J 65 16.06 -45.14 -70.46
CA THR J 65 14.67 -44.82 -70.15
C THR J 65 13.72 -45.78 -70.85
N ALA J 66 14.21 -46.94 -71.27
CA ALA J 66 13.39 -47.90 -72.00
C ALA J 66 13.88 -49.30 -71.68
N ALA J 67 13.03 -50.28 -71.98
CA ALA J 67 13.33 -51.66 -71.62
C ALA J 67 14.45 -52.23 -72.48
N ALA J 68 14.51 -51.84 -73.76
CA ALA J 68 15.37 -52.50 -74.72
C ALA J 68 16.86 -52.29 -74.45
N GLY J 69 17.24 -51.37 -73.57
CA GLY J 69 18.64 -51.07 -73.36
C GLY J 69 19.15 -51.40 -71.97
N VAL J 70 18.32 -52.00 -71.14
CA VAL J 70 18.71 -52.25 -69.75
C VAL J 70 19.82 -53.29 -69.70
N PHE J 71 20.92 -52.94 -69.02
CA PHE J 71 22.03 -53.86 -68.85
C PHE J 71 22.32 -54.14 -67.38
N GLY J 72 22.53 -53.09 -66.58
CA GLY J 72 22.94 -53.23 -65.20
C GLY J 72 22.32 -52.16 -64.32
N VAL J 73 22.74 -52.18 -63.06
CA VAL J 73 22.25 -51.26 -62.04
C VAL J 73 23.43 -50.58 -61.38
N LEU J 74 23.42 -49.25 -61.37
CA LEU J 74 24.56 -48.48 -60.85
C LEU J 74 24.63 -48.60 -59.33
N VAL J 75 25.78 -49.09 -58.85
CA VAL J 75 25.99 -49.25 -57.42
C VAL J 75 27.31 -48.61 -57.00
N ASP J 76 27.73 -47.57 -57.71
CA ASP J 76 29.01 -46.94 -57.43
C ASP J 76 29.00 -46.30 -56.05
N ARG J 77 30.16 -46.28 -55.40
CA ARG J 77 30.25 -45.78 -54.04
C ARG J 77 30.21 -44.27 -53.93
N LYS J 78 30.33 -43.54 -55.05
CA LYS J 78 30.33 -42.08 -54.98
C LYS J 78 28.93 -41.50 -54.89
N VAL J 79 27.88 -42.31 -55.02
CA VAL J 79 26.52 -41.80 -55.13
C VAL J 79 25.63 -42.42 -54.07
N LEU J 80 26.23 -42.92 -52.99
CA LEU J 80 25.45 -43.46 -51.89
C LEU J 80 24.96 -42.34 -50.99
N PRO J 81 23.95 -42.62 -50.15
CA PRO J 81 23.41 -41.56 -49.29
C PRO J 81 24.48 -40.98 -48.38
N GLY J 82 24.42 -39.66 -48.18
CA GLY J 82 25.34 -39.00 -47.29
C GLY J 82 26.76 -38.89 -47.81
N VAL J 83 27.02 -39.31 -49.04
CA VAL J 83 28.37 -39.25 -49.58
C VAL J 83 28.66 -37.91 -50.24
N ASP J 84 27.64 -37.08 -50.46
CA ASP J 84 27.80 -35.89 -51.28
C ASP J 84 28.90 -34.98 -50.74
N HIS J 85 30.05 -34.99 -51.44
CA HIS J 85 31.01 -33.89 -51.32
C HIS J 85 31.62 -33.58 -52.68
N TYR J 86 30.95 -33.96 -53.76
CA TYR J 86 31.49 -33.87 -55.12
C TYR J 86 30.88 -32.73 -55.92
N ILE J 87 30.31 -31.73 -55.26
CA ILE J 87 29.82 -30.55 -55.96
C ILE J 87 31.01 -29.85 -56.61
N GLY J 88 30.99 -29.76 -57.94
CA GLY J 88 31.99 -29.02 -58.69
C GLY J 88 33.34 -29.69 -58.83
N VAL J 89 33.48 -30.95 -58.42
CA VAL J 89 34.77 -31.62 -58.55
C VAL J 89 35.09 -31.89 -60.01
N PHE J 90 34.09 -32.24 -60.82
CA PHE J 90 34.29 -32.57 -62.21
C PHE J 90 33.67 -31.51 -63.10
N GLU J 91 34.38 -31.15 -64.17
CA GLU J 91 33.86 -30.18 -65.12
C GLU J 91 32.69 -30.78 -65.90
N PRO J 92 31.76 -29.95 -66.36
CA PRO J 92 30.67 -30.48 -67.19
C PRO J 92 31.22 -31.19 -68.42
N GLY J 93 30.58 -32.31 -68.78
CA GLY J 93 31.05 -33.15 -69.84
C GLY J 93 32.15 -34.12 -69.44
N GLU J 94 32.59 -34.09 -68.19
CA GLU J 94 33.61 -35.00 -67.73
C GLU J 94 33.04 -36.41 -67.58
N LYS J 95 33.91 -37.40 -67.76
CA LYS J 95 33.53 -38.80 -67.64
C LYS J 95 34.33 -39.47 -66.53
N VAL J 96 33.65 -40.29 -65.75
CA VAL J 96 34.25 -40.94 -64.58
C VAL J 96 33.99 -42.43 -64.65
N PRO J 97 34.93 -43.28 -64.26
CA PRO J 97 34.66 -44.73 -64.25
C PRO J 97 33.64 -45.10 -63.18
N MET J 98 32.64 -45.88 -63.58
CA MET J 98 31.51 -46.22 -62.72
C MET J 98 31.40 -47.73 -62.64
N VAL J 99 30.85 -48.22 -61.53
CA VAL J 99 30.67 -49.65 -61.31
C VAL J 99 29.22 -50.01 -61.54
N LEU J 100 28.99 -51.15 -62.19
CA LEU J 100 27.65 -51.66 -62.45
C LEU J 100 27.53 -53.09 -61.98
N ALA J 101 26.43 -53.38 -61.27
CA ALA J 101 26.07 -54.76 -60.99
C ALA J 101 25.51 -55.41 -62.25
N VAL J 102 25.95 -56.63 -62.53
CA VAL J 102 25.61 -57.27 -63.80
C VAL J 102 24.96 -58.63 -63.58
N ARG J 103 25.65 -59.53 -62.89
CA ARG J 103 25.20 -60.91 -62.81
C ARG J 103 25.55 -61.49 -61.45
N GLY J 104 24.81 -62.52 -61.07
CA GLY J 104 25.06 -63.19 -59.80
C GLY J 104 24.62 -62.43 -58.57
N LEU J 105 23.59 -61.59 -58.68
CA LEU J 105 23.16 -60.74 -57.59
C LEU J 105 21.66 -60.84 -57.39
N THR J 106 21.23 -60.46 -56.19
CA THR J 106 19.82 -60.34 -55.82
C THR J 106 19.49 -58.87 -55.66
N LEU J 107 18.52 -58.38 -56.43
CA LEU J 107 18.23 -56.96 -56.53
C LEU J 107 16.82 -56.66 -56.03
N ASN J 108 16.71 -55.63 -55.19
CA ASN J 108 15.43 -55.12 -54.74
C ASN J 108 14.79 -54.31 -55.86
N GLN J 109 13.53 -54.59 -56.17
CA GLN J 109 12.86 -53.85 -57.25
C GLN J 109 12.15 -52.60 -56.77
N LEU J 110 12.09 -52.36 -55.46
CA LEU J 110 11.50 -51.11 -54.98
C LEU J 110 12.35 -49.92 -55.35
N LYS J 111 13.66 -50.09 -55.44
CA LYS J 111 14.58 -48.98 -55.70
C LYS J 111 15.03 -48.89 -57.15
N LEU J 112 14.90 -49.95 -57.93
CA LEU J 112 15.24 -49.87 -59.35
C LEU J 112 14.33 -48.87 -60.04
N LYS J 113 14.93 -48.01 -60.86
CA LYS J 113 14.16 -46.98 -61.55
C LYS J 113 14.86 -46.62 -62.85
N TYR J 114 14.07 -46.12 -63.79
CA TYR J 114 14.63 -45.59 -65.03
C TYR J 114 15.28 -44.24 -64.77
N ALA J 115 15.96 -43.72 -65.79
CA ALA J 115 16.69 -42.47 -65.63
C ALA J 115 15.78 -41.30 -65.26
N ASP J 116 14.52 -41.32 -65.70
CA ASP J 116 13.61 -40.20 -65.46
C ASP J 116 12.86 -40.31 -64.15
N GLY J 117 13.09 -41.35 -63.36
CA GLY J 117 12.38 -41.56 -62.12
C GLY J 117 11.25 -42.57 -62.19
N THR J 118 10.96 -43.09 -63.37
CA THR J 118 9.90 -44.09 -63.50
C THR J 118 10.32 -45.40 -62.84
N ALA J 119 9.33 -46.20 -62.47
CA ALA J 119 9.61 -47.50 -61.89
C ALA J 119 9.96 -48.52 -62.97
N ILE J 120 10.46 -49.67 -62.54
CA ILE J 120 10.81 -50.74 -63.47
C ILE J 120 9.56 -51.50 -63.89
N ASP J 121 9.34 -51.62 -65.19
CA ASP J 121 8.20 -52.33 -65.71
C ASP J 121 8.54 -53.82 -65.87
N ALA J 122 7.58 -54.59 -66.38
CA ALA J 122 7.79 -56.03 -66.53
C ALA J 122 8.87 -56.32 -67.56
N ALA J 123 8.88 -55.60 -68.67
CA ALA J 123 9.88 -55.85 -69.71
C ALA J 123 11.29 -55.59 -69.19
N GLY J 124 11.46 -54.51 -68.43
CA GLY J 124 12.78 -54.24 -67.85
C GLY J 124 13.23 -55.34 -66.90
N ILE J 125 12.32 -55.83 -66.06
CA ILE J 125 12.66 -56.94 -65.17
C ILE J 125 13.09 -58.15 -65.99
N GLN J 126 12.28 -58.53 -66.97
CA GLN J 126 12.59 -59.72 -67.76
C GLN J 126 13.90 -59.56 -68.51
N ALA J 127 14.25 -58.33 -68.90
CA ALA J 127 15.53 -58.10 -69.56
C ALA J 127 16.70 -58.13 -68.58
N LEU J 128 16.46 -57.78 -67.31
CA LEU J 128 17.52 -57.82 -66.31
C LEU J 128 17.71 -59.23 -65.74
N GLU J 129 16.67 -60.05 -65.73
CA GLU J 129 16.81 -61.40 -65.21
C GLU J 129 17.68 -62.26 -66.11
N ALA J 130 17.67 -61.99 -67.41
CA ALA J 130 18.48 -62.76 -68.35
C ALA J 130 19.95 -62.76 -67.98
N GLN J 131 20.45 -61.69 -67.35
CA GLN J 131 21.84 -61.69 -66.90
C GLN J 131 22.10 -62.69 -65.80
N GLY J 132 21.06 -63.22 -65.16
CA GLY J 132 21.23 -64.13 -64.04
C GLY J 132 21.11 -63.40 -62.71
N ASN J 133 20.04 -62.62 -62.54
CA ASN J 133 19.81 -61.86 -61.32
C ASN J 133 18.44 -62.19 -60.76
N GLN J 134 18.30 -62.05 -59.45
CA GLN J 134 17.05 -62.29 -58.74
C GLN J 134 16.43 -60.94 -58.41
N VAL J 135 15.22 -60.71 -58.91
CA VAL J 135 14.46 -59.49 -58.63
C VAL J 135 13.43 -59.86 -57.58
N THR J 136 13.63 -59.39 -56.35
CA THR J 136 12.92 -59.97 -55.21
C THR J 136 11.51 -59.40 -55.07
N ASP J 137 11.41 -58.11 -54.81
CA ASP J 137 10.21 -57.57 -54.14
C ASP J 137 10.23 -58.17 -52.73
N LYS J 138 9.08 -58.51 -52.15
CA LYS J 138 9.02 -59.25 -50.89
C LYS J 138 9.98 -58.68 -49.85
N ILE J 139 9.76 -57.42 -49.47
CA ILE J 139 10.56 -56.74 -48.47
C ILE J 139 9.67 -56.30 -47.32
N VAL J 140 10.18 -56.46 -46.10
CA VAL J 140 9.38 -56.21 -44.91
C VAL J 140 9.04 -54.74 -44.76
N GLY J 141 10.00 -53.86 -45.02
CA GLY J 141 9.75 -52.46 -44.72
C GLY J 141 9.89 -52.21 -43.24
N THR J 142 9.49 -51.01 -42.84
CA THR J 142 9.57 -50.60 -41.44
C THR J 142 8.43 -49.65 -41.11
N GLN J 143 8.03 -49.65 -39.84
CA GLN J 143 7.09 -48.68 -39.31
C GLN J 143 7.65 -48.12 -38.01
N PHE J 144 7.63 -46.79 -37.90
CA PHE J 144 8.32 -46.07 -36.85
C PHE J 144 7.31 -45.59 -35.81
N ILE J 145 7.79 -44.78 -34.85
CA ILE J 145 6.93 -44.29 -33.79
C ILE J 145 5.69 -43.63 -34.39
N GLY J 146 4.58 -43.73 -33.66
CA GLY J 146 3.30 -43.28 -34.13
C GLY J 146 2.39 -44.40 -34.61
N SER J 147 2.98 -45.46 -35.17
CA SER J 147 2.21 -46.62 -35.58
C SER J 147 2.14 -47.63 -34.43
N VAL J 148 0.98 -48.25 -34.28
CA VAL J 148 0.76 -49.14 -33.14
C VAL J 148 1.33 -50.54 -33.41
N LEU J 149 1.41 -50.95 -34.67
CA LEU J 149 1.87 -52.29 -35.03
C LEU J 149 0.91 -53.35 -34.52
N ALA K 2 -9.11 -110.70 -58.72
CA ALA K 2 -9.34 -109.34 -58.23
C ALA K 2 -8.09 -108.47 -58.25
N LYS K 3 -7.06 -108.86 -58.99
CA LYS K 3 -5.80 -108.11 -59.00
C LYS K 3 -5.31 -107.92 -57.57
N ALA K 4 -4.92 -106.69 -57.23
CA ALA K 4 -4.48 -106.39 -55.87
C ALA K 4 -4.27 -104.88 -55.76
N HIS K 5 -4.51 -104.36 -54.57
CA HIS K 5 -4.28 -102.94 -54.31
C HIS K 5 -2.80 -102.73 -54.03
N VAL K 6 -2.11 -102.04 -54.94
CA VAL K 6 -0.66 -101.89 -54.87
C VAL K 6 -0.29 -100.46 -55.21
N ALA K 7 0.73 -99.94 -54.54
CA ALA K 7 1.28 -98.62 -54.80
C ALA K 7 2.79 -98.73 -54.85
N THR K 8 3.42 -97.82 -55.60
CA THR K 8 4.86 -97.86 -55.82
C THR K 8 5.44 -96.46 -55.76
N LEU K 9 6.66 -96.37 -55.23
CA LEU K 9 7.42 -95.12 -55.16
C LEU K 9 8.85 -95.42 -55.60
N GLU K 10 9.25 -94.87 -56.74
CA GLU K 10 10.55 -95.19 -57.33
C GLU K 10 11.32 -93.93 -57.75
N GLY K 11 11.24 -92.86 -56.97
CA GLY K 11 11.93 -91.63 -57.33
C GLY K 11 12.06 -90.66 -56.16
N ASN K 12 13.03 -89.76 -56.25
CA ASN K 12 13.33 -88.81 -55.18
C ASN K 12 13.50 -87.40 -55.75
N TYR K 13 13.69 -86.44 -54.84
CA TYR K 13 13.93 -85.06 -55.26
C TYR K 13 15.34 -84.88 -55.80
N SER K 14 16.32 -85.53 -55.17
CA SER K 14 17.71 -85.38 -55.58
C SER K 14 17.97 -85.91 -56.99
N ASP K 15 17.06 -86.69 -57.55
CA ASP K 15 17.25 -87.24 -58.89
C ASP K 15 16.79 -86.29 -59.99
N ILE K 16 16.29 -85.12 -59.64
CA ILE K 16 15.91 -84.09 -60.62
C ILE K 16 16.91 -82.94 -60.62
N VAL K 17 17.17 -82.36 -59.45
CA VAL K 17 18.19 -81.33 -59.31
C VAL K 17 19.43 -81.97 -58.71
N LEU K 18 20.33 -82.44 -59.57
CA LEU K 18 21.49 -83.20 -59.13
C LEU K 18 22.45 -82.39 -58.27
N GLY K 19 22.34 -81.06 -58.27
CA GLY K 19 23.21 -80.22 -57.47
C GLY K 19 23.01 -78.75 -57.77
N ARG K 20 23.42 -77.88 -56.86
CA ARG K 20 23.23 -76.44 -57.01
C ARG K 20 24.55 -75.71 -56.99
N VAL K 21 24.46 -74.40 -57.18
CA VAL K 21 25.50 -73.48 -56.76
C VAL K 21 24.97 -72.72 -55.55
N VAL K 22 25.56 -72.95 -54.40
CA VAL K 22 25.05 -72.35 -53.16
C VAL K 22 25.52 -70.91 -53.07
N ALA K 23 24.57 -70.00 -52.90
CA ALA K 23 24.89 -68.58 -52.75
C ALA K 23 25.11 -68.24 -51.29
N PHE K 24 25.93 -67.22 -51.05
CA PHE K 24 26.16 -66.75 -49.68
C PHE K 24 25.21 -65.62 -49.31
N GLY K 25 24.74 -64.86 -50.29
CA GLY K 25 23.88 -63.71 -50.01
C GLY K 25 22.43 -64.07 -49.82
N ASP K 26 21.96 -65.12 -50.51
CA ASP K 26 20.57 -65.55 -50.40
C ASP K 26 20.47 -66.96 -50.96
N THR K 27 19.99 -67.90 -50.14
CA THR K 27 19.83 -69.27 -50.60
C THR K 27 18.70 -69.43 -51.62
N GLY K 28 17.85 -68.41 -51.77
CA GLY K 28 16.80 -68.45 -52.74
C GLY K 28 17.15 -67.93 -54.12
N TRP K 29 18.44 -67.67 -54.36
CA TRP K 29 18.86 -67.12 -55.64
C TRP K 29 18.54 -68.04 -56.82
N ASN K 30 18.34 -69.34 -56.56
CA ASN K 30 18.12 -70.29 -57.63
C ASN K 30 16.65 -70.48 -57.99
N PHE K 31 15.73 -70.01 -57.15
CA PHE K 31 14.32 -70.33 -57.30
C PHE K 31 13.49 -69.09 -57.59
N LYS K 32 12.41 -69.29 -58.33
CA LYS K 32 11.40 -68.27 -58.57
C LYS K 32 10.03 -68.84 -58.22
N GLU K 33 9.13 -67.96 -57.81
CA GLU K 33 7.79 -68.35 -57.40
C GLU K 33 6.77 -67.81 -58.41
N VAL K 34 5.90 -68.69 -58.90
CA VAL K 34 4.85 -68.32 -59.83
C VAL K 34 3.55 -68.94 -59.35
N ASP K 35 2.45 -68.50 -59.95
CA ASP K 35 1.11 -68.96 -59.60
C ASP K 35 0.63 -69.92 -60.67
N MET K 36 0.15 -71.08 -60.24
CA MET K 36 -0.19 -72.18 -61.15
C MET K 36 -1.58 -72.72 -60.83
N THR K 37 -2.25 -73.21 -61.87
CA THR K 37 -3.58 -73.81 -61.73
C THR K 37 -3.40 -75.26 -61.29
N PHE K 38 -3.47 -75.47 -59.97
CA PHE K 38 -3.13 -76.77 -59.41
C PHE K 38 -4.06 -77.86 -59.91
N ILE K 39 -5.37 -77.67 -59.80
CA ILE K 39 -6.36 -78.62 -60.28
C ILE K 39 -7.06 -78.00 -61.48
N ALA K 40 -7.20 -78.79 -62.54
CA ALA K 40 -7.85 -78.29 -63.75
C ALA K 40 -9.19 -77.64 -63.41
N ASP K 41 -9.60 -76.68 -64.23
CA ASP K 41 -10.80 -75.91 -63.96
C ASP K 41 -12.03 -76.81 -63.92
N ASP K 42 -12.16 -77.72 -64.89
CA ASP K 42 -13.37 -78.51 -65.04
C ASP K 42 -13.35 -79.80 -64.22
N ALA K 43 -12.18 -80.27 -63.81
CA ALA K 43 -12.11 -81.54 -63.08
C ALA K 43 -12.85 -81.43 -61.75
N ASP K 44 -13.38 -82.56 -61.30
CA ASP K 44 -14.09 -82.58 -60.03
C ASP K 44 -13.13 -82.30 -58.87
N ALA K 45 -13.70 -81.92 -57.74
CA ALA K 45 -12.88 -81.52 -56.60
C ALA K 45 -11.95 -82.62 -56.12
N ASP K 46 -12.35 -83.88 -56.26
CA ASP K 46 -11.57 -85.00 -55.74
C ASP K 46 -10.58 -85.56 -56.76
N SER K 47 -10.55 -85.01 -57.97
CA SER K 47 -9.57 -85.45 -58.95
C SER K 47 -8.17 -85.01 -58.51
N LYS K 48 -7.21 -85.91 -58.66
CA LYS K 48 -5.83 -85.60 -58.33
C LYS K 48 -5.24 -84.66 -59.38
N THR K 49 -4.31 -83.82 -58.93
CA THR K 49 -3.72 -82.83 -59.82
C THR K 49 -2.94 -83.51 -60.93
N THR K 50 -2.99 -82.91 -62.12
CA THR K 50 -2.29 -83.44 -63.29
C THR K 50 -0.82 -83.04 -63.34
N LEU K 51 -0.38 -82.12 -62.50
CA LEU K 51 1.01 -81.73 -62.46
C LEU K 51 1.86 -82.83 -61.83
N PHE K 52 3.04 -83.04 -62.40
CA PHE K 52 3.99 -84.02 -61.89
C PHE K 52 5.37 -83.36 -61.86
N ALA K 53 6.14 -83.70 -60.83
CA ALA K 53 7.44 -83.06 -60.66
C ALA K 53 8.32 -83.31 -61.88
N GLY K 54 9.07 -82.28 -62.27
CA GLY K 54 9.94 -82.35 -63.41
C GLY K 54 9.38 -81.76 -64.69
N VAL K 55 8.12 -81.35 -64.70
CA VAL K 55 7.54 -80.74 -65.90
C VAL K 55 8.14 -79.36 -66.10
N LEU K 56 8.23 -78.95 -67.37
CA LEU K 56 8.79 -77.66 -67.74
C LEU K 56 7.68 -76.64 -67.88
N VAL K 57 7.77 -75.55 -67.12
CA VAL K 57 6.72 -74.55 -67.04
C VAL K 57 7.30 -73.18 -67.33
N GLY K 58 6.52 -72.36 -68.04
CA GLY K 58 6.93 -71.00 -68.31
C GLY K 58 6.79 -70.12 -67.09
N GLU K 59 7.27 -68.88 -67.23
CA GLU K 59 7.25 -67.92 -66.13
C GLU K 59 5.84 -67.48 -65.76
N ASP K 60 4.83 -67.81 -66.57
CA ASP K 60 3.46 -67.43 -66.30
C ASP K 60 2.62 -68.57 -65.76
N GLY K 61 3.24 -69.66 -65.33
CA GLY K 61 2.51 -70.75 -64.68
C GLY K 61 1.86 -71.74 -65.61
N THR K 62 2.06 -71.61 -66.93
CA THR K 62 1.47 -72.53 -67.88
C THR K 62 2.50 -73.56 -68.31
N PRO K 63 2.25 -74.87 -68.12
CA PRO K 63 3.22 -75.87 -68.59
C PRO K 63 3.46 -75.74 -70.09
N ALA K 64 4.71 -75.98 -70.48
CA ALA K 64 5.15 -75.73 -71.85
C ALA K 64 4.82 -76.93 -72.72
N THR K 65 4.06 -76.70 -73.79
CA THR K 65 3.88 -77.69 -74.85
C THR K 65 4.80 -77.43 -76.03
N ALA K 66 5.69 -76.46 -75.92
CA ALA K 66 6.64 -76.15 -76.98
C ALA K 66 7.96 -75.75 -76.34
N ALA K 67 9.05 -75.94 -77.07
CA ALA K 67 10.38 -75.68 -76.54
C ALA K 67 10.58 -74.22 -76.18
N ALA K 68 9.91 -73.30 -76.88
CA ALA K 68 10.12 -71.88 -76.62
C ALA K 68 9.66 -71.47 -75.22
N GLY K 69 8.53 -71.99 -74.76
CA GLY K 69 7.97 -71.58 -73.49
C GLY K 69 8.56 -72.30 -72.29
N VAL K 70 9.85 -72.61 -72.35
CA VAL K 70 10.55 -73.26 -71.24
C VAL K 70 11.26 -72.19 -70.44
N PHE K 71 10.95 -72.13 -69.15
CA PHE K 71 11.52 -71.10 -68.27
C PHE K 71 12.09 -71.72 -67.00
N GLY K 72 11.51 -72.83 -66.55
CA GLY K 72 11.98 -73.45 -65.33
C GLY K 72 11.36 -74.82 -65.14
N VAL K 73 11.93 -75.56 -64.21
CA VAL K 73 11.49 -76.92 -63.90
C VAL K 73 10.72 -76.89 -62.58
N LEU K 74 9.51 -77.42 -62.60
CA LEU K 74 8.69 -77.46 -61.39
C LEU K 74 9.29 -78.44 -60.39
N VAL K 75 9.71 -77.94 -59.23
CA VAL K 75 10.28 -78.77 -58.19
C VAL K 75 9.59 -78.49 -56.86
N ASP K 76 8.32 -78.10 -56.92
CA ASP K 76 7.58 -77.80 -55.71
C ASP K 76 7.49 -79.05 -54.83
N ARG K 77 7.43 -78.83 -53.51
CA ARG K 77 7.33 -79.96 -52.59
C ARG K 77 5.92 -80.53 -52.51
N LYS K 78 4.96 -79.91 -53.20
CA LYS K 78 3.59 -80.41 -53.19
C LYS K 78 3.32 -81.43 -54.29
N VAL K 79 4.27 -81.66 -55.19
CA VAL K 79 4.04 -82.54 -56.33
C VAL K 79 5.16 -83.57 -56.47
N LEU K 80 6.00 -83.69 -55.44
CA LEU K 80 7.05 -84.68 -55.47
C LEU K 80 6.47 -86.08 -55.40
N PRO K 81 7.19 -87.09 -55.87
CA PRO K 81 6.63 -88.45 -55.87
C PRO K 81 6.21 -88.88 -54.47
N GLY K 82 5.01 -89.45 -54.39
CA GLY K 82 4.50 -89.98 -53.15
C GLY K 82 3.59 -89.06 -52.36
N VAL K 83 3.58 -87.76 -52.68
CA VAL K 83 2.76 -86.82 -51.92
C VAL K 83 1.39 -86.69 -52.56
N ASP K 84 0.48 -87.59 -52.18
CA ASP K 84 -0.86 -87.62 -52.77
C ASP K 84 -1.93 -87.04 -51.86
N HIS K 85 -1.55 -86.47 -50.72
CA HIS K 85 -2.54 -86.05 -49.73
C HIS K 85 -3.46 -84.96 -50.23
N TYR K 86 -2.97 -84.04 -51.06
CA TYR K 86 -3.76 -82.88 -51.48
C TYR K 86 -4.78 -83.30 -52.54
N ILE K 87 -5.84 -83.93 -52.07
CA ILE K 87 -6.98 -84.32 -52.90
C ILE K 87 -8.23 -83.67 -52.34
N GLY K 88 -8.82 -82.76 -53.12
CA GLY K 88 -10.00 -82.05 -52.68
C GLY K 88 -9.66 -80.89 -51.77
N VAL K 89 -8.37 -80.65 -51.54
CA VAL K 89 -7.93 -79.55 -50.70
C VAL K 89 -7.97 -78.21 -51.42
N PHE K 90 -8.13 -78.21 -52.74
CA PHE K 90 -8.13 -76.99 -53.53
C PHE K 90 -9.37 -76.92 -54.41
N GLU K 91 -9.99 -75.76 -54.44
CA GLU K 91 -11.13 -75.52 -55.30
C GLU K 91 -10.71 -75.66 -56.77
N PRO K 92 -11.41 -76.49 -57.55
CA PRO K 92 -11.12 -76.53 -58.99
C PRO K 92 -11.07 -75.14 -59.61
N GLY K 93 -10.01 -74.86 -60.36
CA GLY K 93 -9.80 -73.53 -60.91
C GLY K 93 -8.97 -72.62 -60.02
N GLU K 94 -8.63 -73.05 -58.81
CA GLU K 94 -7.80 -72.26 -57.93
C GLU K 94 -6.38 -72.13 -58.51
N LYS K 95 -5.76 -70.99 -58.23
CA LYS K 95 -4.38 -70.74 -58.60
C LYS K 95 -3.54 -70.63 -57.32
N VAL K 96 -2.55 -71.49 -57.19
CA VAL K 96 -1.77 -71.60 -55.96
C VAL K 96 -0.29 -71.38 -56.30
N PRO K 97 0.47 -70.68 -55.47
CA PRO K 97 1.89 -70.46 -55.80
C PRO K 97 2.68 -71.75 -55.83
N MET K 98 3.67 -71.79 -56.71
CA MET K 98 4.56 -72.93 -56.85
C MET K 98 6.00 -72.42 -56.98
N VAL K 99 6.95 -73.29 -56.67
CA VAL K 99 8.36 -72.94 -56.69
C VAL K 99 9.00 -73.53 -57.94
N LEU K 100 9.68 -72.69 -58.72
CA LEU K 100 10.40 -73.12 -59.92
C LEU K 100 11.89 -72.94 -59.69
N ALA K 101 12.69 -73.86 -60.22
CA ALA K 101 14.13 -73.77 -60.16
C ALA K 101 14.66 -73.29 -61.51
N VAL K 102 15.46 -72.22 -61.49
CA VAL K 102 15.78 -71.49 -62.71
C VAL K 102 17.28 -71.46 -62.96
N ARG K 103 18.06 -71.04 -61.97
CA ARG K 103 19.46 -70.70 -62.19
C ARG K 103 20.38 -71.59 -61.37
N GLY K 104 21.57 -71.83 -61.92
CA GLY K 104 22.64 -72.44 -61.16
C GLY K 104 22.39 -73.86 -60.70
N LEU K 105 21.91 -74.74 -61.58
CA LEU K 105 21.61 -76.12 -61.22
C LEU K 105 22.23 -77.08 -62.22
N THR K 106 22.40 -78.32 -61.75
CA THR K 106 22.69 -79.46 -62.61
C THR K 106 21.42 -80.28 -62.75
N LEU K 107 20.86 -80.31 -63.95
CA LEU K 107 19.53 -80.86 -64.18
C LEU K 107 19.64 -82.14 -64.98
N ASN K 108 18.93 -83.18 -64.52
CA ASN K 108 18.93 -84.47 -65.19
C ASN K 108 18.19 -84.36 -66.52
N GLN K 109 18.78 -84.93 -67.57
CA GLN K 109 18.14 -84.90 -68.89
C GLN K 109 16.83 -85.66 -68.90
N LEU K 110 16.80 -86.84 -68.30
CA LEU K 110 15.71 -87.77 -68.53
C LEU K 110 14.42 -87.36 -67.85
N LYS K 111 14.51 -86.72 -66.68
CA LYS K 111 13.31 -86.39 -65.92
C LYS K 111 12.61 -85.12 -66.41
N LEU K 112 13.27 -84.30 -67.21
CA LEU K 112 12.60 -83.17 -67.81
C LEU K 112 11.62 -83.65 -68.87
N LYS K 113 10.39 -83.17 -68.81
CA LYS K 113 9.35 -83.64 -69.71
C LYS K 113 8.38 -82.51 -70.02
N TYR K 114 7.91 -82.46 -71.27
CA TYR K 114 6.95 -81.46 -71.66
C TYR K 114 5.64 -81.66 -70.88
N ALA K 115 4.68 -80.77 -71.15
CA ALA K 115 3.42 -80.79 -70.43
C ALA K 115 2.73 -82.15 -70.52
N ASP K 116 2.94 -82.87 -71.62
CA ASP K 116 2.26 -84.15 -71.86
C ASP K 116 3.22 -85.32 -71.80
N GLY K 117 4.24 -85.25 -70.95
CA GLY K 117 5.16 -86.36 -70.74
C GLY K 117 6.24 -86.51 -71.78
N THR K 118 6.03 -86.03 -73.00
CA THR K 118 7.02 -86.17 -74.07
C THR K 118 8.35 -85.55 -73.65
N ALA K 119 9.43 -86.28 -73.91
CA ALA K 119 10.76 -85.79 -73.55
C ALA K 119 11.05 -84.49 -74.28
N ILE K 120 12.16 -83.86 -73.91
CA ILE K 120 12.54 -82.54 -74.41
C ILE K 120 13.55 -82.69 -75.54
N ASP K 121 13.44 -81.81 -76.54
CA ASP K 121 14.30 -81.84 -77.70
C ASP K 121 15.56 -81.03 -77.48
N ALA K 122 16.36 -80.89 -78.55
CA ALA K 122 17.55 -80.05 -78.48
C ALA K 122 17.19 -78.58 -78.29
N ALA K 123 16.12 -78.12 -78.94
CA ALA K 123 15.71 -76.73 -78.77
C ALA K 123 15.39 -76.43 -77.31
N GLY K 124 14.69 -77.34 -76.64
CA GLY K 124 14.42 -77.15 -75.22
C GLY K 124 15.69 -77.09 -74.40
N ILE K 125 16.66 -77.95 -74.69
CA ILE K 125 17.91 -77.95 -73.96
C ILE K 125 18.61 -76.61 -74.12
N GLN K 126 18.70 -76.12 -75.35
CA GLN K 126 19.36 -74.84 -75.58
C GLN K 126 18.61 -73.71 -74.90
N ALA K 127 17.28 -73.73 -74.94
CA ALA K 127 16.50 -72.66 -74.33
C ALA K 127 16.69 -72.65 -72.81
N LEU K 128 16.73 -73.83 -72.18
CA LEU K 128 16.83 -73.88 -70.73
C LEU K 128 18.25 -73.58 -70.27
N GLU K 129 19.25 -74.02 -71.03
CA GLU K 129 20.63 -73.79 -70.62
C GLU K 129 20.93 -72.29 -70.53
N ALA K 130 20.25 -71.48 -71.34
CA ALA K 130 20.53 -70.04 -71.33
C ALA K 130 20.35 -69.45 -69.94
N GLN K 131 19.45 -70.02 -69.13
CA GLN K 131 19.28 -69.55 -67.76
C GLN K 131 20.48 -69.87 -66.88
N GLY K 132 21.40 -70.71 -67.36
CA GLY K 132 22.56 -71.08 -66.56
C GLY K 132 22.37 -72.40 -65.84
N ASN K 133 21.98 -73.44 -66.56
CA ASN K 133 21.82 -74.78 -66.00
C ASN K 133 22.56 -75.77 -66.87
N GLN K 134 23.04 -76.85 -66.24
CA GLN K 134 23.85 -77.86 -66.92
C GLN K 134 23.01 -79.11 -67.10
N VAL K 135 22.41 -79.27 -68.29
CA VAL K 135 21.64 -80.46 -68.60
C VAL K 135 22.60 -81.55 -69.05
N THR K 136 22.61 -82.68 -68.33
CA THR K 136 23.61 -83.71 -68.51
C THR K 136 22.98 -85.07 -68.74
N ASP K 137 23.71 -85.95 -69.43
CA ASP K 137 23.29 -87.33 -69.66
C ASP K 137 24.10 -88.34 -68.88
N LYS K 138 25.08 -87.89 -68.08
CA LYS K 138 26.00 -88.78 -67.40
C LYS K 138 25.40 -89.32 -66.12
N ILE K 139 24.45 -90.24 -66.23
CA ILE K 139 23.84 -90.89 -65.07
C ILE K 139 24.12 -92.39 -65.15
N VAL K 140 24.69 -92.93 -64.07
CA VAL K 140 25.04 -94.34 -64.05
C VAL K 140 23.82 -95.24 -64.11
N GLY K 141 22.76 -94.93 -63.37
CA GLY K 141 21.61 -95.80 -63.34
C GLY K 141 21.79 -96.93 -62.33
N THR K 142 20.89 -97.89 -62.40
CA THR K 142 20.91 -99.02 -61.47
C THR K 142 20.33 -100.24 -62.16
N GLN K 143 20.64 -101.41 -61.60
CA GLN K 143 20.15 -102.68 -62.10
C GLN K 143 19.59 -103.49 -60.94
N PHE K 144 18.55 -104.27 -61.22
CA PHE K 144 17.76 -104.90 -60.17
C PHE K 144 17.66 -106.40 -60.37
N ILE K 145 17.75 -107.14 -59.26
CA ILE K 145 17.40 -108.56 -59.19
C ILE K 145 18.03 -109.35 -60.32
N GLY K 146 17.35 -109.42 -61.46
CA GLY K 146 17.66 -110.37 -62.51
C GLY K 146 18.89 -110.07 -63.34
N SER K 147 19.46 -108.89 -63.22
CA SER K 147 20.62 -108.53 -64.03
C SER K 147 21.89 -109.01 -63.34
N VAL K 148 22.55 -110.01 -63.94
CA VAL K 148 23.77 -110.55 -63.35
C VAL K 148 24.82 -109.45 -63.27
N LEU K 149 25.70 -109.57 -62.27
CA LEU K 149 26.78 -108.61 -62.07
C LEU K 149 28.07 -109.33 -61.70
N ALA L 2 41.01 -33.60 -61.60
CA ALA L 2 39.84 -33.36 -60.78
C ALA L 2 40.12 -32.25 -59.76
N LYS L 3 39.20 -31.30 -59.70
CA LYS L 3 39.38 -30.17 -58.79
C LYS L 3 39.35 -30.64 -57.34
N ALA L 4 40.04 -29.90 -56.49
CA ALA L 4 39.96 -30.13 -55.05
C ALA L 4 39.12 -29.03 -54.40
N HIS L 5 38.53 -29.37 -53.25
CA HIS L 5 37.69 -28.45 -52.52
C HIS L 5 38.53 -27.61 -51.58
N VAL L 6 38.42 -26.29 -51.70
CA VAL L 6 39.21 -25.35 -50.90
C VAL L 6 38.33 -24.17 -50.51
N ALA L 7 38.44 -23.75 -49.26
CA ALA L 7 37.74 -22.58 -48.75
C ALA L 7 38.74 -21.65 -48.09
N THR L 8 38.46 -20.34 -48.15
CA THR L 8 39.42 -19.34 -47.73
C THR L 8 38.73 -18.31 -46.85
N LEU L 9 39.52 -17.66 -46.00
CA LEU L 9 39.03 -16.64 -45.07
C LEU L 9 40.07 -15.55 -44.91
N GLU L 10 39.67 -14.30 -45.13
CA GLU L 10 40.52 -13.15 -44.92
C GLU L 10 39.66 -11.97 -44.52
N GLY L 11 40.11 -11.23 -43.51
CA GLY L 11 39.38 -10.07 -43.03
C GLY L 11 38.51 -10.39 -41.82
N ASN L 12 38.28 -9.35 -41.00
CA ASN L 12 37.52 -9.51 -39.78
C ASN L 12 36.60 -8.31 -39.52
N TYR L 13 35.95 -8.31 -38.35
CA TYR L 13 35.13 -7.18 -37.95
C TYR L 13 35.94 -5.89 -37.85
N SER L 14 37.09 -5.96 -37.16
CA SER L 14 37.85 -4.76 -36.88
C SER L 14 38.43 -4.13 -38.14
N ASP L 15 38.43 -4.84 -39.26
CA ASP L 15 38.98 -4.28 -40.49
C ASP L 15 38.05 -3.25 -41.11
N ILE L 16 36.78 -3.24 -40.73
CA ILE L 16 35.83 -2.24 -41.20
C ILE L 16 35.69 -1.10 -40.20
N VAL L 17 35.53 -1.42 -38.92
CA VAL L 17 35.44 -0.40 -37.87
C VAL L 17 36.80 -0.30 -37.19
N LEU L 18 37.65 0.60 -37.70
CA LEU L 18 39.00 0.72 -37.16
C LEU L 18 39.02 1.32 -35.76
N GLY L 19 38.11 2.23 -35.45
CA GLY L 19 38.11 2.88 -34.16
C GLY L 19 36.72 3.32 -33.76
N ARG L 20 36.50 3.35 -32.45
CA ARG L 20 35.19 3.62 -31.89
C ARG L 20 35.34 4.48 -30.65
N VAL L 21 34.48 5.50 -30.53
CA VAL L 21 34.43 6.30 -29.32
C VAL L 21 33.45 5.65 -28.34
N VAL L 22 33.93 5.36 -27.14
CA VAL L 22 33.15 4.67 -26.12
C VAL L 22 32.61 5.73 -25.16
N ALA L 23 31.28 5.78 -25.03
CA ALA L 23 30.63 6.68 -24.09
C ALA L 23 30.48 5.97 -22.76
N PHE L 24 31.03 6.56 -21.70
CA PHE L 24 31.02 5.92 -20.38
C PHE L 24 29.63 5.46 -19.98
N GLY L 25 28.65 6.35 -20.06
CA GLY L 25 27.32 6.06 -19.60
C GLY L 25 26.42 5.32 -20.56
N ASP L 26 26.92 4.97 -21.75
CA ASP L 26 26.09 4.26 -22.73
C ASP L 26 27.02 3.62 -23.75
N THR L 27 26.96 2.29 -23.85
CA THR L 27 27.82 1.56 -24.77
C THR L 27 27.23 1.41 -26.15
N GLY L 28 25.90 1.46 -26.29
CA GLY L 28 25.27 1.29 -27.58
C GLY L 28 25.01 2.60 -28.29
N TRP L 29 25.70 3.66 -27.88
CA TRP L 29 25.46 4.98 -28.47
C TRP L 29 25.75 5.00 -29.96
N ASN L 30 26.82 4.33 -30.38
CA ASN L 30 27.27 4.44 -31.77
C ASN L 30 26.33 3.75 -32.75
N PHE L 31 25.57 2.75 -32.31
CA PHE L 31 24.86 1.86 -33.20
C PHE L 31 23.36 2.14 -33.19
N LYS L 32 22.69 1.71 -34.26
CA LYS L 32 21.25 1.85 -34.40
C LYS L 32 20.74 0.66 -35.20
N GLU L 33 19.56 0.17 -34.84
CA GLU L 33 19.00 -1.00 -35.50
C GLU L 33 17.99 -0.59 -36.57
N VAL L 34 18.00 -1.34 -37.68
CA VAL L 34 17.01 -1.20 -38.73
C VAL L 34 16.54 -2.58 -39.11
N ASP L 35 15.68 -2.67 -40.12
CA ASP L 35 15.17 -3.95 -40.61
C ASP L 35 15.43 -4.06 -42.10
N MET L 36 15.89 -5.24 -42.53
CA MET L 36 16.34 -5.43 -43.90
C MET L 36 15.80 -6.75 -44.44
N THR L 37 15.68 -6.82 -45.76
CA THR L 37 15.23 -8.04 -46.42
C THR L 37 16.42 -8.99 -46.57
N PHE L 38 16.52 -9.97 -45.66
CA PHE L 38 17.68 -10.83 -45.64
C PHE L 38 17.81 -11.64 -46.92
N ILE L 39 16.70 -12.18 -47.43
CA ILE L 39 16.68 -12.97 -48.65
C ILE L 39 15.78 -12.25 -49.65
N ALA L 40 16.29 -12.01 -50.85
CA ALA L 40 15.51 -11.31 -51.85
C ALA L 40 14.22 -12.07 -52.15
N ASP L 41 13.14 -11.33 -52.37
CA ASP L 41 11.85 -11.95 -52.58
C ASP L 41 11.81 -12.84 -53.82
N ASP L 42 12.72 -12.61 -54.77
CA ASP L 42 12.82 -13.44 -55.96
C ASP L 42 13.83 -14.57 -55.81
N ALA L 43 14.51 -14.67 -54.68
CA ALA L 43 15.48 -15.72 -54.48
C ALA L 43 14.79 -17.08 -54.45
N ASP L 44 15.52 -18.10 -54.91
CA ASP L 44 14.97 -19.45 -54.89
C ASP L 44 14.80 -19.92 -53.46
N ALA L 45 13.93 -20.91 -53.27
CA ALA L 45 13.63 -21.43 -51.94
C ALA L 45 14.91 -21.71 -51.17
N ASP L 46 15.11 -20.97 -50.07
CA ASP L 46 16.29 -21.15 -49.22
C ASP L 46 17.58 -20.93 -50.02
N SER L 47 17.66 -19.79 -50.69
CA SER L 47 18.88 -19.39 -51.39
C SER L 47 19.93 -18.92 -50.41
N LYS L 48 21.04 -18.39 -50.92
CA LYS L 48 22.03 -17.71 -50.10
C LYS L 48 21.87 -16.20 -50.26
N THR L 49 21.98 -15.48 -49.15
CA THR L 49 21.80 -14.05 -49.16
C THR L 49 22.88 -13.38 -50.00
N THR L 50 22.70 -12.07 -50.25
CA THR L 50 23.64 -11.29 -51.04
C THR L 50 24.06 -10.01 -50.30
N LEU L 51 23.64 -9.84 -49.06
CA LEU L 51 24.15 -8.75 -48.24
C LEU L 51 25.56 -9.07 -47.77
N PHE L 52 26.32 -8.02 -47.48
CA PHE L 52 27.68 -8.17 -47.01
C PHE L 52 28.03 -6.98 -46.12
N ALA L 53 29.00 -7.19 -45.24
CA ALA L 53 29.42 -6.12 -44.35
C ALA L 53 29.99 -4.95 -45.13
N GLY L 54 29.54 -3.75 -44.78
CA GLY L 54 30.02 -2.53 -45.41
C GLY L 54 29.08 -1.92 -46.41
N VAL L 55 28.01 -2.61 -46.80
CA VAL L 55 27.08 -2.05 -47.77
C VAL L 55 26.35 -0.88 -47.15
N LEU L 56 26.33 0.25 -47.85
CA LEU L 56 25.68 1.46 -47.35
C LEU L 56 24.18 1.34 -47.47
N VAL L 57 23.48 1.75 -46.41
CA VAL L 57 22.02 1.65 -46.34
C VAL L 57 21.46 2.95 -45.78
N GLY L 58 20.21 3.24 -46.17
CA GLY L 58 19.50 4.38 -45.62
C GLY L 58 18.83 4.04 -44.31
N GLU L 59 18.31 5.09 -43.65
CA GLU L 59 17.65 4.88 -42.36
C GLU L 59 16.46 3.95 -42.49
N ASP L 60 15.82 3.92 -43.67
CA ASP L 60 14.71 3.00 -43.88
C ASP L 60 15.16 1.55 -43.80
N GLY L 61 16.44 1.28 -44.10
CA GLY L 61 16.97 -0.06 -44.12
C GLY L 61 17.31 -0.57 -45.52
N THR L 62 16.78 0.05 -46.55
CA THR L 62 17.09 -0.38 -47.91
C THR L 62 18.50 0.03 -48.28
N PRO L 63 19.28 -0.83 -48.94
CA PRO L 63 20.61 -0.42 -49.40
C PRO L 63 20.53 0.80 -50.30
N ALA L 64 21.51 1.69 -50.16
CA ALA L 64 21.53 2.94 -50.88
C ALA L 64 22.19 2.79 -52.24
N THR L 65 21.68 3.54 -53.23
CA THR L 65 22.27 3.55 -54.56
C THR L 65 23.15 4.76 -54.79
N ALA L 66 22.86 5.88 -54.12
CA ALA L 66 23.64 7.10 -54.29
C ALA L 66 23.71 7.81 -52.94
N ALA L 67 24.33 9.00 -52.96
CA ALA L 67 24.58 9.73 -51.73
C ALA L 67 23.31 9.97 -50.93
N ALA L 68 22.25 10.38 -51.60
CA ALA L 68 21.02 10.76 -50.90
C ALA L 68 20.48 9.64 -50.01
N GLY L 69 20.65 8.39 -50.42
CA GLY L 69 20.15 7.26 -49.67
C GLY L 69 21.09 6.72 -48.62
N VAL L 70 22.24 7.34 -48.42
CA VAL L 70 23.24 6.85 -47.47
C VAL L 70 22.94 7.44 -46.10
N PHE L 71 22.80 6.58 -45.10
CA PHE L 71 22.60 7.03 -43.73
C PHE L 71 23.60 6.34 -42.79
N GLY L 72 23.94 5.09 -43.07
CA GLY L 72 24.82 4.36 -42.20
C GLY L 72 25.49 3.20 -42.93
N VAL L 73 26.23 2.41 -42.17
CA VAL L 73 27.00 1.29 -42.69
C VAL L 73 26.54 0.02 -42.01
N LEU L 74 26.28 -1.02 -42.81
CA LEU L 74 25.83 -2.30 -42.26
C LEU L 74 27.00 -3.04 -41.64
N VAL L 75 26.87 -3.39 -40.36
CA VAL L 75 27.99 -3.91 -39.58
C VAL L 75 27.53 -5.10 -38.75
N ASP L 76 26.39 -5.70 -39.14
CA ASP L 76 25.82 -6.77 -38.35
C ASP L 76 26.76 -7.97 -38.27
N ARG L 77 26.60 -8.76 -37.20
CA ARG L 77 27.41 -9.97 -37.03
C ARG L 77 27.06 -11.05 -38.04
N LYS L 78 25.85 -11.02 -38.60
CA LYS L 78 25.38 -12.10 -39.47
C LYS L 78 26.08 -12.12 -40.83
N VAL L 79 26.86 -11.09 -41.16
CA VAL L 79 27.37 -10.95 -42.52
C VAL L 79 28.89 -10.79 -42.51
N LEU L 80 29.53 -11.15 -41.41
CA LEU L 80 30.98 -11.06 -41.38
C LEU L 80 31.60 -12.16 -42.26
N PRO L 81 32.84 -11.95 -42.73
CA PRO L 81 33.38 -12.86 -43.76
C PRO L 81 33.43 -14.32 -43.35
N GLY L 82 33.75 -14.61 -42.10
CA GLY L 82 33.97 -15.97 -41.66
C GLY L 82 32.79 -16.65 -41.01
N VAL L 83 31.57 -16.17 -41.21
CA VAL L 83 30.39 -16.68 -40.54
C VAL L 83 29.43 -17.22 -41.59
N ASP L 84 28.90 -18.42 -41.34
CA ASP L 84 27.88 -19.02 -42.20
C ASP L 84 26.97 -19.91 -41.38
N HIS L 85 25.79 -19.38 -41.03
CA HIS L 85 24.77 -20.15 -40.34
C HIS L 85 23.45 -20.07 -41.08
N TYR L 86 23.17 -18.90 -41.66
CA TYR L 86 21.82 -18.54 -42.08
C TYR L 86 21.60 -18.85 -43.56
N ILE L 87 21.43 -20.14 -43.84
CA ILE L 87 21.05 -20.61 -45.17
C ILE L 87 19.70 -21.29 -45.05
N GLY L 88 18.67 -20.68 -45.65
CA GLY L 88 17.33 -21.24 -45.60
C GLY L 88 16.63 -20.95 -44.29
N VAL L 89 17.32 -20.26 -43.37
CA VAL L 89 16.73 -19.97 -42.07
C VAL L 89 15.62 -18.93 -42.19
N PHE L 90 15.72 -18.02 -43.14
CA PHE L 90 14.72 -16.98 -43.34
C PHE L 90 14.07 -17.15 -44.70
N GLU L 91 12.74 -17.13 -44.72
CA GLU L 91 12.02 -17.31 -45.97
C GLU L 91 12.25 -16.10 -46.88
N PRO L 92 12.13 -16.29 -48.19
CA PRO L 92 12.28 -15.15 -49.11
C PRO L 92 11.28 -14.05 -48.76
N GLY L 93 11.76 -12.81 -48.80
CA GLY L 93 10.93 -11.66 -48.50
C GLY L 93 10.75 -11.37 -47.03
N GLU L 94 11.29 -12.19 -46.14
CA GLU L 94 11.21 -11.89 -44.72
C GLU L 94 12.21 -10.78 -44.37
N LYS L 95 12.01 -10.20 -43.19
CA LYS L 95 12.88 -9.14 -42.71
C LYS L 95 13.28 -9.41 -41.28
N VAL L 96 14.54 -9.11 -40.97
CA VAL L 96 15.12 -9.40 -39.66
C VAL L 96 15.87 -8.17 -39.18
N PRO L 97 15.85 -7.83 -37.90
CA PRO L 97 16.58 -6.65 -37.43
C PRO L 97 18.07 -6.75 -37.74
N MET L 98 18.66 -5.62 -38.10
CA MET L 98 20.08 -5.56 -38.44
C MET L 98 20.70 -4.36 -37.73
N VAL L 99 21.98 -4.49 -37.37
CA VAL L 99 22.66 -3.47 -36.58
C VAL L 99 23.48 -2.59 -37.51
N LEU L 100 23.29 -1.28 -37.39
CA LEU L 100 24.11 -0.31 -38.11
C LEU L 100 25.01 0.44 -37.14
N ALA L 101 26.03 1.08 -37.69
CA ALA L 101 26.93 1.95 -36.94
C ALA L 101 26.96 3.32 -37.62
N VAL L 102 26.57 4.35 -36.88
CA VAL L 102 26.29 5.64 -37.50
C VAL L 102 26.92 6.83 -36.78
N ARG L 103 27.37 6.65 -35.53
CA ARG L 103 27.93 7.75 -34.76
C ARG L 103 29.27 7.35 -34.16
N GLY L 104 30.22 8.29 -34.18
CA GLY L 104 31.46 8.14 -33.43
C GLY L 104 32.35 7.00 -33.86
N LEU L 105 32.57 6.83 -35.15
CA LEU L 105 33.37 5.71 -35.66
C LEU L 105 34.51 6.20 -36.53
N THR L 106 35.60 5.46 -36.51
CA THR L 106 36.70 5.63 -37.45
C THR L 106 36.56 4.56 -38.53
N LEU L 107 35.98 4.93 -39.65
CA LEU L 107 35.55 3.98 -40.66
C LEU L 107 36.60 3.83 -41.76
N ASN L 108 36.83 2.59 -42.17
CA ASN L 108 37.64 2.32 -43.36
C ASN L 108 36.94 2.90 -44.58
N GLN L 109 37.73 3.40 -45.52
CA GLN L 109 37.15 3.95 -46.75
C GLN L 109 37.09 2.92 -47.87
N LEU L 110 38.02 1.95 -47.87
CA LEU L 110 38.11 1.03 -48.99
C LEU L 110 37.03 -0.04 -48.95
N LYS L 111 36.63 -0.47 -47.75
CA LYS L 111 35.70 -1.60 -47.66
C LYS L 111 34.28 -1.21 -48.01
N LEU L 112 33.90 0.05 -47.79
CA LEU L 112 32.52 0.45 -48.01
C LEU L 112 32.14 0.35 -49.48
N LYS L 113 30.94 -0.15 -49.73
CA LYS L 113 30.46 -0.41 -51.08
C LYS L 113 29.04 0.12 -51.21
N TYR L 114 28.64 0.39 -52.44
CA TYR L 114 27.24 0.68 -52.72
C TYR L 114 26.48 -0.62 -52.96
N ALA L 115 25.17 -0.48 -53.19
CA ALA L 115 24.31 -1.65 -53.36
C ALA L 115 24.81 -2.56 -54.47
N ASP L 116 25.32 -2.01 -55.57
CA ASP L 116 25.74 -2.81 -56.71
C ASP L 116 27.21 -3.22 -56.65
N GLY L 117 27.90 -2.93 -55.56
CA GLY L 117 29.31 -3.23 -55.43
C GLY L 117 30.24 -2.11 -55.86
N THR L 118 29.70 -1.02 -56.42
CA THR L 118 30.53 0.10 -56.81
C THR L 118 31.16 0.74 -55.59
N ALA L 119 32.39 1.23 -55.75
CA ALA L 119 33.09 1.87 -54.64
C ALA L 119 32.36 3.15 -54.22
N ILE L 120 32.66 3.59 -53.00
CA ILE L 120 31.99 4.76 -52.44
C ILE L 120 32.50 6.03 -53.12
N ASP L 121 31.57 6.89 -53.52
CA ASP L 121 31.92 8.13 -54.19
C ASP L 121 32.25 9.22 -53.17
N ALA L 122 32.52 10.42 -53.68
CA ALA L 122 32.82 11.55 -52.81
C ALA L 122 31.58 12.10 -52.13
N ALA L 123 30.45 12.16 -52.85
CA ALA L 123 29.23 12.66 -52.24
C ALA L 123 28.78 11.78 -51.09
N GLY L 124 28.84 10.46 -51.26
CA GLY L 124 28.52 9.57 -50.16
C GLY L 124 29.47 9.72 -48.99
N ILE L 125 30.76 9.92 -49.28
CA ILE L 125 31.73 10.14 -48.21
C ILE L 125 31.36 11.39 -47.42
N GLN L 126 31.03 12.47 -48.12
CA GLN L 126 30.64 13.70 -47.44
C GLN L 126 29.38 13.50 -46.60
N ALA L 127 28.39 12.81 -47.15
CA ALA L 127 27.16 12.58 -46.40
C ALA L 127 27.41 11.76 -45.15
N LEU L 128 28.29 10.75 -45.25
CA LEU L 128 28.59 9.92 -44.09
C LEU L 128 29.43 10.67 -43.07
N GLU L 129 30.28 11.58 -43.53
CA GLU L 129 31.11 12.36 -42.62
C GLU L 129 30.27 13.37 -41.85
N ALA L 130 29.28 13.97 -42.52
CA ALA L 130 28.46 14.97 -41.85
C ALA L 130 27.81 14.42 -40.59
N GLN L 131 27.49 13.12 -40.58
CA GLN L 131 26.89 12.52 -39.39
C GLN L 131 27.82 12.51 -38.19
N GLY L 132 29.10 12.77 -38.38
CA GLY L 132 30.06 12.69 -37.29
C GLY L 132 30.80 11.38 -37.31
N ASN L 133 31.33 11.01 -38.48
CA ASN L 133 32.13 9.80 -38.65
C ASN L 133 33.37 10.13 -39.47
N GLN L 134 34.49 9.52 -39.12
CA GLN L 134 35.72 9.73 -39.87
C GLN L 134 35.87 8.66 -40.94
N VAL L 135 36.15 9.10 -42.16
CA VAL L 135 36.44 8.22 -43.29
C VAL L 135 37.91 8.43 -43.67
N THR L 136 38.71 7.39 -43.50
CA THR L 136 40.14 7.47 -43.76
C THR L 136 40.59 6.25 -44.54
N ASP L 137 41.46 6.48 -45.54
CA ASP L 137 42.03 5.43 -46.34
C ASP L 137 43.50 5.17 -46.02
N LYS L 138 44.01 5.73 -44.92
CA LYS L 138 45.38 5.47 -44.51
C LYS L 138 45.49 4.06 -43.97
N ILE L 139 45.61 3.08 -44.86
CA ILE L 139 45.70 1.68 -44.49
C ILE L 139 46.99 1.12 -45.06
N VAL L 140 47.82 0.52 -44.20
CA VAL L 140 49.12 0.05 -44.62
C VAL L 140 49.05 -1.02 -45.68
N GLY L 141 48.08 -1.94 -45.57
CA GLY L 141 48.06 -3.07 -46.46
C GLY L 141 48.95 -4.19 -45.95
N THR L 142 49.20 -5.17 -46.82
CA THR L 142 49.99 -6.33 -46.42
C THR L 142 50.59 -6.98 -47.66
N GLN L 143 51.76 -7.58 -47.46
CA GLN L 143 52.45 -8.36 -48.48
C GLN L 143 52.75 -9.74 -47.89
N PHE L 144 52.54 -10.78 -48.68
CA PHE L 144 52.53 -12.14 -48.13
C PHE L 144 53.73 -12.96 -48.55
N ILE L 145 54.00 -13.12 -49.84
CA ILE L 145 55.10 -13.97 -50.31
C ILE L 145 55.31 -13.71 -51.78
N GLY L 146 56.54 -13.97 -52.25
CA GLY L 146 56.89 -13.76 -53.63
C GLY L 146 57.56 -12.43 -53.91
N SER L 147 57.42 -11.47 -53.01
CA SER L 147 57.99 -10.14 -53.18
C SER L 147 58.87 -9.81 -51.99
N VAL L 148 60.09 -9.36 -52.27
CA VAL L 148 60.99 -8.95 -51.20
C VAL L 148 60.54 -7.60 -50.68
N LEU L 149 59.82 -7.62 -49.56
CA LEU L 149 59.25 -6.42 -48.99
C LEU L 149 60.32 -5.37 -48.72
N ALA M 2 60.44 51.40 -35.88
CA ALA M 2 60.86 51.16 -34.51
C ALA M 2 62.34 50.86 -34.51
N LYS M 3 63.16 51.84 -34.12
CA LYS M 3 64.60 51.65 -34.20
C LYS M 3 65.07 50.52 -33.32
N ALA M 4 64.25 50.08 -32.38
CA ALA M 4 64.51 48.87 -31.59
C ALA M 4 63.69 47.73 -32.17
N HIS M 5 64.33 46.57 -32.33
CA HIS M 5 63.66 45.40 -32.90
C HIS M 5 62.88 44.69 -31.80
N VAL M 6 61.54 44.72 -31.91
CA VAL M 6 60.65 44.24 -30.87
C VAL M 6 59.89 43.03 -31.38
N ALA M 7 59.93 41.93 -30.63
CA ALA M 7 59.20 40.72 -30.95
C ALA M 7 58.27 40.39 -29.80
N THR M 8 57.09 39.86 -30.12
CA THR M 8 56.06 39.64 -29.13
C THR M 8 55.39 38.29 -29.36
N LEU M 9 54.75 37.78 -28.31
CA LEU M 9 54.07 36.49 -28.37
C LEU M 9 52.92 36.51 -27.36
N GLU M 10 51.71 36.31 -27.84
CA GLU M 10 50.53 36.21 -26.97
C GLU M 10 49.71 35.00 -27.38
N GLY M 11 49.45 34.12 -26.42
CA GLY M 11 48.65 32.94 -26.66
C GLY M 11 49.46 31.77 -27.19
N ASN M 12 48.79 30.63 -27.31
CA ASN M 12 49.42 29.39 -27.77
C ASN M 12 48.30 28.45 -28.21
N TYR M 13 48.64 27.18 -28.40
CA TYR M 13 47.72 26.24 -29.03
C TYR M 13 46.42 26.09 -28.22
N SER M 14 46.53 26.01 -26.91
CA SER M 14 45.37 25.66 -26.09
C SER M 14 44.46 26.85 -25.85
N ASP M 15 44.61 27.93 -26.64
CA ASP M 15 43.68 29.05 -26.55
C ASP M 15 42.63 28.98 -27.64
N ILE M 16 42.91 28.25 -28.72
CA ILE M 16 41.92 28.02 -29.76
C ILE M 16 41.09 26.78 -29.47
N VAL M 17 41.76 25.65 -29.27
CA VAL M 17 41.09 24.40 -28.90
C VAL M 17 41.04 24.34 -27.39
N LEU M 18 39.86 24.63 -26.83
CA LEU M 18 39.68 24.62 -25.38
C LEU M 18 39.35 23.23 -24.85
N GLY M 19 38.40 22.54 -25.47
CA GLY M 19 38.02 21.22 -25.05
C GLY M 19 38.21 20.23 -26.18
N ARG M 20 38.29 18.95 -25.82
CA ARG M 20 38.60 17.92 -26.79
C ARG M 20 38.15 16.58 -26.23
N VAL M 21 37.17 15.96 -26.89
CA VAL M 21 36.69 14.66 -26.46
C VAL M 21 37.65 13.58 -26.95
N VAL M 22 38.30 12.89 -26.02
CA VAL M 22 39.29 11.88 -26.33
C VAL M 22 38.58 10.58 -26.63
N ALA M 23 38.81 10.04 -27.83
CA ALA M 23 38.17 8.80 -28.26
C ALA M 23 39.13 7.65 -28.02
N PHE M 24 38.63 6.59 -27.37
CA PHE M 24 39.47 5.45 -27.07
C PHE M 24 40.04 4.81 -28.34
N GLY M 25 39.20 4.69 -29.38
CA GLY M 25 39.62 3.98 -30.57
C GLY M 25 40.78 4.62 -31.29
N ASP M 26 40.77 5.94 -31.45
CA ASP M 26 41.79 6.62 -32.23
C ASP M 26 41.86 8.07 -31.78
N THR M 27 43.07 8.53 -31.45
CA THR M 27 43.27 9.92 -31.05
C THR M 27 43.20 10.88 -32.23
N GLY M 28 43.12 10.38 -33.45
CA GLY M 28 42.88 11.20 -34.62
C GLY M 28 41.43 11.38 -34.98
N TRP M 29 40.54 11.20 -34.00
CA TRP M 29 39.10 11.27 -34.25
C TRP M 29 38.65 12.61 -34.79
N ASN M 30 39.12 13.72 -34.23
CA ASN M 30 38.55 15.03 -34.55
C ASN M 30 39.11 15.65 -35.81
N PHE M 31 40.37 15.39 -36.14
CA PHE M 31 41.09 16.18 -37.12
C PHE M 31 40.95 15.61 -38.52
N LYS M 32 41.18 16.48 -39.51
CA LYS M 32 41.23 16.09 -40.91
C LYS M 32 42.43 16.78 -41.55
N GLU M 33 42.95 16.17 -42.60
CA GLU M 33 44.12 16.67 -43.30
C GLU M 33 43.72 17.10 -44.71
N VAL M 34 44.07 18.32 -45.08
CA VAL M 34 43.71 18.90 -46.38
C VAL M 34 44.97 19.47 -47.02
N ASP M 35 44.84 19.80 -48.32
CA ASP M 35 45.97 20.25 -49.12
C ASP M 35 45.97 21.79 -49.20
N MET M 36 46.30 22.39 -48.07
CA MET M 36 46.38 23.85 -47.99
C MET M 36 47.52 24.37 -48.87
N THR M 37 47.32 25.55 -49.45
CA THR M 37 48.39 26.25 -50.13
C THR M 37 49.10 27.17 -49.16
N PHE M 38 50.40 27.00 -49.01
CA PHE M 38 51.15 27.70 -47.97
C PHE M 38 51.48 29.14 -48.39
N ILE M 39 52.27 29.29 -49.44
CA ILE M 39 52.71 30.60 -49.91
C ILE M 39 51.86 30.98 -51.11
N ALA M 40 51.28 32.18 -51.07
CA ALA M 40 50.52 32.66 -52.21
C ALA M 40 51.41 32.68 -53.46
N ASP M 41 50.84 32.27 -54.58
CA ASP M 41 51.63 32.10 -55.80
C ASP M 41 52.30 33.41 -56.21
N ASP M 42 51.55 34.52 -56.20
CA ASP M 42 52.07 35.77 -56.74
C ASP M 42 53.21 36.35 -55.94
N ALA M 43 53.30 36.05 -54.64
CA ALA M 43 54.35 36.62 -53.81
C ALA M 43 55.69 35.96 -54.12
N ASP M 44 56.75 36.53 -53.56
CA ASP M 44 58.10 36.02 -53.80
C ASP M 44 58.34 34.76 -52.96
N ALA M 45 59.58 34.28 -53.00
CA ALA M 45 59.97 33.11 -52.25
C ALA M 45 60.39 33.43 -50.81
N ASP M 46 60.55 34.72 -50.48
CA ASP M 46 60.92 35.11 -49.12
C ASP M 46 59.74 35.55 -48.28
N SER M 47 58.61 35.90 -48.90
CA SER M 47 57.47 36.38 -48.15
C SER M 47 57.00 35.32 -47.14
N LYS M 48 56.14 35.75 -46.23
CA LYS M 48 55.58 34.87 -45.22
C LYS M 48 54.19 34.42 -45.66
N THR M 49 53.75 33.29 -45.12
CA THR M 49 52.49 32.69 -45.56
C THR M 49 51.31 33.62 -45.32
N THR M 50 51.31 34.31 -44.19
CA THR M 50 50.23 35.21 -43.77
C THR M 50 48.99 34.45 -43.30
N LEU M 51 48.99 33.13 -43.35
CA LEU M 51 48.01 32.36 -42.61
C LEU M 51 48.22 32.57 -41.12
N PHE M 52 47.29 32.05 -40.32
CA PHE M 52 47.42 32.10 -38.88
C PHE M 52 46.53 31.03 -38.27
N ALA M 53 46.85 30.68 -37.02
CA ALA M 53 46.05 29.68 -36.32
C ALA M 53 44.67 30.23 -36.04
N GLY M 54 43.64 29.44 -36.35
CA GLY M 54 42.27 29.84 -36.13
C GLY M 54 41.53 30.33 -37.35
N VAL M 55 42.19 30.43 -38.50
CA VAL M 55 41.52 30.87 -39.71
C VAL M 55 40.62 29.76 -40.23
N LEU M 56 39.38 30.10 -40.53
CA LEU M 56 38.43 29.13 -41.04
C LEU M 56 38.81 28.70 -42.46
N VAL M 57 38.59 27.42 -42.76
CA VAL M 57 38.95 26.86 -44.07
C VAL M 57 37.75 26.09 -44.61
N GLY M 58 37.82 25.78 -45.90
CA GLY M 58 36.73 25.16 -46.61
C GLY M 58 36.90 23.66 -46.74
N GLU M 59 36.40 23.12 -47.84
CA GLU M 59 36.41 21.67 -48.05
C GLU M 59 37.84 21.14 -48.20
N ASP M 60 38.65 21.84 -49.00
CA ASP M 60 39.98 21.36 -49.35
C ASP M 60 41.11 22.24 -48.85
N GLY M 61 40.81 23.41 -48.29
CA GLY M 61 41.82 24.34 -47.84
C GLY M 61 41.62 25.76 -48.31
N THR M 62 40.64 26.02 -49.17
CA THR M 62 40.35 27.38 -49.58
C THR M 62 39.89 28.17 -48.36
N PRO M 63 40.53 29.29 -48.02
CA PRO M 63 40.10 30.05 -46.84
C PRO M 63 38.64 30.45 -46.95
N ALA M 64 37.97 30.46 -45.80
CA ALA M 64 36.53 30.66 -45.75
C ALA M 64 36.22 32.16 -45.68
N THR M 65 35.69 32.69 -46.78
CA THR M 65 35.21 34.06 -46.82
C THR M 65 33.69 34.17 -46.67
N ALA M 66 33.01 33.06 -46.40
CA ALA M 66 31.56 33.05 -46.26
C ALA M 66 31.17 31.84 -45.43
N ALA M 67 29.92 31.86 -44.95
CA ALA M 67 29.46 30.81 -44.04
C ALA M 67 29.51 29.44 -44.72
N ALA M 68 29.07 29.36 -45.98
CA ALA M 68 29.00 28.07 -46.66
C ALA M 68 30.36 27.43 -46.85
N GLY M 69 31.44 28.20 -46.76
CA GLY M 69 32.77 27.67 -46.94
C GLY M 69 33.49 27.38 -45.64
N VAL M 70 32.75 27.27 -44.54
CA VAL M 70 33.32 27.00 -43.23
C VAL M 70 33.12 25.52 -42.90
N PHE M 71 34.23 24.81 -42.73
CA PHE M 71 34.18 23.39 -42.46
C PHE M 71 35.04 23.01 -41.27
N GLY M 72 36.11 23.78 -41.01
CA GLY M 72 37.02 23.45 -39.94
C GLY M 72 37.86 24.64 -39.53
N VAL M 73 38.75 24.39 -38.56
CA VAL M 73 39.62 25.41 -37.99
C VAL M 73 41.06 24.94 -38.17
N LEU M 74 41.93 25.85 -38.57
CA LEU M 74 43.32 25.50 -38.82
C LEU M 74 44.12 25.56 -37.52
N VAL M 75 44.73 24.44 -37.14
CA VAL M 75 45.46 24.35 -35.87
C VAL M 75 46.81 23.70 -36.09
N ASP M 76 47.29 23.67 -37.33
CA ASP M 76 48.53 22.96 -37.62
C ASP M 76 49.68 23.55 -36.83
N ARG M 77 50.61 22.70 -36.42
CA ARG M 77 51.73 23.12 -35.60
C ARG M 77 52.76 23.94 -36.38
N LYS M 78 52.63 24.02 -37.70
CA LYS M 78 53.53 24.85 -38.50
C LYS M 78 53.12 26.32 -38.51
N VAL M 79 51.98 26.67 -37.92
CA VAL M 79 51.46 28.03 -38.00
C VAL M 79 51.15 28.56 -36.61
N LEU M 80 51.31 27.74 -35.59
CA LEU M 80 50.95 28.16 -34.24
C LEU M 80 51.73 29.42 -33.86
N PRO M 81 51.10 30.33 -33.11
CA PRO M 81 51.79 31.57 -32.74
C PRO M 81 53.08 31.30 -32.00
N GLY M 82 54.10 32.12 -32.28
CA GLY M 82 55.40 32.00 -31.64
C GLY M 82 56.47 31.37 -32.48
N VAL M 83 56.14 30.77 -33.62
CA VAL M 83 57.14 30.15 -34.48
C VAL M 83 56.74 30.31 -35.94
N ASP M 84 57.57 31.01 -36.71
CA ASP M 84 57.43 31.09 -38.16
C ASP M 84 58.84 31.20 -38.73
N HIS M 85 59.43 30.06 -39.07
CA HIS M 85 60.77 30.00 -39.62
C HIS M 85 60.79 29.30 -40.98
N TYR M 86 59.63 29.17 -41.62
CA TYR M 86 59.52 28.47 -42.91
C TYR M 86 59.53 29.48 -44.05
N ILE M 87 60.75 29.91 -44.39
CA ILE M 87 60.97 30.88 -45.45
C ILE M 87 61.61 30.16 -46.63
N GLY M 88 60.97 30.23 -47.79
CA GLY M 88 61.51 29.65 -49.00
C GLY M 88 61.32 28.14 -49.09
N VAL M 89 61.12 27.49 -47.95
CA VAL M 89 61.03 26.04 -47.89
C VAL M 89 59.86 25.55 -48.74
N PHE M 90 58.91 26.44 -49.05
CA PHE M 90 57.80 26.12 -49.93
C PHE M 90 57.78 27.12 -51.08
N GLU M 91 57.83 26.60 -52.30
CA GLU M 91 57.81 27.46 -53.46
C GLU M 91 56.41 28.06 -53.63
N PRO M 92 56.32 29.33 -54.06
CA PRO M 92 54.98 29.95 -54.17
C PRO M 92 53.99 29.10 -54.92
N GLY M 93 52.84 28.82 -54.30
CA GLY M 93 51.81 28.01 -54.91
C GLY M 93 51.94 26.53 -54.69
N GLU M 94 52.95 26.08 -53.93
CA GLU M 94 53.12 24.65 -53.69
C GLU M 94 52.23 24.20 -52.54
N LYS M 95 51.24 23.37 -52.84
CA LYS M 95 50.34 22.87 -51.82
C LYS M 95 51.09 22.01 -50.81
N VAL M 96 50.69 22.13 -49.56
CA VAL M 96 51.33 21.40 -48.45
C VAL M 96 50.23 20.76 -47.61
N PRO M 97 50.43 19.56 -47.08
CA PRO M 97 49.42 19.00 -46.16
C PRO M 97 49.38 19.79 -44.86
N MET M 98 48.17 19.91 -44.31
CA MET M 98 47.95 20.69 -43.10
C MET M 98 46.83 20.04 -42.31
N VAL M 99 46.81 20.32 -41.00
CA VAL M 99 45.89 19.67 -40.07
C VAL M 99 44.78 20.64 -39.71
N LEU M 100 43.53 20.17 -39.81
CA LEU M 100 42.37 20.92 -39.39
C LEU M 100 41.78 20.28 -38.14
N ALA M 101 40.92 21.04 -37.46
CA ALA M 101 40.14 20.54 -36.35
C ALA M 101 38.66 20.67 -36.70
N VAL M 102 37.92 19.57 -36.59
CA VAL M 102 36.60 19.50 -37.21
C VAL M 102 35.49 19.25 -36.18
N ARG M 103 35.57 18.13 -35.47
CA ARG M 103 34.44 17.61 -34.71
C ARG M 103 34.83 17.34 -33.27
N GLY M 104 33.83 17.34 -32.39
CA GLY M 104 34.06 16.99 -31.00
C GLY M 104 35.01 17.92 -30.26
N LEU M 105 34.79 19.23 -30.37
CA LEU M 105 35.67 20.21 -29.75
C LEU M 105 34.86 21.37 -29.19
N THR M 106 35.48 22.09 -28.26
CA THR M 106 34.97 23.36 -27.77
C THR M 106 35.97 24.44 -28.16
N LEU M 107 35.51 25.43 -28.90
CA LEU M 107 36.39 26.39 -29.56
C LEU M 107 36.13 27.78 -29.02
N ASN M 108 37.21 28.51 -28.76
CA ASN M 108 37.11 29.88 -28.26
C ASN M 108 36.44 30.74 -29.32
N GLN M 109 35.36 31.42 -28.94
CA GLN M 109 34.61 32.23 -29.89
C GLN M 109 35.40 33.46 -30.34
N LEU M 110 36.31 33.95 -29.51
CA LEU M 110 37.03 35.18 -29.83
C LEU M 110 38.07 34.99 -30.93
N LYS M 111 38.74 33.86 -30.97
CA LYS M 111 39.87 33.64 -31.86
C LYS M 111 39.49 32.78 -33.07
N LEU M 112 38.29 33.02 -33.62
CA LEU M 112 37.89 32.47 -34.89
C LEU M 112 37.64 33.63 -35.86
N LYS M 113 38.23 33.55 -37.04
CA LYS M 113 38.14 34.65 -37.99
C LYS M 113 38.09 34.09 -39.41
N TYR M 114 37.57 34.91 -40.32
CA TYR M 114 37.52 34.53 -41.72
C TYR M 114 38.89 34.74 -42.38
N ALA M 115 38.92 34.56 -43.70
CA ALA M 115 40.18 34.65 -44.42
C ALA M 115 40.83 36.02 -44.25
N ASP M 116 40.06 37.09 -44.43
CA ASP M 116 40.63 38.42 -44.33
C ASP M 116 41.01 38.81 -42.90
N GLY M 117 40.25 38.36 -41.92
CA GLY M 117 40.44 38.76 -40.53
C GLY M 117 39.17 39.20 -39.83
N THR M 118 38.03 39.19 -40.51
CA THR M 118 36.77 39.51 -39.87
C THR M 118 36.38 38.42 -38.88
N ALA M 119 35.74 38.82 -37.79
CA ALA M 119 35.29 37.85 -36.80
C ALA M 119 34.12 37.04 -37.35
N ILE M 120 33.94 35.85 -36.79
CA ILE M 120 32.97 34.91 -37.33
C ILE M 120 31.56 35.44 -37.10
N ASP M 121 30.65 35.11 -38.01
CA ASP M 121 29.27 35.55 -37.92
C ASP M 121 28.41 34.49 -37.21
N ALA M 122 27.16 34.87 -36.95
CA ALA M 122 26.22 33.93 -36.37
C ALA M 122 25.91 32.80 -37.35
N ALA M 123 25.77 33.13 -38.64
CA ALA M 123 25.51 32.10 -39.64
C ALA M 123 26.70 31.16 -39.83
N GLY M 124 27.89 31.56 -39.41
CA GLY M 124 29.05 30.69 -39.44
C GLY M 124 29.19 29.91 -38.16
N ILE M 125 28.89 30.56 -37.04
CA ILE M 125 28.89 29.88 -35.75
C ILE M 125 27.91 28.72 -35.78
N GLN M 126 26.72 28.95 -36.32
CA GLN M 126 25.73 27.88 -36.42
C GLN M 126 26.22 26.74 -37.28
N ALA M 127 26.80 27.04 -38.44
CA ALA M 127 27.28 25.99 -39.35
C ALA M 127 28.37 25.16 -38.69
N LEU M 128 29.30 25.83 -37.99
CA LEU M 128 30.36 25.08 -37.32
C LEU M 128 29.82 24.30 -36.12
N GLU M 129 28.87 24.85 -35.39
CA GLU M 129 28.30 24.14 -34.25
C GLU M 129 27.58 22.88 -34.70
N ALA M 130 26.88 22.96 -35.84
CA ALA M 130 26.22 21.78 -36.37
C ALA M 130 27.21 20.65 -36.68
N GLN M 131 28.49 20.98 -36.85
CA GLN M 131 29.49 19.97 -37.15
C GLN M 131 29.77 19.05 -35.97
N GLY M 132 29.29 19.38 -34.78
CA GLY M 132 29.55 18.61 -33.59
C GLY M 132 30.49 19.25 -32.59
N ASN M 133 30.81 20.53 -32.75
CA ASN M 133 31.67 21.27 -31.85
C ASN M 133 30.83 22.21 -30.98
N GLN M 134 31.52 23.00 -30.18
CA GLN M 134 30.89 24.05 -29.38
C GLN M 134 31.65 25.34 -29.57
N VAL M 135 30.92 26.45 -29.65
CA VAL M 135 31.50 27.78 -29.72
C VAL M 135 31.15 28.50 -28.42
N THR M 136 32.12 28.60 -27.52
CA THR M 136 31.89 29.11 -26.18
C THR M 136 32.21 30.60 -26.12
N ASP M 137 31.33 31.36 -25.47
CA ASP M 137 31.54 32.80 -25.33
C ASP M 137 32.28 33.11 -24.04
N LYS M 138 31.99 32.37 -22.98
CA LYS M 138 32.47 32.69 -21.63
C LYS M 138 33.95 32.38 -21.53
N ILE M 139 34.77 33.41 -21.77
CA ILE M 139 36.19 33.39 -21.50
C ILE M 139 36.52 34.57 -20.59
N VAL M 140 37.17 34.30 -19.46
CA VAL M 140 37.43 35.35 -18.48
C VAL M 140 38.53 36.30 -18.91
N GLY M 141 39.39 35.90 -19.84
CA GLY M 141 40.44 36.80 -20.25
C GLY M 141 41.41 37.06 -19.12
N THR M 142 42.09 38.20 -19.22
CA THR M 142 43.08 38.60 -18.22
C THR M 142 43.27 40.10 -18.28
N GLN M 143 43.89 40.64 -17.22
CA GLN M 143 44.15 42.06 -17.12
C GLN M 143 45.48 42.25 -16.40
N PHE M 144 46.43 42.90 -17.08
CA PHE M 144 47.84 42.75 -16.71
C PHE M 144 48.35 43.78 -15.73
N ILE M 145 48.36 45.06 -16.12
CA ILE M 145 48.97 46.11 -15.31
C ILE M 145 48.08 47.36 -15.38
N GLY M 146 47.90 47.99 -14.23
CA GLY M 146 47.09 49.19 -14.15
C GLY M 146 45.61 48.87 -14.06
N SER M 147 45.16 47.90 -14.86
CA SER M 147 43.74 47.52 -14.88
C SER M 147 43.42 46.73 -13.62
N VAL M 148 43.37 47.45 -12.50
CA VAL M 148 43.00 46.86 -11.22
C VAL M 148 41.68 47.46 -10.78
N LEU M 149 40.63 46.63 -10.77
CA LEU M 149 39.29 47.08 -10.40
C LEU M 149 38.31 45.94 -10.56
N ALA N 2 61.67 20.65 -49.65
CA ALA N 2 63.11 20.72 -49.40
C ALA N 2 63.47 22.20 -49.25
N LYS N 3 64.41 22.73 -50.01
CA LYS N 3 64.82 24.12 -49.90
C LYS N 3 65.20 24.45 -48.46
N ALA N 4 66.21 23.75 -47.96
CA ALA N 4 66.66 23.96 -46.60
C ALA N 4 67.28 25.35 -46.45
N HIS N 5 66.95 26.02 -45.36
CA HIS N 5 67.47 27.36 -45.12
C HIS N 5 68.99 27.30 -45.03
N VAL N 6 69.67 28.22 -45.71
CA VAL N 6 71.12 28.19 -45.82
C VAL N 6 71.64 29.62 -45.85
N ALA N 7 72.80 29.84 -45.24
CA ALA N 7 73.47 31.13 -45.25
C ALA N 7 74.97 30.91 -45.38
N THR N 8 75.68 31.93 -45.85
CA THR N 8 77.09 31.79 -46.15
C THR N 8 77.82 33.11 -45.94
N LEU N 9 79.12 33.00 -45.66
CA LEU N 9 80.04 34.14 -45.59
C LEU N 9 81.22 33.88 -46.50
N GLU N 10 81.56 34.87 -47.32
CA GLU N 10 82.69 34.73 -48.24
C GLU N 10 83.80 35.71 -47.88
N GLY N 11 83.49 37.00 -47.82
CA GLY N 11 84.49 38.02 -47.61
C GLY N 11 84.32 38.77 -46.30
N ASN N 12 85.19 39.74 -46.11
CA ASN N 12 85.16 40.59 -44.92
C ASN N 12 85.71 41.96 -45.30
N TYR N 13 86.06 42.77 -44.31
CA TYR N 13 86.55 44.12 -44.58
C TYR N 13 87.82 44.10 -45.41
N SER N 14 88.88 43.53 -44.85
CA SER N 14 90.22 43.66 -45.44
C SER N 14 90.31 43.10 -46.85
N ASP N 15 89.27 42.44 -47.35
CA ASP N 15 89.28 42.03 -48.75
C ASP N 15 89.04 43.21 -49.67
N ILE N 16 88.51 44.32 -49.15
CA ILE N 16 88.30 45.52 -49.96
C ILE N 16 89.45 46.51 -49.77
N VAL N 17 89.92 46.67 -48.54
CA VAL N 17 91.04 47.56 -48.24
C VAL N 17 92.22 46.68 -47.89
N LEU N 18 93.14 46.53 -48.84
CA LEU N 18 94.29 45.66 -48.66
C LEU N 18 95.40 46.28 -47.81
N GLY N 19 95.32 47.57 -47.54
CA GLY N 19 96.35 48.25 -46.80
C GLY N 19 96.03 49.72 -46.64
N ARG N 20 96.79 50.37 -45.77
CA ARG N 20 96.51 51.75 -45.42
C ARG N 20 97.80 52.43 -44.98
N VAL N 21 97.87 53.74 -45.19
CA VAL N 21 98.98 54.55 -44.70
C VAL N 21 98.50 55.21 -43.41
N VAL N 22 99.14 54.84 -42.29
CA VAL N 22 98.68 55.26 -40.97
C VAL N 22 99.35 56.60 -40.65
N ALA N 23 98.60 57.69 -40.79
CA ALA N 23 99.12 58.98 -40.37
C ALA N 23 99.28 59.02 -38.85
N PHE N 24 100.23 59.81 -38.38
CA PHE N 24 100.47 59.90 -36.95
C PHE N 24 99.56 60.93 -36.29
N GLY N 25 99.61 62.17 -36.77
CA GLY N 25 98.88 63.25 -36.14
C GLY N 25 97.38 63.01 -36.05
N ASP N 26 96.79 62.45 -37.10
CA ASP N 26 95.35 62.18 -37.12
C ASP N 26 95.16 60.80 -37.73
N THR N 27 94.54 59.90 -36.98
CA THR N 27 94.41 58.51 -37.39
C THR N 27 93.29 58.28 -38.39
N GLY N 28 92.45 59.28 -38.63
CA GLY N 28 91.29 59.10 -39.49
C GLY N 28 91.22 60.06 -40.65
N TRP N 29 92.36 60.57 -41.11
CA TRP N 29 92.34 61.48 -42.25
C TRP N 29 92.10 60.75 -43.57
N ASN N 30 92.11 59.42 -43.57
CA ASN N 30 91.85 58.67 -44.79
C ASN N 30 90.37 58.68 -45.18
N PHE N 31 89.47 58.78 -44.22
CA PHE N 31 88.06 58.55 -44.44
C PHE N 31 87.29 59.85 -44.56
N LYS N 32 85.98 59.70 -44.78
CA LYS N 32 85.06 60.81 -44.94
C LYS N 32 83.67 60.32 -44.53
N GLU N 33 82.79 61.27 -44.20
CA GLU N 33 81.42 60.92 -43.81
C GLU N 33 80.43 61.73 -44.61
N VAL N 34 79.44 61.05 -45.19
CA VAL N 34 78.34 61.69 -45.90
C VAL N 34 77.08 60.88 -45.67
N ASP N 35 75.93 61.55 -45.75
CA ASP N 35 74.66 60.91 -45.45
C ASP N 35 74.09 60.25 -46.70
N MET N 36 73.56 59.03 -46.52
CA MET N 36 73.04 58.23 -47.61
C MET N 36 71.62 57.81 -47.31
N THR N 37 70.81 57.68 -48.36
CA THR N 37 69.46 57.14 -48.21
C THR N 37 69.55 55.63 -48.02
N PHE N 38 69.22 55.16 -46.82
CA PHE N 38 69.44 53.76 -46.50
C PHE N 38 68.41 52.86 -47.19
N ILE N 39 67.14 53.03 -46.85
CA ILE N 39 66.05 52.25 -47.45
C ILE N 39 65.40 53.12 -48.51
N ALA N 40 65.25 52.57 -49.71
CA ALA N 40 64.76 53.35 -50.84
C ALA N 40 63.46 54.05 -50.47
N ASP N 41 63.19 55.15 -51.16
CA ASP N 41 62.03 55.98 -50.83
C ASP N 41 60.72 55.21 -50.98
N ASP N 42 60.59 54.41 -52.03
CA ASP N 42 59.35 53.71 -52.32
C ASP N 42 59.40 52.22 -52.01
N ALA N 43 60.53 51.70 -51.54
CA ALA N 43 60.64 50.29 -51.24
C ALA N 43 59.81 49.92 -50.02
N ASP N 44 59.72 48.63 -49.75
CA ASP N 44 58.87 48.14 -48.68
C ASP N 44 59.44 48.53 -47.32
N ALA N 45 58.61 48.36 -46.29
CA ALA N 45 58.98 48.77 -44.94
C ALA N 45 60.17 47.97 -44.41
N ASP N 46 60.18 46.65 -44.63
CA ASP N 46 61.19 45.78 -44.04
C ASP N 46 62.16 45.21 -45.08
N SER N 47 62.20 45.76 -46.28
CA SER N 47 63.15 45.29 -47.28
C SER N 47 64.58 45.62 -46.87
N LYS N 48 65.51 44.82 -47.37
CA LYS N 48 66.93 45.09 -47.14
C LYS N 48 67.43 46.09 -48.18
N THR N 49 68.48 46.83 -47.81
CA THR N 49 69.02 47.85 -48.69
C THR N 49 69.83 47.22 -49.82
N THR N 50 69.91 47.96 -50.93
CA THR N 50 70.70 47.50 -52.07
C THR N 50 72.19 47.73 -51.88
N LEU N 51 72.58 48.64 -51.00
CA LEU N 51 73.98 48.99 -50.84
C LEU N 51 74.77 47.79 -50.34
N PHE N 52 76.02 47.69 -50.80
CA PHE N 52 76.93 46.64 -50.37
C PHE N 52 78.33 47.23 -50.30
N ALA N 53 79.15 46.67 -49.41
CA ALA N 53 80.51 47.16 -49.25
C ALA N 53 81.27 47.03 -50.57
N GLY N 54 81.59 48.17 -51.18
CA GLY N 54 82.23 48.22 -52.47
C GLY N 54 81.53 49.08 -53.49
N VAL N 55 80.46 49.78 -53.12
CA VAL N 55 79.75 50.64 -54.05
C VAL N 55 80.39 52.02 -54.07
N LEU N 56 80.70 52.51 -55.26
CA LEU N 56 81.30 53.83 -55.40
C LEU N 56 80.25 54.92 -55.18
N VAL N 57 80.71 56.05 -54.66
CA VAL N 57 79.83 57.10 -54.14
C VAL N 57 80.18 58.43 -54.80
N GLY N 58 79.21 59.34 -54.83
CA GLY N 58 79.37 60.62 -55.51
C GLY N 58 79.58 61.81 -54.59
N GLU N 59 79.97 61.55 -53.35
CA GLU N 59 80.27 62.60 -52.36
C GLU N 59 79.01 63.27 -51.84
N ASP N 60 77.85 62.98 -52.43
CA ASP N 60 76.59 63.47 -51.91
C ASP N 60 75.71 62.36 -51.37
N GLY N 61 76.19 61.12 -51.36
CA GLY N 61 75.43 59.97 -50.96
C GLY N 61 74.89 59.15 -52.11
N THR N 62 74.80 59.73 -53.31
CA THR N 62 74.30 58.97 -54.45
C THR N 62 75.37 58.01 -54.93
N PRO N 63 75.09 56.70 -54.98
CA PRO N 63 76.07 55.77 -55.54
C PRO N 63 76.42 56.14 -56.97
N ALA N 64 77.70 55.99 -57.31
CA ALA N 64 78.17 56.35 -58.64
C ALA N 64 77.57 55.39 -59.67
N THR N 65 76.78 55.94 -60.60
CA THR N 65 76.15 55.14 -61.63
C THR N 65 76.94 55.10 -62.93
N ALA N 66 78.08 55.77 -63.00
CA ALA N 66 78.86 55.85 -64.23
C ALA N 66 80.31 56.17 -63.86
N ALA N 67 81.10 56.53 -64.87
CA ALA N 67 82.51 56.79 -64.69
C ALA N 67 82.77 58.22 -64.22
N ALA N 68 81.71 58.97 -63.93
CA ALA N 68 81.85 60.33 -63.44
C ALA N 68 81.06 60.47 -62.15
N GLY N 69 81.61 61.24 -61.21
CA GLY N 69 81.02 61.36 -59.90
C GLY N 69 81.48 60.25 -58.97
N VAL N 70 82.79 60.06 -58.88
CA VAL N 70 83.39 58.98 -58.12
C VAL N 70 84.40 59.58 -57.16
N PHE N 71 84.20 59.36 -55.86
CA PHE N 71 85.17 59.76 -54.85
C PHE N 71 85.78 58.58 -54.11
N GLY N 72 84.94 57.72 -53.52
CA GLY N 72 85.47 56.69 -52.65
C GLY N 72 84.55 55.50 -52.55
N VAL N 73 84.97 54.54 -51.73
CA VAL N 73 84.28 53.26 -51.58
C VAL N 73 83.53 53.25 -50.26
N LEU N 74 82.27 52.87 -50.31
CA LEU N 74 81.46 52.76 -49.09
C LEU N 74 81.90 51.51 -48.30
N VAL N 75 82.42 51.73 -47.10
CA VAL N 75 82.94 50.63 -46.29
C VAL N 75 82.34 50.67 -44.89
N ASP N 76 81.15 51.26 -44.77
CA ASP N 76 80.53 51.42 -43.46
C ASP N 76 80.22 50.07 -42.86
N ARG N 77 80.35 49.98 -41.53
CA ARG N 77 80.12 48.72 -40.83
C ARG N 77 78.66 48.28 -40.88
N LYS N 78 77.74 49.19 -41.20
CA LYS N 78 76.33 48.84 -41.32
C LYS N 78 76.05 48.03 -42.59
N VAL N 79 77.01 47.92 -43.49
CA VAL N 79 76.80 47.27 -44.78
C VAL N 79 77.82 46.15 -44.94
N LEU N 80 78.63 45.91 -43.92
CA LEU N 80 79.65 44.87 -44.00
C LEU N 80 78.99 43.51 -44.17
N PRO N 81 79.61 42.57 -44.88
CA PRO N 81 78.99 41.25 -45.07
C PRO N 81 78.82 40.51 -43.76
N GLY N 82 77.56 40.15 -43.46
CA GLY N 82 77.23 39.42 -42.26
C GLY N 82 76.64 40.23 -41.14
N VAL N 83 76.41 41.53 -41.36
CA VAL N 83 75.85 42.39 -40.33
C VAL N 83 74.37 42.58 -40.61
N ASP N 84 73.76 41.61 -41.28
CA ASP N 84 72.36 41.70 -41.70
C ASP N 84 71.46 41.54 -40.48
N HIS N 85 71.41 42.62 -39.69
CA HIS N 85 70.47 42.66 -38.56
C HIS N 85 69.80 44.02 -38.40
N TYR N 86 69.88 44.91 -39.40
CA TYR N 86 69.18 46.18 -39.37
C TYR N 86 67.87 46.14 -40.15
N ILE N 87 67.18 45.00 -40.15
CA ILE N 87 65.96 44.86 -40.91
C ILE N 87 64.86 45.67 -40.23
N GLY N 88 64.36 46.68 -40.93
CA GLY N 88 63.26 47.48 -40.42
C GLY N 88 63.62 48.51 -39.37
N VAL N 89 64.90 48.65 -39.03
CA VAL N 89 65.29 49.66 -38.04
C VAL N 89 65.02 51.06 -38.60
N PHE N 90 65.65 51.38 -39.72
CA PHE N 90 65.39 52.66 -40.37
C PHE N 90 64.07 52.59 -41.13
N GLU N 91 63.69 53.70 -41.74
CA GLU N 91 62.44 53.80 -42.49
C GLU N 91 62.74 54.51 -43.80
N PRO N 92 61.94 54.26 -44.85
CA PRO N 92 62.30 54.76 -46.18
C PRO N 92 62.50 56.26 -46.20
N GLY N 93 63.52 56.69 -46.94
CA GLY N 93 63.79 58.10 -47.14
C GLY N 93 64.69 58.75 -46.11
N GLU N 94 65.03 58.06 -45.03
CA GLU N 94 65.89 58.64 -44.00
C GLU N 94 67.34 58.58 -44.44
N LYS N 95 68.02 59.73 -44.37
CA LYS N 95 69.44 59.79 -44.66
C LYS N 95 70.23 59.45 -43.41
N VAL N 96 71.18 58.53 -43.54
CA VAL N 96 71.99 58.07 -42.41
C VAL N 96 73.46 58.23 -42.79
N PRO N 97 74.33 58.68 -41.87
CA PRO N 97 75.74 58.86 -42.22
C PRO N 97 76.40 57.56 -42.63
N MET N 98 77.26 57.63 -43.63
CA MET N 98 78.08 56.51 -44.07
C MET N 98 79.52 56.96 -44.22
N VAL N 99 80.44 56.02 -44.11
CA VAL N 99 81.87 56.32 -44.20
C VAL N 99 82.35 56.01 -45.62
N LEU N 100 83.31 56.79 -46.09
CA LEU N 100 83.91 56.62 -47.41
C LEU N 100 85.42 56.62 -47.29
N ALA N 101 86.08 55.80 -48.10
CA ALA N 101 87.53 55.79 -48.17
C ALA N 101 87.98 56.52 -49.44
N VAL N 102 88.83 57.54 -49.28
CA VAL N 102 89.19 58.38 -50.41
C VAL N 102 90.70 58.54 -50.59
N ARG N 103 91.48 58.37 -49.52
CA ARG N 103 92.90 58.69 -49.58
C ARG N 103 93.73 57.62 -48.88
N GLY N 104 94.95 57.44 -49.37
CA GLY N 104 95.96 56.65 -48.67
C GLY N 104 95.57 55.21 -48.42
N LEU N 105 95.10 54.51 -49.44
CA LEU N 105 94.69 53.13 -49.30
C LEU N 105 95.09 52.32 -50.54
N THR N 106 95.19 51.02 -50.34
CA THR N 106 95.33 50.06 -51.43
C THR N 106 94.02 49.29 -51.54
N LEU N 107 93.39 49.34 -52.71
CA LEU N 107 92.03 48.85 -52.90
C LEU N 107 92.04 47.68 -53.88
N ASN N 108 91.25 46.66 -53.56
CA ASN N 108 91.12 45.47 -54.41
C ASN N 108 90.21 45.81 -55.58
N GLN N 109 90.78 45.88 -56.78
CA GLN N 109 89.99 46.22 -57.96
C GLN N 109 88.84 45.25 -58.17
N LEU N 110 89.01 44.01 -57.73
CA LEU N 110 88.03 42.98 -58.04
C LEU N 110 86.65 43.33 -57.48
N LYS N 111 86.59 43.77 -56.23
CA LYS N 111 85.32 43.92 -55.53
C LYS N 111 84.79 45.34 -55.54
N LEU N 112 85.42 46.26 -56.26
CA LEU N 112 84.87 47.60 -56.44
C LEU N 112 83.88 47.58 -57.59
N LYS N 113 82.66 48.05 -57.32
CA LYS N 113 81.58 47.88 -58.28
C LYS N 113 80.73 49.14 -58.33
N TYR N 114 80.06 49.34 -59.46
CA TYR N 114 79.18 50.47 -59.63
C TYR N 114 77.88 50.25 -58.85
N ALA N 115 76.95 51.19 -59.00
CA ALA N 115 75.68 51.10 -58.29
C ALA N 115 74.90 49.85 -58.66
N ASP N 116 74.88 49.48 -59.94
CA ASP N 116 74.12 48.31 -60.39
C ASP N 116 74.86 47.01 -60.20
N GLY N 117 76.11 47.04 -59.73
CA GLY N 117 76.89 45.84 -59.49
C GLY N 117 77.94 45.53 -60.52
N THR N 118 78.15 46.38 -61.52
CA THR N 118 79.17 46.12 -62.51
C THR N 118 80.53 46.59 -62.00
N ALA N 119 81.59 45.93 -62.48
CA ALA N 119 82.94 46.31 -62.10
C ALA N 119 83.31 47.65 -62.71
N ILE N 120 84.46 48.19 -62.27
CA ILE N 120 84.85 49.54 -62.67
C ILE N 120 85.25 49.53 -64.14
N ASP N 121 84.96 50.64 -64.82
CA ASP N 121 85.41 50.80 -66.19
C ASP N 121 86.85 51.27 -66.23
N ALA N 122 87.35 51.52 -67.44
CA ALA N 122 88.71 52.03 -67.60
C ALA N 122 88.85 53.42 -67.01
N ALA N 123 87.88 54.30 -67.26
CA ALA N 123 87.95 55.67 -66.78
C ALA N 123 87.62 55.76 -65.29
N GLY N 124 86.72 54.90 -64.81
CA GLY N 124 86.37 54.89 -63.41
C GLY N 124 87.56 54.57 -62.52
N ILE N 125 88.44 53.67 -62.98
CA ILE N 125 89.60 53.31 -62.18
C ILE N 125 90.48 54.53 -61.92
N GLN N 126 90.75 55.30 -62.98
CA GLN N 126 91.60 56.48 -62.84
C GLN N 126 90.89 57.63 -62.13
N ALA N 127 89.58 57.76 -62.30
CA ALA N 127 88.86 58.79 -61.57
C ALA N 127 89.07 58.66 -60.08
N LEU N 128 89.15 57.43 -59.57
CA LEU N 128 89.44 57.18 -58.16
C LEU N 128 90.92 57.25 -57.86
N GLU N 129 91.78 57.19 -58.88
CA GLU N 129 93.22 57.27 -58.66
C GLU N 129 93.67 58.70 -58.40
N ALA N 130 92.91 59.68 -58.87
CA ALA N 130 93.28 61.07 -58.67
C ALA N 130 93.44 61.42 -57.19
N GLN N 131 92.76 60.70 -56.30
CA GLN N 131 92.88 60.96 -54.87
C GLN N 131 94.20 60.49 -54.30
N GLY N 132 94.83 59.47 -54.89
CA GLY N 132 96.05 58.92 -54.36
C GLY N 132 95.85 57.56 -53.72
N ASN N 133 94.99 56.74 -54.32
CA ASN N 133 94.78 55.35 -53.89
C ASN N 133 95.33 54.44 -54.97
N GLN N 134 95.88 53.30 -54.56
CA GLN N 134 96.48 52.35 -55.51
C GLN N 134 95.48 51.23 -55.78
N VAL N 135 94.74 51.36 -56.88
CA VAL N 135 93.86 50.29 -57.32
C VAL N 135 94.69 49.24 -58.04
N THR N 136 94.65 48.01 -57.55
CA THR N 136 95.52 46.95 -58.04
C THR N 136 94.72 45.68 -58.30
N ASP N 137 95.14 44.93 -59.32
CA ASP N 137 94.64 43.59 -59.56
C ASP N 137 95.83 42.64 -59.59
N LYS N 138 96.28 42.23 -58.40
CA LYS N 138 97.37 41.27 -58.25
C LYS N 138 97.05 40.34 -57.08
N ILE N 139 95.80 39.90 -57.00
CA ILE N 139 95.32 39.13 -55.87
C ILE N 139 95.62 37.66 -56.13
N VAL N 140 96.23 36.99 -55.14
CA VAL N 140 96.52 35.57 -55.29
C VAL N 140 95.26 34.74 -55.40
N GLY N 141 94.19 35.11 -54.70
CA GLY N 141 92.98 34.35 -54.78
C GLY N 141 93.08 33.08 -53.93
N THR N 142 92.10 32.19 -54.15
CA THR N 142 92.07 30.93 -53.41
C THR N 142 91.27 29.92 -54.20
N GLN N 143 91.72 28.67 -54.12
CA GLN N 143 91.08 27.54 -54.79
C GLN N 143 90.80 26.48 -53.74
N PHE N 144 89.56 25.98 -53.69
CA PHE N 144 89.05 25.36 -52.47
C PHE N 144 89.26 23.85 -52.42
N ILE N 145 88.65 23.12 -53.37
CA ILE N 145 88.62 21.66 -53.28
C ILE N 145 88.45 21.08 -54.67
N GLY N 146 89.03 19.90 -54.88
CA GLY N 146 88.96 19.25 -56.18
C GLY N 146 89.48 20.12 -57.29
N SER N 147 90.73 20.56 -57.17
CA SER N 147 91.31 21.45 -58.16
C SER N 147 92.71 21.05 -58.60
N VAL N 148 93.45 20.32 -57.76
CA VAL N 148 94.84 20.02 -58.03
C VAL N 148 95.28 18.85 -57.16
N LEU N 149 96.36 18.20 -57.57
CA LEU N 149 96.97 17.10 -56.80
C LEU N 149 97.44 17.59 -55.44
N MET O 1 28.63 125.11 69.11
CA MET O 1 28.41 126.52 68.87
C MET O 1 26.98 126.92 69.21
N GLN O 2 26.71 128.22 69.19
CA GLN O 2 25.36 128.70 69.40
C GLN O 2 24.54 128.55 68.12
N ASN O 3 23.22 128.55 68.29
CA ASN O 3 22.28 128.45 67.17
C ASN O 3 21.25 129.54 67.41
N GLY O 4 21.34 130.62 66.64
CA GLY O 4 20.51 131.76 66.94
C GLY O 4 20.94 132.39 68.26
N ASP O 5 19.98 132.48 69.19
CA ASP O 5 20.26 133.10 70.47
C ASP O 5 20.16 132.10 71.62
N PHE O 6 19.28 131.11 71.51
CA PHE O 6 18.93 130.25 72.63
C PHE O 6 19.16 128.77 72.39
N GLN O 7 19.77 128.37 71.27
CA GLN O 7 19.91 126.96 70.94
C GLN O 7 21.34 126.63 70.55
N ILE O 8 21.65 125.34 70.64
CA ILE O 8 23.00 124.84 70.42
C ILE O 8 23.08 124.18 69.05
N LEU O 9 24.28 123.80 68.64
CA LEU O 9 24.52 123.31 67.29
C LEU O 9 25.78 122.45 67.30
N ASP O 10 25.81 121.43 66.45
CA ASP O 10 26.98 120.57 66.35
C ASP O 10 27.94 121.09 65.29
N TYR O 11 29.24 121.06 65.59
CA TYR O 11 30.28 121.50 64.68
C TYR O 11 31.20 120.33 64.40
N THR O 12 31.58 120.17 63.12
CA THR O 12 32.26 118.95 62.68
C THR O 12 33.42 119.22 61.72
N GLY O 13 34.25 120.22 61.99
CA GLY O 13 35.54 120.32 61.34
C GLY O 13 35.55 121.15 60.07
N LEU O 14 36.71 121.15 59.42
CA LEU O 14 36.96 121.98 58.24
C LEU O 14 37.18 121.10 57.01
N ILE O 15 37.03 121.72 55.85
CA ILE O 15 37.34 121.11 54.55
C ILE O 15 38.28 122.03 53.81
N SER O 16 39.40 121.49 53.32
CA SER O 16 40.41 122.26 52.62
C SER O 16 40.51 121.78 51.18
N THR O 17 40.57 122.73 50.24
CA THR O 17 40.69 122.41 48.82
C THR O 17 41.82 123.24 48.24
N MET O 18 42.59 122.64 47.34
CA MET O 18 43.79 123.26 46.80
C MET O 18 43.91 122.88 45.33
N PRO O 19 44.47 123.76 44.49
CA PRO O 19 44.66 123.40 43.08
C PRO O 19 45.90 122.54 42.88
N ARG O 20 46.13 122.17 41.63
CA ARG O 20 47.27 121.35 41.26
C ARG O 20 48.43 122.22 40.76
N VAL O 21 49.62 121.62 40.79
CA VAL O 21 50.80 122.15 40.13
C VAL O 21 51.52 120.99 39.46
N ASP O 22 51.79 121.14 38.16
CA ASP O 22 52.42 120.09 37.36
C ASP O 22 53.89 120.43 37.13
N THR O 23 54.76 119.44 37.34
CA THR O 23 56.20 119.69 37.28
C THR O 23 56.94 118.59 36.53
N LEU O 24 56.44 118.19 35.36
CA LEU O 24 57.19 117.24 34.54
C LEU O 24 58.55 117.79 34.17
N LEU O 25 58.57 119.00 33.60
CA LEU O 25 59.82 119.54 33.08
C LEU O 25 60.83 119.80 34.19
N GLN O 26 60.38 120.30 35.34
CA GLN O 26 61.29 120.54 36.45
C GLN O 26 61.87 119.24 36.98
N SER O 27 61.06 118.18 37.04
CA SER O 27 61.52 116.92 37.60
C SER O 27 62.68 116.33 36.81
N MET O 28 62.64 116.45 35.48
CA MET O 28 63.66 115.83 34.65
C MET O 28 65.04 116.44 34.87
N ASN O 29 65.13 117.63 35.47
CA ASN O 29 66.40 118.30 35.70
C ASN O 29 67.11 118.58 34.38
N LEU O 30 66.44 119.33 33.50
CA LEU O 30 66.91 119.52 32.14
C LEU O 30 67.71 120.81 31.95
N PHE O 31 67.90 121.62 32.98
CA PHE O 31 68.48 122.95 32.84
C PHE O 31 69.61 123.14 33.83
N THR O 32 70.48 124.11 33.53
CA THR O 32 71.60 124.48 34.39
C THR O 32 71.55 125.98 34.67
N GLU O 33 71.93 126.37 35.87
CA GLU O 33 71.75 127.73 36.38
C GLU O 33 73.09 128.43 36.50
N HIS O 34 73.17 129.64 35.95
CA HIS O 34 74.31 130.53 36.14
C HIS O 34 73.83 131.79 36.85
N PHE O 35 74.49 132.13 37.96
CA PHE O 35 74.14 133.31 38.75
C PHE O 35 75.09 134.43 38.37
N GLY O 36 74.61 135.37 37.56
CA GLY O 36 75.42 136.43 37.02
C GLY O 36 75.49 137.65 37.91
N ARG O 37 75.83 138.77 37.30
CA ARG O 37 75.98 140.04 38.01
C ARG O 37 75.23 141.20 37.37
N THR O 38 74.81 141.08 36.12
CA THR O 38 74.13 142.16 35.43
C THR O 38 72.99 141.58 34.61
N THR O 39 72.39 142.44 33.78
CA THR O 39 71.21 142.07 33.01
C THR O 39 71.53 141.76 31.56
N VAL O 40 72.79 141.51 31.21
CA VAL O 40 73.19 141.24 29.84
C VAL O 40 74.28 140.16 29.86
N ALA O 41 74.16 139.19 28.96
CA ALA O 41 75.07 138.06 28.87
C ALA O 41 75.47 137.85 27.41
N ARG O 42 76.61 137.19 27.21
CA ARG O 42 77.15 136.96 25.88
C ARG O 42 77.47 135.49 25.69
N ILE O 43 77.42 135.05 24.43
CA ILE O 43 77.70 133.67 24.05
C ILE O 43 78.52 133.69 22.77
N GLU O 44 79.51 132.78 22.68
CA GLU O 44 80.40 132.69 21.53
C GLU O 44 80.38 131.28 20.97
N ARG O 45 80.20 131.18 19.64
CA ARG O 45 80.20 129.92 18.94
C ARG O 45 81.35 129.89 17.93
N LEU O 46 82.04 128.77 17.86
CA LEU O 46 83.10 128.55 16.87
C LEU O 46 82.76 127.29 16.07
N ASP O 47 82.66 127.45 14.76
CA ASP O 47 82.27 126.36 13.85
C ASP O 47 83.45 126.05 12.93
N ASP O 48 83.85 124.78 12.89
CA ASP O 48 84.97 124.33 12.09
C ASP O 48 84.52 123.17 11.21
N GLY O 49 85.14 123.04 10.04
CA GLY O 49 84.71 122.04 9.09
C GLY O 49 85.81 121.44 8.24
N ALA O 50 85.46 121.03 7.02
CA ALA O 50 86.41 120.39 6.12
C ALA O 50 86.03 120.70 4.68
N GLY O 51 86.82 120.17 3.74
CA GLY O 51 86.58 120.39 2.33
C GLY O 51 86.86 119.14 1.53
N ASP O 52 86.71 119.27 0.21
CA ASP O 52 86.91 118.15 -0.71
C ASP O 52 88.14 118.42 -1.56
N ILE O 53 89.07 117.46 -1.58
CA ILE O 53 90.30 117.60 -2.36
C ILE O 53 90.08 117.06 -3.76
N LYS O 54 90.95 117.47 -4.68
CA LYS O 54 90.86 117.07 -6.08
C LYS O 54 92.25 116.66 -6.59
N ALA O 55 92.26 116.05 -7.78
CA ALA O 55 93.48 115.50 -8.35
C ALA O 55 94.24 116.54 -9.17
N VAL O 56 95.56 116.45 -9.11
CA VAL O 56 96.45 117.29 -9.90
C VAL O 56 97.56 116.41 -10.44
N GLN O 57 98.23 116.89 -11.49
CA GLN O 57 99.30 116.17 -12.14
C GLN O 57 100.62 116.42 -11.42
N ARG O 58 101.49 115.41 -11.41
CA ARG O 58 102.75 115.50 -10.70
C ARG O 58 103.62 116.62 -11.28
N GLY O 59 104.41 117.24 -10.41
CA GLY O 59 105.36 118.25 -10.86
C GLY O 59 104.71 119.47 -11.49
N GLY O 60 103.69 120.02 -10.86
CA GLY O 60 102.99 121.18 -11.39
C GLY O 60 102.34 121.98 -10.30
N VAL O 61 101.21 122.59 -10.62
CA VAL O 61 100.51 123.48 -9.70
C VAL O 61 100.00 122.69 -8.51
N ARG O 62 99.62 123.38 -7.43
CA ARG O 62 99.06 122.75 -6.25
C ARG O 62 97.74 123.40 -5.89
N GLN O 63 97.17 123.04 -4.74
CA GLN O 63 95.90 123.60 -4.31
C GLN O 63 95.96 123.87 -2.82
N HIS O 64 95.13 124.81 -2.36
CA HIS O 64 95.25 125.38 -1.03
C HIS O 64 93.94 125.27 -0.26
N LEU O 65 94.02 125.52 1.04
CA LEU O 65 92.95 125.26 1.99
C LEU O 65 92.24 126.58 2.34
N ALA O 66 91.32 126.56 3.30
CA ALA O 66 90.58 127.75 3.71
C ALA O 66 90.27 127.68 5.19
N ASN O 67 89.64 128.75 5.70
CA ASN O 67 89.47 128.96 7.13
C ASN O 67 88.02 128.72 7.59
N ASP O 68 87.82 128.82 8.90
CA ASP O 68 86.56 128.52 9.54
C ASP O 68 85.76 129.80 9.83
N ARG O 69 84.68 129.65 10.59
CA ARG O 69 83.76 130.72 10.90
C ARG O 69 83.70 130.97 12.40
N LYS O 70 83.30 132.19 12.78
CA LYS O 70 83.14 132.58 14.18
C LYS O 70 81.97 133.56 14.30
N LYS O 71 81.29 133.51 15.45
CA LYS O 71 80.13 134.36 15.70
C LYS O 71 80.05 134.68 17.20
N ILE O 72 79.42 135.81 17.52
CA ILE O 72 79.25 136.25 18.90
C ILE O 72 77.91 136.96 19.02
N VAL O 73 77.21 136.74 20.14
CA VAL O 73 75.84 137.22 20.33
C VAL O 73 75.67 137.76 21.74
N ASN O 74 74.59 138.53 21.93
CA ASN O 74 74.27 139.15 23.22
C ASN O 74 72.80 138.92 23.53
N LEU O 75 72.44 139.04 24.82
CA LEU O 75 71.08 138.79 25.28
C LEU O 75 70.76 139.72 26.45
N ASN O 76 69.47 139.89 26.74
CA ASN O 76 68.99 140.82 27.76
C ASN O 76 67.94 140.11 28.61
N ILE O 77 67.75 140.57 29.83
CA ILE O 77 67.01 139.81 30.86
C ILE O 77 65.82 140.62 31.34
N PRO O 78 64.68 139.99 31.63
CA PRO O 78 63.52 140.70 32.15
C PRO O 78 63.47 140.75 33.68
N PHE O 79 62.37 141.31 34.19
CA PHE O 79 62.18 141.55 35.63
C PHE O 79 60.78 141.11 36.04
N PHE O 80 60.61 140.77 37.33
CA PHE O 80 59.36 140.21 37.83
C PHE O 80 59.08 140.65 39.26
N PRO O 81 58.27 141.68 39.46
CA PRO O 81 57.89 142.09 40.82
C PRO O 81 56.56 141.51 41.28
N LEU O 82 56.40 141.47 42.60
CA LEU O 82 55.13 141.05 43.20
C LEU O 82 55.15 141.38 44.69
N ASP O 83 54.11 142.07 45.17
CA ASP O 83 54.06 142.58 46.54
C ASP O 83 52.63 142.52 47.07
N ARG O 84 52.51 142.57 48.40
CA ARG O 84 51.21 142.80 49.02
C ARG O 84 51.41 143.39 50.42
N SER O 85 50.38 144.11 50.88
CA SER O 85 50.37 144.76 52.18
C SER O 85 49.19 144.27 53.00
N ILE O 86 49.35 144.29 54.32
CA ILE O 86 48.32 143.85 55.25
C ILE O 86 48.06 144.96 56.25
N ASP O 87 46.78 145.27 56.46
CA ASP O 87 46.34 146.38 57.29
C ASP O 87 45.59 145.85 58.50
N ARG O 88 45.54 146.65 59.56
CA ARG O 88 44.92 146.19 60.80
C ARG O 88 43.41 146.08 60.68
N ALA O 89 42.82 146.75 59.68
CA ALA O 89 41.37 146.67 59.49
C ALA O 89 40.92 145.31 59.00
N ASP O 90 41.86 144.44 58.63
CA ASP O 90 41.53 143.14 58.08
C ASP O 90 41.41 142.04 59.13
N ILE O 91 42.00 142.22 60.32
CA ILE O 91 42.03 141.17 61.33
C ILE O 91 41.36 141.63 62.62
N GLN O 92 40.56 142.69 62.54
CA GLN O 92 39.84 143.15 63.72
C GLN O 92 38.48 142.48 63.81
N ASN O 93 38.21 141.86 64.97
CA ASN O 93 36.91 141.25 65.27
C ASN O 93 36.66 139.93 64.56
N PHE O 94 37.61 139.50 63.72
CA PHE O 94 37.38 138.30 62.90
C PHE O 94 37.94 137.07 63.58
N ARG O 95 37.24 135.95 63.40
CA ARG O 95 37.73 134.67 63.90
C ARG O 95 38.94 134.23 63.09
N GLU O 96 39.72 133.32 63.68
CA GLU O 96 40.69 132.55 62.90
C GLU O 96 39.96 131.33 62.34
N PHE O 97 39.59 131.39 61.07
CA PHE O 97 38.65 130.45 60.50
C PHE O 97 39.05 129.02 60.84
N GLY O 98 38.05 128.14 60.90
CA GLY O 98 38.25 126.77 61.29
C GLY O 98 38.10 126.49 62.76
N THR O 99 38.58 127.38 63.63
CA THR O 99 38.41 127.22 65.06
C THR O 99 37.08 127.82 65.50
N GLU O 100 36.56 127.32 66.61
CA GLU O 100 35.30 127.82 67.14
C GLU O 100 35.57 128.80 68.28
N ASN O 101 35.11 130.05 68.10
CA ASN O 101 35.22 131.08 69.13
C ASN O 101 36.69 131.32 69.50
N ALA O 102 37.47 131.80 68.54
CA ALA O 102 38.84 132.23 68.76
C ALA O 102 39.10 133.46 67.92
N PRO O 103 40.05 134.32 68.33
CA PRO O 103 40.30 135.56 67.61
C PRO O 103 41.37 135.42 66.54
N ALA O 104 41.25 136.27 65.52
CA ALA O 104 42.23 136.29 64.44
C ALA O 104 43.53 136.92 64.91
N THR O 105 44.61 136.57 64.23
CA THR O 105 45.94 137.10 64.54
C THR O 105 46.66 137.49 63.26
N VAL O 106 47.53 138.49 63.36
CA VAL O 106 48.23 138.99 62.18
C VAL O 106 49.24 137.97 61.68
N ASP O 107 49.92 137.28 62.61
CA ASP O 107 50.98 136.36 62.21
C ASP O 107 50.45 135.26 61.29
N ALA O 108 49.26 134.74 61.59
CA ALA O 108 48.68 133.71 60.74
C ALA O 108 48.48 134.23 59.33
N GLU O 109 47.96 135.44 59.19
CA GLU O 109 47.74 136.00 57.86
C GLU O 109 49.06 136.20 57.12
N VAL O 110 50.08 136.70 57.80
CA VAL O 110 51.37 136.90 57.14
C VAL O 110 51.92 135.57 56.64
N GLN O 111 51.92 134.56 57.52
CA GLN O 111 52.49 133.27 57.13
C GLN O 111 51.60 132.54 56.14
N ARG O 112 50.34 132.95 56.02
CA ARG O 112 49.47 132.41 54.97
C ARG O 112 49.80 133.04 53.62
N HIS O 113 50.13 134.33 53.62
CA HIS O 113 50.45 135.02 52.36
C HIS O 113 51.82 134.62 51.84
N MET O 114 52.77 134.37 52.74
CA MET O 114 54.12 134.05 52.28
C MET O 114 54.13 132.77 51.43
N ALA O 115 53.43 131.73 51.88
CA ALA O 115 53.36 130.50 51.10
C ALA O 115 52.67 130.72 49.75
N ARG O 116 51.64 131.57 49.72
CA ARG O 116 51.00 131.90 48.45
C ARG O 116 52.01 132.51 47.48
N ILE O 117 52.82 133.45 47.97
CA ILE O 117 53.83 134.06 47.11
C ILE O 117 54.84 133.02 46.64
N ARG O 118 55.26 132.13 47.54
CA ARG O 118 56.22 131.10 47.14
C ARG O 118 55.65 130.23 46.01
N ARG O 119 54.39 129.82 46.15
CA ARG O 119 53.79 128.98 45.11
C ARG O 119 53.66 129.75 43.81
N SER O 120 53.28 131.04 43.88
CA SER O 120 53.15 131.82 42.67
C SER O 120 54.48 132.00 41.95
N HIS O 121 55.59 132.05 42.70
CA HIS O 121 56.90 132.12 42.05
C HIS O 121 57.31 130.77 41.46
N ALA O 122 57.03 129.68 42.18
CA ALA O 122 57.39 128.36 41.68
C ALA O 122 56.64 128.03 40.39
N ILE O 123 55.36 128.43 40.31
CA ILE O 123 54.60 128.19 39.09
C ILE O 123 55.28 128.87 37.90
N LEU O 124 55.67 130.14 38.08
CA LEU O 124 56.34 130.85 37.00
C LEU O 124 57.63 130.13 36.61
N LYS O 125 58.43 129.72 37.61
CA LYS O 125 59.69 129.06 37.29
C LYS O 125 59.44 127.81 36.45
N SER O 126 58.47 126.99 36.85
CA SER O 126 58.18 125.78 36.11
C SER O 126 57.53 126.07 34.76
N LYS O 127 57.00 127.27 34.58
CA LYS O 127 56.33 127.60 33.32
C LYS O 127 57.31 128.05 32.26
N ALA O 128 58.23 128.95 32.63
CA ALA O 128 59.15 129.52 31.65
C ALA O 128 59.97 128.43 30.96
N MET O 129 60.22 127.31 31.63
CA MET O 129 61.01 126.26 31.02
C MET O 129 60.33 125.67 29.79
N TYR O 130 59.00 125.69 29.75
CA TYR O 130 58.31 125.22 28.55
C TYR O 130 58.47 126.15 27.36
N ALA O 131 58.94 127.38 27.57
CA ALA O 131 59.19 128.27 26.44
C ALA O 131 60.54 127.98 25.80
N ALA O 132 61.58 127.77 26.62
CA ALA O 132 62.88 127.40 26.07
C ALA O 132 62.80 126.08 25.34
N LEU O 133 61.90 125.19 25.75
CA LEU O 133 61.72 123.93 25.05
C LEU O 133 61.23 124.17 23.62
N LYS O 134 60.31 125.10 23.43
CA LYS O 134 59.86 125.48 22.09
C LYS O 134 60.90 126.31 21.36
N GLY O 135 61.97 126.74 22.03
CA GLY O 135 62.98 127.55 21.40
C GLY O 135 62.72 129.04 21.43
N THR O 136 61.89 129.53 22.35
CA THR O 136 61.60 130.95 22.46
C THR O 136 61.69 131.37 23.92
N SER O 137 62.10 132.62 24.13
CA SER O 137 62.22 133.16 25.48
C SER O 137 60.85 133.38 26.09
N TRP O 138 60.82 133.65 27.40
CA TRP O 138 59.57 133.81 28.13
C TRP O 138 59.65 135.14 28.88
N SER O 139 58.99 136.16 28.34
CA SER O 139 58.89 137.47 28.98
C SER O 139 57.56 138.10 28.57
N PRO O 140 56.46 137.56 29.06
CA PRO O 140 55.14 138.10 28.68
C PRO O 140 55.02 139.56 29.06
N ASP O 141 54.40 140.33 28.17
CA ASP O 141 54.17 141.77 28.34
C ASP O 141 55.46 142.57 28.40
N ASP O 142 56.60 141.98 28.05
CA ASP O 142 57.91 142.64 28.08
C ASP O 142 58.60 142.38 26.75
N PRO O 143 58.26 143.12 25.70
CA PRO O 143 58.85 142.86 24.37
C PRO O 143 60.36 142.99 24.33
N VAL O 144 60.99 143.69 25.29
CA VAL O 144 62.43 143.88 25.23
C VAL O 144 63.17 142.55 25.36
N SER O 145 62.68 141.63 26.19
CA SER O 145 63.33 140.34 26.37
C SER O 145 62.77 139.27 25.44
N ASP O 146 61.81 139.59 24.58
CA ASP O 146 61.26 138.61 23.66
C ASP O 146 62.30 138.20 22.64
N TYR O 147 62.40 136.90 22.38
CA TYR O 147 63.31 136.38 21.37
C TYR O 147 62.68 135.18 20.68
N ASN O 148 63.15 134.94 19.45
CA ASN O 148 62.86 133.71 18.72
C ASN O 148 64.20 133.08 18.36
N TYR O 149 64.73 132.27 19.26
CA TYR O 149 66.14 131.86 19.19
C TYR O 149 66.54 131.35 17.82
N TYR O 150 65.60 130.87 17.01
CA TYR O 150 65.94 130.47 15.65
C TYR O 150 66.52 131.65 14.87
N ASP O 151 65.87 132.81 14.94
CA ASP O 151 66.39 133.97 14.23
C ASP O 151 67.63 134.52 14.90
N VAL O 152 67.70 134.45 16.23
CA VAL O 152 68.87 134.95 16.96
C VAL O 152 70.12 134.21 16.51
N TRP O 153 70.03 132.89 16.43
CA TRP O 153 71.16 132.09 15.96
C TRP O 153 71.15 131.90 14.45
N GLY O 154 70.09 132.32 13.76
CA GLY O 154 70.01 132.16 12.34
C GLY O 154 69.92 130.70 11.93
N ALA O 155 68.83 130.04 12.29
CA ALA O 155 68.65 128.63 12.01
C ALA O 155 67.20 128.36 11.64
N THR O 156 66.98 127.26 10.93
CA THR O 156 65.65 126.91 10.47
C THR O 156 64.93 126.04 11.50
N GLN O 157 63.61 126.16 11.53
CA GLN O 157 62.78 125.27 12.35
C GLN O 157 62.15 124.21 11.44
N THR O 158 62.81 123.06 11.34
CA THR O 158 62.26 121.98 10.55
C THR O 158 61.00 121.44 11.22
N THR O 159 60.11 120.88 10.41
CA THR O 159 58.82 120.42 10.89
C THR O 159 58.55 119.01 10.36
N ALA O 160 57.70 118.28 11.09
CA ALA O 160 57.29 116.95 10.70
C ALA O 160 55.78 116.87 10.94
N ASP O 161 55.01 117.17 9.91
CA ASP O 161 53.55 117.20 9.99
C ASP O 161 53.02 115.80 9.82
N VAL O 162 52.39 115.27 10.87
CA VAL O 162 51.84 113.92 10.88
C VAL O 162 50.33 114.03 10.78
N ASP O 163 49.78 113.53 9.69
CA ASP O 163 48.33 113.56 9.48
C ASP O 163 47.78 112.21 9.94
N PHE O 164 46.92 112.25 10.96
CA PHE O 164 46.38 111.02 11.53
C PHE O 164 45.17 110.50 10.77
N THR O 165 44.58 111.28 9.87
CA THR O 165 43.47 110.78 9.07
C THR O 165 43.92 109.82 7.98
N LYS O 166 45.15 109.97 7.48
CA LYS O 166 45.67 109.09 6.44
C LYS O 166 46.10 107.77 7.06
N LEU O 167 45.14 106.84 7.10
CA LEU O 167 45.35 105.53 7.72
C LEU O 167 46.35 104.69 6.95
N GLY O 168 46.70 105.12 5.74
CA GLY O 168 47.61 104.37 4.90
C GLY O 168 49.09 104.56 5.17
N VAL O 169 49.47 105.52 5.99
CA VAL O 169 50.87 105.85 6.24
C VAL O 169 51.15 105.79 7.73
N ASP O 170 52.23 105.13 8.09
CA ASP O 170 52.60 104.99 9.50
C ASP O 170 53.18 106.30 10.01
N PRO O 171 52.65 106.87 11.10
CA PRO O 171 53.22 108.13 11.60
C PRO O 171 54.67 108.04 12.02
N ILE O 172 55.10 106.89 12.55
CA ILE O 172 56.49 106.78 13.00
C ILE O 172 57.45 106.85 11.81
N GLU O 173 56.99 106.45 10.63
CA GLU O 173 57.83 106.59 9.44
C GLU O 173 58.16 108.05 9.18
N VAL O 174 57.19 108.95 9.40
CA VAL O 174 57.46 110.37 9.24
C VAL O 174 58.51 110.84 10.23
N LEU O 175 58.42 110.40 11.50
CA LEU O 175 59.43 110.78 12.48
C LEU O 175 60.81 110.29 12.06
N GLU O 176 60.90 109.04 11.60
CA GLU O 176 62.18 108.53 11.15
C GLU O 176 62.72 109.34 9.98
N ALA O 177 61.84 109.72 9.05
CA ALA O 177 62.28 110.41 7.85
C ALA O 177 62.76 111.81 8.17
N GLU O 178 61.89 112.65 8.74
CA GLU O 178 62.20 114.07 8.89
C GLU O 178 62.88 114.38 10.22
N ALA O 179 62.51 113.67 11.28
CA ALA O 179 63.04 114.02 12.60
C ALA O 179 64.41 113.42 12.85
N ARG O 180 64.50 112.09 12.91
CA ARG O 180 65.73 111.46 13.40
C ARG O 180 66.92 111.74 12.49
N ALA O 181 66.73 111.72 11.18
CA ALA O 181 67.82 112.02 10.26
C ALA O 181 68.35 113.42 10.50
N HIS O 182 67.45 114.39 10.62
CA HIS O 182 67.87 115.76 10.89
C HIS O 182 68.62 115.86 12.22
N ILE O 183 68.11 115.17 13.25
CA ILE O 183 68.76 115.22 14.55
C ILE O 183 70.19 114.69 14.44
N ILE O 184 70.37 113.54 13.81
CA ILE O 184 71.72 112.96 13.72
C ILE O 184 72.63 113.86 12.90
N ASP O 185 72.13 114.37 11.77
CA ASP O 185 72.98 115.18 10.90
C ASP O 185 73.43 116.45 11.62
N TRP O 186 72.53 117.10 12.35
CA TRP O 186 72.85 118.38 12.97
C TRP O 186 73.29 118.24 14.43
N ALA O 187 73.50 117.01 14.91
CA ALA O 187 73.98 116.84 16.29
C ALA O 187 75.32 117.54 16.49
N GLY O 188 76.25 117.40 15.56
CA GLY O 188 77.50 118.15 15.60
C GLY O 188 78.66 117.43 16.25
N ASP O 189 78.45 116.80 17.42
CA ASP O 189 79.55 116.27 18.19
C ASP O 189 79.87 114.81 17.82
N ASN O 190 79.33 114.34 16.70
CA ASN O 190 79.64 113.01 16.15
C ASN O 190 79.12 111.86 16.99
N GLY O 191 78.20 112.12 17.93
CA GLY O 191 77.60 111.03 18.68
C GLY O 191 76.72 110.18 17.78
N ASP O 192 76.48 108.94 18.22
CA ASP O 192 75.72 108.00 17.40
C ASP O 192 74.56 107.37 18.15
N ASN O 193 74.73 107.06 19.43
CA ASN O 193 73.69 106.39 20.19
C ASN O 193 72.83 107.39 20.97
N TYR O 194 72.10 108.25 20.26
CA TYR O 194 71.23 109.21 20.92
C TYR O 194 69.91 108.57 21.30
N GLU O 195 69.27 109.13 22.32
CA GLU O 195 67.87 108.82 22.60
C GLU O 195 66.98 109.94 22.05
N ILE O 196 65.71 109.62 21.86
CA ILE O 196 64.73 110.58 21.38
C ILE O 196 63.55 110.56 22.34
N VAL O 197 63.10 111.75 22.73
CA VAL O 197 62.00 111.91 23.69
C VAL O 197 60.95 112.81 23.07
N VAL O 198 59.69 112.41 23.21
CA VAL O 198 58.57 113.10 22.58
C VAL O 198 57.63 113.58 23.67
N LEU O 199 57.36 114.88 23.69
CA LEU O 199 56.41 115.49 24.61
C LEU O 199 55.18 115.90 23.81
N ALA O 200 54.03 115.32 24.13
CA ALA O 200 52.83 115.47 23.34
C ALA O 200 51.66 115.91 24.19
N SER O 201 50.85 116.81 23.65
CA SER O 201 49.60 117.17 24.31
C SER O 201 48.65 115.98 24.33
N ARG O 202 47.74 115.98 25.29
CA ARG O 202 46.85 114.83 25.46
C ARG O 202 46.14 114.46 24.16
N GLN O 203 45.77 115.45 23.34
CA GLN O 203 45.07 115.16 22.10
C GLN O 203 45.96 114.36 21.15
N TRP O 204 47.20 114.82 20.94
CA TRP O 204 48.11 114.12 20.04
C TRP O 204 48.39 112.72 20.55
N PHE O 205 48.64 112.58 21.85
CA PHE O 205 48.94 111.26 22.40
C PHE O 205 47.76 110.32 22.25
N SER O 206 46.56 110.80 22.56
CA SER O 206 45.38 109.94 22.44
C SER O 206 45.15 109.55 20.99
N ALA O 207 45.43 110.44 20.04
CA ALA O 207 45.28 110.08 18.64
C ALA O 207 46.32 109.07 18.20
N LEU O 208 47.54 109.14 18.74
CA LEU O 208 48.59 108.23 18.33
C LEU O 208 48.25 106.79 18.69
N ILE O 209 47.91 106.53 19.95
CA ILE O 209 47.75 105.16 20.42
C ILE O 209 46.54 104.46 19.83
N ALA O 210 45.69 105.18 19.08
CA ALA O 210 44.55 104.56 18.42
C ALA O 210 44.73 104.41 16.93
N HIS O 211 45.88 104.79 16.39
CA HIS O 211 46.09 104.69 14.95
C HIS O 211 46.17 103.22 14.54
N PRO O 212 45.66 102.85 13.37
CA PRO O 212 45.72 101.44 12.96
C PRO O 212 47.12 100.88 12.91
N GLN O 213 48.11 101.69 12.54
CA GLN O 213 49.45 101.18 12.29
C GLN O 213 50.19 100.80 13.57
N VAL O 214 49.79 101.36 14.72
CA VAL O 214 50.43 101.05 15.99
C VAL O 214 49.65 100.01 16.78
N THR O 215 48.32 100.15 16.83
CA THR O 215 47.52 99.15 17.53
C THR O 215 47.63 97.79 16.85
N GLY O 216 47.65 97.77 15.52
CA GLY O 216 47.67 96.52 14.78
C GLY O 216 48.93 95.69 14.99
N ALA O 217 49.94 96.27 15.62
CA ALA O 217 51.18 95.53 15.86
C ALA O 217 51.16 94.75 17.17
N TYR O 218 50.33 95.13 18.13
CA TYR O 218 50.29 94.50 19.44
C TYR O 218 49.12 93.56 19.65
N SER O 219 48.24 93.40 18.66
CA SER O 219 47.01 92.65 18.87
C SER O 219 47.25 91.14 18.86
N GLN O 220 48.21 90.67 18.07
CA GLN O 220 48.27 89.26 17.71
C GLN O 220 48.81 88.37 18.82
N TYR O 221 49.78 88.82 19.60
CA TYR O 221 50.41 87.96 20.59
C TYR O 221 50.97 88.85 21.70
N PRO O 222 51.18 88.29 22.90
CA PRO O 222 51.34 89.15 24.09
C PRO O 222 52.57 90.04 23.98
N SER O 223 52.70 90.92 24.97
CA SER O 223 53.78 91.89 24.99
C SER O 223 53.94 92.42 26.41
N THR O 224 54.99 93.22 26.61
CA THR O 224 55.21 93.84 27.92
C THR O 224 54.16 94.91 28.18
N GLN O 225 54.08 95.93 27.32
CA GLN O 225 52.95 96.84 27.35
C GLN O 225 51.79 96.21 26.57
N GLU O 226 50.59 96.32 27.15
CA GLU O 226 49.38 95.76 26.53
C GLU O 226 48.45 96.94 26.27
N ILE O 227 48.64 97.57 25.11
CA ILE O 227 47.90 98.80 24.80
C ILE O 227 46.41 98.53 24.67
N LEU O 228 46.02 97.27 24.50
CA LEU O 228 44.63 96.94 24.28
C LEU O 228 43.91 96.45 25.53
N ARG O 229 44.64 96.05 26.57
CA ARG O 229 43.99 95.53 27.77
C ARG O 229 44.62 96.02 29.07
N ARG O 230 45.38 97.11 29.05
CA ARG O 230 45.84 97.76 30.26
C ARG O 230 46.04 99.24 29.96
N ARG O 231 46.01 100.05 31.02
CA ARG O 231 46.20 101.48 30.87
C ARG O 231 47.68 101.81 30.75
N LEU O 232 48.00 102.73 29.84
CA LEU O 232 49.38 103.14 29.65
C LEU O 232 49.90 103.80 30.93
N GLY O 233 51.12 103.42 31.33
CA GLY O 233 51.72 104.02 32.49
C GLY O 233 51.06 103.67 33.80
N GLY O 234 50.35 102.55 33.87
CA GLY O 234 49.71 102.17 35.12
C GLY O 234 48.63 103.17 35.51
N ASN O 235 48.40 103.30 36.81
CA ASN O 235 47.44 104.25 37.33
C ASN O 235 48.07 105.61 37.60
N ALA O 236 49.34 105.80 37.27
CA ALA O 236 49.99 107.07 37.49
C ALA O 236 49.28 108.18 36.72
N ASN O 237 49.56 109.42 37.10
CA ASN O 237 48.90 110.57 36.49
C ASN O 237 49.37 110.83 35.07
N ASN O 238 50.53 110.29 34.67
CA ASN O 238 51.11 110.58 33.37
C ASN O 238 51.28 109.28 32.58
N ARG O 239 50.65 109.20 31.42
CA ARG O 239 50.83 108.05 30.55
C ARG O 239 52.26 107.99 30.02
N ILE O 240 52.78 106.77 29.89
CA ILE O 240 54.09 106.53 29.31
C ILE O 240 53.93 105.48 28.21
N PHE O 241 54.57 105.71 27.07
CA PHE O 241 54.46 104.80 25.94
C PHE O 241 55.76 104.80 25.16
N GLU O 242 56.33 103.61 24.99
CA GLU O 242 57.57 103.42 24.25
C GLU O 242 57.29 102.61 23.01
N HIS O 243 57.81 103.07 21.87
CA HIS O 243 57.55 102.42 20.59
C HIS O 243 58.73 102.68 19.66
N LYS O 244 59.31 101.60 19.15
CA LYS O 244 60.45 101.70 18.23
C LYS O 244 61.55 102.57 18.83
N ASN O 245 61.97 102.22 20.04
CA ASN O 245 63.09 102.88 20.72
C ASN O 245 62.87 104.39 20.78
N ILE O 246 61.64 104.78 21.09
CA ILE O 246 61.29 106.17 21.35
C ILE O 246 60.43 106.22 22.59
N LEU O 247 60.46 107.36 23.29
CA LEU O 247 59.67 107.55 24.49
C LEU O 247 58.64 108.65 24.26
N PHE O 248 57.38 108.34 24.52
CA PHE O 248 56.30 109.30 24.43
C PHE O 248 55.79 109.61 25.84
N ILE O 249 55.61 110.90 26.13
CA ILE O 249 55.15 111.35 27.43
C ILE O 249 53.95 112.27 27.24
N GLU O 250 52.88 112.00 27.98
CA GLU O 250 51.66 112.78 27.87
C GLU O 250 51.79 114.06 28.69
N ASP O 251 51.48 115.20 28.07
CA ASP O 251 51.62 116.49 28.72
C ASP O 251 50.30 116.87 29.39
N ILE O 252 50.27 116.75 30.72
CA ILE O 252 49.05 117.08 31.46
C ILE O 252 48.97 118.57 31.75
N SER O 253 50.13 119.24 31.88
CA SER O 253 50.15 120.62 32.31
C SER O 253 49.36 121.55 31.41
N GLY O 254 49.30 121.26 30.11
CA GLY O 254 48.61 122.12 29.18
C GLY O 254 49.43 123.26 28.65
N ASN O 255 50.72 123.32 28.97
CA ASN O 255 51.61 124.34 28.42
C ASN O 255 51.90 124.12 26.94
N ILE O 256 51.80 122.88 26.46
CA ILE O 256 51.90 122.60 25.04
C ILE O 256 50.53 122.88 24.42
N PRO O 257 50.43 123.76 23.43
CA PRO O 257 49.14 124.00 22.79
C PRO O 257 48.56 122.70 22.23
N ALA O 258 47.24 122.55 22.37
CA ALA O 258 46.60 121.32 21.94
C ALA O 258 46.80 121.11 20.45
N GLY O 259 47.18 119.89 20.07
CA GLY O 259 47.43 119.54 18.69
C GLY O 259 48.88 119.59 18.27
N GLU O 260 49.80 119.85 19.20
CA GLU O 260 51.21 119.96 18.90
C GLU O 260 52.03 119.03 19.78
N ALA O 261 53.22 118.68 19.30
CA ALA O 261 54.15 117.85 20.06
C ALA O 261 55.56 118.17 19.61
N TYR O 262 56.49 118.17 20.57
CA TYR O 262 57.87 118.55 20.33
C TYR O 262 58.79 117.40 20.69
N ILE O 263 59.84 117.23 19.89
CA ILE O 263 60.76 116.10 20.01
C ILE O 263 62.19 116.62 19.99
N PHE O 264 63.06 116.01 20.78
CA PHE O 264 64.43 116.49 20.92
C PHE O 264 65.30 115.34 21.42
N PRO O 265 66.60 115.37 21.14
CA PRO O 265 67.51 114.39 21.72
C PRO O 265 67.82 114.73 23.18
N ARG O 266 68.73 113.94 23.75
CA ARG O 266 69.14 114.11 25.13
C ARG O 266 70.67 114.07 25.25
N GLY O 267 71.18 114.72 26.29
CA GLY O 267 72.57 114.63 26.63
C GLY O 267 73.50 115.59 25.92
N ILE O 268 72.99 116.40 24.99
CA ILE O 268 73.86 117.32 24.28
C ILE O 268 74.19 118.49 25.18
N SER O 269 75.49 118.76 25.33
CA SER O 269 75.96 119.71 26.34
C SER O 269 75.45 121.12 26.07
N ARG O 270 75.09 121.80 27.15
CA ARG O 270 74.79 123.23 27.11
C ARG O 270 73.72 123.56 26.07
N MET O 271 72.77 122.65 25.89
CA MET O 271 71.63 122.94 25.01
C MET O 271 70.63 123.85 25.71
N PHE O 272 70.44 123.69 27.02
CA PHE O 272 69.48 124.47 27.79
C PHE O 272 70.21 125.15 28.93
N GLU O 273 69.96 126.45 29.11
CA GLU O 273 70.59 127.21 30.18
C GLU O 273 69.63 128.28 30.66
N ILE O 274 69.81 128.70 31.92
CA ILE O 274 68.99 129.74 32.53
C ILE O 274 69.92 130.65 33.34
N TYR O 275 69.72 131.96 33.23
CA TYR O 275 70.59 132.95 33.85
C TYR O 275 69.81 133.74 34.89
N TYR O 276 70.53 134.30 35.86
CA TYR O 276 69.94 135.09 36.92
C TYR O 276 70.67 136.43 37.05
N ALA O 277 69.91 137.46 37.43
CA ALA O 277 70.42 138.81 37.58
C ALA O 277 69.92 139.41 38.90
N PRO O 278 70.62 140.41 39.44
CA PRO O 278 70.20 140.98 40.72
C PRO O 278 68.97 141.85 40.58
N SER O 279 68.45 142.28 41.73
CA SER O 279 67.21 143.02 41.79
C SER O 279 67.46 144.53 41.86
N ASP O 280 66.38 145.29 41.75
CA ASP O 280 66.42 146.75 41.90
C ASP O 280 66.51 147.09 43.38
N THR O 281 67.72 146.94 43.91
CA THR O 281 67.97 147.09 45.33
C THR O 281 69.35 147.71 45.52
N LEU O 282 69.39 148.86 46.20
CA LEU O 282 70.66 149.55 46.40
C LEU O 282 71.65 148.68 47.17
N ARG O 283 71.15 147.71 47.93
CA ARG O 283 72.05 146.85 48.69
C ARG O 283 72.73 145.83 47.78
N ASP O 284 72.04 145.42 46.71
CA ASP O 284 72.53 144.41 45.78
C ASP O 284 72.48 144.90 44.33
N ALA O 285 72.98 146.11 44.06
CA ALA O 285 72.82 146.68 42.73
C ALA O 285 73.53 145.85 41.66
N ASN O 286 74.82 145.58 41.83
CA ASN O 286 75.55 144.77 40.85
C ASN O 286 76.51 143.78 41.51
N GLN O 287 76.08 143.11 42.57
CA GLN O 287 76.94 142.21 43.33
C GLN O 287 76.75 140.75 43.01
N ALA O 288 75.54 140.21 43.12
CA ALA O 288 75.31 138.81 42.80
C ALA O 288 73.82 138.54 42.78
N ALA O 289 73.38 137.68 41.87
CA ALA O 289 71.98 137.34 41.76
C ALA O 289 71.64 136.14 42.62
N GLN O 290 70.35 136.05 42.98
CA GLN O 290 69.84 134.91 43.72
C GLN O 290 68.42 134.62 43.24
N GLU O 291 67.99 133.38 43.48
CA GLU O 291 66.74 132.92 42.88
C GLU O 291 65.54 133.72 43.38
N LEU O 292 65.43 133.92 44.69
CA LEU O 292 64.30 134.63 45.29
C LEU O 292 64.80 135.73 46.22
N TYR O 293 64.30 136.93 46.02
CA TYR O 293 64.48 138.03 46.95
C TYR O 293 63.13 138.34 47.59
N VAL O 294 63.05 138.22 48.91
CA VAL O 294 61.83 138.47 49.65
C VAL O 294 62.15 139.40 50.81
N PHE O 295 61.43 140.52 50.90
CA PHE O 295 61.59 141.47 51.99
C PHE O 295 60.29 141.59 52.76
N PHE O 296 60.41 141.63 54.08
CA PHE O 296 59.28 141.88 54.96
C PHE O 296 59.56 143.13 55.78
N LYS O 297 58.56 144.01 55.88
CA LYS O 297 58.72 145.29 56.53
C LYS O 297 57.53 145.57 57.44
N GLU O 298 57.81 146.07 58.64
CA GLU O 298 56.76 146.64 59.49
C GLU O 298 56.71 148.14 59.23
N SER O 299 55.96 148.85 60.07
CA SER O 299 55.97 150.31 60.06
C SER O 299 56.12 150.79 61.50
N ASN O 300 57.07 151.68 61.73
CA ASN O 300 57.33 152.19 63.08
C ASN O 300 56.27 153.17 63.55
N TYR O 301 55.18 153.33 62.82
CA TYR O 301 54.01 154.04 63.30
C TYR O 301 52.91 153.09 63.78
N LEU O 302 53.08 151.78 63.56
CA LEU O 302 52.23 150.73 64.10
C LEU O 302 50.89 150.61 63.40
N ARG O 303 50.78 151.04 62.15
CA ARG O 303 49.50 150.98 61.44
C ARG O 303 49.45 149.86 60.39
N GLU O 304 50.37 149.83 59.44
CA GLU O 304 50.31 148.89 58.34
C GLU O 304 51.61 148.09 58.28
N ALA O 305 51.61 147.08 57.41
CA ALA O 305 52.80 146.28 57.13
C ALA O 305 52.95 146.15 55.62
N LYS O 306 53.90 145.31 55.20
CA LYS O 306 54.19 145.16 53.78
C LYS O 306 54.99 143.88 53.55
N ILE O 307 54.76 143.25 52.40
CA ILE O 307 55.53 142.09 51.95
C ILE O 307 56.00 142.37 50.53
N GLU O 308 57.26 142.06 50.26
CA GLU O 308 57.87 142.44 48.99
C GLU O 308 58.66 141.26 48.44
N SER O 309 58.59 141.05 47.13
CA SER O 309 59.33 139.97 46.48
C SER O 309 59.75 140.42 45.09
N GLU O 310 60.85 139.84 44.61
CA GLU O 310 61.37 140.15 43.29
C GLU O 310 62.16 138.96 42.75
N THR O 311 62.35 138.96 41.43
CA THR O 311 63.18 137.95 40.79
C THR O 311 63.32 138.32 39.31
N SER O 312 64.47 137.97 38.74
CA SER O 312 64.73 138.24 37.32
C SER O 312 65.62 137.13 36.77
N PHE O 313 65.11 136.42 35.77
CA PHE O 313 65.83 135.33 35.15
C PHE O 313 65.43 135.23 33.69
N LEU O 314 66.30 134.59 32.90
CA LEU O 314 66.05 134.37 31.48
C LEU O 314 66.42 132.94 31.14
N THR O 315 65.62 132.30 30.30
CA THR O 315 65.86 130.96 29.83
C THR O 315 66.27 131.01 28.36
N VAL O 316 67.26 130.20 27.99
CA VAL O 316 67.81 130.22 26.64
C VAL O 316 67.93 128.80 26.13
N ASN O 317 67.91 128.66 24.80
CA ASN O 317 68.07 127.39 24.12
C ASN O 317 69.14 127.57 23.06
N ASN O 318 70.40 127.32 23.43
CA ASN O 318 71.53 127.62 22.57
C ASN O 318 71.50 126.85 21.26
N ARG O 319 70.77 125.75 21.18
CA ARG O 319 70.75 124.88 19.99
C ARG O 319 69.31 124.64 19.58
N PRO O 320 68.63 125.64 19.03
CA PRO O 320 67.26 125.44 18.55
C PRO O 320 67.16 124.46 17.40
N GLU O 321 68.26 124.22 16.69
CA GLU O 321 68.24 123.35 15.52
C GLU O 321 67.87 121.91 15.87
N LEU O 322 67.98 121.52 17.13
CA LEU O 322 67.72 120.15 17.55
C LEU O 322 66.34 119.98 18.18
N VAL O 323 65.35 120.75 17.72
CA VAL O 323 63.97 120.61 18.16
C VAL O 323 63.08 120.68 16.93
N VAL O 324 62.18 119.72 16.79
CA VAL O 324 61.33 119.60 15.61
C VAL O 324 59.88 119.66 16.05
N LYS O 325 59.14 120.64 15.53
CA LYS O 325 57.73 120.76 15.83
C LYS O 325 56.92 119.78 14.99
N SER O 326 55.91 119.17 15.60
CA SER O 326 55.07 118.19 14.93
C SER O 326 53.62 118.60 15.04
N THR O 327 53.08 119.18 13.98
CA THR O 327 51.66 119.49 13.90
C THR O 327 50.90 118.25 13.45
N GLY O 328 49.57 118.30 13.56
CA GLY O 328 48.77 117.17 13.14
C GLY O 328 47.38 117.58 12.74
N LYS O 329 46.81 116.81 11.81
CA LYS O 329 45.44 116.95 11.39
C LYS O 329 44.64 115.74 11.89
N PHE O 330 43.56 116.00 12.60
CA PHE O 330 42.85 114.94 13.31
C PHE O 330 41.42 114.84 12.81
N MET P 1 84.28 140.46 30.56
CA MET P 1 84.72 141.62 29.80
C MET P 1 83.74 142.77 29.97
N GLN P 2 83.93 143.84 29.20
CA GLN P 2 83.08 145.02 29.36
C GLN P 2 82.30 145.32 28.08
N ASN P 3 81.27 146.14 28.26
CA ASN P 3 80.41 146.63 27.18
C ASN P 3 81.03 147.90 26.62
N GLY P 4 80.24 148.74 25.95
CA GLY P 4 80.68 150.09 25.64
C GLY P 4 81.43 150.65 26.82
N ASP P 5 82.47 151.45 26.55
CA ASP P 5 83.52 151.70 27.53
C ASP P 5 83.01 152.05 28.92
N PHE P 6 81.75 152.50 29.04
CA PHE P 6 81.22 152.90 30.34
C PHE P 6 80.29 151.85 30.97
N GLN P 7 80.22 150.64 30.43
CA GLN P 7 79.30 149.63 30.95
C GLN P 7 79.90 148.25 30.74
N ILE P 8 79.45 147.30 31.57
CA ILE P 8 80.07 145.98 31.61
C ILE P 8 79.02 144.90 31.38
N LEU P 9 79.52 143.71 31.02
CA LEU P 9 78.70 142.59 30.59
C LEU P 9 79.03 141.35 31.42
N ASP P 10 78.15 140.37 31.39
CA ASP P 10 78.50 139.04 31.88
C ASP P 10 79.20 138.26 30.78
N TYR P 11 79.70 137.08 31.14
CA TYR P 11 80.33 136.20 30.18
C TYR P 11 79.92 134.77 30.48
N THR P 12 79.84 133.95 29.43
CA THR P 12 79.30 132.61 29.56
C THR P 12 80.12 131.53 28.85
N GLY P 13 81.17 131.90 28.11
CA GLY P 13 82.04 130.89 27.55
C GLY P 13 81.79 130.60 26.07
N LEU P 14 82.24 129.43 25.66
CA LEU P 14 82.27 129.05 24.25
C LEU P 14 81.28 127.93 23.95
N ILE P 15 80.91 127.82 22.68
CA ILE P 15 80.06 126.75 22.16
C ILE P 15 80.76 126.12 20.97
N SER P 16 80.87 124.80 20.97
CA SER P 16 81.56 124.09 19.89
C SER P 16 80.57 123.69 18.80
N THR P 17 81.12 123.12 17.72
CA THR P 17 80.32 122.64 16.61
C THR P 17 81.25 121.95 15.61
N MET P 18 80.73 120.96 14.91
CA MET P 18 81.50 120.26 13.89
C MET P 18 80.54 119.50 13.01
N PRO P 19 80.98 119.07 11.83
CA PRO P 19 80.14 118.24 10.96
C PRO P 19 80.31 116.75 11.24
N ARG P 20 79.52 115.96 10.52
CA ARG P 20 79.61 114.51 10.64
C ARG P 20 80.30 113.94 9.40
N VAL P 21 81.02 112.84 9.61
CA VAL P 21 81.59 112.06 8.52
C VAL P 21 81.46 110.58 8.86
N ASP P 22 80.91 109.81 7.93
CA ASP P 22 80.57 108.41 8.18
C ASP P 22 81.73 107.49 7.83
N THR P 23 81.99 106.52 8.70
CA THR P 23 83.07 105.58 8.49
C THR P 23 82.57 104.19 8.14
N LEU P 24 81.30 104.06 7.74
CA LEU P 24 80.73 102.74 7.50
C LEU P 24 81.58 101.91 6.56
N LEU P 25 81.77 102.39 5.33
CA LEU P 25 82.43 101.58 4.31
C LEU P 25 83.87 101.26 4.69
N GLN P 26 84.59 102.24 5.25
CA GLN P 26 85.95 101.97 5.71
C GLN P 26 85.96 100.88 6.78
N SER P 27 84.97 100.90 7.67
CA SER P 27 84.99 99.98 8.81
C SER P 27 84.83 98.53 8.39
N MET P 28 84.43 98.28 7.13
CA MET P 28 84.29 96.89 6.68
C MET P 28 85.63 96.23 6.42
N ASN P 29 86.70 97.01 6.26
CA ASN P 29 88.00 96.48 5.91
C ASN P 29 87.95 95.68 4.62
N LEU P 30 87.16 96.17 3.65
CA LEU P 30 86.84 95.40 2.45
C LEU P 30 87.99 95.37 1.44
N PHE P 31 89.01 96.20 1.58
CA PHE P 31 90.06 96.34 0.59
C PHE P 31 91.37 95.75 1.10
N THR P 32 92.19 95.27 0.17
CA THR P 32 93.55 94.83 0.46
C THR P 32 94.52 95.75 -0.28
N GLU P 33 95.53 96.25 0.43
CA GLU P 33 96.39 97.31 -0.05
C GLU P 33 97.77 96.77 -0.39
N HIS P 34 98.27 97.15 -1.57
CA HIS P 34 99.62 96.81 -2.00
C HIS P 34 100.44 98.10 -2.07
N PHE P 35 101.54 98.14 -1.35
CA PHE P 35 102.40 99.32 -1.34
C PHE P 35 103.35 99.24 -2.52
N GLY P 36 103.16 100.13 -3.50
CA GLY P 36 103.89 100.05 -4.75
C GLY P 36 105.16 100.86 -4.74
N ARG P 37 105.77 100.92 -5.92
CA ARG P 37 107.03 101.63 -6.12
C ARG P 37 107.03 102.56 -7.32
N THR P 38 106.08 102.43 -8.25
CA THR P 38 106.04 103.25 -9.44
C THR P 38 104.59 103.59 -9.77
N THR P 39 104.41 104.53 -10.68
CA THR P 39 103.10 105.05 -11.02
C THR P 39 102.41 104.27 -12.14
N VAL P 40 102.74 102.99 -12.32
CA VAL P 40 102.07 102.14 -13.29
C VAL P 40 101.95 100.73 -12.72
N ALA P 41 100.90 100.02 -13.11
CA ALA P 41 100.65 98.67 -12.64
C ALA P 41 100.26 97.78 -13.81
N ARG P 42 100.46 96.47 -13.64
CA ARG P 42 100.22 95.49 -14.68
C ARG P 42 99.49 94.29 -14.11
N ILE P 43 98.36 93.92 -14.71
CA ILE P 43 97.50 92.84 -14.23
C ILE P 43 97.28 91.85 -15.37
N GLU P 44 97.05 90.59 -15.02
CA GLU P 44 96.91 89.52 -15.99
C GLU P 44 95.75 88.60 -15.62
N ARG P 45 95.09 88.05 -16.64
CA ARG P 45 93.90 87.23 -16.44
C ARG P 45 93.90 86.08 -17.43
N LEU P 46 93.20 85.00 -17.09
CA LEU P 46 93.17 83.78 -17.88
C LEU P 46 91.91 82.99 -17.56
N ASP P 47 91.35 82.32 -18.56
CA ASP P 47 90.16 81.50 -18.38
C ASP P 47 90.30 80.20 -19.16
N ASP P 48 90.10 79.08 -18.48
CA ASP P 48 90.24 77.74 -19.06
C ASP P 48 88.89 77.02 -18.93
N GLY P 49 88.06 77.12 -19.96
CA GLY P 49 86.72 76.57 -19.93
C GLY P 49 86.64 75.11 -20.31
N ALA P 50 85.61 74.75 -21.07
CA ALA P 50 85.41 73.38 -21.53
C ALA P 50 84.35 73.38 -22.62
N GLY P 51 84.11 72.20 -23.19
CA GLY P 51 83.13 72.07 -24.25
C GLY P 51 82.58 70.67 -24.32
N ASP P 52 81.41 70.53 -24.92
CA ASP P 52 80.71 69.26 -25.00
C ASP P 52 81.12 68.48 -26.24
N ILE P 53 80.83 67.17 -26.22
CA ILE P 53 81.24 66.25 -27.27
C ILE P 53 80.03 65.88 -28.12
N LYS P 54 80.30 65.45 -29.35
CA LYS P 54 79.29 64.92 -30.26
C LYS P 54 79.65 63.49 -30.63
N ALA P 55 78.69 62.79 -31.22
CA ALA P 55 78.88 61.40 -31.58
C ALA P 55 79.43 61.27 -32.99
N VAL P 56 80.03 60.10 -33.26
CA VAL P 56 80.69 59.85 -34.53
C VAL P 56 80.59 58.36 -34.85
N GLN P 57 80.54 58.06 -36.14
CA GLN P 57 80.48 56.66 -36.59
C GLN P 57 81.80 55.97 -36.32
N ARG P 58 81.73 54.71 -35.88
CA ARG P 58 82.92 53.93 -35.64
C ARG P 58 83.74 53.81 -36.93
N GLY P 59 85.06 53.96 -36.81
CA GLY P 59 85.93 53.88 -37.95
C GLY P 59 85.99 55.12 -38.82
N GLY P 60 85.29 56.19 -38.42
CA GLY P 60 85.23 57.41 -39.21
C GLY P 60 86.21 58.46 -38.74
N VAL P 61 85.93 59.70 -39.12
CA VAL P 61 86.82 60.81 -38.83
C VAL P 61 86.61 61.24 -37.38
N ARG P 62 87.70 61.65 -36.73
CA ARG P 62 87.64 62.03 -35.32
C ARG P 62 87.19 63.48 -35.19
N GLN P 63 87.16 63.99 -33.96
CA GLN P 63 86.91 65.40 -33.69
C GLN P 63 87.95 65.90 -32.70
N HIS P 64 88.23 67.20 -32.75
CA HIS P 64 89.40 67.77 -32.12
C HIS P 64 89.04 68.89 -31.15
N LEU P 65 90.00 69.21 -30.28
CA LEU P 65 89.79 70.11 -29.16
C LEU P 65 90.26 71.53 -29.49
N ALA P 66 89.93 72.46 -28.59
CA ALA P 66 90.40 73.84 -28.63
C ALA P 66 91.20 74.12 -27.35
N ASN P 67 91.59 75.37 -27.15
CA ASN P 67 92.40 75.75 -26.00
C ASN P 67 91.96 77.12 -25.47
N ASP P 68 92.55 77.50 -24.34
CA ASP P 68 92.08 78.63 -23.56
C ASP P 68 92.57 79.95 -24.16
N ARG P 69 92.33 81.04 -23.42
CA ARG P 69 92.68 82.40 -23.85
C ARG P 69 93.29 83.16 -22.70
N LYS P 70 94.12 84.17 -23.03
CA LYS P 70 94.83 84.97 -22.05
C LYS P 70 94.62 86.46 -22.33
N LYS P 71 94.88 87.29 -21.32
CA LYS P 71 94.70 88.73 -21.44
C LYS P 71 95.62 89.48 -20.49
N ILE P 72 96.03 90.69 -20.90
CA ILE P 72 96.95 91.53 -20.14
C ILE P 72 96.45 92.97 -20.22
N VAL P 73 96.69 93.74 -19.16
CA VAL P 73 96.21 95.12 -19.09
C VAL P 73 97.08 95.91 -18.12
N ASN P 74 97.19 97.22 -18.38
CA ASN P 74 97.98 98.14 -17.57
C ASN P 74 97.10 99.25 -17.02
N LEU P 75 97.57 99.91 -15.95
CA LEU P 75 96.82 100.95 -15.28
C LEU P 75 97.75 102.04 -14.77
N ASN P 76 97.18 103.23 -14.53
CA ASN P 76 97.93 104.42 -14.14
C ASN P 76 97.33 104.97 -12.85
N ILE P 77 98.11 105.76 -12.12
CA ILE P 77 97.77 106.16 -10.75
C ILE P 77 97.78 107.69 -10.65
N PRO P 78 96.87 108.31 -9.91
CA PRO P 78 96.82 109.77 -9.79
C PRO P 78 97.66 110.29 -8.61
N PHE P 79 97.55 111.61 -8.38
CA PHE P 79 98.32 112.30 -7.35
C PHE P 79 97.45 113.39 -6.71
N PHE P 80 97.50 113.49 -5.37
CA PHE P 80 96.62 114.38 -4.60
C PHE P 80 97.41 115.29 -3.67
N PRO P 81 97.73 116.52 -4.06
CA PRO P 81 98.41 117.45 -3.17
C PRO P 81 97.46 118.38 -2.43
N LEU P 82 98.00 119.02 -1.38
CA LEU P 82 97.27 120.02 -0.61
C LEU P 82 98.22 120.68 0.39
N ASP P 83 97.94 121.94 0.74
CA ASP P 83 98.82 122.70 1.63
C ASP P 83 98.19 124.05 1.94
N ARG P 84 98.72 124.71 2.98
CA ARG P 84 98.32 126.08 3.30
C ARG P 84 99.45 126.76 4.06
N SER P 85 99.47 128.09 4.00
CA SER P 85 100.51 128.90 4.62
C SER P 85 100.01 129.55 5.90
N ILE P 86 100.96 130.09 6.67
CA ILE P 86 100.66 130.86 7.87
C ILE P 86 101.52 132.12 7.84
N ASP P 87 100.94 133.25 8.24
CA ASP P 87 101.57 134.56 8.07
C ASP P 87 101.49 135.35 9.36
N ARG P 88 102.42 136.28 9.53
CA ARG P 88 102.48 137.14 10.71
C ARG P 88 101.21 137.98 10.83
N ALA P 89 100.67 138.45 9.71
CA ALA P 89 99.57 139.40 9.74
C ALA P 89 98.32 138.80 10.37
N ASP P 90 98.24 137.47 10.46
CA ASP P 90 97.04 136.80 10.97
C ASP P 90 97.09 136.52 12.46
N ILE P 91 98.11 137.01 13.18
CA ILE P 91 98.32 136.60 14.56
C ILE P 91 98.45 137.80 15.49
N GLN P 92 98.73 138.98 14.94
CA GLN P 92 98.98 140.14 15.78
C GLN P 92 97.68 140.88 16.09
N ASN P 93 97.50 141.19 17.37
CA ASN P 93 96.36 141.94 17.90
C ASN P 93 95.04 141.17 17.86
N PHE P 94 95.09 139.84 17.79
CA PHE P 94 93.86 139.04 17.79
C PHE P 94 93.77 138.21 19.07
N ARG P 95 92.57 138.17 19.63
CA ARG P 95 92.32 137.36 20.81
C ARG P 95 92.34 135.88 20.47
N GLU P 96 92.39 135.05 21.51
CA GLU P 96 92.03 133.64 21.36
C GLU P 96 90.53 133.51 21.56
N PHE P 97 89.81 133.29 20.46
CA PHE P 97 88.36 133.42 20.47
C PHE P 97 87.71 132.68 21.64
N GLY P 98 88.36 131.64 22.16
CA GLY P 98 87.78 130.86 23.23
C GLY P 98 88.19 131.31 24.62
N THR P 99 88.87 132.46 24.72
CA THR P 99 89.38 132.93 26.00
C THR P 99 88.84 134.32 26.28
N GLU P 100 88.77 134.67 27.57
CA GLU P 100 88.25 135.96 27.97
C GLU P 100 89.13 137.09 27.45
N ASN P 101 90.44 137.04 27.73
CA ASN P 101 91.33 138.10 27.27
C ASN P 101 92.69 137.59 26.81
N ALA P 102 92.89 136.31 26.59
CA ALA P 102 94.21 135.81 26.25
C ALA P 102 94.58 136.22 24.82
N PRO P 103 95.85 136.52 24.56
CA PRO P 103 96.25 136.90 23.20
C PRO P 103 96.49 135.68 22.33
N ALA P 104 96.22 135.84 21.04
CA ALA P 104 96.35 134.75 20.09
C ALA P 104 97.81 134.31 19.98
N THR P 105 98.03 133.00 20.08
CA THR P 105 99.35 132.44 19.82
C THR P 105 99.41 131.89 18.41
N VAL P 106 100.56 131.29 18.08
CA VAL P 106 100.75 130.75 16.73
C VAL P 106 100.46 129.25 16.70
N ASP P 107 100.68 128.57 17.83
CA ASP P 107 100.56 127.11 17.84
C ASP P 107 99.15 126.65 17.50
N ALA P 108 98.13 127.31 18.08
CA ALA P 108 96.76 126.87 17.86
C ALA P 108 96.41 126.84 16.39
N GLU P 109 96.87 127.83 15.63
CA GLU P 109 96.63 127.84 14.19
C GLU P 109 97.22 126.59 13.54
N VAL P 110 98.45 126.24 13.93
CA VAL P 110 99.11 125.07 13.35
C VAL P 110 98.33 123.80 13.68
N GLN P 111 97.90 123.67 14.93
CA GLN P 111 97.15 122.47 15.31
C GLN P 111 95.85 122.37 14.53
N ARG P 112 95.13 123.48 14.39
CA ARG P 112 93.89 123.46 13.64
C ARG P 112 94.12 123.11 12.17
N HIS P 113 95.18 123.65 11.57
CA HIS P 113 95.48 123.32 10.18
C HIS P 113 95.81 121.84 10.02
N MET P 114 96.64 121.31 10.92
CA MET P 114 96.96 119.89 10.85
C MET P 114 95.72 119.03 10.94
N ALA P 115 94.83 119.36 11.90
CA ALA P 115 93.61 118.58 12.05
C ALA P 115 92.75 118.65 10.80
N ARG P 116 92.61 119.85 10.22
CA ARG P 116 91.80 119.99 9.03
C ARG P 116 92.36 119.16 7.88
N ILE P 117 93.68 119.18 7.69
CA ILE P 117 94.29 118.41 6.61
C ILE P 117 94.08 116.92 6.83
N ARG P 118 94.28 116.44 8.07
CA ARG P 118 94.04 115.03 8.37
C ARG P 118 92.62 114.65 7.99
N ARG P 119 91.64 115.45 8.42
CA ARG P 119 90.24 115.10 8.15
C ARG P 119 89.96 115.10 6.66
N SER P 120 90.50 116.07 5.92
CA SER P 120 90.26 116.10 4.48
C SER P 120 90.83 114.88 3.79
N HIS P 121 92.05 114.46 4.17
CA HIS P 121 92.61 113.26 3.55
C HIS P 121 91.80 112.02 3.90
N ALA P 122 91.34 111.91 5.15
CA ALA P 122 90.48 110.79 5.51
C ALA P 122 89.20 110.79 4.68
N ILE P 123 88.61 111.96 4.46
CA ILE P 123 87.41 112.06 3.64
C ILE P 123 87.70 111.58 2.23
N LEU P 124 88.82 112.00 1.65
CA LEU P 124 89.16 111.56 0.30
C LEU P 124 89.27 110.04 0.23
N LYS P 125 90.01 109.45 1.18
CA LYS P 125 90.18 108.01 1.15
C LYS P 125 88.85 107.29 1.29
N SER P 126 87.98 107.74 2.20
CA SER P 126 86.70 107.09 2.39
C SER P 126 85.83 107.23 1.14
N LYS P 127 85.89 108.38 0.47
CA LYS P 127 85.00 108.61 -0.67
C LYS P 127 85.48 107.86 -1.91
N ALA P 128 86.78 107.59 -2.01
CA ALA P 128 87.26 106.83 -3.17
C ALA P 128 86.66 105.43 -3.20
N MET P 129 86.53 104.79 -2.04
CA MET P 129 86.03 103.43 -2.00
C MET P 129 84.63 103.34 -2.61
N TYR P 130 83.75 104.27 -2.25
CA TYR P 130 82.40 104.26 -2.81
C TYR P 130 82.41 104.37 -4.33
N ALA P 131 83.38 105.08 -4.92
CA ALA P 131 83.50 105.09 -6.36
C ALA P 131 84.08 103.77 -6.87
N ALA P 132 84.79 103.05 -6.01
CA ALA P 132 85.27 101.73 -6.41
C ALA P 132 84.11 100.78 -6.67
N LEU P 133 83.08 100.80 -5.81
CA LEU P 133 81.99 99.84 -5.95
C LEU P 133 81.28 99.99 -7.28
N LYS P 134 81.02 101.23 -7.70
CA LYS P 134 80.26 101.47 -8.91
C LYS P 134 81.04 101.14 -10.18
N GLY P 135 82.21 100.52 -10.07
CA GLY P 135 82.91 100.04 -11.24
C GLY P 135 83.70 101.09 -11.97
N THR P 136 84.11 102.17 -11.30
CA THR P 136 84.90 103.22 -11.92
C THR P 136 85.94 103.71 -10.93
N SER P 137 87.01 104.28 -11.48
CA SER P 137 88.05 104.90 -10.66
C SER P 137 87.63 106.31 -10.27
N TRP P 138 88.32 106.88 -9.29
CA TRP P 138 87.99 108.20 -8.77
C TRP P 138 89.20 109.09 -8.94
N SER P 139 89.12 110.05 -9.86
CA SER P 139 90.19 111.02 -10.09
C SER P 139 89.59 112.27 -10.72
N PRO P 140 88.94 113.11 -9.93
CA PRO P 140 88.32 114.31 -10.48
C PRO P 140 89.36 115.24 -11.11
N ASP P 141 88.98 115.88 -12.21
CA ASP P 141 89.80 116.82 -12.96
C ASP P 141 91.10 116.18 -13.48
N ASP P 142 91.09 114.88 -13.77
CA ASP P 142 92.25 114.21 -14.35
C ASP P 142 91.75 113.13 -15.31
N PRO P 143 91.56 113.47 -16.59
CA PRO P 143 91.11 112.44 -17.55
C PRO P 143 92.09 111.28 -17.69
N VAL P 144 93.35 111.46 -17.30
CA VAL P 144 94.34 110.41 -17.47
C VAL P 144 93.97 109.15 -16.72
N SER P 145 93.21 109.26 -15.63
CA SER P 145 92.92 108.13 -14.77
C SER P 145 91.44 107.93 -14.47
N ASP P 146 90.54 108.58 -15.20
CA ASP P 146 89.09 108.39 -15.02
C ASP P 146 88.65 107.08 -15.69
N TYR P 147 89.18 105.97 -15.21
CA TYR P 147 88.91 104.68 -15.82
C TYR P 147 87.51 104.20 -15.48
N ASN P 148 87.01 103.30 -16.32
CA ASN P 148 85.76 102.60 -16.10
C ASN P 148 86.01 101.10 -16.20
N TYR P 149 85.78 100.40 -15.09
CA TYR P 149 86.15 98.98 -15.03
C TYR P 149 85.23 98.12 -15.88
N TYR P 150 84.05 98.62 -16.24
CA TYR P 150 83.37 98.10 -17.41
C TYR P 150 84.03 98.65 -18.67
N ASP P 151 84.04 97.85 -19.72
CA ASP P 151 84.62 98.23 -21.01
C ASP P 151 86.14 98.22 -20.94
N VAL P 152 86.71 97.96 -19.76
CA VAL P 152 88.15 97.72 -19.65
C VAL P 152 88.39 96.22 -19.53
N TRP P 153 87.67 95.56 -18.62
CA TRP P 153 87.67 94.11 -18.57
C TRP P 153 86.72 93.52 -19.60
N GLY P 154 85.86 94.34 -20.21
CA GLY P 154 84.94 93.90 -21.24
C GLY P 154 83.58 93.49 -20.74
N ALA P 155 83.43 93.28 -19.43
CA ALA P 155 82.16 92.84 -18.89
C ALA P 155 81.12 93.96 -18.95
N THR P 156 79.87 93.59 -18.74
CA THR P 156 78.76 94.52 -18.72
C THR P 156 78.01 94.44 -17.38
N GLN P 157 77.33 95.52 -17.04
CA GLN P 157 76.62 95.60 -15.77
C GLN P 157 75.27 94.91 -15.87
N THR P 158 74.86 94.27 -14.79
CA THR P 158 73.57 93.60 -14.67
C THR P 158 72.74 94.31 -13.62
N THR P 159 71.52 94.68 -13.97
CA THR P 159 70.65 95.47 -13.12
C THR P 159 69.36 94.70 -12.85
N ALA P 160 68.89 94.74 -11.61
CA ALA P 160 67.68 94.02 -11.20
C ALA P 160 66.75 95.02 -10.53
N ASP P 161 65.95 95.72 -11.32
CA ASP P 161 65.07 96.78 -10.83
C ASP P 161 63.98 96.15 -9.97
N VAL P 162 63.56 96.87 -8.94
CA VAL P 162 62.50 96.43 -8.04
C VAL P 162 61.36 97.43 -8.14
N ASP P 163 60.16 96.94 -8.42
CA ASP P 163 58.97 97.77 -8.50
C ASP P 163 58.23 97.66 -7.17
N PHE P 164 58.36 98.67 -6.32
CA PHE P 164 57.76 98.64 -5.00
C PHE P 164 56.28 98.97 -5.01
N THR P 165 55.77 99.52 -6.10
CA THR P 165 54.36 99.87 -6.17
C THR P 165 53.45 98.66 -6.35
N LYS P 166 54.02 97.47 -6.62
CA LYS P 166 53.24 96.25 -6.72
C LYS P 166 53.13 95.65 -5.32
N LEU P 167 52.07 96.06 -4.61
CA LEU P 167 51.87 95.58 -3.25
C LEU P 167 51.79 94.05 -3.21
N GLY P 168 51.27 93.43 -4.26
CA GLY P 168 51.11 92.00 -4.34
C GLY P 168 52.28 91.25 -4.93
N VAL P 169 53.40 91.92 -5.20
CA VAL P 169 54.59 91.29 -5.78
C VAL P 169 55.72 91.44 -4.78
N ASP P 170 56.31 90.31 -4.40
CA ASP P 170 57.39 90.34 -3.42
C ASP P 170 58.66 90.89 -4.07
N PRO P 171 59.23 91.99 -3.56
CA PRO P 171 60.49 92.48 -4.16
C PRO P 171 61.64 91.49 -4.05
N ILE P 172 61.63 90.63 -3.03
CA ILE P 172 62.73 89.69 -2.85
C ILE P 172 62.73 88.63 -3.94
N GLU P 173 61.61 88.49 -4.66
CA GLU P 173 61.57 87.54 -5.77
C GLU P 173 62.49 87.98 -6.89
N VAL P 174 62.54 89.29 -7.17
CA VAL P 174 63.44 89.79 -8.20
C VAL P 174 64.90 89.55 -7.79
N LEU P 175 65.22 89.78 -6.52
CA LEU P 175 66.57 89.49 -6.04
C LEU P 175 66.89 88.01 -6.19
N GLU P 176 65.95 87.14 -5.84
CA GLU P 176 66.21 85.70 -5.89
C GLU P 176 66.39 85.22 -7.32
N ALA P 177 65.79 85.92 -8.29
CA ALA P 177 65.80 85.45 -9.67
C ALA P 177 66.93 86.07 -10.48
N GLU P 178 67.03 87.40 -10.47
CA GLU P 178 67.95 88.09 -11.36
C GLU P 178 69.31 88.32 -10.71
N ALA P 179 69.33 88.56 -9.39
CA ALA P 179 70.59 88.90 -8.73
C ALA P 179 71.39 87.66 -8.37
N ARG P 180 70.83 86.81 -7.51
CA ARG P 180 71.61 85.68 -7.00
C ARG P 180 71.91 84.67 -8.10
N ALA P 181 71.01 84.49 -9.07
CA ALA P 181 71.29 83.58 -10.17
C ALA P 181 72.52 84.07 -10.95
N HIS P 182 72.56 85.36 -11.27
CA HIS P 182 73.69 85.92 -11.98
C HIS P 182 74.97 85.78 -11.16
N ILE P 183 74.89 86.09 -9.86
CA ILE P 183 76.08 86.01 -9.01
C ILE P 183 76.60 84.57 -8.97
N ILE P 184 75.70 83.59 -8.90
CA ILE P 184 76.15 82.20 -8.85
C ILE P 184 76.74 81.77 -10.19
N ASP P 185 76.13 82.17 -11.30
CA ASP P 185 76.64 81.76 -12.61
C ASP P 185 78.02 82.36 -12.87
N TRP P 186 78.20 83.64 -12.55
CA TRP P 186 79.42 84.34 -12.92
C TRP P 186 80.50 84.29 -11.85
N ALA P 187 80.30 83.53 -10.77
CA ALA P 187 81.28 83.55 -9.68
C ALA P 187 82.66 83.21 -10.18
N GLY P 188 82.77 82.22 -11.07
CA GLY P 188 84.07 81.75 -11.52
C GLY P 188 84.67 80.66 -10.66
N ASP P 189 84.55 80.77 -9.34
CA ASP P 189 84.96 79.69 -8.47
C ASP P 189 83.90 78.59 -8.48
N ASN P 190 84.26 77.43 -7.92
CA ASN P 190 83.33 76.32 -7.76
C ASN P 190 82.73 76.26 -6.37
N GLY P 191 82.88 77.32 -5.57
CA GLY P 191 82.30 77.34 -4.24
C GLY P 191 80.80 77.48 -4.28
N ASP P 192 80.17 77.18 -3.13
CA ASP P 192 78.72 77.10 -3.04
C ASP P 192 78.12 78.17 -2.14
N ASN P 193 78.57 78.24 -0.88
CA ASN P 193 77.96 79.13 0.11
C ASN P 193 78.46 80.55 -0.08
N TYR P 194 77.74 81.29 -0.92
CA TYR P 194 78.06 82.70 -1.17
C TYR P 194 77.22 83.58 -0.25
N GLU P 195 77.87 84.30 0.65
CA GLU P 195 77.16 85.29 1.45
C GLU P 195 76.95 86.57 0.66
N ILE P 196 75.76 87.14 0.77
CA ILE P 196 75.37 88.30 0.00
C ILE P 196 75.27 89.51 0.92
N VAL P 197 75.34 90.68 0.32
CA VAL P 197 75.17 91.95 1.02
C VAL P 197 74.46 92.92 0.08
N VAL P 198 73.51 93.68 0.62
CA VAL P 198 72.82 94.72 -0.12
C VAL P 198 73.09 96.04 0.57
N LEU P 199 73.63 96.99 -0.17
CA LEU P 199 73.96 98.32 0.35
C LEU P 199 73.03 99.32 -0.33
N ALA P 200 72.03 99.80 0.40
CA ALA P 200 70.94 100.57 -0.17
C ALA P 200 70.82 101.91 0.52
N SER P 201 70.42 102.93 -0.25
CA SER P 201 70.27 104.26 0.30
C SER P 201 69.03 104.33 1.20
N ARG P 202 68.92 105.45 1.93
CA ARG P 202 67.78 105.65 2.82
C ARG P 202 66.46 105.26 2.19
N GLN P 203 66.13 105.88 1.05
CA GLN P 203 64.81 105.71 0.46
C GLN P 203 64.52 104.26 0.09
N TRP P 204 65.49 103.57 -0.50
CA TRP P 204 65.28 102.19 -0.92
C TRP P 204 64.97 101.30 0.29
N PHE P 205 65.80 101.38 1.32
CA PHE P 205 65.56 100.60 2.53
C PHE P 205 64.21 100.94 3.15
N SER P 206 63.90 102.23 3.26
CA SER P 206 62.66 102.64 3.91
C SER P 206 61.44 102.11 3.16
N ALA P 207 61.45 102.24 1.83
CA ALA P 207 60.33 101.72 1.05
C ALA P 207 60.35 100.20 0.94
N LEU P 208 61.45 99.55 1.31
CA LEU P 208 61.47 98.09 1.32
C LEU P 208 60.82 97.55 2.59
N ILE P 209 61.30 97.99 3.76
CA ILE P 209 60.80 97.41 5.00
C ILE P 209 59.31 97.63 5.17
N ALA P 210 58.76 98.70 4.61
CA ALA P 210 57.32 98.95 4.76
C ALA P 210 56.48 98.17 3.76
N HIS P 211 57.10 97.44 2.86
CA HIS P 211 56.36 96.75 1.81
C HIS P 211 55.50 95.65 2.43
N PRO P 212 54.24 95.49 2.01
CA PRO P 212 53.37 94.50 2.67
C PRO P 212 53.92 93.09 2.67
N GLN P 213 54.58 92.66 1.60
CA GLN P 213 55.05 91.29 1.51
C GLN P 213 56.15 90.97 2.52
N VAL P 214 56.72 91.97 3.18
CA VAL P 214 57.67 91.74 4.25
C VAL P 214 57.11 92.08 5.62
N THR P 215 55.96 92.76 5.70
CA THR P 215 55.31 93.00 7.00
C THR P 215 54.38 91.84 7.36
N GLY P 216 53.71 91.27 6.36
CA GLY P 216 52.77 90.20 6.65
C GLY P 216 53.43 88.97 7.24
N ALA P 217 54.74 88.81 7.00
CA ALA P 217 55.44 87.62 7.48
C ALA P 217 55.61 87.61 9.00
N TYR P 218 55.96 88.75 9.60
CA TYR P 218 56.35 88.79 10.99
C TYR P 218 55.22 89.19 11.94
N SER P 219 53.99 89.34 11.44
CA SER P 219 52.93 89.93 12.24
C SER P 219 52.27 88.97 13.21
N GLN P 220 52.32 87.66 12.96
CA GLN P 220 51.43 86.73 13.63
C GLN P 220 52.09 85.73 14.55
N TYR P 221 53.40 85.86 14.82
CA TYR P 221 54.04 85.07 15.86
C TYR P 221 55.43 85.64 16.10
N PRO P 222 55.93 85.57 17.33
CA PRO P 222 57.12 86.34 17.69
C PRO P 222 58.32 86.04 16.81
N SER P 223 59.33 86.88 16.95
CA SER P 223 60.55 86.78 16.16
C SER P 223 61.70 87.41 16.94
N THR P 224 62.90 87.32 16.38
CA THR P 224 64.07 87.90 17.03
C THR P 224 64.11 89.42 16.93
N GLN P 225 63.58 90.00 15.85
CA GLN P 225 63.63 91.45 15.62
C GLN P 225 62.30 91.87 15.00
N GLU P 226 61.37 92.29 15.85
CA GLU P 226 60.05 92.70 15.38
C GLU P 226 60.18 94.03 14.67
N ILE P 227 59.86 94.05 13.38
CA ILE P 227 59.98 95.26 12.57
C ILE P 227 58.99 96.30 13.06
N LEU P 228 57.86 95.85 13.61
CA LEU P 228 56.75 96.73 13.91
C LEU P 228 56.67 97.17 15.37
N ARG P 229 57.59 96.70 16.23
CA ARG P 229 57.59 97.16 17.62
C ARG P 229 58.98 97.39 18.19
N ARG P 230 60.05 97.28 17.42
CA ARG P 230 61.38 97.66 17.85
C ARG P 230 62.18 98.15 16.66
N ARG P 231 63.18 98.98 16.92
CA ARG P 231 63.96 99.60 15.86
C ARG P 231 64.98 98.62 15.29
N LEU P 232 65.05 98.56 13.97
CA LEU P 232 66.01 97.70 13.30
C LEU P 232 67.43 98.15 13.63
N GLY P 233 68.28 97.19 13.97
CA GLY P 233 69.66 97.49 14.25
C GLY P 233 69.91 98.20 15.57
N GLY P 234 68.91 98.26 16.44
CA GLY P 234 69.12 98.91 17.73
C GLY P 234 68.88 100.41 17.62
N ASN P 235 69.68 101.17 18.36
CA ASN P 235 69.56 102.63 18.42
C ASN P 235 70.67 103.33 17.65
N ALA P 236 71.37 102.60 16.78
CA ALA P 236 72.46 103.15 16.00
C ALA P 236 71.92 103.85 14.75
N ASN P 237 72.82 104.49 14.01
CA ASN P 237 72.42 105.23 12.83
C ASN P 237 72.38 104.38 11.57
N ASN P 238 73.05 103.22 11.58
CA ASN P 238 73.06 102.33 10.41
C ASN P 238 72.17 101.13 10.72
N ARG P 239 70.90 101.21 10.32
CA ARG P 239 69.98 100.12 10.58
C ARG P 239 70.44 98.85 9.88
N ILE P 240 70.21 97.72 10.53
CA ILE P 240 70.63 96.42 10.04
C ILE P 240 69.40 95.53 9.95
N PHE P 241 69.23 94.84 8.82
CA PHE P 241 68.09 93.97 8.61
C PHE P 241 68.51 92.81 7.71
N GLU P 242 68.37 91.59 8.22
CA GLU P 242 68.64 90.38 7.46
C GLU P 242 67.34 89.61 7.27
N HIS P 243 67.05 89.24 6.03
CA HIS P 243 65.79 88.63 5.67
C HIS P 243 66.03 87.63 4.54
N LYS P 244 65.64 86.38 4.76
CA LYS P 244 65.88 85.32 3.79
C LYS P 244 67.37 85.22 3.47
N ASN P 245 68.20 85.31 4.50
CA ASN P 245 69.64 85.11 4.40
C ASN P 245 70.32 86.17 3.54
N ILE P 246 69.69 87.32 3.36
CA ILE P 246 70.27 88.45 2.65
C ILE P 246 70.35 89.62 3.62
N LEU P 247 71.54 90.17 3.80
CA LEU P 247 71.76 91.25 4.75
C LEU P 247 71.50 92.59 4.07
N PHE P 248 70.60 93.38 4.66
CA PHE P 248 70.26 94.70 4.13
C PHE P 248 70.81 95.77 5.06
N ILE P 249 71.63 96.67 4.53
CA ILE P 249 72.29 97.72 5.30
C ILE P 249 71.93 99.07 4.67
N GLU P 250 71.51 100.01 5.52
CA GLU P 250 71.25 101.36 5.06
C GLU P 250 72.56 102.12 4.94
N ASP P 251 72.59 103.09 4.02
CA ASP P 251 73.75 103.96 3.84
C ASP P 251 73.28 105.42 3.93
N ILE P 252 73.48 106.03 5.11
CA ILE P 252 73.07 107.41 5.33
C ILE P 252 74.01 108.41 4.66
N SER P 253 75.20 107.98 4.24
CA SER P 253 76.09 108.87 3.53
C SER P 253 75.51 109.22 2.16
N GLY P 254 75.90 110.38 1.65
CA GLY P 254 75.41 110.83 0.36
C GLY P 254 76.11 110.24 -0.84
N ASN P 255 76.97 109.23 -0.64
CA ASN P 255 77.75 108.67 -1.73
C ASN P 255 76.93 107.75 -2.64
N ILE P 256 75.88 107.13 -2.12
CA ILE P 256 74.99 106.28 -2.91
C ILE P 256 73.80 107.12 -3.35
N PRO P 257 73.48 107.19 -4.64
CA PRO P 257 72.33 107.99 -5.07
C PRO P 257 71.05 107.50 -4.41
N ALA P 258 70.14 108.45 -4.18
CA ALA P 258 68.87 108.13 -3.53
C ALA P 258 68.02 107.25 -4.45
N GLY P 259 67.50 106.15 -3.92
CA GLY P 259 66.69 105.23 -4.68
C GLY P 259 67.46 104.13 -5.37
N GLU P 260 68.73 103.93 -5.03
CA GLU P 260 69.57 102.93 -5.67
C GLU P 260 70.23 102.07 -4.60
N ALA P 261 70.51 100.82 -4.96
CA ALA P 261 71.15 99.89 -4.04
C ALA P 261 72.02 98.93 -4.84
N TYR P 262 73.17 98.59 -4.27
CA TYR P 262 74.15 97.74 -4.92
C TYR P 262 74.28 96.43 -4.17
N ILE P 263 74.34 95.33 -4.92
CA ILE P 263 74.36 93.98 -4.37
C ILE P 263 75.64 93.30 -4.81
N PHE P 264 76.36 92.70 -3.86
CA PHE P 264 77.62 92.04 -4.16
C PHE P 264 77.84 90.92 -3.15
N PRO P 265 78.65 89.93 -3.49
CA PRO P 265 78.95 88.88 -2.52
C PRO P 265 80.12 89.26 -1.63
N ARG P 266 80.45 88.36 -0.70
CA ARG P 266 81.56 88.58 0.22
C ARG P 266 82.65 87.52 0.02
N GLY P 267 83.89 87.96 0.15
CA GLY P 267 85.03 87.04 0.18
C GLY P 267 85.54 86.60 -1.17
N ILE P 268 85.14 87.25 -2.27
CA ILE P 268 85.66 86.88 -3.58
C ILE P 268 87.08 87.42 -3.72
N SER P 269 87.99 86.54 -4.14
CA SER P 269 89.41 86.88 -4.11
C SER P 269 89.73 88.02 -5.08
N ARG P 270 90.52 88.97 -4.59
CA ARG P 270 91.04 90.07 -5.41
C ARG P 270 89.92 90.79 -6.16
N MET P 271 88.76 90.90 -5.52
CA MET P 271 87.67 91.68 -6.11
C MET P 271 87.92 93.17 -5.90
N PHE P 272 88.52 93.54 -4.77
CA PHE P 272 88.80 94.93 -4.43
C PHE P 272 90.27 95.07 -4.07
N GLU P 273 90.91 96.11 -4.61
CA GLU P 273 92.32 96.36 -4.37
C GLU P 273 92.57 97.87 -4.31
N ILE P 274 93.70 98.23 -3.70
CA ILE P 274 94.13 99.62 -3.63
C ILE P 274 95.65 99.65 -3.66
N TYR P 275 96.20 100.45 -4.58
CA TYR P 275 97.64 100.52 -4.79
C TYR P 275 98.15 101.91 -4.41
N TYR P 276 99.39 101.97 -3.95
CA TYR P 276 100.04 103.22 -3.56
C TYR P 276 101.27 103.48 -4.42
N ALA P 277 101.61 104.75 -4.57
CA ALA P 277 102.75 105.18 -5.36
C ALA P 277 103.59 106.17 -4.57
N PRO P 278 104.89 106.27 -4.88
CA PRO P 278 105.74 107.21 -4.16
C PRO P 278 105.39 108.65 -4.48
N SER P 279 105.72 109.53 -3.53
CA SER P 279 105.38 110.93 -3.66
C SER P 279 106.25 111.62 -4.70
N ASP P 280 106.00 112.91 -4.90
CA ASP P 280 106.74 113.74 -5.85
C ASP P 280 107.86 114.51 -5.15
N THR P 281 108.90 113.79 -4.78
CA THR P 281 110.04 114.39 -4.11
C THR P 281 111.28 113.56 -4.38
N LEU P 282 112.45 114.19 -4.28
CA LEU P 282 113.70 113.53 -4.64
C LEU P 282 114.23 112.62 -3.53
N ARG P 283 113.69 112.68 -2.32
CA ARG P 283 114.13 111.73 -1.29
C ARG P 283 113.61 110.33 -1.59
N ASP P 284 112.42 110.23 -2.20
CA ASP P 284 111.77 108.95 -2.39
C ASP P 284 111.21 108.77 -3.80
N ALA P 285 112.01 109.06 -4.84
CA ALA P 285 111.50 109.02 -6.20
C ALA P 285 111.08 107.62 -6.63
N ASN P 286 111.86 106.60 -6.26
CA ASN P 286 111.63 105.24 -6.72
C ASN P 286 111.71 104.20 -5.61
N GLN P 287 111.68 104.61 -4.34
CA GLN P 287 111.86 103.65 -3.26
C GLN P 287 110.58 102.91 -2.92
N ALA P 288 109.55 103.63 -2.46
CA ALA P 288 108.31 103.01 -2.04
C ALA P 288 107.33 104.10 -1.64
N ALA P 289 106.10 103.68 -1.36
CA ALA P 289 105.01 104.59 -1.04
C ALA P 289 104.64 104.49 0.43
N GLN P 290 103.84 105.46 0.87
CA GLN P 290 103.38 105.51 2.25
C GLN P 290 101.94 106.01 2.29
N GLU P 291 101.28 105.76 3.42
CA GLU P 291 99.89 106.17 3.59
C GLU P 291 99.70 107.64 3.25
N LEU P 292 100.36 108.52 4.00
CA LEU P 292 100.15 109.96 3.83
C LEU P 292 101.43 110.69 4.23
N TYR P 293 101.84 111.64 3.40
CA TYR P 293 103.04 112.44 3.63
C TYR P 293 102.63 113.79 4.19
N VAL P 294 103.33 114.25 5.23
CA VAL P 294 103.15 115.59 5.78
C VAL P 294 104.51 116.17 6.11
N PHE P 295 104.72 117.42 5.69
CA PHE P 295 105.96 118.15 5.98
C PHE P 295 105.62 119.47 6.64
N PHE P 296 106.41 119.85 7.65
CA PHE P 296 106.29 121.14 8.29
C PHE P 296 107.63 121.85 8.24
N LYS P 297 107.63 123.09 7.75
CA LYS P 297 108.87 123.81 7.53
C LYS P 297 108.66 125.27 7.89
N GLU P 298 109.40 125.75 8.89
CA GLU P 298 109.36 127.17 9.22
C GLU P 298 110.43 127.92 8.43
N SER P 299 110.15 129.18 8.13
CA SER P 299 111.14 130.02 7.48
C SER P 299 112.27 130.33 8.46
N ASN P 300 113.50 130.27 7.97
CA ASN P 300 114.65 130.66 8.78
C ASN P 300 114.84 132.17 8.82
N TYR P 301 113.99 132.93 8.13
CA TYR P 301 113.92 134.37 8.27
C TYR P 301 112.82 134.80 9.24
N LEU P 302 112.25 133.86 9.98
CA LEU P 302 111.37 134.14 11.11
C LEU P 302 110.22 135.08 10.76
N ARG P 303 109.58 134.89 9.61
CA ARG P 303 108.38 135.63 9.26
C ARG P 303 107.29 134.75 8.65
N GLU P 304 107.56 133.48 8.36
CA GLU P 304 106.64 132.68 7.57
C GLU P 304 106.70 131.23 8.01
N ALA P 305 105.66 130.47 7.66
CA ALA P 305 105.60 129.04 7.90
C ALA P 305 104.60 128.43 6.92
N LYS P 306 104.72 127.12 6.70
CA LYS P 306 103.85 126.45 5.74
C LYS P 306 103.74 124.97 6.09
N ILE P 307 102.65 124.36 5.62
CA ILE P 307 102.33 122.95 5.87
C ILE P 307 101.94 122.32 4.55
N GLU P 308 102.49 121.12 4.28
CA GLU P 308 102.24 120.44 3.02
C GLU P 308 101.82 119.00 3.26
N SER P 309 101.10 118.43 2.29
CA SER P 309 100.63 117.05 2.38
C SER P 309 100.46 116.50 0.97
N GLU P 310 100.85 115.24 0.80
CA GLU P 310 100.75 114.57 -0.50
C GLU P 310 100.32 113.13 -0.29
N THR P 311 99.75 112.55 -1.34
CA THR P 311 99.37 111.14 -1.34
C THR P 311 98.92 110.75 -2.73
N SER P 312 99.07 109.46 -3.05
CA SER P 312 98.70 108.95 -4.36
C SER P 312 98.26 107.49 -4.20
N PHE P 313 97.11 107.15 -4.78
CA PHE P 313 96.63 105.77 -4.75
C PHE P 313 95.58 105.59 -5.83
N LEU P 314 95.29 104.33 -6.12
CA LEU P 314 94.23 103.97 -7.06
C LEU P 314 93.43 102.81 -6.48
N THR P 315 92.11 102.90 -6.59
CA THR P 315 91.21 101.85 -6.14
C THR P 315 90.72 101.07 -7.35
N VAL P 316 90.82 99.74 -7.28
CA VAL P 316 90.55 98.88 -8.43
C VAL P 316 89.52 97.85 -8.03
N ASN P 317 88.48 97.70 -8.85
CA ASN P 317 87.49 96.63 -8.73
C ASN P 317 87.71 95.68 -9.89
N ASN P 318 88.56 94.67 -9.67
CA ASN P 318 89.04 93.82 -10.75
C ASN P 318 87.94 93.02 -11.42
N ARG P 319 86.83 92.72 -10.74
CA ARG P 319 85.77 91.86 -11.27
C ARG P 319 84.44 92.59 -11.15
N PRO P 320 84.15 93.51 -12.07
CA PRO P 320 82.91 94.29 -11.97
C PRO P 320 81.67 93.52 -12.37
N GLU P 321 81.81 92.26 -12.78
CA GLU P 321 80.64 91.47 -13.17
C GLU P 321 79.70 91.26 -11.99
N LEU P 322 80.27 90.99 -10.81
CA LEU P 322 79.52 90.48 -9.67
C LEU P 322 78.99 91.59 -8.78
N VAL P 323 78.81 92.79 -9.31
CA VAL P 323 78.17 93.88 -8.59
C VAL P 323 76.90 94.24 -9.34
N VAL P 324 75.76 93.98 -8.72
CA VAL P 324 74.45 94.18 -9.35
C VAL P 324 73.93 95.55 -8.92
N LYS P 325 73.57 96.36 -9.89
CA LYS P 325 73.11 97.72 -9.67
C LYS P 325 71.60 97.77 -9.81
N SER P 326 70.90 97.92 -8.69
CA SER P 326 69.45 97.87 -8.66
C SER P 326 68.91 99.24 -8.30
N THR P 327 67.89 99.69 -9.04
CA THR P 327 67.18 100.92 -8.77
C THR P 327 65.70 100.63 -8.67
N GLY P 328 64.99 101.36 -7.81
CA GLY P 328 63.61 101.09 -7.49
C GLY P 328 62.67 102.08 -8.15
N LYS P 329 61.41 101.69 -8.25
CA LYS P 329 60.34 102.56 -8.72
C LYS P 329 59.37 102.78 -7.56
N PHE P 330 59.12 104.04 -7.23
CA PHE P 330 58.45 104.39 -6.00
C PHE P 330 57.20 105.22 -6.27
N MET Q 1 74.63 35.51 -26.23
CA MET Q 1 73.73 34.87 -27.19
C MET Q 1 74.25 35.05 -28.61
N GLN Q 2 73.43 34.68 -29.58
CA GLN Q 2 73.77 34.79 -31.00
C GLN Q 2 72.82 35.76 -31.67
N ASN Q 3 73.38 36.66 -32.47
CA ASN Q 3 72.60 37.58 -33.28
C ASN Q 3 72.64 37.09 -34.72
N GLY Q 4 71.47 36.89 -35.31
CA GLY Q 4 71.42 36.30 -36.63
C GLY Q 4 72.07 34.93 -36.62
N ASP Q 5 72.91 34.69 -37.63
CA ASP Q 5 73.60 33.42 -37.77
C ASP Q 5 75.09 33.50 -37.49
N PHE Q 6 75.66 34.70 -37.41
CA PHE Q 6 77.10 34.84 -37.28
C PHE Q 6 77.56 35.74 -36.14
N GLN Q 7 76.79 36.75 -35.74
CA GLN Q 7 77.22 37.70 -34.73
C GLN Q 7 76.72 37.28 -33.35
N ILE Q 8 76.98 38.14 -32.35
CA ILE Q 8 76.62 37.87 -30.97
C ILE Q 8 76.03 39.11 -30.33
N LEU Q 9 75.29 38.91 -29.25
CA LEU Q 9 74.70 39.98 -28.47
C LEU Q 9 75.24 39.93 -27.04
N ASP Q 10 74.77 40.87 -26.23
CA ASP Q 10 75.01 40.81 -24.79
C ASP Q 10 73.66 40.73 -24.07
N TYR Q 11 73.46 39.66 -23.32
CA TYR Q 11 72.16 39.37 -22.70
C TYR Q 11 72.19 39.92 -21.28
N THR Q 12 71.17 40.72 -20.94
CA THR Q 12 71.21 41.54 -19.74
C THR Q 12 70.06 41.24 -18.76
N GLY Q 13 69.47 40.05 -18.81
CA GLY Q 13 68.50 39.65 -17.82
C GLY Q 13 67.06 39.85 -18.26
N LEU Q 14 66.16 39.71 -17.28
CA LEU Q 14 64.73 39.76 -17.53
C LEU Q 14 64.06 40.83 -16.66
N ILE Q 15 62.91 41.30 -17.12
CA ILE Q 15 62.04 42.20 -16.37
C ILE Q 15 60.70 41.52 -16.18
N SER Q 16 60.00 41.87 -15.10
CA SER Q 16 58.73 41.25 -14.76
C SER Q 16 57.82 42.27 -14.10
N THR Q 17 56.52 41.98 -14.09
CA THR Q 17 55.54 42.88 -13.49
C THR Q 17 54.27 42.09 -13.19
N MET Q 18 53.46 42.63 -12.28
CA MET Q 18 52.25 41.98 -11.81
C MET Q 18 51.42 43.02 -11.08
N PRO Q 19 50.10 43.09 -11.35
CA PRO Q 19 49.33 44.27 -10.92
C PRO Q 19 49.05 44.27 -9.42
N ARG Q 20 48.29 45.29 -9.02
CA ARG Q 20 47.97 45.50 -7.61
C ARG Q 20 46.83 44.60 -7.17
N VAL Q 21 46.71 44.41 -5.86
CA VAL Q 21 45.64 43.61 -5.26
C VAL Q 21 45.20 44.32 -3.98
N ASP Q 22 43.90 44.66 -3.90
CA ASP Q 22 43.36 45.44 -2.80
C ASP Q 22 42.74 44.49 -1.77
N THR Q 23 43.38 44.43 -0.60
CA THR Q 23 42.91 43.59 0.49
C THR Q 23 42.35 44.39 1.66
N LEU Q 24 42.06 45.67 1.48
CA LEU Q 24 41.59 46.52 2.57
C LEU Q 24 40.43 45.87 3.31
N LEU Q 25 39.33 45.63 2.60
CA LEU Q 25 38.12 45.17 3.27
C LEU Q 25 38.32 43.82 3.94
N GLN Q 26 39.03 42.90 3.29
CA GLN Q 26 39.23 41.58 3.88
C GLN Q 26 40.10 41.67 5.13
N SER Q 27 40.96 42.70 5.22
CA SER Q 27 41.89 42.80 6.34
C SER Q 27 41.17 42.98 7.67
N MET Q 28 40.13 43.81 7.68
CA MET Q 28 39.44 44.19 8.91
C MET Q 28 38.23 43.31 9.21
N ASN Q 29 38.06 42.20 8.48
CA ASN Q 29 37.30 41.04 8.96
C ASN Q 29 35.87 41.39 9.35
N LEU Q 30 35.04 41.78 8.39
CA LEU Q 30 33.63 42.01 8.68
C LEU Q 30 32.83 40.71 8.73
N PHE Q 31 33.06 39.82 7.77
CA PHE Q 31 32.11 38.76 7.45
C PHE Q 31 32.48 37.49 8.20
N THR Q 32 31.47 36.83 8.79
CA THR Q 32 31.65 35.55 9.42
C THR Q 32 31.41 34.43 8.42
N GLU Q 33 32.05 33.29 8.64
CA GLU Q 33 32.07 32.18 7.69
C GLU Q 33 31.33 31.00 8.30
N HIS Q 34 30.31 30.51 7.59
CA HIS Q 34 29.49 29.39 8.06
C HIS Q 34 29.28 28.41 6.93
N PHE Q 35 29.98 27.28 6.98
CA PHE Q 35 29.97 26.30 5.91
C PHE Q 35 28.68 25.50 5.99
N GLY Q 36 27.83 25.65 4.99
CA GLY Q 36 26.53 25.01 4.97
C GLY Q 36 26.59 23.59 4.43
N ARG Q 37 25.42 23.08 4.05
CA ARG Q 37 25.32 21.71 3.56
C ARG Q 37 24.48 21.62 2.29
N THR Q 38 23.67 22.63 2.01
CA THR Q 38 22.79 22.63 0.86
C THR Q 38 22.73 24.04 0.28
N THR Q 39 21.87 24.22 -0.71
CA THR Q 39 21.79 25.45 -1.48
C THR Q 39 20.61 26.34 -1.09
N VAL Q 40 20.04 26.17 0.11
CA VAL Q 40 18.98 27.02 0.59
C VAL Q 40 19.17 27.27 2.09
N ALA Q 41 18.88 28.49 2.52
CA ALA Q 41 19.05 28.90 3.91
C ALA Q 41 17.79 29.60 4.42
N ARG Q 42 17.62 29.63 5.73
CA ARG Q 42 16.47 30.25 6.37
C ARG Q 42 16.92 31.09 7.55
N ILE Q 43 16.30 32.26 7.70
CA ILE Q 43 16.60 33.20 8.79
C ILE Q 43 15.28 33.61 9.43
N GLU Q 44 15.28 33.69 10.76
CA GLU Q 44 14.07 34.01 11.52
C GLU Q 44 14.32 35.22 12.41
N ARG Q 45 13.29 36.05 12.56
CA ARG Q 45 13.38 37.31 13.29
C ARG Q 45 12.24 37.41 14.28
N LEU Q 46 12.53 38.01 15.44
CA LEU Q 46 11.54 38.20 16.50
C LEU Q 46 11.88 39.47 17.25
N ASP Q 47 10.85 40.24 17.61
CA ASP Q 47 11.05 41.55 18.23
C ASP Q 47 9.85 41.90 19.10
N ASP Q 48 10.14 42.56 20.23
CA ASP Q 48 9.12 42.99 21.18
C ASP Q 48 9.45 44.40 21.65
N GLY Q 49 8.43 45.08 22.17
CA GLY Q 49 8.59 46.47 22.59
C GLY Q 49 7.84 46.81 23.86
N ALA Q 50 7.25 48.00 23.92
CA ALA Q 50 6.53 48.47 25.10
C ALA Q 50 5.38 49.36 24.64
N GLY Q 51 4.69 49.96 25.60
CA GLY Q 51 3.50 50.74 25.31
C GLY Q 51 3.39 51.96 26.19
N ASP Q 52 2.33 52.73 25.96
CA ASP Q 52 2.06 53.98 26.66
C ASP Q 52 0.83 53.79 27.55
N ILE Q 53 1.07 53.39 28.80
CA ILE Q 53 -0.02 53.13 29.73
C ILE Q 53 -0.71 54.44 30.09
N LYS Q 54 -2.01 54.34 30.38
CA LYS Q 54 -2.83 55.48 30.77
C LYS Q 54 -3.31 55.30 32.20
N ALA Q 55 -4.15 56.23 32.63
CA ALA Q 55 -4.75 56.20 33.97
C ALA Q 55 -6.25 55.94 33.88
N VAL Q 56 -6.80 55.39 34.96
CA VAL Q 56 -8.23 55.13 35.06
C VAL Q 56 -8.71 55.59 36.42
N GLN Q 57 -10.02 55.76 36.53
CA GLN Q 57 -10.63 56.09 37.82
C GLN Q 57 -10.44 54.92 38.78
N ARG Q 58 -10.28 55.21 40.07
CA ARG Q 58 -9.90 54.19 41.03
C ARG Q 58 -11.05 53.25 41.36
N GLY Q 59 -12.26 53.59 40.95
CA GLY Q 59 -13.41 52.76 41.26
C GLY Q 59 -13.38 51.38 40.64
N GLY Q 60 -13.06 51.29 39.36
CA GLY Q 60 -13.08 50.01 38.69
C GLY Q 60 -12.46 50.09 37.32
N VAL Q 61 -12.93 49.23 36.42
CA VAL Q 61 -12.44 49.16 35.06
C VAL Q 61 -10.98 48.72 35.10
N ARG Q 62 -10.44 48.27 33.96
CA ARG Q 62 -9.07 47.79 33.90
C ARG Q 62 -8.46 48.24 32.59
N GLN Q 63 -7.23 47.77 32.34
CA GLN Q 63 -6.49 48.13 31.14
C GLN Q 63 -5.63 46.94 30.76
N HIS Q 64 -5.34 46.80 29.46
CA HIS Q 64 -4.81 45.55 28.93
C HIS Q 64 -3.57 45.80 28.08
N LEU Q 65 -3.11 44.75 27.41
CA LEU Q 65 -1.78 44.72 26.80
C LEU Q 65 -1.85 43.97 25.47
N ALA Q 66 -0.76 44.02 24.70
CA ALA Q 66 -0.71 43.51 23.33
C ALA Q 66 0.47 42.54 23.16
N ASN Q 67 0.73 42.16 21.90
CA ASN Q 67 1.70 41.11 21.59
C ASN Q 67 2.78 41.54 20.60
N ASP Q 68 3.56 40.57 20.10
CA ASP Q 68 4.79 40.81 19.36
C ASP Q 68 4.56 40.67 17.85
N ARG Q 69 5.67 40.69 17.11
CA ARG Q 69 5.71 40.42 15.68
C ARG Q 69 6.75 39.34 15.42
N LYS Q 70 6.76 38.79 14.21
CA LYS Q 70 7.73 37.75 13.86
C LYS Q 70 7.73 37.52 12.36
N LYS Q 71 8.84 36.98 11.85
CA LYS Q 71 9.11 37.00 10.42
C LYS Q 71 10.02 35.85 10.04
N ILE Q 72 9.96 35.42 8.78
CA ILE Q 72 10.78 34.31 8.27
C ILE Q 72 11.18 34.61 6.84
N VAL Q 73 12.38 34.16 6.44
CA VAL Q 73 12.96 34.46 5.13
C VAL Q 73 13.74 33.26 4.63
N ASN Q 74 13.79 33.10 3.31
CA ASN Q 74 14.54 32.03 2.65
C ASN Q 74 15.43 32.63 1.56
N LEU Q 75 16.50 31.91 1.20
CA LEU Q 75 17.49 32.44 0.26
C LEU Q 75 18.18 31.29 -0.48
N ASN Q 76 18.68 31.62 -1.69
CA ASN Q 76 19.39 30.67 -2.54
C ASN Q 76 20.91 30.91 -2.50
N ILE Q 77 21.62 30.21 -3.37
CA ILE Q 77 23.08 30.33 -3.45
C ILE Q 77 23.52 30.21 -4.91
N PRO Q 78 24.56 30.92 -5.34
CA PRO Q 78 25.03 30.80 -6.72
C PRO Q 78 26.17 29.78 -6.86
N PHE Q 79 26.63 29.64 -8.10
CA PHE Q 79 27.68 28.69 -8.47
C PHE Q 79 28.70 29.37 -9.37
N PHE Q 80 29.99 29.06 -9.17
CA PHE Q 80 31.09 29.71 -9.88
C PHE Q 80 32.14 28.70 -10.30
N PRO Q 81 32.15 28.29 -11.56
CA PRO Q 81 33.20 27.39 -12.05
C PRO Q 81 34.37 28.12 -12.72
N LEU Q 82 35.43 27.37 -12.98
CA LEU Q 82 36.57 27.87 -13.75
C LEU Q 82 37.50 26.72 -14.07
N ASP Q 83 37.95 26.63 -15.33
CA ASP Q 83 38.71 25.50 -15.84
C ASP Q 83 39.78 25.96 -16.81
N ARG Q 84 40.75 25.08 -17.07
CA ARG Q 84 41.62 25.21 -18.22
C ARG Q 84 42.35 23.89 -18.48
N SER Q 85 42.73 23.68 -19.74
CA SER Q 85 43.39 22.45 -20.17
C SER Q 85 44.75 22.75 -20.79
N ILE Q 86 45.57 21.71 -20.89
CA ILE Q 86 46.94 21.82 -21.40
C ILE Q 86 47.14 20.73 -22.44
N ASP Q 87 48.03 20.99 -23.41
CA ASP Q 87 48.26 20.07 -24.51
C ASP Q 87 49.74 20.08 -24.89
N ARG Q 88 50.16 19.04 -25.62
CA ARG Q 88 51.56 18.84 -25.96
C ARG Q 88 52.13 20.00 -26.76
N ALA Q 89 51.32 20.56 -27.66
CA ALA Q 89 51.78 21.61 -28.55
C ALA Q 89 52.18 22.90 -27.83
N ASP Q 90 51.81 23.03 -26.55
CA ASP Q 90 52.17 24.23 -25.80
C ASP Q 90 53.64 24.24 -25.41
N ILE Q 91 54.26 23.07 -25.26
CA ILE Q 91 55.60 22.99 -24.69
C ILE Q 91 56.54 22.21 -25.60
N GLN Q 92 56.16 22.03 -26.86
CA GLN Q 92 57.02 21.31 -27.80
C GLN Q 92 58.14 22.21 -28.32
N ASN Q 93 59.36 21.94 -27.88
CA ASN Q 93 60.54 22.74 -28.20
C ASN Q 93 60.24 24.24 -28.12
N PHE Q 94 59.86 24.70 -26.95
CA PHE Q 94 59.85 26.11 -26.61
C PHE Q 94 60.89 26.39 -25.53
N ARG Q 95 61.38 27.63 -25.52
CA ARG Q 95 62.34 28.03 -24.51
C ARG Q 95 61.66 28.26 -23.17
N GLU Q 96 62.41 28.07 -22.10
CA GLU Q 96 61.98 28.55 -20.79
C GLU Q 96 62.32 30.04 -20.70
N PHE Q 97 61.31 30.88 -20.83
CA PHE Q 97 61.53 32.30 -21.03
C PHE Q 97 62.31 32.90 -19.87
N GLY Q 98 63.10 33.93 -20.17
CA GLY Q 98 64.01 34.49 -19.20
C GLY Q 98 65.29 33.72 -19.01
N THR Q 99 65.51 32.66 -19.80
CA THR Q 99 66.70 31.85 -19.70
C THR Q 99 67.08 31.37 -21.09
N GLU Q 100 68.35 31.04 -21.27
CA GLU Q 100 68.85 30.52 -22.52
C GLU Q 100 69.45 29.14 -22.28
N ASN Q 101 69.32 28.26 -23.28
CA ASN Q 101 69.76 26.88 -23.17
C ASN Q 101 68.96 26.12 -22.12
N ALA Q 102 67.63 26.16 -22.25
CA ALA Q 102 66.75 25.43 -21.36
C ALA Q 102 65.42 25.20 -22.09
N PRO Q 103 65.03 23.95 -22.35
CA PRO Q 103 63.76 23.71 -23.03
C PRO Q 103 62.57 23.79 -22.09
N ALA Q 104 61.44 24.19 -22.67
CA ALA Q 104 60.21 24.42 -21.90
C ALA Q 104 59.73 23.14 -21.23
N THR Q 105 59.70 23.14 -19.91
CA THR Q 105 59.15 22.00 -19.17
C THR Q 105 57.65 22.14 -19.04
N VAL Q 106 56.98 21.01 -18.75
CA VAL Q 106 55.54 21.03 -18.61
C VAL Q 106 55.12 21.75 -17.33
N ASP Q 107 55.88 21.56 -16.24
CA ASP Q 107 55.51 22.16 -14.96
C ASP Q 107 55.45 23.68 -15.04
N ALA Q 108 56.27 24.29 -15.90
CA ALA Q 108 56.33 25.74 -15.95
C ALA Q 108 54.98 26.35 -16.32
N GLU Q 109 54.09 25.59 -16.94
CA GLU Q 109 52.78 26.10 -17.32
C GLU Q 109 51.70 25.71 -16.33
N VAL Q 110 51.69 24.45 -15.88
CA VAL Q 110 50.66 24.04 -14.93
C VAL Q 110 50.82 24.80 -13.62
N GLN Q 111 52.06 25.06 -13.19
CA GLN Q 111 52.25 25.86 -11.98
C GLN Q 111 51.75 27.28 -12.17
N ARG Q 112 52.03 27.90 -13.32
CA ARG Q 112 51.53 29.24 -13.57
C ARG Q 112 50.01 29.28 -13.51
N HIS Q 113 49.35 28.30 -14.15
CA HIS Q 113 47.90 28.31 -14.19
C HIS Q 113 47.31 28.02 -12.81
N MET Q 114 47.95 27.14 -12.04
CA MET Q 114 47.49 26.86 -10.69
C MET Q 114 47.64 28.08 -9.79
N ALA Q 115 48.66 28.91 -10.02
CA ALA Q 115 48.76 30.17 -9.30
C ALA Q 115 47.70 31.16 -9.74
N ARG Q 116 47.44 31.23 -11.05
CA ARG Q 116 46.49 32.20 -11.58
C ARG Q 116 45.06 31.92 -11.11
N ILE Q 117 44.65 30.65 -11.08
CA ILE Q 117 43.30 30.33 -10.63
C ILE Q 117 43.11 30.75 -9.17
N ARG Q 118 44.09 30.40 -8.33
CA ARG Q 118 44.04 30.81 -6.94
C ARG Q 118 43.91 32.32 -6.82
N ARG Q 119 44.76 33.05 -7.54
CA ARG Q 119 44.72 34.50 -7.47
C ARG Q 119 43.40 35.05 -7.99
N SER Q 120 42.78 34.37 -8.94
CA SER Q 120 41.53 34.87 -9.53
C SER Q 120 40.37 34.75 -8.55
N HIS Q 121 40.33 33.65 -7.78
CA HIS Q 121 39.18 33.47 -6.90
C HIS Q 121 39.07 34.58 -5.85
N ALA Q 122 40.21 35.06 -5.35
CA ALA Q 122 40.20 36.06 -4.30
C ALA Q 122 39.55 37.36 -4.76
N ILE Q 123 39.76 37.74 -6.02
CA ILE Q 123 39.12 38.95 -6.53
C ILE Q 123 37.62 38.81 -6.51
N LEU Q 124 37.10 37.64 -6.90
CA LEU Q 124 35.66 37.42 -6.82
C LEU Q 124 35.18 37.53 -5.37
N LYS Q 125 35.95 36.97 -4.43
CA LYS Q 125 35.53 37.07 -3.03
C LYS Q 125 35.45 38.53 -2.59
N SER Q 126 36.47 39.33 -2.92
CA SER Q 126 36.47 40.73 -2.52
C SER Q 126 35.31 41.49 -3.15
N LYS Q 127 35.04 41.23 -4.43
CA LYS Q 127 33.91 41.88 -5.08
C LYS Q 127 32.60 41.48 -4.41
N ALA Q 128 32.46 40.21 -4.03
CA ALA Q 128 31.25 39.79 -3.33
C ALA Q 128 31.09 40.54 -2.02
N MET Q 129 32.18 40.69 -1.25
CA MET Q 129 32.09 41.43 0.01
C MET Q 129 31.67 42.88 -0.24
N TYR Q 130 32.32 43.55 -1.19
CA TYR Q 130 31.98 44.94 -1.47
C TYR Q 130 30.54 45.12 -1.94
N ALA Q 131 30.03 44.22 -2.78
CA ALA Q 131 28.64 44.31 -3.18
C ALA Q 131 27.69 43.95 -2.06
N ALA Q 132 28.16 43.14 -1.09
CA ALA Q 132 27.37 42.85 0.08
C ALA Q 132 27.20 44.08 0.96
N LEU Q 133 28.22 44.92 1.04
CA LEU Q 133 28.09 46.15 1.84
C LEU Q 133 26.88 46.96 1.41
N LYS Q 134 26.72 47.17 0.11
CA LYS Q 134 25.68 48.06 -0.40
C LYS Q 134 24.28 47.49 -0.26
N GLY Q 135 24.13 46.21 0.12
CA GLY Q 135 22.83 45.65 0.36
C GLY Q 135 22.29 44.76 -0.75
N THR Q 136 23.13 44.41 -1.73
CA THR Q 136 22.73 43.50 -2.79
C THR Q 136 23.72 42.36 -2.90
N SER Q 137 23.23 41.20 -3.29
CA SER Q 137 24.09 40.04 -3.47
C SER Q 137 24.87 40.17 -4.78
N TRP Q 138 26.03 39.52 -4.82
CA TRP Q 138 26.89 39.53 -5.99
C TRP Q 138 26.67 38.26 -6.77
N SER Q 139 26.07 38.38 -7.95
CA SER Q 139 25.81 37.24 -8.81
C SER Q 139 25.70 37.72 -10.26
N PRO Q 140 26.78 38.20 -10.85
CA PRO Q 140 26.70 38.63 -12.25
C PRO Q 140 26.32 37.48 -13.16
N ASP Q 141 25.51 37.78 -14.18
CA ASP Q 141 25.05 36.82 -15.18
C ASP Q 141 23.98 35.88 -14.65
N ASP Q 142 23.61 35.97 -13.38
CA ASP Q 142 22.64 35.06 -12.77
C ASP Q 142 21.49 35.87 -12.19
N PRO Q 143 20.30 35.88 -12.80
CA PRO Q 143 19.18 36.63 -12.22
C PRO Q 143 18.42 35.89 -11.13
N VAL Q 144 18.99 34.82 -10.57
CA VAL Q 144 18.30 34.04 -9.55
C VAL Q 144 18.75 34.49 -8.16
N SER Q 145 20.06 34.59 -7.97
CA SER Q 145 20.63 34.95 -6.68
C SER Q 145 20.72 36.46 -6.48
N ASP Q 146 20.29 37.25 -7.46
CA ASP Q 146 20.29 38.70 -7.29
C ASP Q 146 19.31 39.09 -6.20
N TYR Q 147 19.80 39.84 -5.21
CA TYR Q 147 19.01 40.25 -4.06
C TYR Q 147 19.17 41.73 -3.80
N ASN Q 148 18.21 42.28 -3.08
CA ASN Q 148 18.24 43.65 -2.59
C ASN Q 148 17.76 43.60 -1.15
N TYR Q 149 18.70 43.44 -0.22
CA TYR Q 149 18.34 43.11 1.15
C TYR Q 149 17.36 44.12 1.75
N TYR Q 150 17.44 45.38 1.33
CA TYR Q 150 16.47 46.37 1.79
C TYR Q 150 15.05 45.92 1.47
N ASP Q 151 14.80 45.54 0.22
CA ASP Q 151 13.48 45.10 -0.18
C ASP Q 151 13.11 43.78 0.51
N VAL Q 152 14.06 42.85 0.57
CA VAL Q 152 13.76 41.53 1.12
C VAL Q 152 13.33 41.65 2.58
N TRP Q 153 14.07 42.44 3.37
CA TRP Q 153 13.71 42.59 4.78
C TRP Q 153 12.65 43.65 4.98
N GLY Q 154 12.30 44.40 3.94
CA GLY Q 154 11.26 45.40 4.05
C GLY Q 154 11.71 46.74 4.58
N ALA Q 155 13.01 46.95 4.76
CA ALA Q 155 13.53 48.20 5.29
C ALA Q 155 13.56 49.26 4.20
N THR Q 156 14.21 50.38 4.49
CA THR Q 156 14.34 51.48 3.53
C THR Q 156 15.66 52.18 3.77
N GLN Q 157 16.17 52.84 2.73
CA GLN Q 157 17.46 53.52 2.79
C GLN Q 157 17.29 54.94 3.32
N THR Q 158 18.07 55.28 4.33
CA THR Q 158 18.18 56.67 4.75
C THR Q 158 19.46 57.26 4.16
N THR Q 159 19.33 58.39 3.46
CA THR Q 159 20.44 58.98 2.74
C THR Q 159 20.73 60.38 3.23
N ALA Q 160 22.02 60.69 3.37
CA ALA Q 160 22.50 62.01 3.77
C ALA Q 160 23.25 62.58 2.57
N ASP Q 161 22.52 63.26 1.68
CA ASP Q 161 23.09 63.75 0.43
C ASP Q 161 23.83 65.06 0.67
N VAL Q 162 25.05 64.92 1.19
CA VAL Q 162 25.89 66.09 1.47
C VAL Q 162 26.07 66.89 0.19
N ASP Q 163 26.21 68.20 0.34
CA ASP Q 163 26.36 69.12 -0.79
C ASP Q 163 27.59 69.99 -0.52
N PHE Q 164 28.74 69.53 -1.02
CA PHE Q 164 30.01 70.17 -0.69
C PHE Q 164 30.13 71.58 -1.26
N THR Q 165 29.30 71.93 -2.24
CA THR Q 165 29.55 73.11 -3.07
C THR Q 165 28.89 74.37 -2.54
N LYS Q 166 28.35 74.38 -1.32
CA LYS Q 166 27.67 75.55 -0.78
C LYS Q 166 28.44 76.21 0.35
N LEU Q 167 29.46 75.55 0.89
CA LEU Q 167 30.47 76.21 1.71
C LEU Q 167 29.94 76.64 3.07
N GLY Q 168 28.64 76.49 3.30
CA GLY Q 168 28.04 76.81 4.59
C GLY Q 168 27.41 75.64 5.29
N VAL Q 169 26.93 74.66 4.53
CA VAL Q 169 26.39 73.44 5.11
C VAL Q 169 27.57 72.54 5.45
N ASP Q 170 28.00 72.57 6.71
CA ASP Q 170 29.10 71.74 7.15
C ASP Q 170 28.75 70.27 6.90
N PRO Q 171 29.58 69.51 6.17
CA PRO Q 171 29.23 68.11 5.91
C PRO Q 171 29.00 67.31 7.18
N ILE Q 172 29.80 67.55 8.23
CA ILE Q 172 29.63 66.77 9.45
C ILE Q 172 28.29 67.06 10.10
N GLU Q 173 27.82 68.31 10.01
CA GLU Q 173 26.48 68.61 10.51
C GLU Q 173 25.46 67.60 9.99
N VAL Q 174 25.30 67.54 8.66
CA VAL Q 174 24.31 66.65 8.06
C VAL Q 174 24.62 65.20 8.39
N LEU Q 175 25.89 64.80 8.21
CA LEU Q 175 26.25 63.40 8.40
C LEU Q 175 25.90 62.93 9.80
N GLU Q 176 26.37 63.64 10.82
CA GLU Q 176 25.98 63.30 12.18
C GLU Q 176 24.46 63.32 12.33
N ALA Q 177 23.84 64.48 12.14
CA ALA Q 177 22.43 64.66 12.49
C ALA Q 177 21.56 63.57 11.90
N GLU Q 178 21.85 63.14 10.67
CA GLU Q 178 21.02 62.09 10.08
C GLU Q 178 21.56 60.71 10.41
N ALA Q 179 22.77 60.40 9.97
CA ALA Q 179 23.26 59.02 10.05
C ALA Q 179 23.37 58.55 11.49
N ARG Q 180 23.99 59.34 12.36
CA ARG Q 180 24.24 58.82 13.71
C ARG Q 180 22.96 58.70 14.51
N ALA Q 181 22.05 59.66 14.36
CA ALA Q 181 20.75 59.54 15.02
C ALA Q 181 20.01 58.30 14.54
N HIS Q 182 19.99 58.07 13.23
CA HIS Q 182 19.30 56.90 12.70
C HIS Q 182 19.92 55.62 13.22
N ILE Q 183 21.25 55.55 13.25
CA ILE Q 183 21.93 54.35 13.72
C ILE Q 183 21.65 54.11 15.20
N ILE Q 184 21.74 55.17 16.01
CA ILE Q 184 21.54 55.02 17.44
C ILE Q 184 20.10 54.58 17.72
N ASP Q 185 19.14 55.09 16.95
CA ASP Q 185 17.76 54.69 17.16
C ASP Q 185 17.46 53.28 16.70
N TRP Q 186 18.05 52.85 15.58
CA TRP Q 186 17.70 51.58 14.96
C TRP Q 186 18.70 50.47 15.27
N ALA Q 187 19.64 50.70 16.18
CA ALA Q 187 20.64 49.69 16.50
C ALA Q 187 20.03 48.40 17.00
N GLY Q 188 18.82 48.46 17.58
CA GLY Q 188 18.16 47.28 18.07
C GLY Q 188 18.68 46.76 19.40
N ASP Q 189 19.53 47.52 20.08
CA ASP Q 189 20.06 47.12 21.38
C ASP Q 189 20.30 48.37 22.21
N ASN Q 190 20.44 48.18 23.51
CA ASN Q 190 20.54 49.27 24.46
C ASN Q 190 21.97 49.78 24.63
N GLY Q 191 22.85 49.49 23.67
CA GLY Q 191 24.20 49.99 23.75
C GLY Q 191 24.27 51.49 23.46
N ASP Q 192 25.41 52.07 23.80
CA ASP Q 192 25.61 53.50 23.62
C ASP Q 192 26.89 53.86 22.86
N ASN Q 193 27.97 53.09 23.06
CA ASN Q 193 29.26 53.42 22.45
C ASN Q 193 29.35 52.87 21.03
N TYR Q 194 28.59 53.49 20.13
CA TYR Q 194 28.59 53.09 18.72
C TYR Q 194 29.71 53.79 17.96
N GLU Q 195 30.76 53.06 17.60
CA GLU Q 195 31.83 53.62 16.79
C GLU Q 195 31.42 53.61 15.33
N ILE Q 196 31.66 54.71 14.62
CA ILE Q 196 31.23 54.87 13.25
C ILE Q 196 32.45 54.78 12.33
N VAL Q 197 32.19 54.38 11.08
CA VAL Q 197 33.21 54.30 10.05
C VAL Q 197 32.61 54.76 8.74
N VAL Q 198 33.47 55.14 7.79
CA VAL Q 198 33.05 55.61 6.48
C VAL Q 198 33.99 55.06 5.43
N LEU Q 199 33.42 54.42 4.42
CA LEU Q 199 34.13 54.07 3.19
C LEU Q 199 33.74 55.08 2.13
N ALA Q 200 34.70 55.85 1.64
CA ALA Q 200 34.43 56.95 0.72
C ALA Q 200 35.26 56.79 -0.54
N SER Q 201 34.62 57.03 -1.68
CA SER Q 201 35.33 57.04 -2.95
C SER Q 201 36.32 58.20 -2.98
N ARG Q 202 37.21 58.16 -3.98
CA ARG Q 202 38.27 59.15 -4.04
C ARG Q 202 37.73 60.57 -4.17
N GLN Q 203 36.71 60.79 -5.01
CA GLN Q 203 36.20 62.14 -5.19
C GLN Q 203 35.54 62.66 -3.92
N TRP Q 204 34.77 61.81 -3.23
CA TRP Q 204 34.13 62.25 -1.99
C TRP Q 204 35.16 62.61 -0.94
N PHE Q 205 36.20 61.79 -0.79
CA PHE Q 205 37.25 62.10 0.17
C PHE Q 205 37.97 63.39 -0.21
N SER Q 206 38.27 63.57 -1.49
CA SER Q 206 38.96 64.80 -1.92
C SER Q 206 38.10 66.03 -1.65
N ALA Q 207 36.80 65.95 -1.93
CA ALA Q 207 35.93 67.08 -1.68
C ALA Q 207 35.76 67.35 -0.18
N LEU Q 208 35.84 66.32 0.66
CA LEU Q 208 35.68 66.53 2.09
C LEU Q 208 36.76 67.46 2.64
N ILE Q 209 38.02 67.15 2.36
CA ILE Q 209 39.12 67.93 2.92
C ILE Q 209 39.08 69.36 2.40
N ALA Q 210 38.80 69.55 1.12
CA ALA Q 210 38.81 70.88 0.54
C ALA Q 210 37.74 71.78 1.12
N HIS Q 211 36.77 71.24 1.83
CA HIS Q 211 35.68 72.04 2.35
C HIS Q 211 36.22 73.10 3.31
N PRO Q 212 35.78 74.36 3.19
CA PRO Q 212 36.31 75.38 4.11
C PRO Q 212 36.08 75.06 5.58
N GLN Q 213 34.93 74.49 5.91
CA GLN Q 213 34.50 74.37 7.29
C GLN Q 213 35.21 73.27 8.06
N VAL Q 214 36.16 72.56 7.44
CA VAL Q 214 37.01 71.60 8.13
C VAL Q 214 38.46 72.08 8.18
N THR Q 215 38.93 72.76 7.13
CA THR Q 215 40.26 73.33 7.18
C THR Q 215 40.35 74.43 8.24
N GLY Q 216 39.28 75.20 8.41
CA GLY Q 216 39.30 76.29 9.37
C GLY Q 216 39.55 75.83 10.79
N ALA Q 217 39.29 74.56 11.09
CA ALA Q 217 39.54 74.06 12.43
C ALA Q 217 41.03 73.88 12.70
N TYR Q 218 41.80 73.50 11.68
CA TYR Q 218 43.20 73.15 11.84
C TYR Q 218 44.16 74.24 11.38
N SER Q 219 43.68 75.46 11.18
CA SER Q 219 44.52 76.49 10.57
C SER Q 219 45.27 77.30 11.61
N GLN Q 220 44.58 77.78 12.64
CA GLN Q 220 45.11 78.85 13.47
C GLN Q 220 45.93 78.39 14.66
N TYR Q 221 46.04 77.09 14.91
CA TYR Q 221 46.93 76.61 15.97
C TYR Q 221 47.24 75.15 15.74
N PRO Q 222 48.39 74.67 16.22
CA PRO Q 222 48.86 73.34 15.83
C PRO Q 222 47.84 72.24 16.13
N SER Q 223 48.08 71.07 15.53
CA SER Q 223 47.21 69.92 15.69
C SER Q 223 48.05 68.66 15.51
N THR Q 224 47.57 67.56 16.10
CA THR Q 224 48.26 66.28 15.93
C THR Q 224 48.43 65.95 14.45
N GLN Q 225 47.32 65.77 13.75
CA GLN Q 225 47.37 65.77 12.30
C GLN Q 225 47.70 67.18 11.81
N GLU Q 226 48.12 67.27 10.56
CA GLU Q 226 48.35 68.57 9.92
C GLU Q 226 47.83 68.46 8.48
N ILE Q 227 46.56 68.81 8.30
CA ILE Q 227 45.91 68.75 7.00
C ILE Q 227 46.64 69.66 6.03
N LEU Q 228 47.17 70.77 6.55
CA LEU Q 228 47.64 71.85 5.70
C LEU Q 228 49.12 71.77 5.33
N ARG Q 229 49.89 70.88 5.96
CA ARG Q 229 51.29 70.73 5.57
C ARG Q 229 51.78 69.29 5.53
N ARG Q 230 50.95 68.28 5.81
CA ARG Q 230 51.37 66.89 5.71
C ARG Q 230 50.25 66.08 5.09
N ARG Q 231 50.62 65.14 4.22
CA ARG Q 231 49.65 64.24 3.62
C ARG Q 231 49.08 63.30 4.66
N LEU Q 232 47.77 63.07 4.58
CA LEU Q 232 47.10 62.21 5.55
C LEU Q 232 47.50 60.76 5.33
N GLY Q 233 47.88 60.09 6.41
CA GLY Q 233 48.30 58.70 6.35
C GLY Q 233 49.76 58.50 5.99
N GLY Q 234 50.50 59.56 5.72
CA GLY Q 234 51.90 59.40 5.37
C GLY Q 234 52.05 58.84 3.98
N ASN Q 235 53.13 58.09 3.76
CA ASN Q 235 53.43 57.53 2.45
C ASN Q 235 52.62 56.29 2.13
N ALA Q 236 51.84 55.79 3.08
CA ALA Q 236 50.96 54.67 2.79
C ALA Q 236 49.98 55.06 1.67
N ASN Q 237 49.31 54.04 1.12
CA ASN Q 237 48.44 54.27 -0.02
C ASN Q 237 47.03 54.67 0.42
N ASN Q 238 46.51 54.02 1.45
CA ASN Q 238 45.18 54.33 1.95
C ASN Q 238 45.25 55.51 2.92
N ARG Q 239 44.81 56.67 2.47
CA ARG Q 239 44.74 57.83 3.36
C ARG Q 239 43.74 57.58 4.47
N ILE Q 240 44.03 58.12 5.65
CA ILE Q 240 43.17 57.98 6.82
C ILE Q 240 42.92 59.37 7.39
N PHE Q 241 41.69 59.61 7.84
CA PHE Q 241 41.32 60.89 8.40
C PHE Q 241 40.41 60.65 9.60
N GLU Q 242 40.61 61.46 10.64
CA GLU Q 242 39.91 61.28 11.92
C GLU Q 242 39.44 62.65 12.38
N HIS Q 243 38.18 62.97 12.10
CA HIS Q 243 37.62 64.28 12.45
C HIS Q 243 36.30 64.07 13.17
N LYS Q 244 36.16 64.72 14.32
CA LYS Q 244 34.94 64.60 15.13
C LYS Q 244 34.56 63.14 15.36
N ASN Q 245 35.52 62.35 15.85
CA ASN Q 245 35.27 60.98 16.30
C ASN Q 245 34.55 60.16 15.21
N ILE Q 246 35.16 60.18 14.03
CA ILE Q 246 34.73 59.34 12.92
C ILE Q 246 35.98 58.94 12.14
N LEU Q 247 36.09 57.67 11.77
CA LEU Q 247 37.22 57.21 10.98
C LEU Q 247 36.84 57.19 9.51
N PHE Q 248 37.57 57.95 8.70
CA PHE Q 248 37.37 57.99 7.26
C PHE Q 248 38.45 57.16 6.59
N ILE Q 249 38.04 56.31 5.64
CA ILE Q 249 38.95 55.45 4.91
C ILE Q 249 38.74 55.68 3.42
N GLU Q 250 39.82 55.90 2.70
CA GLU Q 250 39.74 56.15 1.26
C GLU Q 250 39.77 54.83 0.51
N ASP Q 251 38.73 54.56 -0.26
CA ASP Q 251 38.62 53.33 -1.03
C ASP Q 251 39.22 53.56 -2.41
N ILE Q 252 40.43 53.01 -2.63
CA ILE Q 252 41.08 53.11 -3.93
C ILE Q 252 40.74 51.95 -4.85
N SER Q 253 40.15 50.87 -4.33
CA SER Q 253 39.84 49.71 -5.15
C SER Q 253 38.85 50.04 -6.25
N GLY Q 254 38.10 51.13 -6.13
CA GLY Q 254 37.19 51.53 -7.19
C GLY Q 254 35.86 50.82 -7.22
N ASN Q 255 35.63 49.86 -6.31
CA ASN Q 255 34.32 49.24 -6.23
C ASN Q 255 33.23 50.23 -5.86
N ILE Q 256 33.49 51.10 -4.89
CA ILE Q 256 32.55 52.17 -4.57
C ILE Q 256 32.46 53.10 -5.77
N PRO Q 257 31.27 53.54 -6.18
CA PRO Q 257 31.16 54.39 -7.36
C PRO Q 257 31.88 55.72 -7.17
N ALA Q 258 31.83 56.54 -8.21
CA ALA Q 258 32.70 57.71 -8.29
C ALA Q 258 32.54 58.63 -7.09
N GLY Q 259 31.30 59.02 -6.79
CA GLY Q 259 31.08 60.11 -5.84
C GLY Q 259 30.20 59.75 -4.67
N GLU Q 260 30.41 58.57 -4.08
CA GLU Q 260 29.56 58.08 -3.01
C GLU Q 260 30.40 57.61 -1.83
N ALA Q 261 29.74 57.45 -0.68
CA ALA Q 261 30.38 56.94 0.52
C ALA Q 261 29.33 56.27 1.38
N TYR Q 262 29.75 55.27 2.17
CA TYR Q 262 28.85 54.44 2.94
C TYR Q 262 29.27 54.40 4.40
N ILE Q 263 28.30 54.49 5.30
CA ILE Q 263 28.53 54.64 6.73
C ILE Q 263 27.89 53.47 7.46
N PHE Q 264 28.61 52.90 8.42
CA PHE Q 264 28.10 51.79 9.19
C PHE Q 264 28.84 51.73 10.52
N PRO Q 265 28.25 51.09 11.53
CA PRO Q 265 28.94 50.96 12.82
C PRO Q 265 29.75 49.68 12.92
N ARG Q 266 30.57 49.60 13.97
CA ARG Q 266 31.43 48.44 14.16
C ARG Q 266 30.90 47.56 15.28
N GLY Q 267 30.73 46.28 15.00
CA GLY Q 267 30.48 45.30 16.03
C GLY Q 267 29.03 44.96 16.32
N ILE Q 268 28.09 45.34 15.46
CA ILE Q 268 26.72 44.90 15.64
C ILE Q 268 26.64 43.43 15.30
N SER Q 269 26.10 42.63 16.21
CA SER Q 269 26.16 41.18 16.07
C SER Q 269 25.31 40.71 14.90
N ARG Q 270 25.87 39.78 14.13
CA ARG Q 270 25.19 39.13 13.02
C ARG Q 270 24.65 40.12 12.00
N MET Q 271 25.52 40.96 11.43
CA MET Q 271 25.11 41.82 10.33
C MET Q 271 25.71 41.36 9.01
N PHE Q 272 26.83 40.65 9.06
CA PHE Q 272 27.55 40.20 7.88
C PHE Q 272 27.77 38.70 7.97
N GLU Q 273 27.32 37.96 6.96
CA GLU Q 273 27.47 36.52 6.94
C GLU Q 273 27.65 36.03 5.50
N ILE Q 274 28.46 34.99 5.34
CA ILE Q 274 28.64 34.33 4.06
C ILE Q 274 28.50 32.82 4.27
N TYR Q 275 27.75 32.17 3.39
CA TYR Q 275 27.49 30.74 3.48
C TYR Q 275 28.13 30.02 2.30
N TYR Q 276 28.51 28.76 2.51
CA TYR Q 276 29.12 27.94 1.48
C TYR Q 276 28.30 26.68 1.26
N ALA Q 277 28.04 26.36 0.01
CA ALA Q 277 27.34 25.16 -0.40
C ALA Q 277 28.32 24.14 -0.93
N PRO Q 278 27.87 22.92 -1.23
CA PRO Q 278 28.78 21.91 -1.79
C PRO Q 278 29.00 22.13 -3.28
N SER Q 279 29.75 21.21 -3.87
CA SER Q 279 30.07 21.24 -5.29
C SER Q 279 29.19 20.25 -6.06
N ASP Q 280 29.40 20.19 -7.37
CA ASP Q 280 28.66 19.29 -8.23
C ASP Q 280 29.15 17.85 -8.17
N THR Q 281 30.34 17.62 -7.63
CA THR Q 281 30.88 16.27 -7.58
C THR Q 281 29.92 15.32 -6.88
N LEU Q 282 29.72 14.16 -7.49
CA LEU Q 282 28.88 13.14 -6.87
C LEU Q 282 29.45 12.68 -5.53
N ARG Q 283 30.73 12.94 -5.29
CA ARG Q 283 31.35 12.51 -4.04
C ARG Q 283 30.90 13.35 -2.85
N ASP Q 284 30.66 14.66 -3.06
CA ASP Q 284 30.37 15.57 -1.96
C ASP Q 284 28.94 16.09 -1.98
N ALA Q 285 28.03 15.42 -2.67
CA ALA Q 285 26.63 15.81 -2.59
C ALA Q 285 26.15 15.67 -1.16
N ASN Q 286 25.51 16.73 -0.65
CA ASN Q 286 25.04 16.75 0.74
C ASN Q 286 26.16 16.42 1.71
N GLN Q 287 27.24 17.18 1.65
CA GLN Q 287 28.34 17.07 2.61
C GLN Q 287 28.82 18.47 2.96
N ALA Q 288 29.51 18.56 4.10
CA ALA Q 288 29.98 19.86 4.56
C ALA Q 288 30.83 20.53 3.49
N ALA Q 289 30.57 21.81 3.27
CA ALA Q 289 31.21 22.52 2.18
C ALA Q 289 32.61 22.98 2.59
N GLN Q 290 33.37 23.40 1.58
CA GLN Q 290 34.68 23.99 1.78
C GLN Q 290 34.78 25.25 0.93
N GLU Q 291 35.79 26.07 1.24
CA GLU Q 291 35.94 27.35 0.54
C GLU Q 291 36.02 27.14 -0.97
N LEU Q 292 36.88 26.23 -1.41
CA LEU Q 292 37.05 25.96 -2.83
C LEU Q 292 37.71 24.61 -3.02
N TYR Q 293 37.31 23.92 -4.08
CA TYR Q 293 37.88 22.63 -4.46
C TYR Q 293 38.73 22.81 -5.70
N VAL Q 294 39.92 22.22 -5.69
CA VAL Q 294 40.83 22.26 -6.84
C VAL Q 294 41.18 20.82 -7.20
N PHE Q 295 40.98 20.46 -8.46
CA PHE Q 295 41.25 19.12 -8.96
C PHE Q 295 42.29 19.18 -10.07
N PHE Q 296 43.24 18.23 -10.03
CA PHE Q 296 44.23 18.06 -11.08
C PHE Q 296 44.18 16.63 -11.56
N LYS Q 297 44.10 16.44 -12.87
CA LYS Q 297 44.00 15.11 -13.45
C LYS Q 297 44.78 15.06 -14.75
N GLU Q 298 45.53 13.99 -14.95
CA GLU Q 298 46.26 13.78 -16.19
C GLU Q 298 45.51 12.75 -17.05
N SER Q 299 45.60 12.95 -18.36
CA SER Q 299 44.93 12.04 -19.28
C SER Q 299 45.52 10.63 -19.13
N ASN Q 300 44.65 9.63 -19.18
CA ASN Q 300 45.12 8.25 -19.10
C ASN Q 300 45.92 7.84 -20.32
N TYR Q 301 45.76 8.55 -21.44
CA TYR Q 301 46.42 8.22 -22.70
C TYR Q 301 47.60 9.14 -22.96
N LEU Q 302 48.15 9.72 -21.90
CA LEU Q 302 49.47 10.34 -21.93
C LEU Q 302 49.53 11.61 -22.76
N ARG Q 303 48.40 12.05 -23.32
CA ARG Q 303 48.43 13.09 -24.33
C ARG Q 303 47.74 14.39 -23.91
N GLU Q 304 47.19 14.47 -22.71
CA GLU Q 304 46.54 15.70 -22.27
C GLU Q 304 46.50 15.77 -20.75
N ALA Q 305 46.10 16.94 -20.25
CA ALA Q 305 45.88 17.15 -18.82
C ALA Q 305 44.91 18.31 -18.66
N LYS Q 306 44.30 18.40 -17.49
CA LYS Q 306 43.40 19.49 -17.18
C LYS Q 306 43.38 19.75 -15.68
N ILE Q 307 42.98 20.96 -15.31
CA ILE Q 307 42.80 21.37 -13.93
C ILE Q 307 41.41 21.97 -13.79
N GLU Q 308 40.83 21.85 -12.60
CA GLU Q 308 39.45 22.27 -12.37
C GLU Q 308 39.35 23.02 -11.05
N SER Q 309 38.35 23.90 -10.95
CA SER Q 309 38.11 24.66 -9.74
C SER Q 309 36.70 25.23 -9.78
N GLU Q 310 36.09 25.36 -8.61
CA GLU Q 310 34.75 25.91 -8.52
C GLU Q 310 34.42 26.23 -7.07
N THR Q 311 33.50 27.18 -6.90
CA THR Q 311 33.01 27.57 -5.58
C THR Q 311 31.56 27.99 -5.67
N SER Q 312 30.88 27.95 -4.53
CA SER Q 312 29.47 28.35 -4.45
C SER Q 312 29.24 28.97 -3.09
N PHE Q 313 28.93 30.25 -3.05
CA PHE Q 313 28.77 30.96 -1.79
C PHE Q 313 27.93 32.20 -2.00
N LEU Q 314 27.39 32.72 -0.90
CA LEU Q 314 26.54 33.90 -0.91
C LEU Q 314 27.00 34.85 0.17
N THR Q 315 26.74 36.14 -0.03
CA THR Q 315 27.06 37.18 0.95
C THR Q 315 25.75 37.77 1.45
N VAL Q 316 25.59 37.81 2.77
CA VAL Q 316 24.33 38.19 3.41
C VAL Q 316 24.55 39.46 4.22
N ASN Q 317 23.68 40.44 4.01
CA ASN Q 317 23.61 41.65 4.82
C ASN Q 317 22.29 41.59 5.58
N ASN Q 318 22.36 41.19 6.85
CA ASN Q 318 21.15 40.91 7.62
C ASN Q 318 20.40 42.17 8.04
N ARG Q 319 21.09 43.29 8.23
CA ARG Q 319 20.47 44.52 8.73
C ARG Q 319 20.84 45.68 7.82
N PRO Q 320 20.29 45.71 6.60
CA PRO Q 320 20.58 46.83 5.70
C PRO Q 320 20.11 48.16 6.24
N GLU Q 321 19.24 48.15 7.25
CA GLU Q 321 18.67 49.37 7.79
C GLU Q 321 19.71 50.28 8.44
N LEU Q 322 20.88 49.74 8.79
CA LEU Q 322 21.93 50.52 9.45
C LEU Q 322 23.07 50.88 8.51
N VAL Q 323 22.85 50.88 7.21
CA VAL Q 323 23.86 51.28 6.23
C VAL Q 323 23.37 52.57 5.59
N VAL Q 324 23.86 53.71 6.06
CA VAL Q 324 23.46 55.00 5.54
C VAL Q 324 24.27 55.31 4.30
N LYS Q 325 23.59 55.58 3.19
CA LYS Q 325 24.21 55.80 1.90
C LYS Q 325 24.16 57.28 1.55
N SER Q 326 25.32 57.86 1.30
CA SER Q 326 25.44 59.29 0.99
C SER Q 326 25.90 59.46 -0.44
N THR Q 327 25.27 60.40 -1.15
CA THR Q 327 25.62 60.73 -2.52
C THR Q 327 26.12 62.16 -2.60
N GLY Q 328 27.42 62.33 -2.80
CA GLY Q 328 27.99 63.66 -2.87
C GLY Q 328 27.68 64.35 -4.19
N LYS Q 329 27.87 65.67 -4.18
CA LYS Q 329 27.65 66.50 -5.35
C LYS Q 329 28.75 67.55 -5.44
N PHE Q 330 29.20 67.82 -6.66
CA PHE Q 330 30.32 68.72 -6.89
C PHE Q 330 30.00 69.68 -8.04
N MET R 1 -42.19 -2.56 56.40
CA MET R 1 -42.72 -1.36 55.75
C MET R 1 -44.14 -1.09 56.24
N GLN R 2 -44.82 -0.15 55.58
CA GLN R 2 -46.18 0.21 55.89
C GLN R 2 -46.95 0.51 54.62
N ASN R 3 -48.27 0.32 54.68
CA ASN R 3 -49.17 0.79 53.63
C ASN R 3 -50.16 1.75 54.26
N GLY R 4 -49.66 2.65 55.09
CA GLY R 4 -50.49 3.51 55.91
C GLY R 4 -49.94 3.65 57.30
N ASP R 5 -50.54 4.55 58.07
CA ASP R 5 -50.04 4.83 59.41
C ASP R 5 -50.24 3.64 60.35
N PHE R 6 -51.37 2.95 60.24
CA PHE R 6 -51.79 2.03 61.29
C PHE R 6 -51.54 0.56 60.98
N GLN R 7 -50.90 0.22 59.86
CA GLN R 7 -50.72 -1.19 59.53
C GLN R 7 -49.54 -1.37 58.60
N ILE R 8 -49.13 -2.63 58.42
CA ILE R 8 -47.81 -2.97 57.93
C ILE R 8 -47.89 -3.72 56.60
N LEU R 9 -46.70 -4.02 56.06
CA LEU R 9 -46.53 -4.63 54.75
C LEU R 9 -45.46 -5.71 54.81
N ASP R 10 -45.23 -6.35 53.67
CA ASP R 10 -44.13 -7.31 53.51
C ASP R 10 -43.34 -6.89 52.26
N TYR R 11 -42.17 -6.29 52.49
CA TYR R 11 -41.34 -5.81 51.40
C TYR R 11 -40.34 -6.90 51.00
N THR R 12 -40.28 -7.20 49.70
CA THR R 12 -39.70 -8.45 49.23
C THR R 12 -38.74 -8.25 48.06
N GLY R 13 -37.81 -7.30 48.18
CA GLY R 13 -36.67 -7.27 47.26
C GLY R 13 -36.72 -6.16 46.23
N LEU R 14 -35.86 -6.31 45.22
CA LEU R 14 -35.60 -5.29 44.21
C LEU R 14 -35.09 -5.93 42.93
N ILE R 15 -35.18 -5.19 41.82
CA ILE R 15 -34.82 -5.66 40.49
C ILE R 15 -33.75 -4.73 39.92
N SER R 16 -33.00 -5.22 38.92
CA SER R 16 -31.95 -4.42 38.31
C SER R 16 -32.27 -4.09 36.85
N THR R 17 -32.54 -5.11 36.03
CA THR R 17 -32.97 -4.94 34.64
C THR R 17 -32.15 -3.87 33.90
N MET R 18 -30.86 -4.18 33.68
CA MET R 18 -29.97 -3.29 32.95
C MET R 18 -29.80 -3.77 31.50
N PRO R 19 -29.69 -2.87 30.53
CA PRO R 19 -29.60 -3.31 29.14
C PRO R 19 -28.22 -3.88 28.80
N ARG R 20 -28.17 -4.59 27.67
CA ARG R 20 -26.94 -5.25 27.25
C ARG R 20 -26.20 -4.39 26.24
N VAL R 21 -24.86 -4.40 26.34
CA VAL R 21 -23.97 -3.73 25.40
C VAL R 21 -23.09 -4.79 24.76
N ASP R 22 -23.02 -4.77 23.43
CA ASP R 22 -22.25 -5.76 22.70
C ASP R 22 -20.78 -5.36 22.62
N THR R 23 -19.92 -6.37 22.60
CA THR R 23 -18.48 -6.16 22.51
C THR R 23 -17.82 -7.12 21.54
N LEU R 24 -18.55 -7.60 20.54
CA LEU R 24 -18.02 -8.61 19.63
C LEU R 24 -16.66 -8.23 19.07
N LEU R 25 -16.61 -7.16 18.28
CA LEU R 25 -15.41 -6.87 17.50
C LEU R 25 -14.27 -6.39 18.41
N GLN R 26 -14.60 -5.68 19.49
CA GLN R 26 -13.56 -5.25 20.42
C GLN R 26 -12.73 -6.42 20.92
N SER R 27 -13.33 -7.60 21.01
CA SER R 27 -12.61 -8.76 21.52
C SER R 27 -11.53 -9.23 20.56
N MET R 28 -11.68 -8.94 19.26
CA MET R 28 -10.75 -9.43 18.26
C MET R 28 -9.46 -8.62 18.20
N ASN R 29 -9.42 -7.42 18.77
CA ASN R 29 -8.19 -6.63 18.85
C ASN R 29 -7.57 -6.40 17.47
N LEU R 30 -8.32 -5.71 16.61
CA LEU R 30 -7.85 -5.45 15.26
C LEU R 30 -6.91 -4.25 15.19
N PHE R 31 -6.87 -3.42 16.22
CA PHE R 31 -6.29 -2.08 16.13
C PHE R 31 -5.05 -1.93 17.00
N THR R 32 -4.16 -1.05 16.55
CA THR R 32 -2.98 -0.62 17.30
C THR R 32 -3.04 0.87 17.51
N GLU R 33 -2.69 1.32 18.71
CA GLU R 33 -2.95 2.68 19.15
C GLU R 33 -1.65 3.42 19.42
N HIS R 34 -1.60 4.68 19.01
CA HIS R 34 -0.43 5.53 19.19
C HIS R 34 -0.89 6.82 19.88
N PHE R 35 -0.23 7.16 20.98
CA PHE R 35 -0.58 8.35 21.76
C PHE R 35 0.22 9.53 21.25
N GLY R 36 -0.47 10.50 20.64
CA GLY R 36 0.18 11.60 19.96
C GLY R 36 0.38 12.81 20.85
N ARG R 37 0.72 13.93 20.20
CA ARG R 37 0.96 15.20 20.86
C ARG R 37 0.16 16.36 20.32
N THR R 38 -0.48 16.22 19.15
CA THR R 38 -1.22 17.31 18.53
C THR R 38 -2.44 16.74 17.82
N THR R 39 -3.13 17.61 17.10
CA THR R 39 -4.33 17.23 16.35
C THR R 39 -4.07 17.04 14.86
N VAL R 40 -2.90 16.54 14.48
CA VAL R 40 -2.58 16.28 13.08
C VAL R 40 -1.68 15.06 12.99
N ALA R 41 -1.79 14.32 11.89
CA ALA R 41 -1.02 13.10 11.70
C ALA R 41 -0.48 13.04 10.27
N ARG R 42 0.69 12.43 10.11
CA ARG R 42 1.32 12.24 8.81
C ARG R 42 1.39 10.75 8.47
N ILE R 43 1.13 10.43 7.21
CA ILE R 43 1.30 9.07 6.68
C ILE R 43 1.99 9.18 5.33
N GLU R 44 2.78 8.17 5.00
CA GLU R 44 3.58 8.17 3.77
C GLU R 44 3.55 6.80 3.12
N ARG R 45 3.68 6.80 1.79
CA ARG R 45 3.66 5.59 0.98
C ARG R 45 4.86 5.53 0.06
N LEU R 46 5.31 4.31 -0.23
CA LEU R 46 6.49 4.06 -1.05
C LEU R 46 6.29 2.75 -1.81
N ASP R 47 5.84 2.85 -3.06
CA ASP R 47 5.52 1.67 -3.84
C ASP R 47 6.63 1.37 -4.83
N ASP R 48 7.15 0.15 -4.80
CA ASP R 48 8.19 -0.30 -5.71
C ASP R 48 7.53 -1.04 -6.87
N GLY R 49 8.32 -1.56 -7.80
CA GLY R 49 7.76 -2.32 -8.90
C GLY R 49 8.79 -3.12 -9.64
N ALA R 50 8.40 -3.56 -10.84
CA ALA R 50 9.26 -4.34 -11.72
C ALA R 50 8.71 -4.21 -13.13
N GLY R 51 9.50 -4.65 -14.11
CA GLY R 51 9.09 -4.46 -15.49
C GLY R 51 9.56 -5.58 -16.40
N ASP R 52 9.03 -5.57 -17.61
CA ASP R 52 9.37 -6.55 -18.63
C ASP R 52 10.72 -6.24 -19.26
N ILE R 53 11.29 -7.24 -19.92
CA ILE R 53 12.60 -7.12 -20.56
C ILE R 53 12.55 -7.79 -21.93
N LYS R 54 12.97 -7.07 -22.97
CA LYS R 54 12.88 -7.58 -24.33
C LYS R 54 14.19 -8.25 -24.75
N ALA R 55 14.20 -8.72 -26.00
CA ALA R 55 15.40 -9.31 -26.56
C ALA R 55 15.98 -8.40 -27.63
N VAL R 56 17.31 -8.23 -27.60
CA VAL R 56 18.01 -7.35 -28.53
C VAL R 56 19.22 -8.09 -29.08
N GLN R 57 19.55 -7.83 -30.34
CA GLN R 57 20.66 -8.50 -30.99
C GLN R 57 21.98 -8.06 -30.39
N ARG R 58 22.96 -8.98 -30.39
CA ARG R 58 24.25 -8.70 -29.78
C ARG R 58 24.88 -7.47 -30.42
N GLY R 59 25.28 -6.51 -29.58
CA GLY R 59 25.75 -5.23 -30.06
C GLY R 59 24.63 -4.21 -30.00
N GLY R 60 24.55 -3.33 -30.99
CA GLY R 60 23.40 -2.47 -31.13
C GLY R 60 23.04 -1.73 -29.84
N VAL R 61 21.78 -1.29 -29.81
CA VAL R 61 21.27 -0.49 -28.70
C VAL R 61 20.91 -1.41 -27.54
N ARG R 62 20.63 -0.81 -26.39
CA ARG R 62 20.26 -1.52 -25.17
C ARG R 62 18.94 -0.95 -24.65
N GLN R 63 18.57 -1.35 -23.43
CA GLN R 63 17.34 -0.90 -22.82
C GLN R 63 17.59 -0.55 -21.36
N HIS R 64 16.73 0.32 -20.81
CA HIS R 64 16.97 0.97 -19.54
C HIS R 64 15.81 0.75 -18.58
N LEU R 65 15.94 1.30 -17.37
CA LEU R 65 15.04 1.00 -16.27
C LEU R 65 14.27 2.27 -15.86
N ALA R 66 13.36 2.13 -14.88
CA ALA R 66 12.52 3.23 -14.43
C ALA R 66 12.44 3.22 -12.90
N ASN R 67 11.85 4.30 -12.36
CA ASN R 67 11.87 4.59 -10.93
C ASN R 67 10.52 4.29 -10.28
N ASP R 68 10.43 4.58 -8.98
CA ASP R 68 9.29 4.17 -8.17
C ASP R 68 8.49 5.38 -7.68
N ARG R 69 7.48 5.11 -6.85
CA ARG R 69 6.50 6.08 -6.40
C ARG R 69 6.85 6.66 -5.03
N LYS R 70 6.15 7.73 -4.68
CA LYS R 70 6.16 8.30 -3.33
C LYS R 70 4.83 9.02 -3.12
N LYS R 71 4.38 9.08 -1.87
CA LYS R 71 3.12 9.75 -1.55
C LYS R 71 3.06 10.06 -0.07
N ILE R 72 2.27 11.08 0.29
CA ILE R 72 2.24 11.61 1.65
C ILE R 72 0.90 12.27 1.88
N VAL R 73 0.39 12.20 3.12
CA VAL R 73 -0.96 12.68 3.44
C VAL R 73 -1.03 13.11 4.90
N ASN R 74 -2.05 13.93 5.22
CA ASN R 74 -2.26 14.48 6.55
C ASN R 74 -3.72 14.37 6.96
N LEU R 75 -3.97 14.40 8.27
CA LEU R 75 -5.32 14.30 8.82
C LEU R 75 -5.43 15.12 10.10
N ASN R 76 -6.59 15.06 10.74
CA ASN R 76 -6.86 15.79 11.98
C ASN R 76 -7.93 15.07 12.78
N ILE R 77 -8.03 15.41 14.06
CA ILE R 77 -8.69 14.58 15.06
C ILE R 77 -9.84 15.36 15.70
N PRO R 78 -10.98 14.74 15.99
CA PRO R 78 -12.08 15.44 16.63
C PRO R 78 -12.04 15.38 18.15
N PHE R 79 -13.09 15.91 18.78
CA PHE R 79 -13.19 16.04 20.23
C PHE R 79 -14.54 15.52 20.72
N PHE R 80 -14.55 14.91 21.90
CA PHE R 80 -15.75 14.30 22.48
C PHE R 80 -15.85 14.63 23.98
N PRO R 81 -16.60 15.66 24.35
CA PRO R 81 -16.77 15.97 25.77
C PRO R 81 -18.05 15.38 26.37
N LEU R 82 -18.09 15.36 27.70
CA LEU R 82 -19.28 14.94 28.44
C LEU R 82 -19.13 15.39 29.88
N ASP R 83 -20.23 15.89 30.46
CA ASP R 83 -20.22 16.49 31.79
C ASP R 83 -21.54 16.23 32.50
N ARG R 84 -21.55 16.45 33.81
CA ARG R 84 -22.77 16.52 34.59
C ARG R 84 -22.47 17.05 35.98
N SER R 85 -23.50 17.62 36.60
CA SER R 85 -23.41 18.19 37.94
C SER R 85 -24.34 17.47 38.91
N ILE R 86 -24.29 17.90 40.17
CA ILE R 86 -25.22 17.44 41.20
C ILE R 86 -25.36 18.54 42.24
N ASP R 87 -26.53 18.60 42.89
CA ASP R 87 -26.86 19.71 43.77
C ASP R 87 -27.42 19.19 45.08
N ARG R 88 -27.63 20.11 46.02
CA ARG R 88 -28.16 19.80 47.34
C ARG R 88 -29.52 19.13 47.24
N ALA R 89 -30.41 19.70 46.43
CA ALA R 89 -31.80 19.25 46.40
C ALA R 89 -31.93 17.81 45.92
N ASP R 90 -30.88 17.25 45.32
CA ASP R 90 -30.97 15.90 44.78
C ASP R 90 -30.87 14.82 45.85
N ILE R 91 -30.43 15.16 47.07
CA ILE R 91 -30.21 14.14 48.10
C ILE R 91 -30.82 14.50 49.44
N GLN R 92 -31.54 15.61 49.59
CA GLN R 92 -32.13 15.94 50.88
C GLN R 92 -33.50 15.31 51.02
N ASN R 93 -33.71 14.58 52.13
CA ASN R 93 -34.99 13.97 52.45
C ASN R 93 -35.36 12.84 51.50
N PHE R 94 -34.36 12.21 50.88
CA PHE R 94 -34.62 11.08 50.00
C PHE R 94 -34.07 9.78 50.57
N ARG R 95 -34.90 8.74 50.50
CA ARG R 95 -34.42 7.39 50.81
C ARG R 95 -33.38 6.97 49.80
N GLU R 96 -32.47 6.10 50.24
CA GLU R 96 -31.61 5.40 49.29
C GLU R 96 -32.39 4.20 48.75
N PHE R 97 -32.74 4.28 47.47
CA PHE R 97 -33.68 3.32 46.90
C PHE R 97 -33.16 1.90 47.08
N GLY R 98 -34.07 1.01 47.48
CA GLY R 98 -33.73 -0.37 47.76
C GLY R 98 -33.70 -0.73 49.23
N THR R 99 -33.53 0.24 50.13
CA THR R 99 -33.60 -0.01 51.56
C THR R 99 -34.61 0.94 52.19
N GLU R 100 -35.29 0.45 53.23
CA GLU R 100 -36.39 1.17 53.83
C GLU R 100 -36.00 1.94 55.07
N ASN R 101 -34.71 2.07 55.37
CA ASN R 101 -34.28 2.85 56.53
C ASN R 101 -33.20 3.87 56.16
N ALA R 102 -32.30 3.49 55.28
CA ALA R 102 -31.14 4.35 55.03
C ALA R 102 -31.55 5.61 54.27
N PRO R 103 -30.98 6.76 54.62
CA PRO R 103 -31.22 7.97 53.83
C PRO R 103 -30.21 8.08 52.69
N ALA R 104 -30.52 8.97 51.76
CA ALA R 104 -29.67 9.17 50.59
C ALA R 104 -28.31 9.72 51.02
N THR R 105 -27.29 9.39 50.22
CA THR R 105 -25.93 9.85 50.45
C THR R 105 -25.38 10.47 49.17
N VAL R 106 -24.37 11.33 49.34
CA VAL R 106 -23.82 12.04 48.18
C VAL R 106 -22.80 11.19 47.43
N ASP R 107 -22.30 10.12 48.04
CA ASP R 107 -21.28 9.29 47.38
C ASP R 107 -21.90 8.39 46.32
N ALA R 108 -23.07 7.83 46.61
CA ALA R 108 -23.69 6.89 45.69
C ALA R 108 -24.02 7.55 44.36
N GLU R 109 -24.53 8.78 44.38
CA GLU R 109 -24.87 9.45 43.13
C GLU R 109 -23.63 9.65 42.27
N VAL R 110 -22.52 10.07 42.89
CA VAL R 110 -21.29 10.26 42.14
C VAL R 110 -20.80 8.94 41.54
N GLN R 111 -20.84 7.87 42.32
CA GLN R 111 -20.38 6.58 41.78
C GLN R 111 -21.25 6.13 40.62
N ARG R 112 -22.57 6.27 40.74
CA ARG R 112 -23.44 5.86 39.65
C ARG R 112 -23.21 6.70 38.40
N HIS R 113 -23.00 8.00 38.57
CA HIS R 113 -22.73 8.84 37.40
C HIS R 113 -21.41 8.47 36.75
N MET R 114 -20.39 8.15 37.55
CA MET R 114 -19.13 7.69 36.99
C MET R 114 -19.33 6.42 36.17
N ALA R 115 -20.13 5.48 36.71
CA ALA R 115 -20.39 4.25 35.96
C ALA R 115 -21.06 4.55 34.62
N ARG R 116 -22.05 5.44 34.62
CA ARG R 116 -22.70 5.81 33.36
C ARG R 116 -21.70 6.41 32.39
N ILE R 117 -20.82 7.28 32.87
CA ILE R 117 -19.84 7.92 32.00
C ILE R 117 -18.94 6.87 31.35
N ARG R 118 -18.45 5.92 32.17
CA ARG R 118 -17.57 4.89 31.62
C ARG R 118 -18.30 4.07 30.56
N ARG R 119 -19.54 3.68 30.83
CA ARG R 119 -20.28 2.89 29.85
C ARG R 119 -20.46 3.67 28.55
N SER R 120 -20.82 4.95 28.66
CA SER R 120 -21.03 5.74 27.46
C SER R 120 -19.77 5.87 26.63
N HIS R 121 -18.62 6.08 27.29
CA HIS R 121 -17.38 6.19 26.52
C HIS R 121 -17.01 4.88 25.86
N ALA R 122 -17.21 3.76 26.56
CA ALA R 122 -16.93 2.46 25.93
C ALA R 122 -17.80 2.26 24.70
N ILE R 123 -19.08 2.60 24.81
CA ILE R 123 -19.99 2.47 23.67
C ILE R 123 -19.52 3.35 22.52
N LEU R 124 -19.10 4.59 22.83
CA LEU R 124 -18.61 5.47 21.77
C LEU R 124 -17.44 4.85 21.05
N LYS R 125 -16.47 4.32 21.81
CA LYS R 125 -15.29 3.76 21.15
C LYS R 125 -15.67 2.58 20.28
N SER R 126 -16.57 1.71 20.77
CA SER R 126 -16.99 0.57 19.96
C SER R 126 -17.64 1.04 18.66
N LYS R 127 -18.54 2.02 18.74
CA LYS R 127 -19.22 2.48 17.53
C LYS R 127 -18.25 3.11 16.56
N ALA R 128 -17.36 3.98 17.05
CA ALA R 128 -16.41 4.64 16.16
C ALA R 128 -15.50 3.63 15.48
N MET R 129 -15.04 2.61 16.23
CA MET R 129 -14.22 1.57 15.62
C MET R 129 -15.00 0.79 14.57
N TYR R 130 -16.25 0.42 14.87
CA TYR R 130 -17.11 -0.17 13.84
C TYR R 130 -17.16 0.68 12.59
N ALA R 131 -17.21 2.01 12.75
CA ALA R 131 -17.33 2.88 11.58
C ALA R 131 -16.10 2.79 10.69
N ALA R 132 -14.91 2.64 11.28
CA ALA R 132 -13.68 2.59 10.50
C ALA R 132 -13.67 1.40 9.55
N LEU R 133 -14.12 0.24 10.04
CA LEU R 133 -14.10 -0.96 9.21
C LEU R 133 -14.87 -0.76 7.91
N LYS R 134 -15.89 0.10 7.92
CA LYS R 134 -16.67 0.35 6.71
C LYS R 134 -15.95 1.24 5.73
N GLY R 135 -14.93 1.96 6.16
CA GLY R 135 -14.15 2.82 5.30
C GLY R 135 -14.39 4.31 5.45
N THR R 136 -14.82 4.78 6.62
CA THR R 136 -15.01 6.20 6.88
C THR R 136 -14.70 6.51 8.33
N SER R 137 -14.33 7.76 8.58
CA SER R 137 -14.15 8.24 9.95
C SER R 137 -15.52 8.43 10.60
N TRP R 138 -15.52 8.66 11.91
CA TRP R 138 -16.79 8.67 12.63
C TRP R 138 -17.36 10.08 12.71
N SER R 139 -16.69 10.98 13.44
CA SER R 139 -17.00 12.41 13.45
C SER R 139 -18.48 12.72 13.25
N PRO R 140 -19.35 12.28 14.16
CA PRO R 140 -20.80 12.51 13.97
C PRO R 140 -21.16 13.96 14.20
N ASP R 141 -21.84 14.57 13.23
CA ASP R 141 -22.27 15.97 13.30
C ASP R 141 -21.08 16.92 13.39
N ASP R 142 -19.94 16.51 12.86
CA ASP R 142 -18.74 17.35 12.79
C ASP R 142 -18.15 17.21 11.40
N PRO R 143 -18.67 17.96 10.42
CA PRO R 143 -18.23 17.77 9.03
C PRO R 143 -16.75 18.03 8.79
N VAL R 144 -16.03 18.47 9.83
CA VAL R 144 -14.60 18.74 9.65
C VAL R 144 -13.83 17.45 9.43
N SER R 145 -14.22 16.38 10.11
CA SER R 145 -13.45 15.14 10.12
C SER R 145 -14.18 13.97 9.47
N ASP R 146 -14.91 14.22 8.38
CA ASP R 146 -15.51 13.14 7.60
C ASP R 146 -14.57 12.77 6.46
N TYR R 147 -13.87 11.64 6.61
CA TYR R 147 -12.88 11.18 5.64
C TYR R 147 -13.36 9.90 4.99
N ASN R 148 -13.42 9.88 3.66
CA ASN R 148 -13.59 8.64 2.92
C ASN R 148 -12.22 8.08 2.59
N TYR R 149 -11.76 7.10 3.37
CA TYR R 149 -10.41 6.60 3.18
C TYR R 149 -10.18 6.11 1.76
N TYR R 150 -11.19 5.56 1.11
CA TYR R 150 -11.10 5.28 -0.32
C TYR R 150 -10.69 6.54 -1.07
N ASP R 151 -11.36 7.66 -0.78
CA ASP R 151 -11.06 8.90 -1.49
C ASP R 151 -9.78 9.55 -0.98
N VAL R 152 -9.49 9.41 0.32
CA VAL R 152 -8.27 9.99 0.85
C VAL R 152 -7.04 9.36 0.21
N TRP R 153 -7.03 8.03 0.08
CA TRP R 153 -5.92 7.34 -0.55
C TRP R 153 -6.10 7.21 -2.06
N GLY R 154 -7.32 7.21 -2.55
CA GLY R 154 -7.59 7.04 -3.96
C GLY R 154 -7.90 5.62 -4.38
N ALA R 155 -8.47 4.80 -3.51
CA ALA R 155 -8.73 3.40 -3.79
C ALA R 155 -10.13 3.26 -4.39
N THR R 156 -10.62 2.02 -4.49
CA THR R 156 -11.92 1.73 -5.07
C THR R 156 -12.66 0.75 -4.18
N GLN R 157 -13.99 0.79 -4.24
CA GLN R 157 -14.81 -0.06 -3.38
C GLN R 157 -14.81 -1.53 -3.82
N THR R 158 -14.99 -1.80 -5.12
CA THR R 158 -15.04 -3.17 -5.62
C THR R 158 -16.18 -3.95 -4.96
N THR R 159 -17.41 -3.50 -5.21
CA THR R 159 -18.60 -4.11 -4.60
C THR R 159 -18.87 -5.44 -5.27
N ALA R 160 -18.80 -6.51 -4.49
CA ALA R 160 -19.15 -7.86 -4.95
C ALA R 160 -20.57 -8.17 -4.51
N ASP R 161 -21.51 -8.21 -5.46
CA ASP R 161 -22.92 -8.38 -5.15
C ASP R 161 -23.34 -9.84 -5.23
N VAL R 162 -24.38 -10.17 -4.49
CA VAL R 162 -24.97 -11.51 -4.48
C VAL R 162 -26.48 -11.37 -4.44
N ASP R 163 -27.16 -11.93 -5.44
CA ASP R 163 -28.63 -11.89 -5.52
C ASP R 163 -29.15 -13.28 -5.18
N PHE R 164 -29.84 -13.39 -4.05
CA PHE R 164 -30.29 -14.67 -3.51
C PHE R 164 -31.56 -15.18 -4.18
N THR R 165 -32.10 -14.52 -5.19
CA THR R 165 -33.22 -15.07 -5.93
C THR R 165 -32.78 -15.96 -7.08
N LYS R 166 -31.47 -16.12 -7.28
CA LYS R 166 -30.95 -16.99 -8.33
C LYS R 166 -30.47 -18.31 -7.71
N LEU R 167 -31.39 -19.27 -7.67
CA LEU R 167 -31.11 -20.56 -7.05
C LEU R 167 -30.04 -21.33 -7.81
N GLY R 168 -29.85 -21.05 -9.10
CA GLY R 168 -28.90 -21.80 -9.89
C GLY R 168 -27.46 -21.32 -9.83
N VAL R 169 -27.18 -20.30 -9.03
CA VAL R 169 -25.85 -19.70 -8.93
C VAL R 169 -25.36 -19.82 -7.51
N ASP R 170 -24.15 -20.32 -7.34
CA ASP R 170 -23.57 -20.54 -6.02
C ASP R 170 -22.93 -19.25 -5.51
N PRO R 171 -23.43 -18.64 -4.43
CA PRO R 171 -22.83 -17.37 -3.98
C PRO R 171 -21.37 -17.49 -3.59
N ILE R 172 -20.95 -18.65 -3.08
CA ILE R 172 -19.58 -18.78 -2.60
C ILE R 172 -18.59 -18.69 -3.76
N GLU R 173 -18.96 -19.25 -4.93
CA GLU R 173 -18.06 -19.14 -6.08
C GLU R 173 -17.93 -17.69 -6.55
N VAL R 174 -19.03 -16.93 -6.51
CA VAL R 174 -18.94 -15.50 -6.84
C VAL R 174 -18.06 -14.78 -5.85
N LEU R 175 -18.24 -15.06 -4.56
CA LEU R 175 -17.37 -14.47 -3.54
C LEU R 175 -15.91 -14.77 -3.86
N GLU R 176 -15.58 -16.05 -4.08
CA GLU R 176 -14.21 -16.38 -4.44
C GLU R 176 -13.74 -15.52 -5.61
N ALA R 177 -14.39 -15.67 -6.77
CA ALA R 177 -13.90 -15.07 -7.99
C ALA R 177 -13.70 -13.57 -7.85
N GLU R 178 -14.63 -12.89 -7.18
CA GLU R 178 -14.58 -11.43 -7.18
C GLU R 178 -13.76 -10.86 -6.03
N ALA R 179 -13.86 -11.48 -4.85
CA ALA R 179 -13.20 -10.92 -3.67
C ALA R 179 -11.84 -11.54 -3.42
N ARG R 180 -11.74 -12.88 -3.42
CA ARG R 180 -10.49 -13.49 -2.99
C ARG R 180 -9.36 -13.25 -3.99
N ALA R 181 -9.67 -13.25 -5.28
CA ALA R 181 -8.65 -12.93 -6.26
C ALA R 181 -8.10 -11.52 -6.04
N HIS R 182 -9.00 -10.56 -5.82
CA HIS R 182 -8.57 -9.19 -5.56
C HIS R 182 -7.73 -9.11 -4.30
N ILE R 183 -8.16 -9.77 -3.22
CA ILE R 183 -7.41 -9.74 -1.98
C ILE R 183 -6.02 -10.32 -2.19
N ILE R 184 -5.93 -11.45 -2.88
CA ILE R 184 -4.64 -12.10 -3.07
C ILE R 184 -3.73 -11.22 -3.92
N ASP R 185 -4.27 -10.61 -4.97
CA ASP R 185 -3.44 -9.78 -5.84
C ASP R 185 -2.95 -8.52 -5.13
N TRP R 186 -3.80 -7.90 -4.31
CA TRP R 186 -3.52 -6.57 -3.76
C TRP R 186 -2.96 -6.61 -2.35
N ALA R 187 -2.53 -7.76 -1.85
CA ALA R 187 -1.96 -7.80 -0.50
C ALA R 187 -0.72 -6.94 -0.41
N GLY R 188 0.15 -7.00 -1.42
CA GLY R 188 1.34 -6.21 -1.46
C GLY R 188 2.58 -6.87 -0.90
N ASP R 189 2.42 -7.90 -0.08
CA ASP R 189 3.56 -8.67 0.41
C ASP R 189 3.75 -9.92 -0.44
N ASN R 190 4.63 -10.81 0.03
CA ASN R 190 4.86 -12.08 -0.64
C ASN R 190 4.45 -13.25 0.24
N GLY R 191 3.78 -12.97 1.36
CA GLY R 191 3.14 -14.03 2.13
C GLY R 191 1.90 -14.54 1.43
N ASP R 192 1.61 -15.83 1.62
CA ASP R 192 0.55 -16.46 0.85
C ASP R 192 -0.33 -17.39 1.69
N ASN R 193 -0.76 -16.93 2.87
CA ASN R 193 -1.72 -17.71 3.64
C ASN R 193 -2.80 -16.85 4.31
N TYR R 194 -3.36 -15.87 3.61
CA TYR R 194 -4.31 -14.96 4.24
C TYR R 194 -5.59 -15.69 4.62
N GLU R 195 -6.13 -15.34 5.79
CA GLU R 195 -7.43 -15.85 6.21
C GLU R 195 -8.51 -14.83 5.87
N ILE R 196 -9.62 -15.31 5.32
CA ILE R 196 -10.72 -14.45 4.90
C ILE R 196 -11.83 -14.55 5.93
N VAL R 197 -12.32 -13.40 6.39
CA VAL R 197 -13.36 -13.31 7.39
C VAL R 197 -14.48 -12.44 6.84
N VAL R 198 -15.72 -12.84 7.10
CA VAL R 198 -16.89 -12.11 6.63
C VAL R 198 -17.71 -11.69 7.84
N LEU R 199 -18.03 -10.40 7.90
CA LEU R 199 -18.88 -9.83 8.94
C LEU R 199 -20.14 -9.31 8.27
N ALA R 200 -21.28 -9.94 8.53
CA ALA R 200 -22.49 -9.73 7.75
C ALA R 200 -23.65 -9.34 8.65
N SER R 201 -24.56 -8.53 8.10
CA SER R 201 -25.78 -8.18 8.81
C SER R 201 -26.65 -9.41 8.97
N ARG R 202 -27.44 -9.43 10.05
CA ARG R 202 -28.23 -10.61 10.38
C ARG R 202 -29.12 -11.03 9.22
N GLN R 203 -29.73 -10.07 8.53
CA GLN R 203 -30.62 -10.41 7.42
C GLN R 203 -29.86 -11.12 6.31
N TRP R 204 -28.72 -10.55 5.89
CA TRP R 204 -27.93 -11.15 4.82
C TRP R 204 -27.45 -12.54 5.21
N PHE R 205 -26.98 -12.70 6.45
CA PHE R 205 -26.51 -13.99 6.92
C PHE R 205 -27.63 -15.03 6.89
N SER R 206 -28.79 -14.69 7.45
CA SER R 206 -29.90 -15.63 7.48
C SER R 206 -30.37 -15.98 6.07
N ALA R 207 -30.43 -14.99 5.17
CA ALA R 207 -30.82 -15.29 3.81
C ALA R 207 -29.79 -16.19 3.13
N LEU R 208 -28.51 -16.03 3.45
CA LEU R 208 -27.50 -16.91 2.89
C LEU R 208 -27.76 -18.36 3.31
N ILE R 209 -27.97 -18.58 4.61
CA ILE R 209 -28.06 -19.97 5.08
C ILE R 209 -29.19 -20.72 4.39
N ALA R 210 -30.20 -20.01 3.88
CA ALA R 210 -31.36 -20.68 3.31
C ALA R 210 -31.14 -21.04 1.84
N HIS R 211 -30.02 -20.63 1.27
CA HIS R 211 -29.84 -20.83 -0.16
C HIS R 211 -29.67 -22.32 -0.46
N PRO R 212 -30.34 -22.84 -1.50
CA PRO R 212 -30.20 -24.28 -1.78
C PRO R 212 -28.77 -24.72 -2.05
N GLN R 213 -27.99 -23.90 -2.75
CA GLN R 213 -26.62 -24.28 -3.09
C GLN R 213 -25.76 -24.45 -1.85
N VAL R 214 -26.16 -23.89 -0.72
CA VAL R 214 -25.41 -24.02 0.52
C VAL R 214 -25.96 -25.15 1.38
N THR R 215 -27.28 -25.24 1.51
CA THR R 215 -27.88 -26.29 2.32
C THR R 215 -27.69 -27.66 1.68
N GLY R 216 -27.69 -27.72 0.34
CA GLY R 216 -27.60 -29.00 -0.33
C GLY R 216 -26.39 -29.80 0.06
N ALA R 217 -25.24 -29.14 0.16
CA ALA R 217 -23.99 -29.85 0.44
C ALA R 217 -24.00 -30.56 1.78
N TYR R 218 -24.69 -30.02 2.77
CA TYR R 218 -24.65 -30.55 4.14
C TYR R 218 -25.79 -31.51 4.44
N SER R 219 -26.69 -31.79 3.49
CA SER R 219 -27.93 -32.48 3.79
C SER R 219 -27.85 -33.99 3.63
N GLN R 220 -26.81 -34.52 3.00
CA GLN R 220 -26.82 -35.92 2.57
C GLN R 220 -26.09 -36.87 3.49
N TYR R 221 -25.19 -36.38 4.36
CA TYR R 221 -24.52 -37.25 5.30
C TYR R 221 -24.03 -36.41 6.47
N PRO R 222 -23.84 -37.03 7.64
CA PRO R 222 -23.57 -36.23 8.85
C PRO R 222 -22.32 -35.38 8.73
N SER R 223 -22.36 -34.23 9.40
CA SER R 223 -21.25 -33.29 9.42
C SER R 223 -20.96 -32.91 10.86
N THR R 224 -19.79 -32.29 11.08
CA THR R 224 -19.43 -31.87 12.43
C THR R 224 -20.42 -30.86 12.98
N GLN R 225 -20.81 -29.89 12.16
CA GLN R 225 -21.80 -28.88 12.53
C GLN R 225 -23.07 -29.13 11.74
N GLU R 226 -24.07 -29.72 12.39
CA GLU R 226 -25.33 -30.09 11.74
C GLU R 226 -26.18 -28.82 11.56
N ILE R 227 -25.72 -27.97 10.63
CA ILE R 227 -26.37 -26.69 10.44
C ILE R 227 -27.85 -26.83 10.12
N LEU R 228 -28.26 -27.97 9.56
CA LEU R 228 -29.63 -28.19 9.17
C LEU R 228 -30.48 -28.83 10.27
N ARG R 229 -29.88 -29.17 11.40
CA ARG R 229 -30.62 -29.74 12.52
C ARG R 229 -30.36 -28.97 13.81
N ARG R 230 -29.12 -28.53 14.00
CA ARG R 230 -28.69 -27.87 15.22
C ARG R 230 -28.34 -26.42 14.92
N ARG R 231 -28.81 -25.51 15.76
CA ARG R 231 -28.58 -24.08 15.55
C ARG R 231 -27.09 -23.80 15.46
N LEU R 232 -26.72 -22.97 14.48
CA LEU R 232 -25.31 -22.70 14.23
C LEU R 232 -24.68 -22.03 15.45
N GLY R 233 -23.49 -22.49 15.82
CA GLY R 233 -22.78 -21.89 16.92
C GLY R 233 -23.31 -22.22 18.29
N GLY R 234 -24.24 -23.15 18.40
CA GLY R 234 -24.80 -23.50 19.69
C GLY R 234 -25.83 -22.50 20.15
N ASN R 235 -25.85 -22.22 21.45
CA ASN R 235 -26.81 -21.30 22.04
C ASN R 235 -26.23 -19.92 22.29
N ALA R 236 -25.07 -19.61 21.72
CA ALA R 236 -24.45 -18.32 21.92
C ALA R 236 -25.30 -17.20 21.30
N ASN R 237 -24.97 -15.97 21.64
CA ASN R 237 -25.76 -14.83 21.19
C ASN R 237 -25.73 -14.70 19.67
N ASN R 238 -24.55 -14.87 19.07
CA ASN R 238 -24.36 -14.69 17.64
C ASN R 238 -23.86 -15.97 17.01
N ARG R 239 -24.34 -16.25 15.79
CA ARG R 239 -24.11 -17.53 15.12
C ARG R 239 -22.78 -17.49 14.36
N ILE R 240 -21.82 -18.25 14.89
CA ILE R 240 -20.57 -18.46 14.18
C ILE R 240 -20.73 -19.61 13.21
N PHE R 241 -20.23 -19.44 11.98
CA PHE R 241 -20.39 -20.45 10.94
C PHE R 241 -19.09 -20.59 10.16
N GLU R 242 -18.70 -21.84 9.90
CA GLU R 242 -17.52 -22.16 9.11
C GLU R 242 -17.95 -22.82 7.81
N HIS R 243 -17.34 -22.40 6.70
CA HIS R 243 -17.72 -22.93 5.40
C HIS R 243 -16.65 -22.58 4.38
N LYS R 244 -16.16 -23.59 3.66
CA LYS R 244 -15.18 -23.39 2.59
C LYS R 244 -14.02 -22.51 3.05
N ASN R 245 -13.57 -22.71 4.28
CA ASN R 245 -12.44 -21.97 4.84
C ASN R 245 -12.70 -20.47 4.81
N ILE R 246 -13.94 -20.10 5.11
CA ILE R 246 -14.34 -18.71 5.26
C ILE R 246 -15.16 -18.58 6.53
N LEU R 247 -14.61 -17.93 7.55
CA LEU R 247 -15.30 -17.81 8.83
C LEU R 247 -16.36 -16.73 8.74
N PHE R 248 -17.61 -17.10 9.00
CA PHE R 248 -18.72 -16.18 9.01
C PHE R 248 -19.06 -15.81 10.45
N ILE R 249 -19.15 -14.52 10.73
CA ILE R 249 -19.49 -14.02 12.06
C ILE R 249 -20.74 -13.17 11.94
N GLU R 250 -21.77 -13.54 12.71
CA GLU R 250 -23.04 -12.84 12.68
C GLU R 250 -22.94 -11.56 13.51
N ASP R 251 -23.45 -10.46 12.98
CA ASP R 251 -23.43 -9.18 13.67
C ASP R 251 -24.83 -8.86 14.15
N ILE R 252 -25.06 -9.00 15.46
CA ILE R 252 -26.34 -8.67 16.07
C ILE R 252 -26.34 -7.30 16.72
N SER R 253 -25.21 -6.59 16.70
CA SER R 253 -25.15 -5.26 17.28
C SER R 253 -26.12 -4.29 16.61
N GLY R 254 -26.55 -4.59 15.39
CA GLY R 254 -27.58 -3.80 14.76
C GLY R 254 -27.13 -2.48 14.18
N ASN R 255 -25.86 -2.36 13.80
CA ASN R 255 -25.35 -1.17 13.15
C ASN R 255 -24.97 -1.40 11.70
N ILE R 256 -24.51 -2.59 11.34
CA ILE R 256 -24.24 -2.88 9.94
C ILE R 256 -25.56 -2.81 9.17
N PRO R 257 -25.67 -2.01 8.11
CA PRO R 257 -26.96 -1.91 7.44
C PRO R 257 -27.46 -3.27 6.98
N ALA R 258 -28.74 -3.53 7.18
CA ALA R 258 -29.34 -4.82 6.88
C ALA R 258 -29.28 -5.06 5.38
N GLY R 259 -28.43 -6.00 4.95
CA GLY R 259 -28.31 -6.32 3.55
C GLY R 259 -26.88 -6.27 3.05
N GLU R 260 -25.97 -5.77 3.88
CA GLU R 260 -24.57 -5.61 3.51
C GLU R 260 -23.67 -6.46 4.42
N ALA R 261 -22.54 -6.86 3.85
CA ALA R 261 -21.50 -7.54 4.60
C ALA R 261 -20.16 -7.12 4.01
N TYR R 262 -19.11 -7.20 4.82
CA TYR R 262 -17.80 -6.70 4.43
C TYR R 262 -16.76 -7.80 4.62
N ILE R 263 -15.96 -8.02 3.58
CA ILE R 263 -15.01 -9.12 3.54
C ILE R 263 -13.61 -8.55 3.62
N PHE R 264 -12.83 -9.01 4.60
CA PHE R 264 -11.49 -8.49 4.82
C PHE R 264 -10.61 -9.61 5.34
N PRO R 265 -9.30 -9.57 5.05
CA PRO R 265 -8.39 -10.59 5.59
C PRO R 265 -7.73 -10.15 6.90
N ARG R 266 -7.14 -11.13 7.56
CA ARG R 266 -6.47 -10.88 8.84
C ARG R 266 -4.96 -10.75 8.66
N GLY R 267 -4.34 -10.00 9.56
CA GLY R 267 -2.90 -10.03 9.70
C GLY R 267 -2.13 -9.14 8.76
N ILE R 268 -2.80 -8.31 7.96
CA ILE R 268 -2.08 -7.37 7.10
C ILE R 268 -1.54 -6.23 7.96
N SER R 269 -0.22 -6.05 7.93
CA SER R 269 0.44 -5.17 8.89
C SER R 269 0.00 -3.72 8.71
N ARG R 270 -0.16 -3.04 9.84
CA ARG R 270 -0.55 -1.63 9.86
C ARG R 270 -1.72 -1.36 8.91
N MET R 271 -2.81 -2.10 9.11
CA MET R 271 -4.01 -1.89 8.31
C MET R 271 -5.06 -1.08 9.07
N PHE R 272 -5.11 -1.23 10.40
CA PHE R 272 -6.04 -0.52 11.25
C PHE R 272 -5.27 0.19 12.34
N GLU R 273 -5.65 1.43 12.63
CA GLU R 273 -4.92 2.24 13.60
C GLU R 273 -5.83 3.31 14.18
N ILE R 274 -5.49 3.75 15.39
CA ILE R 274 -6.19 4.85 16.07
C ILE R 274 -5.17 5.73 16.76
N TYR R 275 -5.38 7.04 16.69
CA TYR R 275 -4.49 8.02 17.28
C TYR R 275 -5.24 8.83 18.32
N TYR R 276 -4.60 9.07 19.46
CA TYR R 276 -5.15 9.89 20.53
C TYR R 276 -4.43 11.23 20.59
N ALA R 277 -5.14 12.25 21.08
CA ALA R 277 -4.61 13.59 21.25
C ALA R 277 -4.93 14.13 22.64
N PRO R 278 -4.14 15.06 23.14
CA PRO R 278 -4.41 15.61 24.49
C PRO R 278 -5.60 16.53 24.50
N SER R 279 -6.24 16.63 25.66
CA SER R 279 -7.37 17.50 25.84
C SER R 279 -6.92 18.96 25.95
N ASP R 280 -7.89 19.87 25.98
CA ASP R 280 -7.62 21.30 25.96
C ASP R 280 -7.65 21.86 27.38
N THR R 281 -6.56 21.62 28.11
CA THR R 281 -6.34 22.24 29.40
C THR R 281 -4.84 22.50 29.55
N LEU R 282 -4.50 23.51 30.35
CA LEU R 282 -3.11 23.89 30.49
C LEU R 282 -2.25 22.78 31.09
N ARG R 283 -2.84 21.84 31.83
CA ARG R 283 -2.06 20.70 32.29
C ARG R 283 -1.61 19.84 31.11
N ASP R 284 -2.52 19.58 30.17
CA ASP R 284 -2.27 18.61 29.11
C ASP R 284 -1.98 19.27 27.77
N ALA R 285 -2.32 20.55 27.61
CA ALA R 285 -2.14 21.22 26.34
C ALA R 285 -0.69 21.09 25.89
N ASN R 286 -0.49 20.40 24.77
CA ASN R 286 0.81 20.20 24.13
C ASN R 286 1.65 19.13 24.82
N GLN R 287 1.08 18.39 25.77
CA GLN R 287 1.78 17.29 26.42
C GLN R 287 1.30 15.95 25.86
N ALA R 288 1.92 14.87 26.33
CA ALA R 288 1.55 13.54 25.86
C ALA R 288 0.08 13.26 26.17
N ALA R 289 -0.59 12.59 25.24
CA ALA R 289 -2.02 12.36 25.37
C ALA R 289 -2.29 11.12 26.22
N GLN R 290 -3.56 10.94 26.57
CA GLN R 290 -4.01 9.81 27.36
C GLN R 290 -5.40 9.42 26.88
N GLU R 291 -5.79 8.18 27.17
CA GLU R 291 -7.03 7.66 26.63
C GLU R 291 -8.24 8.48 27.09
N LEU R 292 -8.51 8.48 28.39
CA LEU R 292 -9.70 9.12 28.93
C LEU R 292 -9.33 10.00 30.11
N TYR R 293 -9.82 11.23 30.09
CA TYR R 293 -9.63 12.16 31.19
C TYR R 293 -10.94 12.31 31.96
N VAL R 294 -10.85 12.36 33.29
CA VAL R 294 -12.02 12.53 34.14
C VAL R 294 -11.65 13.47 35.27
N PHE R 295 -12.34 14.61 35.35
CA PHE R 295 -12.08 15.62 36.37
C PHE R 295 -13.25 15.66 37.34
N PHE R 296 -12.96 15.55 38.63
CA PHE R 296 -13.96 15.63 39.68
C PHE R 296 -13.67 16.84 40.56
N LYS R 297 -14.74 17.55 40.95
CA LYS R 297 -14.58 18.80 41.67
C LYS R 297 -15.72 18.99 42.65
N GLU R 298 -15.51 19.88 43.60
CA GLU R 298 -16.51 20.25 44.59
C GLU R 298 -16.26 21.70 45.01
N SER R 299 -17.26 22.55 44.81
CA SER R 299 -17.08 23.96 45.09
C SER R 299 -16.68 24.17 46.54
N ASN R 300 -15.65 24.99 46.74
CA ASN R 300 -15.18 25.26 48.10
C ASN R 300 -16.23 25.96 48.94
N TYR R 301 -17.24 26.55 48.31
CA TYR R 301 -18.37 27.14 49.02
C TYR R 301 -19.39 26.10 49.44
N LEU R 302 -19.23 24.85 48.98
CA LEU R 302 -19.96 23.70 49.52
C LEU R 302 -21.46 23.77 49.24
N ARG R 303 -21.83 23.93 47.97
CA ARG R 303 -23.24 23.87 47.60
C ARG R 303 -23.54 23.06 46.35
N GLU R 304 -22.53 22.59 45.62
CA GLU R 304 -22.75 21.63 44.55
C GLU R 304 -21.42 21.02 44.13
N ALA R 305 -21.51 20.00 43.28
CA ALA R 305 -20.34 19.30 42.77
C ALA R 305 -20.47 19.13 41.27
N LYS R 306 -19.34 18.85 40.62
CA LYS R 306 -19.28 18.78 39.17
C LYS R 306 -18.38 17.61 38.76
N ILE R 307 -18.76 16.94 37.68
CA ILE R 307 -17.98 15.83 37.11
C ILE R 307 -17.79 16.10 35.63
N GLU R 308 -16.55 15.95 35.16
CA GLU R 308 -16.21 16.22 33.76
C GLU R 308 -15.44 15.05 33.18
N SER R 309 -15.54 14.90 31.87
CA SER R 309 -14.81 13.86 31.14
C SER R 309 -14.60 14.32 29.71
N GLU R 310 -13.44 13.96 29.14
CA GLU R 310 -13.09 14.41 27.81
C GLU R 310 -12.19 13.37 27.13
N THR R 311 -12.28 13.28 25.81
CA THR R 311 -11.41 12.43 25.03
C THR R 311 -11.51 12.82 23.56
N SER R 312 -10.44 12.52 22.82
CA SER R 312 -10.35 12.89 21.41
C SER R 312 -9.52 11.83 20.70
N PHE R 313 -10.06 11.24 19.64
CA PHE R 313 -9.37 10.19 18.91
C PHE R 313 -9.91 10.11 17.49
N LEU R 314 -9.13 9.47 16.63
CA LEU R 314 -9.50 9.23 15.24
C LEU R 314 -9.12 7.80 14.87
N THR R 315 -9.98 7.16 14.08
CA THR R 315 -9.76 5.79 13.63
C THR R 315 -9.40 5.80 12.15
N VAL R 316 -8.39 5.02 11.78
CA VAL R 316 -7.80 5.09 10.45
C VAL R 316 -7.81 3.70 9.82
N ASN R 317 -8.08 3.68 8.51
CA ASN R 317 -7.99 2.48 7.68
C ASN R 317 -6.96 2.76 6.60
N ASN R 318 -5.74 2.26 6.81
CA ASN R 318 -4.61 2.59 5.94
C ASN R 318 -4.67 1.89 4.59
N ARG R 319 -5.37 0.78 4.46
CA ARG R 319 -5.43 0.00 3.23
C ARG R 319 -6.88 -0.30 2.90
N PRO R 320 -7.64 0.73 2.51
CA PRO R 320 -9.07 0.51 2.21
C PRO R 320 -9.32 -0.38 1.01
N GLU R 321 -8.32 -0.60 0.16
CA GLU R 321 -8.52 -1.41 -1.04
C GLU R 321 -8.73 -2.88 -0.69
N LEU R 322 -8.56 -3.24 0.58
CA LEU R 322 -8.67 -4.62 1.02
C LEU R 322 -9.91 -4.88 1.87
N VAL R 323 -10.94 -4.04 1.78
CA VAL R 323 -12.22 -4.28 2.41
C VAL R 323 -13.27 -4.25 1.31
N VAL R 324 -13.84 -5.42 1.02
CA VAL R 324 -14.77 -5.57 -0.09
C VAL R 324 -16.19 -5.38 0.44
N LYS R 325 -16.93 -4.44 -0.18
CA LYS R 325 -18.27 -4.13 0.26
C LYS R 325 -19.26 -5.02 -0.48
N SER R 326 -19.87 -5.95 0.24
CA SER R 326 -20.84 -6.84 -0.36
C SER R 326 -22.20 -6.15 -0.45
N THR R 327 -23.20 -6.90 -0.91
CA THR R 327 -24.57 -6.43 -0.97
C THR R 327 -25.45 -7.63 -1.31
N GLY R 328 -26.73 -7.50 -1.04
CA GLY R 328 -27.65 -8.61 -1.27
C GLY R 328 -28.96 -8.14 -1.86
N LYS R 329 -29.38 -8.81 -2.93
CA LYS R 329 -30.71 -8.64 -3.46
C LYS R 329 -31.65 -9.70 -2.92
N PHE R 330 -32.91 -9.32 -2.70
CA PHE R 330 -33.90 -10.22 -2.13
C PHE R 330 -35.23 -9.98 -2.82
N MET S 1 -2.79 63.08 60.07
CA MET S 1 -3.67 64.24 60.41
C MET S 1 -5.09 63.97 59.95
N GLN S 2 -6.05 64.49 60.71
CA GLN S 2 -7.45 64.30 60.37
C GLN S 2 -7.83 65.14 59.15
N ASN S 3 -8.74 64.59 58.35
CA ASN S 3 -9.33 65.31 57.23
C ASN S 3 -10.84 65.31 57.38
N GLY S 4 -11.45 66.47 57.18
CA GLY S 4 -12.86 66.57 57.39
C GLY S 4 -13.21 66.15 58.81
N ASP S 5 -14.22 65.28 58.91
CA ASP S 5 -14.63 64.77 60.22
C ASP S 5 -14.11 63.35 60.45
N PHE S 6 -14.33 62.46 59.48
CA PHE S 6 -14.03 61.05 59.67
C PHE S 6 -12.79 60.59 58.91
N GLN S 7 -12.47 61.21 57.78
CA GLN S 7 -11.38 60.75 56.93
C GLN S 7 -10.03 61.25 57.48
N ILE S 8 -8.95 60.75 56.88
CA ILE S 8 -7.60 61.11 57.27
C ILE S 8 -6.77 61.36 56.02
N LEU S 9 -5.62 61.99 56.21
CA LEU S 9 -4.71 62.27 55.11
C LEU S 9 -3.28 62.37 55.66
N ASP S 10 -2.34 62.60 54.74
CA ASP S 10 -0.93 62.69 55.10
C ASP S 10 -0.49 64.15 55.09
N TYR S 11 0.08 64.60 56.20
CA TYR S 11 0.67 65.93 56.29
C TYR S 11 2.17 65.83 56.15
N THR S 12 2.76 66.75 55.38
CA THR S 12 4.19 66.66 55.06
C THR S 12 4.74 68.06 54.79
N GLY S 13 5.58 68.55 55.70
CA GLY S 13 6.47 69.65 55.41
C GLY S 13 5.83 71.02 55.37
N LEU S 14 6.59 72.02 55.82
CA LEU S 14 6.19 73.41 55.63
C LEU S 14 7.19 74.12 54.73
N ILE S 15 6.69 75.00 53.87
CA ILE S 15 7.50 75.71 52.90
C ILE S 15 7.60 77.17 53.33
N SER S 16 8.83 77.66 53.47
CA SER S 16 9.10 79.03 53.90
C SER S 16 9.81 79.78 52.77
N THR S 17 9.34 80.99 52.49
CA THR S 17 9.90 81.82 51.43
C THR S 17 10.11 83.23 51.96
N MET S 18 11.19 83.86 51.51
CA MET S 18 11.52 85.21 51.94
C MET S 18 12.32 85.88 50.83
N PRO S 19 12.04 87.14 50.51
CA PRO S 19 12.86 87.84 49.51
C PRO S 19 14.26 88.08 50.03
N ARG S 20 15.12 88.56 49.15
CA ARG S 20 16.51 88.84 49.46
C ARG S 20 16.75 90.35 49.58
N VAL S 21 17.87 90.69 50.22
CA VAL S 21 18.30 92.07 50.38
C VAL S 21 19.76 92.16 49.99
N ASP S 22 20.12 93.19 49.23
CA ASP S 22 21.48 93.34 48.71
C ASP S 22 22.32 94.09 49.73
N THR S 23 23.43 93.47 50.14
CA THR S 23 24.35 94.13 51.07
C THR S 23 25.59 94.67 50.37
N LEU S 24 25.58 94.72 49.03
CA LEU S 24 26.76 95.10 48.28
C LEU S 24 27.28 96.47 48.70
N LEU S 25 26.47 97.51 48.53
CA LEU S 25 26.96 98.87 48.76
C LEU S 25 27.43 99.05 50.20
N GLN S 26 26.65 98.58 51.17
CA GLN S 26 27.03 98.75 52.57
C GLN S 26 28.31 97.97 52.88
N SER S 27 28.45 96.77 52.33
CA SER S 27 29.61 95.94 52.62
C SER S 27 30.91 96.62 52.24
N MET S 28 30.87 97.59 51.34
CA MET S 28 32.09 98.27 50.91
C MET S 28 32.69 99.16 51.99
N ASN S 29 31.98 99.43 53.09
CA ASN S 29 32.45 100.33 54.12
C ASN S 29 32.77 101.71 53.54
N LEU S 30 31.85 102.23 52.73
CA LEU S 30 32.14 103.43 51.94
C LEU S 30 31.84 104.72 52.70
N PHE S 31 31.21 104.66 53.87
CA PHE S 31 30.75 105.84 54.57
C PHE S 31 31.41 105.95 55.94
N THR S 32 31.79 107.18 56.31
CA THR S 32 32.25 107.47 57.64
C THR S 32 31.06 107.73 58.56
N GLU S 33 31.30 107.66 59.87
CA GLU S 33 30.23 107.72 60.86
C GLU S 33 30.57 108.72 61.94
N HIS S 34 29.58 109.54 62.30
CA HIS S 34 29.71 110.49 63.40
C HIS S 34 28.42 110.49 64.21
N PHE S 35 28.56 110.57 65.53
CA PHE S 35 27.42 110.62 66.44
C PHE S 35 27.37 112.00 67.08
N GLY S 36 26.22 112.67 66.94
CA GLY S 36 26.08 114.02 67.43
C GLY S 36 25.22 114.14 68.67
N ARG S 37 24.68 115.34 68.92
CA ARG S 37 23.83 115.58 70.07
C ARG S 37 22.59 116.39 69.74
N THR S 38 22.43 116.85 68.51
CA THR S 38 21.27 117.66 68.14
C THR S 38 20.86 117.29 66.72
N THR S 39 19.86 118.01 66.21
CA THR S 39 19.30 117.75 64.89
C THR S 39 19.85 118.70 63.82
N VAL S 40 20.89 119.46 64.14
CA VAL S 40 21.48 120.41 63.19
C VAL S 40 22.99 120.21 63.20
N ALA S 41 23.59 120.24 62.01
CA ALA S 41 25.02 120.06 61.84
C ALA S 41 25.58 121.24 61.08
N ARG S 42 26.83 121.59 61.41
CA ARG S 42 27.50 122.75 60.84
C ARG S 42 28.82 122.31 60.22
N ILE S 43 29.06 122.73 58.98
CA ILE S 43 30.27 122.37 58.24
C ILE S 43 30.85 123.64 57.63
N GLU S 44 32.17 123.71 57.59
CA GLU S 44 32.89 124.87 57.07
C GLU S 44 33.91 124.40 56.04
N ARG S 45 34.03 125.16 54.96
CA ARG S 45 34.90 124.80 53.84
C ARG S 45 35.78 126.00 53.50
N LEU S 46 37.09 125.83 53.64
CA LEU S 46 38.04 126.83 53.20
C LEU S 46 38.57 126.48 51.82
N ASP S 47 39.00 127.49 51.09
CA ASP S 47 39.50 127.30 49.73
C ASP S 47 40.81 128.05 49.58
N ASP S 48 41.60 127.62 48.60
CA ASP S 48 42.91 128.19 48.32
C ASP S 48 42.99 128.57 46.83
N GLY S 49 44.11 129.17 46.46
CA GLY S 49 44.32 129.56 45.08
C GLY S 49 45.72 130.09 44.88
N ALA S 50 46.02 130.41 43.62
CA ALA S 50 47.33 130.93 43.25
C ALA S 50 47.20 131.71 41.95
N GLY S 51 48.30 132.35 41.56
CA GLY S 51 48.30 133.15 40.34
C GLY S 51 49.67 133.13 39.70
N ASP S 52 49.74 133.70 38.50
CA ASP S 52 50.95 133.73 37.70
C ASP S 52 51.50 135.16 37.64
N ILE S 53 52.82 135.28 37.69
CA ILE S 53 53.46 136.59 37.67
C ILE S 53 53.75 136.99 36.23
N LYS S 54 53.60 138.28 35.93
CA LYS S 54 53.94 138.82 34.63
C LYS S 54 55.17 139.72 34.73
N ALA S 55 55.84 139.90 33.59
CA ALA S 55 57.07 140.68 33.56
C ALA S 55 56.76 142.17 33.50
N VAL S 56 57.71 142.96 34.01
CA VAL S 56 57.59 144.41 34.06
C VAL S 56 58.99 145.01 33.98
N GLN S 57 59.09 146.19 33.40
CA GLN S 57 60.38 146.87 33.31
C GLN S 57 60.89 147.21 34.70
N ARG S 58 62.22 147.21 34.84
CA ARG S 58 62.85 147.28 36.15
C ARG S 58 62.41 148.51 36.94
N GLY S 59 62.69 149.70 36.42
CA GLY S 59 62.30 150.92 37.09
C GLY S 59 60.87 151.30 36.80
N GLY S 60 59.91 150.60 37.41
CA GLY S 60 58.51 150.84 37.12
C GLY S 60 57.56 150.45 38.23
N VAL S 61 56.34 150.08 37.85
CA VAL S 61 55.26 149.84 38.81
C VAL S 61 55.22 148.36 39.18
N ARG S 62 55.15 148.08 40.48
CA ARG S 62 55.08 146.70 40.94
C ARG S 62 53.65 146.17 40.89
N GLN S 63 53.51 144.89 41.20
CA GLN S 63 52.23 144.18 41.12
C GLN S 63 51.72 143.84 42.51
N HIS S 64 50.51 143.28 42.54
CA HIS S 64 49.82 142.96 43.78
C HIS S 64 49.23 141.56 43.71
N LEU S 65 48.75 141.07 44.85
CA LEU S 65 48.33 139.68 45.00
C LEU S 65 46.84 139.61 45.35
N ALA S 66 46.24 138.44 45.10
CA ALA S 66 44.83 138.24 45.36
C ALA S 66 44.62 137.79 46.81
N ASN S 67 43.39 137.35 47.11
CA ASN S 67 43.01 137.01 48.48
C ASN S 67 42.39 135.62 48.45
N ASP S 68 41.79 135.16 49.55
CA ASP S 68 41.36 133.78 49.71
C ASP S 68 39.84 133.72 49.58
N ARG S 69 39.28 132.53 49.77
CA ARG S 69 37.86 132.30 49.57
C ARG S 69 37.35 131.31 50.62
N LYS S 70 36.14 131.53 51.11
CA LYS S 70 35.58 130.76 52.22
C LYS S 70 34.09 130.56 52.04
N LYS S 71 33.53 129.56 52.74
CA LYS S 71 32.10 129.29 52.72
C LYS S 71 31.73 128.44 53.92
N ILE S 72 30.44 128.42 54.23
CA ILE S 72 29.91 127.72 55.41
C ILE S 72 28.48 127.28 55.12
N VAL S 73 28.06 126.19 55.77
CA VAL S 73 26.77 125.57 55.46
C VAL S 73 26.23 124.88 56.71
N ASN S 74 24.90 124.69 56.74
CA ASN S 74 24.19 124.04 57.84
C ASN S 74 23.16 123.09 57.28
N LEU S 75 22.75 122.10 58.10
CA LEU S 75 21.86 121.04 57.66
C LEU S 75 20.97 120.59 58.81
N ASN S 76 19.87 119.91 58.46
CA ASN S 76 18.95 119.33 59.44
C ASN S 76 19.08 117.81 59.45
N ILE S 77 18.21 117.16 60.23
CA ILE S 77 18.22 115.70 60.34
C ILE S 77 16.79 115.18 60.37
N PRO S 78 16.50 114.04 59.76
CA PRO S 78 15.14 113.49 59.78
C PRO S 78 14.91 112.58 60.99
N PHE S 79 13.73 111.97 61.03
CA PHE S 79 13.33 111.09 62.13
C PHE S 79 12.38 110.02 61.59
N PHE S 80 12.60 108.77 62.01
CA PHE S 80 11.81 107.65 61.51
C PHE S 80 11.38 106.71 62.64
N PRO S 81 10.10 106.71 63.03
CA PRO S 81 9.64 105.74 64.04
C PRO S 81 9.08 104.46 63.44
N LEU S 82 8.85 103.46 64.28
CA LEU S 82 8.17 102.23 63.87
C LEU S 82 7.72 101.49 65.12
N ASP S 83 6.42 101.20 65.20
CA ASP S 83 5.81 100.63 66.40
C ASP S 83 4.78 99.59 66.01
N ARG S 84 4.50 98.68 66.94
CA ARG S 84 3.44 97.69 66.78
C ARG S 84 3.14 97.02 68.11
N SER S 85 1.89 96.58 68.27
CA SER S 85 1.42 95.92 69.47
C SER S 85 0.72 94.61 69.12
N ILE S 86 0.52 93.78 70.15
CA ILE S 86 -0.14 92.49 70.01
C ILE S 86 -1.19 92.35 71.10
N ASP S 87 -2.17 91.49 70.87
CA ASP S 87 -3.31 91.32 71.77
C ASP S 87 -3.62 89.83 71.92
N ARG S 88 -4.39 89.52 72.98
CA ARG S 88 -4.67 88.14 73.32
C ARG S 88 -5.42 87.42 72.21
N ALA S 89 -6.24 88.13 71.45
CA ALA S 89 -7.12 87.49 70.48
C ALA S 89 -6.32 86.61 69.52
N ASP S 90 -5.22 87.14 69.00
CA ASP S 90 -4.44 86.41 68.01
C ASP S 90 -3.90 85.11 68.57
N ILE S 91 -3.43 85.13 69.82
CA ILE S 91 -2.74 83.97 70.38
C ILE S 91 -3.71 82.98 71.00
N GLN S 92 -5.00 83.34 71.10
CA GLN S 92 -5.92 82.58 71.94
C GLN S 92 -5.98 81.12 71.52
N ASN S 93 -6.54 80.84 70.34
CA ASN S 93 -6.85 79.47 69.97
C ASN S 93 -6.07 79.01 68.74
N PHE S 94 -5.48 79.94 67.99
CA PHE S 94 -4.89 79.58 66.70
C PHE S 94 -3.72 78.62 66.87
N ARG S 95 -3.63 77.68 65.93
CA ARG S 95 -2.52 76.74 65.87
C ARG S 95 -1.19 77.46 65.83
N GLU S 96 -0.13 76.73 66.14
CA GLU S 96 1.22 77.16 65.76
C GLU S 96 1.48 76.69 64.34
N PHE S 97 1.39 77.61 63.38
CA PHE S 97 1.41 77.25 61.96
C PHE S 97 2.69 76.51 61.61
N GLY S 98 2.57 75.21 61.32
CA GLY S 98 3.71 74.39 60.96
C GLY S 98 3.70 73.02 61.59
N THR S 99 3.04 72.89 62.74
CA THR S 99 2.97 71.61 63.43
C THR S 99 1.56 71.04 63.36
N GLU S 100 1.45 69.73 63.56
CA GLU S 100 0.16 69.06 63.49
C GLU S 100 -0.83 69.69 64.44
N ASN S 101 -0.43 69.85 65.70
CA ASN S 101 -1.30 70.46 66.71
C ASN S 101 -0.43 70.94 67.87
N ALA S 102 -0.46 72.25 68.12
CA ALA S 102 0.27 72.82 69.23
C ALA S 102 -0.20 74.25 69.48
N PRO S 103 -0.48 74.64 70.72
CA PRO S 103 -0.95 76.00 70.96
C PRO S 103 0.08 77.03 70.55
N ALA S 104 -0.42 78.15 70.02
CA ALA S 104 0.47 79.22 69.59
C ALA S 104 1.07 79.92 70.81
N THR S 105 2.40 80.00 70.85
CA THR S 105 3.08 80.67 71.94
C THR S 105 3.21 82.16 71.65
N VAL S 106 3.45 82.93 72.72
CA VAL S 106 3.57 84.38 72.57
C VAL S 106 4.85 84.73 71.81
N ASP S 107 5.94 83.99 72.06
CA ASP S 107 7.18 84.28 71.36
C ASP S 107 7.03 84.12 69.86
N ALA S 108 6.10 83.26 69.42
CA ALA S 108 5.89 83.07 67.99
C ALA S 108 5.58 84.38 67.30
N GLU S 109 4.97 85.33 68.02
CA GLU S 109 4.72 86.65 67.46
C GLU S 109 5.90 87.59 67.72
N VAL S 110 6.42 87.57 68.95
CA VAL S 110 7.41 88.55 69.35
C VAL S 110 8.67 88.43 68.51
N GLN S 111 9.21 87.21 68.39
CA GLN S 111 10.47 87.05 67.66
C GLN S 111 10.31 87.40 66.20
N ARG S 112 9.22 86.96 65.56
CA ARG S 112 9.00 87.26 64.15
C ARG S 112 8.88 88.76 63.93
N HIS S 113 8.14 89.46 64.81
CA HIS S 113 7.98 90.89 64.63
C HIS S 113 9.30 91.62 64.87
N MET S 114 10.09 91.17 65.84
CA MET S 114 11.42 91.76 66.04
C MET S 114 12.26 91.61 64.79
N ALA S 115 12.28 90.42 64.20
CA ALA S 115 13.06 90.20 63.00
C ALA S 115 12.58 91.10 61.86
N ARG S 116 11.27 91.20 61.68
CA ARG S 116 10.74 92.04 60.61
C ARG S 116 11.13 93.50 60.81
N ILE S 117 11.04 93.99 62.05
CA ILE S 117 11.40 95.38 62.33
C ILE S 117 12.87 95.61 62.04
N ARG S 118 13.72 94.66 62.45
CA ARG S 118 15.16 94.82 62.22
C ARG S 118 15.48 94.85 60.74
N ARG S 119 14.85 93.97 59.95
CA ARG S 119 15.07 94.00 58.50
C ARG S 119 14.61 95.32 57.91
N SER S 120 13.44 95.81 58.34
CA SER S 120 12.93 97.07 57.81
C SER S 120 13.87 98.22 58.11
N HIS S 121 14.42 98.26 59.33
CA HIS S 121 15.39 99.30 59.65
C HIS S 121 16.66 99.13 58.81
N ALA S 122 17.13 97.90 58.64
CA ALA S 122 18.36 97.67 57.90
C ALA S 122 18.26 98.17 56.47
N ILE S 123 17.14 97.87 55.80
CA ILE S 123 16.99 98.26 54.40
C ILE S 123 17.07 99.78 54.24
N LEU S 124 16.67 100.53 55.25
CA LEU S 124 16.68 101.99 55.15
C LEU S 124 18.10 102.51 54.96
N LYS S 125 19.07 101.90 55.65
CA LYS S 125 20.46 102.33 55.48
C LYS S 125 20.93 102.15 54.05
N SER S 126 20.63 101.00 53.45
CA SER S 126 21.03 100.77 52.07
C SER S 126 20.38 101.78 51.15
N LYS S 127 19.08 102.01 51.31
CA LYS S 127 18.41 102.98 50.44
C LYS S 127 19.01 104.37 50.60
N ALA S 128 19.28 104.78 51.85
CA ALA S 128 19.85 106.10 52.09
C ALA S 128 21.24 106.23 51.49
N MET S 129 22.07 105.20 51.59
CA MET S 129 23.40 105.28 51.00
C MET S 129 23.33 105.37 49.49
N TYR S 130 22.47 104.57 48.86
CA TYR S 130 22.31 104.65 47.42
C TYR S 130 21.81 106.02 46.99
N ALA S 131 20.88 106.60 47.74
CA ALA S 131 20.40 107.94 47.43
C ALA S 131 21.52 108.97 47.60
N ALA S 132 22.31 108.84 48.65
CA ALA S 132 23.40 109.78 48.88
C ALA S 132 24.43 109.73 47.77
N LEU S 133 24.63 108.56 47.17
CA LEU S 133 25.56 108.47 46.04
C LEU S 133 25.15 109.41 44.92
N LYS S 134 23.86 109.76 44.83
CA LYS S 134 23.36 110.65 43.80
C LYS S 134 23.02 112.03 44.34
N GLY S 135 23.36 112.30 45.61
CA GLY S 135 23.10 113.61 46.19
C GLY S 135 21.66 113.98 46.37
N THR S 136 20.81 113.05 46.82
CA THR S 136 19.39 113.32 47.02
C THR S 136 18.98 113.41 48.48
N SER S 137 19.73 112.78 49.39
CA SER S 137 19.55 112.91 50.84
C SER S 137 18.35 112.10 51.36
N TRP S 138 17.52 111.58 50.47
CA TRP S 138 16.51 110.58 50.81
C TRP S 138 15.73 110.96 52.07
N SER S 139 14.99 112.07 51.97
CA SER S 139 14.11 112.47 53.06
C SER S 139 12.66 112.34 52.61
N PRO S 140 12.13 111.11 52.50
CA PRO S 140 10.78 110.94 51.98
C PRO S 140 9.74 111.50 52.93
N ASP S 141 8.65 112.02 52.35
CA ASP S 141 7.46 112.48 53.05
C ASP S 141 7.72 113.69 53.94
N ASP S 142 8.84 114.39 53.76
CA ASP S 142 9.16 115.57 54.56
C ASP S 142 10.07 116.50 53.76
N PRO S 143 9.52 117.59 53.20
CA PRO S 143 10.38 118.57 52.52
C PRO S 143 11.37 119.26 53.44
N VAL S 144 11.14 119.23 54.75
CA VAL S 144 12.00 119.97 55.67
C VAL S 144 13.43 119.44 55.69
N SER S 145 13.63 118.15 55.39
CA SER S 145 14.95 117.56 55.56
C SER S 145 15.59 117.12 54.24
N ASP S 146 14.97 117.36 53.10
CA ASP S 146 15.57 116.97 51.82
C ASP S 146 16.46 118.09 51.30
N TYR S 147 17.54 117.70 50.62
CA TYR S 147 18.50 118.66 50.09
C TYR S 147 19.05 118.13 48.77
N ASN S 148 19.45 119.06 47.91
CA ASN S 148 20.11 118.73 46.66
C ASN S 148 21.56 119.20 46.77
N TYR S 149 22.45 118.27 47.17
CA TYR S 149 23.81 118.65 47.53
C TYR S 149 24.51 119.42 46.42
N TYR S 150 24.19 119.14 45.16
CA TYR S 150 24.78 119.91 44.07
C TYR S 150 24.44 121.39 44.21
N ASP S 151 23.27 121.69 44.77
CA ASP S 151 22.88 123.07 45.02
C ASP S 151 23.36 123.57 46.37
N VAL S 152 23.35 122.72 47.39
CA VAL S 152 23.80 123.14 48.71
C VAL S 152 25.25 123.58 48.65
N TRP S 153 26.12 122.70 48.15
CA TRP S 153 27.53 123.05 48.00
C TRP S 153 27.77 123.97 46.80
N GLY S 154 26.75 124.20 45.98
CA GLY S 154 26.89 125.10 44.85
C GLY S 154 27.93 124.62 43.86
N ALA S 155 27.66 123.50 43.20
CA ALA S 155 28.57 122.92 42.23
C ALA S 155 27.76 122.49 41.02
N THR S 156 28.40 121.78 40.10
CA THR S 156 27.75 121.29 38.91
C THR S 156 28.16 119.84 38.69
N GLN S 157 27.29 119.09 38.04
CA GLN S 157 27.50 117.66 37.80
C GLN S 157 27.97 117.45 36.38
N THR S 158 29.18 116.92 36.22
CA THR S 158 29.68 116.57 34.90
C THR S 158 29.10 115.23 34.47
N THR S 159 28.81 115.12 33.17
CA THR S 159 28.21 113.91 32.64
C THR S 159 28.98 113.47 31.40
N ALA S 160 29.13 112.15 31.27
CA ALA S 160 29.82 111.55 30.14
C ALA S 160 28.85 110.68 29.37
N ASP S 161 28.69 110.96 28.08
CA ASP S 161 27.77 110.19 27.25
C ASP S 161 28.56 109.05 26.59
N VAL S 162 28.29 107.83 27.02
CA VAL S 162 28.92 106.63 26.48
C VAL S 162 27.95 106.00 25.50
N ASP S 163 28.24 106.13 24.21
CA ASP S 163 27.33 105.64 23.17
C ASP S 163 27.94 104.38 22.58
N PHE S 164 27.25 103.25 22.76
CA PHE S 164 27.71 101.98 22.19
C PHE S 164 27.33 101.81 20.74
N THR S 165 26.44 102.65 20.21
CA THR S 165 26.14 102.62 18.79
C THR S 165 27.28 103.19 17.95
N LYS S 166 28.19 103.95 18.56
CA LYS S 166 29.42 104.36 17.89
C LYS S 166 30.35 103.18 17.81
N LEU S 167 30.05 102.24 16.91
CA LEU S 167 30.74 100.96 16.92
C LEU S 167 32.25 101.11 16.70
N GLY S 168 32.68 102.22 16.11
CA GLY S 168 34.09 102.45 15.85
C GLY S 168 34.84 103.22 16.92
N VAL S 169 34.23 103.48 18.07
CA VAL S 169 34.84 104.28 19.12
C VAL S 169 34.82 103.47 20.42
N ASP S 170 35.97 103.39 21.07
CA ASP S 170 36.07 102.70 22.35
C ASP S 170 35.51 103.58 23.45
N PRO S 171 34.49 103.15 24.20
CA PRO S 171 33.96 104.00 25.27
C PRO S 171 34.98 104.36 26.33
N ILE S 172 35.92 103.45 26.65
CA ILE S 172 36.92 103.76 27.65
C ILE S 172 37.76 104.96 27.22
N GLU S 173 37.92 105.18 25.92
CA GLU S 173 38.61 106.38 25.46
C GLU S 173 37.88 107.63 25.95
N VAL S 174 36.55 107.66 25.77
CA VAL S 174 35.77 108.80 26.22
C VAL S 174 35.86 108.94 27.74
N LEU S 175 35.75 107.81 28.45
CA LEU S 175 35.81 107.87 29.91
C LEU S 175 37.14 108.39 30.42
N GLU S 176 38.26 107.96 29.84
CA GLU S 176 39.58 108.46 30.25
C GLU S 176 39.83 109.89 29.81
N ALA S 177 39.30 110.31 28.65
CA ALA S 177 39.45 111.69 28.24
C ALA S 177 38.68 112.63 29.15
N GLU S 178 37.47 112.23 29.55
CA GLU S 178 36.61 113.14 30.32
C GLU S 178 36.62 112.81 31.81
N ALA S 179 36.22 111.59 32.17
CA ALA S 179 35.99 111.27 33.56
C ALA S 179 37.28 111.31 34.38
N ARG S 180 38.32 110.62 33.90
CA ARG S 180 39.57 110.59 34.63
C ARG S 180 40.23 111.96 34.69
N ALA S 181 40.14 112.73 33.61
CA ALA S 181 40.70 114.08 33.63
C ALA S 181 39.99 114.95 34.66
N HIS S 182 38.66 114.90 34.69
CA HIS S 182 37.92 115.70 35.65
C HIS S 182 38.24 115.27 37.08
N ILE S 183 38.28 113.96 37.33
CA ILE S 183 38.61 113.47 38.67
C ILE S 183 40.02 113.90 39.06
N ILE S 184 40.97 113.77 38.14
CA ILE S 184 42.34 114.15 38.44
C ILE S 184 42.44 115.63 38.76
N ASP S 185 41.78 116.49 37.99
CA ASP S 185 41.89 117.92 38.19
C ASP S 185 41.16 118.38 39.45
N TRP S 186 40.04 117.75 39.77
CA TRP S 186 39.21 118.20 40.88
C TRP S 186 39.47 117.46 42.18
N ALA S 187 40.53 116.66 42.25
CA ALA S 187 40.82 115.94 43.49
C ALA S 187 41.08 116.91 44.63
N GLY S 188 41.82 117.98 44.37
CA GLY S 188 42.05 118.98 45.40
C GLY S 188 43.04 118.57 46.47
N ASP S 189 43.92 117.63 46.16
CA ASP S 189 44.99 117.24 47.08
C ASP S 189 46.34 117.04 46.40
N ASN S 190 46.40 117.11 45.08
CA ASN S 190 47.67 116.95 44.36
C ASN S 190 48.28 115.60 44.66
N GLY S 191 47.61 114.52 44.26
CA GLY S 191 48.11 113.19 44.51
C GLY S 191 47.96 112.31 43.28
N ASP S 192 48.75 111.24 43.24
CA ASP S 192 48.72 110.30 42.14
C ASP S 192 47.94 109.05 42.52
N ASN S 193 47.98 108.05 41.64
CA ASN S 193 47.44 106.70 41.88
C ASN S 193 46.00 106.73 42.40
N TYR S 194 45.15 107.56 41.80
CA TYR S 194 43.74 107.61 42.15
C TYR S 194 43.04 106.40 41.53
N GLU S 195 42.56 105.49 42.37
CA GLU S 195 41.87 104.30 41.90
C GLU S 195 40.41 104.64 41.63
N ILE S 196 39.96 104.39 40.40
CA ILE S 196 38.61 104.74 40.00
C ILE S 196 37.71 103.52 40.16
N VAL S 197 36.41 103.79 40.35
CA VAL S 197 35.40 102.74 40.44
C VAL S 197 34.20 103.17 39.61
N VAL S 198 33.61 102.21 38.92
CA VAL S 198 32.44 102.44 38.07
C VAL S 198 31.31 101.53 38.54
N LEU S 199 30.17 102.13 38.85
CA LEU S 199 28.96 101.40 39.21
C LEU S 199 27.91 101.67 38.14
N ALA S 200 27.39 100.60 37.55
CA ALA S 200 26.54 100.72 36.37
C ALA S 200 25.32 99.83 36.48
N SER S 201 24.27 100.21 35.77
CA SER S 201 23.05 99.41 35.73
C SER S 201 23.26 98.17 34.88
N ARG S 202 22.27 97.27 34.93
CA ARG S 202 22.39 96.01 34.21
C ARG S 202 22.55 96.25 32.71
N GLN S 203 21.70 97.09 32.12
CA GLN S 203 21.75 97.30 30.68
C GLN S 203 23.06 97.95 30.27
N TRP S 204 23.53 98.95 31.02
CA TRP S 204 24.77 99.61 30.68
C TRP S 204 25.94 98.63 30.74
N PHE S 205 26.00 97.83 31.79
CA PHE S 205 27.07 96.84 31.90
C PHE S 205 27.02 95.85 30.75
N SER S 206 25.82 95.38 30.40
CA SER S 206 25.69 94.42 29.31
C SER S 206 26.14 95.02 27.99
N ALA S 207 25.74 96.27 27.72
CA ALA S 207 26.14 96.92 26.48
C ALA S 207 27.63 97.18 26.44
N LEU S 208 28.26 97.44 27.59
CA LEU S 208 29.68 97.72 27.61
C LEU S 208 30.49 96.54 27.09
N ILE S 209 30.27 95.36 27.65
CA ILE S 209 31.08 94.21 27.28
C ILE S 209 30.78 93.71 25.87
N ALA S 210 29.58 93.97 25.36
CA ALA S 210 29.23 93.55 24.01
C ALA S 210 29.89 94.39 22.94
N HIS S 211 30.49 95.52 23.30
CA HIS S 211 31.09 96.39 22.31
C HIS S 211 32.28 95.70 21.65
N PRO S 212 32.41 95.76 20.32
CA PRO S 212 33.52 95.04 19.67
C PRO S 212 34.89 95.51 20.13
N GLN S 213 35.06 96.80 20.42
CA GLN S 213 36.38 97.32 20.78
C GLN S 213 36.88 96.79 22.11
N VAL S 214 36.06 96.12 22.91
CA VAL S 214 36.52 95.49 24.12
C VAL S 214 36.64 93.97 23.98
N THR S 215 35.79 93.35 23.16
CA THR S 215 35.93 91.91 22.91
C THR S 215 37.15 91.62 22.04
N GLY S 216 37.44 92.50 21.08
CA GLY S 216 38.56 92.26 20.18
C GLY S 216 39.89 92.14 20.89
N ALA S 217 40.08 92.90 21.98
CA ALA S 217 41.33 92.87 22.70
C ALA S 217 41.60 91.55 23.41
N TYR S 218 40.60 90.67 23.49
CA TYR S 218 40.73 89.42 24.22
C TYR S 218 40.55 88.17 23.37
N SER S 219 40.19 88.29 22.10
CA SER S 219 39.89 87.12 21.29
C SER S 219 41.15 86.42 20.80
N GLN S 220 42.21 87.18 20.54
CA GLN S 220 43.35 86.65 19.80
C GLN S 220 44.18 85.64 20.57
N TYR S 221 44.51 85.91 21.83
CA TYR S 221 45.39 85.03 22.59
C TYR S 221 44.90 84.92 24.02
N PRO S 222 45.31 83.88 24.76
CA PRO S 222 44.71 83.62 26.06
C PRO S 222 44.85 84.79 27.03
N SER S 223 43.85 84.95 27.88
CA SER S 223 43.79 86.06 28.83
C SER S 223 43.64 85.51 30.24
N THR S 224 43.95 86.35 31.23
CA THR S 224 43.89 85.91 32.62
C THR S 224 42.47 85.50 33.00
N GLN S 225 41.48 86.29 32.58
CA GLN S 225 40.09 86.03 32.94
C GLN S 225 39.27 85.43 31.80
N GLU S 226 39.63 85.71 30.55
CA GLU S 226 39.00 85.07 29.40
C GLU S 226 37.48 85.25 29.42
N ILE S 227 37.05 86.51 29.30
CA ILE S 227 35.63 86.84 29.44
C ILE S 227 34.76 86.13 28.42
N LEU S 228 35.30 85.82 27.23
CA LEU S 228 34.48 85.22 26.19
C LEU S 228 33.98 83.82 26.56
N ARG S 229 34.81 83.03 27.26
CA ARG S 229 34.48 81.64 27.53
C ARG S 229 33.85 81.43 28.90
N ARG S 230 34.22 82.21 29.90
CA ARG S 230 33.72 82.06 31.26
C ARG S 230 32.85 83.24 31.64
N ARG S 231 32.03 83.03 32.67
CA ARG S 231 31.21 84.08 33.24
C ARG S 231 32.03 84.93 34.19
N LEU S 232 31.86 86.25 34.10
CA LEU S 232 32.60 87.17 34.92
C LEU S 232 32.31 86.90 36.39
N GLY S 233 33.36 86.72 37.20
CA GLY S 233 33.17 86.44 38.60
C GLY S 233 32.64 85.06 38.89
N GLY S 234 32.79 84.12 37.97
CA GLY S 234 32.28 82.78 38.21
C GLY S 234 30.77 82.79 38.37
N ASN S 235 30.30 82.17 39.44
CA ASN S 235 28.88 82.05 39.71
C ASN S 235 28.34 83.16 40.60
N ALA S 236 29.15 84.17 40.91
CA ALA S 236 28.71 85.25 41.77
C ALA S 236 27.54 86.01 41.13
N ASN S 237 26.95 86.92 41.90
CA ASN S 237 25.78 87.66 41.47
C ASN S 237 26.08 89.09 41.06
N ASN S 238 27.35 89.48 40.99
CA ASN S 238 27.71 90.88 40.74
C ASN S 238 28.50 91.09 39.46
N ARG S 239 29.17 90.06 38.95
CA ARG S 239 29.92 90.18 37.69
C ARG S 239 30.95 91.30 37.76
N ILE S 240 31.70 91.37 38.86
CA ILE S 240 32.77 92.34 38.99
C ILE S 240 33.79 92.11 37.88
N PHE S 241 34.37 93.19 37.36
CA PHE S 241 35.24 93.07 36.19
C PHE S 241 36.04 94.35 36.00
N GLU S 242 37.34 94.19 35.76
CA GLU S 242 38.25 95.28 35.44
C GLU S 242 38.77 95.14 34.01
N HIS S 243 38.82 96.26 33.29
CA HIS S 243 39.43 96.22 31.96
C HIS S 243 40.68 97.07 31.84
N LYS S 244 40.54 98.40 31.93
CA LYS S 244 41.70 99.28 31.95
C LYS S 244 41.96 99.87 33.32
N ASN S 245 42.28 99.03 34.30
CA ASN S 245 42.65 99.49 35.64
C ASN S 245 41.53 100.31 36.27
N ILE S 246 40.30 100.00 35.86
CA ILE S 246 39.11 100.62 36.46
C ILE S 246 38.09 99.52 36.70
N LEU S 247 37.52 99.53 37.90
CA LEU S 247 36.68 98.43 38.39
C LEU S 247 35.23 98.68 38.01
N PHE S 248 34.66 97.76 37.23
CA PHE S 248 33.25 97.79 36.89
C PHE S 248 32.49 96.85 37.81
N ILE S 249 31.38 97.34 38.37
CA ILE S 249 30.53 96.55 39.26
C ILE S 249 29.10 96.69 38.77
N GLU S 250 28.43 95.56 38.55
CA GLU S 250 27.05 95.57 38.14
C GLU S 250 26.13 95.76 39.34
N ASP S 251 24.99 96.39 39.11
CA ASP S 251 24.00 96.62 40.15
C ASP S 251 22.80 95.71 39.92
N ILE S 252 22.41 95.00 40.97
CA ILE S 252 21.25 94.11 40.94
C ILE S 252 20.17 94.54 41.91
N SER S 253 20.42 95.56 42.73
CA SER S 253 19.43 96.05 43.68
C SER S 253 18.40 96.98 43.05
N GLY S 254 18.64 97.47 41.84
CA GLY S 254 17.71 98.34 41.16
C GLY S 254 17.76 99.78 41.59
N ASN S 255 18.63 100.14 42.54
CA ASN S 255 18.72 101.53 42.95
C ASN S 255 19.19 102.42 41.81
N ILE S 256 20.19 101.96 41.04
CA ILE S 256 20.71 102.72 39.91
C ILE S 256 19.69 102.63 38.79
N PRO S 257 19.19 103.76 38.27
CA PRO S 257 18.24 103.68 37.15
C PRO S 257 18.86 102.97 35.96
N ALA S 258 18.03 102.22 35.24
CA ALA S 258 18.50 101.42 34.10
C ALA S 258 19.18 102.31 33.06
N GLY S 259 20.38 101.91 32.63
CA GLY S 259 21.13 102.60 31.60
C GLY S 259 22.18 103.55 32.15
N GLU S 260 22.04 103.96 33.41
CA GLU S 260 22.94 104.94 33.99
C GLU S 260 24.11 104.25 34.68
N ALA S 261 25.17 105.02 34.92
CA ALA S 261 26.33 104.55 35.64
C ALA S 261 27.03 105.74 36.27
N TYR S 262 27.80 105.46 37.33
CA TYR S 262 28.47 106.50 38.10
C TYR S 262 29.93 106.14 38.28
N ILE S 263 30.77 107.17 38.37
CA ILE S 263 32.21 107.02 38.52
C ILE S 263 32.68 107.89 39.67
N PHE S 264 33.51 107.31 40.55
CA PHE S 264 34.03 108.04 41.69
C PHE S 264 35.30 107.34 42.16
N PRO S 265 36.18 108.05 42.86
CA PRO S 265 37.41 107.43 43.36
C PRO S 265 37.24 106.88 44.77
N ARG S 266 38.19 106.06 45.18
CA ARG S 266 38.21 105.55 46.55
C ARG S 266 39.13 106.39 47.44
N GLY S 267 38.80 106.40 48.73
CA GLY S 267 39.72 106.86 49.75
C GLY S 267 39.87 108.35 49.90
N ILE S 268 39.06 109.16 49.22
CA ILE S 268 39.18 110.61 49.36
C ILE S 268 38.60 111.04 50.69
N SER S 269 39.27 112.00 51.33
CA SER S 269 38.95 112.38 52.71
C SER S 269 37.55 112.96 52.81
N ARG S 270 36.75 112.40 53.73
CA ARG S 270 35.50 113.00 54.16
C ARG S 270 34.56 113.28 52.99
N MET S 271 34.53 112.38 52.00
CA MET S 271 33.58 112.53 50.90
C MET S 271 32.18 112.10 51.32
N PHE S 272 32.08 111.05 52.15
CA PHE S 272 30.80 110.50 52.57
C PHE S 272 30.77 110.41 54.09
N GLU S 273 29.68 110.92 54.68
CA GLU S 273 29.49 110.88 56.12
C GLU S 273 28.03 110.60 56.44
N ILE S 274 27.79 110.06 57.63
CA ILE S 274 26.44 109.86 58.15
C ILE S 274 26.41 110.35 59.60
N TYR S 275 25.36 111.09 59.93
CA TYR S 275 25.20 111.67 61.27
C TYR S 275 23.97 111.08 61.94
N TYR S 276 24.04 110.93 63.26
CA TYR S 276 22.96 110.39 64.06
C TYR S 276 22.45 111.44 65.04
N ALA S 277 21.15 111.47 65.26
CA ALA S 277 20.53 112.35 66.23
C ALA S 277 19.84 111.55 67.32
N PRO S 278 19.64 112.13 68.49
CA PRO S 278 19.02 111.40 69.60
C PRO S 278 17.53 111.21 69.38
N SER S 279 16.96 110.28 70.16
CA SER S 279 15.55 109.98 70.09
C SER S 279 14.73 111.02 70.86
N ASP S 280 13.42 110.76 70.95
CA ASP S 280 12.52 111.66 71.68
C ASP S 280 12.42 111.33 73.16
N THR S 281 13.03 110.24 73.63
CA THR S 281 12.93 109.88 75.02
C THR S 281 13.54 110.96 75.91
N LEU S 282 12.95 111.13 77.09
CA LEU S 282 13.39 112.16 78.01
C LEU S 282 14.83 111.95 78.49
N ARG S 283 15.36 110.73 78.38
CA ARG S 283 16.75 110.51 78.76
C ARG S 283 17.70 111.04 77.68
N ASP S 284 17.27 110.97 76.41
CA ASP S 284 18.17 111.29 75.32
C ASP S 284 17.94 112.71 74.80
N ALA S 285 17.35 113.58 75.61
CA ALA S 285 17.10 114.96 75.17
C ALA S 285 18.31 115.54 74.45
N ASN S 286 19.45 115.60 75.14
CA ASN S 286 20.68 116.08 74.52
C ASN S 286 21.85 115.13 74.77
N GLN S 287 21.60 114.04 75.48
CA GLN S 287 22.68 113.13 75.91
C GLN S 287 23.06 112.21 74.77
N ALA S 288 23.98 112.69 73.93
CA ALA S 288 24.58 111.87 72.88
C ALA S 288 23.51 111.23 71.99
N ALA S 289 23.90 110.23 71.21
CA ALA S 289 22.97 109.54 70.33
C ALA S 289 23.56 108.18 69.96
N GLN S 290 22.71 107.33 69.39
CA GLN S 290 23.13 106.00 68.97
C GLN S 290 22.34 105.61 67.73
N GLU S 291 22.77 104.50 67.10
CA GLU S 291 22.23 104.14 65.80
C GLU S 291 20.75 103.81 65.88
N LEU S 292 20.36 102.92 66.80
CA LEU S 292 18.99 102.40 66.85
C LEU S 292 18.54 102.27 68.29
N TYR S 293 17.29 102.64 68.55
CA TYR S 293 16.65 102.44 69.83
C TYR S 293 15.54 101.42 69.67
N VAL S 294 15.47 100.47 70.61
CA VAL S 294 14.40 99.47 70.62
C VAL S 294 13.95 99.28 72.06
N PHE S 295 12.63 99.23 72.27
CA PHE S 295 12.04 99.04 73.58
C PHE S 295 10.97 97.97 73.50
N PHE S 296 10.84 97.20 74.58
CA PHE S 296 9.81 96.19 74.70
C PHE S 296 9.12 96.36 76.04
N LYS S 297 7.79 96.40 76.02
CA LYS S 297 7.03 96.71 77.23
C LYS S 297 5.82 95.80 77.30
N GLU S 298 5.63 95.16 78.45
CA GLU S 298 4.43 94.39 78.72
C GLU S 298 3.47 95.21 79.59
N SER S 299 2.33 94.62 79.92
CA SER S 299 1.31 95.28 80.73
C SER S 299 1.20 94.57 82.07
N ASN S 300 1.11 95.36 83.14
CA ASN S 300 0.94 94.81 84.47
C ASN S 300 -0.41 94.11 84.59
N TYR S 301 -1.32 94.40 83.66
CA TYR S 301 -2.63 93.76 83.62
C TYR S 301 -2.62 92.49 82.77
N LEU S 302 -1.50 92.17 82.13
CA LEU S 302 -1.31 90.89 81.45
C LEU S 302 -2.31 90.70 80.31
N ARG S 303 -2.56 91.79 79.58
CA ARG S 303 -3.44 91.74 78.43
C ARG S 303 -2.78 92.34 77.19
N GLU S 304 -2.02 93.41 77.38
CA GLU S 304 -1.45 94.13 76.24
C GLU S 304 0.07 94.10 76.27
N ALA S 305 0.67 94.18 75.08
CA ALA S 305 2.11 94.27 74.94
C ALA S 305 2.42 95.10 73.70
N LYS S 306 3.57 95.76 73.71
CA LYS S 306 3.93 96.68 72.64
C LYS S 306 5.43 96.64 72.39
N ILE S 307 5.82 97.02 71.18
CA ILE S 307 7.23 97.10 70.77
C ILE S 307 7.46 98.47 70.14
N GLU S 308 8.59 99.08 70.48
CA GLU S 308 8.92 100.41 69.99
C GLU S 308 10.30 100.39 69.33
N SER S 309 10.46 101.28 68.35
CA SER S 309 11.74 101.45 67.69
C SER S 309 11.81 102.86 67.12
N GLU S 310 13.00 103.45 67.19
CA GLU S 310 13.19 104.81 66.71
C GLU S 310 14.61 104.95 66.17
N THR S 311 14.75 105.76 65.13
CA THR S 311 16.05 106.01 64.52
C THR S 311 15.99 107.31 63.75
N SER S 312 17.13 108.01 63.70
CA SER S 312 17.21 109.28 63.02
C SER S 312 18.65 109.50 62.57
N PHE S 313 18.86 109.71 61.28
CA PHE S 313 20.20 109.96 60.76
C PHE S 313 20.08 110.66 59.41
N LEU S 314 21.20 111.27 59.00
CA LEU S 314 21.31 111.89 57.68
C LEU S 314 22.62 111.46 57.04
N THR S 315 22.54 111.13 55.75
CA THR S 315 23.72 110.81 54.96
C THR S 315 24.04 111.98 54.04
N VAL S 316 25.32 112.34 53.97
CA VAL S 316 25.75 113.54 53.27
C VAL S 316 26.90 113.19 52.33
N ASN S 317 27.03 113.99 51.27
CA ASN S 317 28.09 113.83 50.27
C ASN S 317 28.74 115.21 50.11
N ASN S 318 29.95 115.36 50.61
CA ASN S 318 30.62 116.65 50.69
C ASN S 318 31.33 117.05 49.40
N ARG S 319 31.42 116.15 48.43
CA ARG S 319 32.10 116.43 47.16
C ARG S 319 31.25 115.95 46.01
N PRO S 320 30.08 116.57 45.81
CA PRO S 320 29.29 116.26 44.61
C PRO S 320 30.00 116.63 43.32
N GLU S 321 30.99 117.50 43.39
CA GLU S 321 31.75 117.89 42.20
C GLU S 321 32.45 116.69 41.58
N LEU S 322 32.71 115.66 42.37
CA LEU S 322 33.64 114.61 41.99
C LEU S 322 32.96 113.29 41.64
N VAL S 323 31.65 113.31 41.36
CA VAL S 323 30.91 112.13 40.93
C VAL S 323 30.39 112.40 39.53
N VAL S 324 30.73 111.52 38.59
CA VAL S 324 30.37 111.67 37.19
C VAL S 324 29.28 110.69 36.84
N LYS S 325 28.25 111.18 36.16
CA LYS S 325 27.10 110.38 35.76
C LYS S 325 27.18 110.10 34.27
N SER S 326 27.10 108.83 33.89
CA SER S 326 27.10 108.42 32.50
C SER S 326 25.73 107.81 32.16
N THR S 327 25.08 108.37 31.14
CA THR S 327 23.77 107.89 30.71
C THR S 327 23.91 106.90 29.55
N GLY S 328 24.47 107.37 28.43
CA GLY S 328 24.68 106.49 27.30
C GLY S 328 23.42 106.22 26.50
N LYS S 329 23.58 105.34 25.52
CA LYS S 329 22.50 104.95 24.63
C LYS S 329 22.62 103.46 24.34
N PHE S 330 21.56 102.91 23.75
CA PHE S 330 21.55 101.51 23.33
C PHE S 330 21.04 101.29 21.91
N THR S 331 20.34 102.24 21.33
CA THR S 331 19.85 102.11 19.95
C THR S 331 19.73 103.48 19.29
N MET T 1 16.41 21.17 8.45
CA MET T 1 15.00 21.55 8.22
C MET T 1 14.52 21.02 6.87
N GLN T 2 13.28 21.36 6.50
CA GLN T 2 12.66 20.86 5.29
C GLN T 2 11.98 22.00 4.55
N ASN T 3 12.39 22.22 3.29
CA ASN T 3 11.70 23.15 2.41
C ASN T 3 10.42 22.56 1.83
N GLY T 4 10.13 21.30 2.12
CA GLY T 4 8.99 20.62 1.56
C GLY T 4 9.03 19.15 1.91
N ASP T 5 8.05 18.39 1.43
CA ASP T 5 8.00 16.97 1.76
C ASP T 5 9.24 16.23 1.27
N PHE T 6 9.95 16.78 0.27
CA PHE T 6 11.02 16.05 -0.39
C PHE T 6 12.37 16.76 -0.33
N GLN T 7 12.45 17.95 0.28
CA GLN T 7 13.67 18.74 0.27
C GLN T 7 14.09 19.10 1.68
N ILE T 8 15.33 19.55 1.82
CA ILE T 8 15.91 19.89 3.10
C ILE T 8 16.39 21.33 3.07
N LEU T 9 16.77 21.85 4.24
CA LEU T 9 17.22 23.23 4.38
C LEU T 9 18.27 23.32 5.48
N ASP T 10 19.02 24.42 5.45
CA ASP T 10 19.88 24.77 6.58
C ASP T 10 19.20 25.86 7.41
N TYR T 11 19.50 25.86 8.71
CA TYR T 11 18.93 26.83 9.63
C TYR T 11 20.07 27.57 10.31
N THR T 12 19.93 28.89 10.44
CA THR T 12 21.04 29.75 10.85
C THR T 12 20.63 30.73 11.95
N GLY T 13 19.94 30.24 12.97
CA GLY T 13 19.68 31.05 14.15
C GLY T 13 18.49 31.99 14.00
N LEU T 14 18.38 32.88 14.98
CA LEU T 14 17.29 33.84 15.07
C LEU T 14 17.84 35.23 15.35
N ILE T 15 17.09 36.25 14.94
CA ILE T 15 17.47 37.64 15.10
C ILE T 15 16.42 38.32 15.98
N SER T 16 16.87 38.99 17.03
CA SER T 16 16.00 39.69 17.96
C SER T 16 16.37 41.16 18.00
N THR T 17 15.35 42.01 18.15
CA THR T 17 15.55 43.46 18.20
C THR T 17 14.63 44.05 19.25
N MET T 18 15.04 45.20 19.78
CA MET T 18 14.27 45.90 20.80
C MET T 18 14.29 47.40 20.55
N PRO T 19 13.31 48.14 21.05
CA PRO T 19 13.35 49.61 20.92
C PRO T 19 14.23 50.23 21.99
N ARG T 20 14.37 51.55 21.90
CA ARG T 20 15.22 52.29 22.84
C ARG T 20 14.48 52.50 24.16
N VAL T 21 15.18 52.25 25.26
CA VAL T 21 14.70 52.65 26.58
C VAL T 21 15.64 53.73 27.12
N ASP T 22 15.10 54.90 27.43
CA ASP T 22 15.91 56.05 27.80
C ASP T 22 15.67 56.39 29.27
N THR T 23 16.76 56.68 29.98
CA THR T 23 16.69 57.02 31.39
C THR T 23 17.63 58.18 31.73
N LEU T 24 17.85 59.09 30.79
CA LEU T 24 18.73 60.22 31.03
C LEU T 24 18.28 61.02 32.26
N LEU T 25 17.08 61.58 32.19
CA LEU T 25 16.59 62.40 33.29
C LEU T 25 16.46 61.57 34.57
N GLN T 26 15.97 60.34 34.45
CA GLN T 26 15.79 59.50 35.63
C GLN T 26 17.11 59.24 36.35
N SER T 27 18.23 59.25 35.61
CA SER T 27 19.52 59.00 36.22
C SER T 27 19.96 60.18 37.11
N MET T 28 19.30 61.32 36.98
CA MET T 28 19.67 62.50 37.74
C MET T 28 19.08 62.52 39.15
N ASN T 29 18.28 61.52 39.50
CA ASN T 29 17.75 61.32 40.86
C ASN T 29 17.42 62.64 41.56
N LEU T 30 16.70 63.54 40.88
CA LEU T 30 16.33 64.81 41.47
C LEU T 30 15.05 64.75 42.29
N PHE T 31 14.34 63.62 42.27
CA PHE T 31 13.04 63.50 42.91
C PHE T 31 13.18 62.73 44.22
N THR T 32 12.71 63.32 45.32
CA THR T 32 12.60 62.59 46.57
C THR T 32 11.29 61.81 46.60
N GLU T 33 11.35 60.61 47.16
CA GLU T 33 10.23 59.66 47.12
C GLU T 33 9.69 59.46 48.54
N HIS T 34 8.39 59.62 48.69
CA HIS T 34 7.71 59.43 49.97
C HIS T 34 6.67 58.34 49.85
N PHE T 35 6.68 57.40 50.79
CA PHE T 35 5.68 56.34 50.87
C PHE T 35 4.73 56.65 52.01
N GLY T 36 3.48 56.96 51.67
CA GLY T 36 2.47 57.35 52.64
C GLY T 36 1.48 56.25 52.93
N ARG T 37 0.30 56.66 53.41
CA ARG T 37 -0.76 55.73 53.78
C ARG T 37 -2.07 55.96 53.06
N THR T 38 -2.34 57.17 52.57
CA THR T 38 -3.65 57.51 52.02
C THR T 38 -3.54 58.06 50.61
N THR T 39 -4.66 58.58 50.10
CA THR T 39 -4.70 59.07 48.72
C THR T 39 -4.63 60.59 48.65
N VAL T 40 -4.41 61.29 49.75
CA VAL T 40 -4.41 62.75 49.77
C VAL T 40 -3.15 63.24 50.47
N ALA T 41 -2.55 64.28 49.93
CA ALA T 41 -1.36 64.91 50.51
C ALA T 41 -1.63 66.38 50.77
N ARG T 42 -1.12 66.88 51.89
CA ARG T 42 -1.33 68.26 52.31
C ARG T 42 0.02 68.93 52.52
N ILE T 43 0.11 70.19 52.10
CA ILE T 43 1.32 70.99 52.22
C ILE T 43 0.93 72.41 52.63
N GLU T 44 1.78 73.04 53.44
CA GLU T 44 1.55 74.39 53.93
C GLU T 44 2.75 75.27 53.60
N ARG T 45 2.47 76.54 53.31
CA ARG T 45 3.48 77.49 52.89
C ARG T 45 3.35 78.78 53.68
N LEU T 46 4.48 79.42 53.94
CA LEU T 46 4.52 80.67 54.69
C LEU T 46 5.50 81.62 54.01
N ASP T 47 5.13 82.90 53.94
CA ASP T 47 5.94 83.91 53.27
C ASP T 47 6.15 85.08 54.21
N ASP T 48 7.42 85.44 54.42
CA ASP T 48 7.75 86.63 55.18
C ASP T 48 8.20 87.75 54.24
N GLY T 49 8.41 88.94 54.82
CA GLY T 49 8.83 90.08 54.03
C GLY T 49 9.35 91.24 54.86
N ALA T 50 9.20 92.45 54.34
CA ALA T 50 9.64 93.66 55.02
C ALA T 50 8.72 94.80 54.57
N GLY T 51 9.12 96.03 54.89
CA GLY T 51 8.32 97.18 54.53
C GLY T 51 9.18 98.40 54.29
N ASP T 52 8.56 99.42 53.73
CA ASP T 52 9.26 100.66 53.38
C ASP T 52 8.92 101.74 54.40
N ILE T 53 9.75 101.80 55.45
CA ILE T 53 9.61 102.81 56.49
C ILE T 53 9.71 104.19 55.85
N LYS T 54 9.05 105.18 56.46
CA LYS T 54 9.05 106.55 55.96
C LYS T 54 9.32 107.50 57.11
N ALA T 55 9.90 108.65 56.78
CA ALA T 55 10.29 109.61 57.79
C ALA T 55 9.08 110.34 58.35
N VAL T 56 9.09 110.58 59.67
CA VAL T 56 8.01 111.27 60.36
C VAL T 56 8.61 112.34 61.25
N GLN T 57 7.78 113.33 61.60
CA GLN T 57 8.22 114.45 62.41
C GLN T 57 8.16 114.11 63.88
N ARG T 58 9.09 114.69 64.65
CA ARG T 58 9.17 114.39 66.07
C ARG T 58 7.94 114.89 66.80
N GLY T 59 7.48 114.08 67.76
CA GLY T 59 6.36 114.45 68.59
C GLY T 59 5.01 114.20 67.94
N GLY T 60 5.02 113.69 66.71
CA GLY T 60 3.80 113.46 65.96
C GLY T 60 3.32 112.02 66.06
N VAL T 61 2.50 111.63 65.08
CA VAL T 61 1.97 110.28 65.06
C VAL T 61 3.10 109.27 64.88
N ARG T 62 2.84 108.03 65.28
CA ARG T 62 3.80 106.95 65.14
C ARG T 62 3.59 106.24 63.80
N GLN T 63 4.27 105.11 63.60
CA GLN T 63 4.14 104.31 62.40
C GLN T 63 3.93 102.86 62.80
N HIS T 64 3.24 102.11 61.95
CA HIS T 64 2.79 100.76 62.28
C HIS T 64 3.29 99.75 61.27
N LEU T 65 3.35 98.49 61.69
CA LEU T 65 3.91 97.41 60.90
C LEU T 65 2.85 96.33 60.68
N ALA T 66 2.89 95.69 59.51
CA ALA T 66 1.93 94.65 59.16
C ALA T 66 2.46 93.28 59.58
N ASN T 67 1.83 92.22 59.08
CA ASN T 67 2.18 90.85 59.45
C ASN T 67 2.35 90.03 58.18
N ASP T 68 2.52 88.72 58.35
CA ASP T 68 2.89 87.81 57.28
C ASP T 68 1.66 87.20 56.62
N ARG T 69 1.92 86.27 55.70
CA ARG T 69 0.88 85.61 54.90
C ARG T 69 1.06 84.10 55.00
N LYS T 70 -0.05 83.37 54.93
CA LYS T 70 -0.06 81.91 55.06
C LYS T 70 -0.95 81.31 53.99
N LYS T 71 -0.68 80.05 53.63
CA LYS T 71 -1.45 79.36 52.60
C LYS T 71 -1.43 77.86 52.87
N ILE T 72 -2.49 77.19 52.41
CA ILE T 72 -2.63 75.74 52.56
C ILE T 72 -3.21 75.18 51.27
N VAL T 73 -2.83 73.95 50.94
CA VAL T 73 -3.24 73.32 49.69
C VAL T 73 -3.39 71.82 49.92
N ASN T 74 -4.28 71.19 49.14
CA ASN T 74 -4.54 69.77 49.19
C ASN T 74 -4.47 69.18 47.78
N LEU T 75 -4.08 67.90 47.68
CA LEU T 75 -3.88 67.25 46.40
C LEU T 75 -4.31 65.79 46.47
N ASN T 76 -4.64 65.23 45.31
CA ASN T 76 -5.02 63.82 45.20
C ASN T 76 -3.96 63.04 44.43
N ILE T 77 -4.24 61.76 44.19
CA ILE T 77 -3.29 60.87 43.53
C ILE T 77 -4.02 60.03 42.49
N PRO T 78 -3.43 59.78 41.32
CA PRO T 78 -4.07 58.93 40.32
C PRO T 78 -3.74 57.45 40.53
N PHE T 79 -4.28 56.62 39.64
CA PHE T 79 -4.12 55.18 39.71
C PHE T 79 -3.86 54.63 38.32
N PHE T 80 -3.03 53.59 38.24
CA PHE T 80 -2.61 53.02 36.96
C PHE T 80 -2.70 51.49 37.02
N PRO T 81 -3.76 50.90 36.48
CA PRO T 81 -3.84 49.44 36.39
C PRO T 81 -3.35 48.89 35.06
N LEU T 82 -3.04 47.59 35.07
CA LEU T 82 -2.64 46.88 33.86
C LEU T 82 -2.84 45.39 34.08
N ASP T 83 -3.30 44.70 33.04
CA ASP T 83 -3.60 43.28 33.16
C ASP T 83 -3.72 42.65 31.79
N ARG T 84 -3.30 41.39 31.67
CA ARG T 84 -3.51 40.59 30.48
C ARG T 84 -3.68 39.14 30.88
N SER T 85 -4.34 38.36 30.02
CA SER T 85 -4.68 36.98 30.31
C SER T 85 -4.00 36.03 29.31
N ILE T 86 -4.14 34.74 29.57
CA ILE T 86 -3.56 33.69 28.74
C ILE T 86 -4.62 32.63 28.52
N ASP T 87 -4.47 31.86 27.44
CA ASP T 87 -5.45 30.85 27.09
C ASP T 87 -4.74 29.69 26.40
N ARG T 88 -5.41 28.53 26.39
CA ARG T 88 -4.85 27.31 25.82
C ARG T 88 -4.64 27.45 24.31
N ALA T 89 -5.54 28.17 23.64
CA ALA T 89 -5.54 28.19 22.19
C ALA T 89 -4.22 28.72 21.62
N ASP T 90 -3.46 29.47 22.41
CA ASP T 90 -2.24 30.09 21.89
C ASP T 90 -1.00 29.24 22.10
N ILE T 91 -1.10 28.07 22.72
CA ILE T 91 0.09 27.31 23.08
C ILE T 91 -0.01 25.84 22.67
N GLN T 92 -1.07 25.47 21.95
CA GLN T 92 -1.27 24.06 21.67
C GLN T 92 -0.45 23.60 20.47
N ASN T 93 -0.73 24.14 19.29
CA ASN T 93 -0.10 23.68 18.05
C ASN T 93 1.01 24.60 17.56
N PHE T 94 1.37 25.63 18.32
CA PHE T 94 2.37 26.57 17.87
C PHE T 94 3.78 26.08 18.19
N ARG T 95 4.72 26.45 17.32
CA ARG T 95 6.10 26.00 17.43
C ARG T 95 6.95 27.13 17.99
N GLU T 96 7.72 26.83 19.03
CA GLU T 96 8.55 27.83 19.69
C GLU T 96 9.59 28.38 18.72
N PHE T 97 9.70 29.71 18.67
CA PHE T 97 10.74 30.33 17.86
C PHE T 97 12.12 30.03 18.43
N GLY T 98 13.13 30.11 17.57
CA GLY T 98 14.49 29.80 17.96
C GLY T 98 14.82 28.32 17.96
N THR T 99 13.82 27.46 18.12
CA THR T 99 14.00 26.02 18.01
C THR T 99 13.23 25.51 16.82
N GLU T 100 13.49 24.25 16.45
CA GLU T 100 12.87 23.63 15.30
C GLU T 100 12.35 22.24 15.67
N ASN T 101 11.13 21.96 15.24
CA ASN T 101 10.49 20.68 15.50
C ASN T 101 10.33 20.44 17.00
N ALA T 102 10.25 21.53 17.78
CA ALA T 102 9.99 21.45 19.21
C ALA T 102 8.66 22.12 19.54
N PRO T 103 7.96 21.65 20.56
CA PRO T 103 6.65 22.24 20.88
C PRO T 103 6.77 23.47 21.76
N ALA T 104 5.78 24.34 21.63
CA ALA T 104 5.71 25.52 22.46
C ALA T 104 5.46 25.14 23.91
N THR T 105 5.50 26.14 24.80
CA THR T 105 5.29 25.91 26.22
C THR T 105 4.57 27.10 26.82
N VAL T 106 3.79 26.84 27.86
CA VAL T 106 3.05 27.90 28.54
C VAL T 106 3.98 28.80 29.32
N ASP T 107 5.01 28.23 29.96
CA ASP T 107 5.88 29.01 30.81
C ASP T 107 6.59 30.11 30.03
N ALA T 108 7.01 29.80 28.80
CA ALA T 108 7.75 30.79 28.01
C ALA T 108 6.91 32.03 27.75
N GLU T 109 5.64 31.87 27.41
CA GLU T 109 4.77 33.01 27.18
C GLU T 109 4.45 33.79 28.45
N VAL T 110 4.42 33.14 29.61
CA VAL T 110 4.22 33.86 30.86
C VAL T 110 5.40 34.77 31.13
N GLN T 111 6.62 34.26 30.93
CA GLN T 111 7.81 35.08 31.15
C GLN T 111 7.84 36.28 30.22
N ARG T 112 7.46 36.08 28.96
CA ARG T 112 7.48 37.18 27.99
C ARG T 112 6.57 38.31 28.43
N HIS T 113 5.37 37.98 28.91
CA HIS T 113 4.43 39.00 29.34
C HIS T 113 4.96 39.76 30.54
N MET T 114 5.65 39.07 31.45
CA MET T 114 6.22 39.75 32.61
C MET T 114 7.21 40.82 32.18
N ALA T 115 8.06 40.51 31.19
CA ALA T 115 9.05 41.47 30.74
C ALA T 115 8.39 42.75 30.23
N ARG T 116 7.34 42.61 29.42
CA ARG T 116 6.64 43.80 28.91
C ARG T 116 6.01 44.60 30.05
N ILE T 117 5.36 43.91 30.98
CA ILE T 117 4.70 44.61 32.08
C ILE T 117 5.72 45.38 32.91
N ARG T 118 6.83 44.73 33.24
CA ARG T 118 7.89 45.42 33.97
C ARG T 118 8.43 46.59 33.16
N ARG T 119 8.65 46.38 31.86
CA ARG T 119 9.21 47.43 31.03
C ARG T 119 8.28 48.63 30.93
N SER T 120 6.99 48.38 30.74
CA SER T 120 6.05 49.49 30.53
C SER T 120 5.96 50.36 31.77
N HIS T 121 5.90 49.77 32.96
CA HIS T 121 5.79 50.56 34.18
C HIS T 121 7.02 51.45 34.36
N ALA T 122 8.22 50.93 34.09
CA ALA T 122 9.42 51.73 34.22
C ALA T 122 9.37 52.93 33.28
N ILE T 123 8.89 52.74 32.05
CA ILE T 123 8.78 53.85 31.12
C ILE T 123 7.82 54.90 31.66
N LEU T 124 6.70 54.46 32.22
CA LEU T 124 5.71 55.40 32.73
C LEU T 124 6.30 56.30 33.81
N LYS T 125 7.08 55.71 34.73
CA LYS T 125 7.69 56.50 35.78
C LYS T 125 8.63 57.55 35.21
N SER T 126 9.43 57.19 34.21
CA SER T 126 10.34 58.16 33.61
C SER T 126 9.58 59.25 32.85
N LYS T 127 8.49 58.88 32.19
CA LYS T 127 7.70 59.88 31.46
C LYS T 127 7.10 60.91 32.40
N ALA T 128 6.63 60.47 33.58
CA ALA T 128 6.04 61.41 34.53
C ALA T 128 7.05 62.45 34.97
N MET T 129 8.30 62.04 35.21
CA MET T 129 9.32 62.98 35.65
C MET T 129 9.50 64.10 34.63
N TYR T 130 9.56 63.76 33.35
CA TYR T 130 9.70 64.79 32.32
C TYR T 130 8.52 65.74 32.30
N ALA T 131 7.35 65.30 32.76
CA ALA T 131 6.17 66.15 32.78
C ALA T 131 6.11 67.03 34.03
N ALA T 132 6.58 66.50 35.17
CA ALA T 132 6.63 67.32 36.39
C ALA T 132 7.54 68.52 36.19
N LEU T 133 8.67 68.32 35.50
CA LEU T 133 9.57 69.42 35.20
C LEU T 133 8.86 70.50 34.39
N LYS T 134 8.05 70.09 33.41
CA LYS T 134 7.33 71.07 32.60
C LYS T 134 6.33 71.85 33.44
N GLY T 135 5.72 71.22 34.44
CA GLY T 135 4.85 71.92 35.36
C GLY T 135 3.47 71.33 35.52
N THR T 136 3.28 70.07 35.09
CA THR T 136 1.99 69.42 35.15
C THR T 136 2.12 68.08 35.86
N SER T 137 1.02 67.64 36.46
CA SER T 137 1.03 66.42 37.25
C SER T 137 1.09 65.17 36.38
N TRP T 138 0.73 65.30 35.11
CA TRP T 138 0.72 64.16 34.20
C TRP T 138 -0.23 63.06 34.67
N SER T 139 -1.53 63.35 34.65
CA SER T 139 -2.57 62.34 34.90
C SER T 139 -3.35 62.15 33.60
N PRO T 140 -2.75 61.51 32.60
CA PRO T 140 -3.42 61.37 31.30
C PRO T 140 -4.73 60.61 31.43
N ASP T 141 -5.74 61.05 30.69
CA ASP T 141 -7.08 60.48 30.68
C ASP T 141 -7.81 60.65 32.00
N ASP T 142 -7.22 61.31 32.98
CA ASP T 142 -7.82 61.49 34.30
C ASP T 142 -7.82 62.97 34.67
N PRO T 143 -8.86 63.73 34.32
CA PRO T 143 -8.87 65.16 34.65
C PRO T 143 -8.95 65.46 36.14
N VAL T 144 -9.18 64.44 36.98
CA VAL T 144 -9.28 64.69 38.41
C VAL T 144 -7.94 65.12 38.99
N SER T 145 -6.85 64.48 38.56
CA SER T 145 -5.53 64.74 39.12
C SER T 145 -4.62 65.55 38.20
N ASP T 146 -5.15 66.14 37.12
CA ASP T 146 -4.35 66.91 36.19
C ASP T 146 -4.30 68.36 36.66
N TYR T 147 -3.47 68.59 37.68
CA TYR T 147 -3.31 69.93 38.24
C TYR T 147 -2.14 70.64 37.59
N ASN T 148 -2.36 71.89 37.20
CA ASN T 148 -1.28 72.76 36.73
C ASN T 148 -0.71 73.51 37.93
N TYR T 149 0.53 73.21 38.29
CA TYR T 149 1.10 73.78 39.50
C TYR T 149 1.26 75.29 39.44
N TYR T 150 1.34 75.86 38.24
CA TYR T 150 1.49 77.31 38.13
C TYR T 150 0.29 78.03 38.70
N ASP T 151 -0.92 77.57 38.40
CA ASP T 151 -2.11 78.19 38.96
C ASP T 151 -2.33 77.81 40.42
N VAL T 152 -1.89 76.61 40.83
CA VAL T 152 -2.08 76.18 42.21
C VAL T 152 -1.33 77.12 43.15
N TRP T 153 -0.06 77.41 42.83
CA TRP T 153 0.74 78.26 43.70
C TRP T 153 0.57 79.74 43.37
N GLY T 154 -0.01 80.05 42.21
CA GLY T 154 -0.24 81.43 41.83
C GLY T 154 0.97 82.09 41.22
N ALA T 155 1.49 81.52 40.14
CA ALA T 155 2.65 82.08 39.46
C ALA T 155 2.41 81.97 37.96
N THR T 156 3.43 82.28 37.17
CA THR T 156 3.37 82.18 35.72
C THR T 156 4.74 81.76 35.19
N GLN T 157 4.73 81.15 34.01
CA GLN T 157 5.94 80.63 33.40
C GLN T 157 6.59 81.71 32.54
N THR T 158 7.82 82.08 32.88
CA THR T 158 8.56 83.05 32.08
C THR T 158 9.01 82.42 30.77
N THR T 159 9.19 83.27 29.76
CA THR T 159 9.60 82.84 28.41
C THR T 159 10.87 83.60 28.04
N ALA T 160 12.02 82.93 28.16
CA ALA T 160 13.30 83.49 27.75
C ALA T 160 13.54 83.15 26.28
N ASP T 161 12.72 83.77 25.43
CA ASP T 161 12.79 83.50 24.00
C ASP T 161 14.14 83.93 23.44
N VAL T 162 14.66 83.13 22.51
CA VAL T 162 15.92 83.44 21.83
C VAL T 162 15.77 83.10 20.35
N ASP T 163 16.37 83.93 19.50
CA ASP T 163 16.31 83.75 18.06
C ASP T 163 17.72 83.50 17.54
N PHE T 164 17.93 82.33 16.95
CA PHE T 164 19.26 81.95 16.47
C PHE T 164 19.58 82.54 15.10
N THR T 165 18.58 83.06 14.38
CA THR T 165 18.83 83.58 13.05
C THR T 165 19.52 84.94 13.07
N LYS T 166 19.43 85.67 14.18
CA LYS T 166 20.07 86.99 14.28
C LYS T 166 21.52 86.81 14.74
N LEU T 167 22.39 86.72 13.73
CA LEU T 167 23.81 86.46 14.00
C LEU T 167 24.45 87.59 14.78
N GLY T 168 23.86 88.79 14.75
CA GLY T 168 24.44 89.93 15.42
C GLY T 168 24.21 89.97 16.92
N VAL T 169 23.48 89.03 17.48
CA VAL T 169 23.19 88.99 18.91
C VAL T 169 23.60 87.64 19.45
N ASP T 170 24.34 87.64 20.55
CA ASP T 170 24.77 86.40 21.18
C ASP T 170 23.56 85.65 21.71
N PRO T 171 23.31 84.42 21.28
CA PRO T 171 22.07 83.74 21.73
C PRO T 171 21.98 83.55 23.23
N ILE T 172 23.10 83.36 23.93
CA ILE T 172 23.05 83.09 25.37
C ILE T 172 23.14 84.39 26.15
N GLU T 173 23.01 85.52 25.45
CA GLU T 173 22.97 86.80 26.14
C GLU T 173 21.67 86.94 26.93
N VAL T 174 20.56 86.44 26.38
CA VAL T 174 19.28 86.55 27.06
C VAL T 174 19.30 85.78 28.37
N LEU T 175 19.94 84.61 28.39
CA LEU T 175 19.91 83.77 29.58
C LEU T 175 20.48 84.50 30.79
N GLU T 176 21.64 85.14 30.65
CA GLU T 176 22.19 85.89 31.77
C GLU T 176 21.29 87.07 32.12
N ALA T 177 20.62 87.65 31.13
CA ALA T 177 19.73 88.77 31.38
C ALA T 177 18.48 88.32 32.12
N GLU T 178 17.85 87.25 31.64
CA GLU T 178 16.56 86.84 32.20
C GLU T 178 16.71 85.64 33.14
N ALA T 179 17.28 84.54 32.63
CA ALA T 179 17.25 83.30 33.41
C ALA T 179 17.90 83.48 34.77
N ARG T 180 19.13 83.99 34.82
CA ARG T 180 19.79 84.16 36.11
C ARG T 180 19.14 85.25 36.93
N ALA T 181 18.72 86.34 36.29
CA ALA T 181 18.10 87.43 37.02
C ALA T 181 16.83 86.98 37.71
N HIS T 182 15.96 86.27 36.97
CA HIS T 182 14.70 85.80 37.55
C HIS T 182 14.95 84.77 38.64
N ILE T 183 15.88 83.85 38.42
CA ILE T 183 16.13 82.80 39.40
C ILE T 183 16.62 83.40 40.71
N ILE T 184 17.56 84.35 40.63
CA ILE T 184 18.15 84.90 41.85
C ILE T 184 17.10 85.61 42.69
N ASP T 185 16.27 86.44 42.06
CA ASP T 185 15.26 87.19 42.81
C ASP T 185 14.22 86.24 43.40
N TRP T 186 13.78 85.26 42.62
CA TRP T 186 12.72 84.35 43.05
C TRP T 186 13.24 83.08 43.70
N ALA T 187 14.55 82.95 43.91
CA ALA T 187 15.09 81.74 44.51
C ALA T 187 14.44 81.43 45.85
N GLY T 188 14.08 82.48 46.60
CA GLY T 188 13.48 82.30 47.91
C GLY T 188 14.46 82.05 49.03
N ASP T 189 15.74 81.85 48.72
CA ASP T 189 16.79 81.66 49.73
C ASP T 189 17.90 82.66 49.38
N ASN T 190 18.28 83.47 50.36
CA ASN T 190 19.25 84.53 50.12
C ASN T 190 20.64 83.95 49.92
N GLY T 191 20.91 83.46 48.71
CA GLY T 191 22.23 82.98 48.34
C GLY T 191 22.64 83.54 46.99
N ASP T 192 23.90 83.34 46.60
CA ASP T 192 24.39 83.90 45.34
C ASP T 192 24.80 82.81 44.35
N ASN T 193 25.70 81.92 44.77
CA ASN T 193 26.34 80.99 43.85
C ASN T 193 25.49 79.74 43.63
N TYR T 194 24.39 79.92 42.90
CA TYR T 194 23.61 78.80 42.44
C TYR T 194 24.12 78.30 41.09
N GLU T 195 23.95 77.00 40.85
CA GLU T 195 24.27 76.43 39.54
C GLU T 195 23.05 76.48 38.63
N ILE T 196 23.30 76.31 37.34
CA ILE T 196 22.25 76.36 36.32
C ILE T 196 22.45 75.22 35.35
N VAL T 197 21.37 74.56 34.97
CA VAL T 197 21.38 73.47 34.00
C VAL T 197 20.22 73.66 33.04
N VAL T 198 20.46 73.36 31.76
CA VAL T 198 19.46 73.55 30.71
C VAL T 198 19.33 72.26 29.92
N LEU T 199 18.10 71.80 29.74
CA LEU T 199 17.80 70.67 28.86
C LEU T 199 17.23 71.22 27.56
N ALA T 200 17.82 70.83 26.44
CA ALA T 200 17.48 71.38 25.14
C ALA T 200 17.22 70.27 24.13
N SER T 201 16.28 70.52 23.23
CA SER T 201 16.03 69.60 22.13
C SER T 201 17.16 69.66 21.13
N ARG T 202 17.12 68.76 20.14
CA ARG T 202 18.17 68.73 19.13
C ARG T 202 18.27 70.06 18.40
N GLN T 203 17.14 70.60 17.96
CA GLN T 203 17.17 71.85 17.20
C GLN T 203 17.69 72.99 18.04
N TRP T 204 17.21 73.11 19.29
CA TRP T 204 17.69 74.17 20.17
C TRP T 204 19.16 73.99 20.49
N PHE T 205 19.60 72.75 20.74
CA PHE T 205 20.99 72.50 21.05
C PHE T 205 21.86 72.55 19.81
N SER T 206 21.37 72.03 18.67
CA SER T 206 22.19 71.96 17.47
C SER T 206 22.53 73.35 16.94
N ALA T 207 21.54 74.24 16.84
CA ALA T 207 21.81 75.57 16.31
C ALA T 207 22.70 76.40 17.22
N LEU T 208 22.68 76.15 18.52
CA LEU T 208 23.50 76.93 19.44
C LEU T 208 24.97 76.76 19.14
N ILE T 209 25.44 75.51 19.04
CA ILE T 209 26.85 75.27 18.80
C ILE T 209 27.28 75.74 17.42
N ALA T 210 26.35 75.87 16.49
CA ALA T 210 26.66 76.33 15.14
C ALA T 210 26.56 77.84 14.98
N HIS T 211 26.15 78.55 16.03
CA HIS T 211 26.00 80.01 15.92
C HIS T 211 27.38 80.65 15.81
N PRO T 212 27.58 81.60 14.88
CA PRO T 212 28.91 82.20 14.74
C PRO T 212 29.44 82.82 16.02
N GLN T 213 28.57 83.46 16.81
CA GLN T 213 29.01 84.10 18.05
C GLN T 213 29.61 83.12 19.03
N VAL T 214 29.28 81.83 18.89
CA VAL T 214 29.82 80.82 19.80
C VAL T 214 31.11 80.23 19.25
N THR T 215 31.17 80.01 17.93
CA THR T 215 32.34 79.37 17.33
C THR T 215 33.60 80.21 17.53
N GLY T 216 33.49 81.52 17.38
CA GLY T 216 34.67 82.37 17.44
C GLY T 216 35.42 82.27 18.75
N ALA T 217 34.72 81.96 19.84
CA ALA T 217 35.37 81.92 21.14
C ALA T 217 36.43 80.83 21.22
N TYR T 218 36.18 79.67 20.62
CA TYR T 218 37.06 78.51 20.75
C TYR T 218 37.79 78.18 19.46
N SER T 219 38.00 79.16 18.58
CA SER T 219 38.61 78.91 17.28
C SER T 219 40.01 79.48 17.11
N GLN T 220 40.33 80.61 17.74
CA GLN T 220 41.59 81.29 17.51
C GLN T 220 42.68 80.90 18.49
N TYR T 221 42.39 80.04 19.47
CA TYR T 221 43.41 79.55 20.39
C TYR T 221 42.88 78.29 21.05
N PRO T 222 43.76 77.38 21.46
CA PRO T 222 43.29 76.11 22.00
C PRO T 222 42.56 76.27 23.32
N SER T 223 41.65 75.33 23.59
CA SER T 223 40.90 75.29 24.83
C SER T 223 40.86 73.85 25.32
N THR T 224 40.30 73.65 26.51
CA THR T 224 40.22 72.31 27.08
C THR T 224 39.32 71.41 26.24
N GLN T 225 38.04 71.78 26.13
CA GLN T 225 37.15 71.09 25.22
C GLN T 225 37.18 71.77 23.85
N GLU T 226 37.47 70.98 22.81
CA GLU T 226 37.63 71.49 21.45
C GLU T 226 36.42 71.06 20.62
N ILE T 227 35.44 71.96 20.54
CA ILE T 227 34.23 71.67 19.78
C ILE T 227 34.46 71.60 18.29
N LEU T 228 35.56 72.17 17.79
CA LEU T 228 35.84 72.20 16.36
C LEU T 228 36.70 71.04 15.89
N ARG T 229 37.14 70.15 16.80
CA ARG T 229 37.94 69.02 16.42
C ARG T 229 37.53 67.72 17.10
N ARG T 230 36.52 67.74 17.96
CA ARG T 230 36.03 66.53 18.60
C ARG T 230 34.52 66.63 18.77
N ARG T 231 33.88 65.47 18.92
CA ARG T 231 32.46 65.44 19.20
C ARG T 231 32.20 65.75 20.67
N LEU T 232 31.26 66.64 20.93
CA LEU T 232 30.92 66.97 22.31
C LEU T 232 30.46 65.72 23.05
N GLY T 233 31.02 65.50 24.24
CA GLY T 233 30.68 64.33 25.02
C GLY T 233 31.24 63.03 24.49
N GLY T 234 32.19 63.09 23.56
CA GLY T 234 32.75 61.87 23.02
C GLY T 234 31.73 61.05 22.26
N ASN T 235 31.84 59.74 22.37
CA ASN T 235 30.95 58.81 21.69
C ASN T 235 29.66 58.56 22.44
N ALA T 236 29.47 59.20 23.60
CA ALA T 236 28.26 58.97 24.37
C ALA T 236 27.03 59.48 23.62
N ASN T 237 25.86 58.98 24.03
CA ASN T 237 24.63 59.33 23.35
C ASN T 237 24.33 60.82 23.47
N ASN T 238 24.57 61.39 24.66
CA ASN T 238 24.21 62.77 24.95
C ASN T 238 25.46 63.63 24.94
N ARG T 239 25.37 64.79 24.26
CA ARG T 239 26.50 65.69 24.10
C ARG T 239 26.47 66.74 25.21
N ILE T 240 27.23 66.47 26.26
CA ILE T 240 27.38 67.42 27.36
C ILE T 240 28.24 68.58 26.90
N PHE T 241 27.89 69.79 27.35
CA PHE T 241 28.60 70.99 26.92
C PHE T 241 28.46 72.06 27.99
N GLU T 242 29.53 72.82 28.17
CA GLU T 242 29.57 73.92 29.13
C GLU T 242 30.02 75.19 28.43
N HIS T 243 29.41 76.32 28.81
CA HIS T 243 29.71 77.60 28.19
C HIS T 243 29.26 78.71 29.12
N LYS T 244 30.19 79.55 29.55
CA LYS T 244 29.91 80.63 30.50
C LYS T 244 29.21 80.08 31.75
N ASN T 245 29.79 79.04 32.34
CA ASN T 245 29.31 78.48 33.60
C ASN T 245 27.86 78.05 33.51
N ILE T 246 27.47 77.52 32.35
CA ILE T 246 26.14 76.95 32.15
C ILE T 246 26.31 75.58 31.52
N LEU T 247 25.70 74.57 32.12
CA LEU T 247 25.82 73.19 31.67
C LEU T 247 24.67 72.87 30.72
N PHE T 248 25.01 72.52 29.48
CA PHE T 248 24.03 72.21 28.45
C PHE T 248 23.99 70.71 28.23
N ILE T 249 22.78 70.14 28.21
CA ILE T 249 22.56 68.72 28.00
C ILE T 249 21.54 68.56 26.88
N GLU T 250 21.94 67.91 25.80
CA GLU T 250 21.01 67.65 24.71
C GLU T 250 20.05 66.54 25.11
N ASP T 251 18.80 66.69 24.69
CA ASP T 251 17.76 65.72 24.99
C ASP T 251 17.31 65.04 23.70
N ILE T 252 17.36 63.71 23.70
CA ILE T 252 16.91 62.91 22.56
C ILE T 252 15.84 61.93 23.02
N SER T 253 15.35 62.11 24.24
CA SER T 253 14.32 61.23 24.77
C SER T 253 12.99 61.41 24.05
N GLY T 254 12.80 62.55 23.38
CA GLY T 254 11.57 62.81 22.66
C GLY T 254 10.44 63.36 23.50
N ASN T 255 10.63 63.46 24.82
CA ASN T 255 9.60 64.01 25.70
C ASN T 255 9.49 65.52 25.62
N ILE T 256 10.58 66.22 25.30
CA ILE T 256 10.58 67.67 25.19
C ILE T 256 10.09 68.05 23.80
N PRO T 257 9.32 69.13 23.65
CA PRO T 257 8.87 69.52 22.31
C PRO T 257 10.03 69.85 21.39
N ALA T 258 9.73 70.11 20.12
CA ALA T 258 10.77 70.35 19.13
C ALA T 258 11.30 71.77 19.27
N GLY T 259 12.61 71.90 19.46
CA GLY T 259 13.23 73.20 19.52
C GLY T 259 13.04 73.95 20.81
N GLU T 260 12.55 73.28 21.85
CA GLU T 260 12.32 73.93 23.12
C GLU T 260 13.45 73.61 24.10
N ALA T 261 13.56 74.42 25.14
CA ALA T 261 14.56 74.24 26.18
C ALA T 261 14.03 74.77 27.50
N TYR T 262 14.33 74.05 28.57
CA TYR T 262 13.89 74.40 29.92
C TYR T 262 15.10 74.68 30.80
N ILE T 263 15.01 75.73 31.61
CA ILE T 263 16.11 76.17 32.46
C ILE T 263 15.65 76.11 33.91
N PHE T 264 16.44 75.46 34.76
CA PHE T 264 16.13 75.37 36.18
C PHE T 264 17.44 75.29 36.95
N PRO T 265 17.48 75.81 38.18
CA PRO T 265 18.71 75.74 38.97
C PRO T 265 18.78 74.48 39.82
N ARG T 266 20.00 74.00 40.03
CA ARG T 266 20.21 72.85 40.89
C ARG T 266 20.44 73.29 42.33
N GLY T 267 20.21 72.35 43.25
CA GLY T 267 20.54 72.54 44.64
C GLY T 267 19.41 73.01 45.53
N ILE T 268 18.33 73.56 44.97
CA ILE T 268 17.23 74.05 45.79
C ILE T 268 16.47 72.86 46.34
N SER T 269 16.25 72.86 47.65
CA SER T 269 15.66 71.70 48.32
C SER T 269 14.14 71.68 48.13
N ARG T 270 13.61 70.47 47.98
CA ARG T 270 12.18 70.20 47.95
C ARG T 270 11.51 70.69 46.68
N MET T 271 12.27 70.99 45.63
CA MET T 271 11.66 71.41 44.38
C MET T 271 10.84 70.29 43.75
N PHE T 272 11.36 69.07 43.76
CA PHE T 272 10.73 67.93 43.09
C PHE T 272 10.45 66.84 44.12
N GLU T 273 9.24 66.32 44.12
CA GLU T 273 8.84 65.25 45.02
C GLU T 273 7.86 64.33 44.32
N ILE T 274 7.80 63.08 44.78
CA ILE T 274 6.87 62.09 44.27
C ILE T 274 6.27 61.33 45.45
N TYR T 275 4.97 61.05 45.37
CA TYR T 275 4.24 60.38 46.43
C TYR T 275 3.64 59.08 45.90
N TYR T 276 3.55 58.08 46.77
CA TYR T 276 3.00 56.77 46.42
C TYR T 276 1.84 56.45 47.34
N ALA T 277 0.79 55.87 46.78
CA ALA T 277 -0.39 55.49 47.55
C ALA T 277 -0.57 53.98 47.56
N PRO T 278 -1.30 53.44 48.54
CA PRO T 278 -1.51 51.99 48.58
C PRO T 278 -2.35 51.51 47.40
N SER T 279 -2.24 50.21 47.13
CA SER T 279 -2.99 49.60 46.05
C SER T 279 -4.46 49.46 46.42
N ASP T 280 -5.22 48.83 45.53
CA ASP T 280 -6.66 48.68 45.69
C ASP T 280 -7.04 47.36 46.37
N THR T 281 -6.07 46.58 46.84
CA THR T 281 -6.37 45.32 47.48
C THR T 281 -7.02 45.54 48.83
N LEU T 282 -7.62 44.48 49.37
CA LEU T 282 -8.31 44.55 50.66
C LEU T 282 -7.36 44.45 51.83
N ARG T 283 -6.09 44.12 51.61
CA ARG T 283 -5.08 44.06 52.66
C ARG T 283 -4.11 45.24 52.64
N ASP T 284 -3.75 45.74 51.46
CA ASP T 284 -2.87 46.90 51.40
C ASP T 284 -3.56 48.17 51.88
N ALA T 285 -4.88 48.14 52.02
CA ALA T 285 -5.64 49.34 52.37
C ALA T 285 -5.19 49.95 53.67
N ASN T 286 -5.01 51.26 53.66
CA ASN T 286 -4.65 52.06 54.84
C ASN T 286 -3.31 51.65 55.45
N GLN T 287 -2.49 50.92 54.72
CA GLN T 287 -1.16 50.54 55.18
C GLN T 287 -0.11 51.22 54.31
N ALA T 288 1.16 50.93 54.58
CA ALA T 288 2.26 51.57 53.86
C ALA T 288 2.16 51.27 52.36
N ALA T 289 2.40 52.27 51.54
CA ALA T 289 2.38 52.09 50.10
C ALA T 289 3.65 51.40 49.63
N GLN T 290 3.66 51.05 48.34
CA GLN T 290 4.81 50.36 47.75
C GLN T 290 4.94 50.78 46.29
N GLU T 291 6.11 50.53 45.73
CA GLU T 291 6.39 50.97 44.37
C GLU T 291 5.44 50.32 43.36
N LEU T 292 5.51 48.99 43.23
CA LEU T 292 4.76 48.30 42.18
C LEU T 292 4.23 46.99 42.75
N TYR T 293 2.94 46.74 42.54
CA TYR T 293 2.31 45.50 42.98
C TYR T 293 2.04 44.62 41.77
N VAL T 294 2.49 43.37 41.84
CA VAL T 294 2.29 42.40 40.77
C VAL T 294 1.72 41.12 41.38
N PHE T 295 0.66 40.60 40.78
CA PHE T 295 0.02 39.37 41.23
C PHE T 295 -0.12 38.41 40.05
N PHE T 296 0.03 37.13 40.33
CA PHE T 296 -0.15 36.07 39.34
C PHE T 296 -1.28 35.16 39.81
N LYS T 297 -2.22 34.86 38.91
CA LYS T 297 -3.39 34.09 39.23
C LYS T 297 -3.33 32.72 38.54
N GLU T 298 -3.60 31.66 39.29
CA GLU T 298 -3.79 30.34 38.73
C GLU T 298 -5.27 29.97 38.83
N SER T 299 -5.69 29.00 38.03
CA SER T 299 -7.09 28.59 37.96
C SER T 299 -7.22 27.15 38.43
N ASN T 300 -8.21 26.91 39.29
CA ASN T 300 -8.46 25.55 39.76
C ASN T 300 -8.93 24.63 38.65
N TYR T 301 -9.37 25.17 37.52
CA TYR T 301 -9.80 24.37 36.38
C TYR T 301 -8.72 24.20 35.33
N LEU T 302 -7.65 24.99 35.42
CA LEU T 302 -6.53 24.92 34.49
C LEU T 302 -6.99 25.08 33.04
N ARG T 303 -7.82 26.10 32.83
CA ARG T 303 -8.23 26.50 31.50
C ARG T 303 -8.00 28.00 31.27
N GLU T 304 -7.28 28.67 32.17
CA GLU T 304 -7.02 30.09 32.03
C GLU T 304 -6.02 30.57 33.08
N ALA T 305 -5.26 31.61 32.75
CA ALA T 305 -4.36 32.25 33.69
C ALA T 305 -4.32 33.74 33.39
N LYS T 306 -4.00 34.52 34.41
CA LYS T 306 -4.04 35.97 34.28
C LYS T 306 -2.91 36.59 35.10
N ILE T 307 -2.32 37.65 34.56
CA ILE T 307 -1.24 38.40 35.20
C ILE T 307 -1.75 39.81 35.44
N GLU T 308 -1.74 40.24 36.70
CA GLU T 308 -2.26 41.54 37.10
C GLU T 308 -1.17 42.34 37.79
N SER T 309 -1.10 43.64 37.47
CA SER T 309 -0.16 44.54 38.10
C SER T 309 -0.84 45.88 38.29
N GLU T 310 -0.41 46.61 39.33
CA GLU T 310 -1.04 47.88 39.66
C GLU T 310 -0.01 48.79 40.31
N THR T 311 -0.19 50.10 40.10
CA THR T 311 0.66 51.10 40.70
C THR T 311 -0.09 52.43 40.75
N SER T 312 0.35 53.30 41.66
CA SER T 312 -0.30 54.60 41.82
C SER T 312 0.67 55.53 42.53
N PHE T 313 1.00 56.64 41.87
CA PHE T 313 1.92 57.62 42.44
C PHE T 313 1.63 58.99 41.84
N LEU T 314 2.18 60.02 42.47
CA LEU T 314 2.06 61.39 42.02
C LEU T 314 3.43 62.03 41.95
N THR T 315 3.59 62.96 41.01
CA THR T 315 4.79 63.77 40.88
C THR T 315 4.42 65.22 41.13
N VAL T 316 5.16 65.89 42.02
CA VAL T 316 4.81 67.21 42.50
C VAL T 316 5.97 68.16 42.25
N ASN T 317 5.67 69.34 41.72
CA ASN T 317 6.62 70.43 41.58
C ASN T 317 6.18 71.56 42.50
N ASN T 318 7.04 71.91 43.46
CA ASN T 318 6.68 72.87 44.49
C ASN T 318 6.96 74.32 44.10
N ARG T 319 7.96 74.56 43.26
CA ARG T 319 8.37 75.92 42.89
C ARG T 319 8.42 76.02 41.37
N PRO T 320 7.25 76.07 40.72
CA PRO T 320 7.25 76.22 39.26
C PRO T 320 7.83 77.54 38.79
N GLU T 321 7.93 78.54 39.66
CA GLU T 321 8.45 79.84 39.27
C GLU T 321 9.91 79.80 38.87
N LEU T 322 10.63 78.73 39.19
CA LEU T 322 12.06 78.64 38.91
C LEU T 322 12.36 77.84 37.65
N VAL T 323 11.35 77.55 36.83
CA VAL T 323 11.53 76.88 35.55
C VAL T 323 11.06 77.85 34.46
N VAL T 324 11.94 78.14 33.50
CA VAL T 324 11.69 79.14 32.48
C VAL T 324 11.70 78.47 31.12
N LYS T 325 10.67 78.71 30.32
CA LYS T 325 10.61 78.18 28.97
C LYS T 325 11.56 78.97 28.06
N SER T 326 12.23 78.24 27.17
CA SER T 326 13.13 78.83 26.19
C SER T 326 12.83 78.22 24.84
N THR T 327 12.05 78.94 24.03
CA THR T 327 11.70 78.46 22.70
C THR T 327 12.69 78.99 21.67
N GLY T 328 13.26 78.07 20.90
CA GLY T 328 14.24 78.42 19.87
C GLY T 328 13.55 78.52 18.51
N LYS T 329 13.78 79.65 17.84
CA LYS T 329 13.21 79.89 16.52
C LYS T 329 14.35 79.90 15.51
N PHE T 330 14.08 79.32 14.34
CA PHE T 330 15.14 79.06 13.37
C PHE T 330 14.78 79.63 12.00
N MET U 1 8.30 16.72 12.65
CA MET U 1 7.80 17.45 11.45
C MET U 1 7.31 18.85 11.82
N GLN U 2 6.86 19.60 10.84
CA GLN U 2 6.36 20.95 11.04
C GLN U 2 5.28 21.26 10.01
N ASN U 3 4.08 21.55 10.49
CA ASN U 3 3.00 21.99 9.62
C ASN U 3 3.18 23.46 9.33
N GLY U 4 3.21 23.82 8.05
CA GLY U 4 3.47 25.20 7.71
C GLY U 4 4.80 25.66 8.29
N ASP U 5 4.77 26.81 8.96
CA ASP U 5 5.96 27.37 9.57
C ASP U 5 5.89 27.41 11.09
N PHE U 6 4.71 27.70 11.65
CA PHE U 6 4.57 27.93 13.08
C PHE U 6 3.89 26.79 13.82
N GLN U 7 3.59 25.68 13.15
CA GLN U 7 2.85 24.59 13.76
C GLN U 7 3.64 23.29 13.61
N ILE U 8 3.34 22.34 14.50
CA ILE U 8 4.04 21.07 14.54
C ILE U 8 3.08 19.93 14.19
N LEU U 9 3.61 18.71 14.10
CA LEU U 9 2.83 17.58 13.61
C LEU U 9 3.24 16.32 14.36
N ASP U 10 2.46 15.26 14.13
CA ASP U 10 2.79 13.92 14.60
C ASP U 10 3.12 13.06 13.38
N TYR U 11 4.25 12.38 13.42
CA TYR U 11 4.74 11.58 12.30
C TYR U 11 4.52 10.10 12.62
N THR U 12 3.87 9.39 11.71
CA THR U 12 3.42 8.03 11.95
C THR U 12 4.14 6.97 11.13
N GLY U 13 5.26 7.30 10.49
CA GLY U 13 6.02 6.32 9.76
C GLY U 13 5.62 6.18 8.31
N LEU U 14 6.19 5.15 7.67
CA LEU U 14 6.02 4.94 6.25
C LEU U 14 5.30 3.63 5.95
N ILE U 15 4.63 3.58 4.80
CA ILE U 15 3.93 2.39 4.33
C ILE U 15 4.46 2.04 2.94
N SER U 16 4.73 0.75 2.73
CA SER U 16 5.31 0.28 1.48
C SER U 16 4.53 -0.92 0.96
N THR U 17 4.55 -1.09 -0.35
CA THR U 17 3.84 -2.19 -1.00
C THR U 17 4.61 -2.61 -2.25
N MET U 18 4.55 -3.91 -2.53
CA MET U 18 5.25 -4.50 -3.67
C MET U 18 4.26 -5.37 -4.41
N PRO U 19 4.47 -5.58 -5.71
CA PRO U 19 3.56 -6.43 -6.49
C PRO U 19 3.88 -7.91 -6.31
N ARG U 20 2.97 -8.73 -6.82
CA ARG U 20 3.11 -10.18 -6.75
C ARG U 20 4.07 -10.69 -7.83
N VAL U 21 4.72 -11.80 -7.52
CA VAL U 21 5.48 -12.57 -8.49
C VAL U 21 5.21 -14.05 -8.23
N ASP U 22 4.92 -14.78 -9.30
CA ASP U 22 4.61 -16.19 -9.20
C ASP U 22 5.84 -17.04 -9.49
N THR U 23 5.98 -18.14 -8.75
CA THR U 23 7.12 -19.04 -8.89
C THR U 23 6.70 -20.50 -8.97
N LEU U 24 5.54 -20.80 -9.54
CA LEU U 24 5.05 -22.17 -9.56
C LEU U 24 6.00 -23.09 -10.33
N LEU U 25 6.34 -22.71 -11.57
CA LEU U 25 7.15 -23.59 -12.40
C LEU U 25 8.53 -23.83 -11.80
N GLN U 26 9.17 -22.77 -11.30
CA GLN U 26 10.51 -22.94 -10.73
C GLN U 26 10.50 -23.94 -9.59
N SER U 27 9.39 -24.03 -8.86
CA SER U 27 9.28 -24.98 -7.76
C SER U 27 9.15 -26.43 -8.23
N MET U 28 8.86 -26.66 -9.51
CA MET U 28 8.66 -28.01 -10.03
C MET U 28 9.95 -28.63 -10.56
N ASN U 29 11.04 -27.86 -10.67
CA ASN U 29 12.31 -28.38 -11.16
C ASN U 29 12.13 -29.11 -12.49
N LEU U 30 11.32 -28.54 -13.38
CA LEU U 30 10.95 -29.23 -14.61
C LEU U 30 12.00 -29.07 -15.71
N PHE U 31 12.96 -28.17 -15.55
CA PHE U 31 13.92 -27.86 -16.60
C PHE U 31 15.34 -28.21 -16.16
N THR U 32 16.19 -28.47 -17.14
CA THR U 32 17.60 -28.76 -16.92
C THR U 32 18.45 -27.70 -17.61
N GLU U 33 19.47 -27.21 -16.90
CA GLU U 33 20.27 -26.08 -17.36
C GLU U 33 21.63 -26.57 -17.83
N HIS U 34 22.04 -26.12 -19.01
CA HIS U 34 23.37 -26.40 -19.57
C HIS U 34 24.05 -25.08 -19.89
N PHE U 35 25.35 -25.02 -19.64
CA PHE U 35 26.16 -23.84 -19.91
C PHE U 35 27.16 -24.15 -21.02
N GLY U 36 27.00 -23.50 -22.16
CA GLY U 36 27.83 -23.74 -23.31
C GLY U 36 28.93 -22.69 -23.45
N ARG U 37 29.40 -22.53 -24.69
CA ARG U 37 30.42 -21.54 -25.01
C ARG U 37 30.05 -20.62 -26.15
N THR U 38 29.13 -21.01 -27.03
CA THR U 38 28.76 -20.19 -28.18
C THR U 38 27.25 -20.18 -28.32
N THR U 39 26.78 -19.37 -29.26
CA THR U 39 25.35 -19.14 -29.45
C THR U 39 24.70 -20.12 -30.42
N VAL U 40 25.24 -21.32 -30.57
CA VAL U 40 24.69 -22.32 -31.48
C VAL U 40 24.64 -23.66 -30.73
N ALA U 41 23.54 -24.40 -30.92
CA ALA U 41 23.36 -25.70 -30.29
C ALA U 41 22.94 -26.70 -31.35
N ARG U 42 23.33 -27.96 -31.15
CA ARG U 42 23.02 -29.05 -32.08
C ARG U 42 22.39 -30.20 -31.31
N ILE U 43 21.38 -30.82 -31.93
CA ILE U 43 20.67 -31.96 -31.36
C ILE U 43 20.48 -33.01 -32.44
N GLU U 44 20.65 -34.28 -32.07
CA GLU U 44 20.50 -35.40 -32.99
C GLU U 44 19.42 -36.34 -32.49
N ARG U 45 18.65 -36.90 -33.42
CA ARG U 45 17.55 -37.79 -33.11
C ARG U 45 17.64 -39.05 -33.95
N LEU U 46 17.19 -40.16 -33.38
CA LEU U 46 17.24 -41.46 -34.04
C LEU U 46 15.90 -42.17 -33.87
N ASP U 47 15.40 -42.74 -34.96
CA ASP U 47 14.13 -43.45 -34.97
C ASP U 47 14.37 -44.92 -35.36
N ASP U 48 13.54 -45.80 -34.80
CA ASP U 48 13.62 -47.23 -35.09
C ASP U 48 12.21 -47.81 -35.03
N GLY U 49 12.06 -49.01 -35.58
CA GLY U 49 10.77 -49.65 -35.60
C GLY U 49 10.87 -51.12 -35.92
N ALA U 50 9.80 -51.64 -36.51
CA ALA U 50 9.72 -53.05 -36.88
C ALA U 50 8.96 -53.15 -38.19
N GLY U 51 8.71 -54.39 -38.62
CA GLY U 51 8.04 -54.62 -39.87
C GLY U 51 7.18 -55.87 -39.89
N ASP U 52 6.58 -56.16 -41.05
CA ASP U 52 5.73 -57.33 -41.21
C ASP U 52 6.56 -58.53 -41.67
N ILE U 53 6.00 -59.72 -41.45
CA ILE U 53 6.61 -60.97 -41.91
C ILE U 53 5.54 -61.79 -42.61
N LYS U 54 5.56 -61.80 -43.94
CA LYS U 54 4.54 -62.51 -44.70
C LYS U 54 4.90 -63.98 -44.83
N ALA U 55 3.88 -64.79 -45.14
CA ALA U 55 4.09 -66.21 -45.31
C ALA U 55 4.87 -66.50 -46.59
N VAL U 56 5.64 -67.58 -46.57
CA VAL U 56 6.49 -67.97 -47.69
C VAL U 56 6.41 -69.48 -47.87
N GLN U 57 6.33 -69.92 -49.11
CA GLN U 57 6.36 -71.35 -49.42
C GLN U 57 7.72 -71.93 -49.07
N ARG U 58 7.72 -73.11 -48.45
CA ARG U 58 8.98 -73.75 -48.08
C ARG U 58 9.80 -74.04 -49.33
N GLY U 59 11.09 -73.71 -49.26
CA GLY U 59 12.03 -73.98 -50.34
C GLY U 59 12.21 -72.82 -51.31
N GLY U 60 11.34 -71.81 -51.26
CA GLY U 60 11.41 -70.70 -52.18
C GLY U 60 12.31 -69.59 -51.68
N VAL U 61 12.10 -68.40 -52.24
CA VAL U 61 12.90 -67.24 -51.89
C VAL U 61 12.56 -66.77 -50.49
N ARG U 62 13.54 -66.13 -49.84
CA ARG U 62 13.37 -65.61 -48.49
C ARG U 62 12.93 -64.15 -48.55
N GLN U 63 12.94 -63.48 -47.41
CA GLN U 63 12.62 -62.06 -47.31
C GLN U 63 13.81 -61.31 -46.73
N HIS U 64 13.74 -59.98 -46.79
CA HIS U 64 14.83 -59.12 -46.37
C HIS U 64 14.31 -57.97 -45.52
N LEU U 65 15.21 -57.44 -44.69
CA LEU U 65 14.83 -56.42 -43.71
C LEU U 65 15.16 -55.03 -44.22
N ALA U 66 14.57 -54.02 -43.57
CA ALA U 66 14.75 -52.62 -43.91
C ALA U 66 15.65 -51.93 -42.87
N ASN U 67 15.78 -50.62 -43.00
CA ASN U 67 16.69 -49.85 -42.16
C ASN U 67 15.96 -48.70 -41.45
N ASP U 68 16.71 -47.84 -40.75
CA ASP U 68 16.16 -46.83 -39.86
C ASP U 68 16.42 -45.43 -40.40
N ARG U 69 16.07 -44.43 -39.58
CA ARG U 69 16.13 -43.02 -39.94
C ARG U 69 17.18 -42.30 -39.10
N LYS U 70 17.69 -41.19 -39.62
CA LYS U 70 18.61 -40.32 -38.89
C LYS U 70 18.28 -38.88 -39.23
N LYS U 71 18.51 -37.97 -38.28
CA LYS U 71 18.18 -36.57 -38.45
C LYS U 71 19.08 -35.71 -37.58
N ILE U 72 19.19 -34.43 -37.93
CA ILE U 72 20.08 -33.50 -37.25
C ILE U 72 19.56 -32.09 -37.45
N VAL U 73 19.79 -31.21 -36.46
CA VAL U 73 19.24 -29.86 -36.48
C VAL U 73 20.14 -28.95 -35.67
N ASN U 74 20.02 -27.64 -35.91
CA ASN U 74 20.79 -26.62 -35.20
C ASN U 74 19.88 -25.47 -34.83
N LEU U 75 20.29 -24.70 -33.80
CA LEU U 75 19.47 -23.62 -33.27
C LEU U 75 20.37 -22.50 -32.78
N ASN U 76 19.77 -21.31 -32.60
CA ASN U 76 20.48 -20.12 -32.14
C ASN U 76 20.01 -19.76 -30.73
N ILE U 77 20.57 -18.68 -30.18
CA ILE U 77 20.25 -18.24 -28.83
C ILE U 77 20.07 -16.72 -28.83
N PRO U 78 19.13 -16.17 -28.05
CA PRO U 78 18.96 -14.73 -27.99
C PRO U 78 19.79 -14.07 -26.90
N PHE U 79 19.68 -12.75 -26.81
CA PHE U 79 20.43 -11.94 -25.86
C PHE U 79 19.50 -10.95 -25.17
N PHE U 80 19.75 -10.69 -23.89
CA PHE U 80 18.90 -9.82 -23.08
C PHE U 80 19.75 -8.84 -22.27
N PRO U 81 19.84 -7.58 -22.69
CA PRO U 81 20.57 -6.58 -21.90
C PRO U 81 19.67 -5.79 -20.97
N LEU U 82 20.30 -5.03 -20.09
CA LEU U 82 19.60 -4.16 -19.16
C LEU U 82 20.61 -3.25 -18.48
N ASP U 83 20.26 -1.98 -18.31
CA ASP U 83 21.19 -1.00 -17.79
C ASP U 83 20.45 0.22 -17.25
N ARG U 84 21.09 0.91 -16.30
CA ARG U 84 20.59 2.18 -15.78
C ARG U 84 21.76 3.04 -15.34
N SER U 85 21.52 4.34 -15.26
CA SER U 85 22.54 5.30 -14.86
C SER U 85 22.11 6.05 -13.59
N ILE U 86 23.04 6.85 -13.06
CA ILE U 86 22.79 7.68 -11.88
C ILE U 86 23.36 9.07 -12.13
N ASP U 87 22.60 10.09 -11.77
CA ASP U 87 22.96 11.49 -12.03
C ASP U 87 23.01 12.26 -10.72
N ARG U 88 23.71 13.39 -10.75
CA ARG U 88 23.88 14.23 -9.57
C ARG U 88 22.55 14.79 -9.10
N ALA U 89 21.72 15.24 -10.04
CA ALA U 89 20.49 15.95 -9.67
C ALA U 89 19.54 15.05 -8.89
N ASP U 90 19.67 13.73 -9.02
CA ASP U 90 18.74 12.83 -8.36
C ASP U 90 18.92 12.78 -6.84
N ILE U 91 19.99 13.39 -6.32
CA ILE U 91 20.33 13.26 -4.91
C ILE U 91 20.58 14.60 -4.23
N GLN U 92 20.68 15.69 -4.98
CA GLN U 92 21.22 16.95 -4.44
C GLN U 92 20.54 17.39 -3.15
N ASN U 93 19.24 17.67 -3.20
CA ASN U 93 18.54 18.30 -2.07
C ASN U 93 17.31 17.52 -1.65
N PHE U 94 17.12 16.30 -2.14
CA PHE U 94 15.98 15.49 -1.75
C PHE U 94 16.29 14.73 -0.47
N ARG U 95 15.30 14.67 0.42
CA ARG U 95 15.48 13.95 1.68
C ARG U 95 15.71 12.48 1.43
N GLU U 96 16.14 11.78 2.48
CA GLU U 96 15.97 10.34 2.53
C GLU U 96 14.51 10.08 2.84
N PHE U 97 13.73 9.71 1.82
CA PHE U 97 12.27 9.79 1.94
C PHE U 97 11.74 8.94 3.08
N GLY U 98 12.51 7.96 3.53
CA GLY U 98 12.03 7.06 4.57
C GLY U 98 12.35 7.52 5.99
N THR U 99 12.71 8.79 6.16
CA THR U 99 13.06 9.30 7.48
C THR U 99 12.79 10.79 7.54
N GLU U 100 12.85 11.32 8.76
CA GLU U 100 12.43 12.70 9.01
C GLU U 100 13.32 13.72 8.30
N ASN U 101 14.64 13.63 8.51
CA ASN U 101 15.51 14.75 8.18
C ASN U 101 16.77 14.35 7.42
N ALA U 102 17.14 13.07 7.48
CA ALA U 102 18.41 12.65 6.92
C ALA U 102 18.46 12.93 5.41
N PRO U 103 19.59 13.45 4.92
CA PRO U 103 19.69 13.72 3.47
C PRO U 103 19.80 12.43 2.67
N ALA U 104 19.43 12.50 1.40
CA ALA U 104 19.51 11.34 0.53
C ALA U 104 20.96 10.94 0.31
N THR U 105 21.15 9.63 0.13
CA THR U 105 22.48 9.05 -0.10
C THR U 105 22.46 8.22 -1.38
N VAL U 106 23.61 8.17 -2.06
CA VAL U 106 23.69 7.48 -3.33
C VAL U 106 23.44 5.98 -3.16
N ASP U 107 24.01 5.39 -2.12
CA ASP U 107 23.89 3.94 -1.93
C ASP U 107 22.43 3.54 -1.76
N ALA U 108 21.63 4.39 -1.12
CA ALA U 108 20.21 4.11 -0.94
C ALA U 108 19.48 3.95 -2.27
N GLU U 109 19.99 4.55 -3.34
CA GLU U 109 19.43 4.35 -4.67
C GLU U 109 20.15 3.26 -5.46
N VAL U 110 21.44 3.05 -5.20
CA VAL U 110 22.15 1.96 -5.87
C VAL U 110 21.51 0.62 -5.49
N GLN U 111 21.27 0.41 -4.20
CA GLN U 111 20.62 -0.83 -3.78
C GLN U 111 19.22 -0.93 -4.35
N ARG U 112 18.49 0.19 -4.38
CA ARG U 112 17.14 0.19 -4.92
C ARG U 112 17.13 -0.25 -6.37
N HIS U 113 18.06 0.25 -7.17
CA HIS U 113 18.15 -0.13 -8.57
C HIS U 113 18.58 -1.59 -8.73
N MET U 114 19.51 -2.04 -7.87
CA MET U 114 19.95 -3.43 -7.93
C MET U 114 18.79 -4.37 -7.70
N ALA U 115 17.93 -4.04 -6.74
CA ALA U 115 16.76 -4.88 -6.47
C ALA U 115 15.93 -5.08 -7.72
N ARG U 116 15.59 -3.97 -8.39
CA ARG U 116 14.79 -4.07 -9.61
C ARG U 116 15.51 -4.86 -10.68
N ILE U 117 16.83 -4.67 -10.80
CA ILE U 117 17.58 -5.37 -11.82
C ILE U 117 17.49 -6.88 -11.61
N ARG U 118 17.65 -7.34 -10.36
CA ARG U 118 17.51 -8.76 -10.08
C ARG U 118 16.10 -9.24 -10.36
N ARG U 119 15.10 -8.48 -9.91
CA ARG U 119 13.72 -8.92 -10.01
C ARG U 119 13.26 -9.04 -11.45
N SER U 120 13.66 -8.10 -12.32
CA SER U 120 13.28 -8.17 -13.72
C SER U 120 13.82 -9.41 -14.40
N HIS U 121 15.09 -9.76 -14.14
CA HIS U 121 15.64 -10.98 -14.71
C HIS U 121 14.93 -12.22 -14.17
N ALA U 122 14.60 -12.24 -12.88
CA ALA U 122 13.85 -13.39 -12.35
C ALA U 122 12.51 -13.54 -13.06
N ILE U 123 11.80 -12.43 -13.24
CA ILE U 123 10.52 -12.47 -13.93
C ILE U 123 10.71 -12.94 -15.37
N LEU U 124 11.77 -12.48 -16.04
CA LEU U 124 12.03 -12.92 -17.41
C LEU U 124 12.24 -14.43 -17.46
N LYS U 125 13.01 -14.96 -16.51
CA LYS U 125 13.25 -16.40 -16.49
C LYS U 125 11.95 -17.17 -16.30
N SER U 126 11.12 -16.75 -15.35
CA SER U 126 9.85 -17.44 -15.13
C SER U 126 8.97 -17.38 -16.38
N LYS U 127 8.91 -16.21 -17.02
CA LYS U 127 8.08 -16.07 -18.20
C LYS U 127 8.58 -16.95 -19.34
N ALA U 128 9.90 -17.04 -19.52
CA ALA U 128 10.45 -17.93 -20.53
C ALA U 128 10.10 -19.39 -20.23
N MET U 129 10.18 -19.78 -18.95
CA MET U 129 9.83 -21.15 -18.61
C MET U 129 8.37 -21.45 -18.93
N TYR U 130 7.46 -20.51 -18.64
CA TYR U 130 6.09 -20.68 -19.10
C TYR U 130 5.99 -20.77 -20.61
N ALA U 131 6.67 -19.88 -21.34
CA ALA U 131 6.52 -19.84 -22.79
C ALA U 131 7.08 -21.10 -23.45
N ALA U 132 7.97 -21.80 -22.77
CA ALA U 132 8.53 -23.03 -23.33
C ALA U 132 7.46 -24.08 -23.54
N LEU U 133 6.51 -24.22 -22.60
CA LEU U 133 5.52 -25.28 -22.69
C LEU U 133 4.62 -25.11 -23.91
N LYS U 134 4.20 -23.88 -24.20
CA LYS U 134 3.16 -23.67 -25.20
C LYS U 134 3.55 -24.24 -26.55
N GLY U 135 4.84 -24.29 -26.87
CA GLY U 135 5.29 -24.90 -28.10
C GLY U 135 6.30 -24.08 -28.87
N THR U 136 6.51 -22.83 -28.45
CA THR U 136 7.44 -21.93 -29.12
C THR U 136 8.52 -21.47 -28.14
N SER U 137 9.61 -20.98 -28.69
CA SER U 137 10.67 -20.38 -27.91
C SER U 137 10.21 -19.00 -27.43
N TRP U 138 11.06 -18.33 -26.64
CA TRP U 138 10.71 -17.03 -26.05
C TRP U 138 11.81 -16.03 -26.40
N SER U 139 11.64 -15.38 -27.55
CA SER U 139 12.53 -14.30 -27.97
C SER U 139 11.68 -13.09 -28.37
N PRO U 140 11.06 -12.41 -27.41
CA PRO U 140 10.14 -11.32 -27.76
C PRO U 140 10.85 -10.21 -28.52
N ASP U 141 10.27 -9.83 -29.65
CA ASP U 141 10.76 -8.76 -30.50
C ASP U 141 12.05 -9.12 -31.22
N ASP U 142 12.29 -10.42 -31.46
CA ASP U 142 13.49 -10.86 -32.16
C ASP U 142 13.19 -12.09 -33.01
N PRO U 143 12.83 -11.89 -34.29
CA PRO U 143 12.56 -13.06 -35.14
C PRO U 143 13.76 -13.96 -35.35
N VAL U 144 14.98 -13.48 -35.10
CA VAL U 144 16.18 -14.27 -35.37
C VAL U 144 16.21 -15.56 -34.57
N SER U 145 15.81 -15.54 -33.30
CA SER U 145 15.79 -16.75 -32.47
C SER U 145 14.38 -17.27 -32.24
N ASP U 146 13.39 -16.72 -32.93
CA ASP U 146 12.02 -17.20 -32.81
C ASP U 146 11.88 -18.54 -33.50
N TYR U 147 11.29 -19.51 -32.80
CA TYR U 147 11.14 -20.86 -33.34
C TYR U 147 9.78 -21.42 -32.94
N ASN U 148 9.26 -22.28 -33.80
CA ASN U 148 8.06 -23.08 -33.51
C ASN U 148 8.49 -24.54 -33.45
N TYR U 149 8.61 -25.07 -32.23
CA TYR U 149 9.22 -26.38 -32.05
C TYR U 149 8.52 -27.48 -32.84
N TYR U 150 7.22 -27.32 -33.13
CA TYR U 150 6.55 -28.29 -33.99
C TYR U 150 7.11 -28.24 -35.40
N ASP U 151 7.33 -27.04 -35.94
CA ASP U 151 7.89 -26.92 -37.27
C ASP U 151 9.28 -27.52 -37.34
N VAL U 152 10.10 -27.27 -36.31
CA VAL U 152 11.45 -27.82 -36.27
C VAL U 152 11.39 -29.34 -36.31
N TRP U 153 10.58 -29.94 -35.44
CA TRP U 153 10.47 -31.38 -35.39
C TRP U 153 9.46 -31.92 -36.39
N GLY U 154 8.66 -31.05 -36.99
CA GLY U 154 7.66 -31.50 -37.95
C GLY U 154 6.59 -32.35 -37.32
N ALA U 155 5.79 -31.75 -36.45
CA ALA U 155 4.73 -32.46 -35.76
C ALA U 155 3.47 -31.59 -35.79
N THR U 156 2.45 -32.00 -35.06
CA THR U 156 1.18 -31.29 -35.04
C THR U 156 0.63 -31.27 -33.62
N GLN U 157 -0.14 -30.22 -33.32
CA GLN U 157 -0.74 -30.07 -32.00
C GLN U 157 -2.08 -30.80 -31.95
N THR U 158 -2.12 -31.93 -31.27
CA THR U 158 -3.40 -32.55 -30.96
C THR U 158 -4.15 -31.68 -29.96
N THR U 159 -5.45 -31.52 -30.19
CA THR U 159 -6.27 -30.65 -29.36
C THR U 159 -7.46 -31.42 -28.82
N ALA U 160 -7.77 -31.19 -27.54
CA ALA U 160 -8.92 -31.80 -26.88
C ALA U 160 -9.83 -30.65 -26.44
N ASP U 161 -10.81 -30.33 -27.28
CA ASP U 161 -11.71 -29.23 -27.00
C ASP U 161 -12.79 -29.71 -26.02
N VAL U 162 -12.93 -29.00 -24.91
CA VAL U 162 -13.88 -29.35 -23.86
C VAL U 162 -15.01 -28.35 -23.93
N ASP U 163 -16.23 -28.83 -24.21
CA ASP U 163 -17.41 -27.98 -24.28
C ASP U 163 -18.18 -28.12 -22.97
N PHE U 164 -18.00 -27.13 -22.09
CA PHE U 164 -18.67 -27.16 -20.79
C PHE U 164 -20.15 -26.87 -20.90
N THR U 165 -20.60 -26.31 -22.01
CA THR U 165 -22.02 -25.98 -22.15
C THR U 165 -22.90 -27.23 -22.12
N LYS U 166 -22.45 -28.33 -22.74
CA LYS U 166 -23.21 -29.59 -22.71
C LYS U 166 -23.10 -30.16 -21.30
N LEU U 167 -24.11 -29.85 -20.48
CA LEU U 167 -24.11 -30.33 -19.11
C LEU U 167 -24.22 -31.85 -19.05
N GLY U 168 -24.73 -32.48 -20.10
CA GLY U 168 -24.92 -33.91 -20.13
C GLY U 168 -23.75 -34.72 -20.63
N VAL U 169 -22.59 -34.11 -20.84
CA VAL U 169 -21.42 -34.80 -21.35
C VAL U 169 -20.25 -34.54 -20.39
N ASP U 170 -19.54 -35.59 -20.03
CA ASP U 170 -18.41 -35.47 -19.11
C ASP U 170 -17.22 -34.85 -19.83
N PRO U 171 -16.65 -33.75 -19.32
CA PRO U 171 -15.44 -33.21 -19.98
C PRO U 171 -14.28 -34.19 -20.00
N ILE U 172 -14.15 -35.04 -18.99
CA ILE U 172 -13.03 -35.98 -18.94
C ILE U 172 -13.09 -37.01 -20.07
N GLU U 173 -14.27 -37.24 -20.65
CA GLU U 173 -14.36 -38.18 -21.76
C GLU U 173 -13.54 -37.71 -22.95
N VAL U 174 -13.56 -36.40 -23.22
CA VAL U 174 -12.79 -35.86 -24.34
C VAL U 174 -11.30 -36.10 -24.11
N LEU U 175 -10.83 -35.86 -22.88
CA LEU U 175 -9.43 -36.06 -22.55
C LEU U 175 -9.02 -37.53 -22.59
N GLU U 176 -9.91 -38.44 -22.18
CA GLU U 176 -9.62 -39.87 -22.26
C GLU U 176 -9.61 -40.37 -23.70
N ALA U 177 -10.45 -39.78 -24.56
CA ALA U 177 -10.48 -40.19 -25.95
C ALA U 177 -9.26 -39.68 -26.70
N GLU U 178 -9.07 -38.35 -26.71
CA GLU U 178 -8.03 -37.75 -27.54
C GLU U 178 -6.71 -37.57 -26.81
N ALA U 179 -6.73 -37.07 -25.58
CA ALA U 179 -5.49 -36.69 -24.92
C ALA U 179 -4.71 -37.92 -24.43
N ARG U 180 -5.33 -38.74 -23.60
CA ARG U 180 -4.61 -39.88 -23.03
C ARG U 180 -4.14 -40.83 -24.12
N ALA U 181 -5.01 -41.15 -25.07
CA ALA U 181 -4.62 -42.07 -26.13
C ALA U 181 -3.45 -41.53 -26.93
N HIS U 182 -3.52 -40.26 -27.31
CA HIS U 182 -2.43 -39.68 -28.10
C HIS U 182 -1.13 -39.66 -27.31
N ILE U 183 -1.18 -39.30 -26.03
CA ILE U 183 0.04 -39.26 -25.23
C ILE U 183 0.64 -40.65 -25.11
N ILE U 184 -0.21 -41.66 -24.86
CA ILE U 184 0.30 -43.02 -24.64
C ILE U 184 0.89 -43.58 -25.92
N ASP U 185 0.18 -43.41 -27.05
CA ASP U 185 0.65 -43.99 -28.30
C ASP U 185 1.95 -43.35 -28.79
N TRP U 186 2.11 -42.04 -28.64
CA TRP U 186 3.24 -41.32 -29.19
C TRP U 186 4.42 -41.25 -28.23
N ALA U 187 4.33 -41.86 -27.06
CA ALA U 187 5.45 -41.90 -26.15
C ALA U 187 6.53 -42.81 -26.72
N GLY U 188 7.73 -42.27 -26.92
CA GLY U 188 8.80 -43.01 -27.55
C GLY U 188 9.49 -43.97 -26.61
N ASP U 189 8.72 -44.76 -25.87
CA ASP U 189 9.26 -45.71 -24.91
C ASP U 189 8.34 -46.90 -24.83
N ASN U 190 8.70 -47.84 -23.96
CA ASN U 190 7.88 -49.02 -23.68
C ASN U 190 7.67 -49.06 -22.17
N GLY U 191 6.64 -48.34 -21.71
CA GLY U 191 6.32 -48.29 -20.30
C GLY U 191 4.86 -47.99 -20.06
N ASP U 192 4.47 -47.81 -18.80
CA ASP U 192 3.07 -47.56 -18.47
C ASP U 192 3.01 -46.76 -17.19
N ASN U 193 1.78 -46.44 -16.77
CA ASN U 193 1.53 -45.68 -15.55
C ASN U 193 2.02 -44.23 -15.67
N TYR U 194 1.91 -43.65 -16.86
CA TYR U 194 2.29 -42.25 -17.05
C TYR U 194 1.37 -41.36 -16.23
N GLU U 195 1.96 -40.40 -15.53
CA GLU U 195 1.18 -39.44 -14.76
C GLU U 195 0.84 -38.24 -15.64
N ILE U 196 -0.43 -37.87 -15.67
CA ILE U 196 -0.93 -36.77 -16.50
C ILE U 196 -1.21 -35.58 -15.60
N VAL U 197 -0.64 -34.43 -15.97
CA VAL U 197 -0.83 -33.19 -15.22
C VAL U 197 -1.50 -32.18 -16.13
N VAL U 198 -2.50 -31.48 -15.61
CA VAL U 198 -3.25 -30.50 -16.37
C VAL U 198 -3.06 -29.13 -15.73
N LEU U 199 -2.81 -28.12 -16.56
CA LEU U 199 -2.62 -26.76 -16.10
C LEU U 199 -3.59 -25.86 -16.85
N ALA U 200 -4.37 -25.08 -16.12
CA ALA U 200 -5.47 -24.33 -16.72
C ALA U 200 -5.61 -22.97 -16.05
N SER U 201 -6.22 -22.04 -16.78
CA SER U 201 -6.52 -20.73 -16.24
C SER U 201 -7.75 -20.79 -15.34
N ARG U 202 -7.98 -19.71 -14.59
CA ARG U 202 -9.12 -19.69 -13.67
C ARG U 202 -10.44 -19.86 -14.40
N GLN U 203 -10.63 -19.16 -15.52
CA GLN U 203 -11.90 -19.22 -16.22
C GLN U 203 -12.21 -20.63 -16.71
N TRP U 204 -11.18 -21.47 -16.86
CA TRP U 204 -11.38 -22.84 -17.28
C TRP U 204 -11.55 -23.76 -16.07
N PHE U 205 -10.71 -23.57 -15.05
CA PHE U 205 -10.79 -24.40 -13.85
C PHE U 205 -12.14 -24.24 -13.16
N SER U 206 -12.62 -23.01 -13.02
CA SER U 206 -13.90 -22.78 -12.37
C SER U 206 -15.04 -23.44 -13.14
N ALA U 207 -15.06 -23.28 -14.46
CA ALA U 207 -16.09 -23.94 -15.26
C ALA U 207 -15.98 -25.44 -15.19
N LEU U 208 -14.78 -25.99 -14.96
CA LEU U 208 -14.63 -27.43 -14.80
C LEU U 208 -15.23 -27.89 -13.49
N ILE U 209 -14.79 -27.31 -12.37
CA ILE U 209 -15.23 -27.79 -11.06
C ILE U 209 -16.72 -27.62 -10.87
N ALA U 210 -17.35 -26.67 -11.55
CA ALA U 210 -18.77 -26.39 -11.40
C ALA U 210 -19.65 -27.25 -12.28
N HIS U 211 -19.08 -28.13 -13.09
CA HIS U 211 -19.88 -28.95 -13.99
C HIS U 211 -20.78 -29.88 -13.18
N PRO U 212 -22.04 -30.06 -13.57
CA PRO U 212 -22.95 -30.90 -12.76
C PRO U 212 -22.44 -32.31 -12.56
N GLN U 213 -21.85 -32.90 -13.60
CA GLN U 213 -21.46 -34.30 -13.55
C GLN U 213 -20.36 -34.55 -12.53
N VAL U 214 -19.33 -33.71 -12.53
CA VAL U 214 -18.24 -33.90 -11.57
C VAL U 214 -18.74 -33.68 -10.15
N THR U 215 -19.66 -32.74 -9.95
CA THR U 215 -20.21 -32.50 -8.62
C THR U 215 -21.07 -33.66 -8.15
N GLY U 216 -21.77 -34.32 -9.07
CA GLY U 216 -22.66 -35.40 -8.66
C GLY U 216 -21.94 -36.52 -7.95
N ALA U 217 -20.72 -36.84 -8.39
CA ALA U 217 -20.00 -37.97 -7.83
C ALA U 217 -19.59 -37.75 -6.38
N TYR U 218 -19.65 -36.52 -5.88
CA TYR U 218 -19.16 -36.20 -4.55
C TYR U 218 -20.27 -35.74 -3.60
N SER U 219 -21.53 -35.76 -4.02
CA SER U 219 -22.61 -35.27 -3.16
C SER U 219 -23.26 -36.37 -2.35
N GLN U 220 -23.10 -37.63 -2.75
CA GLN U 220 -23.91 -38.71 -2.18
C GLN U 220 -23.28 -39.34 -0.94
N TYR U 221 -21.96 -39.35 -0.81
CA TYR U 221 -21.32 -40.00 0.31
C TYR U 221 -19.98 -39.32 0.57
N PRO U 222 -19.39 -39.53 1.75
CA PRO U 222 -18.15 -38.84 2.10
C PRO U 222 -17.02 -39.18 1.15
N SER U 223 -16.12 -38.22 0.96
CA SER U 223 -14.92 -38.42 0.15
C SER U 223 -13.74 -37.81 0.89
N THR U 224 -12.53 -38.19 0.47
CA THR U 224 -11.33 -37.72 1.16
C THR U 224 -11.28 -36.20 1.20
N GLN U 225 -11.52 -35.55 0.06
CA GLN U 225 -11.56 -34.11 -0.03
C GLN U 225 -13.00 -33.67 -0.27
N GLU U 226 -13.59 -33.01 0.72
CA GLU U 226 -14.99 -32.56 0.63
C GLU U 226 -15.03 -31.35 -0.30
N ILE U 227 -15.16 -31.62 -1.59
CA ILE U 227 -15.16 -30.54 -2.58
C ILE U 227 -16.26 -29.53 -2.30
N LEU U 228 -17.45 -30.00 -1.93
CA LEU U 228 -18.57 -29.10 -1.73
C LEU U 228 -18.50 -28.36 -0.39
N ARG U 229 -17.66 -28.81 0.53
CA ARG U 229 -17.56 -28.21 1.86
C ARG U 229 -16.24 -27.49 2.11
N ARG U 230 -15.11 -28.16 1.95
CA ARG U 230 -13.83 -27.50 2.11
C ARG U 230 -13.38 -26.86 0.80
N ARG U 231 -12.37 -26.01 0.88
CA ARG U 231 -11.79 -25.36 -0.29
C ARG U 231 -10.68 -26.23 -0.86
N LEU U 232 -10.67 -26.35 -2.19
CA LEU U 232 -9.65 -27.15 -2.85
C LEU U 232 -8.27 -26.59 -2.53
N GLY U 233 -7.35 -27.47 -2.16
CA GLY U 233 -6.04 -27.02 -1.75
C GLY U 233 -6.03 -26.23 -0.46
N GLY U 234 -7.11 -26.29 0.31
CA GLY U 234 -7.17 -25.55 1.54
C GLY U 234 -7.06 -24.06 1.31
N ASN U 235 -6.17 -23.42 2.06
CA ASN U 235 -5.98 -21.97 2.00
C ASN U 235 -4.93 -21.56 0.97
N ALA U 236 -4.40 -22.50 0.20
CA ALA U 236 -3.36 -22.16 -0.77
C ALA U 236 -3.93 -21.27 -1.88
N ASN U 237 -3.05 -20.90 -2.81
CA ASN U 237 -3.43 -19.98 -3.87
C ASN U 237 -3.67 -20.71 -5.19
N ASN U 238 -3.45 -22.02 -5.24
CA ASN U 238 -3.45 -22.76 -6.49
C ASN U 238 -4.64 -23.71 -6.67
N ARG U 239 -5.31 -24.09 -5.59
CA ARG U 239 -6.42 -25.04 -5.69
C ARG U 239 -5.97 -26.36 -6.32
N ILE U 240 -5.00 -27.00 -5.68
CA ILE U 240 -4.57 -28.32 -6.14
C ILE U 240 -5.74 -29.29 -6.05
N PHE U 241 -6.11 -29.89 -7.17
CA PHE U 241 -7.29 -30.75 -7.23
C PHE U 241 -6.94 -32.00 -8.03
N GLU U 242 -7.28 -33.17 -7.49
CA GLU U 242 -7.02 -34.44 -8.14
C GLU U 242 -8.34 -35.14 -8.42
N HIS U 243 -8.40 -35.84 -9.56
CA HIS U 243 -9.62 -36.50 -9.97
C HIS U 243 -9.31 -37.47 -11.12
N LYS U 244 -9.84 -38.68 -11.01
CA LYS U 244 -9.67 -39.70 -12.05
C LYS U 244 -8.19 -39.88 -12.40
N ASN U 245 -7.33 -39.88 -11.40
CA ASN U 245 -5.90 -40.06 -11.61
C ASN U 245 -5.33 -38.95 -12.50
N ILE U 246 -5.97 -37.78 -12.45
CA ILE U 246 -5.52 -36.60 -13.18
C ILE U 246 -5.45 -35.45 -12.18
N LEU U 247 -4.30 -34.78 -12.14
CA LEU U 247 -4.05 -33.70 -11.20
C LEU U 247 -4.22 -32.37 -11.93
N PHE U 248 -5.06 -31.50 -11.39
CA PHE U 248 -5.31 -30.18 -11.95
C PHE U 248 -4.69 -29.12 -11.07
N ILE U 249 -4.18 -28.06 -11.71
CA ILE U 249 -3.59 -26.92 -11.03
C ILE U 249 -4.08 -25.65 -11.70
N GLU U 250 -4.40 -24.64 -10.90
CA GLU U 250 -4.89 -23.37 -11.40
C GLU U 250 -3.74 -22.38 -11.49
N ASP U 251 -3.63 -21.73 -12.65
CA ASP U 251 -2.57 -20.73 -12.86
C ASP U 251 -2.99 -19.38 -12.29
N ILE U 252 -2.04 -18.71 -11.64
CA ILE U 252 -2.29 -17.41 -11.04
C ILE U 252 -1.46 -16.36 -11.78
N SER U 253 -0.36 -16.79 -12.42
CA SER U 253 0.51 -15.87 -13.11
C SER U 253 -0.16 -15.22 -14.32
N GLY U 254 -1.29 -15.74 -14.78
CA GLY U 254 -1.95 -15.17 -15.92
C GLY U 254 -1.23 -15.35 -17.23
N ASN U 255 -0.29 -16.29 -17.30
CA ASN U 255 0.45 -16.58 -18.51
C ASN U 255 -0.26 -17.60 -19.40
N ILE U 256 -1.32 -18.23 -18.89
CA ILE U 256 -2.14 -19.15 -19.68
C ILE U 256 -3.35 -18.36 -20.18
N PRO U 257 -3.63 -18.37 -21.49
CA PRO U 257 -4.81 -17.65 -21.98
C PRO U 257 -6.06 -18.03 -21.18
N ALA U 258 -7.07 -17.16 -21.26
CA ALA U 258 -8.23 -17.29 -20.39
C ALA U 258 -8.90 -18.65 -20.53
N GLY U 259 -9.21 -19.06 -21.76
CA GLY U 259 -9.98 -20.26 -21.99
C GLY U 259 -9.18 -21.50 -22.33
N GLU U 260 -7.90 -21.54 -22.03
CA GLU U 260 -7.03 -22.62 -22.46
C GLU U 260 -6.46 -23.39 -21.27
N ALA U 261 -6.20 -24.66 -21.50
CA ALA U 261 -5.55 -25.53 -20.53
C ALA U 261 -4.61 -26.47 -21.28
N TYR U 262 -3.55 -26.89 -20.60
CA TYR U 262 -2.51 -27.70 -21.21
C TYR U 262 -2.32 -29.00 -20.44
N ILE U 263 -2.08 -30.08 -21.18
CA ILE U 263 -1.93 -31.41 -20.63
C ILE U 263 -0.62 -32.00 -21.14
N PHE U 264 0.18 -32.57 -20.24
CA PHE U 264 1.45 -33.16 -20.63
C PHE U 264 1.81 -34.23 -19.61
N PRO U 265 2.60 -35.22 -19.99
CA PRO U 265 2.99 -36.28 -19.05
C PRO U 265 4.28 -35.95 -18.31
N ARG U 266 4.45 -36.58 -17.15
CA ARG U 266 5.65 -36.39 -16.36
C ARG U 266 6.65 -37.51 -16.61
N GLY U 267 7.91 -37.26 -16.25
CA GLY U 267 8.93 -38.28 -16.19
C GLY U 267 9.65 -38.57 -17.49
N ILE U 268 9.20 -38.02 -18.61
CA ILE U 268 9.85 -38.31 -19.89
C ILE U 268 11.18 -37.58 -19.93
N SER U 269 12.24 -38.32 -20.29
CA SER U 269 13.59 -37.79 -20.23
C SER U 269 13.84 -36.75 -21.31
N ARG U 270 14.57 -35.70 -20.94
CA ARG U 270 15.03 -34.69 -21.88
C ARG U 270 13.87 -34.04 -22.63
N MET U 271 12.72 -33.92 -21.96
CA MET U 271 11.58 -33.25 -22.57
C MET U 271 11.76 -31.73 -22.55
N PHE U 272 12.43 -31.21 -21.53
CA PHE U 272 12.65 -29.77 -21.38
C PHE U 272 14.11 -29.51 -21.05
N GLU U 273 14.68 -28.50 -21.69
CA GLU U 273 16.05 -28.08 -21.41
C GLU U 273 16.18 -26.59 -21.64
N ILE U 274 17.16 -25.99 -20.96
CA ILE U 274 17.46 -24.58 -21.11
C ILE U 274 18.98 -24.43 -21.22
N TYR U 275 19.43 -23.69 -22.22
CA TYR U 275 20.86 -23.51 -22.49
C TYR U 275 21.25 -22.06 -22.28
N TYR U 276 22.46 -21.86 -21.79
CA TYR U 276 23.01 -20.53 -21.53
C TYR U 276 24.21 -20.27 -22.42
N ALA U 277 24.33 -19.04 -22.89
CA ALA U 277 25.46 -18.58 -23.68
C ALA U 277 26.23 -17.50 -22.93
N PRO U 278 27.52 -17.35 -23.20
CA PRO U 278 28.32 -16.36 -22.48
C PRO U 278 27.99 -14.94 -22.92
N SER U 279 28.35 -13.99 -22.06
CA SER U 279 28.16 -12.59 -22.38
C SER U 279 29.07 -12.18 -23.52
N ASP U 280 28.77 -11.02 -24.12
CA ASP U 280 29.55 -10.51 -25.23
C ASP U 280 30.75 -9.69 -24.79
N THR U 281 30.99 -9.59 -23.48
CA THR U 281 32.17 -8.90 -23.00
C THR U 281 33.43 -9.60 -23.49
N LEU U 282 34.47 -8.81 -23.77
CA LEU U 282 35.69 -9.36 -24.34
C LEU U 282 36.38 -10.37 -23.43
N ARG U 283 36.10 -10.35 -22.14
CA ARG U 283 36.76 -11.28 -21.23
C ARG U 283 36.25 -12.70 -21.43
N ASP U 284 34.94 -12.88 -21.55
CA ASP U 284 34.32 -14.19 -21.48
C ASP U 284 34.01 -14.81 -22.83
N ALA U 285 34.42 -14.19 -23.92
CA ALA U 285 34.14 -14.74 -25.25
C ALA U 285 34.68 -16.15 -25.36
N ASN U 286 33.85 -17.06 -25.89
CA ASN U 286 34.19 -18.46 -26.06
C ASN U 286 34.57 -19.13 -24.74
N GLN U 287 33.84 -18.84 -23.67
CA GLN U 287 34.09 -19.45 -22.37
C GLN U 287 32.77 -19.89 -21.74
N ALA U 288 32.88 -20.52 -20.57
CA ALA U 288 31.69 -21.02 -19.88
C ALA U 288 30.73 -19.89 -19.58
N ALA U 289 29.44 -20.14 -19.82
CA ALA U 289 28.43 -19.12 -19.60
C ALA U 289 28.03 -19.07 -18.12
N GLN U 290 27.15 -18.12 -17.80
CA GLN U 290 26.61 -17.97 -16.46
C GLN U 290 25.19 -17.45 -16.55
N GLU U 291 24.47 -17.56 -15.43
CA GLU U 291 23.05 -17.20 -15.43
C GLU U 291 22.85 -15.72 -15.70
N LEU U 292 23.61 -14.86 -15.02
CA LEU U 292 23.39 -13.42 -15.12
C LEU U 292 24.69 -12.70 -14.76
N TYR U 293 25.08 -11.74 -15.58
CA TYR U 293 26.25 -10.92 -15.33
C TYR U 293 25.81 -9.52 -14.90
N VAL U 294 26.44 -9.00 -13.86
CA VAL U 294 26.15 -7.67 -13.34
C VAL U 294 27.45 -6.92 -13.17
N PHE U 295 27.49 -5.68 -13.66
CA PHE U 295 28.64 -4.82 -13.51
C PHE U 295 28.21 -3.46 -12.99
N PHE U 296 29.06 -2.87 -12.16
CA PHE U 296 28.85 -1.54 -11.63
C PHE U 296 30.16 -0.78 -11.70
N LYS U 297 30.10 0.46 -12.19
CA LYS U 297 31.30 1.25 -12.41
C LYS U 297 31.00 2.72 -12.15
N GLU U 298 31.91 3.38 -11.43
CA GLU U 298 31.83 4.80 -11.19
C GLU U 298 32.87 5.54 -12.02
N SER U 299 32.45 6.69 -12.57
CA SER U 299 33.34 7.49 -13.40
C SER U 299 34.44 8.08 -12.53
N ASN U 300 35.67 8.06 -13.04
CA ASN U 300 36.80 8.61 -12.31
C ASN U 300 36.65 10.10 -12.03
N TYR U 301 35.83 10.80 -12.78
CA TYR U 301 35.64 12.23 -12.60
C TYR U 301 34.70 12.55 -11.45
N LEU U 302 34.06 11.55 -10.84
CA LEU U 302 33.21 11.75 -9.67
C LEU U 302 31.95 12.54 -10.04
N ARG U 303 31.38 12.24 -11.20
CA ARG U 303 30.17 12.92 -11.64
C ARG U 303 29.14 12.01 -12.29
N GLU U 304 29.41 10.71 -12.45
CA GLU U 304 28.46 9.82 -13.09
C GLU U 304 28.68 8.40 -12.59
N ALA U 305 27.66 7.58 -12.76
CA ALA U 305 27.74 6.16 -12.41
C ALA U 305 26.72 5.39 -13.24
N LYS U 306 26.96 4.09 -13.39
CA LYS U 306 26.09 3.24 -14.19
C LYS U 306 26.03 1.85 -13.59
N ILE U 307 24.89 1.19 -13.77
CA ILE U 307 24.68 -0.20 -13.39
C ILE U 307 24.17 -0.95 -14.61
N GLU U 308 24.87 -2.01 -15.00
CA GLU U 308 24.52 -2.75 -16.19
C GLU U 308 24.53 -4.24 -15.89
N SER U 309 23.63 -4.97 -16.55
CA SER U 309 23.56 -6.41 -16.42
C SER U 309 22.97 -6.97 -17.71
N GLU U 310 23.27 -8.24 -17.97
CA GLU U 310 22.84 -8.88 -19.21
C GLU U 310 22.86 -10.39 -19.02
N THR U 311 22.10 -11.08 -19.87
CA THR U 311 22.04 -12.53 -19.84
C THR U 311 21.56 -13.03 -21.19
N SER U 312 21.83 -14.30 -21.46
CA SER U 312 21.43 -14.92 -22.72
C SER U 312 21.15 -16.40 -22.47
N PHE U 313 20.02 -16.87 -22.97
CA PHE U 313 19.65 -18.27 -22.81
C PHE U 313 18.49 -18.60 -23.73
N LEU U 314 18.28 -19.89 -23.95
CA LEU U 314 17.17 -20.39 -24.75
C LEU U 314 16.50 -21.55 -24.03
N THR U 315 15.19 -21.66 -24.19
CA THR U 315 14.40 -22.75 -23.63
C THR U 315 13.95 -23.65 -24.77
N VAL U 316 14.24 -24.94 -24.66
CA VAL U 316 14.03 -25.89 -25.75
C VAL U 316 13.01 -26.92 -25.31
N ASN U 317 12.00 -27.15 -26.14
CA ASN U 317 11.03 -28.22 -25.95
C ASN U 317 11.33 -29.31 -26.96
N ASN U 318 11.97 -30.39 -26.50
CA ASN U 318 12.43 -31.45 -27.39
C ASN U 318 11.31 -32.32 -27.93
N ARG U 319 10.18 -32.41 -27.23
CA ARG U 319 9.08 -33.30 -27.62
C ARG U 319 7.78 -32.51 -27.65
N PRO U 320 7.63 -31.60 -28.61
CA PRO U 320 6.40 -30.80 -28.69
C PRO U 320 5.17 -31.64 -28.97
N GLU U 321 5.33 -32.84 -29.51
CA GLU U 321 4.18 -33.67 -29.87
C GLU U 321 3.44 -34.23 -28.66
N LEU U 322 4.01 -34.11 -27.46
CA LEU U 322 3.41 -34.68 -26.26
C LEU U 322 2.70 -33.64 -25.41
N VAL U 323 2.43 -32.45 -25.95
CA VAL U 323 1.69 -31.41 -25.26
C VAL U 323 0.43 -31.11 -26.05
N VAL U 324 -0.71 -31.15 -25.36
CA VAL U 324 -2.02 -31.04 -26.00
C VAL U 324 -2.70 -29.78 -25.50
N LYS U 325 -3.21 -28.97 -26.44
CA LYS U 325 -3.97 -27.79 -26.08
C LYS U 325 -5.41 -28.12 -25.78
N SER U 326 -6.04 -27.30 -24.96
CA SER U 326 -7.46 -27.43 -24.64
C SER U 326 -8.15 -26.09 -24.80
N THR U 327 -9.40 -26.13 -25.24
CA THR U 327 -10.20 -24.93 -25.43
C THR U 327 -11.56 -25.14 -24.79
N GLY U 328 -12.15 -24.04 -24.30
CA GLY U 328 -13.43 -24.10 -23.64
C GLY U 328 -14.39 -23.10 -24.21
N LYS U 329 -15.67 -23.44 -24.11
CA LYS U 329 -16.77 -22.58 -24.53
C LYS U 329 -17.70 -22.36 -23.35
N PHE U 330 -18.03 -21.09 -23.10
CA PHE U 330 -18.78 -20.73 -21.90
C PHE U 330 -19.90 -19.75 -22.24
N MET V 1 -57.43 -103.79 -3.52
CA MET V 1 -58.76 -103.20 -3.82
C MET V 1 -59.31 -103.80 -5.11
N GLN V 2 -60.62 -104.02 -5.15
CA GLN V 2 -61.23 -104.72 -6.27
C GLN V 2 -61.62 -103.76 -7.38
N ASN V 3 -61.18 -104.10 -8.60
CA ASN V 3 -61.64 -103.44 -9.81
C ASN V 3 -62.86 -104.20 -10.32
N GLY V 4 -63.24 -103.97 -11.59
CA GLY V 4 -64.36 -104.68 -12.15
C GLY V 4 -64.29 -106.17 -11.88
N ASP V 5 -65.45 -106.83 -12.05
CA ASP V 5 -65.65 -108.19 -11.57
C ASP V 5 -64.42 -109.07 -11.71
N PHE V 6 -63.77 -109.04 -12.87
CA PHE V 6 -62.67 -109.94 -13.16
C PHE V 6 -61.30 -109.27 -13.15
N GLN V 7 -61.19 -108.06 -12.58
CA GLN V 7 -59.92 -107.34 -12.56
C GLN V 7 -59.72 -106.73 -11.18
N ILE V 8 -58.46 -106.39 -10.89
CA ILE V 8 -58.06 -105.82 -9.62
C ILE V 8 -57.34 -104.49 -9.87
N LEU V 9 -57.00 -103.82 -8.78
CA LEU V 9 -56.26 -102.56 -8.86
C LEU V 9 -55.53 -102.34 -7.54
N ASP V 10 -54.65 -101.36 -7.53
CA ASP V 10 -53.81 -101.06 -6.38
C ASP V 10 -54.31 -99.80 -5.68
N TYR V 11 -54.55 -99.91 -4.38
CA TYR V 11 -54.91 -98.75 -3.58
C TYR V 11 -53.65 -97.98 -3.20
N THR V 12 -53.71 -96.65 -3.27
CA THR V 12 -52.53 -95.81 -3.13
C THR V 12 -52.45 -95.05 -1.81
N GLY V 13 -53.46 -94.26 -1.47
CA GLY V 13 -53.38 -93.45 -0.26
C GLY V 13 -54.67 -92.70 -0.05
N LEU V 14 -54.68 -91.93 1.04
CA LEU V 14 -55.84 -91.16 1.47
C LEU V 14 -55.48 -89.68 1.54
N ILE V 15 -56.40 -88.82 1.12
CA ILE V 15 -56.23 -87.37 1.16
C ILE V 15 -57.34 -86.78 2.00
N SER V 16 -56.98 -85.91 2.93
CA SER V 16 -57.92 -85.30 3.86
C SER V 16 -57.69 -83.80 3.91
N THR V 17 -58.78 -83.05 4.05
CA THR V 17 -58.73 -81.59 4.13
C THR V 17 -59.73 -81.11 5.16
N MET V 18 -59.41 -79.99 5.78
CA MET V 18 -60.25 -79.37 6.80
C MET V 18 -59.97 -77.87 6.82
N PRO V 19 -60.98 -77.04 7.08
CA PRO V 19 -60.76 -75.60 7.11
C PRO V 19 -59.92 -75.20 8.31
N ARG V 20 -59.23 -74.08 8.17
CA ARG V 20 -58.38 -73.56 9.22
C ARG V 20 -59.20 -73.07 10.41
N VAL V 21 -58.64 -73.22 11.60
CA VAL V 21 -59.21 -72.67 12.83
C VAL V 21 -58.21 -71.71 13.44
N ASP V 22 -58.65 -70.49 13.73
CA ASP V 22 -57.78 -69.43 14.19
C ASP V 22 -57.67 -69.43 15.71
N THR V 23 -56.49 -69.03 16.19
CA THR V 23 -56.21 -68.98 17.62
C THR V 23 -55.43 -67.74 18.04
N LEU V 24 -55.43 -66.69 17.22
CA LEU V 24 -54.63 -65.49 17.52
C LEU V 24 -55.05 -64.86 18.84
N LEU V 25 -56.35 -64.65 19.03
CA LEU V 25 -56.83 -64.06 20.27
C LEU V 25 -56.51 -64.95 21.46
N GLN V 26 -56.67 -66.27 21.30
CA GLN V 26 -56.28 -67.19 22.36
C GLN V 26 -54.80 -67.04 22.68
N SER V 27 -53.96 -66.90 21.64
CA SER V 27 -52.52 -66.77 21.84
C SER V 27 -52.19 -65.50 22.61
N MET V 28 -52.84 -64.38 22.28
CA MET V 28 -52.51 -63.11 22.92
C MET V 28 -52.79 -63.12 24.42
N ASN V 29 -53.64 -64.02 24.91
CA ASN V 29 -53.91 -64.15 26.35
C ASN V 29 -54.40 -62.83 26.94
N LEU V 30 -55.45 -62.26 26.34
CA LEU V 30 -56.02 -61.02 26.83
C LEU V 30 -57.22 -61.23 27.76
N PHE V 31 -57.67 -62.47 27.94
CA PHE V 31 -58.85 -62.77 28.73
C PHE V 31 -58.47 -63.59 29.96
N THR V 32 -58.93 -63.15 31.12
CA THR V 32 -58.75 -63.90 32.36
C THR V 32 -59.94 -64.82 32.59
N GLU V 33 -59.67 -66.02 33.09
CA GLU V 33 -60.68 -67.05 33.25
C GLU V 33 -61.11 -67.15 34.71
N HIS V 34 -62.42 -67.16 34.93
CA HIS V 34 -63.01 -67.31 36.25
C HIS V 34 -63.98 -68.48 36.24
N PHE V 35 -63.85 -69.37 37.21
CA PHE V 35 -64.71 -70.55 37.33
C PHE V 35 -65.63 -70.36 38.53
N GLY V 36 -66.89 -70.02 38.26
CA GLY V 36 -67.87 -69.77 39.30
C GLY V 36 -68.65 -71.01 39.66
N ARG V 37 -69.79 -70.78 40.32
CA ARG V 37 -70.66 -71.87 40.75
C ARG V 37 -72.08 -71.66 40.24
N THR V 38 -72.54 -70.41 40.25
CA THR V 38 -73.90 -70.06 39.88
C THR V 38 -73.93 -69.62 38.41
N THR V 39 -75.08 -69.10 37.97
CA THR V 39 -75.24 -68.56 36.62
C THR V 39 -75.47 -67.05 36.65
N VAL V 40 -75.09 -66.39 37.74
CA VAL V 40 -75.27 -64.95 37.89
C VAL V 40 -74.02 -64.39 38.55
N ALA V 41 -73.57 -63.23 38.09
CA ALA V 41 -72.35 -62.61 38.59
C ALA V 41 -72.60 -61.15 38.90
N ARG V 42 -71.78 -60.60 39.80
CA ARG V 42 -71.87 -59.21 40.21
C ARG V 42 -70.56 -58.50 39.94
N ILE V 43 -70.65 -57.21 39.60
CA ILE V 43 -69.48 -56.36 39.41
C ILE V 43 -69.70 -55.08 40.20
N GLU V 44 -68.66 -54.64 40.89
CA GLU V 44 -68.71 -53.46 41.74
C GLU V 44 -67.83 -52.36 41.14
N ARG V 45 -68.40 -51.17 41.01
CA ARG V 45 -67.68 -50.00 40.54
C ARG V 45 -67.66 -48.94 41.64
N LEU V 46 -66.57 -48.18 41.68
CA LEU V 46 -66.41 -47.12 42.66
C LEU V 46 -65.56 -46.04 42.02
N ASP V 47 -66.20 -44.96 41.57
CA ASP V 47 -65.53 -43.90 40.82
C ASP V 47 -65.45 -42.66 41.70
N ASP V 48 -64.27 -42.05 41.75
CA ASP V 48 -64.02 -40.90 42.61
C ASP V 48 -63.18 -39.89 41.85
N GLY V 49 -63.16 -38.67 42.36
CA GLY V 49 -62.39 -37.60 41.74
C GLY V 49 -62.26 -36.39 42.63
N ALA V 50 -62.37 -35.20 42.05
CA ALA V 50 -62.20 -33.98 42.82
C ALA V 50 -62.78 -32.80 42.03
N GLY V 51 -62.95 -31.69 42.73
CA GLY V 51 -63.47 -30.48 42.14
C GLY V 51 -62.50 -29.32 42.22
N ASP V 52 -63.05 -28.12 42.01
CA ASP V 52 -62.27 -26.90 42.02
C ASP V 52 -62.74 -26.00 43.16
N ILE V 53 -61.79 -25.25 43.73
CA ILE V 53 -62.05 -24.37 44.86
C ILE V 53 -62.13 -22.93 44.35
N LYS V 54 -63.18 -22.22 44.76
CA LYS V 54 -63.35 -20.83 44.39
C LYS V 54 -62.96 -19.92 45.56
N ALA V 55 -62.49 -18.73 45.22
CA ALA V 55 -62.05 -17.78 46.25
C ALA V 55 -63.25 -17.19 46.98
N VAL V 56 -63.06 -16.92 48.27
CA VAL V 56 -64.08 -16.35 49.12
C VAL V 56 -63.44 -15.30 50.03
N GLN V 57 -64.28 -14.43 50.57
CA GLN V 57 -63.80 -13.38 51.46
C GLN V 57 -63.32 -13.99 52.77
N ARG V 58 -62.43 -13.26 53.45
CA ARG V 58 -61.88 -13.72 54.70
C ARG V 58 -62.84 -13.46 55.85
N GLY V 59 -62.98 -14.44 56.74
CA GLY V 59 -63.80 -14.32 57.91
C GLY V 59 -65.29 -14.51 57.68
N GLY V 60 -65.71 -14.82 56.46
CA GLY V 60 -67.12 -14.94 56.15
C GLY V 60 -67.59 -16.38 56.01
N VAL V 61 -68.16 -16.71 54.85
CA VAL V 61 -68.71 -18.03 54.60
C VAL V 61 -67.58 -18.98 54.22
N ARG V 62 -67.87 -20.28 54.21
CA ARG V 62 -66.91 -21.30 53.82
C ARG V 62 -67.49 -22.11 52.66
N GLN V 63 -66.74 -23.11 52.21
CA GLN V 63 -67.10 -23.93 51.07
C GLN V 63 -67.09 -25.40 51.47
N HIS V 64 -67.93 -26.19 50.81
CA HIS V 64 -68.18 -27.57 51.20
C HIS V 64 -67.93 -28.51 50.02
N LEU V 65 -67.60 -29.76 50.34
CA LEU V 65 -67.28 -30.75 49.32
C LEU V 65 -68.52 -31.57 48.95
N ALA V 66 -68.46 -32.23 47.80
CA ALA V 66 -69.51 -33.14 47.36
C ALA V 66 -69.20 -34.53 47.90
N ASN V 67 -69.92 -35.55 47.39
CA ASN V 67 -69.75 -36.92 47.84
C ASN V 67 -69.40 -37.79 46.64
N ASP V 68 -69.23 -39.08 46.90
CA ASP V 68 -68.74 -40.02 45.89
C ASP V 68 -69.92 -40.65 45.14
N ARG V 69 -69.63 -41.70 44.37
CA ARG V 69 -70.61 -42.33 43.51
C ARG V 69 -70.36 -43.83 43.48
N LYS V 70 -71.45 -44.61 43.37
CA LYS V 70 -71.37 -46.06 43.36
C LYS V 70 -72.34 -46.62 42.34
N LYS V 71 -72.07 -47.85 41.87
CA LYS V 71 -72.93 -48.54 40.93
C LYS V 71 -72.76 -50.05 41.09
N ILE V 72 -73.83 -50.79 40.80
CA ILE V 72 -73.84 -52.25 40.91
C ILE V 72 -74.61 -52.81 39.72
N VAL V 73 -74.13 -53.93 39.18
CA VAL V 73 -74.74 -54.56 38.01
C VAL V 73 -74.80 -56.07 38.23
N ASN V 74 -75.68 -56.72 37.46
CA ASN V 74 -75.83 -58.18 37.48
C ASN V 74 -75.97 -58.68 36.05
N LEU V 75 -75.62 -59.95 35.82
CA LEU V 75 -75.63 -60.53 34.49
C LEU V 75 -75.95 -62.01 34.57
N ASN V 76 -76.38 -62.58 33.45
CA ASN V 76 -76.68 -64.00 33.32
C ASN V 76 -75.72 -64.65 32.33
N ILE V 77 -75.86 -65.96 32.17
CA ILE V 77 -74.97 -66.74 31.31
C ILE V 77 -75.80 -67.64 30.39
N PRO V 78 -75.38 -67.85 29.14
CA PRO V 78 -76.13 -68.73 28.24
C PRO V 78 -75.65 -70.18 28.35
N PHE V 79 -76.25 -71.03 27.51
CA PHE V 79 -75.97 -72.46 27.49
C PHE V 79 -75.74 -72.92 26.06
N PHE V 80 -74.90 -73.93 25.88
CA PHE V 80 -74.53 -74.42 24.55
C PHE V 80 -74.42 -75.94 24.55
N PRO V 81 -75.46 -76.66 24.12
CA PRO V 81 -75.38 -78.12 24.03
C PRO V 81 -74.97 -78.63 22.66
N LEU V 82 -74.53 -79.89 22.58
CA LEU V 82 -74.20 -80.54 21.31
C LEU V 82 -74.26 -82.04 21.50
N ASP V 83 -75.06 -82.71 20.68
CA ASP V 83 -75.31 -84.14 20.81
C ASP V 83 -75.28 -84.80 19.44
N ARG V 84 -75.04 -86.12 19.45
CA ARG V 84 -75.12 -86.92 18.24
C ARG V 84 -75.32 -88.38 18.63
N SER V 85 -75.78 -89.18 17.67
CA SER V 85 -76.04 -90.60 17.87
C SER V 85 -75.46 -91.43 16.73
N ILE V 86 -75.30 -92.73 17.00
CA ILE V 86 -74.74 -93.67 16.05
C ILE V 86 -75.69 -94.87 15.95
N ASP V 87 -75.98 -95.30 14.73
CA ASP V 87 -76.89 -96.41 14.46
C ASP V 87 -76.16 -97.52 13.74
N ARG V 88 -76.77 -98.71 13.74
CA ARG V 88 -76.16 -99.88 13.12
C ARG V 88 -75.93 -99.64 11.63
N ALA V 89 -76.91 -99.05 10.95
CA ALA V 89 -76.85 -98.90 9.49
C ALA V 89 -75.61 -98.15 9.03
N ASP V 90 -75.03 -97.30 9.89
CA ASP V 90 -73.87 -96.51 9.48
C ASP V 90 -72.61 -97.36 9.35
N ILE V 91 -72.60 -98.57 9.92
CA ILE V 91 -71.40 -99.41 9.91
C ILE V 91 -71.74 -100.84 9.48
N GLN V 92 -72.98 -101.07 9.05
CA GLN V 92 -73.41 -102.43 8.76
C GLN V 92 -72.58 -103.07 7.65
N ASN V 93 -72.47 -102.39 6.51
CA ASN V 93 -71.78 -102.95 5.34
C ASN V 93 -70.89 -101.93 4.65
N PHE V 94 -70.55 -100.83 5.33
CA PHE V 94 -69.73 -99.79 4.74
C PHE V 94 -68.26 -100.10 4.98
N ARG V 95 -67.48 -100.13 3.90
CA ARG V 95 -66.04 -100.31 4.02
C ARG V 95 -65.43 -99.12 4.77
N GLU V 96 -64.35 -99.39 5.49
CA GLU V 96 -63.75 -98.39 6.39
C GLU V 96 -63.37 -97.12 5.64
N PHE V 97 -63.14 -97.23 4.33
CA PHE V 97 -62.66 -96.12 3.50
C PHE V 97 -61.19 -95.84 3.76
N GLY V 98 -60.52 -96.74 4.47
CA GLY V 98 -59.09 -96.64 4.71
C GLY V 98 -58.35 -97.73 3.97
N THR V 99 -58.01 -98.80 4.67
CA THR V 99 -57.38 -99.94 4.02
C THR V 99 -58.35 -100.58 3.02
N GLU V 100 -57.86 -101.60 2.31
CA GLU V 100 -58.62 -102.19 1.22
C GLU V 100 -59.88 -102.88 1.71
N ASN V 101 -59.79 -103.67 2.79
CA ASN V 101 -60.91 -104.51 3.18
C ASN V 101 -61.26 -104.43 4.66
N ALA V 102 -60.69 -103.51 5.43
CA ALA V 102 -61.03 -103.43 6.85
C ALA V 102 -62.48 -102.99 7.01
N PRO V 103 -63.31 -103.74 7.73
CA PRO V 103 -64.69 -103.31 7.96
C PRO V 103 -64.75 -102.07 8.84
N ALA V 104 -65.84 -101.32 8.69
CA ALA V 104 -66.05 -100.10 9.45
C ALA V 104 -66.17 -100.39 10.94
N THR V 105 -65.44 -99.63 11.76
CA THR V 105 -65.46 -99.81 13.21
C THR V 105 -66.13 -98.61 13.87
N VAL V 106 -66.87 -98.87 14.95
CA VAL V 106 -67.56 -97.79 15.65
C VAL V 106 -66.56 -96.79 16.22
N ASP V 107 -65.38 -97.29 16.62
CA ASP V 107 -64.38 -96.42 17.25
C ASP V 107 -63.96 -95.29 16.32
N ALA V 108 -63.77 -95.62 15.03
CA ALA V 108 -63.36 -94.58 14.08
C ALA V 108 -64.38 -93.47 13.99
N GLU V 109 -65.67 -93.83 13.88
CA GLU V 109 -66.72 -92.82 13.84
C GLU V 109 -66.77 -92.02 15.14
N VAL V 110 -66.54 -92.69 16.28
CA VAL V 110 -66.53 -91.98 17.55
C VAL V 110 -65.41 -90.94 17.56
N GLN V 111 -64.23 -91.30 17.06
CA GLN V 111 -63.13 -90.35 17.01
C GLN V 111 -63.44 -89.19 16.06
N ARG V 112 -64.06 -89.48 14.91
CA ARG V 112 -64.47 -88.41 14.01
C ARG V 112 -65.41 -87.45 14.71
N HIS V 113 -66.39 -87.97 15.44
CA HIS V 113 -67.34 -87.10 16.15
C HIS V 113 -66.64 -86.30 17.24
N MET V 114 -65.70 -86.93 17.96
CA MET V 114 -64.91 -86.20 18.94
C MET V 114 -64.20 -85.02 18.30
N ALA V 115 -63.53 -85.26 17.18
CA ALA V 115 -62.80 -84.20 16.51
C ALA V 115 -63.73 -83.08 16.07
N ARG V 116 -64.87 -83.45 15.48
CA ARG V 116 -65.81 -82.43 15.02
C ARG V 116 -66.35 -81.61 16.17
N ILE V 117 -66.69 -82.25 17.29
CA ILE V 117 -67.23 -81.53 18.44
C ILE V 117 -66.18 -80.58 19.01
N ARG V 118 -64.94 -81.07 19.13
CA ARG V 118 -63.88 -80.21 19.64
C ARG V 118 -63.66 -79.01 18.74
N ARG V 119 -63.66 -79.23 17.43
CA ARG V 119 -63.49 -78.11 16.49
C ARG V 119 -64.62 -77.12 16.61
N SER V 120 -65.86 -77.60 16.72
CA SER V 120 -67.00 -76.69 16.86
C SER V 120 -66.91 -75.87 18.13
N HIS V 121 -66.53 -76.51 19.24
CA HIS V 121 -66.39 -75.78 20.49
C HIS V 121 -65.30 -74.73 20.40
N ALA V 122 -64.17 -75.07 19.77
CA ALA V 122 -63.09 -74.11 19.61
C ALA V 122 -63.54 -72.93 18.76
N ILE V 123 -64.28 -73.19 17.68
CA ILE V 123 -64.76 -72.12 16.83
C ILE V 123 -65.72 -71.21 17.59
N LEU V 124 -66.63 -71.81 18.38
CA LEU V 124 -67.55 -71.01 19.17
C LEU V 124 -66.81 -70.13 20.17
N LYS V 125 -65.83 -70.70 20.86
CA LYS V 125 -65.04 -69.92 21.81
C LYS V 125 -64.31 -68.78 21.10
N SER V 126 -63.74 -69.05 19.92
CA SER V 126 -63.07 -67.99 19.17
C SER V 126 -64.05 -66.87 18.83
N LYS V 127 -65.22 -67.22 18.31
CA LYS V 127 -66.19 -66.20 17.94
C LYS V 127 -66.64 -65.39 19.15
N ALA V 128 -66.71 -66.04 20.32
CA ALA V 128 -67.17 -65.33 21.51
C ALA V 128 -66.27 -64.15 21.86
N MET V 129 -64.95 -64.33 21.79
CA MET V 129 -64.04 -63.24 22.13
C MET V 129 -64.13 -62.11 21.12
N TYR V 130 -64.23 -62.43 19.83
CA TYR V 130 -64.41 -61.38 18.83
C TYR V 130 -65.69 -60.60 19.09
N ALA V 131 -66.79 -61.29 19.41
CA ALA V 131 -68.03 -60.59 19.71
C ALA V 131 -67.86 -59.70 20.94
N ALA V 132 -67.18 -60.20 21.98
CA ALA V 132 -66.99 -59.41 23.19
C ALA V 132 -66.18 -58.15 22.92
N LEU V 133 -65.11 -58.27 22.12
CA LEU V 133 -64.27 -57.10 21.86
C LEU V 133 -65.07 -55.99 21.20
N LYS V 134 -66.06 -56.34 20.38
CA LYS V 134 -66.90 -55.36 19.71
C LYS V 134 -67.84 -54.65 20.67
N GLY V 135 -67.94 -55.09 21.92
CA GLY V 135 -68.76 -54.41 22.90
C GLY V 135 -70.09 -55.07 23.20
N THR V 136 -70.36 -56.24 22.64
CA THR V 136 -71.60 -56.95 22.89
C THR V 136 -71.32 -58.41 23.14
N SER V 137 -72.19 -59.05 23.92
CA SER V 137 -72.05 -60.47 24.21
C SER V 137 -72.51 -61.31 23.02
N TRP V 138 -72.10 -62.58 23.02
CA TRP V 138 -72.43 -63.52 21.95
C TRP V 138 -73.46 -64.51 22.48
N SER V 139 -74.66 -64.47 21.91
CA SER V 139 -75.73 -65.37 22.31
C SER V 139 -76.79 -65.42 21.22
N PRO V 140 -76.46 -65.94 20.04
CA PRO V 140 -77.44 -65.95 18.94
C PRO V 140 -78.69 -66.73 19.30
N ASP V 141 -79.85 -66.22 18.87
CA ASP V 141 -81.16 -66.80 19.10
C ASP V 141 -81.51 -66.90 20.57
N ASP V 142 -80.77 -66.23 21.45
CA ASP V 142 -81.00 -66.27 22.89
C ASP V 142 -81.09 -64.83 23.40
N PRO V 143 -82.25 -64.20 23.29
CA PRO V 143 -82.38 -62.80 23.72
C PRO V 143 -82.35 -62.63 25.24
N VAL V 144 -82.12 -63.72 25.97
CA VAL V 144 -82.10 -63.64 27.43
C VAL V 144 -80.96 -62.75 27.92
N SER V 145 -79.82 -62.73 27.23
CA SER V 145 -78.70 -61.93 27.71
C SER V 145 -78.42 -60.74 26.80
N ASP V 146 -78.05 -61.01 25.54
CA ASP V 146 -77.92 -59.97 24.52
C ASP V 146 -77.31 -58.69 25.07
N TYR V 147 -76.39 -58.80 26.02
CA TYR V 147 -75.94 -57.62 26.75
C TYR V 147 -75.07 -56.71 25.89
N ASN V 148 -75.52 -55.48 25.69
CA ASN V 148 -74.72 -54.46 25.04
C ASN V 148 -73.99 -53.65 26.10
N TYR V 149 -72.69 -53.90 26.25
CA TYR V 149 -71.92 -53.28 27.34
C TYR V 149 -71.91 -51.76 27.24
N TYR V 150 -71.89 -51.21 26.03
CA TYR V 150 -71.96 -49.75 25.89
C TYR V 150 -73.23 -49.22 26.53
N ASP V 151 -74.36 -49.87 26.29
CA ASP V 151 -75.61 -49.44 26.89
C ASP V 151 -75.66 -49.82 28.37
N VAL V 152 -75.19 -51.02 28.71
CA VAL V 152 -75.29 -51.50 30.09
C VAL V 152 -74.54 -50.57 31.03
N TRP V 153 -73.28 -50.27 30.71
CA TRP V 153 -72.47 -49.42 31.58
C TRP V 153 -72.74 -47.94 31.33
N GLY V 154 -73.03 -47.57 30.08
CA GLY V 154 -73.23 -46.19 29.73
C GLY V 154 -71.99 -45.59 29.10
N ALA V 155 -71.98 -45.46 27.78
CA ALA V 155 -70.79 -45.00 27.07
C ALA V 155 -71.16 -44.69 25.63
N THR V 156 -70.14 -44.37 24.83
CA THR V 156 -70.32 -44.08 23.41
C THR V 156 -69.13 -44.66 22.66
N GLN V 157 -69.33 -44.89 21.36
CA GLN V 157 -68.32 -45.53 20.52
C GLN V 157 -67.53 -44.46 19.78
N THR V 158 -66.26 -44.33 20.12
CA THR V 158 -65.38 -43.42 19.40
C THR V 158 -65.01 -44.01 18.03
N THR V 159 -64.94 -43.14 17.03
CA THR V 159 -64.72 -43.60 15.66
C THR V 159 -63.25 -43.56 15.26
N ALA V 160 -62.64 -42.38 15.28
CA ALA V 160 -61.27 -42.19 14.81
C ALA V 160 -61.12 -42.68 13.37
N ASP V 161 -61.91 -42.09 12.48
CA ASP V 161 -61.90 -42.50 11.08
C ASP V 161 -60.62 -42.05 10.39
N VAL V 162 -60.21 -42.80 9.37
CA VAL V 162 -59.00 -42.52 8.61
C VAL V 162 -59.31 -42.67 7.13
N ASP V 163 -58.73 -41.80 6.31
CA ASP V 163 -58.85 -41.85 4.85
C ASP V 163 -57.47 -42.14 4.27
N PHE V 164 -57.40 -43.15 3.40
CA PHE V 164 -56.11 -43.54 2.82
C PHE V 164 -55.89 -42.93 1.45
N THR V 165 -56.93 -42.46 0.78
CA THR V 165 -56.79 -41.91 -0.57
C THR V 165 -55.96 -40.62 -0.59
N LYS V 166 -55.71 -40.00 0.55
CA LYS V 166 -54.91 -38.78 0.61
C LYS V 166 -53.45 -39.17 0.77
N LEU V 167 -52.77 -39.25 -0.37
CA LEU V 167 -51.35 -39.64 -0.35
C LEU V 167 -50.50 -38.61 0.39
N GLY V 168 -50.94 -37.35 0.42
CA GLY V 168 -50.20 -36.30 1.06
C GLY V 168 -50.45 -36.13 2.54
N VAL V 169 -51.26 -37.01 3.14
CA VAL V 169 -51.58 -36.94 4.57
C VAL V 169 -51.24 -38.29 5.19
N ASP V 170 -50.43 -38.26 6.24
CA ASP V 170 -50.08 -39.50 6.94
C ASP V 170 -51.26 -39.95 7.78
N PRO V 171 -51.78 -41.17 7.58
CA PRO V 171 -52.94 -41.60 8.38
C PRO V 171 -52.66 -41.69 9.87
N ILE V 172 -51.41 -41.88 10.28
CA ILE V 172 -51.11 -42.08 11.70
C ILE V 172 -51.37 -40.82 12.50
N GLU V 173 -51.34 -39.66 11.84
CA GLU V 173 -51.55 -38.38 12.52
C GLU V 173 -52.99 -38.19 12.98
N VAL V 174 -53.92 -38.98 12.47
CA VAL V 174 -55.29 -38.98 12.97
C VAL V 174 -55.48 -40.02 14.07
N LEU V 175 -54.94 -41.22 13.85
CA LEU V 175 -54.99 -42.26 14.87
C LEU V 175 -54.37 -41.78 16.17
N GLU V 176 -53.15 -41.26 16.13
CA GLU V 176 -52.55 -40.70 17.34
C GLU V 176 -53.50 -39.72 17.99
N ALA V 177 -53.78 -38.60 17.31
CA ALA V 177 -54.48 -37.48 17.92
C ALA V 177 -55.80 -37.93 18.55
N GLU V 178 -56.58 -38.74 17.85
CA GLU V 178 -57.88 -39.12 18.38
C GLU V 178 -57.76 -40.27 19.38
N ALA V 179 -57.29 -41.43 18.91
CA ALA V 179 -57.32 -42.63 19.74
C ALA V 179 -56.46 -42.48 20.99
N ARG V 180 -55.19 -42.09 20.82
CA ARG V 180 -54.31 -42.07 21.99
C ARG V 180 -54.75 -40.99 22.98
N ALA V 181 -55.20 -39.84 22.48
CA ALA V 181 -55.68 -38.80 23.37
C ALA V 181 -56.89 -39.30 24.16
N HIS V 182 -57.85 -39.94 23.48
CA HIS V 182 -59.03 -40.43 24.17
C HIS V 182 -58.67 -41.49 25.20
N ILE V 183 -57.76 -42.40 24.84
CA ILE V 183 -57.38 -43.47 25.76
C ILE V 183 -56.67 -42.89 26.98
N ILE V 184 -55.77 -41.92 26.78
CA ILE V 184 -55.06 -41.32 27.90
C ILE V 184 -56.03 -40.58 28.80
N ASP V 185 -56.98 -39.85 28.21
CA ASP V 185 -57.95 -39.10 29.00
C ASP V 185 -58.99 -39.98 29.66
N TRP V 186 -59.06 -41.27 29.30
CA TRP V 186 -60.04 -42.18 29.86
C TRP V 186 -59.45 -43.43 30.48
N ALA V 187 -58.14 -43.45 30.78
CA ALA V 187 -57.54 -44.61 31.42
C ALA V 187 -58.16 -44.86 32.78
N GLY V 188 -58.74 -43.83 33.39
CA GLY V 188 -59.37 -43.94 34.68
C GLY V 188 -58.43 -43.86 35.87
N ASP V 189 -57.33 -44.60 35.86
CA ASP V 189 -56.34 -44.53 36.93
C ASP V 189 -55.23 -43.57 36.52
N ASN V 190 -54.16 -43.51 37.31
CA ASN V 190 -53.03 -42.63 37.06
C ASN V 190 -51.86 -43.51 36.60
N GLY V 191 -51.80 -43.77 35.29
CA GLY V 191 -50.76 -44.55 34.69
C GLY V 191 -49.93 -43.75 33.70
N ASP V 192 -49.18 -44.47 32.88
CA ASP V 192 -48.32 -43.83 31.89
C ASP V 192 -48.01 -44.84 30.79
N ASN V 193 -47.56 -44.30 29.65
CA ASN V 193 -47.03 -45.07 28.52
C ASN V 193 -47.75 -46.39 28.29
N TYR V 194 -49.08 -46.35 28.20
CA TYR V 194 -49.84 -47.57 27.88
C TYR V 194 -49.50 -48.04 26.48
N GLU V 195 -49.34 -49.35 26.33
CA GLU V 195 -49.06 -49.93 25.02
C GLU V 195 -50.34 -50.01 24.20
N ILE V 196 -50.25 -49.67 22.92
CA ILE V 196 -51.41 -49.64 22.02
C ILE V 196 -51.27 -50.76 21.01
N VAL V 197 -52.37 -51.45 20.74
CA VAL V 197 -52.41 -52.52 19.75
C VAL V 197 -53.61 -52.28 18.84
N VAL V 198 -53.51 -52.76 17.60
CA VAL V 198 -54.52 -52.55 16.59
C VAL V 198 -54.78 -53.87 15.87
N LEU V 199 -56.05 -54.21 15.69
CA LEU V 199 -56.47 -55.33 14.86
C LEU V 199 -57.07 -54.78 13.58
N ALA V 200 -56.58 -55.25 12.44
CA ALA V 200 -56.94 -54.69 11.15
C ALA V 200 -57.36 -55.81 10.20
N SER V 201 -58.40 -55.55 9.41
CA SER V 201 -58.78 -56.47 8.35
C SER V 201 -57.72 -56.47 7.25
N ARG V 202 -57.73 -57.52 6.43
CA ARG V 202 -56.71 -57.65 5.40
C ARG V 202 -56.62 -56.41 4.53
N GLN V 203 -57.77 -55.89 4.08
CA GLN V 203 -57.77 -54.73 3.20
C GLN V 203 -57.14 -53.52 3.89
N TRP V 204 -57.53 -53.26 5.13
CA TRP V 204 -56.99 -52.11 5.85
C TRP V 204 -55.49 -52.22 6.02
N PHE V 205 -55.02 -53.36 6.52
CA PHE V 205 -53.59 -53.53 6.75
C PHE V 205 -52.80 -53.44 5.46
N SER V 206 -53.31 -54.06 4.39
CA SER V 206 -52.62 -54.01 3.11
C SER V 206 -52.55 -52.58 2.57
N ALA V 207 -53.65 -51.82 2.69
CA ALA V 207 -53.63 -50.45 2.20
C ALA V 207 -52.69 -49.58 3.02
N LEU V 208 -52.62 -49.81 4.33
CA LEU V 208 -51.79 -48.98 5.19
C LEU V 208 -50.33 -49.03 4.76
N ILE V 209 -49.82 -50.23 4.47
CA ILE V 209 -48.41 -50.37 4.10
C ILE V 209 -48.11 -49.63 2.81
N ALA V 210 -49.01 -49.71 1.83
CA ALA V 210 -48.77 -49.13 0.53
C ALA V 210 -48.78 -47.60 0.54
N HIS V 211 -49.16 -46.98 1.64
CA HIS V 211 -49.22 -45.53 1.70
C HIS V 211 -47.83 -44.94 1.46
N PRO V 212 -47.69 -43.92 0.61
CA PRO V 212 -46.34 -43.40 0.31
C PRO V 212 -45.54 -42.96 1.52
N GLN V 213 -46.20 -42.42 2.55
CA GLN V 213 -45.47 -41.91 3.70
C GLN V 213 -44.66 -43.01 4.37
N VAL V 214 -45.30 -44.15 4.65
CA VAL V 214 -44.62 -45.23 5.36
C VAL V 214 -43.45 -45.76 4.53
N THR V 215 -43.68 -45.96 3.22
CA THR V 215 -42.60 -46.45 2.37
C THR V 215 -41.43 -45.48 2.33
N GLY V 216 -41.72 -44.18 2.18
CA GLY V 216 -40.64 -43.20 2.16
C GLY V 216 -39.91 -43.12 3.49
N ALA V 217 -40.59 -43.48 4.57
CA ALA V 217 -39.97 -43.39 5.89
C ALA V 217 -38.76 -44.32 6.00
N TYR V 218 -38.87 -45.53 5.45
CA TYR V 218 -37.85 -46.54 5.69
C TYR V 218 -36.95 -46.76 4.48
N SER V 219 -37.24 -46.10 3.37
CA SER V 219 -36.57 -46.43 2.11
C SER V 219 -35.13 -45.96 2.07
N GLN V 220 -34.85 -44.76 2.57
CA GLN V 220 -33.59 -44.07 2.28
C GLN V 220 -32.40 -44.59 3.09
N TYR V 221 -32.61 -45.42 4.11
CA TYR V 221 -31.50 -45.97 4.86
C TYR V 221 -31.99 -47.21 5.60
N PRO V 222 -31.09 -48.15 5.92
CA PRO V 222 -31.55 -49.50 6.29
C PRO V 222 -32.39 -49.55 7.56
N SER V 223 -31.97 -48.89 8.63
CA SER V 223 -32.67 -49.01 9.90
C SER V 223 -32.80 -50.48 10.29
N THR V 224 -34.02 -50.92 10.57
CA THR V 224 -34.29 -52.33 10.86
C THR V 224 -35.73 -52.61 10.43
N GLN V 225 -36.15 -53.88 10.52
CA GLN V 225 -37.47 -54.28 10.04
C GLN V 225 -37.69 -53.86 8.60
N GLU V 226 -36.89 -54.41 7.68
CA GLU V 226 -36.85 -53.93 6.31
C GLU V 226 -38.12 -54.31 5.55
N ILE V 227 -39.07 -53.37 5.50
CA ILE V 227 -40.36 -53.63 4.86
C ILE V 227 -40.20 -53.94 3.39
N LEU V 228 -39.38 -53.16 2.68
CA LEU V 228 -39.35 -53.26 1.22
C LEU V 228 -38.83 -54.61 0.73
N ARG V 229 -37.82 -55.18 1.38
CA ARG V 229 -37.18 -56.39 0.89
C ARG V 229 -37.56 -57.65 1.68
N ARG V 230 -37.90 -57.50 2.96
CA ARG V 230 -38.36 -58.63 3.75
C ARG V 230 -39.88 -58.67 3.76
N ARG V 231 -40.46 -59.58 4.55
CA ARG V 231 -41.89 -59.69 4.72
C ARG V 231 -42.26 -59.36 6.16
N LEU V 232 -43.34 -58.61 6.33
CA LEU V 232 -43.81 -58.26 7.67
C LEU V 232 -44.18 -59.53 8.42
N GLY V 233 -43.56 -59.73 9.58
CA GLY V 233 -43.83 -60.92 10.36
C GLY V 233 -43.16 -62.18 9.85
N GLY V 234 -42.14 -62.06 9.00
CA GLY V 234 -41.47 -63.24 8.49
C GLY V 234 -42.39 -64.06 7.62
N ASN V 235 -42.18 -65.37 7.65
CA ASN V 235 -42.96 -66.30 6.83
C ASN V 235 -44.26 -66.73 7.50
N ALA V 236 -44.55 -66.24 8.70
CA ALA V 236 -45.77 -66.61 9.38
C ALA V 236 -47.00 -66.12 8.62
N ASN V 237 -48.10 -66.84 8.77
CA ASN V 237 -49.33 -66.47 8.07
C ASN V 237 -49.83 -65.11 8.53
N ASN V 238 -49.74 -64.84 9.84
CA ASN V 238 -50.21 -63.57 10.38
C ASN V 238 -49.09 -62.53 10.31
N ARG V 239 -49.23 -61.55 9.43
CA ARG V 239 -48.23 -60.50 9.32
C ARG V 239 -48.23 -59.64 10.57
N ILE V 240 -47.07 -59.07 10.89
CA ILE V 240 -46.89 -58.21 12.04
C ILE V 240 -46.14 -56.96 11.60
N PHE V 241 -46.59 -55.80 12.08
CA PHE V 241 -45.95 -54.54 11.75
C PHE V 241 -45.94 -53.66 12.99
N GLU V 242 -44.92 -52.82 13.09
CA GLU V 242 -44.78 -51.92 14.23
C GLU V 242 -44.25 -50.58 13.72
N HIS V 243 -45.05 -49.53 13.87
CA HIS V 243 -44.68 -48.21 13.37
C HIS V 243 -45.12 -47.16 14.38
N LYS V 244 -44.20 -46.25 14.71
CA LYS V 244 -44.49 -45.15 15.61
C LYS V 244 -45.00 -45.66 16.96
N ASN V 245 -44.27 -46.60 17.56
CA ASN V 245 -44.59 -47.13 18.88
C ASN V 245 -46.03 -47.65 18.94
N ILE V 246 -46.41 -48.33 17.86
CA ILE V 246 -47.71 -49.00 17.78
C ILE V 246 -47.49 -50.37 17.15
N LEU V 247 -48.34 -51.32 17.53
CA LEU V 247 -48.29 -52.68 17.02
C LEU V 247 -49.52 -52.94 16.16
N PHE V 248 -49.28 -53.44 14.94
CA PHE V 248 -50.35 -53.70 13.99
C PHE V 248 -50.39 -55.20 13.69
N ILE V 249 -51.59 -55.75 13.62
CA ILE V 249 -51.80 -57.18 13.39
C ILE V 249 -52.91 -57.35 12.36
N GLU V 250 -52.73 -58.33 11.47
CA GLU V 250 -53.71 -58.62 10.43
C GLU V 250 -54.63 -59.74 10.89
N ASP V 251 -55.94 -59.57 10.66
CA ASP V 251 -56.94 -60.55 11.07
C ASP V 251 -57.20 -61.50 9.91
N ILE V 252 -56.57 -62.67 9.94
CA ILE V 252 -56.78 -63.66 8.89
C ILE V 252 -58.19 -64.23 8.97
N SER V 253 -58.72 -64.39 10.18
CA SER V 253 -60.01 -65.03 10.38
C SER V 253 -61.14 -64.35 9.63
N GLY V 254 -61.03 -63.05 9.34
CA GLY V 254 -62.08 -62.35 8.63
C GLY V 254 -63.30 -62.02 9.46
N ASN V 255 -63.25 -62.21 10.77
CA ASN V 255 -64.38 -61.83 11.60
C ASN V 255 -64.59 -60.32 11.60
N ILE V 256 -63.51 -59.55 11.56
CA ILE V 256 -63.59 -58.09 11.50
C ILE V 256 -64.13 -57.72 10.12
N PRO V 257 -65.12 -56.83 10.01
CA PRO V 257 -65.60 -56.43 8.69
C PRO V 257 -64.47 -55.82 7.85
N ALA V 258 -64.50 -56.10 6.56
CA ALA V 258 -63.44 -55.63 5.67
C ALA V 258 -63.34 -54.11 5.73
N GLY V 259 -62.12 -53.62 5.90
CA GLY V 259 -61.84 -52.19 5.95
C GLY V 259 -61.87 -51.62 7.35
N GLU V 260 -62.39 -52.35 8.32
CA GLU V 260 -62.52 -51.86 9.69
C GLU V 260 -61.35 -52.34 10.55
N ALA V 261 -61.08 -51.59 11.61
CA ALA V 261 -60.03 -51.95 12.55
C ALA V 261 -60.38 -51.40 13.92
N TYR V 262 -60.00 -52.13 14.96
CA TYR V 262 -60.29 -51.76 16.34
C TYR V 262 -58.99 -51.45 17.05
N ILE V 263 -58.96 -50.33 17.77
CA ILE V 263 -57.78 -49.89 18.52
C ILE V 263 -58.11 -49.94 20.00
N PHE V 264 -57.26 -50.62 20.77
CA PHE V 264 -57.46 -50.75 22.20
C PHE V 264 -56.09 -50.82 22.88
N PRO V 265 -55.98 -50.41 24.13
CA PRO V 265 -54.70 -50.46 24.84
C PRO V 265 -54.50 -51.75 25.63
N ARG V 266 -53.23 -52.05 25.88
CA ARG V 266 -52.87 -53.19 26.70
C ARG V 266 -52.62 -52.75 28.14
N GLY V 267 -52.45 -53.73 29.02
CA GLY V 267 -52.00 -53.47 30.38
C GLY V 267 -53.08 -53.06 31.36
N ILE V 268 -54.18 -52.49 30.86
CA ILE V 268 -55.23 -52.03 31.75
C ILE V 268 -55.82 -53.20 32.52
N SER V 269 -56.07 -52.99 33.81
CA SER V 269 -56.49 -54.08 34.69
C SER V 269 -57.97 -54.42 34.47
N ARG V 270 -58.25 -55.72 34.37
CA ARG V 270 -59.61 -56.24 34.39
C ARG V 270 -60.48 -55.63 33.28
N MET V 271 -59.89 -55.38 32.11
CA MET V 271 -60.68 -54.90 30.99
C MET V 271 -61.47 -56.03 30.33
N PHE V 272 -60.94 -57.24 30.36
CA PHE V 272 -61.58 -58.40 29.74
C PHE V 272 -61.66 -59.53 30.76
N GLU V 273 -62.81 -60.21 30.79
CA GLU V 273 -63.00 -61.35 31.68
C GLU V 273 -63.96 -62.33 31.03
N ILE V 274 -63.81 -63.61 31.38
CA ILE V 274 -64.69 -64.67 30.92
C ILE V 274 -65.03 -65.57 32.10
N TYR V 275 -66.30 -65.94 32.19
CA TYR V 275 -66.80 -66.74 33.31
C TYR V 275 -67.41 -68.03 32.80
N TYR V 276 -67.22 -69.11 33.56
CA TYR V 276 -67.76 -70.42 33.23
C TYR V 276 -68.73 -70.86 34.32
N ALA V 277 -69.85 -71.46 33.91
CA ALA V 277 -70.83 -71.96 34.85
C ALA V 277 -70.95 -73.48 34.76
N PRO V 278 -71.43 -74.13 35.81
CA PRO V 278 -71.56 -75.60 35.77
C PRO V 278 -72.59 -76.03 34.75
N SER V 279 -72.58 -77.33 34.44
CA SER V 279 -73.49 -77.91 33.47
C SER V 279 -74.77 -78.37 34.17
N ASP V 280 -75.70 -78.93 33.38
CA ASP V 280 -76.98 -79.40 33.91
C ASP V 280 -76.86 -80.88 34.24
N THR V 281 -76.08 -81.17 35.28
CA THR V 281 -75.89 -82.55 35.73
C THR V 281 -75.78 -82.55 37.25
N LEU V 282 -76.21 -83.66 37.85
CA LEU V 282 -76.14 -83.80 39.31
C LEU V 282 -74.70 -83.82 39.80
N ARG V 283 -73.77 -84.38 39.03
CA ARG V 283 -72.37 -84.39 39.45
C ARG V 283 -71.79 -82.99 39.55
N ASP V 284 -72.11 -82.13 38.58
CA ASP V 284 -71.53 -80.80 38.50
C ASP V 284 -72.41 -79.70 39.07
N ALA V 285 -73.67 -79.99 39.37
CA ALA V 285 -74.57 -78.97 39.89
C ALA V 285 -74.00 -78.34 41.15
N ASN V 286 -73.97 -77.01 41.17
CA ASN V 286 -73.48 -76.24 42.32
C ASN V 286 -71.99 -76.47 42.58
N GLN V 287 -71.30 -77.13 41.66
CA GLN V 287 -69.88 -77.42 41.81
C GLN V 287 -69.07 -76.35 41.08
N ALA V 288 -67.76 -76.56 40.99
CA ALA V 288 -66.90 -75.66 40.24
C ALA V 288 -66.96 -76.00 38.76
N ALA V 289 -67.09 -74.97 37.94
CA ALA V 289 -67.25 -75.17 36.51
C ALA V 289 -65.94 -75.64 35.88
N GLN V 290 -66.04 -76.17 34.66
CA GLN V 290 -64.89 -76.62 33.90
C GLN V 290 -64.99 -76.08 32.49
N GLU V 291 -63.87 -76.13 31.78
CA GLU V 291 -63.81 -75.53 30.45
C GLU V 291 -64.78 -76.21 29.48
N LEU V 292 -64.83 -77.54 29.51
CA LEU V 292 -65.67 -78.27 28.56
C LEU V 292 -65.98 -79.65 29.13
N TYR V 293 -67.21 -80.11 28.92
CA TYR V 293 -67.65 -81.42 29.37
C TYR V 293 -67.98 -82.29 28.16
N VAL V 294 -67.51 -83.54 28.18
CA VAL V 294 -67.77 -84.50 27.12
C VAL V 294 -68.22 -85.80 27.77
N PHE V 295 -69.28 -86.40 27.22
CA PHE V 295 -69.83 -87.64 27.75
C PHE V 295 -70.04 -88.61 26.60
N PHE V 296 -69.96 -89.91 26.93
CA PHE V 296 -70.14 -90.97 25.96
C PHE V 296 -70.87 -92.13 26.62
N LYS V 297 -71.83 -92.70 25.90
CA LYS V 297 -72.68 -93.75 26.45
C LYS V 297 -72.82 -94.87 25.42
N GLU V 298 -72.53 -96.09 25.83
CA GLU V 298 -72.80 -97.26 25.01
C GLU V 298 -74.04 -97.98 25.52
N SER V 299 -75.02 -98.14 24.64
CA SER V 299 -76.27 -98.78 25.03
C SER V 299 -76.01 -100.19 25.53
N ASN V 300 -76.61 -100.54 26.67
CA ASN V 300 -76.46 -101.88 27.23
C ASN V 300 -77.18 -102.94 26.41
N TYR V 301 -78.01 -102.54 25.44
CA TYR V 301 -78.69 -103.48 24.57
C TYR V 301 -77.98 -103.65 23.23
N LEU V 302 -76.80 -103.05 23.09
CA LEU V 302 -75.92 -103.32 21.96
C LEU V 302 -76.44 -102.75 20.65
N ARG V 303 -77.55 -102.01 20.68
CA ARG V 303 -78.16 -101.47 19.48
C ARG V 303 -78.08 -99.96 19.39
N GLU V 304 -77.21 -99.30 20.15
CA GLU V 304 -77.12 -97.84 20.06
C GLU V 304 -75.84 -97.38 20.72
N ALA V 305 -75.34 -96.25 20.23
CA ALA V 305 -74.23 -95.54 20.85
C ALA V 305 -74.44 -94.05 20.64
N LYS V 306 -74.21 -93.28 21.71
CA LYS V 306 -74.51 -91.86 21.70
C LYS V 306 -73.34 -91.08 22.28
N ILE V 307 -73.24 -89.82 21.86
CA ILE V 307 -72.18 -88.92 22.31
C ILE V 307 -72.84 -87.61 22.75
N GLU V 308 -72.30 -87.02 23.81
CA GLU V 308 -72.90 -85.83 24.41
C GLU V 308 -71.82 -84.87 24.84
N SER V 309 -72.02 -83.58 24.58
CA SER V 309 -71.08 -82.54 24.99
C SER V 309 -71.86 -81.24 25.19
N GLU V 310 -71.48 -80.51 26.24
CA GLU V 310 -72.15 -79.27 26.59
C GLU V 310 -71.17 -78.35 27.28
N THR V 311 -71.45 -77.05 27.22
CA THR V 311 -70.63 -76.04 27.89
C THR V 311 -71.46 -74.78 28.08
N SER V 312 -70.99 -73.91 28.98
CA SER V 312 -71.71 -72.68 29.31
C SER V 312 -70.69 -71.66 29.82
N PHE V 313 -70.61 -70.52 29.15
CA PHE V 313 -69.69 -69.46 29.53
C PHE V 313 -70.19 -68.12 29.00
N LEU V 314 -69.64 -67.04 29.54
CA LEU V 314 -69.97 -65.68 29.13
C LEU V 314 -68.70 -64.86 29.04
N THR V 315 -68.61 -64.02 28.01
CA THR V 315 -67.49 -63.10 27.83
C THR V 315 -67.97 -61.68 28.12
N VAL V 316 -67.24 -60.97 28.98
CA VAL V 316 -67.64 -59.65 29.45
C VAL V 316 -66.50 -58.67 29.21
N ASN V 317 -66.83 -57.50 28.68
CA ASN V 317 -65.90 -56.39 28.53
C ASN V 317 -66.28 -55.33 29.55
N ASN V 318 -65.33 -55.01 30.44
CA ASN V 318 -65.62 -54.14 31.58
C ASN V 318 -65.43 -52.66 31.28
N ARG V 319 -64.94 -52.29 30.09
CA ARG V 319 -64.66 -50.90 29.77
C ARG V 319 -64.86 -50.68 28.27
N PRO V 320 -66.10 -50.41 27.85
CA PRO V 320 -66.32 -50.07 26.44
C PRO V 320 -65.64 -48.79 26.01
N GLU V 321 -65.24 -47.93 26.95
CA GLU V 321 -64.66 -46.64 26.60
C GLU V 321 -63.39 -46.78 25.75
N LEU V 322 -62.62 -47.85 25.95
CA LEU V 322 -61.29 -47.96 25.38
C LEU V 322 -61.28 -48.86 24.14
N VAL V 323 -62.33 -48.82 23.35
CA VAL V 323 -62.40 -49.48 22.05
C VAL V 323 -62.83 -48.45 21.02
N VAL V 324 -62.07 -48.34 19.94
CA VAL V 324 -62.30 -47.32 18.92
C VAL V 324 -62.50 -48.01 17.58
N LYS V 325 -63.59 -47.68 16.89
CA LYS V 325 -63.90 -48.29 15.60
C LYS V 325 -63.24 -47.55 14.45
N SER V 326 -62.01 -47.92 14.11
CA SER V 326 -61.35 -47.31 12.96
C SER V 326 -62.01 -47.78 11.67
N THR V 327 -62.33 -46.84 10.79
CA THR V 327 -62.98 -47.12 9.52
C THR V 327 -62.20 -46.44 8.40
N GLY V 328 -61.85 -47.21 7.38
CA GLY V 328 -61.09 -46.69 6.27
C GLY V 328 -61.96 -46.38 5.06
N LYS V 329 -61.52 -45.39 4.29
CA LYS V 329 -62.16 -45.03 3.03
C LYS V 329 -61.13 -45.11 1.91
N PHE V 330 -61.55 -45.68 0.79
CA PHE V 330 -60.62 -45.96 -0.31
C PHE V 330 -61.21 -45.50 -1.64
N MET W 1 0.64 -91.22 -36.85
CA MET W 1 -0.07 -91.92 -37.97
C MET W 1 0.61 -91.65 -39.30
N GLN W 2 0.48 -92.60 -40.22
CA GLN W 2 1.02 -92.41 -41.57
C GLN W 2 0.10 -91.50 -42.37
N ASN W 3 0.67 -90.91 -43.42
CA ASN W 3 -0.08 -90.11 -44.37
C ASN W 3 0.03 -90.75 -45.74
N GLY W 4 -1.09 -90.82 -46.45
CA GLY W 4 -1.08 -91.49 -47.73
C GLY W 4 -0.56 -92.91 -47.57
N ASP W 5 0.64 -93.14 -48.10
CA ASP W 5 1.28 -94.45 -47.99
C ASP W 5 2.75 -94.37 -47.62
N PHE W 6 3.35 -93.17 -47.56
CA PHE W 6 4.78 -93.05 -47.29
C PHE W 6 5.14 -91.97 -46.28
N GLN W 7 4.26 -91.03 -45.94
CA GLN W 7 4.57 -89.92 -45.06
C GLN W 7 3.92 -90.13 -43.69
N ILE W 8 4.10 -89.16 -42.80
CA ILE W 8 3.65 -89.26 -41.42
C ILE W 8 2.91 -87.99 -41.03
N LEU W 9 2.11 -88.10 -39.97
CA LEU W 9 1.30 -86.99 -39.46
C LEU W 9 1.44 -86.92 -37.95
N ASP W 10 1.22 -85.73 -37.39
CA ASP W 10 1.11 -85.58 -35.95
C ASP W 10 -0.35 -85.69 -35.53
N TYR W 11 -0.61 -86.38 -34.42
CA TYR W 11 -1.95 -86.60 -33.90
C TYR W 11 -2.12 -85.75 -32.65
N THR W 12 -3.22 -84.98 -32.60
CA THR W 12 -3.43 -83.98 -31.56
C THR W 12 -4.52 -84.36 -30.57
N GLY W 13 -4.79 -85.66 -30.40
CA GLY W 13 -5.76 -86.11 -29.42
C GLY W 13 -7.20 -86.02 -29.90
N LEU W 14 -8.13 -86.37 -29.03
CA LEU W 14 -9.54 -86.38 -29.37
C LEU W 14 -10.25 -85.16 -28.81
N ILE W 15 -11.37 -84.79 -29.45
CA ILE W 15 -12.24 -83.72 -28.99
C ILE W 15 -13.67 -84.26 -28.99
N SER W 16 -14.37 -84.06 -27.87
CA SER W 16 -15.71 -84.60 -27.72
C SER W 16 -16.58 -83.57 -26.99
N THR W 17 -17.88 -83.65 -27.25
CA THR W 17 -18.85 -82.76 -26.63
C THR W 17 -20.14 -83.53 -26.40
N MET W 18 -20.94 -83.06 -25.47
CA MET W 18 -22.23 -83.66 -25.16
C MET W 18 -23.23 -82.55 -24.91
N PRO W 19 -24.52 -82.81 -25.14
CA PRO W 19 -25.54 -81.76 -24.93
C PRO W 19 -25.88 -81.60 -23.46
N ARG W 20 -26.78 -80.66 -23.19
CA ARG W 20 -27.20 -80.36 -21.83
C ARG W 20 -28.08 -81.49 -21.28
N VAL W 21 -28.06 -81.62 -19.96
CA VAL W 21 -28.97 -82.50 -19.22
C VAL W 21 -29.36 -81.75 -17.95
N ASP W 22 -30.59 -81.26 -17.90
CA ASP W 22 -31.05 -80.40 -16.82
C ASP W 22 -31.71 -81.25 -15.73
N THR W 23 -31.27 -81.06 -14.49
CA THR W 23 -31.80 -81.78 -13.35
C THR W 23 -32.25 -80.84 -12.22
N LEU W 24 -32.50 -79.57 -12.51
CA LEU W 24 -32.92 -78.65 -11.46
C LEU W 24 -34.19 -79.12 -10.78
N LEU W 25 -35.22 -79.46 -11.56
CA LEU W 25 -36.47 -79.90 -10.98
C LEU W 25 -36.29 -81.19 -10.19
N GLN W 26 -35.53 -82.15 -10.75
CA GLN W 26 -35.32 -83.42 -10.07
C GLN W 26 -34.56 -83.23 -8.76
N SER W 27 -33.58 -82.33 -8.76
CA SER W 27 -32.72 -82.16 -7.59
C SER W 27 -33.52 -81.71 -6.37
N MET W 28 -34.59 -80.96 -6.57
CA MET W 28 -35.33 -80.38 -5.45
C MET W 28 -36.03 -81.45 -4.61
N ASN W 29 -36.12 -82.67 -5.13
CA ASN W 29 -36.73 -83.83 -4.48
C ASN W 29 -38.22 -83.60 -4.21
N LEU W 30 -38.92 -82.82 -5.04
CA LEU W 30 -40.32 -82.51 -4.78
C LEU W 30 -41.20 -83.75 -4.81
N PHE W 31 -40.95 -84.66 -5.74
CA PHE W 31 -41.86 -85.78 -5.98
C PHE W 31 -41.57 -86.96 -5.06
N THR W 32 -42.60 -87.73 -4.77
CA THR W 32 -42.50 -88.99 -4.04
C THR W 32 -42.73 -90.15 -5.00
N GLU W 33 -42.40 -91.36 -4.53
CA GLU W 33 -42.48 -92.55 -5.35
C GLU W 33 -43.27 -93.63 -4.63
N HIS W 34 -44.13 -94.31 -5.38
CA HIS W 34 -44.90 -95.45 -4.87
C HIS W 34 -44.83 -96.58 -5.89
N PHE W 35 -44.54 -97.78 -5.41
CA PHE W 35 -44.40 -98.96 -6.26
C PHE W 35 -45.53 -99.93 -5.94
N GLY W 36 -46.25 -100.36 -6.96
CA GLY W 36 -47.40 -101.23 -6.78
C GLY W 36 -47.33 -102.51 -7.57
N ARG W 37 -48.50 -103.06 -7.92
CA ARG W 37 -48.58 -104.31 -8.67
C ARG W 37 -49.41 -104.23 -9.94
N THR W 38 -50.48 -103.45 -9.99
CA THR W 38 -51.39 -103.46 -11.12
C THR W 38 -51.13 -102.27 -12.03
N THR W 39 -51.97 -102.11 -13.06
CA THR W 39 -51.86 -101.01 -14.00
C THR W 39 -52.91 -99.94 -13.76
N VAL W 40 -53.78 -100.12 -12.78
CA VAL W 40 -54.84 -99.16 -12.47
C VAL W 40 -54.72 -98.78 -11.00
N ALA W 41 -54.69 -97.48 -10.73
CA ALA W 41 -54.47 -96.97 -9.38
C ALA W 41 -55.67 -96.14 -8.94
N ARG W 42 -55.97 -96.22 -7.65
CA ARG W 42 -57.08 -95.49 -7.05
C ARG W 42 -56.55 -94.55 -5.97
N ILE W 43 -57.29 -93.46 -5.76
CA ILE W 43 -57.01 -92.52 -4.67
C ILE W 43 -58.32 -92.25 -3.94
N GLU W 44 -58.20 -91.88 -2.67
CA GLU W 44 -59.35 -91.59 -1.83
C GLU W 44 -59.16 -90.24 -1.16
N ARG W 45 -60.25 -89.48 -1.04
CA ARG W 45 -60.23 -88.16 -0.44
C ARG W 45 -61.33 -88.06 0.59
N LEU W 46 -61.03 -87.40 1.71
CA LEU W 46 -61.98 -87.22 2.80
C LEU W 46 -61.99 -85.74 3.17
N ASP W 47 -63.18 -85.14 3.20
CA ASP W 47 -63.37 -83.74 3.54
C ASP W 47 -64.18 -83.63 4.83
N ASP W 48 -63.66 -82.87 5.79
CA ASP W 48 -64.32 -82.68 7.07
C ASP W 48 -64.27 -81.19 7.44
N GLY W 49 -65.24 -80.78 8.24
CA GLY W 49 -65.34 -79.39 8.65
C GLY W 49 -65.81 -79.22 10.09
N ALA W 50 -66.61 -78.19 10.33
CA ALA W 50 -67.10 -77.90 11.66
C ALA W 50 -68.46 -77.22 11.54
N GLY W 51 -69.06 -76.93 12.68
CA GLY W 51 -70.38 -76.33 12.74
C GLY W 51 -70.39 -75.11 13.66
N ASP W 52 -71.36 -74.23 13.45
CA ASP W 52 -71.51 -73.02 14.26
C ASP W 52 -72.55 -73.27 15.35
N ILE W 53 -72.06 -73.68 16.51
CA ILE W 53 -72.91 -73.99 17.66
C ILE W 53 -73.65 -72.74 18.11
N LYS W 54 -74.95 -72.87 18.36
CA LYS W 54 -75.75 -71.77 18.87
C LYS W 54 -76.08 -71.99 20.34
N ALA W 55 -76.67 -70.96 20.95
CA ALA W 55 -77.04 -71.01 22.35
C ALA W 55 -78.50 -71.45 22.50
N VAL W 56 -78.77 -72.21 23.56
CA VAL W 56 -80.09 -72.71 23.86
C VAL W 56 -80.34 -72.58 25.35
N GLN W 57 -81.58 -72.27 25.72
CA GLN W 57 -81.93 -72.11 27.12
C GLN W 57 -81.71 -73.42 27.88
N ARG W 58 -81.24 -73.29 29.11
CA ARG W 58 -80.91 -74.47 29.91
C ARG W 58 -82.17 -75.27 30.24
N GLY W 59 -82.00 -76.59 30.30
CA GLY W 59 -83.10 -77.46 30.65
C GLY W 59 -84.18 -77.58 29.59
N GLY W 60 -83.86 -77.28 28.33
CA GLY W 60 -84.84 -77.34 27.27
C GLY W 60 -84.58 -78.44 26.27
N VAL W 61 -84.08 -78.07 25.08
CA VAL W 61 -83.83 -79.02 24.00
C VAL W 61 -82.40 -78.80 23.52
N ARG W 62 -81.88 -79.82 22.83
CA ARG W 62 -80.49 -79.82 22.39
C ARG W 62 -80.44 -79.86 20.87
N GLN W 63 -79.22 -79.79 20.34
CA GLN W 63 -78.97 -79.76 18.90
C GLN W 63 -77.99 -80.88 18.54
N HIS W 64 -77.83 -81.11 17.23
CA HIS W 64 -77.06 -82.24 16.73
C HIS W 64 -76.03 -81.78 15.71
N LEU W 65 -75.19 -82.71 15.29
CA LEU W 65 -74.06 -82.44 14.41
C LEU W 65 -74.35 -82.94 13.01
N ALA W 66 -73.56 -82.50 12.03
CA ALA W 66 -73.79 -82.83 10.63
C ALA W 66 -72.97 -84.05 10.21
N ASN W 67 -73.10 -84.40 8.93
CA ASN W 67 -72.47 -85.60 8.37
C ASN W 67 -71.11 -85.30 7.75
N ASP W 68 -70.57 -86.25 7.00
CA ASP W 68 -69.21 -86.18 6.49
C ASP W 68 -69.24 -86.31 4.97
N ARG W 69 -68.04 -86.23 4.36
CA ARG W 69 -67.89 -86.30 2.92
C ARG W 69 -66.87 -87.37 2.55
N LYS W 70 -66.97 -87.88 1.32
CA LYS W 70 -66.05 -88.88 0.81
C LYS W 70 -66.02 -88.83 -0.70
N LYS W 71 -64.88 -89.20 -1.29
CA LYS W 71 -64.69 -89.24 -2.73
C LYS W 71 -63.62 -90.25 -3.10
N ILE W 72 -63.71 -90.76 -4.33
CA ILE W 72 -62.74 -91.72 -4.86
C ILE W 72 -62.53 -91.45 -6.34
N VAL W 73 -61.36 -91.85 -6.85
CA VAL W 73 -61.01 -91.66 -8.25
C VAL W 73 -60.16 -92.85 -8.70
N ASN W 74 -59.99 -92.97 -10.02
CA ASN W 74 -59.24 -94.07 -10.62
C ASN W 74 -58.40 -93.54 -11.76
N LEU W 75 -57.24 -94.17 -12.01
CA LEU W 75 -56.31 -93.72 -13.03
C LEU W 75 -55.58 -94.91 -13.64
N ASN W 76 -55.02 -94.69 -14.83
CA ASN W 76 -54.26 -95.71 -15.54
C ASN W 76 -52.76 -95.37 -15.52
N ILE W 77 -51.97 -96.19 -16.22
CA ILE W 77 -50.52 -96.01 -16.28
C ILE W 77 -50.05 -96.25 -17.71
N PRO W 78 -49.06 -95.50 -18.20
CA PRO W 78 -48.53 -95.75 -19.54
C PRO W 78 -47.38 -96.76 -19.52
N PHE W 79 -46.77 -96.95 -20.69
CA PHE W 79 -45.67 -97.89 -20.86
C PHE W 79 -44.67 -97.30 -21.85
N PHE W 80 -43.38 -97.50 -21.58
CA PHE W 80 -42.32 -96.89 -22.39
C PHE W 80 -41.17 -97.89 -22.59
N PRO W 81 -41.10 -98.53 -23.77
CA PRO W 81 -39.99 -99.45 -24.04
C PRO W 81 -38.83 -98.82 -24.77
N LEU W 82 -37.65 -99.44 -24.69
CA LEU W 82 -36.47 -99.02 -25.45
C LEU W 82 -35.60 -100.24 -25.71
N ASP W 83 -35.13 -100.37 -26.95
CA ASP W 83 -34.39 -101.54 -27.38
C ASP W 83 -33.30 -101.14 -28.36
N ARG W 84 -32.27 -101.98 -28.44
CA ARG W 84 -31.19 -101.79 -29.40
C ARG W 84 -30.30 -103.03 -29.38
N SER W 85 -29.75 -103.37 -30.55
CA SER W 85 -28.94 -104.57 -30.73
C SER W 85 -27.53 -104.22 -31.20
N ILE W 86 -26.69 -105.24 -31.26
CA ILE W 86 -25.29 -105.11 -31.70
C ILE W 86 -24.94 -106.33 -32.54
N ASP W 87 -24.10 -106.11 -33.55
CA ASP W 87 -23.72 -107.15 -34.51
C ASP W 87 -22.21 -107.27 -34.61
N ARG W 88 -21.76 -108.39 -35.18
CA ARG W 88 -20.33 -108.62 -35.37
C ARG W 88 -19.72 -107.59 -36.31
N ALA W 89 -20.36 -107.36 -37.46
CA ALA W 89 -19.75 -106.55 -38.49
C ALA W 89 -19.44 -105.15 -37.99
N ASP W 90 -20.15 -104.70 -36.96
CA ASP W 90 -19.96 -103.34 -36.47
C ASP W 90 -18.58 -103.12 -35.87
N ILE W 91 -17.90 -104.19 -35.46
CA ILE W 91 -16.59 -104.05 -34.81
C ILE W 91 -15.53 -104.97 -35.38
N GLN W 92 -15.78 -105.70 -36.46
CA GLN W 92 -14.82 -106.72 -36.91
C GLN W 92 -13.49 -106.09 -37.29
N ASN W 93 -13.52 -105.04 -38.11
CA ASN W 93 -12.29 -104.43 -38.63
C ASN W 93 -12.14 -102.97 -38.25
N PHE W 94 -13.13 -102.36 -37.61
CA PHE W 94 -13.05 -100.96 -37.27
C PHE W 94 -12.05 -100.72 -36.15
N ARG W 95 -11.53 -99.49 -36.09
CA ARG W 95 -10.52 -99.10 -35.13
C ARG W 95 -11.11 -98.09 -34.16
N GLU W 96 -10.82 -98.26 -32.87
CA GLU W 96 -11.39 -97.41 -31.84
C GLU W 96 -11.12 -95.94 -32.15
N PHE W 97 -12.18 -95.17 -32.34
CA PHE W 97 -12.03 -93.76 -32.65
C PHE W 97 -11.35 -93.04 -31.49
N GLY W 98 -10.44 -92.11 -31.83
CA GLY W 98 -9.69 -91.38 -30.84
C GLY W 98 -8.42 -92.06 -30.37
N THR W 99 -8.09 -93.23 -30.90
CA THR W 99 -6.88 -93.96 -30.53
C THR W 99 -6.09 -94.28 -31.78
N GLU W 100 -4.76 -94.36 -31.63
CA GLU W 100 -3.89 -94.52 -32.79
C GLU W 100 -4.08 -95.88 -33.46
N ASN W 101 -4.00 -96.96 -32.69
CA ASN W 101 -4.00 -98.30 -33.27
C ASN W 101 -4.88 -99.32 -32.55
N ALA W 102 -5.44 -99.01 -31.38
CA ALA W 102 -6.16 -100.02 -30.62
C ALA W 102 -7.32 -100.57 -31.43
N PRO W 103 -7.49 -101.89 -31.51
CA PRO W 103 -8.62 -102.45 -32.26
C PRO W 103 -9.94 -102.27 -31.54
N ALA W 104 -11.01 -102.28 -32.32
CA ALA W 104 -12.35 -102.12 -31.76
C ALA W 104 -12.66 -103.25 -30.78
N THR W 105 -13.30 -102.89 -29.67
CA THR W 105 -13.69 -103.84 -28.64
C THR W 105 -15.20 -103.84 -28.48
N VAL W 106 -15.76 -104.98 -28.11
CA VAL W 106 -17.22 -105.12 -28.03
C VAL W 106 -17.77 -104.33 -26.86
N ASP W 107 -17.09 -104.37 -25.71
CA ASP W 107 -17.61 -103.70 -24.52
C ASP W 107 -17.61 -102.19 -24.68
N ALA W 108 -16.65 -101.66 -25.43
CA ALA W 108 -16.56 -100.22 -25.61
C ALA W 108 -17.79 -99.62 -26.27
N GLU W 109 -18.59 -100.45 -26.95
CA GLU W 109 -19.85 -99.98 -27.53
C GLU W 109 -21.04 -100.27 -26.61
N VAL W 110 -20.98 -101.38 -25.88
CA VAL W 110 -22.03 -101.70 -24.92
C VAL W 110 -22.14 -100.61 -23.87
N GLN W 111 -20.99 -100.12 -23.37
CA GLN W 111 -21.02 -99.07 -22.38
C GLN W 111 -21.66 -97.79 -22.92
N ARG W 112 -21.33 -97.40 -24.15
CA ARG W 112 -21.96 -96.22 -24.74
C ARG W 112 -23.47 -96.42 -24.88
N HIS W 113 -23.90 -97.61 -25.28
CA HIS W 113 -25.33 -97.87 -25.40
C HIS W 113 -26.02 -97.74 -24.05
N MET W 114 -25.42 -98.31 -22.99
CA MET W 114 -25.99 -98.16 -21.66
C MET W 114 -26.06 -96.69 -21.26
N ALA W 115 -25.01 -95.93 -21.53
CA ALA W 115 -25.02 -94.51 -21.19
C ALA W 115 -26.14 -93.78 -21.91
N ARG W 116 -26.31 -94.05 -23.20
CA ARG W 116 -27.36 -93.40 -23.96
C ARG W 116 -28.73 -93.74 -23.40
N ILE W 117 -28.96 -95.02 -23.07
CA ILE W 117 -30.26 -95.44 -22.55
C ILE W 117 -30.53 -94.76 -21.21
N ARG W 118 -29.52 -94.72 -20.34
CA ARG W 118 -29.71 -94.10 -19.03
C ARG W 118 -30.04 -92.62 -19.18
N ARG W 119 -29.31 -91.91 -20.04
CA ARG W 119 -29.58 -90.50 -20.24
C ARG W 119 -30.98 -90.27 -20.83
N SER W 120 -31.39 -91.12 -21.76
CA SER W 120 -32.73 -91.01 -22.32
C SER W 120 -33.79 -91.18 -21.25
N HIS W 121 -33.62 -92.18 -20.39
CA HIS W 121 -34.58 -92.39 -19.31
C HIS W 121 -34.61 -91.20 -18.36
N ALA W 122 -33.43 -90.66 -18.04
CA ALA W 122 -33.38 -89.51 -17.13
C ALA W 122 -34.11 -88.31 -17.72
N ILE W 123 -33.87 -88.01 -19.00
CA ILE W 123 -34.53 -86.87 -19.61
C ILE W 123 -36.03 -87.10 -19.70
N LEU W 124 -36.44 -88.34 -19.98
CA LEU W 124 -37.87 -88.65 -20.00
C LEU W 124 -38.50 -88.40 -18.64
N LYS W 125 -37.82 -88.82 -17.57
CA LYS W 125 -38.35 -88.59 -16.23
C LYS W 125 -38.46 -87.11 -15.93
N SER W 126 -37.43 -86.33 -16.28
CA SER W 126 -37.49 -84.89 -16.03
C SER W 126 -38.63 -84.24 -16.80
N LYS W 127 -38.81 -84.61 -18.07
CA LYS W 127 -39.90 -84.06 -18.85
C LYS W 127 -41.25 -84.45 -18.27
N ALA W 128 -41.38 -85.69 -17.79
CA ALA W 128 -42.63 -86.10 -17.15
C ALA W 128 -42.92 -85.27 -15.92
N MET W 129 -41.89 -85.01 -15.11
CA MET W 129 -42.07 -84.17 -13.92
C MET W 129 -42.52 -82.77 -14.30
N TYR W 130 -41.87 -82.19 -15.33
CA TYR W 130 -42.26 -80.85 -15.76
C TYR W 130 -43.68 -80.81 -16.27
N ALA W 131 -44.09 -81.83 -17.04
CA ALA W 131 -45.46 -81.87 -17.54
C ALA W 131 -46.45 -82.03 -16.40
N ALA W 132 -46.11 -82.84 -15.39
CA ALA W 132 -46.99 -83.02 -14.25
C ALA W 132 -47.17 -81.71 -13.48
N LEU W 133 -46.11 -80.95 -13.30
CA LEU W 133 -46.23 -79.69 -12.57
C LEU W 133 -47.28 -78.79 -13.20
N LYS W 134 -47.31 -78.72 -14.53
CA LYS W 134 -48.27 -77.85 -15.20
C LYS W 134 -49.71 -78.23 -14.90
N GLY W 135 -49.96 -79.51 -14.64
CA GLY W 135 -51.29 -79.96 -14.26
C GLY W 135 -51.90 -80.97 -15.22
N THR W 136 -51.06 -81.60 -16.04
CA THR W 136 -51.51 -82.58 -17.02
C THR W 136 -50.57 -83.78 -17.00
N SER W 137 -51.10 -84.91 -17.48
CA SER W 137 -50.32 -86.13 -17.56
C SER W 137 -49.27 -86.00 -18.67
N TRP W 138 -48.48 -87.05 -18.87
CA TRP W 138 -47.43 -87.04 -19.88
C TRP W 138 -47.45 -88.39 -20.58
N SER W 139 -47.99 -88.42 -21.81
CA SER W 139 -48.06 -89.64 -22.61
C SER W 139 -47.96 -89.26 -24.08
N PRO W 140 -46.75 -88.90 -24.55
CA PRO W 140 -46.56 -88.53 -25.95
C PRO W 140 -46.67 -89.71 -26.90
N ASP W 142 -50.33 -91.42 -25.26
CA ASP W 142 -51.50 -92.06 -25.86
C ASP W 142 -52.79 -91.56 -25.20
N PRO W 143 -53.89 -91.58 -25.94
CA PRO W 143 -55.16 -91.09 -25.37
C PRO W 143 -55.62 -91.88 -24.17
N VAL W 144 -55.20 -93.15 -24.04
CA VAL W 144 -55.64 -93.98 -22.93
C VAL W 144 -55.18 -93.44 -21.58
N SER W 145 -54.08 -92.68 -21.54
CA SER W 145 -53.60 -92.14 -20.27
C SER W 145 -53.55 -90.62 -20.25
N ASP W 146 -54.23 -89.94 -21.18
CA ASP W 146 -54.27 -88.49 -21.16
C ASP W 146 -55.28 -88.00 -20.13
N TYR W 147 -54.83 -87.11 -19.25
CA TYR W 147 -55.69 -86.60 -18.19
C TYR W 147 -55.38 -85.13 -17.95
N ASN W 148 -56.40 -84.39 -17.52
CA ASN W 148 -56.26 -83.03 -17.05
C ASN W 148 -56.70 -83.01 -15.59
N TYR W 149 -55.74 -82.94 -14.67
CA TYR W 149 -56.04 -83.15 -13.26
C TYR W 149 -57.09 -82.16 -12.75
N TYR W 150 -57.10 -80.93 -13.27
CA TYR W 150 -58.15 -80.00 -12.89
C TYR W 150 -59.53 -80.54 -13.25
N ASP W 151 -59.67 -81.09 -14.46
CA ASP W 151 -60.94 -81.70 -14.85
C ASP W 151 -61.21 -82.96 -14.02
N VAL W 152 -60.18 -83.76 -13.78
CA VAL W 152 -60.37 -85.03 -13.07
C VAL W 152 -60.92 -84.78 -11.68
N TRP W 153 -60.28 -83.88 -10.93
CA TRP W 153 -60.72 -83.57 -9.58
C TRP W 153 -61.87 -82.58 -9.55
N GLY W 154 -62.17 -81.94 -10.68
CA GLY W 154 -63.24 -80.96 -10.71
C GLY W 154 -62.94 -79.75 -9.86
N ALA W 155 -61.88 -79.03 -10.21
CA ALA W 155 -61.45 -77.85 -9.46
C ALA W 155 -61.33 -76.65 -10.39
N THR W 156 -60.78 -75.55 -9.86
CA THR W 156 -60.61 -74.33 -10.64
C THR W 156 -59.18 -73.85 -10.48
N GLN W 157 -58.65 -73.26 -11.53
CA GLN W 157 -57.27 -72.77 -11.57
C GLN W 157 -57.26 -71.26 -11.31
N THR W 158 -56.60 -70.85 -10.24
CA THR W 158 -56.40 -69.43 -9.97
C THR W 158 -55.40 -68.84 -10.94
N THR W 159 -55.57 -67.56 -11.24
CA THR W 159 -54.73 -66.85 -12.21
C THR W 159 -54.21 -65.57 -11.56
N ALA W 160 -52.93 -65.57 -11.20
CA ALA W 160 -52.27 -64.38 -10.65
C ALA W 160 -51.65 -63.55 -11.78
N ASP W 161 -52.52 -62.99 -12.61
CA ASP W 161 -52.06 -62.22 -13.76
C ASP W 161 -51.31 -60.99 -13.31
N VAL W 162 -50.16 -60.73 -13.94
CA VAL W 162 -49.30 -59.61 -13.62
C VAL W 162 -49.10 -58.78 -14.88
N ASP W 163 -49.30 -57.47 -14.76
CA ASP W 163 -49.13 -56.54 -15.87
C ASP W 163 -47.88 -55.70 -15.62
N PHE W 164 -46.75 -56.19 -16.13
CA PHE W 164 -45.49 -55.49 -15.95
C PHE W 164 -45.48 -54.13 -16.64
N THR W 165 -46.37 -53.91 -17.61
CA THR W 165 -46.42 -52.63 -18.29
C THR W 165 -46.77 -51.50 -17.32
N LYS W 166 -47.63 -51.78 -16.35
CA LYS W 166 -48.01 -50.78 -15.34
C LYS W 166 -46.89 -50.70 -14.31
N LEU W 167 -45.97 -49.76 -14.56
CA LEU W 167 -44.87 -49.55 -13.62
C LEU W 167 -45.37 -49.02 -12.28
N GLY W 168 -46.56 -48.43 -12.25
CA GLY W 168 -47.08 -47.83 -11.05
C GLY W 168 -47.88 -48.79 -10.18
N VAL W 169 -47.55 -50.07 -10.24
CA VAL W 169 -48.18 -51.07 -9.38
C VAL W 169 -47.16 -52.17 -9.11
N ASP W 170 -47.08 -52.58 -7.85
CA ASP W 170 -46.10 -53.59 -7.46
C ASP W 170 -46.65 -54.98 -7.76
N PRO W 171 -46.02 -55.76 -8.66
CA PRO W 171 -46.48 -57.14 -8.87
C PRO W 171 -46.32 -58.01 -7.65
N ILE W 172 -45.34 -57.71 -6.78
CA ILE W 172 -45.13 -58.53 -5.60
C ILE W 172 -46.35 -58.48 -4.68
N GLU W 173 -47.00 -57.32 -4.59
CA GLU W 173 -48.20 -57.23 -3.78
C GLU W 173 -49.33 -58.08 -4.34
N VAL W 174 -49.50 -58.08 -5.67
CA VAL W 174 -50.51 -58.92 -6.29
C VAL W 174 -50.22 -60.39 -6.03
N LEU W 175 -48.97 -60.81 -6.21
CA LEU W 175 -48.61 -62.19 -5.91
C LEU W 175 -48.89 -62.52 -4.45
N GLU W 176 -48.39 -61.71 -3.52
CA GLU W 176 -48.70 -61.94 -2.11
C GLU W 176 -50.19 -62.16 -1.91
N ALA W 177 -51.00 -61.14 -2.22
CA ALA W 177 -52.43 -61.24 -1.95
C ALA W 177 -53.01 -62.50 -2.58
N GLU W 178 -53.02 -62.57 -3.91
CA GLU W 178 -53.69 -63.67 -4.57
C GLU W 178 -53.14 -65.02 -4.12
N ALA W 179 -51.85 -65.27 -4.37
CA ALA W 179 -51.30 -66.60 -4.14
C ALA W 179 -51.42 -67.01 -2.67
N ARG W 180 -50.93 -66.16 -1.75
CA ARG W 180 -50.90 -66.60 -0.36
C ARG W 180 -52.29 -66.68 0.24
N ALA W 181 -53.18 -65.74 -0.07
CA ALA W 181 -54.55 -65.84 0.43
C ALA W 181 -55.21 -67.12 -0.06
N HIS W 182 -55.10 -67.41 -1.36
CA HIS W 182 -55.71 -68.62 -1.89
C HIS W 182 -55.11 -69.86 -1.27
N ILE W 183 -53.79 -69.91 -1.10
CA ILE W 183 -53.15 -71.08 -0.51
C ILE W 183 -53.63 -71.28 0.91
N ILE W 184 -53.57 -70.22 1.73
CA ILE W 184 -53.93 -70.35 3.13
C ILE W 184 -55.40 -70.76 3.27
N ASP W 185 -56.27 -70.21 2.42
CA ASP W 185 -57.69 -70.56 2.49
C ASP W 185 -57.97 -71.93 1.88
N TRP W 186 -57.04 -72.50 1.11
CA TRP W 186 -57.22 -73.80 0.51
C TRP W 186 -56.07 -74.76 0.82
N ALA W 187 -55.12 -74.35 1.67
CA ALA W 187 -53.98 -75.21 1.97
C ALA W 187 -54.42 -76.51 2.65
N GLY W 188 -55.62 -76.53 3.23
CA GLY W 188 -56.02 -77.68 3.99
C GLY W 188 -55.17 -77.80 5.25
N ASP W 189 -55.22 -78.95 5.88
CA ASP W 189 -54.44 -79.18 7.10
C ASP W 189 -54.78 -78.07 8.09
N ASN W 190 -53.96 -77.87 9.12
CA ASN W 190 -54.20 -76.76 10.04
C ASN W 190 -52.91 -76.05 10.46
N GLY W 191 -51.80 -76.27 9.76
CA GLY W 191 -50.52 -75.69 10.15
C GLY W 191 -50.33 -74.28 9.66
N ASP W 192 -49.08 -73.82 9.62
CA ASP W 192 -48.77 -72.46 9.22
C ASP W 192 -47.32 -72.42 8.77
N ASN W 193 -46.88 -71.26 8.28
CA ASN W 193 -45.52 -71.05 7.82
C ASN W 193 -45.23 -71.88 6.56
N TYR W 194 -46.13 -71.81 5.59
CA TYR W 194 -45.98 -72.56 4.35
C TYR W 194 -44.96 -71.88 3.43
N GLU W 195 -43.76 -72.44 3.35
CA GLU W 195 -42.74 -71.90 2.46
C GLU W 195 -43.22 -71.93 1.02
N ILE W 196 -42.98 -70.84 0.30
CA ILE W 196 -43.47 -70.68 -1.07
C ILE W 196 -42.28 -70.72 -2.02
N VAL W 197 -42.49 -71.35 -3.19
CA VAL W 197 -41.50 -71.41 -4.25
C VAL W 197 -42.18 -71.04 -5.55
N VAL W 198 -41.47 -70.25 -6.37
CA VAL W 198 -41.98 -69.76 -7.64
C VAL W 198 -41.05 -70.19 -8.75
N LEU W 199 -41.63 -70.77 -9.81
CA LEU W 199 -40.88 -71.17 -11.00
C LEU W 199 -41.33 -70.28 -12.15
N ALA W 200 -40.37 -69.63 -12.82
CA ALA W 200 -40.67 -68.65 -13.83
C ALA W 200 -39.82 -68.87 -15.07
N SER W 201 -40.35 -68.48 -16.22
CA SER W 201 -39.60 -68.56 -17.47
C SER W 201 -38.54 -67.46 -17.52
N ARG W 202 -37.70 -67.52 -18.56
CA ARG W 202 -36.66 -66.51 -18.73
C ARG W 202 -37.26 -65.12 -18.81
N GLN W 203 -38.25 -64.92 -19.67
CA GLN W 203 -38.80 -63.60 -19.90
C GLN W 203 -39.44 -63.04 -18.63
N TRP W 204 -40.25 -63.85 -17.96
CA TRP W 204 -40.94 -63.39 -16.75
C TRP W 204 -39.93 -63.03 -15.66
N PHE W 205 -38.93 -63.90 -15.45
CA PHE W 205 -37.93 -63.63 -14.43
C PHE W 205 -37.14 -62.36 -14.75
N SER W 206 -36.76 -62.19 -16.01
CA SER W 206 -36.01 -61.00 -16.41
C SER W 206 -36.84 -59.73 -16.24
N ALA W 207 -38.13 -59.78 -16.58
CA ALA W 207 -38.99 -58.61 -16.43
C ALA W 207 -39.24 -58.29 -14.96
N LEU W 208 -39.34 -59.31 -14.11
CA LEU W 208 -39.62 -59.07 -12.69
C LEU W 208 -38.54 -58.19 -12.07
N ILE W 209 -37.27 -58.51 -12.32
CA ILE W 209 -36.16 -57.75 -11.75
C ILE W 209 -35.95 -56.42 -12.45
N ALA W 210 -36.59 -56.20 -13.60
CA ALA W 210 -36.50 -54.94 -14.32
C ALA W 210 -37.65 -54.00 -13.99
N HIS W 211 -38.49 -54.35 -13.02
CA HIS W 211 -39.61 -53.51 -12.62
C HIS W 211 -39.14 -52.47 -11.63
N PRO W 212 -39.47 -51.17 -11.81
CA PRO W 212 -38.92 -50.15 -10.90
C PRO W 212 -39.20 -50.44 -9.43
N GLN W 213 -40.37 -51.00 -9.12
CA GLN W 213 -40.70 -51.27 -7.72
C GLN W 213 -39.68 -52.19 -7.08
N VAL W 214 -39.26 -53.24 -7.80
CA VAL W 214 -38.28 -54.17 -7.25
C VAL W 214 -36.91 -53.49 -7.14
N THR W 215 -36.52 -52.75 -8.17
CA THR W 215 -35.19 -52.12 -8.16
C THR W 215 -35.07 -51.10 -7.03
N GLY W 216 -36.19 -50.46 -6.66
CA GLY W 216 -36.11 -49.41 -5.65
C GLY W 216 -35.60 -49.92 -4.31
N ALA W 217 -35.94 -51.16 -3.96
CA ALA W 217 -35.61 -51.69 -2.64
C ALA W 217 -34.11 -51.87 -2.44
N TYR W 218 -33.33 -51.98 -3.52
CA TYR W 218 -31.91 -52.28 -3.44
C TYR W 218 -31.04 -51.20 -4.05
N SER W 219 -31.44 -49.92 -3.96
CA SER W 219 -30.73 -48.86 -4.67
C SER W 219 -29.94 -47.94 -3.76
N GLN W 220 -30.33 -47.78 -2.49
CA GLN W 220 -29.80 -46.71 -1.67
C GLN W 220 -28.93 -47.15 -0.51
N TYR W 221 -28.96 -48.42 -0.11
CA TYR W 221 -28.08 -48.90 0.95
C TYR W 221 -27.67 -50.32 0.63
N PRO W 222 -26.56 -50.79 1.22
CA PRO W 222 -26.06 -52.13 0.87
C PRO W 222 -27.08 -53.24 1.09
N SER W 223 -26.93 -54.33 0.35
CA SER W 223 -27.81 -55.47 0.48
C SER W 223 -26.99 -56.74 0.35
N THR W 224 -27.46 -57.81 0.98
CA THR W 224 -26.76 -59.09 0.93
C THR W 224 -26.64 -59.59 -0.51
N GLN W 225 -27.73 -59.46 -1.28
CA GLN W 225 -27.70 -59.78 -2.71
C GLN W 225 -27.61 -58.48 -3.49
N GLU W 226 -26.41 -58.13 -3.95
CA GLU W 226 -26.25 -56.91 -4.71
C GLU W 226 -26.79 -57.09 -6.11
N ILE W 227 -28.12 -57.04 -6.24
CA ILE W 227 -28.76 -57.31 -7.52
C ILE W 227 -28.25 -56.37 -8.59
N LEU W 228 -28.09 -55.08 -8.25
CA LEU W 228 -27.69 -54.10 -9.24
C LEU W 228 -26.25 -54.28 -9.69
N ARG W 229 -25.42 -54.95 -8.88
CA ARG W 229 -24.00 -55.06 -9.16
C ARG W 229 -23.52 -56.47 -9.43
N ARG W 230 -24.32 -57.49 -9.14
CA ARG W 230 -23.92 -58.87 -9.35
C ARG W 230 -25.05 -59.65 -9.99
N ARG W 231 -24.69 -60.79 -10.59
CA ARG W 231 -25.70 -61.73 -11.08
C ARG W 231 -26.49 -62.29 -9.91
N LEU W 232 -27.77 -62.56 -10.15
CA LEU W 232 -28.59 -63.23 -9.16
C LEU W 232 -28.22 -64.71 -9.10
N GLY W 233 -27.89 -65.19 -7.90
CA GLY W 233 -27.45 -66.55 -7.73
C GLY W 233 -25.97 -66.76 -7.99
N GLY W 234 -25.20 -65.70 -8.22
CA GLY W 234 -23.79 -65.86 -8.44
C GLY W 234 -23.47 -66.41 -9.83
N ASN W 235 -22.23 -66.87 -9.98
CA ASN W 235 -21.77 -67.45 -11.23
C ASN W 235 -22.19 -68.91 -11.33
N ALA W 236 -23.50 -69.11 -11.48
CA ALA W 236 -24.09 -70.43 -11.57
C ALA W 236 -25.02 -70.47 -12.78
N ASN W 237 -25.29 -71.69 -13.24
CA ASN W 237 -26.13 -71.87 -14.42
C ASN W 237 -27.55 -71.34 -14.17
N ASN W 238 -28.10 -71.63 -13.01
CA ASN W 238 -29.46 -71.21 -12.67
C ASN W 238 -29.39 -70.03 -11.71
N ARG W 239 -30.13 -68.97 -12.04
CA ARG W 239 -30.16 -67.78 -11.19
C ARG W 239 -31.20 -67.94 -10.09
N ILE W 240 -30.84 -67.50 -8.88
CA ILE W 240 -31.69 -67.58 -7.71
C ILE W 240 -31.90 -66.18 -7.16
N PHE W 241 -33.16 -65.81 -6.92
CA PHE W 241 -33.49 -64.48 -6.42
C PHE W 241 -34.56 -64.63 -5.34
N GLU W 242 -34.25 -64.12 -4.16
CA GLU W 242 -35.17 -64.15 -3.02
C GLU W 242 -35.56 -62.73 -2.65
N HIS W 243 -36.87 -62.47 -2.59
CA HIS W 243 -37.37 -61.15 -2.24
C HIS W 243 -38.67 -61.30 -1.48
N LYS W 244 -38.79 -60.58 -0.36
CA LYS W 244 -39.98 -60.62 0.46
C LYS W 244 -40.36 -62.05 0.83
N ASN W 245 -39.37 -62.83 1.24
CA ASN W 245 -39.58 -64.20 1.74
C ASN W 245 -40.25 -65.06 0.68
N ILE W 246 -39.88 -64.84 -0.58
CA ILE W 246 -40.32 -65.66 -1.69
C ILE W 246 -39.11 -66.00 -2.54
N LEU W 247 -38.97 -67.28 -2.87
CA LEU W 247 -37.83 -67.77 -3.64
C LEU W 247 -38.21 -67.88 -5.11
N PHE W 248 -37.53 -67.12 -5.95
CA PHE W 248 -37.74 -67.13 -7.39
C PHE W 248 -36.61 -67.88 -8.07
N ILE W 249 -36.96 -68.85 -8.91
CA ILE W 249 -35.99 -69.67 -9.63
C ILE W 249 -36.29 -69.57 -11.11
N GLU W 250 -35.27 -69.26 -11.90
CA GLU W 250 -35.43 -69.14 -13.34
C GLU W 250 -35.33 -70.52 -13.97
N ASP W 251 -36.38 -70.92 -14.69
CA ASP W 251 -36.37 -72.20 -15.40
C ASP W 251 -35.61 -72.04 -16.70
N ILE W 252 -34.33 -72.44 -16.70
CA ILE W 252 -33.52 -72.32 -17.90
C ILE W 252 -33.83 -73.39 -18.93
N SER W 253 -34.48 -74.48 -18.53
CA SER W 253 -34.87 -75.52 -19.46
C SER W 253 -36.10 -75.09 -20.26
N GLY W 254 -36.20 -75.61 -21.47
CA GLY W 254 -37.30 -75.28 -22.35
C GLY W 254 -38.54 -76.13 -22.11
N ASN W 255 -39.12 -76.02 -20.92
CA ASN W 255 -40.33 -76.75 -20.59
C ASN W 255 -41.45 -75.80 -20.20
N ILE W 256 -41.13 -74.77 -19.44
CA ILE W 256 -42.12 -73.76 -19.04
C ILE W 256 -42.31 -72.80 -20.21
N PRO W 257 -43.54 -72.61 -20.70
CA PRO W 257 -43.75 -71.65 -21.79
C PRO W 257 -43.29 -70.25 -21.39
N ALA W 258 -42.72 -69.53 -22.35
CA ALA W 258 -42.21 -68.20 -22.09
C ALA W 258 -43.34 -67.29 -21.62
N GLY W 259 -43.04 -66.43 -20.65
CA GLY W 259 -44.01 -65.52 -20.09
C GLY W 259 -44.90 -66.11 -19.01
N GLU W 260 -44.74 -67.39 -18.69
CA GLU W 260 -45.56 -68.06 -17.70
C GLU W 260 -44.73 -68.41 -16.46
N ALA W 261 -45.40 -68.42 -15.31
CA ALA W 261 -44.77 -68.81 -14.06
C ALA W 261 -45.81 -69.50 -13.19
N TYR W 262 -45.34 -70.36 -12.30
CA TYR W 262 -46.20 -71.16 -11.44
C TYR W 262 -45.76 -71.02 -10.00
N ILE W 263 -46.74 -70.93 -9.10
CA ILE W 263 -46.50 -70.78 -7.66
C ILE W 263 -47.11 -71.96 -6.94
N PHE W 264 -46.33 -72.61 -6.09
CA PHE W 264 -46.79 -73.75 -5.32
C PHE W 264 -45.99 -73.82 -4.03
N PRO W 265 -46.59 -74.31 -2.94
CA PRO W 265 -45.88 -74.40 -1.67
C PRO W 265 -45.18 -75.75 -1.49
N ARG W 266 -44.38 -75.82 -0.42
CA ARG W 266 -43.69 -77.04 -0.06
C ARG W 266 -44.33 -77.64 1.20
N GLY W 267 -43.84 -78.81 1.61
CA GLY W 267 -44.26 -79.41 2.86
C GLY W 267 -45.57 -80.19 2.79
N ILE W 268 -46.44 -79.83 1.85
CA ILE W 268 -47.75 -80.46 1.77
C ILE W 268 -47.55 -81.92 1.36
N SER W 269 -48.05 -82.84 2.19
CA SER W 269 -47.84 -84.25 1.95
C SER W 269 -48.77 -84.77 0.86
N ARG W 270 -48.27 -85.75 0.09
CA ARG W 270 -49.06 -86.47 -0.91
C ARG W 270 -49.59 -85.54 -2.01
N MET W 271 -48.95 -84.39 -2.22
CA MET W 271 -49.37 -83.50 -3.28
C MET W 271 -48.78 -83.93 -4.62
N PHE W 272 -47.53 -84.38 -4.61
CA PHE W 272 -46.84 -84.84 -5.81
C PHE W 272 -46.37 -86.28 -5.58
N GLU W 273 -46.74 -87.18 -6.47
CA GLU W 273 -46.40 -88.58 -6.33
C GLU W 273 -46.14 -89.19 -7.70
N ILE W 274 -45.39 -90.30 -7.70
CA ILE W 274 -45.12 -91.07 -8.90
C ILE W 274 -45.46 -92.53 -8.62
N TYR W 275 -46.24 -93.14 -9.50
CA TYR W 275 -46.64 -94.54 -9.38
C TYR W 275 -45.92 -95.36 -10.44
N TYR W 276 -45.51 -96.57 -10.08
CA TYR W 276 -44.77 -97.46 -10.97
C TYR W 276 -45.51 -98.78 -11.12
N ALA W 277 -45.43 -99.35 -12.30
CA ALA W 277 -46.13 -100.58 -12.67
C ALA W 277 -45.15 -101.66 -13.07
N PRO W 278 -45.58 -102.92 -13.03
CA PRO W 278 -44.67 -104.02 -13.43
C PRO W 278 -44.32 -103.95 -14.91
N SER W 279 -43.20 -104.57 -15.24
CA SER W 279 -42.81 -104.75 -16.64
C SER W 279 -43.75 -105.76 -17.30
N ASP W 280 -43.77 -105.79 -18.63
CA ASP W 280 -44.63 -106.72 -19.35
C ASP W 280 -44.08 -108.14 -19.37
N THR W 281 -42.88 -108.35 -18.88
CA THR W 281 -42.28 -109.68 -18.87
C THR W 281 -43.10 -110.62 -17.99
N LEU W 282 -43.11 -111.91 -18.37
CA LEU W 282 -43.86 -112.91 -17.64
C LEU W 282 -43.31 -113.16 -16.25
N ARG W 283 -42.08 -112.71 -15.96
CA ARG W 283 -41.52 -112.91 -14.63
C ARG W 283 -42.38 -112.25 -13.56
N ASP W 284 -42.77 -110.99 -13.77
CA ASP W 284 -43.37 -110.17 -12.74
C ASP W 284 -44.80 -109.74 -13.05
N ALA W 285 -45.50 -110.47 -13.91
CA ALA W 285 -46.89 -110.13 -14.18
C ALA W 285 -47.69 -110.09 -12.88
N ASN W 286 -48.21 -108.91 -12.56
CA ASN W 286 -48.98 -108.70 -11.33
C ASN W 286 -48.21 -109.09 -10.08
N GLN W 287 -46.88 -108.91 -10.09
CA GLN W 287 -46.03 -109.34 -9.00
C GLN W 287 -45.53 -108.18 -8.15
N ALA W 288 -44.89 -107.18 -8.75
CA ALA W 288 -44.33 -106.05 -8.03
C ALA W 288 -43.96 -104.99 -9.06
N ALA W 289 -43.27 -103.95 -8.62
CA ALA W 289 -42.87 -102.85 -9.50
C ALA W 289 -41.45 -102.42 -9.17
N GLN W 290 -40.78 -101.86 -10.19
CA GLN W 290 -39.45 -101.30 -10.02
C GLN W 290 -39.34 -100.06 -10.89
N GLU W 291 -38.38 -99.19 -10.54
CA GLU W 291 -38.25 -97.93 -11.24
C GLU W 291 -37.79 -98.12 -12.68
N LEU W 292 -36.84 -99.04 -12.89
CA LEU W 292 -36.25 -99.21 -14.22
C LEU W 292 -35.78 -100.65 -14.37
N TYR W 293 -36.27 -101.32 -15.41
CA TYR W 293 -35.82 -102.66 -15.74
C TYR W 293 -34.84 -102.60 -16.92
N VAL W 294 -33.72 -103.31 -16.80
CA VAL W 294 -32.74 -103.40 -17.86
C VAL W 294 -32.37 -104.87 -18.04
N PHE W 295 -32.29 -105.31 -19.29
CA PHE W 295 -31.92 -106.68 -19.62
C PHE W 295 -30.83 -106.67 -20.68
N PHE W 296 -29.95 -107.67 -20.59
CA PHE W 296 -28.90 -107.87 -21.57
C PHE W 296 -28.94 -109.32 -22.03
N LYS W 297 -28.88 -109.52 -23.35
CA LYS W 297 -29.09 -110.83 -23.94
C LYS W 297 -27.90 -111.20 -24.82
N GLU W 298 -27.54 -112.48 -24.78
CA GLU W 298 -26.55 -113.05 -25.68
C GLU W 298 -27.14 -114.31 -26.30
N SER W 299 -26.91 -114.46 -27.61
CA SER W 299 -27.59 -115.51 -28.36
C SER W 299 -27.14 -116.91 -27.97
N ASN W 300 -26.06 -117.03 -27.19
CA ASN W 300 -25.51 -118.32 -26.78
C ASN W 300 -24.78 -118.99 -27.94
N TYR W 301 -24.84 -118.39 -29.13
CA TYR W 301 -24.09 -118.86 -30.28
C TYR W 301 -22.88 -117.98 -30.59
N LEU W 302 -22.57 -117.02 -29.72
CA LEU W 302 -21.40 -116.17 -29.88
C LEU W 302 -21.44 -115.38 -31.19
N ARG W 303 -22.64 -114.97 -31.60
CA ARG W 303 -22.80 -114.22 -32.84
C ARG W 303 -23.73 -113.03 -32.74
N GLU W 304 -24.43 -112.80 -31.62
CA GLU W 304 -25.31 -111.66 -31.52
C GLU W 304 -25.66 -111.34 -30.07
N ALA W 305 -26.05 -110.10 -29.81
CA ALA W 305 -26.49 -109.67 -28.49
C ALA W 305 -27.50 -108.54 -28.66
N LYS W 306 -28.26 -108.27 -27.60
CA LYS W 306 -29.27 -107.24 -27.63
C LYS W 306 -29.41 -106.63 -26.25
N ILE W 307 -29.94 -105.40 -26.21
CA ILE W 307 -30.12 -104.64 -24.98
C ILE W 307 -31.58 -104.25 -24.87
N GLU W 308 -32.15 -104.40 -23.68
CA GLU W 308 -33.55 -104.08 -23.44
C GLU W 308 -33.68 -103.16 -22.23
N SER W 309 -34.72 -102.34 -22.25
CA SER W 309 -35.04 -101.46 -21.14
C SER W 309 -36.50 -101.07 -21.23
N GLU W 310 -37.15 -101.02 -20.07
CA GLU W 310 -38.57 -100.71 -20.00
C GLU W 310 -38.88 -99.94 -18.73
N THR W 311 -39.92 -99.11 -18.80
CA THR W 311 -40.41 -98.38 -17.65
C THR W 311 -41.91 -98.14 -17.81
N SER W 312 -42.59 -97.94 -16.69
CA SER W 312 -44.02 -97.67 -16.70
C SER W 312 -44.36 -96.90 -15.44
N PHE W 313 -44.72 -95.63 -15.60
CA PHE W 313 -45.02 -94.79 -14.45
C PHE W 313 -45.94 -93.66 -14.86
N LEU W 314 -46.60 -93.06 -13.86
CA LEU W 314 -47.47 -91.91 -14.06
C LEU W 314 -47.12 -90.87 -13.00
N THR W 315 -47.04 -89.61 -13.42
CA THR W 315 -46.80 -88.50 -12.52
C THR W 315 -48.13 -87.80 -12.25
N VAL W 316 -48.51 -87.71 -10.97
CA VAL W 316 -49.82 -87.23 -10.56
C VAL W 316 -49.64 -86.10 -9.56
N ASN W 317 -50.39 -85.01 -9.78
CA ASN W 317 -50.50 -83.92 -8.81
C ASN W 317 -51.87 -84.09 -8.14
N ASN W 318 -51.86 -84.65 -6.93
CA ASN W 318 -53.11 -85.02 -6.27
C ASN W 318 -53.99 -83.83 -5.92
N ARG W 319 -53.43 -82.62 -5.85
CA ARG W 319 -54.17 -81.44 -5.41
C ARG W 319 -54.01 -80.33 -6.44
N PRO W 320 -54.81 -80.36 -7.50
CA PRO W 320 -54.78 -79.24 -8.47
C PRO W 320 -55.50 -78.01 -7.96
N GLU W 321 -55.15 -77.57 -6.75
CA GLU W 321 -55.80 -76.44 -6.12
C GLU W 321 -54.78 -75.39 -5.71
N LEU W 322 -53.54 -75.84 -5.43
CA LEU W 322 -52.51 -74.98 -4.86
C LEU W 322 -51.44 -74.63 -5.89
N VAL W 323 -51.70 -74.86 -7.18
CA VAL W 323 -50.82 -74.45 -8.25
C VAL W 323 -51.51 -73.33 -9.01
N VAL W 324 -50.88 -72.16 -9.02
CA VAL W 324 -51.48 -70.94 -9.55
C VAL W 324 -50.69 -70.49 -10.77
N LYS W 325 -51.37 -70.31 -11.89
CA LYS W 325 -50.73 -69.78 -13.08
C LYS W 325 -50.38 -68.31 -12.90
N SER W 326 -49.40 -67.86 -13.69
CA SER W 326 -48.97 -66.47 -13.68
C SER W 326 -48.52 -66.08 -15.07
N THR W 327 -49.33 -65.28 -15.75
CA THR W 327 -48.99 -64.78 -17.07
C THR W 327 -48.65 -63.29 -17.00
N GLY W 328 -47.68 -62.89 -17.81
CA GLY W 328 -47.17 -61.53 -17.74
C GLY W 328 -47.18 -60.79 -19.06
N LYS W 329 -47.79 -59.61 -19.08
CA LYS W 329 -47.71 -58.72 -20.23
C LYS W 329 -46.45 -57.86 -20.12
N PHE W 330 -45.61 -57.94 -21.14
CA PHE W 330 -44.31 -57.28 -21.13
C PHE W 330 -44.29 -56.18 -22.19
N THR W 331 -43.77 -55.02 -21.80
CA THR W 331 -43.68 -53.88 -22.70
C THR W 331 -45.05 -53.51 -23.26
N MET X 1 -72.39 -64.26 47.94
CA MET X 1 -73.50 -63.27 47.95
C MET X 1 -74.85 -63.98 47.95
N GLN X 2 -75.92 -63.20 47.93
CA GLN X 2 -77.29 -63.72 48.03
C GLN X 2 -78.19 -63.01 47.04
N ASN X 3 -78.92 -63.79 46.24
CA ASN X 3 -79.95 -63.26 45.36
C ASN X 3 -81.28 -63.20 46.10
N GLY X 4 -81.37 -62.27 47.04
CA GLY X 4 -82.58 -62.17 47.82
C GLY X 4 -82.57 -63.14 48.99
N ASP X 5 -83.54 -64.06 48.98
CA ASP X 5 -83.76 -64.92 50.14
C ASP X 5 -83.14 -66.30 49.96
N PHE X 6 -83.39 -66.96 48.83
CA PHE X 6 -83.11 -68.38 48.71
C PHE X 6 -82.12 -68.72 47.61
N GLN X 7 -81.35 -67.76 47.11
CA GLN X 7 -80.44 -68.00 46.00
C GLN X 7 -79.15 -67.23 46.22
N ILE X 8 -78.09 -67.64 45.50
CA ILE X 8 -76.76 -67.08 45.66
C ILE X 8 -76.22 -66.70 44.28
N LEU X 9 -75.23 -65.80 44.29
CA LEU X 9 -74.59 -65.32 43.08
C LEU X 9 -73.09 -65.23 43.31
N ASP X 10 -72.35 -65.25 42.20
CA ASP X 10 -70.90 -65.10 42.27
C ASP X 10 -70.55 -63.62 42.41
N TYR X 11 -69.54 -63.33 43.23
CA TYR X 11 -69.05 -61.97 43.44
C TYR X 11 -67.74 -61.83 42.70
N THR X 12 -67.65 -60.82 41.83
CA THR X 12 -66.53 -60.68 40.91
C THR X 12 -65.64 -59.48 41.24
N GLY X 13 -65.59 -59.05 42.49
CA GLY X 13 -64.66 -58.00 42.88
C GLY X 13 -65.20 -56.60 42.60
N LEU X 14 -64.30 -55.64 42.76
CA LEU X 14 -64.62 -54.22 42.65
C LEU X 14 -63.86 -53.58 41.50
N ILE X 15 -64.47 -52.53 40.94
CA ILE X 15 -63.88 -51.73 39.87
C ILE X 15 -63.72 -50.30 40.36
N SER X 16 -62.53 -49.74 40.19
CA SER X 16 -62.24 -48.39 40.64
C SER X 16 -61.60 -47.59 39.51
N THR X 17 -61.97 -46.32 39.42
CA THR X 17 -61.41 -45.43 38.41
C THR X 17 -61.40 -44.02 38.97
N MET X 18 -60.45 -43.22 38.47
CA MET X 18 -60.31 -41.84 38.90
C MET X 18 -59.97 -40.96 37.70
N PRO X 19 -60.26 -39.66 37.76
CA PRO X 19 -59.89 -38.78 36.65
C PRO X 19 -58.37 -38.60 36.56
N ARG X 20 -57.92 -38.27 35.35
CA ARG X 20 -56.49 -38.12 35.10
C ARG X 20 -56.06 -36.72 35.52
N VAL X 21 -55.13 -36.65 36.46
CA VAL X 21 -54.59 -35.37 36.93
C VAL X 21 -53.33 -35.04 36.14
N ASP X 22 -53.15 -33.77 35.82
CA ASP X 22 -52.01 -33.30 35.05
C ASP X 22 -51.09 -32.47 35.93
N THR X 23 -49.79 -32.76 35.88
CA THR X 23 -48.83 -32.03 36.69
C THR X 23 -47.57 -31.65 35.92
N LEU X 24 -47.64 -31.46 34.60
CA LEU X 24 -46.45 -31.15 33.81
C LEU X 24 -45.75 -29.91 34.35
N LEU X 25 -46.51 -28.83 34.55
CA LEU X 25 -45.90 -27.57 34.96
C LEU X 25 -45.21 -27.69 36.31
N GLN X 26 -45.78 -28.44 37.24
CA GLN X 26 -45.17 -28.59 38.56
C GLN X 26 -43.80 -29.24 38.48
N SER X 27 -43.59 -30.17 37.56
CA SER X 27 -42.31 -30.86 37.46
C SER X 27 -41.18 -29.94 37.05
N MET X 28 -41.50 -28.77 36.48
CA MET X 28 -40.47 -27.84 36.01
C MET X 28 -39.78 -27.11 37.13
N ASN X 29 -40.33 -27.09 38.35
CA ASN X 29 -39.75 -26.35 39.46
C ASN X 29 -39.44 -24.92 39.03
N LEU X 30 -40.42 -24.28 38.41
CA LEU X 30 -40.23 -23.00 37.74
C LEU X 30 -40.57 -21.80 38.63
N PHE X 31 -40.91 -22.02 39.89
CA PHE X 31 -41.36 -20.94 40.78
C PHE X 31 -40.54 -20.93 42.05
N THR X 32 -40.20 -19.73 42.52
CA THR X 32 -39.67 -19.57 43.86
C THR X 32 -40.82 -19.58 44.87
N GLU X 33 -40.48 -19.40 46.14
CA GLU X 33 -41.47 -19.51 47.21
C GLU X 33 -41.10 -18.56 48.33
N HIS X 34 -42.02 -17.65 48.66
CA HIS X 34 -41.87 -16.75 49.79
C HIS X 34 -43.08 -16.88 50.70
N PHE X 35 -42.86 -16.67 52.00
CA PHE X 35 -43.91 -16.76 53.01
C PHE X 35 -44.00 -15.42 53.72
N GLY X 36 -45.05 -14.67 53.43
CA GLY X 36 -45.26 -13.35 54.01
C GLY X 36 -45.91 -13.43 55.38
N ARG X 37 -46.40 -12.27 55.83
CA ARG X 37 -47.06 -12.18 57.13
C ARG X 37 -48.43 -11.53 56.99
N THR X 38 -48.61 -10.69 55.97
CA THR X 38 -49.86 -10.00 55.72
C THR X 38 -50.24 -10.16 54.26
N THR X 39 -51.42 -9.66 53.92
CA THR X 39 -52.00 -9.82 52.59
C THR X 39 -51.53 -8.76 51.60
N VAL X 40 -50.41 -8.09 51.85
CA VAL X 40 -49.91 -7.05 50.97
C VAL X 40 -48.39 -7.20 50.84
N ALA X 41 -47.89 -7.04 49.62
CA ALA X 41 -46.46 -7.13 49.36
C ALA X 41 -46.06 -5.98 48.44
N ARG X 42 -44.79 -5.59 48.53
CA ARG X 42 -44.26 -4.45 47.78
C ARG X 42 -43.05 -4.88 46.97
N ILE X 43 -42.93 -4.32 45.77
CA ILE X 43 -41.82 -4.60 44.86
C ILE X 43 -41.27 -3.28 44.34
N GLU X 44 -39.99 -3.30 43.95
CA GLU X 44 -39.32 -2.12 43.44
C GLU X 44 -38.52 -2.48 42.20
N ARG X 45 -38.30 -1.49 41.34
CA ARG X 45 -37.53 -1.66 40.12
C ARG X 45 -36.51 -0.53 39.96
N LEU X 46 -35.41 -0.86 39.32
CA LEU X 46 -34.46 0.12 38.82
C LEU X 46 -34.33 -0.06 37.31
N ASP X 47 -33.79 0.94 36.62
CA ASP X 47 -33.63 0.86 35.17
C ASP X 47 -32.54 1.83 34.75
N ASP X 48 -31.44 1.30 34.25
CA ASP X 48 -30.28 2.11 33.90
C ASP X 48 -29.88 1.83 32.46
N GLY X 49 -29.27 2.83 31.84
CA GLY X 49 -28.84 2.71 30.46
C GLY X 49 -27.66 3.60 30.13
N ALA X 50 -27.61 4.11 28.91
CA ALA X 50 -26.51 4.97 28.48
C ALA X 50 -26.89 5.57 27.13
N GLY X 51 -25.95 6.32 26.55
CA GLY X 51 -26.18 6.97 25.28
C GLY X 51 -24.88 7.14 24.53
N ASP X 52 -25.01 7.64 23.30
CA ASP X 52 -23.88 7.84 22.40
C ASP X 52 -23.48 9.31 22.42
N ILE X 53 -22.19 9.57 22.62
CA ILE X 53 -21.69 10.93 22.69
C ILE X 53 -21.45 11.45 21.28
N LYS X 54 -21.76 12.72 21.05
CA LYS X 54 -21.58 13.34 19.75
C LYS X 54 -20.23 14.07 19.69
N ALA X 55 -19.92 14.59 18.51
CA ALA X 55 -18.70 15.34 18.32
C ALA X 55 -18.90 16.81 18.68
N VAL X 56 -17.83 17.44 19.14
CA VAL X 56 -17.87 18.83 19.56
C VAL X 56 -16.52 19.46 19.30
N GLN X 57 -16.53 20.74 18.97
CA GLN X 57 -15.30 21.49 18.71
C GLN X 57 -14.64 21.91 20.01
N ARG X 58 -13.39 22.35 19.91
CA ARG X 58 -12.58 22.67 21.08
C ARG X 58 -12.91 24.09 21.53
N GLY X 59 -13.81 24.19 22.50
CA GLY X 59 -14.16 25.46 23.10
C GLY X 59 -15.64 25.73 23.17
N GLY X 60 -16.43 24.99 22.40
CA GLY X 60 -17.85 25.24 22.29
C GLY X 60 -18.65 24.62 23.42
N VAL X 61 -19.96 24.54 23.20
CA VAL X 61 -20.86 24.02 24.22
C VAL X 61 -20.54 22.55 24.48
N ARG X 62 -20.82 22.10 25.71
CA ARG X 62 -20.56 20.74 26.13
C ARG X 62 -21.87 19.94 26.14
N GLN X 63 -21.80 18.72 26.66
CA GLN X 63 -22.94 17.80 26.68
C GLN X 63 -23.22 17.38 28.11
N HIS X 64 -24.44 16.86 28.34
CA HIS X 64 -24.92 16.53 29.67
C HIS X 64 -25.52 15.14 29.68
N LEU X 65 -25.71 14.58 30.87
CA LEU X 65 -26.10 13.19 31.05
C LEU X 65 -27.54 13.09 31.56
N ALA X 66 -28.15 11.94 31.38
CA ALA X 66 -29.54 11.69 31.77
C ALA X 66 -29.58 10.96 33.11
N ASN X 67 -30.77 10.49 33.51
CA ASN X 67 -30.96 9.84 34.80
C ASN X 67 -31.87 8.62 34.61
N ASP X 68 -31.98 7.83 35.68
CA ASP X 68 -32.67 6.55 35.64
C ASP X 68 -34.08 6.66 36.23
N ARG X 69 -34.74 5.50 36.36
CA ARG X 69 -36.11 5.41 36.82
C ARG X 69 -36.22 4.47 38.02
N LYS X 70 -37.23 4.70 38.86
CA LYS X 70 -37.36 4.02 40.14
C LYS X 70 -38.81 3.60 40.41
N LYS X 71 -39.42 2.91 39.44
CA LYS X 71 -40.83 2.52 39.57
C LYS X 71 -41.03 1.58 40.76
N ILE X 72 -42.25 1.60 41.32
CA ILE X 72 -42.60 0.82 42.50
C ILE X 72 -44.03 0.30 42.35
N VAL X 73 -44.34 -0.80 43.04
CA VAL X 73 -45.64 -1.44 42.92
C VAL X 73 -45.90 -2.31 44.14
N ASN X 74 -47.17 -2.62 44.38
CA ASN X 74 -47.60 -3.49 45.47
C ASN X 74 -48.85 -4.24 45.06
N LEU X 75 -49.13 -5.35 45.75
CA LEU X 75 -50.20 -6.27 45.37
C LEU X 75 -50.87 -6.88 46.60
N ASN X 76 -52.05 -7.47 46.38
CA ASN X 76 -52.84 -8.12 47.42
C ASN X 76 -52.75 -9.63 47.30
N ILE X 77 -53.53 -10.33 48.12
CA ILE X 77 -53.54 -11.80 48.13
C ILE X 77 -54.95 -12.31 48.40
N PRO X 78 -55.38 -13.38 47.74
CA PRO X 78 -56.71 -13.96 48.01
C PRO X 78 -56.67 -15.08 49.03
N PHE X 79 -57.86 -15.60 49.34
CA PHE X 79 -58.04 -16.65 50.35
C PHE X 79 -58.99 -17.71 49.83
N PHE X 80 -58.75 -18.96 50.23
CA PHE X 80 -59.54 -20.11 49.76
C PHE X 80 -59.82 -21.08 50.90
N PRO X 81 -61.08 -21.20 51.36
CA PRO X 81 -61.41 -22.23 52.35
C PRO X 81 -62.00 -23.50 51.74
N LEU X 82 -62.03 -24.59 52.52
CA LEU X 82 -62.69 -25.82 52.10
C LEU X 82 -62.90 -26.71 53.32
N ASP X 83 -64.15 -27.04 53.61
CA ASP X 83 -64.52 -27.77 54.82
C ASP X 83 -65.54 -28.86 54.50
N ARG X 84 -65.61 -29.86 55.38
CA ARG X 84 -66.61 -30.90 55.30
C ARG X 84 -66.78 -31.57 56.67
N SER X 85 -67.98 -32.08 56.92
CA SER X 85 -68.29 -32.80 58.14
C SER X 85 -68.85 -34.18 57.84
N ILE X 86 -69.00 -34.99 58.88
CA ILE X 86 -69.56 -36.33 58.76
C ILE X 86 -70.57 -36.54 59.88
N ASP X 87 -71.45 -37.53 59.68
CA ASP X 87 -72.56 -37.80 60.59
C ASP X 87 -72.66 -39.30 60.83
N ARG X 88 -73.36 -39.66 61.91
CA ARG X 88 -73.52 -41.06 62.30
C ARG X 88 -74.21 -41.87 61.21
N ALA X 89 -75.26 -41.30 60.62
CA ALA X 89 -76.09 -42.04 59.68
C ALA X 89 -75.31 -42.56 58.48
N ASP X 90 -74.16 -41.97 58.17
CA ASP X 90 -73.41 -42.37 56.99
C ASP X 90 -72.57 -43.61 57.21
N ILE X 91 -72.45 -44.09 58.45
CA ILE X 91 -71.49 -45.15 58.76
C ILE X 91 -72.17 -46.36 59.39
N GLN X 92 -73.08 -46.11 60.34
CA GLN X 92 -73.50 -47.18 61.24
C GLN X 92 -74.07 -48.39 60.50
N ASN X 93 -74.97 -48.18 59.54
CA ASN X 93 -75.75 -49.28 58.97
C ASN X 93 -75.56 -49.38 57.46
N PHE X 94 -74.32 -49.28 56.98
CA PHE X 94 -74.00 -49.52 55.59
C PHE X 94 -72.78 -50.43 55.49
N ARG X 95 -72.92 -51.49 54.70
CA ARG X 95 -71.81 -52.40 54.48
C ARG X 95 -70.72 -51.73 53.65
N GLU X 96 -69.47 -52.11 53.91
CA GLU X 96 -68.35 -51.59 53.14
C GLU X 96 -68.52 -52.00 51.68
N PHE X 97 -68.30 -51.05 50.76
CA PHE X 97 -68.57 -51.31 49.36
C PHE X 97 -67.67 -52.38 48.77
N GLY X 98 -66.48 -52.57 49.32
CA GLY X 98 -65.52 -53.51 48.78
C GLY X 98 -65.57 -54.91 49.36
N THR X 99 -66.57 -55.22 50.20
CA THR X 99 -66.64 -56.53 50.84
C THR X 99 -68.09 -56.95 50.94
N GLU X 100 -68.28 -58.26 51.15
CA GLU X 100 -69.63 -58.81 51.20
C GLU X 100 -70.39 -58.30 52.43
N ASN X 101 -69.79 -58.42 53.61
CA ASN X 101 -70.52 -58.18 54.86
C ASN X 101 -69.68 -57.45 55.91
N ALA X 102 -68.70 -56.66 55.50
CA ALA X 102 -67.92 -55.90 56.46
C ALA X 102 -68.63 -54.58 56.75
N PRO X 103 -69.00 -54.29 57.99
CA PRO X 103 -69.68 -53.01 58.27
C PRO X 103 -68.75 -51.83 58.03
N ALA X 104 -69.32 -50.74 57.56
CA ALA X 104 -68.51 -49.56 57.26
C ALA X 104 -67.88 -48.99 58.52
N THR X 105 -66.69 -48.42 58.38
CA THR X 105 -65.96 -47.79 59.48
C THR X 105 -65.73 -46.33 59.17
N VAL X 106 -65.70 -45.50 60.22
CA VAL X 106 -65.56 -44.06 60.05
C VAL X 106 -64.19 -43.71 59.46
N ASP X 107 -63.19 -44.55 59.72
CA ASP X 107 -61.82 -44.23 59.30
C ASP X 107 -61.72 -44.12 57.79
N ALA X 108 -62.36 -45.04 57.07
CA ALA X 108 -62.32 -44.99 55.60
C ALA X 108 -62.97 -43.70 55.09
N GLU X 109 -64.08 -43.30 55.69
CA GLU X 109 -64.72 -42.05 55.32
C GLU X 109 -63.83 -40.85 55.58
N VAL X 110 -63.11 -40.83 56.71
CA VAL X 110 -62.19 -39.73 56.98
C VAL X 110 -61.10 -39.69 55.91
N GLN X 111 -60.51 -40.84 55.61
CA GLN X 111 -59.41 -40.87 54.64
C GLN X 111 -59.87 -40.46 53.25
N ARG X 112 -61.06 -40.89 52.83
CA ARG X 112 -61.56 -40.51 51.52
C ARG X 112 -61.68 -39.00 51.39
N HIS X 113 -62.25 -38.36 52.40
CA HIS X 113 -62.42 -36.91 52.35
C HIS X 113 -61.09 -36.19 52.40
N MET X 114 -60.14 -36.69 53.20
CA MET X 114 -58.82 -36.08 53.21
C MET X 114 -58.18 -36.15 51.83
N ALA X 115 -58.26 -37.31 51.19
CA ALA X 115 -57.70 -37.45 49.85
C ALA X 115 -58.37 -36.50 48.87
N ARG X 116 -59.70 -36.38 48.94
CA ARG X 116 -60.40 -35.48 48.04
C ARG X 116 -59.94 -34.05 48.23
N ILE X 117 -59.82 -33.61 49.49
CA ILE X 117 -59.40 -32.24 49.78
C ILE X 117 -58.01 -31.99 49.22
N ARG X 118 -57.10 -32.94 49.44
CA ARG X 118 -55.73 -32.76 48.95
C ARG X 118 -55.70 -32.68 47.42
N ARG X 119 -56.47 -33.54 46.75
CA ARG X 119 -56.53 -33.49 45.30
C ARG X 119 -57.05 -32.15 44.82
N SER X 120 -58.10 -31.63 45.46
CA SER X 120 -58.65 -30.35 45.05
C SER X 120 -57.63 -29.23 45.22
N HIS X 121 -56.92 -29.23 46.35
CA HIS X 121 -55.90 -28.20 46.56
C HIS X 121 -54.80 -28.30 45.51
N ALA X 122 -54.37 -29.52 45.19
CA ALA X 122 -53.34 -29.69 44.18
C ALA X 122 -53.81 -29.16 42.83
N ILE X 123 -55.06 -29.46 42.46
CA ILE X 123 -55.58 -28.99 41.18
C ILE X 123 -55.62 -27.47 41.15
N LEU X 124 -56.09 -26.84 42.24
CA LEU X 124 -56.13 -25.39 42.27
C LEU X 124 -54.73 -24.80 42.12
N LYS X 125 -53.76 -25.37 42.83
CA LYS X 125 -52.39 -24.87 42.72
C LYS X 125 -51.88 -25.02 41.29
N SER X 126 -52.15 -26.15 40.65
CA SER X 126 -51.69 -26.35 39.29
C SER X 126 -52.29 -25.32 38.35
N LYS X 127 -53.60 -25.05 38.49
CA LYS X 127 -54.23 -24.07 37.61
C LYS X 127 -53.69 -22.66 37.86
N ALA X 128 -53.34 -22.36 39.11
CA ALA X 128 -52.85 -21.02 39.43
C ALA X 128 -51.59 -20.69 38.65
N MET X 129 -50.66 -21.65 38.57
CA MET X 129 -49.41 -21.38 37.87
C MET X 129 -49.62 -21.24 36.37
N TYR X 130 -50.53 -22.02 35.78
CA TYR X 130 -50.85 -21.82 34.37
C TYR X 130 -51.42 -20.42 34.14
N ALA X 131 -52.33 -19.99 35.00
CA ALA X 131 -52.89 -18.64 34.86
C ALA X 131 -51.79 -17.60 34.97
N ALA X 132 -50.88 -17.76 35.93
CA ALA X 132 -49.79 -16.80 36.08
C ALA X 132 -48.90 -16.78 34.84
N LEU X 133 -48.57 -17.95 34.30
CA LEU X 133 -47.72 -18.01 33.12
C LEU X 133 -48.39 -17.30 31.95
N LYS X 134 -49.70 -17.48 31.79
CA LYS X 134 -50.39 -16.80 30.70
C LYS X 134 -50.41 -15.29 30.88
N GLY X 135 -50.05 -14.77 32.05
CA GLY X 135 -49.86 -13.35 32.23
C GLY X 135 -50.88 -12.67 33.13
N THR X 136 -51.73 -13.46 33.78
CA THR X 136 -52.76 -12.92 34.67
C THR X 136 -52.81 -13.72 35.95
N SER X 137 -53.27 -13.07 37.02
CA SER X 137 -53.42 -13.72 38.30
C SER X 137 -54.60 -14.70 38.24
N TRP X 138 -54.83 -15.41 39.35
CA TRP X 138 -55.87 -16.43 39.44
C TRP X 138 -56.69 -16.17 40.69
N SER X 139 -57.82 -15.47 40.53
CA SER X 139 -58.73 -15.14 41.62
C SER X 139 -60.15 -15.49 41.19
N PRO X 140 -60.50 -16.77 41.15
CA PRO X 140 -61.85 -17.16 40.74
C PRO X 140 -62.94 -16.51 41.59
N ASP X 141 -63.90 -15.85 40.94
CA ASP X 141 -65.07 -15.26 41.57
C ASP X 141 -64.71 -14.13 42.53
N ASP X 142 -63.53 -13.54 42.41
CA ASP X 142 -63.12 -12.46 43.30
C ASP X 142 -62.43 -11.35 42.51
N PRO X 143 -63.07 -10.18 42.36
CA PRO X 143 -62.41 -9.09 41.63
C PRO X 143 -61.42 -8.29 42.46
N VAL X 144 -61.32 -8.56 43.77
CA VAL X 144 -60.41 -7.80 44.61
C VAL X 144 -58.95 -8.03 44.21
N SER X 145 -58.57 -9.27 43.92
CA SER X 145 -57.18 -9.57 43.59
C SER X 145 -57.00 -9.96 42.13
N ASP X 146 -57.99 -9.74 41.28
CA ASP X 146 -57.85 -10.05 39.86
C ASP X 146 -57.00 -8.99 39.19
N TYR X 147 -55.86 -9.39 38.65
CA TYR X 147 -54.88 -8.46 38.11
C TYR X 147 -54.43 -8.92 36.74
N ASN X 148 -53.96 -7.96 35.94
CA ASN X 148 -53.30 -8.23 34.67
C ASN X 148 -51.87 -7.73 34.75
N TYR X 149 -50.93 -8.68 34.84
CA TYR X 149 -49.53 -8.31 35.04
C TYR X 149 -48.97 -7.48 33.90
N TYR X 150 -49.35 -7.78 32.66
CA TYR X 150 -48.87 -7.00 31.53
C TYR X 150 -49.20 -5.52 31.72
N ASP X 151 -50.47 -5.22 31.99
CA ASP X 151 -50.86 -3.82 32.17
C ASP X 151 -50.24 -3.23 33.42
N VAL X 152 -50.17 -4.01 34.50
CA VAL X 152 -49.65 -3.48 35.75
C VAL X 152 -48.20 -3.05 35.58
N TRP X 153 -47.38 -3.89 34.96
CA TRP X 153 -45.97 -3.55 34.80
C TRP X 153 -45.75 -2.59 33.65
N GLY X 154 -46.73 -2.48 32.75
CA GLY X 154 -46.60 -1.58 31.62
C GLY X 154 -45.78 -2.18 30.50
N ALA X 155 -46.23 -3.32 29.99
CA ALA X 155 -45.54 -4.01 28.91
C ALA X 155 -46.56 -4.74 28.05
N THR X 156 -46.15 -5.06 26.83
CA THR X 156 -47.03 -5.71 25.86
C THR X 156 -46.56 -7.13 25.57
N GLN X 157 -47.51 -7.99 25.23
CA GLN X 157 -47.20 -9.38 24.88
C GLN X 157 -46.81 -9.42 23.40
N THR X 158 -45.52 -9.57 23.13
CA THR X 158 -45.05 -9.67 21.76
C THR X 158 -45.66 -10.89 21.10
N THR X 159 -45.99 -10.76 19.82
CA THR X 159 -46.62 -11.82 19.05
C THR X 159 -45.70 -12.23 17.91
N ALA X 160 -45.65 -13.54 17.64
CA ALA X 160 -44.85 -14.09 16.55
C ALA X 160 -45.64 -15.21 15.91
N ASP X 161 -46.40 -14.88 14.87
CA ASP X 161 -47.23 -15.87 14.19
C ASP X 161 -46.36 -16.81 13.38
N VAL X 162 -46.71 -18.09 13.39
CA VAL X 162 -46.01 -19.11 12.63
C VAL X 162 -46.99 -19.65 11.60
N ASP X 163 -46.82 -19.25 10.34
CA ASP X 163 -47.71 -19.68 9.27
C ASP X 163 -47.27 -21.05 8.75
N PHE X 164 -47.95 -22.10 9.19
CA PHE X 164 -47.57 -23.46 8.77
C PHE X 164 -47.99 -23.76 7.34
N THR X 165 -48.90 -22.98 6.76
CA THR X 165 -49.38 -23.25 5.42
C THR X 165 -48.36 -22.90 4.34
N LYS X 166 -47.38 -22.06 4.65
CA LYS X 166 -46.36 -21.66 3.68
C LYS X 166 -45.26 -22.71 3.67
N LEU X 167 -45.20 -23.52 2.61
CA LEU X 167 -44.19 -24.56 2.50
C LEU X 167 -42.84 -24.01 2.07
N GLY X 168 -42.79 -22.80 1.52
CA GLY X 168 -41.55 -22.23 1.03
C GLY X 168 -40.67 -21.58 2.08
N VAL X 169 -41.10 -21.57 3.34
CA VAL X 169 -40.32 -20.98 4.42
C VAL X 169 -40.38 -21.91 5.62
N ASP X 170 -39.24 -22.07 6.27
CA ASP X 170 -39.18 -22.91 7.46
C ASP X 170 -39.72 -22.13 8.65
N PRO X 171 -40.76 -22.60 9.33
CA PRO X 171 -41.32 -21.82 10.45
C PRO X 171 -40.33 -21.58 11.57
N ILE X 172 -39.38 -22.49 11.78
CA ILE X 172 -38.42 -22.32 12.87
C ILE X 172 -37.61 -21.04 12.67
N GLU X 173 -37.32 -20.70 11.41
CA GLU X 173 -36.57 -19.47 11.16
C GLU X 173 -37.33 -18.24 11.64
N VAL X 174 -38.61 -18.13 11.29
CA VAL X 174 -39.39 -16.98 11.73
C VAL X 174 -39.53 -16.98 13.25
N LEU X 175 -39.78 -18.16 13.82
CA LEU X 175 -39.90 -18.25 15.28
C LEU X 175 -38.62 -17.76 15.96
N GLU X 176 -37.46 -18.18 15.47
CA GLU X 176 -36.21 -17.70 16.05
C GLU X 176 -36.07 -16.19 15.87
N ALA X 177 -36.20 -15.72 14.63
CA ALA X 177 -35.99 -14.30 14.35
C ALA X 177 -36.88 -13.42 15.23
N GLU X 178 -38.07 -13.92 15.58
CA GLU X 178 -38.93 -13.13 16.46
C GLU X 178 -38.54 -13.31 17.92
N ALA X 179 -38.66 -14.54 18.44
CA ALA X 179 -38.51 -14.81 19.86
C ALA X 179 -37.10 -14.59 20.38
N ARG X 180 -36.08 -15.14 19.73
CA ARG X 180 -34.73 -14.96 20.24
C ARG X 180 -34.29 -13.50 20.15
N ALA X 181 -34.66 -12.84 19.05
CA ALA X 181 -34.34 -11.43 18.90
C ALA X 181 -34.96 -10.61 20.02
N HIS X 182 -36.23 -10.87 20.33
CA HIS X 182 -36.88 -10.15 21.42
C HIS X 182 -36.23 -10.47 22.76
N ILE X 183 -35.92 -11.75 23.00
CA ILE X 183 -35.47 -12.17 24.31
C ILE X 183 -34.07 -11.65 24.61
N ILE X 184 -33.16 -11.74 23.64
CA ILE X 184 -31.78 -11.37 23.91
C ILE X 184 -31.67 -9.91 24.29
N ASP X 185 -32.48 -9.04 23.65
CA ASP X 185 -32.46 -7.63 23.95
C ASP X 185 -33.10 -7.29 25.29
N TRP X 186 -34.16 -7.99 25.67
CA TRP X 186 -34.91 -7.66 26.88
C TRP X 186 -34.54 -8.52 28.08
N ALA X 187 -33.46 -9.30 27.99
CA ALA X 187 -33.03 -10.09 29.15
C ALA X 187 -32.72 -9.18 30.33
N GLY X 188 -32.02 -8.07 30.07
CA GLY X 188 -31.77 -7.07 31.08
C GLY X 188 -30.39 -7.10 31.72
N ASP X 189 -29.68 -8.21 31.63
CA ASP X 189 -28.34 -8.30 32.23
C ASP X 189 -27.26 -8.49 31.19
N ASN X 190 -27.35 -9.58 30.42
CA ASN X 190 -26.37 -9.87 29.38
C ASN X 190 -26.79 -11.15 28.66
N GLY X 191 -26.26 -11.33 27.45
CA GLY X 191 -26.57 -12.51 26.66
C GLY X 191 -25.78 -13.71 27.10
N ASP X 192 -25.85 -14.06 28.38
CA ASP X 192 -25.04 -15.14 28.94
C ASP X 192 -25.60 -16.50 28.55
N ASN X 193 -25.57 -16.81 27.25
CA ASN X 193 -25.93 -18.14 26.76
C ASN X 193 -27.29 -18.58 27.29
N TYR X 194 -28.35 -17.87 26.88
CA TYR X 194 -29.69 -18.18 27.35
C TYR X 194 -30.23 -19.44 26.69
N GLU X 195 -31.21 -20.05 27.33
CA GLU X 195 -31.86 -21.26 26.84
C GLU X 195 -33.35 -20.98 26.67
N ILE X 196 -33.92 -21.48 25.57
CA ILE X 196 -35.31 -21.21 25.21
C ILE X 196 -36.12 -22.48 25.39
N VAL X 197 -37.42 -22.30 25.66
CA VAL X 197 -38.37 -23.40 25.80
C VAL X 197 -39.68 -23.00 25.14
N VAL X 198 -40.35 -23.97 24.52
CA VAL X 198 -41.59 -23.73 23.80
C VAL X 198 -42.67 -24.64 24.36
N LEU X 199 -43.85 -24.07 24.58
CA LEU X 199 -45.02 -24.81 25.05
C LEU X 199 -46.16 -24.55 24.08
N ALA X 200 -46.79 -25.63 23.61
CA ALA X 200 -47.77 -25.50 22.54
C ALA X 200 -48.85 -26.56 22.70
N SER X 201 -49.97 -26.33 22.03
CA SER X 201 -51.09 -27.27 22.06
C SER X 201 -50.88 -28.41 21.07
N ARG X 202 -51.84 -29.33 21.04
CA ARG X 202 -51.72 -30.52 20.21
C ARG X 202 -51.65 -30.16 18.73
N GLN X 203 -52.62 -29.38 18.25
CA GLN X 203 -52.68 -29.08 16.82
C GLN X 203 -51.47 -28.29 16.35
N TRP X 204 -51.02 -27.33 17.17
CA TRP X 204 -49.82 -26.58 16.81
C TRP X 204 -48.62 -27.51 16.69
N PHE X 205 -48.47 -28.44 17.65
CA PHE X 205 -47.36 -29.38 17.61
C PHE X 205 -47.43 -30.25 16.36
N SER X 206 -48.62 -30.77 16.04
CA SER X 206 -48.76 -31.62 14.87
C SER X 206 -48.46 -30.86 13.59
N ALA X 207 -48.96 -29.62 13.48
CA ALA X 207 -48.66 -28.81 12.31
C ALA X 207 -47.17 -28.55 12.18
N LEU X 208 -46.49 -28.27 13.30
CA LEU X 208 -45.05 -28.07 13.26
C LEU X 208 -44.34 -29.31 12.74
N ILE X 209 -44.70 -30.48 13.27
CA ILE X 209 -44.04 -31.70 12.84
C ILE X 209 -44.35 -32.03 11.38
N ALA X 210 -45.56 -31.74 10.90
CA ALA X 210 -45.95 -32.11 9.55
C ALA X 210 -45.33 -31.22 8.48
N HIS X 211 -44.67 -30.14 8.87
CA HIS X 211 -44.12 -29.22 7.87
C HIS X 211 -42.97 -29.91 7.13
N PRO X 212 -42.99 -29.94 5.80
CA PRO X 212 -41.93 -30.67 5.08
C PRO X 212 -40.54 -30.14 5.35
N GLN X 213 -40.39 -28.83 5.54
CA GLN X 213 -39.08 -28.26 5.80
C GLN X 213 -38.46 -28.80 7.09
N VAL X 214 -39.29 -29.28 8.02
CA VAL X 214 -38.77 -29.86 9.25
C VAL X 214 -38.37 -31.31 9.03
N THR X 215 -39.25 -32.10 8.42
CA THR X 215 -38.95 -33.51 8.20
C THR X 215 -37.79 -33.71 7.25
N GLY X 216 -37.54 -32.74 6.36
CA GLY X 216 -36.47 -32.91 5.39
C GLY X 216 -35.11 -33.09 6.02
N ALA X 217 -34.94 -32.63 7.27
CA ALA X 217 -33.63 -32.70 7.91
C ALA X 217 -33.33 -34.07 8.51
N TYR X 218 -34.29 -35.00 8.50
CA TYR X 218 -34.12 -36.29 9.16
C TYR X 218 -34.34 -37.49 8.25
N SER X 219 -34.66 -37.27 6.97
CA SER X 219 -35.01 -38.40 6.10
C SER X 219 -33.78 -39.07 5.51
N GLN X 220 -32.60 -38.44 5.61
CA GLN X 220 -31.44 -38.93 4.89
C GLN X 220 -30.57 -39.87 5.71
N TYR X 221 -30.16 -39.47 6.91
CA TYR X 221 -29.31 -40.29 7.74
C TYR X 221 -29.90 -40.35 9.13
N PRO X 222 -29.62 -41.43 9.88
CA PRO X 222 -30.30 -41.63 11.16
C PRO X 222 -29.99 -40.52 12.16
N SER X 223 -30.76 -40.51 13.24
CA SER X 223 -30.61 -39.51 14.29
C SER X 223 -31.17 -40.10 15.58
N THR X 224 -30.93 -39.39 16.68
CA THR X 224 -31.36 -39.89 18.00
C THR X 224 -32.88 -40.00 18.09
N GLN X 225 -33.60 -38.93 17.76
CA GLN X 225 -35.05 -38.96 17.90
C GLN X 225 -35.68 -39.86 16.85
N GLU X 226 -35.29 -39.71 15.59
CA GLU X 226 -35.87 -40.48 14.50
C GLU X 226 -37.40 -40.32 14.49
N ILE X 227 -37.85 -39.09 14.27
CA ILE X 227 -39.26 -38.75 14.37
C ILE X 227 -40.04 -39.40 13.24
N LEU X 228 -39.34 -39.92 12.23
CA LEU X 228 -40.00 -40.54 11.09
C LEU X 228 -40.48 -41.96 11.38
N ARG X 229 -39.89 -42.64 12.36
CA ARG X 229 -40.23 -44.03 12.59
C ARG X 229 -40.66 -44.30 14.04
N ARG X 230 -40.05 -43.61 15.00
CA ARG X 230 -40.39 -43.80 16.40
C ARG X 230 -41.15 -42.60 16.94
N ARG X 231 -42.16 -42.88 17.76
CA ARG X 231 -42.95 -41.82 18.37
C ARG X 231 -42.07 -40.93 19.23
N LEU X 232 -42.26 -39.62 19.11
CA LEU X 232 -41.46 -38.67 19.86
C LEU X 232 -41.74 -38.78 21.35
N GLY X 233 -40.68 -38.79 22.14
CA GLY X 233 -40.82 -38.87 23.58
C GLY X 233 -41.17 -40.27 24.06
N GLY X 234 -41.15 -41.24 23.16
CA GLY X 234 -41.49 -42.60 23.53
C GLY X 234 -42.96 -42.76 23.81
N ASN X 235 -43.30 -43.87 24.46
CA ASN X 235 -44.69 -44.15 24.77
C ASN X 235 -45.25 -43.17 25.79
N ALA X 236 -44.38 -42.52 26.56
CA ALA X 236 -44.83 -41.58 27.58
C ALA X 236 -45.62 -40.44 26.94
N ASN X 237 -46.27 -39.66 27.79
CA ASN X 237 -47.12 -38.58 27.32
C ASN X 237 -46.30 -37.30 27.10
N ASN X 238 -47.01 -36.24 26.70
CA ASN X 238 -46.45 -34.90 26.54
C ASN X 238 -45.60 -34.75 25.29
N ARG X 239 -45.35 -35.85 24.58
CA ARG X 239 -44.81 -35.81 23.22
C ARG X 239 -43.65 -34.81 23.09
N ILE X 240 -42.72 -34.81 24.05
CA ILE X 240 -41.66 -33.81 24.03
C ILE X 240 -40.83 -33.94 22.76
N PHE X 241 -40.11 -32.87 22.42
CA PHE X 241 -39.36 -32.80 21.18
C PHE X 241 -38.33 -31.70 21.28
N GLU X 242 -37.14 -31.95 20.74
CA GLU X 242 -36.06 -30.97 20.69
C GLU X 242 -35.57 -30.84 19.25
N HIS X 243 -35.23 -29.62 18.85
CA HIS X 243 -34.83 -29.36 17.47
C HIS X 243 -34.12 -28.01 17.41
N LYS X 244 -32.92 -28.01 16.84
CA LYS X 244 -32.11 -26.81 16.76
C LYS X 244 -31.98 -26.15 18.14
N ASN X 245 -31.50 -26.92 19.11
CA ASN X 245 -31.30 -26.45 20.49
C ASN X 245 -32.49 -25.61 20.97
N ILE X 246 -33.69 -26.09 20.64
CA ILE X 246 -34.93 -25.51 21.14
C ILE X 246 -35.83 -26.66 21.56
N LEU X 247 -36.43 -26.54 22.74
CA LEU X 247 -37.25 -27.59 23.32
C LEU X 247 -38.73 -27.31 23.05
N PHE X 248 -39.43 -28.33 22.57
CA PHE X 248 -40.86 -28.25 22.31
C PHE X 248 -41.58 -29.28 23.17
N ILE X 249 -42.69 -28.88 23.77
CA ILE X 249 -43.46 -29.73 24.66
C ILE X 249 -44.93 -29.64 24.28
N GLU X 250 -45.60 -30.79 24.27
CA GLU X 250 -47.02 -30.86 23.96
C GLU X 250 -47.80 -30.79 25.28
N ASP X 251 -48.65 -29.79 25.41
CA ASP X 251 -49.43 -29.58 26.64
C ASP X 251 -50.79 -30.22 26.47
N ILE X 252 -51.03 -31.31 27.19
CA ILE X 252 -52.32 -32.00 27.12
C ILE X 252 -53.27 -31.59 28.24
N SER X 253 -52.82 -30.75 29.17
CA SER X 253 -53.66 -30.33 30.29
C SER X 253 -54.89 -29.55 29.84
N GLY X 254 -54.87 -28.94 28.66
CA GLY X 254 -56.00 -28.20 28.15
C GLY X 254 -56.04 -26.74 28.57
N ASN X 255 -55.11 -26.29 29.42
CA ASN X 255 -55.07 -24.89 29.82
C ASN X 255 -54.51 -23.99 28.74
N ILE X 256 -53.74 -24.52 27.81
CA ILE X 256 -53.18 -23.76 26.70
C ILE X 256 -54.28 -23.60 25.65
N PRO X 257 -54.62 -22.38 25.24
CA PRO X 257 -55.69 -22.21 24.25
C PRO X 257 -55.37 -22.95 22.96
N ALA X 258 -56.41 -23.45 22.32
CA ALA X 258 -56.25 -24.22 21.08
C ALA X 258 -55.53 -23.38 20.04
N GLY X 259 -54.54 -23.98 19.38
CA GLY X 259 -53.82 -23.34 18.30
C GLY X 259 -52.79 -22.32 18.75
N GLU X 260 -52.52 -22.22 20.04
CA GLU X 260 -51.58 -21.23 20.57
C GLU X 260 -50.36 -21.91 21.17
N ALA X 261 -49.30 -21.12 21.33
CA ALA X 261 -48.07 -21.58 21.96
C ALA X 261 -47.41 -20.40 22.65
N TYR X 262 -46.55 -20.71 23.62
CA TYR X 262 -45.87 -19.70 24.40
C TYR X 262 -44.37 -20.01 24.46
N ILE X 263 -43.57 -18.95 24.43
CA ILE X 263 -42.12 -19.06 24.39
C ILE X 263 -41.53 -18.21 25.51
N PHE X 264 -40.65 -18.80 26.31
CA PHE X 264 -40.02 -18.10 27.41
C PHE X 264 -38.69 -18.77 27.70
N PRO X 265 -37.72 -18.04 28.22
CA PRO X 265 -36.42 -18.62 28.55
C PRO X 265 -36.32 -19.09 29.99
N ARG X 266 -35.45 -20.07 30.20
CA ARG X 266 -35.15 -20.55 31.54
C ARG X 266 -34.04 -19.70 32.18
N GLY X 267 -33.99 -19.74 33.51
CA GLY X 267 -32.91 -19.13 34.26
C GLY X 267 -33.14 -17.71 34.70
N ILE X 268 -34.10 -16.99 34.11
CA ILE X 268 -34.34 -15.60 34.46
C ILE X 268 -34.75 -15.54 35.92
N SER X 269 -34.08 -14.68 36.70
CA SER X 269 -34.33 -14.63 38.13
C SER X 269 -35.53 -13.75 38.43
N ARG X 270 -36.31 -14.18 39.44
CA ARG X 270 -37.45 -13.41 39.92
C ARG X 270 -38.52 -13.23 38.84
N MET X 271 -38.41 -13.97 37.74
CA MET X 271 -39.44 -13.87 36.70
C MET X 271 -40.78 -14.40 37.21
N PHE X 272 -40.75 -15.49 37.98
CA PHE X 272 -41.95 -16.09 38.54
C PHE X 272 -41.81 -16.17 40.05
N GLU X 273 -42.88 -15.82 40.76
CA GLU X 273 -42.89 -15.93 42.22
C GLU X 273 -44.29 -16.28 42.70
N ILE X 274 -44.33 -16.92 43.86
CA ILE X 274 -45.59 -17.29 44.52
C ILE X 274 -45.49 -16.88 45.98
N TYR X 275 -46.54 -16.24 46.49
CA TYR X 275 -46.56 -15.74 47.85
C TYR X 275 -47.65 -16.43 48.64
N TYR X 276 -47.43 -16.54 49.95
CA TYR X 276 -48.38 -17.15 50.87
C TYR X 276 -48.69 -16.19 52.02
N ALA X 277 -49.91 -16.30 52.53
CA ALA X 277 -50.37 -15.48 53.64
C ALA X 277 -50.87 -16.36 54.77
N PRO X 278 -50.84 -15.87 56.00
CA PRO X 278 -51.26 -16.70 57.14
C PRO X 278 -52.74 -17.02 57.11
N SER X 279 -53.08 -18.13 57.75
CA SER X 279 -54.47 -18.57 57.80
C SER X 279 -55.32 -17.60 58.61
N ASP X 280 -56.62 -17.85 58.63
CA ASP X 280 -57.58 -16.99 59.31
C ASP X 280 -57.69 -17.27 60.80
N THR X 281 -57.01 -18.30 61.32
CA THR X 281 -57.14 -18.66 62.72
C THR X 281 -56.62 -17.54 63.61
N LEU X 282 -57.07 -17.55 64.86
CA LEU X 282 -56.64 -16.53 65.81
C LEU X 282 -55.16 -16.66 66.13
N ARG X 283 -54.63 -17.88 66.14
CA ARG X 283 -53.23 -18.08 66.49
C ARG X 283 -52.31 -17.48 65.44
N ASP X 284 -52.55 -17.80 64.16
CA ASP X 284 -51.58 -17.52 63.12
C ASP X 284 -51.76 -16.15 62.49
N ALA X 285 -52.39 -15.22 63.21
CA ALA X 285 -52.74 -13.93 62.63
C ALA X 285 -51.52 -13.16 62.15
N ASN X 286 -50.36 -13.38 62.78
CA ASN X 286 -49.17 -12.64 62.41
C ASN X 286 -47.89 -13.47 62.46
N GLN X 287 -47.98 -14.79 62.63
CA GLN X 287 -46.78 -15.59 62.83
C GLN X 287 -46.07 -15.88 61.52
N ALA X 288 -46.72 -16.63 60.61
CA ALA X 288 -46.10 -16.99 59.35
C ALA X 288 -47.09 -17.79 58.53
N ALA X 289 -46.93 -17.73 57.21
CA ALA X 289 -47.78 -18.48 56.30
C ALA X 289 -47.23 -19.89 56.08
N GLN X 290 -48.11 -20.78 55.62
CA GLN X 290 -47.72 -22.14 55.26
C GLN X 290 -48.48 -22.57 54.02
N GLU X 291 -47.98 -23.63 53.38
CA GLU X 291 -48.55 -24.05 52.11
C GLU X 291 -50.02 -24.42 52.25
N LEU X 292 -50.36 -25.18 53.28
CA LEU X 292 -51.73 -25.66 53.43
C LEU X 292 -52.00 -25.94 54.91
N TYR X 293 -53.11 -25.41 55.41
CA TYR X 293 -53.55 -25.69 56.78
C TYR X 293 -54.69 -26.69 56.76
N VAL X 294 -54.59 -27.70 57.62
CA VAL X 294 -55.61 -28.73 57.75
C VAL X 294 -55.90 -28.95 59.22
N PHE X 295 -57.19 -29.05 59.56
CA PHE X 295 -57.61 -29.31 60.92
C PHE X 295 -58.62 -30.45 60.92
N PHE X 296 -58.63 -31.21 62.00
CA PHE X 296 -59.58 -32.29 62.20
C PHE X 296 -60.13 -32.19 63.61
N LYS X 297 -61.46 -32.23 63.73
CA LYS X 297 -62.13 -31.98 65.01
C LYS X 297 -63.15 -33.09 65.25
N GLU X 298 -63.04 -33.74 66.41
CA GLU X 298 -64.06 -34.69 66.84
C GLU X 298 -64.83 -34.10 68.01
N SER X 299 -66.16 -34.24 67.95
CA SER X 299 -67.00 -33.68 69.01
C SER X 299 -66.77 -34.42 70.32
N ASN X 300 -66.72 -33.65 71.42
CA ASN X 300 -66.57 -34.26 72.74
C ASN X 300 -67.74 -35.14 73.12
N TYR X 301 -68.87 -35.01 72.44
CA TYR X 301 -70.06 -35.82 72.70
C TYR X 301 -70.09 -37.09 71.85
N LEU X 302 -69.05 -37.34 71.07
CA LEU X 302 -68.93 -38.56 70.26
C LEU X 302 -70.02 -38.66 69.21
N ARG X 303 -70.64 -37.55 68.84
CA ARG X 303 -71.76 -37.57 67.90
C ARG X 303 -71.49 -36.79 66.62
N GLU X 304 -70.33 -36.14 66.50
CA GLU X 304 -70.03 -35.34 65.32
C GLU X 304 -68.53 -35.23 65.13
N ALA X 305 -68.11 -35.09 63.87
CA ALA X 305 -66.72 -34.85 63.53
C ALA X 305 -66.69 -33.99 62.28
N LYS X 306 -65.61 -33.22 62.13
CA LYS X 306 -65.51 -32.26 61.03
C LYS X 306 -64.07 -32.16 60.56
N ILE X 307 -63.90 -31.80 59.29
CA ILE X 307 -62.60 -31.60 58.67
C ILE X 307 -62.57 -30.20 58.06
N GLU X 308 -61.50 -29.47 58.34
CA GLU X 308 -61.36 -28.10 57.86
C GLU X 308 -60.01 -27.91 57.21
N SER X 309 -59.98 -27.10 56.15
CA SER X 309 -58.75 -26.80 55.44
C SER X 309 -58.86 -25.42 54.83
N GLU X 310 -57.72 -24.72 54.75
CA GLU X 310 -57.67 -23.37 54.24
C GLU X 310 -56.33 -23.13 53.56
N THR X 311 -56.35 -22.33 52.50
CA THR X 311 -55.15 -21.98 51.78
C THR X 311 -55.30 -20.58 51.18
N SER X 312 -54.20 -19.83 51.20
CA SER X 312 -54.20 -18.46 50.69
C SER X 312 -52.86 -18.19 50.05
N PHE X 313 -52.86 -17.88 48.75
CA PHE X 313 -51.63 -17.69 48.00
C PHE X 313 -51.91 -16.87 46.76
N LEU X 314 -50.84 -16.34 46.17
CA LEU X 314 -50.94 -15.60 44.92
C LEU X 314 -49.73 -15.92 44.07
N THR X 315 -49.96 -16.11 42.76
CA THR X 315 -48.88 -16.34 41.82
C THR X 315 -48.58 -15.06 41.05
N VAL X 316 -47.31 -14.69 40.98
CA VAL X 316 -46.89 -13.42 40.40
C VAL X 316 -45.88 -13.68 39.30
N ASN X 317 -46.07 -13.01 38.16
CA ASN X 317 -45.13 -13.02 37.05
C ASN X 317 -44.58 -11.61 36.89
N ASN X 318 -43.32 -11.41 37.28
CA ASN X 318 -42.73 -10.08 37.34
C ASN X 318 -42.24 -9.57 35.99
N ARG X 319 -42.10 -10.43 34.99
CA ARG X 319 -41.54 -10.06 33.69
C ARG X 319 -42.41 -10.62 32.59
N PRO X 320 -43.57 -9.99 32.32
CA PRO X 320 -44.38 -10.41 31.18
C PRO X 320 -43.71 -10.18 29.85
N GLU X 321 -42.62 -9.42 29.83
CA GLU X 321 -41.93 -9.06 28.60
C GLU X 321 -41.40 -10.28 27.87
N LEU X 322 -40.85 -11.25 28.61
CA LEU X 322 -40.12 -12.36 28.02
C LEU X 322 -41.03 -13.55 27.69
N VAL X 323 -42.34 -13.41 27.86
CA VAL X 323 -43.29 -14.44 27.47
C VAL X 323 -43.93 -14.00 26.16
N VAL X 324 -43.71 -14.79 25.11
CA VAL X 324 -44.14 -14.44 23.76
C VAL X 324 -45.25 -15.40 23.34
N LYS X 325 -46.38 -14.82 22.92
CA LYS X 325 -47.51 -15.59 22.42
C LYS X 325 -47.30 -15.88 20.93
N SER X 326 -47.57 -17.12 20.53
CA SER X 326 -47.39 -17.55 19.15
C SER X 326 -48.65 -18.24 18.67
N THR X 327 -49.38 -17.58 17.78
CA THR X 327 -50.48 -18.21 17.07
C THR X 327 -49.99 -18.77 15.74
N GLY X 328 -50.83 -19.59 15.11
CA GLY X 328 -50.42 -20.22 13.88
C GLY X 328 -51.57 -20.58 12.95
N LYS X 329 -51.40 -20.29 11.67
CA LYS X 329 -52.36 -20.73 10.67
C LYS X 329 -52.27 -22.23 10.47
N PHE X 330 -53.37 -22.82 10.02
CA PHE X 330 -53.43 -24.23 9.68
C PHE X 330 -54.12 -24.41 8.33
N THR X 331 -53.65 -25.39 7.57
CA THR X 331 -54.20 -25.68 6.26
C THR X 331 -55.68 -26.07 6.37
N MET Y 1 109.05 94.31 -12.86
CA MET Y 1 108.90 94.07 -14.32
C MET Y 1 109.47 95.24 -15.12
N GLN Y 2 109.48 95.09 -16.44
CA GLN Y 2 109.96 96.12 -17.34
C GLN Y 2 108.83 96.58 -18.25
N ASN Y 3 108.72 97.90 -18.39
CA ASN Y 3 107.74 98.51 -19.29
C ASN Y 3 108.50 99.35 -20.30
N GLY Y 4 108.16 99.16 -21.59
CA GLY Y 4 108.90 99.84 -22.61
C GLY Y 4 110.35 99.39 -22.63
N ASP Y 5 111.23 100.31 -22.97
CA ASP Y 5 112.65 100.01 -23.08
C ASP Y 5 113.47 100.62 -21.95
N PHE Y 6 113.00 101.71 -21.34
CA PHE Y 6 113.76 102.43 -20.34
C PHE Y 6 113.03 102.60 -19.02
N GLN Y 7 111.76 102.22 -18.94
CA GLN Y 7 110.96 102.40 -17.74
C GLN Y 7 110.71 101.05 -17.07
N ILE Y 8 110.08 101.10 -15.90
CA ILE Y 8 109.80 99.91 -15.11
C ILE Y 8 108.31 99.91 -14.74
N LEU Y 9 107.88 98.80 -14.13
CA LEU Y 9 106.47 98.60 -13.84
C LEU Y 9 106.34 97.63 -12.67
N ASP Y 10 105.14 97.60 -12.10
CA ASP Y 10 104.82 96.65 -11.03
C ASP Y 10 104.14 95.43 -11.61
N TYR Y 11 103.88 94.44 -10.76
CA TYR Y 11 103.18 93.22 -11.17
C TYR Y 11 102.10 92.94 -10.15
N THR Y 12 100.86 92.78 -10.62
CA THR Y 12 99.70 92.63 -9.75
C THR Y 12 99.24 91.18 -9.61
N GLY Y 13 100.00 90.21 -10.10
CA GLY Y 13 99.63 88.82 -9.95
C GLY Y 13 98.74 88.34 -11.08
N LEU Y 14 98.21 87.13 -10.89
CA LEU Y 14 97.42 86.43 -11.90
C LEU Y 14 96.01 86.22 -11.38
N ILE Y 15 95.02 86.51 -12.23
CA ILE Y 15 93.61 86.27 -11.94
C ILE Y 15 93.08 85.32 -13.00
N SER Y 16 92.54 84.18 -12.56
CA SER Y 16 92.03 83.17 -13.48
C SER Y 16 90.73 82.61 -12.93
N THR Y 17 89.86 82.19 -13.83
CA THR Y 17 88.56 81.65 -13.46
C THR Y 17 88.07 80.71 -14.56
N MET Y 18 87.27 79.73 -14.17
CA MET Y 18 86.66 78.79 -15.10
C MET Y 18 85.20 78.60 -14.77
N PRO Y 19 84.39 78.19 -15.74
CA PRO Y 19 82.94 78.16 -15.53
C PRO Y 19 82.53 77.14 -14.49
N ARG Y 20 81.24 77.16 -14.17
CA ARG Y 20 80.68 76.31 -13.12
C ARG Y 20 80.18 74.99 -13.71
N VAL Y 21 80.61 73.88 -13.13
CA VAL Y 21 80.10 72.56 -13.50
C VAL Y 21 79.15 72.08 -12.41
N ASP Y 22 78.01 71.55 -12.84
CA ASP Y 22 76.96 71.13 -11.91
C ASP Y 22 76.85 69.62 -11.91
N THR Y 23 76.69 69.04 -10.71
CA THR Y 23 76.60 67.59 -10.60
C THR Y 23 75.48 67.13 -9.69
N LEU Y 24 74.31 67.76 -9.72
CA LEU Y 24 73.20 67.33 -8.86
C LEU Y 24 72.79 65.91 -9.16
N LEU Y 25 72.34 65.66 -10.40
CA LEU Y 25 71.78 64.36 -10.75
C LEU Y 25 72.77 63.22 -10.53
N GLN Y 26 74.07 63.47 -10.69
CA GLN Y 26 75.05 62.42 -10.52
C GLN Y 26 75.25 62.06 -9.05
N SER Y 27 75.06 63.02 -8.15
CA SER Y 27 75.24 62.75 -6.72
C SER Y 27 74.16 61.80 -6.20
N MET Y 28 73.01 61.74 -6.88
CA MET Y 28 71.91 60.91 -6.40
C MET Y 28 72.17 59.42 -6.55
N ASN Y 29 73.22 59.01 -7.27
CA ASN Y 29 73.51 57.60 -7.47
C ASN Y 29 72.30 56.89 -8.06
N LEU Y 30 71.63 57.56 -8.99
CA LEU Y 30 70.37 57.06 -9.53
C LEU Y 30 70.57 55.86 -10.44
N PHE Y 31 71.55 55.90 -11.33
CA PHE Y 31 71.73 54.90 -12.38
C PHE Y 31 72.65 53.78 -11.92
N THR Y 32 72.49 52.62 -12.57
CA THR Y 32 73.35 51.47 -12.38
C THR Y 32 73.92 51.08 -13.74
N GLU Y 33 75.16 50.57 -13.73
CA GLU Y 33 75.94 50.41 -14.95
C GLU Y 33 76.33 48.95 -15.13
N HIS Y 34 76.36 48.51 -16.39
CA HIS Y 34 76.84 47.19 -16.77
C HIS Y 34 77.89 47.33 -17.86
N PHE Y 35 78.95 46.54 -17.73
CA PHE Y 35 80.05 46.53 -18.69
C PHE Y 35 79.88 45.32 -19.61
N GLY Y 36 79.52 45.58 -20.86
CA GLY Y 36 79.27 44.53 -21.82
C GLY Y 36 80.51 44.17 -22.62
N ARG Y 37 80.27 43.56 -23.79
CA ARG Y 37 81.34 43.16 -24.69
C ARG Y 37 81.09 43.50 -26.14
N THR Y 38 79.89 43.99 -26.49
CA THR Y 38 79.56 44.29 -27.87
C THR Y 38 78.65 45.50 -27.90
N THR Y 39 78.36 45.96 -29.12
CA THR Y 39 77.56 47.16 -29.34
C THR Y 39 76.07 46.87 -29.47
N VAL Y 40 75.56 45.79 -28.87
CA VAL Y 40 74.15 45.45 -28.93
C VAL Y 40 73.73 44.84 -27.61
N ALA Y 41 72.53 45.20 -27.16
CA ALA Y 41 71.99 44.71 -25.90
C ALA Y 41 70.56 44.25 -26.14
N ARG Y 42 70.11 43.33 -25.27
CA ARG Y 42 68.82 42.67 -25.46
C ARG Y 42 68.16 42.49 -24.09
N ILE Y 43 66.85 42.68 -24.04
CA ILE Y 43 66.09 42.60 -22.80
C ILE Y 43 64.80 41.83 -23.06
N GLU Y 44 64.29 41.19 -22.00
CA GLU Y 44 63.04 40.45 -22.05
C GLU Y 44 62.12 40.93 -20.94
N ARG Y 45 60.83 41.08 -21.27
CA ARG Y 45 59.83 41.56 -20.33
C ARG Y 45 58.65 40.59 -20.32
N LEU Y 46 58.26 40.15 -19.13
CA LEU Y 46 57.19 39.17 -18.96
C LEU Y 46 56.02 39.84 -18.25
N ASP Y 47 54.84 39.73 -18.85
CA ASP Y 47 53.62 40.32 -18.32
C ASP Y 47 52.71 39.23 -17.76
N ASP Y 48 51.88 39.60 -16.79
CA ASP Y 48 50.98 38.65 -16.16
C ASP Y 48 49.75 39.42 -15.66
N GLY Y 49 48.87 38.70 -14.96
CA GLY Y 49 47.68 39.34 -14.42
C GLY Y 49 46.69 38.36 -13.81
N ALA Y 50 45.41 38.71 -13.86
CA ALA Y 50 44.35 37.88 -13.29
C ALA Y 50 43.04 38.22 -13.98
N GLY Y 51 41.99 37.52 -13.58
CA GLY Y 51 40.68 37.71 -14.19
C GLY Y 51 39.58 37.53 -13.18
N ASP Y 52 38.36 37.78 -13.63
CA ASP Y 52 37.18 37.78 -12.77
C ASP Y 52 36.27 36.62 -13.15
N ILE Y 53 35.91 35.82 -12.16
CA ILE Y 53 34.95 34.74 -12.37
C ILE Y 53 33.55 35.31 -12.38
N LYS Y 54 32.61 34.58 -12.96
CA LYS Y 54 31.21 34.98 -12.98
C LYS Y 54 30.32 33.78 -12.65
N ALA Y 55 29.14 34.07 -12.13
CA ALA Y 55 28.22 33.03 -11.69
C ALA Y 55 27.72 32.22 -12.88
N VAL Y 56 27.45 30.93 -12.62
CA VAL Y 56 27.00 30.00 -13.65
C VAL Y 56 26.02 29.02 -13.02
N GLN Y 57 25.11 28.51 -13.84
CA GLN Y 57 24.11 27.56 -13.36
C GLN Y 57 24.75 26.28 -12.89
N ARG Y 58 24.08 25.60 -11.94
CA ARG Y 58 24.57 24.32 -11.45
C ARG Y 58 24.50 23.26 -12.55
N GLY Y 59 25.56 22.48 -12.64
CA GLY Y 59 25.56 21.32 -13.52
C GLY Y 59 25.80 21.62 -14.98
N GLY Y 60 25.54 22.85 -15.39
CA GLY Y 60 25.58 23.22 -16.80
C GLY Y 60 26.99 23.50 -17.30
N VAL Y 61 27.11 24.56 -18.10
CA VAL Y 61 28.34 24.88 -18.80
C VAL Y 61 29.41 25.34 -17.83
N ARG Y 62 30.67 25.28 -18.25
CA ARG Y 62 31.80 25.79 -17.49
C ARG Y 62 32.26 27.12 -18.06
N GLN Y 63 33.39 27.61 -17.55
CA GLN Y 63 34.06 28.77 -18.14
C GLN Y 63 35.57 28.59 -17.95
N HIS Y 64 36.32 29.16 -18.88
CA HIS Y 64 37.74 28.85 -19.03
C HIS Y 64 38.60 30.08 -18.82
N LEU Y 65 39.91 29.85 -18.76
CA LEU Y 65 40.89 30.86 -18.37
C LEU Y 65 41.72 31.30 -19.58
N ALA Y 66 42.59 32.29 -19.36
CA ALA Y 66 43.40 32.88 -20.41
C ALA Y 66 44.90 32.74 -20.10
N ASN Y 67 45.75 33.36 -20.92
CA ASN Y 67 47.19 33.18 -20.83
C ASN Y 67 47.89 34.53 -20.68
N ASP Y 68 49.21 34.46 -20.47
CA ASP Y 68 50.01 35.65 -20.22
C ASP Y 68 50.60 36.19 -21.54
N ARG Y 69 51.54 37.13 -21.39
CA ARG Y 69 52.09 37.88 -22.52
C ARG Y 69 53.59 38.07 -22.34
N LYS Y 70 54.30 38.19 -23.46
CA LYS Y 70 55.75 38.35 -23.46
C LYS Y 70 56.17 39.36 -24.53
N LYS Y 71 57.38 39.91 -24.37
CA LYS Y 71 57.96 40.81 -25.34
C LYS Y 71 59.48 40.78 -25.20
N ILE Y 72 60.16 41.25 -26.25
CA ILE Y 72 61.63 41.17 -26.32
C ILE Y 72 62.11 42.26 -27.27
N VAL Y 73 63.27 42.86 -26.94
CA VAL Y 73 63.74 44.04 -27.65
C VAL Y 73 65.26 44.03 -27.70
N ASN Y 74 65.81 44.76 -28.69
CA ASN Y 74 67.24 44.95 -28.86
C ASN Y 74 67.56 46.43 -29.05
N LEU Y 75 68.80 46.80 -28.77
CA LEU Y 75 69.21 48.20 -28.88
C LEU Y 75 70.67 48.28 -29.33
N ASN Y 76 71.10 49.49 -29.69
CA ASN Y 76 72.45 49.74 -30.16
C ASN Y 76 73.22 50.60 -29.16
N ILE Y 77 74.45 50.95 -29.51
CA ILE Y 77 75.31 51.75 -28.64
C ILE Y 77 76.21 52.65 -29.50
N PRO Y 78 76.23 53.97 -29.28
CA PRO Y 78 77.06 54.85 -30.10
C PRO Y 78 78.49 54.97 -29.60
N PHE Y 79 79.26 55.80 -30.29
CA PHE Y 79 80.69 55.98 -30.06
C PHE Y 79 81.02 57.46 -29.98
N PHE Y 80 81.86 57.84 -29.02
CA PHE Y 80 82.21 59.24 -28.76
C PHE Y 80 83.73 59.42 -28.69
N PRO Y 81 84.37 59.89 -29.76
CA PRO Y 81 85.82 60.13 -29.70
C PRO Y 81 86.20 61.56 -29.36
N LEU Y 82 87.47 61.79 -29.02
CA LEU Y 82 87.97 63.14 -28.77
C LEU Y 82 89.49 63.11 -28.82
N ASP Y 83 90.08 64.05 -29.57
CA ASP Y 83 91.52 64.03 -29.86
C ASP Y 83 92.09 65.44 -29.82
N ARG Y 84 93.41 65.53 -29.63
CA ARG Y 84 94.13 66.80 -29.66
C ARG Y 84 95.61 66.52 -29.82
N SER Y 85 96.29 67.37 -30.59
CA SER Y 85 97.71 67.22 -30.89
C SER Y 85 98.47 68.46 -30.43
N ILE Y 86 99.80 68.34 -30.44
CA ILE Y 86 100.71 69.41 -30.02
C ILE Y 86 101.82 69.54 -31.06
N ASP Y 87 102.47 70.70 -31.09
CA ASP Y 87 103.55 70.98 -32.03
C ASP Y 87 104.53 71.97 -31.41
N ARG Y 88 105.74 71.99 -31.97
CA ARG Y 88 106.79 72.85 -31.43
C ARG Y 88 106.40 74.32 -31.53
N ALA Y 89 105.80 74.72 -32.65
CA ALA Y 89 105.53 76.15 -32.88
C ALA Y 89 104.67 76.73 -31.77
N ASP Y 90 103.89 75.89 -31.08
CA ASP Y 90 103.01 76.39 -30.04
C ASP Y 90 103.74 76.87 -28.80
N ILE Y 91 104.95 76.37 -28.54
CA ILE Y 91 105.54 76.54 -27.21
C ILE Y 91 106.98 77.05 -27.26
N GLN Y 92 107.61 77.05 -28.42
CA GLN Y 92 109.06 77.23 -28.47
C GLN Y 92 109.47 78.56 -27.84
N ASN Y 93 109.07 79.67 -28.46
CA ASN Y 93 109.56 80.99 -28.07
C ASN Y 93 108.59 81.77 -27.21
N PHE Y 94 107.67 81.09 -26.53
CA PHE Y 94 106.67 81.75 -25.72
C PHE Y 94 107.04 81.70 -24.24
N ARG Y 95 106.41 82.58 -23.48
CA ARG Y 95 106.69 82.74 -22.06
C ARG Y 95 105.57 82.07 -21.27
N GLU Y 96 105.93 81.47 -20.14
CA GLU Y 96 104.93 80.81 -19.30
C GLU Y 96 103.99 81.84 -18.69
N PHE Y 97 102.75 81.88 -19.17
CA PHE Y 97 101.82 82.89 -18.69
C PHE Y 97 101.61 82.74 -17.19
N GLY Y 98 101.53 83.88 -16.50
CA GLY Y 98 101.44 83.91 -15.06
C GLY Y 98 102.75 84.20 -14.36
N THR Y 99 103.85 83.65 -14.85
CA THR Y 99 105.16 83.98 -14.30
C THR Y 99 105.67 85.26 -14.98
N GLU Y 100 106.86 85.70 -14.56
CA GLU Y 100 107.41 86.95 -15.06
C GLU Y 100 108.42 86.74 -16.17
N ASN Y 101 109.31 85.75 -16.04
CA ASN Y 101 110.35 85.54 -17.04
C ASN Y 101 110.65 84.08 -17.34
N ALA Y 102 109.88 83.12 -16.80
CA ALA Y 102 110.17 81.73 -17.07
C ALA Y 102 109.74 81.34 -18.48
N PRO Y 103 110.49 80.45 -19.14
CA PRO Y 103 110.10 80.02 -20.48
C PRO Y 103 109.01 78.96 -20.46
N ALA Y 104 108.37 78.78 -21.61
CA ALA Y 104 107.28 77.82 -21.73
C ALA Y 104 107.82 76.39 -21.63
N THR Y 105 106.99 75.49 -21.13
CA THR Y 105 107.33 74.08 -20.98
C THR Y 105 106.21 73.23 -21.55
N VAL Y 106 106.57 72.09 -22.16
CA VAL Y 106 105.59 71.27 -22.86
C VAL Y 106 104.65 70.58 -21.87
N ASP Y 107 105.20 70.08 -20.76
CA ASP Y 107 104.38 69.28 -19.84
C ASP Y 107 103.22 70.07 -19.27
N ALA Y 108 103.42 71.36 -19.00
CA ALA Y 108 102.31 72.17 -18.52
C ALA Y 108 101.15 72.16 -19.50
N GLU Y 109 101.44 72.34 -20.79
CA GLU Y 109 100.41 72.26 -21.82
C GLU Y 109 99.80 70.86 -21.93
N VAL Y 110 100.60 69.81 -21.79
CA VAL Y 110 100.05 68.46 -21.81
C VAL Y 110 99.00 68.30 -20.71
N GLN Y 111 99.34 68.72 -19.48
CA GLN Y 111 98.38 68.60 -18.39
C GLN Y 111 97.16 69.50 -18.61
N ARG Y 112 97.36 70.71 -19.13
CA ARG Y 112 96.25 71.61 -19.35
C ARG Y 112 95.32 71.10 -20.45
N HIS Y 113 95.81 70.24 -21.34
CA HIS Y 113 94.92 69.60 -22.31
C HIS Y 113 94.25 68.37 -21.72
N MET Y 114 94.99 67.60 -20.92
CA MET Y 114 94.41 66.42 -20.27
C MET Y 114 93.20 66.81 -19.44
N ALA Y 115 93.35 67.83 -18.59
CA ALA Y 115 92.23 68.27 -17.76
C ALA Y 115 91.05 68.74 -18.60
N ARG Y 116 91.34 69.47 -19.68
CA ARG Y 116 90.28 69.88 -20.59
C ARG Y 116 89.49 68.69 -21.11
N ILE Y 117 90.18 67.60 -21.42
CA ILE Y 117 89.49 66.41 -21.92
C ILE Y 117 88.63 65.78 -20.83
N ARG Y 118 89.19 65.64 -19.62
CA ARG Y 118 88.43 64.99 -18.55
C ARG Y 118 87.16 65.77 -18.25
N ARG Y 119 87.26 67.10 -18.18
CA ARG Y 119 86.08 67.90 -17.89
C ARG Y 119 85.00 67.72 -18.95
N SER Y 120 85.40 67.69 -20.23
CA SER Y 120 84.42 67.52 -21.29
C SER Y 120 83.70 66.19 -21.18
N HIS Y 121 84.44 65.10 -20.89
CA HIS Y 121 83.76 63.81 -20.75
C HIS Y 121 82.82 63.81 -19.54
N ALA Y 122 83.26 64.42 -18.44
CA ALA Y 122 82.42 64.45 -17.25
C ALA Y 122 81.13 65.20 -17.50
N ILE Y 123 81.18 66.34 -18.20
CA ILE Y 123 79.96 67.08 -18.48
C ILE Y 123 79.14 66.48 -19.60
N LEU Y 124 79.61 65.40 -20.22
CA LEU Y 124 78.81 64.62 -21.16
C LEU Y 124 78.03 63.51 -20.46
N LYS Y 125 78.66 62.83 -19.51
CA LYS Y 125 77.94 61.80 -18.77
C LYS Y 125 76.73 62.38 -18.05
N SER Y 126 76.92 63.52 -17.38
CA SER Y 126 75.86 64.11 -16.57
C SER Y 126 74.71 64.56 -17.46
N LYS Y 127 75.02 64.97 -18.68
CA LYS Y 127 73.98 65.34 -19.65
C LYS Y 127 73.26 64.15 -20.22
N ALA Y 128 73.95 63.03 -20.42
CA ALA Y 128 73.26 61.80 -20.81
C ALA Y 128 72.28 61.36 -19.73
N MET Y 129 72.63 61.57 -18.45
CA MET Y 129 71.71 61.20 -17.37
C MET Y 129 70.34 61.87 -17.58
N TYR Y 130 70.34 63.18 -17.81
CA TYR Y 130 69.10 63.90 -18.01
C TYR Y 130 68.32 63.43 -19.22
N ALA Y 131 68.99 63.15 -20.34
CA ALA Y 131 68.30 62.64 -21.52
C ALA Y 131 67.63 61.31 -21.21
N ALA Y 132 68.30 60.44 -20.45
CA ALA Y 132 67.67 59.20 -20.04
C ALA Y 132 66.46 59.47 -19.16
N LEU Y 133 66.57 60.43 -18.24
CA LEU Y 133 65.49 60.69 -17.29
C LEU Y 133 64.19 61.11 -17.96
N LYS Y 134 64.24 61.60 -19.20
CA LYS Y 134 63.04 62.01 -19.90
C LYS Y 134 62.49 60.93 -20.84
N GLY Y 135 63.12 59.76 -20.88
CA GLY Y 135 62.61 58.68 -21.72
C GLY Y 135 63.11 58.70 -23.14
N THR Y 136 64.32 59.18 -23.37
CA THR Y 136 64.94 59.16 -24.69
C THR Y 136 66.45 58.96 -24.54
N SER Y 137 67.07 58.48 -25.61
CA SER Y 137 68.51 58.29 -25.62
C SER Y 137 69.21 59.60 -25.95
N TRP Y 138 70.52 59.64 -25.72
CA TRP Y 138 71.33 60.83 -26.00
C TRP Y 138 72.31 60.46 -27.11
N SER Y 139 72.03 60.92 -28.33
CA SER Y 139 72.82 60.57 -29.51
C SER Y 139 72.82 61.73 -30.50
N PRO Y 140 73.44 62.84 -30.13
CA PRO Y 140 73.48 63.99 -31.04
C PRO Y 140 74.34 63.68 -32.27
N ASP Y 141 73.81 64.00 -33.44
CA ASP Y 141 74.50 63.79 -34.72
C ASP Y 141 74.70 62.31 -35.03
N ASP Y 142 73.76 61.46 -34.64
CA ASP Y 142 73.83 60.02 -34.92
C ASP Y 142 72.43 59.45 -34.80
N PRO Y 143 71.64 59.47 -35.87
CA PRO Y 143 70.23 59.06 -35.76
C PRO Y 143 70.00 57.56 -35.69
N VAL Y 144 71.05 56.74 -35.78
CA VAL Y 144 70.87 55.29 -35.69
C VAL Y 144 70.56 54.82 -34.28
N SER Y 145 70.91 55.62 -33.26
CA SER Y 145 70.67 55.25 -31.87
C SER Y 145 69.76 56.25 -31.17
N ASP Y 146 68.92 56.97 -31.91
CA ASP Y 146 67.92 57.83 -31.29
C ASP Y 146 66.67 57.02 -30.98
N TYR Y 147 66.39 56.84 -29.70
CA TYR Y 147 65.26 56.04 -29.25
C TYR Y 147 64.34 56.86 -28.37
N ASN Y 148 63.04 56.68 -28.58
CA ASN Y 148 62.01 57.29 -27.73
C ASN Y 148 61.38 56.17 -26.92
N TYR Y 149 61.90 55.96 -25.70
CA TYR Y 149 61.58 54.75 -24.94
C TYR Y 149 60.08 54.58 -24.74
N TYR Y 150 59.31 55.67 -24.69
CA TYR Y 150 57.86 55.53 -24.64
C TYR Y 150 57.35 54.73 -25.83
N ASP Y 151 57.89 55.02 -27.02
CA ASP Y 151 57.50 54.27 -28.20
C ASP Y 151 58.08 52.85 -28.16
N VAL Y 152 59.35 52.72 -27.81
CA VAL Y 152 60.01 51.42 -27.84
C VAL Y 152 59.27 50.42 -26.97
N TRP Y 153 58.95 50.81 -25.74
CA TRP Y 153 58.23 49.93 -24.83
C TRP Y 153 56.72 50.01 -25.01
N GLY Y 154 56.23 50.86 -25.90
CA GLY Y 154 54.81 50.92 -26.16
C GLY Y 154 53.99 51.61 -25.10
N ALA Y 155 54.64 52.23 -24.12
CA ALA Y 155 53.92 52.92 -23.05
C ALA Y 155 53.42 54.26 -23.57
N THR Y 156 52.84 55.06 -22.67
CA THR Y 156 52.37 56.39 -23.02
C THR Y 156 52.69 57.34 -21.88
N GLN Y 157 53.15 58.54 -22.23
CA GLN Y 157 53.58 59.51 -21.24
C GLN Y 157 52.38 60.24 -20.66
N THR Y 158 51.98 59.86 -19.46
CA THR Y 158 50.91 60.56 -18.77
C THR Y 158 51.41 61.93 -18.29
N THR Y 159 50.49 62.88 -18.22
CA THR Y 159 50.82 64.24 -17.83
C THR Y 159 49.83 64.73 -16.77
N ALA Y 160 50.36 65.54 -15.86
CA ALA Y 160 49.55 66.15 -14.79
C ALA Y 160 49.88 67.64 -14.79
N ASP Y 161 49.14 68.40 -15.60
CA ASP Y 161 49.40 69.82 -15.82
C ASP Y 161 48.76 70.61 -14.68
N VAL Y 162 49.48 71.60 -14.18
CA VAL Y 162 49.04 72.43 -13.06
C VAL Y 162 48.80 73.84 -13.58
N ASP Y 163 47.68 74.43 -13.19
CA ASP Y 163 47.34 75.81 -13.56
C ASP Y 163 47.53 76.67 -12.32
N PHE Y 164 48.63 77.44 -12.31
CA PHE Y 164 48.96 78.23 -11.14
C PHE Y 164 48.08 79.47 -10.99
N THR Y 165 47.42 79.89 -12.07
CA THR Y 165 46.50 81.02 -11.98
C THR Y 165 45.22 80.67 -11.25
N LYS Y 166 44.93 79.38 -11.05
CA LYS Y 166 43.73 78.94 -10.34
C LYS Y 166 44.03 79.01 -8.85
N LEU Y 167 43.83 80.20 -8.28
CA LEU Y 167 44.16 80.43 -6.89
C LEU Y 167 43.32 79.58 -5.95
N GLY Y 168 42.13 79.17 -6.36
CA GLY Y 168 41.22 78.45 -5.50
C GLY Y 168 41.45 76.95 -5.42
N VAL Y 169 42.43 76.42 -6.14
CA VAL Y 169 42.72 74.99 -6.14
C VAL Y 169 44.18 74.77 -5.78
N ASP Y 170 44.41 73.93 -4.78
CA ASP Y 170 45.77 73.66 -4.34
C ASP Y 170 46.52 72.90 -5.43
N PRO Y 171 47.69 73.36 -5.85
CA PRO Y 171 48.43 72.61 -6.89
C PRO Y 171 48.77 71.18 -6.47
N ILE Y 172 49.00 70.93 -5.18
CA ILE Y 172 49.32 69.58 -4.75
C ILE Y 172 48.13 68.65 -4.94
N GLU Y 173 46.92 69.20 -5.04
CA GLU Y 173 45.75 68.34 -5.27
C GLU Y 173 45.86 67.63 -6.60
N VAL Y 174 46.26 68.34 -7.65
CA VAL Y 174 46.42 67.72 -8.96
C VAL Y 174 47.57 66.72 -8.94
N LEU Y 175 48.71 67.10 -8.35
CA LEU Y 175 49.83 66.19 -8.27
C LEU Y 175 49.54 64.96 -7.42
N GLU Y 176 48.53 65.03 -6.56
CA GLU Y 176 48.03 63.81 -5.93
C GLU Y 176 47.19 63.02 -6.91
N ALA Y 177 46.05 63.58 -7.32
CA ALA Y 177 45.06 62.82 -8.06
C ALA Y 177 45.64 62.22 -9.33
N GLU Y 178 46.27 63.05 -10.17
CA GLU Y 178 46.68 62.61 -11.50
C GLU Y 178 48.09 62.02 -11.54
N ALA Y 179 48.86 62.08 -10.46
CA ALA Y 179 50.22 61.57 -10.49
C ALA Y 179 50.45 60.44 -9.50
N ARG Y 180 50.07 60.62 -8.23
CA ARG Y 180 50.38 59.61 -7.23
C ARG Y 180 49.53 58.37 -7.43
N ALA Y 181 48.26 58.53 -7.80
CA ALA Y 181 47.42 57.37 -8.11
C ALA Y 181 48.00 56.59 -9.26
N HIS Y 182 48.45 57.30 -10.31
CA HIS Y 182 49.07 56.63 -11.45
C HIS Y 182 50.34 55.88 -11.05
N ILE Y 183 51.17 56.50 -10.23
CA ILE Y 183 52.40 55.84 -9.80
C ILE Y 183 52.09 54.61 -8.95
N ILE Y 184 51.04 54.68 -8.14
CA ILE Y 184 50.79 53.61 -7.18
C ILE Y 184 50.44 52.29 -7.86
N ASP Y 185 49.62 52.31 -8.91
CA ASP Y 185 49.11 51.08 -9.52
C ASP Y 185 50.00 50.59 -10.65
N TRP Y 186 50.59 51.50 -11.42
CA TRP Y 186 51.48 51.09 -12.51
C TRP Y 186 52.83 50.63 -11.99
N ALA Y 187 53.02 50.67 -10.66
CA ALA Y 187 54.30 50.28 -10.09
C ALA Y 187 54.67 48.86 -10.46
N GLY Y 188 53.68 48.02 -10.77
CA GLY Y 188 53.95 46.64 -11.08
C GLY Y 188 54.51 45.86 -9.91
N ASP Y 189 54.08 46.19 -8.69
CA ASP Y 189 54.57 45.54 -7.48
C ASP Y 189 53.44 45.53 -6.47
N ASN Y 190 53.77 45.25 -5.21
CA ASN Y 190 52.77 45.18 -4.15
C ASN Y 190 53.17 45.95 -2.89
N GLY Y 191 54.21 46.79 -2.96
CA GLY Y 191 54.53 47.68 -1.88
C GLY Y 191 53.57 48.85 -1.84
N ASP Y 192 53.65 49.62 -0.76
CA ASP Y 192 52.76 50.76 -0.57
C ASP Y 192 53.50 52.02 -0.20
N ASN Y 193 54.68 51.89 0.42
CA ASN Y 193 55.43 53.05 0.88
C ASN Y 193 56.33 53.59 -0.23
N TYR Y 194 55.73 54.13 -1.29
CA TYR Y 194 56.50 54.69 -2.40
C TYR Y 194 56.76 56.16 -2.16
N GLU Y 195 57.97 56.49 -1.72
CA GLU Y 195 58.38 57.88 -1.56
C GLU Y 195 58.50 58.53 -2.93
N ILE Y 196 57.90 59.71 -3.09
CA ILE Y 196 57.91 60.39 -4.38
C ILE Y 196 58.99 61.47 -4.39
N VAL Y 197 59.46 61.81 -5.59
CA VAL Y 197 60.41 62.89 -5.80
C VAL Y 197 59.96 63.70 -7.00
N VAL Y 198 60.36 64.97 -7.03
CA VAL Y 198 60.02 65.88 -8.12
C VAL Y 198 61.23 66.72 -8.45
N LEU Y 199 61.55 66.84 -9.74
CA LEU Y 199 62.55 67.77 -10.24
C LEU Y 199 61.82 68.85 -11.03
N ALA Y 200 61.96 70.10 -10.60
CA ALA Y 200 61.23 71.23 -11.16
C ALA Y 200 62.20 72.26 -11.71
N SER Y 201 61.92 72.77 -12.89
CA SER Y 201 62.67 73.88 -13.42
C SER Y 201 62.61 75.05 -12.43
N ARG Y 202 63.54 75.99 -12.59
CA ARG Y 202 63.61 77.12 -11.67
C ARG Y 202 62.29 77.89 -11.62
N GLN Y 203 61.72 78.21 -12.78
CA GLN Y 203 60.50 79.01 -12.81
C GLN Y 203 59.34 78.27 -12.18
N TRP Y 204 59.19 76.98 -12.48
CA TRP Y 204 58.11 76.19 -11.91
C TRP Y 204 58.21 76.14 -10.39
N PHE Y 205 59.41 75.87 -9.87
CA PHE Y 205 59.61 75.82 -8.43
C PHE Y 205 59.30 77.17 -7.79
N SER Y 206 59.78 78.26 -8.40
CA SER Y 206 59.52 79.57 -7.83
C SER Y 206 58.04 79.91 -7.84
N ALA Y 207 57.33 79.56 -8.91
CA ALA Y 207 55.90 79.84 -8.97
C ALA Y 207 55.13 79.02 -7.94
N LEU Y 208 55.57 77.79 -7.68
CA LEU Y 208 54.85 76.94 -6.72
C LEU Y 208 54.78 77.60 -5.35
N ILE Y 209 55.93 78.05 -4.83
CA ILE Y 209 55.97 78.58 -3.47
C ILE Y 209 55.17 79.85 -3.29
N ALA Y 210 54.75 80.50 -4.38
CA ALA Y 210 54.00 81.75 -4.31
C ALA Y 210 52.50 81.54 -4.38
N HIS Y 211 52.03 80.31 -4.43
CA HIS Y 211 50.59 80.06 -4.54
C HIS Y 211 49.92 80.27 -3.19
N PRO Y 212 48.77 80.95 -3.13
CA PRO Y 212 48.14 81.19 -1.82
C PRO Y 212 47.86 79.92 -1.03
N GLN Y 213 47.41 78.85 -1.71
CA GLN Y 213 47.08 77.62 -1.01
C GLN Y 213 48.30 77.00 -0.33
N VAL Y 214 49.50 77.31 -0.81
CA VAL Y 214 50.71 76.76 -0.22
C VAL Y 214 51.25 77.66 0.88
N THR Y 215 51.18 78.97 0.69
CA THR Y 215 51.67 79.90 1.69
C THR Y 215 50.78 79.93 2.92
N GLY Y 216 49.47 79.74 2.76
CA GLY Y 216 48.55 79.87 3.87
C GLY Y 216 48.78 78.87 4.99
N ALA Y 217 49.49 77.78 4.70
CA ALA Y 217 49.68 76.73 5.70
C ALA Y 217 50.72 77.12 6.75
N TYR Y 218 51.76 77.83 6.35
CA TYR Y 218 52.92 78.08 7.19
C TYR Y 218 52.92 79.48 7.81
N SER Y 219 51.80 80.19 7.76
CA SER Y 219 51.81 81.62 8.11
C SER Y 219 51.46 81.90 9.56
N GLN Y 220 50.78 80.98 10.26
CA GLN Y 220 50.17 81.31 11.54
C GLN Y 220 50.64 80.48 12.72
N TYR Y 221 51.76 79.77 12.60
CA TYR Y 221 52.42 79.20 13.77
C TYR Y 221 53.77 78.65 13.32
N PRO Y 222 54.73 78.54 14.24
CA PRO Y 222 56.10 78.19 13.84
C PRO Y 222 56.16 76.85 13.12
N SER Y 223 57.07 76.78 12.14
CA SER Y 223 57.34 75.55 11.41
C SER Y 223 58.84 75.40 11.28
N THR Y 224 59.29 74.16 11.09
CA THR Y 224 60.73 73.90 11.06
C THR Y 224 61.40 74.55 9.85
N GLN Y 225 60.66 74.78 8.77
CA GLN Y 225 61.25 75.37 7.57
C GLN Y 225 61.12 76.90 7.57
N GLU Y 226 59.96 77.42 7.95
CA GLU Y 226 59.73 78.86 7.95
C GLU Y 226 59.92 79.44 6.54
N ILE Y 227 59.06 78.99 5.63
CA ILE Y 227 59.14 79.44 4.24
C ILE Y 227 59.10 80.96 4.15
N LEU Y 228 58.41 81.62 5.08
CA LEU Y 228 58.20 83.05 5.01
C LEU Y 228 59.32 83.86 5.65
N ARG Y 229 60.35 83.21 6.17
CA ARG Y 229 61.42 83.93 6.86
C ARG Y 229 62.83 83.52 6.44
N ARG Y 230 63.03 82.34 5.87
CA ARG Y 230 64.37 81.88 5.53
C ARG Y 230 64.35 81.21 4.16
N ARG Y 231 65.44 81.36 3.42
CA ARG Y 231 65.55 80.70 2.12
C ARG Y 231 65.49 79.19 2.32
N LEU Y 232 64.73 78.52 1.44
CA LEU Y 232 64.42 77.10 1.66
C LEU Y 232 65.69 76.27 1.77
N GLY Y 233 66.60 76.41 0.82
CA GLY Y 233 67.81 75.64 0.84
C GLY Y 233 68.92 76.27 1.64
N GLY Y 234 68.59 77.31 2.40
CA GLY Y 234 69.62 78.05 3.12
C GLY Y 234 70.55 78.74 2.13
N ASN Y 235 71.85 78.57 2.35
CA ASN Y 235 72.84 79.19 1.47
C ASN Y 235 73.23 78.31 0.30
N ALA Y 236 72.75 77.06 0.25
CA ALA Y 236 73.12 76.18 -0.84
C ALA Y 236 72.52 76.66 -2.16
N ASN Y 237 73.17 76.27 -3.25
CA ASN Y 237 72.70 76.66 -4.57
C ASN Y 237 71.33 76.08 -4.87
N ASN Y 238 71.12 74.82 -4.50
CA ASN Y 238 69.88 74.12 -4.81
C ASN Y 238 68.88 74.27 -3.66
N ARG Y 239 67.69 74.76 -3.98
CA ARG Y 239 66.65 74.88 -2.96
C ARG Y 239 65.97 73.53 -2.74
N ILE Y 240 65.77 73.18 -1.47
CA ILE Y 240 65.15 71.93 -1.07
C ILE Y 240 63.89 72.25 -0.30
N PHE Y 241 62.78 71.61 -0.67
CA PHE Y 241 61.49 71.90 -0.08
C PHE Y 241 60.74 70.60 0.16
N GLU Y 242 60.22 70.45 1.37
CA GLU Y 242 59.47 69.26 1.77
C GLU Y 242 58.07 69.70 2.15
N HIS Y 243 57.06 69.13 1.51
CA HIS Y 243 55.68 69.56 1.71
C HIS Y 243 54.76 68.45 1.27
N LYS Y 244 53.88 68.02 2.19
CA LYS Y 244 52.95 66.92 1.94
C LYS Y 244 53.67 65.64 1.56
N ASN Y 245 54.83 65.37 2.15
CA ASN Y 245 55.61 64.18 1.86
C ASN Y 245 55.92 64.07 0.37
N ILE Y 246 56.27 65.22 -0.22
CA ILE Y 246 56.67 65.28 -1.61
C ILE Y 246 57.91 66.17 -1.70
N LEU Y 247 59.08 65.56 -1.80
CA LEU Y 247 60.31 66.33 -1.85
C LEU Y 247 60.43 67.05 -3.19
N PHE Y 248 60.71 68.35 -3.16
CA PHE Y 248 60.90 69.15 -4.35
C PHE Y 248 62.37 69.57 -4.45
N ILE Y 249 62.88 69.68 -5.68
CA ILE Y 249 64.25 70.10 -5.91
C ILE Y 249 64.27 71.03 -7.11
N GLU Y 250 65.05 72.10 -7.00
CA GLU Y 250 65.16 73.08 -8.06
C GLU Y 250 66.34 72.75 -8.97
N ASP Y 251 66.13 72.88 -10.28
CA ASP Y 251 67.14 72.52 -11.27
C ASP Y 251 67.88 73.78 -11.72
N ILE Y 252 69.12 73.93 -11.25
CA ILE Y 252 69.97 75.02 -11.73
C ILE Y 252 70.84 74.60 -12.90
N SER Y 253 70.80 73.33 -13.31
CA SER Y 253 71.67 72.80 -14.35
C SER Y 253 71.26 73.25 -15.75
N GLY Y 254 70.09 73.85 -15.90
CA GLY Y 254 69.65 74.29 -17.21
C GLY Y 254 69.44 73.15 -18.20
N ASN Y 255 68.95 72.01 -17.73
CA ASN Y 255 68.61 70.89 -18.60
C ASN Y 255 67.14 70.55 -18.61
N ILE Y 256 66.46 70.59 -17.48
CA ILE Y 256 65.00 70.47 -17.45
C ILE Y 256 64.44 71.72 -18.11
N PRO Y 257 63.61 71.62 -19.15
CA PRO Y 257 63.12 72.84 -19.80
C PRO Y 257 62.39 73.73 -18.81
N ALA Y 258 62.57 75.04 -18.97
CA ALA Y 258 61.99 76.01 -18.07
C ALA Y 258 60.47 75.88 -18.03
N GLY Y 259 59.90 75.90 -16.82
CA GLY Y 259 58.47 75.79 -16.64
C GLY Y 259 57.95 74.36 -16.59
N GLU Y 260 58.83 73.36 -16.57
CA GLU Y 260 58.44 71.97 -16.55
C GLU Y 260 58.95 71.31 -15.27
N ALA Y 261 58.37 70.15 -14.96
CA ALA Y 261 58.78 69.37 -13.81
C ALA Y 261 58.39 67.92 -14.04
N TYR Y 262 59.18 67.01 -13.49
CA TYR Y 262 59.01 65.58 -13.69
C TYR Y 262 58.91 64.88 -12.34
N ILE Y 263 58.02 63.89 -12.25
CA ILE Y 263 57.71 63.20 -11.01
C ILE Y 263 57.98 61.72 -11.20
N PHE Y 264 58.68 61.11 -10.24
CA PHE Y 264 58.99 59.70 -10.30
C PHE Y 264 59.30 59.20 -8.89
N PRO Y 265 59.15 57.91 -8.64
CA PRO Y 265 59.50 57.36 -7.32
C PRO Y 265 60.92 56.85 -7.25
N ARG Y 266 61.44 56.78 -6.03
CA ARG Y 266 62.76 56.21 -5.81
C ARG Y 266 62.66 54.74 -5.45
N GLY Y 267 63.70 53.99 -5.80
CA GLY Y 267 63.83 52.60 -5.38
C GLY Y 267 63.20 51.58 -6.30
N ILE Y 268 62.48 51.99 -7.34
CA ILE Y 268 61.88 51.02 -8.24
C ILE Y 268 62.99 50.26 -8.94
N SER Y 269 62.83 48.94 -9.03
CA SER Y 269 63.92 48.09 -9.48
C SER Y 269 64.14 48.22 -10.98
N ARG Y 270 65.41 48.39 -11.36
CA ARG Y 270 65.85 48.28 -12.75
C ARG Y 270 65.20 49.31 -13.66
N MET Y 271 64.78 50.45 -13.11
CA MET Y 271 64.18 51.48 -13.97
C MET Y 271 65.22 52.20 -14.80
N PHE Y 272 66.38 52.51 -14.19
CA PHE Y 272 67.43 53.27 -14.85
C PHE Y 272 68.67 52.40 -14.97
N GLU Y 273 69.25 52.34 -16.17
CA GLU Y 273 70.43 51.54 -16.42
C GLU Y 273 71.28 52.20 -17.50
N ILE Y 274 72.57 51.88 -17.47
CA ILE Y 274 73.52 52.39 -18.46
C ILE Y 274 74.47 51.24 -18.82
N TYR Y 275 74.82 51.16 -20.10
CA TYR Y 275 75.67 50.09 -20.61
C TYR Y 275 76.88 50.66 -21.32
N TYR Y 276 77.99 49.93 -21.28
CA TYR Y 276 79.23 50.33 -21.90
C TYR Y 276 79.64 49.33 -22.98
N ALA Y 277 80.36 49.83 -23.98
CA ALA Y 277 80.89 49.01 -25.06
C ALA Y 277 82.37 49.33 -25.27
N PRO Y 278 83.15 48.37 -25.77
CA PRO Y 278 84.58 48.62 -25.98
C PRO Y 278 84.83 49.46 -27.22
N SER Y 279 86.04 50.01 -27.29
CA SER Y 279 86.44 50.83 -28.41
C SER Y 279 86.82 49.96 -29.60
N ASP Y 280 87.06 50.62 -30.74
CA ASP Y 280 87.43 49.90 -31.95
C ASP Y 280 88.92 49.55 -32.01
N THR Y 281 89.70 49.96 -31.02
CA THR Y 281 91.10 49.55 -30.95
C THR Y 281 91.17 48.03 -30.89
N LEU Y 282 92.14 47.45 -31.58
CA LEU Y 282 92.27 46.00 -31.64
C LEU Y 282 92.63 45.38 -30.30
N ARG Y 283 93.02 46.18 -29.30
CA ARG Y 283 93.34 45.60 -28.00
C ARG Y 283 92.11 45.02 -27.33
N ASP Y 284 90.95 45.69 -27.46
CA ASP Y 284 89.75 45.31 -26.72
C ASP Y 284 88.68 44.69 -27.62
N ALA Y 285 89.07 44.11 -28.75
CA ALA Y 285 88.08 43.51 -29.65
C ALA Y 285 87.27 42.47 -28.91
N ASN Y 286 85.97 42.74 -28.79
CA ASN Y 286 85.02 41.80 -28.17
C ASN Y 286 85.53 41.31 -26.81
N GLN Y 287 85.69 42.23 -25.87
CA GLN Y 287 85.96 41.91 -24.48
C GLN Y 287 85.51 43.07 -23.59
N ALA Y 288 85.65 42.88 -22.28
CA ALA Y 288 85.05 43.79 -21.31
C ALA Y 288 85.50 45.22 -21.56
N ALA Y 289 84.55 46.15 -21.50
CA ALA Y 289 84.84 47.56 -21.80
C ALA Y 289 85.20 48.31 -20.52
N GLN Y 290 85.65 49.55 -20.70
CA GLN Y 290 85.99 50.45 -19.62
C GLN Y 290 85.34 51.81 -19.84
N GLU Y 291 85.22 52.57 -18.76
CA GLU Y 291 84.47 53.83 -18.82
C GLU Y 291 85.10 54.81 -19.78
N LEU Y 292 86.42 54.97 -19.74
CA LEU Y 292 87.09 55.99 -20.53
C LEU Y 292 88.52 55.54 -20.83
N TYR Y 293 88.84 55.41 -22.11
CA TYR Y 293 90.21 55.11 -22.52
C TYR Y 293 90.95 56.40 -22.81
N VAL Y 294 92.21 56.47 -22.38
CA VAL Y 294 93.06 57.63 -22.63
C VAL Y 294 94.40 57.13 -23.16
N PHE Y 295 94.87 57.75 -24.23
CA PHE Y 295 96.14 57.37 -24.85
C PHE Y 295 96.98 58.61 -25.08
N PHE Y 296 98.30 58.45 -24.95
CA PHE Y 296 99.24 59.54 -25.17
C PHE Y 296 100.40 59.02 -26.02
N LYS Y 297 100.70 59.73 -27.10
CA LYS Y 297 101.72 59.32 -28.04
C LYS Y 297 102.68 60.47 -28.31
N GLU Y 298 103.97 60.14 -28.41
CA GLU Y 298 105.01 61.08 -28.79
C GLU Y 298 105.84 60.44 -29.90
N SER Y 299 105.98 61.16 -31.01
CA SER Y 299 106.68 60.61 -32.16
C SER Y 299 108.13 60.31 -31.82
N ASN Y 300 108.66 59.23 -32.39
CA ASN Y 300 110.07 58.91 -32.22
C ASN Y 300 110.96 59.93 -32.92
N TYR Y 301 110.42 60.73 -33.83
CA TYR Y 301 111.18 61.71 -34.58
C TYR Y 301 111.21 63.07 -33.88
N LEU Y 302 110.59 63.20 -32.71
CA LEU Y 302 110.76 64.37 -31.86
C LEU Y 302 110.19 65.63 -32.51
N ARG Y 303 109.02 65.50 -33.13
CA ARG Y 303 108.36 66.65 -33.73
C ARG Y 303 106.86 66.70 -33.50
N GLU Y 304 106.26 65.72 -32.84
CA GLU Y 304 104.82 65.65 -32.72
C GLU Y 304 104.42 64.97 -31.42
N ALA Y 305 103.17 65.18 -31.01
CA ALA Y 305 102.56 64.47 -29.91
C ALA Y 305 101.06 64.59 -30.02
N LYS Y 306 100.34 63.55 -29.59
CA LYS Y 306 98.89 63.54 -29.69
C LYS Y 306 98.30 62.84 -28.46
N ILE Y 307 97.09 63.25 -28.10
CA ILE Y 307 96.35 62.67 -26.99
C ILE Y 307 95.01 62.18 -27.53
N GLU Y 308 94.65 60.95 -27.19
CA GLU Y 308 93.43 60.32 -27.68
C GLU Y 308 92.58 59.85 -26.52
N SER Y 309 91.27 59.92 -26.71
CA SER Y 309 90.32 59.46 -25.70
C SER Y 309 89.07 58.96 -26.41
N GLU Y 310 88.59 57.80 -25.97
CA GLU Y 310 87.42 57.17 -26.55
C GLU Y 310 86.52 56.65 -25.44
N THR Y 311 85.21 56.78 -25.64
CA THR Y 311 84.22 56.23 -24.72
C THR Y 311 82.92 56.01 -25.47
N SER Y 312 82.18 54.99 -25.06
CA SER Y 312 80.92 54.64 -25.70
C SER Y 312 79.99 54.02 -24.68
N PHE Y 313 78.77 54.53 -24.60
CA PHE Y 313 77.80 54.03 -23.64
C PHE Y 313 76.39 54.40 -24.10
N LEU Y 314 75.40 53.78 -23.48
CA LEU Y 314 74.00 54.07 -23.71
C LEU Y 314 73.26 54.06 -22.38
N THR Y 315 72.33 55.00 -22.21
CA THR Y 315 71.51 55.09 -21.01
C THR Y 315 70.07 54.75 -21.36
N VAL Y 316 69.47 53.83 -20.61
CA VAL Y 316 68.16 53.29 -20.92
C VAL Y 316 67.22 53.51 -19.74
N ASN Y 317 65.98 53.84 -20.05
CA ASN Y 317 64.90 53.97 -19.07
C ASN Y 317 63.93 52.82 -19.31
N ASN Y 318 64.18 51.70 -18.64
CA ASN Y 318 63.40 50.49 -18.89
C ASN Y 318 61.93 50.65 -18.55
N ARG Y 319 61.56 51.61 -17.70
CA ARG Y 319 60.19 51.76 -17.23
C ARG Y 319 59.72 53.19 -17.45
N PRO Y 320 59.41 53.54 -18.71
CA PRO Y 320 58.97 54.91 -18.99
C PRO Y 320 57.62 55.27 -18.40
N GLU Y 321 56.83 54.29 -17.96
CA GLU Y 321 55.49 54.59 -17.47
C GLU Y 321 55.51 55.38 -16.17
N LEU Y 322 56.57 55.27 -15.37
CA LEU Y 322 56.60 55.85 -14.03
C LEU Y 322 57.28 57.21 -14.00
N VAL Y 323 57.35 57.90 -15.13
CA VAL Y 323 57.83 59.27 -15.20
C VAL Y 323 56.70 60.13 -15.75
N VAL Y 324 56.22 61.05 -14.93
CA VAL Y 324 55.07 61.89 -15.27
C VAL Y 324 55.57 63.31 -15.51
N LYS Y 325 55.24 63.84 -16.69
CA LYS Y 325 55.62 65.21 -17.03
C LYS Y 325 54.52 66.17 -16.58
N SER Y 326 54.94 67.26 -15.94
CA SER Y 326 54.02 68.27 -15.43
C SER Y 326 54.39 69.62 -16.02
N THR Y 327 53.39 70.31 -16.56
CA THR Y 327 53.57 71.63 -17.15
C THR Y 327 52.78 72.65 -16.34
N GLY Y 328 53.37 73.83 -16.16
CA GLY Y 328 52.74 74.88 -15.39
C GLY Y 328 52.20 75.97 -16.29
N LYS Y 329 50.95 76.37 -16.05
CA LYS Y 329 50.35 77.50 -16.75
C LYS Y 329 50.51 78.71 -15.84
N PHE Y 330 51.62 79.43 -16.01
CA PHE Y 330 52.00 80.49 -15.10
C PHE Y 330 51.21 81.77 -15.31
N THR Y 331 50.58 81.95 -16.47
CA THR Y 331 49.81 83.15 -16.73
C THR Y 331 48.61 82.84 -17.61
N ALA Z 2 -24.17 -170.89 -55.72
CA ALA Z 2 -24.76 -170.28 -54.54
C ALA Z 2 -24.70 -168.76 -54.61
N LYS Z 3 -25.64 -168.10 -53.95
CA LYS Z 3 -25.69 -166.64 -53.92
C LYS Z 3 -25.88 -166.19 -52.47
N ALA Z 4 -25.21 -165.11 -52.11
CA ALA Z 4 -25.31 -164.54 -50.78
C ALA Z 4 -26.23 -163.32 -50.81
N HIS Z 5 -27.46 -163.50 -50.36
CA HIS Z 5 -28.43 -162.40 -50.34
C HIS Z 5 -27.99 -161.36 -49.31
N VAL Z 6 -27.51 -160.23 -49.80
CA VAL Z 6 -27.02 -159.15 -48.94
C VAL Z 6 -27.61 -157.83 -49.43
N ALA Z 7 -27.67 -156.85 -48.53
CA ALA Z 7 -28.23 -155.55 -48.86
C ALA Z 7 -27.47 -154.47 -48.10
N THR Z 8 -27.71 -153.23 -48.49
CA THR Z 8 -27.09 -152.07 -47.86
C THR Z 8 -28.18 -151.13 -47.38
N LEU Z 9 -27.93 -150.46 -46.25
CA LEU Z 9 -28.92 -149.62 -45.59
C LEU Z 9 -28.58 -148.14 -45.68
N GLU Z 10 -27.91 -147.72 -46.74
CA GLU Z 10 -27.48 -146.33 -46.88
C GLU Z 10 -28.70 -145.44 -47.07
N GLY Z 11 -28.52 -144.13 -46.86
CA GLY Z 11 -29.60 -143.17 -46.90
C GLY Z 11 -29.74 -142.43 -45.59
N ASN Z 12 -30.42 -141.29 -45.65
CA ASN Z 12 -30.58 -140.43 -44.49
C ASN Z 12 -31.76 -139.49 -44.68
N TYR Z 13 -32.17 -138.88 -43.57
CA TYR Z 13 -33.30 -137.95 -43.58
C TYR Z 13 -32.82 -136.50 -43.61
N SER Z 14 -31.77 -136.19 -42.85
CA SER Z 14 -31.34 -134.80 -42.73
C SER Z 14 -30.95 -134.20 -44.07
N ASP Z 15 -30.57 -135.03 -45.03
CA ASP Z 15 -30.14 -134.51 -46.33
C ASP Z 15 -31.23 -133.74 -47.05
N ILE Z 16 -32.50 -133.96 -46.68
CA ILE Z 16 -33.59 -133.24 -47.35
C ILE Z 16 -33.94 -131.98 -46.58
N VAL Z 17 -33.64 -131.92 -45.29
CA VAL Z 17 -33.94 -130.75 -44.47
C VAL Z 17 -32.71 -130.40 -43.65
N LEU Z 18 -31.92 -129.44 -44.13
CA LEU Z 18 -30.66 -129.10 -43.47
C LEU Z 18 -30.86 -128.27 -42.20
N GLY Z 19 -31.97 -127.57 -42.09
CA GLY Z 19 -32.20 -126.72 -40.93
C GLY Z 19 -33.65 -126.28 -40.88
N ARG Z 20 -34.04 -125.83 -39.68
CA ARG Z 20 -35.41 -125.40 -39.43
C ARG Z 20 -35.42 -124.17 -38.54
N VAL Z 21 -36.44 -123.34 -38.73
CA VAL Z 21 -36.74 -122.31 -37.74
C VAL Z 21 -37.71 -122.90 -36.72
N VAL Z 22 -37.28 -122.99 -35.47
CA VAL Z 22 -38.04 -123.63 -34.42
C VAL Z 22 -38.77 -122.57 -33.62
N ALA Z 23 -40.09 -122.60 -33.65
CA ALA Z 23 -40.90 -121.65 -32.90
C ALA Z 23 -41.05 -122.12 -31.45
N PHE Z 24 -40.82 -121.21 -30.51
CA PHE Z 24 -40.95 -121.54 -29.10
C PHE Z 24 -42.36 -121.99 -28.74
N GLY Z 25 -43.35 -121.65 -29.55
CA GLY Z 25 -44.70 -122.12 -29.34
C GLY Z 25 -44.93 -123.45 -30.05
N ASP Z 26 -45.90 -123.49 -30.95
CA ASP Z 26 -46.18 -124.69 -31.72
C ASP Z 26 -44.95 -125.10 -32.52
N THR Z 27 -44.35 -126.23 -32.19
CA THR Z 27 -43.20 -126.73 -32.93
C THR Z 27 -43.59 -127.29 -34.30
N GLY Z 28 -44.87 -127.52 -34.54
CA GLY Z 28 -45.35 -127.98 -35.83
C GLY Z 28 -45.71 -126.89 -36.80
N TRP Z 29 -45.24 -125.66 -36.55
CA TRP Z 29 -45.58 -124.53 -37.41
C TRP Z 29 -45.08 -124.73 -38.84
N ASN Z 30 -44.06 -125.58 -39.02
CA ASN Z 30 -43.41 -125.70 -40.32
C ASN Z 30 -44.03 -126.77 -41.20
N PHE Z 31 -45.03 -127.51 -40.74
CA PHE Z 31 -45.52 -128.69 -41.42
C PHE Z 31 -47.03 -128.60 -41.67
N LYS Z 32 -47.51 -129.50 -42.51
CA LYS Z 32 -48.94 -129.64 -42.79
C LYS Z 32 -49.18 -131.08 -43.23
N GLU Z 33 -50.37 -131.58 -42.92
CA GLU Z 33 -50.74 -132.96 -43.23
C GLU Z 33 -51.87 -132.99 -44.26
N VAL Z 34 -51.69 -133.81 -45.30
CA VAL Z 34 -52.68 -133.98 -46.35
C VAL Z 34 -52.75 -135.45 -46.70
N ASP Z 35 -53.87 -135.85 -47.31
CA ASP Z 35 -54.12 -137.27 -47.64
C ASP Z 35 -53.66 -137.53 -49.07
N MET Z 36 -52.51 -138.20 -49.18
CA MET Z 36 -52.02 -138.62 -50.48
C MET Z 36 -52.39 -140.07 -50.75
N THR Z 37 -52.22 -140.49 -52.00
CA THR Z 37 -52.39 -141.89 -52.36
C THR Z 37 -51.06 -142.62 -52.22
N PHE Z 38 -51.05 -143.66 -51.39
CA PHE Z 38 -49.82 -144.37 -51.07
C PHE Z 38 -49.51 -145.40 -52.13
N ILE Z 39 -50.40 -146.36 -52.33
CA ILE Z 39 -50.23 -147.39 -53.35
C ILE Z 39 -50.86 -146.91 -54.65
N ALA Z 40 -50.27 -147.31 -55.77
CA ALA Z 40 -50.79 -146.91 -57.06
C ALA Z 40 -52.24 -147.34 -57.21
N ASP Z 41 -53.05 -146.45 -57.79
CA ASP Z 41 -54.50 -146.66 -57.82
C ASP Z 41 -54.87 -147.94 -58.56
N ASP Z 42 -54.28 -148.16 -59.73
CA ASP Z 42 -54.65 -149.28 -60.59
C ASP Z 42 -53.65 -150.43 -60.56
N ALA Z 43 -52.66 -150.39 -59.69
CA ALA Z 43 -51.67 -151.45 -59.61
C ALA Z 43 -52.18 -152.59 -58.75
N ASP Z 44 -51.31 -153.57 -58.50
CA ASP Z 44 -51.67 -154.74 -57.72
C ASP Z 44 -51.64 -154.40 -56.23
N ALA Z 45 -51.89 -155.42 -55.39
CA ALA Z 45 -51.98 -155.22 -53.96
C ALA Z 45 -50.62 -155.08 -53.28
N ASP Z 46 -49.53 -155.45 -53.96
CA ASP Z 46 -48.19 -155.38 -53.38
C ASP Z 46 -47.28 -154.45 -54.18
N SER Z 47 -47.87 -153.54 -54.95
CA SER Z 47 -47.11 -152.56 -55.72
C SER Z 47 -46.71 -151.42 -54.78
N LYS Z 48 -45.49 -151.51 -54.26
CA LYS Z 48 -45.02 -150.53 -53.29
C LYS Z 48 -45.07 -149.13 -53.88
N THR Z 49 -45.21 -148.13 -53.01
CA THR Z 49 -45.45 -146.77 -53.46
C THR Z 49 -44.28 -146.25 -54.29
N THR Z 50 -44.60 -145.48 -55.33
CA THR Z 50 -43.60 -144.78 -56.11
C THR Z 50 -43.15 -143.48 -55.45
N LEU Z 51 -43.84 -143.04 -54.40
CA LEU Z 51 -43.46 -141.81 -53.72
C LEU Z 51 -42.11 -141.98 -53.03
N PHE Z 52 -41.31 -140.92 -53.07
CA PHE Z 52 -40.00 -140.90 -52.44
C PHE Z 52 -39.82 -139.57 -51.73
N ALA Z 53 -39.05 -139.59 -50.64
CA ALA Z 53 -38.80 -138.39 -49.87
C ALA Z 53 -38.14 -137.33 -50.73
N GLY Z 54 -38.65 -136.10 -50.66
CA GLY Z 54 -38.15 -135.01 -51.46
C GLY Z 54 -38.97 -134.68 -52.69
N VAL Z 55 -40.10 -135.36 -52.89
CA VAL Z 55 -40.93 -135.06 -54.05
C VAL Z 55 -41.86 -133.91 -53.74
N LEU Z 56 -41.91 -132.93 -54.65
CA LEU Z 56 -42.75 -131.77 -54.46
C LEU Z 56 -44.22 -132.16 -54.54
N VAL Z 57 -45.02 -131.60 -53.64
CA VAL Z 57 -46.44 -131.91 -53.54
C VAL Z 57 -47.23 -130.61 -53.49
N GLY Z 58 -48.29 -130.54 -54.29
CA GLY Z 58 -49.17 -129.39 -54.25
C GLY Z 58 -50.08 -129.42 -53.04
N GLU Z 59 -50.73 -128.27 -52.80
CA GLU Z 59 -51.64 -128.16 -51.67
C GLU Z 59 -52.80 -129.14 -51.76
N ASP Z 60 -53.20 -129.54 -52.96
CA ASP Z 60 -54.26 -130.52 -53.12
C ASP Z 60 -53.84 -131.92 -52.67
N GLY Z 61 -52.56 -132.14 -52.43
CA GLY Z 61 -52.06 -133.42 -51.98
C GLY Z 61 -51.46 -134.30 -53.06
N THR Z 62 -51.78 -134.06 -54.32
CA THR Z 62 -51.19 -134.86 -55.38
C THR Z 62 -49.73 -134.44 -55.60
N PRO Z 63 -48.87 -135.38 -56.00
CA PRO Z 63 -47.47 -135.01 -56.27
C PRO Z 63 -47.40 -133.98 -57.38
N ALA Z 64 -46.51 -133.01 -57.22
CA ALA Z 64 -46.40 -131.92 -58.17
C ALA Z 64 -45.84 -132.41 -59.50
N THR Z 65 -46.35 -131.83 -60.59
CA THR Z 65 -45.86 -132.10 -61.93
C THR Z 65 -45.36 -130.86 -62.64
N ALA Z 66 -45.78 -129.67 -62.21
CA ALA Z 66 -45.32 -128.43 -62.82
C ALA Z 66 -44.97 -127.46 -61.70
N ALA Z 67 -44.12 -126.48 -62.03
CA ALA Z 67 -43.67 -125.52 -61.04
C ALA Z 67 -44.85 -124.82 -60.37
N ALA Z 68 -45.89 -124.50 -61.15
CA ALA Z 68 -47.04 -123.80 -60.60
C ALA Z 68 -47.82 -124.64 -59.60
N GLY Z 69 -47.66 -125.96 -59.62
CA GLY Z 69 -48.42 -126.84 -58.77
C GLY Z 69 -47.67 -127.32 -57.54
N VAL Z 70 -46.62 -126.60 -57.16
CA VAL Z 70 -45.78 -126.99 -56.03
C VAL Z 70 -46.17 -126.19 -54.80
N PHE Z 71 -46.30 -126.89 -53.67
CA PHE Z 71 -46.59 -126.24 -52.39
C PHE Z 71 -45.70 -126.69 -51.25
N GLY Z 72 -45.07 -127.86 -51.31
CA GLY Z 72 -44.25 -128.32 -50.21
C GLY Z 72 -43.44 -129.53 -50.61
N VAL Z 73 -42.70 -130.06 -49.64
CA VAL Z 73 -41.81 -131.19 -49.83
C VAL Z 73 -42.26 -132.33 -48.93
N LEU Z 74 -42.38 -133.52 -49.48
CA LEU Z 74 -42.78 -134.69 -48.71
C LEU Z 74 -41.59 -135.21 -47.90
N VAL Z 75 -41.73 -135.18 -46.57
CA VAL Z 75 -40.66 -135.62 -45.67
C VAL Z 75 -41.23 -136.61 -44.67
N ASP Z 76 -42.29 -137.33 -45.06
CA ASP Z 76 -42.97 -138.22 -44.13
C ASP Z 76 -42.04 -139.34 -43.68
N ARG Z 77 -42.20 -139.75 -42.41
CA ARG Z 77 -41.39 -140.83 -41.87
C ARG Z 77 -41.63 -142.14 -42.59
N LYS Z 78 -42.82 -142.29 -43.19
CA LYS Z 78 -43.20 -143.56 -43.80
C LYS Z 78 -42.47 -143.84 -45.11
N VAL Z 79 -41.72 -142.87 -45.63
CA VAL Z 79 -41.11 -142.98 -46.95
C VAL Z 79 -39.59 -142.86 -46.83
N LEU Z 80 -39.10 -142.58 -45.61
CA LEU Z 80 -37.67 -142.35 -45.48
C LEU Z 80 -36.88 -143.61 -45.80
N PRO Z 81 -35.66 -143.47 -46.31
CA PRO Z 81 -34.86 -144.66 -46.63
C PRO Z 81 -34.58 -145.51 -45.41
N GLY Z 82 -34.57 -146.83 -45.61
CA GLY Z 82 -34.22 -147.77 -44.57
C GLY Z 82 -35.36 -148.14 -43.64
N VAL Z 83 -36.52 -147.52 -43.78
CA VAL Z 83 -37.67 -147.84 -42.94
C VAL Z 83 -38.90 -148.05 -43.83
N ASP Z 84 -38.67 -148.23 -45.13
CA ASP Z 84 -39.76 -148.42 -46.08
C ASP Z 84 -40.30 -149.84 -46.09
N HIS Z 85 -40.76 -150.32 -44.93
CA HIS Z 85 -41.30 -151.67 -44.81
C HIS Z 85 -42.80 -151.73 -45.04
N TYR Z 86 -43.44 -150.60 -45.35
CA TYR Z 86 -44.88 -150.57 -45.61
C TYR Z 86 -45.17 -151.09 -47.02
N ILE Z 87 -44.93 -152.40 -47.19
CA ILE Z 87 -45.10 -153.08 -48.47
C ILE Z 87 -46.32 -153.99 -48.35
N GLY Z 88 -47.34 -153.71 -49.16
CA GLY Z 88 -48.56 -154.49 -49.14
C GLY Z 88 -49.47 -154.23 -47.95
N VAL Z 89 -49.23 -153.16 -47.20
CA VAL Z 89 -50.01 -152.88 -45.99
C VAL Z 89 -51.22 -152.02 -46.32
N PHE Z 90 -51.26 -151.50 -47.55
CA PHE Z 90 -52.32 -150.60 -47.96
C PHE Z 90 -52.95 -151.10 -49.24
N GLU Z 91 -54.26 -150.84 -49.38
CA GLU Z 91 -54.97 -151.27 -50.58
C GLU Z 91 -54.64 -150.33 -51.73
N PRO Z 92 -54.76 -150.79 -52.98
CA PRO Z 92 -54.48 -149.92 -54.12
C PRO Z 92 -55.38 -148.69 -54.10
N GLY Z 93 -54.77 -147.52 -54.30
CA GLY Z 93 -55.50 -146.27 -54.35
C GLY Z 93 -55.93 -145.73 -53.00
N GLU Z 94 -55.57 -146.39 -51.90
CA GLU Z 94 -56.00 -145.94 -50.59
C GLU Z 94 -55.31 -144.63 -50.21
N LYS Z 95 -56.02 -143.80 -49.46
CA LYS Z 95 -55.48 -142.54 -49.00
C LYS Z 95 -54.80 -142.71 -47.65
N VAL Z 96 -53.88 -141.79 -47.36
CA VAL Z 96 -53.14 -141.81 -46.09
C VAL Z 96 -52.61 -140.41 -45.82
N PRO Z 97 -52.67 -139.91 -44.59
CA PRO Z 97 -52.13 -138.57 -44.30
C PRO Z 97 -50.61 -138.56 -44.39
N MET Z 98 -50.07 -137.57 -45.10
CA MET Z 98 -48.64 -137.42 -45.27
C MET Z 98 -48.19 -136.07 -44.73
N VAL Z 99 -47.00 -136.03 -44.14
CA VAL Z 99 -46.46 -134.79 -43.60
C VAL Z 99 -45.73 -134.04 -44.70
N LEU Z 100 -46.05 -132.75 -44.85
CA LEU Z 100 -45.43 -131.88 -45.84
C LEU Z 100 -44.68 -130.76 -45.12
N ALA Z 101 -43.48 -130.45 -45.60
CA ALA Z 101 -42.69 -129.34 -45.10
C ALA Z 101 -42.95 -128.12 -45.98
N VAL Z 102 -43.32 -127.00 -45.35
CA VAL Z 102 -43.83 -125.86 -46.09
C VAL Z 102 -42.96 -124.62 -45.89
N ARG Z 103 -42.76 -124.21 -44.64
CA ARG Z 103 -42.14 -122.93 -44.37
C ARG Z 103 -41.09 -123.08 -43.26
N GLY Z 104 -40.09 -122.21 -43.29
CA GLY Z 104 -39.08 -122.19 -42.25
C GLY Z 104 -38.04 -123.28 -42.36
N LEU Z 105 -37.69 -123.71 -43.57
CA LEU Z 105 -36.79 -124.82 -43.79
C LEU Z 105 -35.59 -124.39 -44.64
N THR Z 106 -34.44 -124.99 -44.35
CA THR Z 106 -33.24 -124.83 -45.17
C THR Z 106 -33.10 -126.11 -45.99
N LEU Z 107 -33.78 -126.15 -47.13
CA LEU Z 107 -33.86 -127.36 -47.93
C LEU Z 107 -32.60 -127.58 -48.75
N ASN Z 108 -32.52 -128.74 -49.39
CA ASN Z 108 -31.42 -129.09 -50.28
C ASN Z 108 -31.99 -129.13 -51.70
N GLN Z 109 -31.42 -128.31 -52.58
CA GLN Z 109 -31.95 -128.19 -53.94
C GLN Z 109 -31.85 -129.51 -54.70
N LEU Z 110 -30.72 -130.20 -54.57
CA LEU Z 110 -30.44 -131.35 -55.42
C LEU Z 110 -31.40 -132.51 -55.17
N LYS Z 111 -32.04 -132.57 -54.01
CA LYS Z 111 -32.95 -133.66 -53.69
C LYS Z 111 -34.41 -133.33 -53.94
N LEU Z 112 -34.71 -132.14 -54.46
CA LEU Z 112 -36.07 -131.80 -54.84
C LEU Z 112 -36.34 -132.21 -56.28
N LYS Z 113 -37.40 -132.99 -56.49
CA LYS Z 113 -37.71 -133.50 -57.81
C LYS Z 113 -39.22 -133.56 -57.98
N TYR Z 114 -39.65 -133.52 -59.24
CA TYR Z 114 -41.07 -133.59 -59.56
C TYR Z 114 -41.58 -135.02 -59.38
N ALA Z 115 -42.85 -135.23 -59.77
CA ALA Z 115 -43.46 -136.54 -59.62
C ALA Z 115 -42.69 -137.61 -60.39
N ASP Z 116 -42.25 -137.27 -61.60
CA ASP Z 116 -41.53 -138.23 -62.45
C ASP Z 116 -40.05 -138.30 -62.13
N GLY Z 117 -39.56 -137.52 -61.17
CA GLY Z 117 -38.16 -137.52 -60.81
C GLY Z 117 -37.36 -136.38 -61.41
N THR Z 118 -37.95 -135.60 -62.32
CA THR Z 118 -37.25 -134.46 -62.90
C THR Z 118 -36.88 -133.46 -61.82
N ALA Z 119 -35.70 -132.87 -61.95
CA ALA Z 119 -35.20 -131.95 -60.94
C ALA Z 119 -36.02 -130.65 -60.96
N ILE Z 120 -35.97 -129.94 -59.82
CA ILE Z 120 -36.70 -128.69 -59.70
C ILE Z 120 -36.05 -127.62 -60.55
N ASP Z 121 -36.88 -126.71 -61.08
CA ASP Z 121 -36.41 -125.64 -61.94
C ASP Z 121 -36.51 -124.29 -61.23
N ALA Z 122 -36.16 -123.23 -61.95
CA ALA Z 122 -36.15 -121.89 -61.37
C ALA Z 122 -37.53 -121.48 -60.89
N ALA Z 123 -38.56 -121.75 -61.69
CA ALA Z 123 -39.92 -121.40 -61.29
C ALA Z 123 -40.31 -122.15 -60.03
N GLY Z 124 -39.97 -123.43 -59.94
CA GLY Z 124 -40.21 -124.17 -58.71
C GLY Z 124 -39.47 -123.58 -57.54
N ILE Z 125 -38.22 -123.15 -57.76
CA ILE Z 125 -37.45 -122.52 -56.69
C ILE Z 125 -38.16 -121.27 -56.19
N GLN Z 126 -38.64 -120.42 -57.11
CA GLN Z 126 -39.34 -119.21 -56.71
C GLN Z 126 -40.60 -119.56 -55.92
N ALA Z 127 -41.39 -120.49 -56.45
CA ALA Z 127 -42.65 -120.85 -55.79
C ALA Z 127 -42.41 -121.40 -54.39
N LEU Z 128 -41.38 -122.24 -54.23
CA LEU Z 128 -41.13 -122.85 -52.93
C LEU Z 128 -40.52 -121.83 -51.96
N GLU Z 129 -39.69 -120.92 -52.46
CA GLU Z 129 -39.08 -119.92 -51.58
C GLU Z 129 -40.08 -118.86 -51.17
N ALA Z 130 -41.14 -118.66 -51.96
CA ALA Z 130 -42.14 -117.67 -51.61
C ALA Z 130 -42.75 -117.94 -50.24
N GLN Z 131 -42.77 -119.19 -49.79
CA GLN Z 131 -43.32 -119.50 -48.47
C GLN Z 131 -42.37 -119.10 -47.35
N GLY Z 132 -41.10 -118.82 -47.67
CA GLY Z 132 -40.12 -118.46 -46.66
C GLY Z 132 -39.08 -119.53 -46.47
N ASN Z 133 -38.74 -120.24 -47.55
CA ASN Z 133 -37.79 -121.33 -47.52
C ASN Z 133 -36.51 -120.92 -48.23
N GLN Z 134 -35.39 -121.42 -47.72
CA GLN Z 134 -34.07 -121.18 -48.31
C GLN Z 134 -33.61 -122.48 -48.96
N VAL Z 135 -33.51 -122.47 -50.29
CA VAL Z 135 -33.13 -123.64 -51.06
C VAL Z 135 -31.64 -123.52 -51.37
N THR Z 136 -30.82 -124.16 -50.54
CA THR Z 136 -29.38 -124.14 -50.74
C THR Z 136 -28.99 -124.97 -51.96
N ASP Z 137 -27.97 -124.50 -52.67
CA ASP Z 137 -27.53 -125.17 -53.90
C ASP Z 137 -26.19 -125.89 -53.73
N LYS Z 138 -25.68 -126.02 -52.51
CA LYS Z 138 -24.32 -126.55 -52.33
C LYS Z 138 -24.28 -127.38 -51.04
N ILE Z 139 -24.22 -128.70 -51.21
CA ILE Z 139 -23.82 -129.60 -50.14
C ILE Z 139 -22.52 -130.26 -50.57
N VAL Z 140 -21.64 -130.52 -49.60
CA VAL Z 140 -20.27 -130.91 -49.93
C VAL Z 140 -20.24 -132.22 -50.71
N GLY Z 141 -21.04 -133.20 -50.31
CA GLY Z 141 -20.92 -134.51 -50.92
C GLY Z 141 -19.76 -135.27 -50.31
N THR Z 142 -19.49 -136.45 -50.88
CA THR Z 142 -18.46 -137.31 -50.32
C THR Z 142 -17.89 -138.20 -51.42
N GLN Z 143 -16.59 -138.50 -51.29
CA GLN Z 143 -15.91 -139.51 -52.08
C GLN Z 143 -15.37 -140.57 -51.13
N PHE Z 144 -15.78 -141.83 -51.33
CA PHE Z 144 -15.61 -142.84 -50.32
C PHE Z 144 -14.26 -143.51 -50.52
N ILE Z 145 -14.06 -144.25 -51.62
CA ILE Z 145 -12.77 -144.89 -51.89
C ILE Z 145 -12.57 -144.98 -53.40
N GLY Z 146 -11.59 -144.27 -53.93
CA GLY Z 146 -11.21 -144.36 -55.32
C GLY Z 146 -9.86 -144.99 -55.57
N SER Z 147 -9.08 -145.26 -54.51
CA SER Z 147 -7.70 -145.70 -54.64
C SER Z 147 -6.80 -144.55 -55.05
N VAL Z 148 -7.39 -143.38 -55.30
CA VAL Z 148 -6.65 -142.15 -55.55
C VAL Z 148 -7.12 -141.04 -54.63
N LEU Z 149 -8.42 -140.80 -54.60
CA LEU Z 149 -9.04 -139.88 -53.66
C LEU Z 149 -10.50 -140.25 -53.44
#